data_9JAP
#
_entry.id   9JAP
#
loop_
_entity.id
_entity.type
_entity.pdbx_description
1 polymer 'SIR2-like domain-containing protein'
2 non-polymer "ADENOSINE-5'-TRIPHOSPHATE"
3 non-polymer 'MAGNESIUM ION'
#
_entity_poly.entity_id   1
_entity_poly.type   'polypeptide(L)'
_entity_poly.pdbx_seq_one_letter_code
;MGSSHHHHHHSSGLVPRGSHMDAMLNSLKLANSANESISDETYERLKRLISTGNAIVFVGAGFSKESINIIGSTPPLAKD
LALQISNKSANYLKEVGADSHYIEEIKQCDDLMVASDFFLNNIPQKDELLQLLKDNYTIKDVTQEQIDIFSMKWRRIYTT
NYDNAIELSLIKSGKSVTPLTLEDAPNQYKSAEDICLHINGRIERSKESDLDSAIKLTTSSYLSPEQFLTSSWYRQFKAD
IDNASAIVFLGYSMYDIDIQKIFFNDSSIKSKTFFITREGTTKFQNYKLAMFGEVINIGVNAFSHIAAKCIEESHQDKEV
GLINSLELYTPGEEHDEIRDNDIANFMIFGKVSDRYIDEVTLNDNMHDKIILREEVSKIIEHIETDNDILIASDLGNGKS
IMTRMLMSKLSRKGYLCFYYLYNEFSFSKDIERLSKLGQKIVIFIDDYSNCIDDTRYAIENRKDNIQLVLTTRHFGYENT
KQHLLTMDMSSFKTHSVDYLSDSEVDNFVHIVDHLGAWGEKAGLSRHEKLSELDENARNQLSFLLLSILKSEAIQSRIRE
ISNLALNDKEYKETVFAILLLDVIGLPLVRSLISDVAVNEKIYSAEFTENEGVKNLFIISNGMVKTKSSTLSRFLIANIF
EHKYVVNQLLKVIEHLYVINKDAKDHRLQTLITSLLRFSIIEKLLPQRRVEINYFYEKVKHIIPNLINDPHFWVQYAMSM
IPFKDYPSADRYLATAYSLAARKDNYHTKNIDTQRARLHLLVSLTKTGNEAYLEFEAGDNLIRIIPNDIYKYRQVLRYRD
IYEKVYPTFNAKQKVFYEHAIKRIIKESESPELVEDLTYKIGVNWLDKLRGNLKLIVENIQENRPKGKK
;
_entity_poly.pdbx_strand_id   A,B,C,D,E,F,G,H
#
# COMPACT_ATOMS: atom_id res chain seq x y z
N SER A 37 -31.27 19.03 89.73
CA SER A 37 -31.43 18.89 88.28
C SER A 37 -31.45 20.26 87.61
N ILE A 38 -31.98 20.30 86.40
CA ILE A 38 -32.08 21.56 85.65
C ILE A 38 -33.23 22.38 86.20
N SER A 39 -32.94 23.63 86.54
CA SER A 39 -33.95 24.52 87.12
C SER A 39 -34.92 25.00 86.04
N ASP A 40 -36.02 25.59 86.49
CA ASP A 40 -37.03 26.08 85.55
C ASP A 40 -36.54 27.31 84.79
N GLU A 41 -35.76 28.16 85.45
CA GLU A 41 -35.26 29.36 84.79
C GLU A 41 -34.28 29.00 83.67
N THR A 42 -33.43 28.00 83.89
CA THR A 42 -32.54 27.53 82.84
C THR A 42 -33.33 26.91 81.70
N TYR A 43 -34.42 26.24 82.01
CA TYR A 43 -35.26 25.69 80.97
C TYR A 43 -35.78 26.82 80.12
N GLU A 44 -36.39 27.83 80.76
CA GLU A 44 -36.98 28.92 80.00
C GLU A 44 -35.94 29.65 79.17
N ARG A 45 -34.74 29.86 79.72
CA ARG A 45 -33.69 30.53 78.97
C ARG A 45 -33.25 29.70 77.76
N LEU A 46 -33.11 28.39 77.94
CA LEU A 46 -32.75 27.52 76.82
C LEU A 46 -33.81 27.54 75.74
N LYS A 47 -35.09 27.46 76.14
CA LYS A 47 -36.17 27.52 75.17
C LYS A 47 -36.16 28.84 74.40
N ARG A 48 -36.01 29.96 75.13
CA ARG A 48 -36.07 31.27 74.49
C ARG A 48 -34.90 31.50 73.55
N LEU A 49 -33.70 31.06 73.94
CA LEU A 49 -32.54 31.28 73.08
C LEU A 49 -32.54 30.34 71.89
N ILE A 50 -33.01 29.10 72.08
CA ILE A 50 -33.02 28.13 71.00
C ILE A 50 -34.08 28.50 69.96
N SER A 51 -35.24 28.98 70.41
CA SER A 51 -36.37 29.22 69.51
C SER A 51 -36.12 30.35 68.52
N THR A 52 -35.04 31.09 68.63
CA THR A 52 -34.86 32.21 67.73
C THR A 52 -34.40 31.74 66.36
N GLY A 53 -33.96 30.50 66.26
CA GLY A 53 -33.44 30.01 65.00
C GLY A 53 -32.11 30.61 64.62
N ASN A 54 -31.33 31.04 65.60
CA ASN A 54 -30.04 31.66 65.36
C ASN A 54 -28.98 31.10 66.30
N ALA A 55 -29.02 29.80 66.55
CA ALA A 55 -28.11 29.16 67.48
C ALA A 55 -27.09 28.31 66.73
N ILE A 56 -26.01 27.98 67.44
CA ILE A 56 -24.93 27.16 66.91
C ILE A 56 -24.89 25.86 67.70
N VAL A 57 -24.69 24.75 66.99
CA VAL A 57 -24.67 23.45 67.62
C VAL A 57 -23.36 22.75 67.36
N PHE A 58 -22.68 22.32 68.43
CA PHE A 58 -21.44 21.58 68.34
C PHE A 58 -21.72 20.13 68.70
N VAL A 59 -21.69 19.25 67.69
CA VAL A 59 -22.06 17.86 67.88
C VAL A 59 -20.83 17.08 68.30
N GLY A 60 -20.93 16.35 69.41
CA GLY A 60 -19.86 15.55 69.92
C GLY A 60 -20.03 14.07 69.64
N ALA A 61 -19.25 13.27 70.37
CA ALA A 61 -19.32 11.82 70.20
C ALA A 61 -20.54 11.22 70.87
N GLY A 62 -21.19 11.96 71.77
CA GLY A 62 -22.37 11.44 72.45
C GLY A 62 -23.65 11.49 71.65
N PHE A 63 -23.64 12.16 70.50
CA PHE A 63 -24.84 12.23 69.67
C PHE A 63 -25.07 10.93 68.91
N SER A 64 -23.99 10.28 68.47
CA SER A 64 -24.13 9.06 67.69
C SER A 64 -23.73 7.80 68.46
N LYS A 65 -24.00 7.79 69.76
CA LYS A 65 -23.65 6.65 70.58
C LYS A 65 -24.67 5.56 70.40
N GLU A 66 -25.79 5.87 69.77
CA GLU A 66 -26.85 4.89 69.63
C GLU A 66 -27.14 4.59 68.17
N SER A 67 -26.25 4.97 67.27
CA SER A 67 -26.47 4.63 65.88
C SER A 67 -25.89 3.25 65.56
N ILE A 68 -26.27 2.72 64.41
CA ILE A 68 -25.85 1.40 63.95
C ILE A 68 -25.06 1.56 62.65
N ASN A 69 -23.87 0.98 62.60
CA ASN A 69 -23.06 1.04 61.39
C ASN A 69 -23.44 -0.12 60.48
N ILE A 70 -22.66 -0.34 59.42
CA ILE A 70 -23.02 -1.36 58.43
C ILE A 70 -22.71 -2.77 58.89
N ILE A 71 -22.12 -2.95 60.06
CA ILE A 71 -21.89 -4.27 60.61
C ILE A 71 -22.77 -4.54 61.83
N GLY A 72 -23.89 -3.81 61.96
CA GLY A 72 -24.86 -4.09 63.00
C GLY A 72 -24.40 -3.89 64.42
N SER A 73 -23.76 -2.76 64.72
CA SER A 73 -23.25 -2.50 66.06
C SER A 73 -23.20 -1.00 66.30
N THR A 74 -23.05 -0.63 67.58
CA THR A 74 -22.76 0.75 67.90
C THR A 74 -21.31 1.09 67.51
N PRO A 75 -21.02 2.35 67.19
CA PRO A 75 -19.65 2.71 66.82
C PRO A 75 -18.70 2.50 67.98
N PRO A 76 -17.49 1.97 67.68
CA PRO A 76 -16.58 1.61 68.77
C PRO A 76 -15.96 2.75 69.53
N LEU A 77 -15.49 2.46 70.74
CA LEU A 77 -14.80 3.46 71.53
C LEU A 77 -13.33 3.34 71.23
N ALA A 78 -12.54 4.29 71.71
CA ALA A 78 -11.13 4.28 71.41
C ALA A 78 -10.51 2.96 71.83
N LYS A 79 -10.99 2.41 72.94
CA LYS A 79 -10.37 1.20 73.47
C LYS A 79 -10.35 0.07 72.44
N ASP A 80 -11.53 -0.34 71.97
CA ASP A 80 -11.59 -1.46 71.04
C ASP A 80 -10.97 -1.09 69.70
N LEU A 81 -11.28 0.11 69.22
CA LEU A 81 -10.70 0.55 67.96
C LEU A 81 -9.19 0.51 68.11
N ALA A 82 -8.69 0.63 69.33
CA ALA A 82 -7.25 0.50 69.55
C ALA A 82 -6.84 -0.97 69.64
N LEU A 83 -7.64 -1.78 70.33
CA LEU A 83 -7.33 -3.20 70.43
C LEU A 83 -7.44 -3.89 69.08
N GLN A 84 -8.41 -3.49 68.26
CA GLN A 84 -8.55 -4.04 66.91
C GLN A 84 -7.32 -3.73 66.06
N ILE A 85 -6.90 -2.48 66.06
CA ILE A 85 -5.74 -2.08 65.26
C ILE A 85 -4.47 -2.77 65.77
N SER A 86 -4.32 -2.86 67.10
CA SER A 86 -3.15 -3.51 67.67
C SER A 86 -3.14 -5.00 67.34
N ASN A 87 -4.31 -5.65 67.36
CA ASN A 87 -4.37 -7.06 66.97
C ASN A 87 -4.00 -7.25 65.51
N LYS A 88 -4.43 -6.33 64.64
CA LYS A 88 -4.06 -6.40 63.23
C LYS A 88 -2.55 -6.30 63.06
N SER A 89 -1.93 -5.30 63.70
CA SER A 89 -0.49 -5.10 63.57
C SER A 89 0.29 -6.27 64.16
N ALA A 90 -0.18 -6.81 65.30
CA ALA A 90 0.51 -7.94 65.91
C ALA A 90 0.35 -9.21 65.09
N ASN A 91 -0.80 -9.40 64.44
CA ASN A 91 -0.96 -10.55 63.56
C ASN A 91 -0.01 -10.46 62.37
N TYR A 92 0.14 -9.27 61.79
CA TYR A 92 1.12 -9.12 60.71
C TYR A 92 2.54 -9.39 61.21
N LEU A 93 2.89 -8.86 62.38
CA LEU A 93 4.24 -9.03 62.89
C LEU A 93 4.52 -10.48 63.30
N LYS A 94 3.47 -11.21 63.70
CA LYS A 94 3.62 -12.64 63.94
C LYS A 94 3.79 -13.39 62.63
N GLU A 95 3.11 -12.93 61.58
CA GLU A 95 3.27 -13.56 60.26
C GLU A 95 4.69 -13.37 59.73
N VAL A 96 5.28 -12.20 59.93
CA VAL A 96 6.67 -12.00 59.47
C VAL A 96 7.69 -12.64 60.39
N GLY A 97 7.29 -13.10 61.58
CA GLY A 97 8.17 -13.88 62.42
C GLY A 97 9.09 -13.09 63.33
N ALA A 98 8.53 -12.30 64.24
CA ALA A 98 9.30 -11.61 65.26
C ALA A 98 9.26 -12.39 66.57
N ASP A 99 9.92 -11.85 67.60
CA ASP A 99 9.92 -12.48 68.90
C ASP A 99 8.56 -12.36 69.57
N SER A 100 8.24 -13.34 70.43
CA SER A 100 6.91 -13.42 71.02
C SER A 100 6.65 -12.29 72.02
N HIS A 101 7.69 -11.82 72.71
CA HIS A 101 7.49 -10.77 73.71
C HIS A 101 7.09 -9.45 73.07
N TYR A 102 7.66 -9.13 71.90
CA TYR A 102 7.24 -7.95 71.16
C TYR A 102 5.77 -8.04 70.77
N ILE A 103 5.34 -9.21 70.30
CA ILE A 103 3.96 -9.41 69.89
C ILE A 103 3.03 -9.23 71.08
N GLU A 104 3.40 -9.83 72.22
CA GLU A 104 2.57 -9.73 73.42
C GLU A 104 2.53 -8.29 73.93
N GLU A 105 3.64 -7.56 73.85
CA GLU A 105 3.68 -6.21 74.37
C GLU A 105 2.99 -5.19 73.47
N ILE A 106 2.82 -5.49 72.17
CA ILE A 106 2.05 -4.59 71.32
C ILE A 106 0.61 -5.06 71.10
N LYS A 107 0.26 -6.27 71.55
CA LYS A 107 -1.14 -6.68 71.50
C LYS A 107 -2.00 -5.86 72.44
N GLN A 108 -1.50 -5.57 73.64
CA GLN A 108 -2.29 -4.92 74.67
C GLN A 108 -2.17 -3.40 74.67
N CYS A 109 -1.87 -2.81 73.52
CA CYS A 109 -1.84 -1.34 73.42
C CYS A 109 -3.27 -0.84 73.31
N ASP A 110 -3.75 -0.18 74.34
CA ASP A 110 -5.14 0.28 74.34
C ASP A 110 -5.27 1.75 73.94
N ASP A 111 -4.17 2.37 73.56
CA ASP A 111 -4.21 3.76 73.11
C ASP A 111 -4.54 3.80 71.62
N LEU A 112 -5.54 4.60 71.25
CA LEU A 112 -5.93 4.70 69.85
C LEU A 112 -4.85 5.41 69.03
N MET A 113 -4.33 6.52 69.55
CA MET A 113 -3.33 7.29 68.82
C MET A 113 -2.06 6.48 68.61
N VAL A 114 -1.59 5.80 69.65
CA VAL A 114 -0.36 5.04 69.56
C VAL A 114 -0.51 3.88 68.59
N ALA A 115 -1.64 3.15 68.68
CA ALA A 115 -1.86 2.01 67.79
C ALA A 115 -2.00 2.45 66.35
N SER A 116 -2.73 3.55 66.10
CA SER A 116 -2.88 4.03 64.73
C SER A 116 -1.55 4.50 64.14
N ASP A 117 -0.74 5.20 64.94
CA ASP A 117 0.55 5.65 64.45
C ASP A 117 1.48 4.46 64.20
N PHE A 118 1.43 3.45 65.07
CA PHE A 118 2.26 2.27 64.86
C PHE A 118 1.87 1.53 63.59
N PHE A 119 0.57 1.40 63.33
CA PHE A 119 0.13 0.77 62.10
C PHE A 119 0.56 1.58 60.88
N LEU A 120 0.48 2.91 60.96
CA LEU A 120 0.85 3.73 59.83
C LEU A 120 2.35 3.67 59.56
N ASN A 121 3.17 3.55 60.61
CA ASN A 121 4.61 3.61 60.45
C ASN A 121 5.30 2.25 60.42
N ASN A 122 4.56 1.14 60.54
CA ASN A 122 5.20 -0.16 60.56
C ASN A 122 4.58 -1.21 59.66
N ILE A 123 3.31 -1.09 59.28
CA ILE A 123 2.61 -2.09 58.48
C ILE A 123 2.20 -1.42 57.17
N PRO A 124 2.46 -2.04 56.01
CA PRO A 124 2.18 -1.37 54.73
C PRO A 124 0.74 -1.52 54.23
N GLN A 125 -0.15 -2.18 54.97
CA GLN A 125 -1.51 -2.39 54.52
C GLN A 125 -2.45 -1.35 55.13
N LYS A 126 -2.26 -0.09 54.71
CA LYS A 126 -3.15 0.97 55.16
C LYS A 126 -4.53 0.84 54.54
N ASP A 127 -4.65 0.10 53.43
CA ASP A 127 -5.96 -0.13 52.83
C ASP A 127 -6.86 -0.93 53.76
N GLU A 128 -6.31 -1.91 54.46
CA GLU A 128 -7.09 -2.68 55.43
C GLU A 128 -7.56 -1.82 56.58
N LEU A 129 -6.71 -0.92 57.07
CA LEU A 129 -7.11 -0.01 58.14
C LEU A 129 -8.21 0.94 57.68
N LEU A 130 -8.09 1.47 56.47
CA LEU A 130 -9.13 2.33 55.93
C LEU A 130 -10.45 1.57 55.76
N GLN A 131 -10.37 0.31 55.32
CA GLN A 131 -11.58 -0.50 55.18
C GLN A 131 -12.21 -0.78 56.53
N LEU A 132 -11.40 -1.03 57.56
CA LEU A 132 -11.93 -1.24 58.90
C LEU A 132 -12.63 0.01 59.42
N LEU A 133 -12.04 1.18 59.21
CA LEU A 133 -12.69 2.42 59.62
C LEU A 133 -13.98 2.65 58.85
N LYS A 134 -14.00 2.33 57.56
CA LYS A 134 -15.20 2.48 56.76
C LYS A 134 -16.30 1.52 57.22
N ASP A 135 -15.92 0.32 57.65
CA ASP A 135 -16.90 -0.61 58.20
C ASP A 135 -17.44 -0.13 59.54
N ASN A 136 -16.57 0.42 60.39
CA ASN A 136 -16.99 0.79 61.74
C ASN A 136 -17.78 2.08 61.78
N TYR A 137 -17.51 3.05 60.90
CA TYR A 137 -18.04 4.39 61.08
C TYR A 137 -19.14 4.78 60.10
N THR A 138 -19.28 4.10 58.97
CA THR A 138 -20.32 4.44 58.01
C THR A 138 -21.68 4.15 58.62
N ILE A 139 -22.39 5.20 59.05
CA ILE A 139 -23.65 5.03 59.76
C ILE A 139 -24.73 4.61 58.78
N LYS A 140 -25.51 3.61 59.15
CA LYS A 140 -26.52 3.11 58.24
C LYS A 140 -27.90 3.51 58.70
N ASP A 141 -28.19 3.41 59.98
CA ASP A 141 -29.54 3.62 60.51
C ASP A 141 -29.53 4.57 61.69
N VAL A 142 -30.36 5.60 61.65
CA VAL A 142 -30.33 6.60 62.71
C VAL A 142 -31.52 6.47 63.65
N THR A 143 -31.44 7.10 64.81
CA THR A 143 -32.51 7.05 65.78
C THR A 143 -33.38 8.29 65.66
N GLN A 144 -34.64 8.18 66.04
CA GLN A 144 -35.54 9.32 65.94
C GLN A 144 -35.06 10.46 66.83
N GLU A 145 -34.53 10.12 68.00
CA GLU A 145 -34.01 11.14 68.90
C GLU A 145 -33.01 12.01 68.16
N GLN A 146 -32.37 11.48 67.13
CA GLN A 146 -31.47 12.27 66.32
C GLN A 146 -32.22 13.08 65.28
N ILE A 147 -33.23 12.48 64.64
CA ILE A 147 -34.04 13.21 63.66
C ILE A 147 -34.81 14.34 64.32
N ASP A 148 -35.30 14.12 65.55
CA ASP A 148 -35.98 15.18 66.27
C ASP A 148 -35.02 16.32 66.62
N ILE A 149 -33.77 16.00 66.95
CA ILE A 149 -32.85 17.05 67.37
C ILE A 149 -32.35 17.90 66.23
N PHE A 150 -32.09 17.29 65.08
CA PHE A 150 -31.51 18.04 63.95
C PHE A 150 -32.52 18.57 62.92
N SER A 151 -33.81 18.30 63.08
CA SER A 151 -34.76 18.88 62.14
C SER A 151 -35.07 20.34 62.46
N MET A 152 -34.38 20.92 63.45
CA MET A 152 -34.48 22.33 63.77
C MET A 152 -33.62 23.17 62.82
N LYS A 153 -33.94 24.45 62.75
CA LYS A 153 -33.15 25.41 61.98
C LYS A 153 -32.08 26.00 62.88
N TRP A 154 -30.84 25.55 62.71
CA TRP A 154 -29.71 26.14 63.39
C TRP A 154 -28.98 27.07 62.44
N ARG A 155 -28.23 28.02 63.02
CA ARG A 155 -27.45 28.94 62.20
C ARG A 155 -26.37 28.20 61.44
N ARG A 156 -25.69 27.27 62.10
CA ARG A 156 -24.68 26.45 61.44
C ARG A 156 -24.50 25.17 62.24
N ILE A 157 -23.85 24.19 61.61
CA ILE A 157 -23.60 22.89 62.22
C ILE A 157 -22.09 22.68 62.29
N TYR A 158 -21.61 22.33 63.48
CA TYR A 158 -20.22 21.97 63.68
C TYR A 158 -20.15 20.63 64.38
N THR A 159 -19.15 19.82 64.02
CA THR A 159 -19.06 18.49 64.59
C THR A 159 -17.62 18.01 64.55
N THR A 160 -17.35 16.98 65.33
CA THR A 160 -16.03 16.37 65.40
C THR A 160 -16.02 14.89 65.02
N ASN A 161 -17.16 14.25 64.86
CA ASN A 161 -17.21 12.85 64.50
C ASN A 161 -16.85 12.65 63.03
N TYR A 162 -16.25 11.51 62.71
CA TYR A 162 -15.88 11.24 61.33
C TYR A 162 -17.01 10.55 60.59
N ASP A 163 -18.09 10.21 61.27
CA ASP A 163 -19.18 9.47 60.63
C ASP A 163 -20.15 10.44 59.98
N ASN A 164 -21.29 9.93 59.52
CA ASN A 164 -22.26 10.72 58.76
C ASN A 164 -23.66 10.60 59.33
N ALA A 165 -23.78 10.39 60.64
CA ALA A 165 -25.12 10.31 61.24
C ALA A 165 -25.83 11.66 61.18
N ILE A 166 -25.08 12.75 61.19
CA ILE A 166 -25.67 14.08 61.07
C ILE A 166 -26.27 14.28 59.68
N GLU A 167 -25.54 13.86 58.65
CA GLU A 167 -26.06 13.97 57.28
C GLU A 167 -27.31 13.12 57.11
N LEU A 168 -27.30 11.89 57.64
CA LEU A 168 -28.46 11.03 57.53
C LEU A 168 -29.65 11.60 58.28
N SER A 169 -29.40 12.20 59.45
CA SER A 169 -30.47 12.82 60.22
C SER A 169 -31.06 14.02 59.50
N LEU A 170 -30.22 14.82 58.85
CA LEU A 170 -30.71 15.97 58.11
C LEU A 170 -31.53 15.53 56.90
N ILE A 171 -31.03 14.52 56.16
CA ILE A 171 -31.74 14.05 54.98
C ILE A 171 -33.08 13.40 55.36
N LYS A 172 -33.07 12.57 56.41
CA LYS A 172 -34.29 11.86 56.80
C LYS A 172 -35.34 12.80 57.39
N SER A 173 -34.96 14.01 57.79
CA SER A 173 -35.88 14.99 58.34
C SER A 173 -36.41 15.96 57.30
N GLY A 174 -36.26 15.64 56.02
CA GLY A 174 -36.71 16.53 54.96
C GLY A 174 -35.93 17.82 54.86
N LYS A 175 -34.61 17.75 55.01
CA LYS A 175 -33.76 18.93 54.92
C LYS A 175 -32.48 18.58 54.18
N SER A 176 -32.02 19.49 53.33
CA SER A 176 -30.81 19.25 52.57
C SER A 176 -29.58 19.65 53.38
N VAL A 177 -28.43 19.13 52.97
CA VAL A 177 -27.18 19.37 53.69
C VAL A 177 -26.03 19.18 52.72
N THR A 178 -25.03 20.06 52.83
CA THR A 178 -23.78 19.90 52.10
C THR A 178 -22.66 19.65 53.11
N PRO A 179 -21.98 18.51 53.05
CA PRO A 179 -20.91 18.23 54.02
C PRO A 179 -19.57 18.79 53.59
N LEU A 180 -18.92 19.57 54.46
CA LEU A 180 -17.66 20.20 54.13
C LEU A 180 -16.57 19.71 55.07
N THR A 181 -15.34 19.88 54.63
CA THR A 181 -14.15 19.53 55.39
C THR A 181 -13.30 20.81 55.46
N LEU A 182 -12.19 20.76 56.19
CA LEU A 182 -11.33 21.92 56.34
C LEU A 182 -10.57 22.30 55.08
N GLU A 183 -10.63 21.47 54.04
CA GLU A 183 -9.95 21.75 52.78
C GLU A 183 -10.85 22.49 51.78
N ASP A 184 -11.99 23.00 52.23
CA ASP A 184 -12.91 23.72 51.37
C ASP A 184 -12.89 25.20 51.74
N ALA A 185 -12.75 26.05 50.73
CA ALA A 185 -12.69 27.48 50.96
C ALA A 185 -14.07 28.02 51.40
N PRO A 186 -14.10 29.03 52.25
CA PRO A 186 -15.38 29.52 52.76
C PRO A 186 -16.09 30.45 51.80
N ASN A 187 -15.33 31.16 50.98
CA ASN A 187 -15.92 32.17 50.11
C ASN A 187 -16.72 31.56 48.96
N GLN A 188 -16.40 30.33 48.56
CA GLN A 188 -17.17 29.69 47.50
C GLN A 188 -18.53 29.20 47.96
N TYR A 189 -18.74 29.08 49.27
CA TYR A 189 -20.00 28.66 49.83
C TYR A 189 -20.61 29.77 50.68
N LYS A 190 -20.53 31.01 50.20
CA LYS A 190 -21.00 32.16 50.97
C LYS A 190 -22.52 32.16 51.10
N SER A 191 -23.22 31.94 49.99
CA SER A 191 -24.67 32.01 49.98
C SER A 191 -25.33 30.68 50.28
N ALA A 192 -24.57 29.64 50.59
CA ALA A 192 -25.13 28.33 50.85
C ALA A 192 -25.75 28.28 52.24
N GLU A 193 -26.56 27.25 52.46
CA GLU A 193 -27.21 26.99 53.73
C GLU A 193 -27.03 25.52 54.09
N ASP A 194 -27.14 25.23 55.39
CA ASP A 194 -26.86 23.91 55.96
C ASP A 194 -25.43 23.47 55.67
N ILE A 195 -24.49 24.22 56.25
CA ILE A 195 -23.08 23.89 56.16
C ILE A 195 -22.74 23.01 57.36
N CYS A 196 -22.42 21.74 57.11
CA CYS A 196 -22.03 20.81 58.16
C CYS A 196 -20.51 20.62 58.07
N LEU A 197 -19.78 21.44 58.83
CA LEU A 197 -18.32 21.44 58.75
C LEU A 197 -17.76 20.36 59.67
N HIS A 198 -17.11 19.37 59.08
CA HIS A 198 -16.43 18.32 59.83
C HIS A 198 -15.01 18.78 60.12
N ILE A 199 -14.75 19.18 61.37
CA ILE A 199 -13.45 19.75 61.72
C ILE A 199 -12.36 18.70 61.65
N ASN A 200 -12.62 17.49 62.14
CA ASN A 200 -11.61 16.45 62.24
C ASN A 200 -11.47 15.61 60.98
N GLY A 201 -12.24 15.88 59.94
CA GLY A 201 -12.20 15.10 58.72
C GLY A 201 -13.44 14.24 58.58
N ARG A 202 -13.47 13.48 57.50
CA ARG A 202 -14.60 12.62 57.19
C ARG A 202 -14.11 11.27 56.71
N ILE A 203 -15.05 10.34 56.62
CA ILE A 203 -14.77 9.01 56.09
C ILE A 203 -15.38 8.81 54.69
N GLU A 204 -16.42 9.56 54.34
CA GLU A 204 -17.29 9.21 53.22
C GLU A 204 -16.53 9.17 51.89
N ARG A 205 -15.71 10.17 51.61
CA ARG A 205 -14.88 10.14 50.42
C ARG A 205 -13.44 10.51 50.75
N SER A 206 -12.94 9.96 51.85
CA SER A 206 -11.53 10.12 52.20
C SER A 206 -10.69 9.14 51.41
N LYS A 207 -9.53 9.60 50.95
CA LYS A 207 -8.65 8.78 50.13
C LYS A 207 -7.62 8.09 51.02
N GLU A 208 -6.64 7.43 50.39
CA GLU A 208 -5.64 6.70 51.17
C GLU A 208 -4.70 7.63 51.91
N SER A 209 -4.40 8.79 51.32
CA SER A 209 -3.47 9.74 51.90
C SER A 209 -4.14 10.69 52.88
N ASP A 210 -5.42 10.48 53.19
CA ASP A 210 -6.12 11.32 54.16
C ASP A 210 -5.90 10.86 55.59
N LEU A 211 -5.17 9.78 55.82
CA LEU A 211 -4.83 9.35 57.16
C LEU A 211 -3.62 10.07 57.75
N ASP A 212 -2.92 10.86 56.94
CA ASP A 212 -1.71 11.52 57.43
C ASP A 212 -2.02 12.83 58.13
N SER A 213 -2.85 13.69 57.51
CA SER A 213 -3.15 14.98 58.11
C SER A 213 -4.64 15.30 58.11
N ALA A 214 -5.38 14.77 57.14
CA ALA A 214 -6.79 15.15 56.99
C ALA A 214 -7.65 14.57 58.11
N ILE A 215 -7.48 13.29 58.41
CA ILE A 215 -8.23 12.64 59.47
C ILE A 215 -7.40 12.66 60.75
N LYS A 216 -7.98 13.17 61.83
CA LYS A 216 -7.27 13.28 63.10
C LYS A 216 -7.44 12.00 63.88
N LEU A 217 -6.60 11.02 63.57
CA LEU A 217 -6.62 9.75 64.28
C LEU A 217 -5.26 9.46 64.87
N THR A 218 -4.21 9.65 64.08
CA THR A 218 -2.86 9.36 64.55
C THR A 218 -2.26 10.51 65.33
N THR A 219 -1.10 10.29 65.93
CA THR A 219 -0.42 11.35 66.66
C THR A 219 0.39 12.17 65.68
N SER A 220 0.81 11.56 64.58
CA SER A 220 1.51 12.31 63.55
C SER A 220 0.58 13.27 62.80
N SER A 221 -0.71 13.23 63.08
CA SER A 221 -1.67 14.14 62.48
C SER A 221 -2.05 15.30 63.38
N TYR A 222 -1.89 15.14 64.69
CA TYR A 222 -2.16 16.22 65.63
C TYR A 222 -1.02 17.23 65.69
N LEU A 223 0.12 16.92 65.09
CA LEU A 223 1.31 17.78 65.13
C LEU A 223 1.63 18.36 63.75
N SER A 224 0.74 18.21 62.78
CA SER A 224 0.96 18.77 61.46
C SER A 224 0.84 20.29 61.51
N PRO A 225 1.55 21.00 60.64
CA PRO A 225 1.42 22.47 60.61
C PRO A 225 0.04 22.95 60.20
N GLU A 226 -0.74 22.14 59.49
CA GLU A 226 -2.09 22.52 59.08
C GLU A 226 -3.05 22.06 60.18
N GLN A 227 -3.65 23.02 60.88
CA GLN A 227 -4.55 22.72 61.98
C GLN A 227 -5.85 23.50 61.84
N PHE A 228 -6.66 23.55 62.89
CA PHE A 228 -7.85 24.39 62.85
C PHE A 228 -7.51 25.87 62.98
N LEU A 229 -6.37 26.20 63.57
CA LEU A 229 -6.01 27.61 63.71
C LEU A 229 -5.67 28.24 62.37
N THR A 230 -4.82 27.58 61.58
CA THR A 230 -4.33 28.19 60.35
C THR A 230 -5.43 28.23 59.29
N SER A 231 -6.35 27.28 59.33
CA SER A 231 -7.40 27.19 58.32
C SER A 231 -8.31 28.41 58.37
N SER A 232 -8.87 28.74 57.20
CA SER A 232 -9.68 29.95 57.05
C SER A 232 -11.03 29.86 57.72
N TRP A 233 -11.46 28.68 58.15
CA TRP A 233 -12.74 28.54 58.83
C TRP A 233 -12.69 29.01 60.28
N TYR A 234 -11.50 29.31 60.81
CA TYR A 234 -11.38 29.79 62.18
C TYR A 234 -12.01 31.17 62.33
N ARG A 235 -11.77 32.06 61.37
CA ARG A 235 -12.35 33.40 61.44
C ARG A 235 -13.87 33.34 61.33
N GLN A 236 -14.39 32.50 60.44
CA GLN A 236 -15.83 32.35 60.31
C GLN A 236 -16.44 31.75 61.57
N PHE A 237 -15.76 30.78 62.18
CA PHE A 237 -16.24 30.19 63.43
C PHE A 237 -16.28 31.23 64.55
N LYS A 238 -15.24 32.06 64.65
CA LYS A 238 -15.21 33.09 65.67
C LYS A 238 -16.30 34.14 65.44
N ALA A 239 -16.48 34.58 64.19
CA ALA A 239 -17.52 35.55 63.89
C ALA A 239 -18.90 34.97 64.16
N ASP A 240 -19.08 33.67 63.89
CA ASP A 240 -20.39 33.06 64.11
C ASP A 240 -20.70 32.93 65.60
N ILE A 241 -19.73 32.54 66.42
CA ILE A 241 -20.00 32.48 67.85
C ILE A 241 -20.14 33.88 68.43
N ASP A 242 -19.61 34.90 67.76
CA ASP A 242 -19.87 36.27 68.19
C ASP A 242 -21.27 36.74 67.79
N ASN A 243 -21.80 36.26 66.67
CA ASN A 243 -23.06 36.75 66.14
C ASN A 243 -24.24 35.81 66.40
N ALA A 244 -24.06 34.77 67.20
CA ALA A 244 -25.13 33.81 67.44
C ALA A 244 -25.89 34.14 68.71
N SER A 245 -27.08 33.57 68.83
CA SER A 245 -27.93 33.77 70.00
C SER A 245 -27.74 32.72 71.08
N ALA A 246 -27.22 31.54 70.72
CA ALA A 246 -26.89 30.52 71.69
C ALA A 246 -25.90 29.55 71.07
N ILE A 247 -25.04 28.97 71.92
CA ILE A 247 -24.11 27.93 71.52
C ILE A 247 -24.40 26.69 72.35
N VAL A 248 -24.65 25.57 71.68
CA VAL A 248 -25.07 24.34 72.33
C VAL A 248 -24.08 23.23 71.97
N PHE A 249 -23.55 22.56 72.99
CA PHE A 249 -22.65 21.43 72.82
C PHE A 249 -23.42 20.15 73.11
N LEU A 250 -23.62 19.33 72.08
CA LEU A 250 -24.34 18.06 72.22
C LEU A 250 -23.31 16.95 72.39
N GLY A 251 -23.08 16.54 73.63
CA GLY A 251 -22.22 15.39 73.90
C GLY A 251 -20.77 15.57 73.54
N TYR A 252 -20.21 16.75 73.82
CA TYR A 252 -18.80 17.05 73.55
C TYR A 252 -18.07 17.17 74.87
N SER A 253 -16.95 16.46 74.99
CA SER A 253 -16.19 16.40 76.23
C SER A 253 -15.11 17.47 76.33
N MET A 254 -14.99 18.34 75.32
CA MET A 254 -13.96 19.37 75.24
C MET A 254 -12.56 18.77 75.39
N TYR A 255 -12.23 17.83 74.50
CA TYR A 255 -10.89 17.29 74.45
C TYR A 255 -9.91 18.31 73.87
N ASP A 256 -10.29 18.97 72.78
CA ASP A 256 -9.40 19.88 72.08
C ASP A 256 -9.10 21.11 72.93
N ILE A 257 -7.84 21.52 72.94
CA ILE A 257 -7.44 22.67 73.75
C ILE A 257 -7.79 23.99 73.07
N ASP A 258 -8.02 23.97 71.75
CA ASP A 258 -8.23 25.22 71.02
C ASP A 258 -9.60 25.81 71.28
N ILE A 259 -10.63 24.97 71.33
CA ILE A 259 -11.96 25.46 71.64
C ILE A 259 -12.01 25.98 73.07
N GLN A 260 -11.31 25.30 73.98
CA GLN A 260 -11.19 25.79 75.35
C GLN A 260 -10.48 27.13 75.40
N LYS A 261 -9.43 27.31 74.59
CA LYS A 261 -8.72 28.58 74.58
C LYS A 261 -9.56 29.70 74.00
N ILE A 262 -10.45 29.38 73.06
CA ILE A 262 -11.40 30.37 72.58
C ILE A 262 -12.37 30.76 73.69
N PHE A 263 -12.96 29.77 74.35
CA PHE A 263 -14.09 30.02 75.23
C PHE A 263 -13.70 30.44 76.64
N PHE A 264 -12.43 30.31 77.02
CA PHE A 264 -12.04 30.56 78.41
C PHE A 264 -12.01 32.06 78.72
N ASN A 265 -11.46 32.86 77.81
CA ASN A 265 -11.15 34.25 78.13
C ASN A 265 -12.41 35.10 78.27
N ASP A 266 -13.33 34.98 77.32
CA ASP A 266 -14.49 35.86 77.27
C ASP A 266 -15.50 35.51 78.35
N SER A 267 -16.30 36.51 78.71
CA SER A 267 -17.39 36.34 79.68
C SER A 267 -18.76 36.51 79.06
N SER A 268 -18.87 37.24 77.94
CA SER A 268 -20.16 37.36 77.27
C SER A 268 -20.55 36.06 76.58
N ILE A 269 -19.56 35.30 76.10
CA ILE A 269 -19.85 34.00 75.51
C ILE A 269 -20.33 33.02 76.57
N LYS A 270 -19.75 33.09 77.77
CA LYS A 270 -20.08 32.14 78.83
C LYS A 270 -21.55 32.25 79.25
N SER A 271 -22.16 33.41 79.03
CA SER A 271 -23.58 33.54 79.33
C SER A 271 -24.46 32.87 78.28
N LYS A 272 -23.91 32.41 77.16
CA LYS A 272 -24.70 31.83 76.09
C LYS A 272 -24.47 30.34 75.89
N THR A 273 -23.38 29.77 76.40
CA THR A 273 -23.08 28.37 76.13
C THR A 273 -23.84 27.44 77.06
N PHE A 274 -24.18 26.26 76.54
CA PHE A 274 -24.85 25.23 77.30
C PHE A 274 -24.21 23.89 76.99
N PHE A 275 -24.30 22.95 77.92
CA PHE A 275 -23.75 21.62 77.75
C PHE A 275 -24.83 20.59 78.00
N ILE A 276 -24.90 19.56 77.15
CA ILE A 276 -25.86 18.49 77.32
C ILE A 276 -25.12 17.20 77.61
N THR A 277 -24.92 16.90 78.89
CA THR A 277 -24.11 15.77 79.31
C THR A 277 -24.98 14.56 79.65
N ARG A 278 -24.32 13.42 79.80
CA ARG A 278 -25.03 12.17 80.04
C ARG A 278 -25.57 12.12 81.48
N GLU A 279 -26.57 11.26 81.67
CA GLU A 279 -27.25 11.16 82.95
C GLU A 279 -26.35 10.51 83.99
N GLY A 280 -26.74 10.66 85.26
CA GLY A 280 -25.97 10.11 86.36
C GLY A 280 -24.63 10.77 86.55
N THR A 281 -24.55 12.08 86.39
CA THR A 281 -23.30 12.84 86.48
C THR A 281 -23.35 13.72 87.72
N THR A 282 -22.48 13.44 88.68
CA THR A 282 -22.32 14.34 89.82
C THR A 282 -21.51 15.56 89.41
N LYS A 283 -21.51 16.57 90.28
CA LYS A 283 -21.00 17.89 89.91
C LYS A 283 -19.50 17.87 89.66
N PHE A 284 -18.76 17.10 90.45
CA PHE A 284 -17.30 17.19 90.36
C PHE A 284 -16.73 16.48 89.14
N GLN A 285 -17.36 15.42 88.65
CA GLN A 285 -16.74 14.65 87.58
C GLN A 285 -16.83 15.37 86.23
N ASN A 286 -17.65 16.40 86.13
CA ASN A 286 -17.71 17.27 84.95
C ASN A 286 -17.32 18.69 85.34
N TYR A 287 -16.30 18.81 86.20
CA TYR A 287 -15.84 20.13 86.63
C TYR A 287 -15.16 20.89 85.51
N LYS A 288 -14.58 20.19 84.55
CA LYS A 288 -13.93 20.86 83.44
C LYS A 288 -14.94 21.58 82.57
N LEU A 289 -16.10 20.98 82.37
CA LEU A 289 -17.13 21.58 81.52
C LEU A 289 -17.91 22.68 82.21
N ALA A 290 -17.75 22.86 83.52
CA ALA A 290 -18.45 23.91 84.23
C ALA A 290 -17.74 25.25 84.14
N MET A 291 -16.50 25.27 83.64
CA MET A 291 -15.75 26.51 83.56
C MET A 291 -16.24 27.40 82.42
N PHE A 292 -16.59 26.80 81.29
CA PHE A 292 -16.92 27.53 80.07
C PHE A 292 -18.41 27.80 79.91
N GLY A 293 -19.25 27.33 80.82
CA GLY A 293 -20.67 27.60 80.73
C GLY A 293 -21.48 26.64 81.56
N GLU A 294 -22.79 26.87 81.55
CA GLU A 294 -23.72 26.06 82.31
C GLU A 294 -23.80 24.65 81.76
N VAL A 295 -24.09 23.69 82.63
CA VAL A 295 -24.16 22.28 82.29
C VAL A 295 -25.56 21.78 82.60
N ILE A 296 -26.19 21.14 81.63
CA ILE A 296 -27.46 20.46 81.81
C ILE A 296 -27.20 18.97 81.63
N ASN A 297 -27.33 18.19 82.70
CA ASN A 297 -27.02 16.76 82.67
C ASN A 297 -28.31 15.96 82.54
N ILE A 298 -28.86 15.98 81.34
CA ILE A 298 -30.07 15.23 81.03
C ILE A 298 -29.89 14.24 79.90
N GLY A 299 -28.84 14.35 79.09
CA GLY A 299 -28.64 13.47 77.97
C GLY A 299 -29.26 14.02 76.69
N VAL A 300 -28.79 13.49 75.56
CA VAL A 300 -29.29 13.94 74.27
C VAL A 300 -30.74 13.52 74.06
N ASN A 301 -31.13 12.38 74.64
CA ASN A 301 -32.50 11.89 74.49
C ASN A 301 -33.50 12.86 75.10
N ALA A 302 -33.15 13.46 76.23
CA ALA A 302 -34.04 14.46 76.82
C ALA A 302 -34.04 15.76 76.03
N PHE A 303 -32.93 16.09 75.37
CA PHE A 303 -32.90 17.28 74.53
C PHE A 303 -33.72 17.09 73.26
N SER A 304 -33.95 15.85 72.84
CA SER A 304 -34.84 15.60 71.71
C SER A 304 -36.24 16.15 71.99
N HIS A 305 -36.72 16.01 73.23
CA HIS A 305 -38.03 16.55 73.57
C HIS A 305 -38.06 18.07 73.49
N ILE A 306 -36.98 18.73 73.93
CA ILE A 306 -36.91 20.19 73.83
C ILE A 306 -36.96 20.64 72.38
N ALA A 307 -36.19 19.96 71.52
CA ALA A 307 -36.18 20.31 70.10
C ALA A 307 -37.56 20.08 69.47
N ALA A 308 -38.21 18.97 69.81
CA ALA A 308 -39.55 18.72 69.29
C ALA A 308 -40.57 19.73 69.81
N LYS A 309 -40.36 20.27 71.01
CA LYS A 309 -41.26 21.29 71.53
C LYS A 309 -41.09 22.61 70.78
N CYS A 310 -39.86 23.00 70.48
CA CYS A 310 -39.62 24.30 69.84
C CYS A 310 -39.49 24.21 68.31
N ILE A 311 -39.79 23.05 67.72
CA ILE A 311 -39.63 22.85 66.29
C ILE A 311 -40.55 23.77 65.48
N GLU A 312 -41.74 24.07 66.00
CA GLU A 312 -42.66 24.91 65.24
C GLU A 312 -42.39 26.40 65.44
N GLU A 313 -41.65 26.78 66.47
CA GLU A 313 -41.31 28.18 66.69
C GLU A 313 -39.95 28.55 66.13
N SER A 314 -39.11 27.56 65.82
CA SER A 314 -37.80 27.88 65.25
C SER A 314 -37.89 28.48 63.85
N HIS A 315 -38.90 28.10 63.06
CA HIS A 315 -38.95 28.48 61.65
C HIS A 315 -39.76 29.75 61.38
N GLN A 316 -40.30 30.42 62.40
CA GLN A 316 -41.20 31.54 62.17
C GLN A 316 -40.75 32.82 62.85
N ASP A 317 -39.50 32.90 63.31
CA ASP A 317 -39.02 34.05 64.06
C ASP A 317 -38.46 35.09 63.10
N LYS A 318 -39.08 36.27 63.07
CA LYS A 318 -38.64 37.37 62.22
C LYS A 318 -38.69 38.67 63.03
N GLU A 319 -37.60 39.44 62.94
CA GLU A 319 -37.53 40.73 63.61
C GLU A 319 -36.43 41.55 62.97
N VAL A 320 -36.72 42.83 62.71
CA VAL A 320 -35.76 43.67 62.00
C VAL A 320 -34.68 44.24 62.92
N GLY A 321 -34.93 44.30 64.23
CA GLY A 321 -33.93 44.81 65.14
C GLY A 321 -33.75 46.32 65.01
N LEU A 322 -32.63 46.80 65.56
CA LEU A 322 -32.26 48.21 65.50
C LEU A 322 -30.78 48.33 65.22
N ILE A 323 -30.43 49.19 64.27
CA ILE A 323 -29.04 49.46 63.93
C ILE A 323 -28.52 50.52 64.89
N ASN A 324 -27.45 50.19 65.60
CA ASN A 324 -26.98 51.04 66.70
C ASN A 324 -25.71 51.81 66.40
N SER A 325 -24.87 51.36 65.47
CA SER A 325 -23.65 52.09 65.13
C SER A 325 -23.76 52.86 63.83
N LEU A 326 -24.89 52.80 63.14
CA LEU A 326 -25.10 53.56 61.91
C LEU A 326 -26.43 54.30 61.99
N GLU A 327 -26.44 55.52 61.47
CA GLU A 327 -27.64 56.34 61.40
C GLU A 327 -28.05 56.52 59.95
N LEU A 328 -29.32 56.84 59.75
CA LEU A 328 -29.90 56.97 58.42
C LEU A 328 -30.03 58.46 58.10
N TYR A 329 -29.47 58.88 56.97
CA TYR A 329 -29.54 60.26 56.55
C TYR A 329 -30.89 60.54 55.90
N THR A 330 -31.60 61.54 56.41
CA THR A 330 -32.91 61.88 55.90
C THR A 330 -32.87 63.20 55.16
N PRO A 331 -33.55 63.31 54.02
CA PRO A 331 -33.53 64.56 53.25
C PRO A 331 -34.35 65.65 53.93
N GLY A 332 -34.16 66.87 53.44
CA GLY A 332 -34.89 68.00 53.99
C GLY A 332 -36.29 68.10 53.37
N GLU A 333 -37.30 68.17 54.24
CA GLU A 333 -38.69 68.23 53.80
C GLU A 333 -39.20 69.65 53.62
N GLU A 334 -38.38 70.65 53.92
CA GLU A 334 -38.81 72.04 53.83
C GLU A 334 -37.70 72.87 53.19
N HIS A 335 -38.08 74.06 52.73
CA HIS A 335 -37.14 75.02 52.18
C HIS A 335 -36.83 76.07 53.22
N ASP A 336 -35.55 76.17 53.60
CA ASP A 336 -35.10 77.14 54.59
C ASP A 336 -34.50 78.35 53.88
N GLU A 337 -34.67 79.52 54.47
CA GLU A 337 -34.05 80.72 53.94
C GLU A 337 -32.55 80.69 54.18
N ILE A 338 -31.80 81.30 53.26
CA ILE A 338 -30.37 81.52 53.41
C ILE A 338 -30.11 83.02 53.47
N ARG A 339 -29.37 83.45 54.48
CA ARG A 339 -28.94 84.83 54.64
C ARG A 339 -27.43 84.90 54.44
N ASP A 340 -26.92 86.14 54.41
CA ASP A 340 -25.48 86.34 54.22
C ASP A 340 -24.69 85.82 55.42
N ASN A 341 -25.30 85.79 56.60
CA ASN A 341 -24.63 85.26 57.79
C ASN A 341 -24.33 83.77 57.63
N ASP A 342 -25.27 83.02 57.05
CA ASP A 342 -25.02 81.60 56.80
C ASP A 342 -23.90 81.42 55.79
N ILE A 343 -23.86 82.28 54.76
CA ILE A 343 -22.77 82.23 53.79
C ILE A 343 -21.43 82.46 54.47
N ALA A 344 -21.38 83.48 55.34
CA ALA A 344 -20.14 83.80 56.04
C ALA A 344 -19.72 82.66 56.97
N ASN A 345 -20.68 82.09 57.70
CA ASN A 345 -20.35 80.99 58.61
C ASN A 345 -19.85 79.77 57.86
N PHE A 346 -20.51 79.40 56.76
CA PHE A 346 -20.09 78.25 55.99
C PHE A 346 -18.74 78.47 55.33
N MET A 347 -18.47 79.70 54.88
CA MET A 347 -17.23 79.97 54.17
C MET A 347 -16.03 80.16 55.08
N ILE A 348 -16.23 80.70 56.28
CA ILE A 348 -15.14 81.13 57.14
C ILE A 348 -14.99 80.20 58.34
N PHE A 349 -16.11 79.80 58.95
CA PHE A 349 -16.09 79.23 60.29
C PHE A 349 -16.42 77.74 60.32
N GLY A 350 -16.90 77.18 59.22
CA GLY A 350 -17.09 75.75 59.08
C GLY A 350 -18.44 75.21 59.50
N LYS A 351 -19.25 75.99 60.20
CA LYS A 351 -20.55 75.51 60.65
C LYS A 351 -21.55 75.59 59.50
N VAL A 352 -22.26 74.48 59.26
CA VAL A 352 -23.24 74.40 58.18
C VAL A 352 -24.24 73.29 58.50
N SER A 353 -25.53 73.60 58.38
CA SER A 353 -26.57 72.63 58.64
C SER A 353 -26.79 71.73 57.41
N ASP A 354 -27.50 70.62 57.64
CA ASP A 354 -27.79 69.71 56.53
C ASP A 354 -28.82 70.29 55.58
N ARG A 355 -29.68 71.19 56.07
CA ARG A 355 -30.67 71.82 55.20
C ARG A 355 -30.01 72.69 54.14
N TYR A 356 -28.88 73.31 54.46
CA TYR A 356 -28.15 74.11 53.49
C TYR A 356 -27.69 73.24 52.32
N ILE A 357 -27.04 72.11 52.63
CA ILE A 357 -26.55 71.21 51.59
C ILE A 357 -27.70 70.58 50.83
N ASP A 358 -28.80 70.29 51.53
CA ASP A 358 -29.98 69.74 50.86
C ASP A 358 -30.59 70.74 49.88
N GLU A 359 -30.58 72.03 50.24
CA GLU A 359 -31.15 73.04 49.37
C GLU A 359 -30.26 73.39 48.20
N VAL A 360 -28.94 73.38 48.38
CA VAL A 360 -28.05 73.84 47.31
C VAL A 360 -27.75 72.73 46.31
N THR A 361 -28.48 71.62 46.40
CA THR A 361 -28.32 70.54 45.43
C THR A 361 -29.57 70.28 44.59
N LEU A 362 -30.74 70.74 45.03
CA LEU A 362 -31.95 70.57 44.22
C LEU A 362 -31.89 71.38 42.94
N ASN A 363 -31.38 72.62 43.03
CA ASN A 363 -31.25 73.49 41.88
C ASN A 363 -29.77 73.75 41.64
N ASP A 364 -29.33 73.52 40.41
CA ASP A 364 -27.90 73.59 40.07
C ASP A 364 -27.46 74.97 39.58
N ASN A 365 -28.38 75.92 39.45
CA ASN A 365 -28.04 77.27 39.02
C ASN A 365 -27.57 78.13 40.19
N MET A 366 -27.50 77.57 41.38
CA MET A 366 -27.27 78.30 42.62
C MET A 366 -25.77 78.43 42.91
N HIS A 367 -25.04 79.02 41.96
CA HIS A 367 -23.58 79.08 42.06
C HIS A 367 -23.08 80.09 43.09
N ASP A 368 -23.92 81.02 43.53
CA ASP A 368 -23.51 82.04 44.48
C ASP A 368 -23.55 81.57 45.93
N LYS A 369 -23.66 80.26 46.17
CA LYS A 369 -23.67 79.76 47.53
C LYS A 369 -22.57 78.75 47.82
N ILE A 370 -22.36 77.77 46.94
CA ILE A 370 -21.33 76.74 47.13
C ILE A 370 -20.54 76.59 45.83
N ILE A 371 -19.41 75.83 45.93
CA ILE A 371 -18.53 75.56 44.77
C ILE A 371 -18.79 74.17 44.18
N LEU A 372 -19.45 74.09 43.06
CA LEU A 372 -19.94 72.84 42.49
C LEU A 372 -18.79 72.13 41.81
N ARG A 373 -18.21 71.15 42.48
CA ARG A 373 -17.13 70.36 41.89
C ARG A 373 -17.69 69.44 40.81
N GLU A 374 -16.80 69.00 39.93
CA GLU A 374 -17.17 68.07 38.87
C GLU A 374 -17.10 66.61 39.31
N GLU A 375 -16.22 66.31 40.26
CA GLU A 375 -15.95 64.92 40.64
C GLU A 375 -17.16 64.21 41.25
N VAL A 376 -18.11 64.96 41.80
CA VAL A 376 -19.28 64.34 42.41
C VAL A 376 -20.12 63.60 41.37
N SER A 377 -20.27 64.18 40.18
CA SER A 377 -21.00 63.51 39.11
C SER A 377 -20.30 62.24 38.66
N LYS A 378 -18.98 62.27 38.56
CA LYS A 378 -18.23 61.08 38.17
C LYS A 378 -18.36 60.00 39.24
N ILE A 379 -18.33 60.38 40.52
CA ILE A 379 -18.48 59.40 41.58
C ILE A 379 -19.88 58.78 41.55
N ILE A 380 -20.90 59.59 41.26
CA ILE A 380 -22.25 59.05 41.12
C ILE A 380 -22.33 58.06 39.97
N GLU A 381 -21.70 58.40 38.84
CA GLU A 381 -21.69 57.51 37.69
C GLU A 381 -20.97 56.20 38.02
N HIS A 382 -19.89 56.28 38.79
CA HIS A 382 -19.16 55.08 39.17
C HIS A 382 -19.95 54.22 40.15
N ILE A 383 -20.69 54.85 41.06
CA ILE A 383 -21.47 54.10 42.04
C ILE A 383 -22.75 53.52 41.45
N GLU A 384 -23.21 54.04 40.32
CA GLU A 384 -24.35 53.43 39.64
C GLU A 384 -24.02 52.12 38.96
N THR A 385 -22.73 51.76 38.86
CA THR A 385 -22.31 50.56 38.14
C THR A 385 -21.76 49.50 39.10
N ASP A 386 -22.33 49.39 40.29
CA ASP A 386 -21.87 48.39 41.24
C ASP A 386 -20.38 48.49 41.52
N ASN A 387 -19.91 49.66 41.89
CA ASN A 387 -18.51 49.86 42.23
C ASN A 387 -18.41 50.68 43.51
N ASP A 388 -17.49 50.30 44.38
CA ASP A 388 -17.25 51.07 45.58
C ASP A 388 -16.28 52.23 45.28
N ILE A 389 -16.35 53.25 46.13
CA ILE A 389 -15.58 54.47 45.93
C ILE A 389 -14.61 54.62 47.09
N LEU A 390 -13.38 55.05 46.77
CA LEU A 390 -12.40 55.46 47.77
C LEU A 390 -11.94 56.87 47.42
N ILE A 391 -12.01 57.77 48.40
CA ILE A 391 -11.67 59.18 48.19
C ILE A 391 -10.50 59.53 49.08
N ALA A 392 -9.43 60.06 48.48
CA ALA A 392 -8.23 60.42 49.21
C ALA A 392 -7.84 61.84 48.86
N SER A 393 -7.62 62.67 49.88
CA SER A 393 -7.28 64.06 49.67
C SER A 393 -6.52 64.60 50.88
N ASP A 394 -5.82 65.70 50.68
CA ASP A 394 -4.98 66.26 51.71
C ASP A 394 -5.78 67.08 52.72
N LEU A 395 -5.09 67.88 53.52
CA LEU A 395 -5.71 68.60 54.61
C LEU A 395 -6.66 69.68 54.13
N GLY A 396 -7.92 69.58 54.55
CA GLY A 396 -8.90 70.64 54.34
C GLY A 396 -9.26 70.95 52.90
N ASN A 397 -9.40 69.93 52.06
CA ASN A 397 -9.77 70.15 50.67
C ASN A 397 -11.24 69.86 50.38
N GLY A 398 -12.00 69.34 51.34
CA GLY A 398 -13.43 69.18 51.15
C GLY A 398 -13.92 67.76 50.96
N LYS A 399 -13.42 66.83 51.76
CA LYS A 399 -13.85 65.45 51.67
C LYS A 399 -15.15 65.18 52.43
N SER A 400 -15.44 65.92 53.48
CA SER A 400 -16.67 65.75 54.24
C SER A 400 -17.85 66.45 53.55
N ILE A 401 -17.62 67.64 53.00
CA ILE A 401 -18.69 68.34 52.28
C ILE A 401 -19.06 67.57 51.02
N MET A 402 -18.07 66.99 50.34
CA MET A 402 -18.36 66.13 49.19
C MET A 402 -19.19 64.93 49.62
N THR A 403 -18.86 64.34 50.76
CA THR A 403 -19.61 63.20 51.26
C THR A 403 -21.06 63.59 51.55
N ARG A 404 -21.27 64.76 52.15
CA ARG A 404 -22.63 65.19 52.47
C ARG A 404 -23.43 65.49 51.21
N MET A 405 -22.82 66.16 50.22
CA MET A 405 -23.50 66.36 48.95
C MET A 405 -23.82 65.05 48.26
N LEU A 406 -22.89 64.10 48.33
CA LEU A 406 -23.05 62.79 47.71
C LEU A 406 -24.23 62.04 48.32
N MET A 407 -24.30 62.02 49.66
CA MET A 407 -25.41 61.32 50.30
C MET A 407 -26.73 62.06 50.11
N SER A 408 -26.71 63.40 50.05
CA SER A 408 -27.94 64.14 49.78
C SER A 408 -28.49 63.85 48.38
N LYS A 409 -27.61 63.76 47.38
CA LYS A 409 -28.09 63.46 46.04
C LYS A 409 -28.50 61.99 45.90
N LEU A 410 -27.74 61.08 46.52
CA LEU A 410 -28.05 59.66 46.41
C LEU A 410 -29.32 59.31 47.18
N SER A 411 -29.68 60.09 48.19
CA SER A 411 -30.97 59.89 48.85
C SER A 411 -32.11 60.17 47.90
N ARG A 412 -31.99 61.21 47.08
CA ARG A 412 -33.03 61.52 46.10
C ARG A 412 -33.02 60.55 44.93
N LYS A 413 -31.84 60.01 44.60
CA LYS A 413 -31.75 59.03 43.51
C LYS A 413 -32.41 57.70 43.84
N GLY A 414 -32.74 57.44 45.11
CA GLY A 414 -33.42 56.22 45.49
C GLY A 414 -32.64 55.27 46.37
N TYR A 415 -31.44 55.65 46.83
CA TYR A 415 -30.63 54.78 47.65
C TYR A 415 -30.91 55.00 49.13
N LEU A 416 -30.22 54.25 49.98
CA LEU A 416 -30.19 54.46 51.42
C LEU A 416 -28.76 54.76 51.84
N CYS A 417 -28.56 55.87 52.56
CA CYS A 417 -27.24 56.31 52.97
C CYS A 417 -27.10 56.14 54.46
N PHE A 418 -26.11 55.34 54.88
CA PHE A 418 -25.86 55.07 56.30
C PHE A 418 -24.50 55.66 56.69
N TYR A 419 -24.54 56.76 57.43
CA TYR A 419 -23.32 57.32 57.99
C TYR A 419 -22.81 56.43 59.12
N TYR A 420 -21.49 56.30 59.23
CA TYR A 420 -20.90 55.54 60.32
C TYR A 420 -20.72 56.44 61.54
N LEU A 421 -21.22 55.99 62.67
CA LEU A 421 -21.06 56.68 63.94
C LEU A 421 -20.00 55.99 64.76
N TYR A 422 -19.13 56.78 65.40
CA TYR A 422 -18.04 56.25 66.22
C TYR A 422 -18.61 55.87 67.58
N ASN A 423 -19.43 54.81 67.58
CA ASN A 423 -20.18 54.39 68.74
C ASN A 423 -19.56 53.14 69.35
N GLU A 424 -19.91 52.88 70.60
CA GLU A 424 -19.39 51.71 71.31
C GLU A 424 -20.21 50.46 71.05
N PHE A 425 -21.33 50.56 70.35
CA PHE A 425 -22.16 49.40 70.10
C PHE A 425 -21.52 48.52 69.03
N SER A 426 -22.11 47.33 68.85
CA SER A 426 -21.56 46.35 67.93
C SER A 426 -21.74 46.78 66.48
N PHE A 427 -20.86 46.29 65.61
CA PHE A 427 -20.94 46.56 64.19
C PHE A 427 -21.28 45.34 63.36
N SER A 428 -20.87 44.15 63.78
CA SER A 428 -21.20 42.94 63.04
C SER A 428 -22.70 42.68 63.04
N LYS A 429 -23.35 42.87 64.18
CA LYS A 429 -24.80 42.70 64.23
C LYS A 429 -25.50 43.74 63.37
N ASP A 430 -24.97 44.96 63.30
CA ASP A 430 -25.57 45.99 62.47
C ASP A 430 -25.46 45.65 60.99
N ILE A 431 -24.30 45.17 60.54
CA ILE A 431 -24.17 44.85 59.12
C ILE A 431 -24.98 43.62 58.77
N GLU A 432 -25.12 42.66 59.70
CA GLU A 432 -25.97 41.51 59.41
C GLU A 432 -27.45 41.90 59.38
N ARG A 433 -27.86 42.86 60.22
CA ARG A 433 -29.23 43.34 60.19
C ARG A 433 -29.51 44.11 58.90
N LEU A 434 -28.54 44.88 58.42
CA LEU A 434 -28.68 45.50 57.11
C LEU A 434 -28.72 44.46 56.00
N SER A 435 -28.03 43.36 56.18
CA SER A 435 -28.05 42.33 55.18
C SER A 435 -29.42 41.69 55.12
N LYS A 436 -30.14 41.62 56.25
CA LYS A 436 -31.49 41.08 56.24
C LYS A 436 -32.48 41.95 55.46
N LEU A 437 -32.10 43.18 55.11
CA LEU A 437 -32.98 44.04 54.32
C LEU A 437 -32.97 43.60 52.86
N GLY A 438 -33.75 44.31 52.04
CA GLY A 438 -33.88 43.94 50.64
C GLY A 438 -33.82 45.11 49.67
N GLN A 439 -33.05 46.14 50.00
CA GLN A 439 -32.89 47.30 49.15
C GLN A 439 -31.41 47.54 48.88
N LYS A 440 -31.15 48.63 48.14
CA LYS A 440 -29.78 49.03 47.84
C LYS A 440 -29.30 49.93 48.94
N ILE A 441 -28.13 49.65 49.49
CA ILE A 441 -27.61 50.39 50.63
C ILE A 441 -26.18 50.83 50.31
N VAL A 442 -25.85 52.09 50.58
CA VAL A 442 -24.48 52.57 50.55
C VAL A 442 -24.12 53.05 51.95
N ILE A 443 -22.90 52.72 52.38
CA ILE A 443 -22.44 52.99 53.74
C ILE A 443 -21.20 53.88 53.67
N PHE A 444 -21.25 55.02 54.34
CA PHE A 444 -20.20 56.02 54.29
C PHE A 444 -19.35 55.96 55.56
N ILE A 445 -18.05 55.79 55.38
CA ILE A 445 -17.11 55.71 56.48
C ILE A 445 -16.09 56.82 56.29
N ASP A 446 -16.06 57.76 57.24
CA ASP A 446 -15.22 58.95 57.14
C ASP A 446 -13.98 58.79 58.00
N ASP A 447 -12.82 58.96 57.38
CA ASP A 447 -11.51 58.75 58.01
C ASP A 447 -11.42 57.33 58.59
N TYR A 448 -11.42 56.36 57.68
CA TYR A 448 -11.49 54.96 58.03
C TYR A 448 -10.24 54.44 58.71
N SER A 449 -9.15 55.19 58.72
CA SER A 449 -7.97 54.77 59.45
C SER A 449 -8.17 54.81 60.96
N ASN A 450 -9.23 55.47 61.43
CA ASN A 450 -9.57 55.44 62.85
C ASN A 450 -10.47 54.26 63.21
N CYS A 451 -11.08 53.62 62.23
CA CYS A 451 -11.90 52.43 62.43
C CYS A 451 -11.52 51.36 61.41
N ILE A 452 -10.21 51.16 61.27
CA ILE A 452 -9.67 50.17 60.32
C ILE A 452 -10.19 48.77 60.62
N ASP A 453 -10.42 48.44 61.90
CA ASP A 453 -10.95 47.11 62.23
C ASP A 453 -12.37 46.94 61.71
N ASP A 454 -13.22 47.94 61.93
CA ASP A 454 -14.60 47.85 61.46
C ASP A 454 -14.64 47.85 59.95
N THR A 455 -13.80 48.66 59.33
CA THR A 455 -13.75 48.71 57.88
C THR A 455 -13.30 47.38 57.34
N ARG A 456 -12.28 46.80 57.96
CA ARG A 456 -11.78 45.50 57.53
C ARG A 456 -12.89 44.47 57.58
N TYR A 457 -13.60 44.41 58.70
CA TYR A 457 -14.72 43.48 58.82
C TYR A 457 -15.77 43.74 57.75
N ALA A 458 -16.03 45.01 57.43
CA ALA A 458 -17.08 45.34 56.47
C ALA A 458 -16.71 44.86 55.07
N ILE A 459 -15.45 45.03 54.66
CA ILE A 459 -15.04 44.56 53.34
C ILE A 459 -14.63 43.09 53.33
N GLU A 460 -14.49 42.47 54.51
CA GLU A 460 -14.23 41.03 54.57
C GLU A 460 -15.47 40.23 54.15
N ASN A 461 -16.63 40.61 54.68
CA ASN A 461 -17.87 39.85 54.49
C ASN A 461 -18.93 40.69 53.81
N ARG A 462 -18.55 41.41 52.75
CA ARG A 462 -19.51 42.27 52.09
C ARG A 462 -20.45 41.46 51.20
N LYS A 463 -21.69 41.91 51.13
CA LYS A 463 -22.75 41.25 50.39
C LYS A 463 -22.98 41.92 49.05
N ASP A 464 -24.03 41.50 48.35
CA ASP A 464 -24.31 41.98 47.01
C ASP A 464 -25.06 43.31 46.97
N ASN A 465 -25.63 43.75 48.09
CA ASN A 465 -26.45 44.95 48.10
C ASN A 465 -25.90 46.04 49.00
N ILE A 466 -24.62 45.95 49.38
CA ILE A 466 -23.98 46.94 50.24
C ILE A 466 -22.77 47.49 49.51
N GLN A 467 -22.74 48.80 49.33
CA GLN A 467 -21.63 49.49 48.69
C GLN A 467 -20.94 50.39 49.71
N LEU A 468 -19.61 50.44 49.64
CA LEU A 468 -18.82 51.17 50.62
C LEU A 468 -18.21 52.40 49.99
N VAL A 469 -18.35 53.54 50.66
CA VAL A 469 -17.65 54.78 50.30
C VAL A 469 -16.75 55.12 51.47
N LEU A 470 -15.45 55.18 51.21
CA LEU A 470 -14.46 55.48 52.24
C LEU A 470 -13.71 56.75 51.84
N THR A 471 -13.62 57.70 52.78
CA THR A 471 -12.83 58.89 52.60
C THR A 471 -11.71 58.91 53.64
N THR A 472 -10.54 59.38 53.24
CA THR A 472 -9.40 59.40 54.14
C THR A 472 -8.40 60.44 53.68
N ARG A 473 -7.49 60.80 54.57
CA ARG A 473 -6.37 61.65 54.19
C ARG A 473 -5.27 60.80 53.57
N HIS A 474 -4.20 61.45 53.12
CA HIS A 474 -3.11 60.72 52.49
C HIS A 474 -2.27 59.99 53.52
N PHE A 475 -2.06 60.59 54.68
CA PHE A 475 -1.30 59.91 55.74
C PHE A 475 -2.05 58.70 56.26
N GLY A 476 -3.37 58.81 56.45
CA GLY A 476 -4.14 57.67 56.91
C GLY A 476 -4.30 56.60 55.86
N TYR A 477 -4.21 56.97 54.59
CA TYR A 477 -4.30 55.99 53.53
C TYR A 477 -2.99 55.28 53.34
N GLU A 478 -1.88 55.97 53.58
CA GLU A 478 -0.55 55.36 53.42
C GLU A 478 -0.20 54.43 54.56
N ASN A 479 -0.85 54.56 55.72
CA ASN A 479 -0.57 53.72 56.87
C ASN A 479 -1.40 52.44 56.91
N THR A 480 -2.31 52.25 55.96
CA THR A 480 -3.13 51.05 55.91
C THR A 480 -3.08 50.37 54.55
N LYS A 481 -1.99 50.56 53.80
CA LYS A 481 -1.88 49.88 52.51
C LYS A 481 -1.61 48.40 52.68
N GLN A 482 -0.72 48.03 53.61
CA GLN A 482 -0.38 46.63 53.79
C GLN A 482 -1.50 45.83 54.46
N HIS A 483 -2.53 46.50 54.99
CA HIS A 483 -3.70 45.82 55.54
C HIS A 483 -4.83 45.70 54.53
N LEU A 484 -4.66 46.20 53.31
CA LEU A 484 -5.74 46.25 52.34
C LEU A 484 -5.47 45.45 51.08
N LEU A 485 -4.27 45.52 50.52
CA LEU A 485 -3.98 44.78 49.29
C LEU A 485 -3.95 43.28 49.50
N THR A 486 -3.81 42.80 50.74
CA THR A 486 -4.00 41.39 51.02
C THR A 486 -5.46 40.97 50.86
N MET A 487 -6.39 41.92 50.91
CA MET A 487 -7.79 41.66 50.69
C MET A 487 -8.11 41.89 49.21
N ASP A 488 -9.40 41.97 48.87
CA ASP A 488 -9.82 42.26 47.50
C ASP A 488 -10.07 43.76 47.36
N MET A 489 -9.57 44.33 46.26
CA MET A 489 -9.70 45.76 46.00
C MET A 489 -10.13 46.05 44.57
N SER A 490 -10.55 45.03 43.82
CA SER A 490 -10.88 45.23 42.41
C SER A 490 -12.14 46.06 42.24
N SER A 491 -13.07 45.98 43.18
CA SER A 491 -14.33 46.71 43.09
C SER A 491 -14.25 48.10 43.69
N PHE A 492 -13.04 48.67 43.82
CA PHE A 492 -12.85 49.96 44.43
C PHE A 492 -12.28 50.93 43.40
N LYS A 493 -12.90 52.10 43.29
CA LYS A 493 -12.44 53.16 42.40
C LYS A 493 -11.81 54.26 43.24
N THR A 494 -10.66 54.76 42.79
CA THR A 494 -9.91 55.78 43.52
C THR A 494 -10.16 57.14 42.89
N HIS A 495 -10.56 58.10 43.71
CA HIS A 495 -10.79 59.47 43.29
C HIS A 495 -9.95 60.40 44.15
N SER A 496 -9.28 61.37 43.52
CA SER A 496 -8.43 62.33 44.20
C SER A 496 -8.94 63.73 43.92
N VAL A 497 -9.16 64.50 44.99
CA VAL A 497 -9.79 65.81 44.86
C VAL A 497 -8.89 66.90 45.42
N ASP A 498 -7.58 66.73 45.25
CA ASP A 498 -6.62 67.74 45.72
C ASP A 498 -6.80 69.08 45.02
N TYR A 499 -6.98 69.07 43.71
CA TYR A 499 -6.92 70.27 42.90
C TYR A 499 -8.29 70.64 42.33
N LEU A 500 -8.45 71.93 42.03
CA LEU A 500 -9.63 72.44 41.36
C LEU A 500 -9.27 72.93 39.96
N SER A 501 -10.27 73.01 39.09
CA SER A 501 -10.05 73.52 37.75
C SER A 501 -10.29 75.00 37.73
N ASP A 502 -10.21 75.62 36.57
CA ASP A 502 -10.35 77.06 36.47
C ASP A 502 -11.78 77.51 36.70
N SER A 503 -12.77 76.72 36.26
CA SER A 503 -14.16 77.09 36.44
C SER A 503 -14.54 77.15 37.92
N GLU A 504 -13.98 76.24 38.70
CA GLU A 504 -14.25 76.24 40.13
C GLU A 504 -13.61 77.45 40.79
N VAL A 505 -12.41 77.82 40.34
CA VAL A 505 -11.78 79.03 40.86
C VAL A 505 -12.62 80.26 40.53
N ASP A 506 -13.19 80.30 39.33
CA ASP A 506 -14.09 81.39 38.97
C ASP A 506 -15.33 81.39 39.84
N ASN A 507 -15.85 80.20 40.15
CA ASN A 507 -16.98 80.10 41.07
C ASN A 507 -16.63 80.63 42.45
N PHE A 508 -15.44 80.30 42.95
CA PHE A 508 -15.02 80.79 44.26
C PHE A 508 -14.85 82.30 44.25
N VAL A 509 -14.26 82.86 43.20
CA VAL A 509 -14.08 84.30 43.16
C VAL A 509 -15.43 85.00 43.01
N HIS A 510 -16.40 84.34 42.37
CA HIS A 510 -17.77 84.85 42.35
C HIS A 510 -18.37 84.83 43.75
N ILE A 511 -18.08 83.79 44.53
CA ILE A 511 -18.56 83.71 45.91
C ILE A 511 -18.01 84.88 46.72
N VAL A 512 -16.71 85.13 46.60
CA VAL A 512 -16.09 86.21 47.36
C VAL A 512 -16.60 87.57 46.90
N ASP A 513 -16.84 87.73 45.60
CA ASP A 513 -17.40 88.97 45.10
C ASP A 513 -18.81 89.20 45.63
N HIS A 514 -19.63 88.14 45.66
CA HIS A 514 -20.98 88.26 46.20
C HIS A 514 -20.96 88.58 47.68
N LEU A 515 -20.04 87.97 48.44
CA LEU A 515 -19.89 88.29 49.85
C LEU A 515 -19.33 89.70 50.03
N GLY A 516 -18.50 90.15 49.10
CA GLY A 516 -17.91 91.47 49.20
C GLY A 516 -16.77 91.56 50.19
N ALA A 517 -16.03 90.48 50.40
CA ALA A 517 -14.90 90.46 51.33
C ALA A 517 -13.58 90.83 50.67
N TRP A 518 -13.59 91.16 49.37
CA TRP A 518 -12.35 91.53 48.69
C TRP A 518 -11.80 92.84 49.23
N GLY A 519 -12.67 93.82 49.45
CA GLY A 519 -12.23 95.10 49.97
C GLY A 519 -11.61 96.00 48.93
N GLU A 520 -10.33 96.33 49.10
CA GLU A 520 -9.66 97.27 48.20
C GLU A 520 -9.27 96.66 46.87
N LYS A 521 -9.29 95.32 46.75
CA LYS A 521 -8.86 94.65 45.54
C LYS A 521 -10.02 94.32 44.60
N ALA A 522 -11.22 94.86 44.86
CA ALA A 522 -12.37 94.54 44.03
C ALA A 522 -12.30 95.16 42.65
N GLY A 523 -11.54 96.26 42.50
CA GLY A 523 -11.52 96.96 41.23
C GLY A 523 -10.76 96.21 40.14
N LEU A 524 -9.64 95.58 40.50
CA LEU A 524 -8.77 94.98 39.50
C LEU A 524 -9.36 93.69 38.95
N SER A 525 -8.79 93.22 37.85
CA SER A 525 -9.27 92.02 37.18
C SER A 525 -8.79 90.77 37.91
N ARG A 526 -9.12 89.61 37.33
CA ARG A 526 -8.96 88.34 38.03
C ARG A 526 -7.50 88.04 38.35
N HIS A 527 -6.59 88.37 37.44
CA HIS A 527 -5.18 88.00 37.60
C HIS A 527 -4.54 88.73 38.77
N GLU A 528 -5.05 89.92 39.12
CA GLU A 528 -4.40 90.73 40.14
C GLU A 528 -4.89 90.42 41.55
N LYS A 529 -6.08 89.84 41.70
CA LYS A 529 -6.56 89.51 43.05
C LYS A 529 -5.88 88.27 43.61
N LEU A 530 -5.57 87.29 42.75
CA LEU A 530 -4.89 86.07 43.17
C LEU A 530 -3.43 86.05 42.75
N SER A 531 -2.81 87.23 42.64
CA SER A 531 -1.44 87.31 42.13
C SER A 531 -0.41 86.88 43.16
N GLU A 532 -0.65 87.19 44.43
CA GLU A 532 0.33 86.95 45.48
C GLU A 532 0.48 85.48 45.85
N LEU A 533 -0.44 84.62 45.41
CA LEU A 533 -0.33 83.20 45.70
C LEU A 533 0.61 82.51 44.70
N ASP A 534 1.06 81.32 45.06
CA ASP A 534 1.89 80.53 44.18
C ASP A 534 1.02 79.78 43.17
N GLU A 535 1.67 79.04 42.28
CA GLU A 535 0.92 78.32 41.24
C GLU A 535 0.15 77.14 41.83
N ASN A 536 0.79 76.36 42.69
CA ASN A 536 0.14 75.18 43.25
C ASN A 536 -0.89 75.52 44.31
N ALA A 537 -0.79 76.68 44.95
CA ALA A 537 -1.73 77.07 45.99
C ALA A 537 -2.95 77.80 45.45
N ARG A 538 -2.97 78.14 44.15
CA ARG A 538 -4.12 78.83 43.60
C ARG A 538 -5.29 77.89 43.39
N ASN A 539 -5.02 76.67 42.91
CA ASN A 539 -6.07 75.71 42.59
C ASN A 539 -6.32 74.71 43.73
N GLN A 540 -6.01 75.09 44.96
CA GLN A 540 -6.26 74.26 46.13
C GLN A 540 -7.19 75.02 47.06
N LEU A 541 -8.23 74.34 47.55
CA LEU A 541 -9.29 75.04 48.28
C LEU A 541 -8.82 75.52 49.64
N SER A 542 -7.97 74.74 50.30
CA SER A 542 -7.51 75.10 51.64
C SER A 542 -6.67 76.38 51.60
N PHE A 543 -5.70 76.44 50.70
CA PHE A 543 -4.86 77.63 50.60
C PHE A 543 -5.64 78.82 50.06
N LEU A 544 -6.62 78.59 49.19
CA LEU A 544 -7.49 79.67 48.72
C LEU A 544 -8.23 80.30 49.89
N LEU A 545 -8.86 79.46 50.74
CA LEU A 545 -9.58 79.98 51.89
C LEU A 545 -8.63 80.69 52.85
N LEU A 546 -7.45 80.11 53.10
CA LEU A 546 -6.51 80.70 54.03
C LEU A 546 -6.01 82.06 53.56
N SER A 547 -5.70 82.19 52.27
CA SER A 547 -5.16 83.45 51.78
C SER A 547 -6.23 84.52 51.61
N ILE A 548 -7.44 84.13 51.18
CA ILE A 548 -8.45 85.13 50.86
C ILE A 548 -9.39 85.36 52.04
N LEU A 549 -10.10 84.31 52.46
CA LEU A 549 -11.15 84.50 53.44
C LEU A 549 -10.63 84.61 54.86
N LYS A 550 -9.37 84.21 55.10
CA LYS A 550 -8.78 84.14 56.43
C LYS A 550 -9.65 83.31 57.38
N SER A 551 -10.09 82.16 56.88
CA SER A 551 -10.97 81.26 57.62
C SER A 551 -10.18 80.60 58.75
N GLU A 552 -10.59 80.85 59.99
CA GLU A 552 -9.76 80.40 61.11
C GLU A 552 -9.95 78.92 61.41
N ALA A 553 -10.92 78.25 60.78
CA ALA A 553 -11.02 76.79 60.91
C ALA A 553 -9.78 76.13 60.34
N ILE A 554 -9.32 76.61 59.19
CA ILE A 554 -8.12 76.06 58.59
C ILE A 554 -6.99 76.35 59.54
N GLN A 555 -6.98 77.55 60.09
CA GLN A 555 -5.96 77.88 61.06
C GLN A 555 -6.02 76.87 62.17
N SER A 556 -7.23 76.57 62.65
CA SER A 556 -7.38 75.64 63.75
C SER A 556 -6.83 74.27 63.44
N ARG A 557 -7.22 73.73 62.29
CA ARG A 557 -6.79 72.38 61.94
C ARG A 557 -5.29 72.33 61.80
N ILE A 558 -4.70 73.39 61.26
CA ILE A 558 -3.27 73.44 61.10
C ILE A 558 -2.59 73.37 62.45
N ARG A 559 -3.08 74.16 63.40
CA ARG A 559 -2.47 74.19 64.72
C ARG A 559 -2.56 72.82 65.36
N GLU A 560 -3.69 72.17 65.23
CA GLU A 560 -3.89 70.83 65.78
C GLU A 560 -2.97 69.81 65.13
N ILE A 561 -2.77 69.91 63.81
CA ILE A 561 -1.91 68.95 63.13
C ILE A 561 -0.44 69.28 63.29
N SER A 562 -0.09 70.50 63.70
CA SER A 562 1.29 70.87 63.90
C SER A 562 1.77 70.68 65.33
N ASN A 563 0.85 70.71 66.30
CA ASN A 563 1.24 70.44 67.68
C ASN A 563 1.68 68.99 67.88
N LEU A 564 1.28 68.09 66.99
CA LEU A 564 1.72 66.70 67.06
C LEU A 564 3.20 66.56 66.72
N ALA A 565 3.77 67.51 65.98
CA ALA A 565 5.15 67.44 65.55
C ALA A 565 6.05 68.46 66.23
N LEU A 566 5.53 69.59 66.65
CA LEU A 566 6.35 70.66 67.18
C LEU A 566 6.58 70.56 68.69
N ASN A 567 6.09 69.50 69.33
CA ASN A 567 6.25 69.38 70.77
C ASN A 567 7.67 69.02 71.17
N ASP A 568 8.31 68.13 70.42
CA ASP A 568 9.71 67.81 70.68
C ASP A 568 10.60 68.96 70.25
N LYS A 569 11.76 69.07 70.92
CA LYS A 569 12.66 70.17 70.63
C LYS A 569 13.33 70.00 69.27
N GLU A 570 13.87 68.81 68.99
CA GLU A 570 14.65 68.59 67.78
C GLU A 570 13.78 68.72 66.53
N TYR A 571 12.54 68.22 66.60
CA TYR A 571 11.62 68.36 65.48
C TYR A 571 11.33 69.84 65.21
N LYS A 572 11.15 70.62 66.27
CA LYS A 572 10.89 72.05 66.12
C LYS A 572 12.06 72.77 65.47
N GLU A 573 13.29 72.47 65.91
CA GLU A 573 14.46 73.08 65.29
C GLU A 573 14.59 72.69 63.83
N THR A 574 14.35 71.42 63.49
CA THR A 574 14.48 70.99 62.10
C THR A 574 13.42 71.62 61.22
N VAL A 575 12.18 71.71 61.70
CA VAL A 575 11.11 72.33 60.92
C VAL A 575 11.41 73.82 60.70
N PHE A 576 11.89 74.50 61.75
CA PHE A 576 12.24 75.90 61.60
C PHE A 576 13.39 76.09 60.61
N ALA A 577 14.38 75.19 60.63
CA ALA A 577 15.49 75.29 59.69
C ALA A 577 15.02 75.08 58.25
N ILE A 578 14.10 74.13 58.04
CA ILE A 578 13.55 73.92 56.70
C ILE A 578 12.80 75.17 56.23
N LEU A 579 12.00 75.77 57.12
CA LEU A 579 11.26 76.97 56.75
C LEU A 579 12.20 78.14 56.45
N LEU A 580 13.26 78.28 57.23
CA LEU A 580 14.24 79.34 56.99
C LEU A 580 14.96 79.16 55.67
N LEU A 581 15.36 77.93 55.35
CA LEU A 581 16.03 77.68 54.08
C LEU A 581 15.08 77.83 52.91
N ASP A 582 13.78 77.60 53.12
CA ASP A 582 12.80 77.86 52.07
C ASP A 582 12.63 79.36 51.85
N VAL A 583 12.60 80.14 52.93
CA VAL A 583 12.41 81.58 52.82
C VAL A 583 13.62 82.21 52.13
N ILE A 584 14.83 81.83 52.53
CA ILE A 584 16.02 82.42 51.93
C ILE A 584 16.20 81.97 50.49
N GLY A 585 15.97 80.69 50.19
CA GLY A 585 16.00 80.22 48.83
C GLY A 585 17.09 79.22 48.49
N LEU A 586 17.88 78.80 49.47
CA LEU A 586 18.90 77.79 49.21
C LEU A 586 18.23 76.43 48.99
N PRO A 587 18.88 75.52 48.26
CA PRO A 587 18.33 74.17 48.11
C PRO A 587 18.30 73.43 49.43
N LEU A 588 17.31 72.57 49.60
CA LEU A 588 17.11 71.82 50.85
C LEU A 588 17.91 70.52 50.81
N VAL A 589 19.22 70.67 50.86
CA VAL A 589 20.13 69.54 50.95
C VAL A 589 20.28 69.17 52.42
N ARG A 590 20.29 67.86 52.72
CA ARG A 590 20.30 67.39 54.09
C ARG A 590 21.52 67.87 54.85
N SER A 591 22.67 67.97 54.17
CA SER A 591 23.90 68.39 54.84
C SER A 591 23.82 69.81 55.36
N LEU A 592 23.08 70.68 54.66
CA LEU A 592 22.90 72.05 55.13
C LEU A 592 21.77 72.19 56.13
N ILE A 593 20.71 71.40 56.00
CA ILE A 593 19.62 71.42 56.98
C ILE A 593 20.12 70.93 58.33
N SER A 594 21.03 69.95 58.33
CA SER A 594 21.63 69.48 59.57
C SER A 594 22.44 70.59 60.25
N ASP A 595 23.15 71.40 59.46
CA ASP A 595 23.96 72.45 60.06
C ASP A 595 23.12 73.61 60.57
N VAL A 596 22.07 73.98 59.82
CA VAL A 596 21.21 75.07 60.28
C VAL A 596 20.40 74.63 61.49
N ALA A 597 19.95 73.37 61.51
CA ALA A 597 19.05 72.90 62.56
C ALA A 597 19.77 72.51 63.84
N VAL A 598 21.11 72.62 63.87
CA VAL A 598 22.01 72.32 64.99
C VAL A 598 21.68 70.96 65.64
N ASN A 599 21.27 70.00 64.83
CA ASN A 599 21.08 68.62 65.30
C ASN A 599 21.26 67.68 64.12
N GLU A 600 20.95 66.40 64.32
CA GLU A 600 21.02 65.39 63.27
C GLU A 600 19.73 64.58 63.21
N LYS A 601 18.59 65.20 63.56
CA LYS A 601 17.31 64.52 63.49
C LYS A 601 16.76 64.46 62.08
N ILE A 602 17.28 65.27 61.16
CA ILE A 602 16.86 65.17 59.77
C ILE A 602 17.32 63.85 59.15
N TYR A 603 18.48 63.34 59.57
CA TYR A 603 18.99 62.10 59.01
C TYR A 603 18.22 60.88 59.49
N SER A 604 17.57 60.95 60.63
CA SER A 604 16.83 59.80 61.15
C SER A 604 15.62 59.50 60.28
N ALA A 605 15.30 58.21 60.17
CA ALA A 605 14.18 57.77 59.36
C ALA A 605 12.83 58.00 60.01
N GLU A 606 12.80 58.32 61.31
CA GLU A 606 11.54 58.56 61.99
C GLU A 606 10.99 59.95 61.69
N PHE A 607 11.85 60.88 61.30
CA PHE A 607 11.43 62.28 61.15
C PHE A 607 10.40 62.43 60.03
N THR A 608 10.59 61.71 58.93
CA THR A 608 9.72 61.87 57.77
C THR A 608 8.43 61.06 57.87
N GLU A 609 8.23 60.30 58.95
CA GLU A 609 7.02 59.53 59.15
C GLU A 609 6.11 60.13 60.21
N ASN A 610 6.41 61.35 60.67
CA ASN A 610 5.58 61.99 61.68
C ASN A 610 4.28 62.47 61.06
N GLU A 611 3.29 62.73 61.93
CA GLU A 611 2.01 63.27 61.46
C GLU A 611 2.18 64.68 60.91
N GLY A 612 2.81 65.55 61.69
CA GLY A 612 2.96 66.93 61.26
C GLY A 612 3.87 67.09 60.06
N VAL A 613 4.96 66.32 60.01
CA VAL A 613 5.90 66.44 58.90
C VAL A 613 5.25 65.96 57.60
N LYS A 614 4.47 64.88 57.65
CA LYS A 614 3.80 64.41 56.44
C LYS A 614 2.59 65.24 56.07
N ASN A 615 1.99 65.95 57.03
CA ASN A 615 0.79 66.74 56.74
C ASN A 615 1.07 68.21 56.46
N LEU A 616 2.29 68.70 56.73
CA LEU A 616 2.63 70.09 56.48
C LEU A 616 3.57 70.27 55.30
N PHE A 617 4.33 69.25 54.91
CA PHE A 617 5.24 69.33 53.79
C PHE A 617 4.95 68.21 52.83
N ILE A 618 5.30 68.41 51.56
CA ILE A 618 5.23 67.34 50.58
C ILE A 618 6.53 66.57 50.60
N ILE A 619 6.44 65.25 50.56
CA ILE A 619 7.61 64.38 50.68
C ILE A 619 7.60 63.37 49.55
N SER A 620 8.71 63.30 48.83
CA SER A 620 8.86 62.34 47.75
C SER A 620 10.23 61.70 47.89
N ASN A 621 10.25 60.38 48.04
CA ASN A 621 11.48 59.58 48.09
C ASN A 621 12.40 59.99 49.23
N GLY A 622 11.82 60.43 50.34
CA GLY A 622 12.58 60.76 51.52
C GLY A 622 13.03 62.20 51.62
N MET A 623 13.00 62.96 50.53
CA MET A 623 13.35 64.36 50.57
C MET A 623 12.14 65.20 50.97
N VAL A 624 12.42 66.38 51.52
CA VAL A 624 11.39 67.27 52.04
C VAL A 624 11.43 68.57 51.24
N LYS A 625 10.28 68.96 50.69
CA LYS A 625 10.14 70.26 50.05
C LYS A 625 8.82 70.87 50.48
N THR A 626 8.79 72.21 50.55
CA THR A 626 7.63 72.91 51.08
C THR A 626 6.46 72.85 50.10
N LYS A 627 5.25 73.01 50.64
CA LYS A 627 4.06 73.00 49.81
C LYS A 627 3.91 74.30 49.03
N SER A 628 3.97 75.43 49.72
CA SER A 628 3.74 76.72 49.10
C SER A 628 4.37 77.80 49.96
N SER A 629 4.45 79.00 49.40
CA SER A 629 4.94 80.15 50.17
C SER A 629 3.90 80.66 51.13
N THR A 630 2.62 80.62 50.75
CA THR A 630 1.55 81.12 51.60
C THR A 630 1.34 80.27 52.84
N LEU A 631 1.88 79.05 52.88
CA LEU A 631 1.79 78.22 54.07
C LEU A 631 3.00 78.40 54.97
N SER A 632 4.20 78.46 54.39
CA SER A 632 5.39 78.72 55.18
C SER A 632 5.34 80.10 55.83
N ARG A 633 4.90 81.10 55.08
CA ARG A 633 4.79 82.45 55.63
C ARG A 633 3.77 82.51 56.76
N PHE A 634 2.63 81.84 56.56
CA PHE A 634 1.60 81.79 57.60
C PHE A 634 2.14 81.11 58.85
N LEU A 635 2.78 79.96 58.67
CA LEU A 635 3.32 79.22 59.81
C LEU A 635 4.33 80.06 60.58
N ILE A 636 5.27 80.69 59.86
CA ILE A 636 6.31 81.47 60.51
C ILE A 636 5.78 82.76 61.11
N ALA A 637 4.60 83.22 60.67
CA ALA A 637 4.02 84.43 61.23
C ALA A 637 3.01 84.18 62.33
N ASN A 638 2.43 82.98 62.40
CA ASN A 638 1.38 82.72 63.37
C ASN A 638 1.70 81.61 64.36
N ILE A 639 2.26 80.50 63.90
CA ILE A 639 2.47 79.35 64.78
C ILE A 639 3.78 79.46 65.55
N PHE A 640 4.88 79.72 64.86
CA PHE A 640 6.17 79.94 65.53
C PHE A 640 6.15 81.32 66.19
N GLU A 641 6.21 81.35 67.52
CA GLU A 641 6.19 82.61 68.24
C GLU A 641 7.47 83.40 67.96
N HIS A 642 7.34 84.73 67.87
CA HIS A 642 8.43 85.54 67.34
C HIS A 642 9.60 85.65 68.32
N LYS A 643 9.35 85.55 69.62
CA LYS A 643 10.45 85.54 70.58
C LYS A 643 11.29 84.29 70.43
N TYR A 644 10.63 83.13 70.30
CA TYR A 644 11.36 81.90 69.99
C TYR A 644 12.07 82.01 68.65
N VAL A 645 11.47 82.70 67.68
CA VAL A 645 12.07 82.84 66.36
C VAL A 645 13.35 83.65 66.43
N VAL A 646 13.34 84.77 67.15
CA VAL A 646 14.53 85.61 67.21
C VAL A 646 15.62 84.96 68.07
N ASN A 647 15.24 84.26 69.14
CA ASN A 647 16.24 83.54 69.92
C ASN A 647 16.88 82.41 69.12
N GLN A 648 16.07 81.68 68.34
CA GLN A 648 16.59 80.66 67.45
C GLN A 648 17.50 81.27 66.40
N LEU A 649 17.15 82.44 65.86
CA LEU A 649 17.99 83.11 64.89
C LEU A 649 19.34 83.47 65.48
N LEU A 650 19.34 84.00 66.70
CA LEU A 650 20.59 84.31 67.39
C LEU A 650 21.46 83.07 67.56
N LYS A 651 20.86 81.97 68.02
CA LYS A 651 21.66 80.78 68.29
C LYS A 651 22.18 80.16 66.99
N VAL A 652 21.37 80.14 65.94
CA VAL A 652 21.85 79.55 64.69
C VAL A 652 22.91 80.44 64.05
N ILE A 653 22.81 81.76 64.18
CA ILE A 653 23.84 82.64 63.65
C ILE A 653 25.16 82.41 64.37
N GLU A 654 25.11 82.29 65.70
CA GLU A 654 26.31 82.01 66.47
C GLU A 654 26.91 80.66 66.08
N HIS A 655 26.05 79.66 65.90
CA HIS A 655 26.53 78.32 65.54
C HIS A 655 27.16 78.29 64.16
N LEU A 656 26.54 78.99 63.19
CA LEU A 656 27.11 79.04 61.85
C LEU A 656 28.43 79.77 61.83
N TYR A 657 28.56 80.85 62.60
CA TYR A 657 29.86 81.52 62.68
C TYR A 657 30.90 80.61 63.34
N VAL A 658 30.49 79.81 64.33
CA VAL A 658 31.42 78.89 64.97
C VAL A 658 31.93 77.86 63.96
N ILE A 659 31.02 77.32 63.13
CA ILE A 659 31.44 76.36 62.11
C ILE A 659 32.30 77.00 61.03
N ASN A 660 31.96 78.19 60.55
CA ASN A 660 32.58 78.74 59.35
C ASN A 660 34.05 79.07 59.51
N LYS A 661 34.55 79.17 60.75
CA LYS A 661 35.95 79.55 60.93
C LYS A 661 36.94 78.41 60.70
N ASP A 662 36.46 77.19 60.49
CA ASP A 662 37.32 76.05 60.14
C ASP A 662 37.08 75.57 58.72
N ALA A 663 35.82 75.34 58.34
CA ALA A 663 35.53 74.77 57.02
C ALA A 663 35.70 75.79 55.92
N LYS A 664 35.49 77.08 56.21
CA LYS A 664 35.55 78.17 55.23
C LYS A 664 34.62 77.90 54.05
N ASP A 665 33.42 77.41 54.34
CA ASP A 665 32.46 77.09 53.30
C ASP A 665 31.89 78.37 52.69
N HIS A 666 31.82 78.40 51.35
CA HIS A 666 31.28 79.56 50.68
C HIS A 666 29.78 79.71 50.92
N ARG A 667 29.06 78.57 50.95
CA ARG A 667 27.62 78.61 51.20
C ARG A 667 27.31 79.14 52.60
N LEU A 668 28.09 78.72 53.59
CA LEU A 668 27.88 79.24 54.94
C LEU A 668 28.18 80.73 55.00
N GLN A 669 29.21 81.18 54.28
CA GLN A 669 29.56 82.59 54.27
C GLN A 669 28.47 83.44 53.64
N THR A 670 27.94 83.02 52.49
CA THR A 670 26.87 83.79 51.88
C THR A 670 25.58 83.67 52.68
N LEU A 671 25.41 82.55 53.42
CA LEU A 671 24.25 82.42 54.29
C LEU A 671 24.29 83.44 55.42
N ILE A 672 25.43 83.53 56.11
CA ILE A 672 25.52 84.46 57.23
C ILE A 672 25.54 85.90 56.73
N THR A 673 26.03 86.13 55.51
CA THR A 673 25.97 87.46 54.93
C THR A 673 24.57 87.86 54.51
N SER A 674 23.77 86.93 53.99
CA SER A 674 22.43 87.24 53.54
C SER A 674 21.41 87.28 54.67
N LEU A 675 21.67 86.55 55.77
CA LEU A 675 20.74 86.57 56.89
C LEU A 675 20.75 87.90 57.63
N LEU A 676 21.79 88.71 57.46
CA LEU A 676 21.84 90.01 58.10
C LEU A 676 21.03 91.07 57.34
N ARG A 677 20.65 90.80 56.11
CA ARG A 677 19.86 91.75 55.34
C ARG A 677 18.47 91.90 55.94
N PHE A 678 17.94 93.12 55.92
CA PHE A 678 16.69 93.42 56.61
C PHE A 678 15.48 92.85 55.89
N SER A 679 15.60 92.54 54.60
CA SER A 679 14.46 91.99 53.86
C SER A 679 14.04 90.64 54.43
N ILE A 680 15.00 89.75 54.65
CA ILE A 680 14.69 88.44 55.23
C ILE A 680 14.19 88.60 56.65
N ILE A 681 14.71 89.58 57.39
CA ILE A 681 14.32 89.77 58.78
C ILE A 681 12.87 90.24 58.87
N GLU A 682 12.45 91.18 58.03
CA GLU A 682 11.05 91.59 58.07
C GLU A 682 10.14 90.54 57.46
N LYS A 683 10.66 89.71 56.55
CA LYS A 683 9.92 88.54 56.10
C LYS A 683 9.73 87.55 57.25
N LEU A 684 10.64 87.55 58.22
CA LEU A 684 10.59 86.66 59.37
C LEU A 684 9.93 87.31 60.57
N LEU A 685 10.21 88.58 60.83
CA LEU A 685 9.61 89.32 61.94
C LEU A 685 8.72 90.43 61.41
N PRO A 686 7.40 90.23 61.40
CA PRO A 686 6.52 91.30 60.93
C PRO A 686 6.12 92.27 62.02
N GLN A 687 6.36 93.56 61.76
CA GLN A 687 6.02 94.69 62.66
C GLN A 687 6.37 94.41 64.12
N ARG A 688 7.63 93.99 64.36
CA ARG A 688 8.14 93.72 65.71
C ARG A 688 9.41 94.55 65.90
N ARG A 689 9.23 95.82 66.28
CA ARG A 689 10.36 96.76 66.34
C ARG A 689 11.41 96.33 67.36
N VAL A 690 10.95 95.93 68.55
CA VAL A 690 11.87 95.59 69.63
C VAL A 690 12.69 94.36 69.28
N GLU A 691 12.09 93.40 68.58
CA GLU A 691 12.79 92.18 68.22
C GLU A 691 13.92 92.44 67.24
N ILE A 692 13.65 93.23 66.19
CA ILE A 692 14.71 93.56 65.25
C ILE A 692 15.77 94.42 65.91
N ASN A 693 15.37 95.32 66.81
CA ASN A 693 16.35 96.12 67.53
C ASN A 693 17.26 95.24 68.38
N TYR A 694 16.68 94.27 69.09
CA TYR A 694 17.47 93.34 69.89
C TYR A 694 18.40 92.51 69.03
N PHE A 695 17.88 92.02 67.89
CA PHE A 695 18.70 91.19 67.00
C PHE A 695 19.89 91.97 66.45
N TYR A 696 19.64 93.20 65.99
CA TYR A 696 20.73 93.98 65.41
C TYR A 696 21.67 94.53 66.48
N GLU A 697 21.22 94.68 67.72
CA GLU A 697 22.12 95.06 68.79
C GLU A 697 22.99 93.89 69.25
N LYS A 698 22.47 92.67 69.20
CA LYS A 698 23.23 91.52 69.67
C LYS A 698 24.11 90.89 68.59
N VAL A 699 23.78 91.10 67.31
CA VAL A 699 24.59 90.49 66.26
C VAL A 699 25.98 91.15 66.21
N LYS A 700 26.07 92.44 66.54
CA LYS A 700 27.38 93.08 66.59
C LYS A 700 28.18 92.66 67.83
N HIS A 701 27.49 92.23 68.89
CA HIS A 701 28.20 91.66 70.03
C HIS A 701 28.66 90.23 69.74
N ILE A 702 27.91 89.50 68.93
CA ILE A 702 28.32 88.16 68.55
C ILE A 702 29.55 88.21 67.66
N ILE A 703 29.52 89.08 66.64
CA ILE A 703 30.60 89.20 65.68
C ILE A 703 31.25 90.57 65.85
N PRO A 704 32.51 90.64 66.31
CA PRO A 704 33.18 91.94 66.46
C PRO A 704 33.63 92.56 65.14
N ASN A 705 33.53 91.83 64.03
CA ASN A 705 33.99 92.34 62.74
C ASN A 705 32.93 93.14 61.99
N LEU A 706 31.68 93.15 62.48
CA LEU A 706 30.63 93.88 61.76
C LEU A 706 30.68 95.38 62.03
N ILE A 707 31.45 95.80 63.03
CA ILE A 707 31.56 97.22 63.37
C ILE A 707 32.39 97.99 62.36
N ASN A 708 33.36 97.34 61.75
CA ASN A 708 34.16 97.95 60.69
C ASN A 708 33.44 97.92 59.35
N ASP A 709 32.56 96.95 59.17
CA ASP A 709 31.85 96.79 57.90
C ASP A 709 30.77 97.85 57.75
N PRO A 710 30.82 98.68 56.71
CA PRO A 710 29.74 99.66 56.50
C PRO A 710 28.43 99.02 56.05
N HIS A 711 28.47 97.77 55.60
CA HIS A 711 27.25 97.08 55.16
C HIS A 711 26.31 96.89 56.35
N PHE A 712 26.85 96.56 57.52
CA PHE A 712 26.05 96.45 58.73
C PHE A 712 25.36 97.77 59.04
N TRP A 713 26.11 98.87 58.96
CA TRP A 713 25.54 100.17 59.29
C TRP A 713 24.50 100.59 58.25
N VAL A 714 24.70 100.20 56.99
CA VAL A 714 23.72 100.52 55.96
C VAL A 714 22.42 99.76 56.19
N GLN A 715 22.54 98.48 56.53
CA GLN A 715 21.35 97.68 56.81
C GLN A 715 20.62 98.26 58.00
N TYR A 716 21.34 98.49 59.09
CA TYR A 716 20.71 98.98 60.30
C TYR A 716 20.17 100.40 60.11
N ALA A 717 20.71 101.12 59.14
CA ALA A 717 20.21 102.44 58.84
C ALA A 717 18.82 102.36 58.23
N MET A 718 18.68 101.53 57.20
CA MET A 718 17.39 101.40 56.53
C MET A 718 16.42 100.68 57.43
N SER A 719 16.94 99.84 58.32
CA SER A 719 16.11 99.08 59.24
C SER A 719 15.12 99.98 59.99
N MET A 720 15.52 101.23 60.24
CA MET A 720 14.64 102.15 60.94
C MET A 720 13.86 103.08 60.01
N ILE A 721 14.03 102.90 58.70
CA ILE A 721 13.32 103.76 57.74
C ILE A 721 11.80 103.66 57.84
N PRO A 722 11.17 102.47 57.86
CA PRO A 722 9.71 102.44 57.99
C PRO A 722 9.19 102.81 59.37
N PHE A 723 10.06 102.99 60.36
CA PHE A 723 9.66 103.37 61.70
C PHE A 723 9.84 104.86 61.98
N LYS A 724 10.14 105.66 60.94
CA LYS A 724 10.24 107.11 61.01
C LYS A 724 11.31 107.59 61.97
N ASP A 725 12.35 106.78 62.21
CA ASP A 725 13.47 107.18 63.07
C ASP A 725 14.60 107.71 62.18
N TYR A 726 14.33 108.85 61.57
CA TYR A 726 15.25 109.49 60.63
C TYR A 726 16.60 109.90 61.21
N PRO A 727 16.69 110.54 62.39
CA PRO A 727 18.04 110.87 62.92
C PRO A 727 18.91 109.64 63.20
N SER A 728 18.31 108.54 63.64
CA SER A 728 19.09 107.33 63.87
C SER A 728 19.67 106.79 62.56
N ALA A 729 18.86 106.76 61.51
CA ALA A 729 19.35 106.36 60.20
C ALA A 729 20.40 107.35 59.69
N ASP A 730 20.24 108.63 60.01
CA ASP A 730 21.21 109.64 59.58
C ASP A 730 22.57 109.41 60.23
N ARG A 731 22.59 109.18 61.55
CA ARG A 731 23.87 108.93 62.21
C ARG A 731 24.47 107.58 61.82
N TYR A 732 23.62 106.58 61.56
CA TYR A 732 24.13 105.30 61.06
C TYR A 732 24.75 105.46 59.68
N LEU A 733 24.12 106.26 58.81
CA LEU A 733 24.70 106.51 57.49
C LEU A 733 25.98 107.33 57.58
N ALA A 734 26.05 108.25 58.55
CA ALA A 734 27.29 109.00 58.75
C ALA A 734 28.41 108.07 59.21
N THR A 735 28.11 107.14 60.10
CA THR A 735 29.11 106.15 60.52
C THR A 735 29.52 105.26 59.36
N ALA A 736 28.55 104.87 58.52
CA ALA A 736 28.86 104.07 57.34
C ALA A 736 29.77 104.82 56.38
N TYR A 737 29.51 106.12 56.19
CA TYR A 737 30.37 106.95 55.35
C TYR A 737 31.78 107.05 55.94
N SER A 738 31.87 107.21 57.27
CA SER A 738 33.17 107.32 57.91
C SER A 738 34.00 106.04 57.76
N LEU A 739 33.35 104.88 57.94
CA LEU A 739 34.08 103.63 57.73
C LEU A 739 34.36 103.38 56.25
N ALA A 740 33.51 103.89 55.36
CA ALA A 740 33.74 103.72 53.93
C ALA A 740 34.87 104.60 53.41
N ALA A 741 35.12 105.74 54.06
CA ALA A 741 36.18 106.63 53.61
C ALA A 741 37.56 106.01 53.78
N ARG A 742 37.75 105.24 54.86
CA ARG A 742 39.06 104.66 55.15
C ARG A 742 39.37 103.41 54.33
N LYS A 743 38.41 102.89 53.58
CA LYS A 743 38.60 101.68 52.79
C LYS A 743 38.95 102.06 51.36
N ASP A 744 40.01 101.44 50.85
CA ASP A 744 40.45 101.72 49.49
C ASP A 744 39.61 101.03 48.45
N ASN A 745 39.27 101.75 47.41
CA ASN A 745 38.51 101.21 46.28
C ASN A 745 37.21 100.55 46.74
N TYR A 746 36.57 101.13 47.74
CA TYR A 746 35.35 100.54 48.30
C TYR A 746 34.08 101.15 47.72
N HIS A 747 33.15 100.30 47.30
CA HIS A 747 31.90 100.77 46.73
C HIS A 747 31.08 101.53 47.77
N THR A 748 30.33 102.53 47.32
CA THR A 748 29.52 103.33 48.24
C THR A 748 28.18 103.67 47.61
N LYS A 749 28.03 103.41 46.32
CA LYS A 749 26.78 103.75 45.63
C LYS A 749 25.55 103.30 46.42
N ASN A 750 25.64 102.16 47.10
CA ASN A 750 24.52 101.73 47.94
C ASN A 750 24.33 102.67 49.13
N ILE A 751 25.43 103.07 49.77
CA ILE A 751 25.36 104.02 50.88
C ILE A 751 24.81 105.35 50.39
N ASP A 752 25.22 105.78 49.20
CA ASP A 752 24.69 107.01 48.62
C ASP A 752 23.21 106.88 48.31
N THR A 753 22.77 105.70 47.87
CA THR A 753 21.36 105.47 47.61
C THR A 753 20.53 105.56 48.88
N GLN A 754 21.04 104.95 49.97
CA GLN A 754 20.32 105.04 51.25
C GLN A 754 20.30 106.48 51.77
N ARG A 755 21.41 107.21 51.61
CA ARG A 755 21.43 108.61 52.02
C ARG A 755 20.45 109.45 51.22
N ALA A 756 20.36 109.19 49.91
CA ALA A 756 19.40 109.91 49.07
C ALA A 756 17.97 109.55 49.43
N ARG A 757 17.72 108.29 49.78
CA ARG A 757 16.38 107.90 50.23
C ARG A 757 16.01 108.58 51.54
N LEU A 758 16.96 108.70 52.47
CA LEU A 758 16.71 109.41 53.71
C LEU A 758 16.46 110.90 53.45
N HIS A 759 17.22 111.48 52.51
CA HIS A 759 17.01 112.87 52.14
C HIS A 759 15.63 113.09 51.53
N LEU A 760 15.21 112.15 50.69
CA LEU A 760 13.87 112.24 50.11
C LEU A 760 12.85 112.12 51.21
N LEU A 761 13.08 111.18 52.12
CA LEU A 761 12.13 110.97 53.21
C LEU A 761 11.94 112.23 54.02
N VAL A 762 13.05 112.87 54.39
CA VAL A 762 12.95 114.06 55.21
C VAL A 762 12.34 115.20 54.41
N SER A 763 12.69 115.29 53.12
CA SER A 763 12.07 116.33 52.29
C SER A 763 10.57 116.14 52.22
N LEU A 764 10.10 114.89 52.26
CA LEU A 764 8.67 114.63 52.35
C LEU A 764 8.11 115.14 53.68
N THR A 765 8.84 114.94 54.77
CA THR A 765 8.36 115.38 56.08
C THR A 765 8.46 116.89 56.27
N LYS A 766 9.16 117.61 55.40
CA LYS A 766 9.36 119.04 55.54
C LYS A 766 8.68 119.79 54.38
N THR A 767 8.47 121.08 54.59
CA THR A 767 7.86 121.94 53.59
C THR A 767 8.63 123.25 53.50
N GLY A 768 8.79 123.75 52.27
CA GLY A 768 9.41 125.04 52.06
C GLY A 768 10.87 124.99 51.67
N ASN A 769 11.67 125.92 52.22
CA ASN A 769 13.06 126.05 51.82
C ASN A 769 13.90 124.85 52.27
N GLU A 770 13.64 124.32 53.47
CA GLU A 770 14.37 123.15 53.93
C GLU A 770 14.03 121.92 53.10
N ALA A 771 12.78 121.82 52.65
CA ALA A 771 12.40 120.75 51.74
C ALA A 771 13.15 120.85 50.42
N TYR A 772 13.32 122.08 49.91
CA TYR A 772 14.11 122.28 48.70
C TYR A 772 15.58 121.93 48.93
N LEU A 773 16.12 122.27 50.10
CA LEU A 773 17.51 121.93 50.41
C LEU A 773 17.72 120.42 50.44
N GLU A 774 16.80 119.69 51.10
CA GLU A 774 16.90 118.24 51.12
C GLU A 774 16.67 117.64 49.74
N PHE A 775 15.79 118.25 48.94
CA PHE A 775 15.59 117.79 47.57
C PHE A 775 16.86 117.94 46.74
N GLU A 776 17.56 119.07 46.90
CA GLU A 776 18.82 119.26 46.19
C GLU A 776 19.88 118.29 46.67
N ALA A 777 19.93 118.05 47.99
CA ALA A 777 20.90 117.11 48.54
C ALA A 777 20.65 115.69 48.06
N GLY A 778 19.38 115.33 47.82
CA GLY A 778 19.09 114.04 47.20
C GLY A 778 19.31 114.04 45.70
N ASP A 779 19.10 115.18 45.05
CA ASP A 779 19.18 115.26 43.59
C ASP A 779 20.62 115.16 43.11
N ASN A 780 21.55 115.86 43.79
CA ASN A 780 22.95 115.73 43.40
C ASN A 780 23.47 114.32 43.63
N LEU A 781 23.05 113.70 44.74
CA LEU A 781 23.47 112.33 45.03
C LEU A 781 22.93 111.35 43.99
N ILE A 782 21.65 111.50 43.60
CA ILE A 782 21.11 110.63 42.57
C ILE A 782 21.67 110.97 41.19
N ARG A 783 22.22 112.18 41.02
CA ARG A 783 22.90 112.51 39.78
C ARG A 783 24.24 111.80 39.69
N ILE A 784 24.99 111.74 40.79
CA ILE A 784 26.25 111.00 40.77
C ILE A 784 26.05 109.50 40.87
N ILE A 785 24.84 109.05 41.17
CA ILE A 785 24.54 107.60 41.19
C ILE A 785 24.34 107.13 39.75
N PRO A 786 25.05 106.09 39.32
CA PRO A 786 24.84 105.56 37.97
C PRO A 786 23.47 104.91 37.83
N ASN A 787 23.01 104.83 36.59
CA ASN A 787 21.68 104.30 36.29
C ASN A 787 21.67 102.79 36.55
N ASP A 788 21.14 102.39 37.70
CA ASP A 788 21.01 101.00 38.08
C ASP A 788 19.59 100.74 38.56
N ILE A 789 19.32 99.49 38.94
CA ILE A 789 17.97 99.07 39.28
C ILE A 789 17.48 99.79 40.55
N TYR A 790 18.38 100.04 41.51
CA TYR A 790 17.97 100.73 42.73
C TYR A 790 17.67 102.20 42.48
N LYS A 791 18.17 102.78 41.40
CA LYS A 791 17.92 104.19 41.12
C LYS A 791 16.47 104.41 40.68
N TYR A 792 15.90 103.45 39.94
CA TYR A 792 14.53 103.62 39.44
C TYR A 792 13.49 103.49 40.55
N ARG A 793 13.87 102.96 41.69
CA ARG A 793 12.95 102.82 42.81
C ARG A 793 12.68 104.16 43.45
N GLN A 794 13.65 105.07 43.37
CA GLN A 794 13.54 106.38 43.98
C GLN A 794 12.68 107.34 43.16
N VAL A 795 12.32 106.97 41.93
CA VAL A 795 11.54 107.86 41.07
C VAL A 795 10.12 108.03 41.59
N LEU A 796 9.59 107.01 42.27
CA LEU A 796 8.21 107.06 42.75
C LEU A 796 7.99 108.13 43.81
N ARG A 797 9.05 108.56 44.51
CA ARG A 797 8.89 109.57 45.56
C ARG A 797 8.68 110.96 44.99
N TYR A 798 9.20 111.24 43.78
CA TYR A 798 8.98 112.55 43.17
C TYR A 798 7.52 112.76 42.79
N ARG A 799 6.80 111.68 42.49
CA ARG A 799 5.37 111.80 42.23
C ARG A 799 4.63 112.26 43.48
N ASP A 800 4.96 111.69 44.64
CA ASP A 800 4.36 112.15 45.89
C ASP A 800 4.82 113.56 46.24
N ILE A 801 6.05 113.91 45.86
CA ILE A 801 6.55 115.27 46.06
C ILE A 801 5.70 116.26 45.27
N TYR A 802 5.41 115.94 44.00
CA TYR A 802 4.55 116.79 43.20
C TYR A 802 3.11 116.79 43.69
N GLU A 803 2.66 115.68 44.28
CA GLU A 803 1.28 115.61 44.74
C GLU A 803 1.06 116.37 46.04
N LYS A 804 2.05 116.42 46.94
CA LYS A 804 1.86 116.97 48.27
C LYS A 804 2.61 118.27 48.50
N VAL A 805 3.92 118.28 48.30
CA VAL A 805 4.77 119.40 48.71
C VAL A 805 5.06 120.37 47.58
N TYR A 806 4.51 120.14 46.38
CA TYR A 806 4.76 121.03 45.25
C TYR A 806 4.27 122.47 45.47
N PRO A 807 3.05 122.74 45.96
CA PRO A 807 2.64 124.15 46.10
C PRO A 807 3.42 124.92 47.16
N THR A 808 4.11 124.25 48.08
CA THR A 808 4.83 124.96 49.12
C THR A 808 6.07 125.67 48.57
N PHE A 809 6.58 125.23 47.42
CA PHE A 809 7.80 125.80 46.87
C PHE A 809 7.50 127.09 46.10
N ASN A 810 8.54 127.87 45.87
CA ASN A 810 8.45 129.10 45.09
C ASN A 810 8.74 128.79 43.62
N ALA A 811 8.80 129.84 42.80
CA ALA A 811 8.96 129.64 41.35
C ALA A 811 10.34 129.11 41.01
N LYS A 812 11.38 129.58 41.70
CA LYS A 812 12.74 129.14 41.41
C LYS A 812 12.92 127.66 41.70
N GLN A 813 12.40 127.20 42.85
CA GLN A 813 12.46 125.77 43.16
C GLN A 813 11.59 124.95 42.21
N LYS A 814 10.46 125.52 41.78
CA LYS A 814 9.63 124.84 40.79
C LYS A 814 10.39 124.61 39.49
N VAL A 815 11.09 125.64 39.01
CA VAL A 815 11.90 125.49 37.80
C VAL A 815 13.06 124.52 38.05
N PHE A 816 13.62 124.54 39.26
CA PHE A 816 14.70 123.64 39.65
C PHE A 816 14.30 122.18 39.49
N TYR A 817 13.25 121.74 40.21
CA TYR A 817 12.89 120.34 40.04
C TYR A 817 12.14 120.08 38.74
N GLU A 818 11.68 121.12 38.05
CA GLU A 818 11.17 120.92 36.68
C GLU A 818 12.28 120.45 35.75
N HIS A 819 13.41 121.18 35.73
CA HIS A 819 14.52 120.73 34.90
C HIS A 819 15.13 119.45 35.44
N ALA A 820 15.05 119.23 36.76
CA ALA A 820 15.53 117.97 37.32
C ALA A 820 14.71 116.78 36.83
N ILE A 821 13.38 116.92 36.79
CA ILE A 821 12.55 115.82 36.31
C ILE A 821 12.65 115.68 34.80
N LYS A 822 12.93 116.78 34.08
CA LYS A 822 13.24 116.66 32.66
C LYS A 822 14.51 115.86 32.43
N ARG A 823 15.54 116.13 33.24
CA ARG A 823 16.79 115.37 33.14
C ARG A 823 16.57 113.90 33.50
N ILE A 824 15.73 113.63 34.51
CA ILE A 824 15.42 112.26 34.89
C ILE A 824 14.69 111.54 33.75
N ILE A 825 13.75 112.22 33.10
CA ILE A 825 13.03 111.65 31.97
C ILE A 825 14.00 111.36 30.83
N LYS A 826 14.90 112.29 30.54
CA LYS A 826 15.88 112.08 29.48
C LYS A 826 16.80 110.90 29.79
N GLU A 827 17.22 110.76 31.04
CA GLU A 827 18.02 109.62 31.45
C GLU A 827 17.24 108.32 31.41
N SER A 828 15.91 108.38 31.56
CA SER A 828 15.10 107.17 31.54
C SER A 828 14.99 106.56 30.15
N GLU A 829 15.07 107.39 29.11
CA GLU A 829 14.93 106.93 27.74
C GLU A 829 16.25 106.52 27.11
N SER A 830 17.33 106.49 27.89
CA SER A 830 18.62 106.09 27.35
C SER A 830 18.60 104.61 26.96
N PRO A 831 19.30 104.22 25.89
CA PRO A 831 19.25 102.82 25.44
C PRO A 831 20.06 101.86 26.30
N GLU A 832 20.70 102.34 27.37
CA GLU A 832 21.43 101.44 28.27
C GLU A 832 20.48 100.51 29.00
N LEU A 833 19.28 101.00 29.33
CA LEU A 833 18.29 100.18 30.03
C LEU A 833 17.76 99.08 29.11
N VAL A 834 17.61 99.37 27.81
CA VAL A 834 16.97 98.44 26.90
C VAL A 834 17.80 97.17 26.74
N GLU A 835 19.13 97.30 26.76
CA GLU A 835 20.00 96.14 26.63
C GLU A 835 20.12 95.34 27.94
N ASP A 836 19.62 95.87 29.05
CA ASP A 836 19.68 95.18 30.33
C ASP A 836 18.51 94.22 30.47
N LEU A 837 18.79 93.04 31.04
CA LEU A 837 17.75 92.05 31.25
C LEU A 837 16.81 92.45 32.38
N THR A 838 17.30 93.21 33.36
CA THR A 838 16.46 93.65 34.48
C THR A 838 15.34 94.55 34.00
N TYR A 839 15.64 95.47 33.09
CA TYR A 839 14.58 96.30 32.50
C TYR A 839 13.74 95.50 31.51
N LYS A 840 14.34 94.48 30.86
CA LYS A 840 13.58 93.63 29.95
C LYS A 840 12.49 92.87 30.68
N ILE A 841 12.79 92.38 31.89
CA ILE A 841 11.75 91.78 32.73
C ILE A 841 10.72 92.84 33.13
N GLY A 842 11.19 94.04 33.48
CA GLY A 842 10.31 95.08 33.97
C GLY A 842 9.97 96.16 32.96
N VAL A 843 9.65 95.77 31.73
CA VAL A 843 9.30 96.74 30.70
C VAL A 843 8.04 97.50 31.08
N ASN A 844 7.02 96.77 31.54
CA ASN A 844 5.67 97.34 31.67
C ASN A 844 5.62 98.41 32.75
N TRP A 845 6.10 98.11 33.95
CA TRP A 845 5.98 99.08 35.05
C TRP A 845 6.94 100.25 34.90
N LEU A 846 8.14 100.02 34.38
CA LEU A 846 9.07 101.11 34.15
C LEU A 846 8.49 102.04 33.09
N ASP A 847 7.87 101.46 32.06
CA ASP A 847 7.26 102.26 31.00
C ASP A 847 6.06 103.04 31.53
N LYS A 848 5.28 102.43 32.42
CA LYS A 848 4.17 103.14 33.05
C LYS A 848 4.67 104.28 33.92
N LEU A 849 5.80 104.08 34.61
CA LEU A 849 6.41 105.14 35.39
C LEU A 849 6.89 106.29 34.51
N ARG A 850 7.47 105.96 33.35
CA ARG A 850 7.87 106.99 32.39
C ARG A 850 6.67 107.77 31.89
N GLY A 851 5.57 107.07 31.59
CA GLY A 851 4.35 107.74 31.20
C GLY A 851 3.78 108.62 32.30
N ASN A 852 3.90 108.17 33.56
CA ASN A 852 3.45 108.99 34.68
C ASN A 852 4.30 110.25 34.82
N LEU A 853 5.61 110.13 34.62
CA LEU A 853 6.47 111.32 34.64
C LEU A 853 6.12 112.27 33.50
N LYS A 854 5.82 111.72 32.32
CA LYS A 854 5.41 112.57 31.21
C LYS A 854 4.09 113.27 31.51
N LEU A 855 3.15 112.57 32.15
CA LEU A 855 1.89 113.19 32.55
C LEU A 855 2.11 114.28 33.60
N ILE A 856 3.05 114.06 34.53
CA ILE A 856 3.39 115.08 35.52
C ILE A 856 3.98 116.31 34.83
N VAL A 857 4.84 116.10 33.84
CA VAL A 857 5.41 117.21 33.07
C VAL A 857 4.32 117.96 32.33
N GLU A 858 3.38 117.22 31.73
CA GLU A 858 2.28 117.86 31.01
C GLU A 858 1.39 118.67 31.97
N ASN A 859 1.15 118.13 33.17
CA ASN A 859 0.38 118.87 34.16
C ASN A 859 1.11 120.12 34.63
N ILE A 860 2.44 120.05 34.75
CA ILE A 860 3.24 121.21 35.11
C ILE A 860 3.13 122.28 34.03
N GLN A 861 3.23 121.88 32.76
CA GLN A 861 3.09 122.83 31.67
C GLN A 861 1.68 123.41 31.58
N GLU A 862 0.66 122.60 31.88
CA GLU A 862 -0.72 123.09 31.85
C GLU A 862 -0.99 124.08 32.98
N ASN A 863 -0.41 123.82 34.16
CA ASN A 863 -0.59 124.71 35.30
C ASN A 863 0.29 125.96 35.22
N ARG A 864 1.18 126.04 34.24
CA ARG A 864 2.00 127.22 34.06
C ARG A 864 1.14 128.42 33.65
N PRO A 865 1.53 129.63 34.06
CA PRO A 865 0.77 130.81 33.66
C PRO A 865 0.88 131.06 32.16
N LYS A 866 -0.14 131.76 31.63
CA LYS A 866 -0.20 132.05 30.21
C LYS A 866 0.91 132.97 29.75
N GLY A 867 1.51 133.75 30.65
CA GLY A 867 2.62 134.61 30.29
C GLY A 867 3.97 133.94 30.21
N LYS A 868 4.04 132.65 30.54
CA LYS A 868 5.29 131.90 30.47
C LYS A 868 5.19 130.67 29.58
N LYS A 869 4.04 130.40 28.98
CA LYS A 869 3.87 129.23 28.12
C LYS A 869 4.55 129.45 26.77
N SER B 37 20.77 -2.69 74.47
CA SER B 37 21.21 -1.44 75.07
C SER B 37 21.74 -0.48 74.00
N ILE B 38 22.31 0.63 74.47
CA ILE B 38 22.90 1.61 73.55
C ILE B 38 24.17 1.05 72.94
N SER B 39 24.27 1.13 71.61
CA SER B 39 25.43 0.60 70.92
C SER B 39 26.62 1.56 71.07
N ASP B 40 27.74 1.17 70.47
CA ASP B 40 28.97 1.97 70.59
C ASP B 40 28.94 3.22 69.75
N GLU B 41 28.28 3.18 68.58
CA GLU B 41 28.27 4.34 67.69
C GLU B 41 27.48 5.50 68.30
N THR B 42 26.37 5.20 68.98
CA THR B 42 25.62 6.25 69.67
C THR B 42 26.46 6.85 70.81
N TYR B 43 27.21 6.00 71.52
CA TYR B 43 28.10 6.49 72.57
C TYR B 43 29.16 7.43 72.01
N GLU B 44 29.77 7.04 70.88
CA GLU B 44 30.78 7.87 70.25
C GLU B 44 30.18 9.19 69.77
N ARG B 45 29.00 9.14 69.16
CA ARG B 45 28.35 10.35 68.67
C ARG B 45 28.00 11.30 69.80
N LEU B 46 27.48 10.78 70.91
CA LEU B 46 27.18 11.61 72.07
C LEU B 46 28.45 12.22 72.65
N LYS B 47 29.50 11.41 72.81
CA LYS B 47 30.76 11.87 73.36
C LYS B 47 31.44 12.90 72.45
N ARG B 48 31.14 12.87 71.17
CA ARG B 48 31.68 13.88 70.27
C ARG B 48 30.84 15.15 70.24
N LEU B 49 29.51 15.03 70.30
CA LEU B 49 28.65 16.20 70.19
C LEU B 49 28.65 17.02 71.47
N ILE B 50 28.58 16.37 72.63
CA ILE B 50 28.47 17.16 73.86
C ILE B 50 29.84 17.64 74.33
N SER B 51 30.92 17.16 73.71
CA SER B 51 32.25 17.60 74.11
C SER B 51 32.59 18.98 73.59
N THR B 52 31.81 19.50 72.64
CA THR B 52 32.10 20.83 72.10
C THR B 52 31.71 21.95 73.04
N GLY B 53 30.99 21.65 74.12
CA GLY B 53 30.52 22.71 75.00
C GLY B 53 29.48 23.60 74.35
N ASN B 54 28.77 23.09 73.36
CA ASN B 54 27.87 23.88 72.52
C ASN B 54 26.51 23.19 72.42
N ALA B 55 26.01 22.65 73.52
CA ALA B 55 24.78 21.87 73.53
C ALA B 55 23.74 22.51 74.45
N ILE B 56 22.53 21.97 74.39
CA ILE B 56 21.39 22.46 75.14
C ILE B 56 20.80 21.30 75.93
N VAL B 57 20.41 21.59 77.17
CA VAL B 57 19.80 20.57 78.01
C VAL B 57 18.37 20.96 78.36
N PHE B 58 17.57 19.98 78.76
CA PHE B 58 16.19 20.23 79.11
C PHE B 58 15.85 19.40 80.33
N VAL B 59 16.02 19.97 81.51
CA VAL B 59 15.76 19.23 82.74
C VAL B 59 14.32 18.80 82.91
N GLY B 60 14.08 17.52 83.12
CA GLY B 60 12.76 17.00 83.34
C GLY B 60 12.51 16.64 84.79
N ALA B 61 11.42 15.89 85.02
CA ALA B 61 11.07 15.49 86.37
C ALA B 61 11.99 14.39 86.89
N GLY B 62 12.55 13.58 85.99
CA GLY B 62 13.38 12.46 86.42
C GLY B 62 14.74 12.85 86.92
N PHE B 63 15.18 14.08 86.63
CA PHE B 63 16.51 14.52 87.07
C PHE B 63 16.58 14.67 88.58
N SER B 64 15.54 15.24 89.19
CA SER B 64 15.58 15.61 90.60
C SER B 64 14.73 14.70 91.48
N LYS B 65 14.39 13.50 91.02
CA LYS B 65 13.54 12.62 91.82
C LYS B 65 14.27 11.96 92.98
N GLU B 66 15.60 12.12 93.07
CA GLU B 66 16.40 11.50 94.11
C GLU B 66 16.92 12.51 95.13
N SER B 67 16.33 13.70 95.17
CA SER B 67 16.75 14.75 96.09
C SER B 67 15.80 14.81 97.29
N ILE B 68 16.09 15.72 98.22
CA ILE B 68 15.26 15.92 99.40
C ILE B 68 15.06 17.41 99.62
N ASN B 69 14.01 17.74 100.38
CA ASN B 69 13.62 19.11 100.65
C ASN B 69 13.71 19.39 102.15
N ILE B 70 13.20 20.55 102.56
CA ILE B 70 13.26 20.96 103.96
C ILE B 70 12.45 20.02 104.85
N ILE B 71 11.41 19.37 104.31
CA ILE B 71 10.70 18.33 105.05
C ILE B 71 11.55 17.10 105.27
N GLY B 72 12.33 16.69 104.27
CA GLY B 72 13.15 15.50 104.39
C GLY B 72 12.64 14.31 103.63
N SER B 73 12.04 14.53 102.47
CA SER B 73 11.49 13.46 101.65
C SER B 73 11.72 13.78 100.18
N THR B 74 11.43 12.80 99.32
CA THR B 74 11.55 13.01 97.89
C THR B 74 10.48 14.00 97.41
N PRO B 75 10.76 14.75 96.36
CA PRO B 75 9.74 15.64 95.78
C PRO B 75 8.58 14.83 95.24
N PRO B 76 7.36 15.12 95.67
CA PRO B 76 6.23 14.27 95.30
C PRO B 76 5.88 14.40 93.83
N LEU B 77 5.29 13.33 93.30
CA LEU B 77 4.78 13.34 91.94
C LEU B 77 3.41 14.01 91.93
N ALA B 78 2.71 13.94 90.80
CA ALA B 78 1.40 14.59 90.71
C ALA B 78 0.36 13.88 91.57
N LYS B 79 0.47 12.55 91.72
CA LYS B 79 -0.52 11.80 92.48
C LYS B 79 -0.53 12.23 93.95
N ASP B 80 0.64 12.24 94.58
CA ASP B 80 0.72 12.53 96.01
C ASP B 80 0.35 13.98 96.30
N LEU B 81 0.84 14.92 95.48
CA LEU B 81 0.48 16.32 95.65
C LEU B 81 -1.02 16.54 95.45
N ALA B 82 -1.59 15.87 94.45
CA ALA B 82 -3.02 16.01 94.18
C ALA B 82 -3.85 15.47 95.34
N LEU B 83 -3.48 14.32 95.89
CA LEU B 83 -4.25 13.77 97.00
C LEU B 83 -4.06 14.58 98.27
N GLN B 84 -2.88 15.19 98.46
CA GLN B 84 -2.68 16.08 99.59
C GLN B 84 -3.56 17.32 99.48
N ILE B 85 -3.62 17.92 98.29
CA ILE B 85 -4.47 19.09 98.09
C ILE B 85 -5.94 18.72 98.25
N SER B 86 -6.31 17.54 97.77
CA SER B 86 -7.67 17.07 97.90
C SER B 86 -7.99 16.91 99.36
N ASN B 87 -7.05 16.37 100.13
CA ASN B 87 -7.29 16.13 101.53
C ASN B 87 -7.51 17.46 102.23
N LYS B 88 -6.68 18.44 101.91
CA LYS B 88 -6.82 19.77 102.51
C LYS B 88 -8.20 20.35 102.21
N SER B 89 -8.64 20.26 100.96
CA SER B 89 -9.93 20.80 100.57
C SER B 89 -11.07 20.04 101.26
N ALA B 90 -10.93 18.71 101.38
CA ALA B 90 -11.94 17.91 102.06
C ALA B 90 -12.01 18.25 103.54
N ASN B 91 -10.87 18.49 104.18
CA ASN B 91 -10.87 18.88 105.58
C ASN B 91 -11.56 20.23 105.78
N TYR B 92 -11.27 21.19 104.88
CA TYR B 92 -11.93 22.49 105.00
C TYR B 92 -13.43 22.38 104.78
N LEU B 93 -13.85 21.62 103.77
CA LEU B 93 -15.27 21.51 103.47
C LEU B 93 -16.01 20.67 104.51
N LYS B 94 -15.30 19.77 105.20
CA LYS B 94 -15.89 19.10 106.35
C LYS B 94 -16.01 20.04 107.54
N GLU B 95 -15.05 20.96 107.69
CA GLU B 95 -15.14 21.97 108.74
C GLU B 95 -16.33 22.90 108.51
N VAL B 96 -16.57 23.32 107.27
CA VAL B 96 -17.66 24.24 107.00
C VAL B 96 -19.03 23.56 107.01
N GLY B 97 -19.07 22.23 107.02
CA GLY B 97 -20.34 21.53 107.16
C GLY B 97 -21.04 21.16 105.86
N ALA B 98 -20.35 20.45 104.99
CA ALA B 98 -20.94 19.96 103.75
C ALA B 98 -21.36 18.50 103.91
N ASP B 99 -22.13 18.01 102.93
CA ASP B 99 -22.57 16.63 102.95
C ASP B 99 -21.39 15.69 102.70
N SER B 100 -21.47 14.50 103.32
CA SER B 100 -20.33 13.58 103.33
C SER B 100 -20.03 13.02 101.95
N HIS B 101 -21.05 12.85 101.11
CA HIS B 101 -20.84 12.33 99.76
C HIS B 101 -19.97 13.27 98.94
N TYR B 102 -20.21 14.57 99.06
CA TYR B 102 -19.36 15.56 98.40
C TYR B 102 -17.93 15.48 98.91
N ILE B 103 -17.78 15.30 100.23
CA ILE B 103 -16.45 15.25 100.84
C ILE B 103 -15.67 14.05 100.31
N GLU B 104 -16.31 12.89 100.25
CA GLU B 104 -15.60 11.71 99.75
C GLU B 104 -15.41 11.74 98.24
N GLU B 105 -16.30 12.41 97.51
CA GLU B 105 -16.13 12.48 96.06
C GLU B 105 -15.07 13.49 95.65
N ILE B 106 -14.79 14.49 96.48
CA ILE B 106 -13.66 15.38 96.22
C ILE B 106 -12.39 14.95 96.93
N LYS B 107 -12.52 14.03 97.88
CA LYS B 107 -11.36 13.61 98.65
C LYS B 107 -10.50 12.64 97.86
N GLN B 108 -11.11 11.94 96.91
CA GLN B 108 -10.37 10.93 96.15
C GLN B 108 -9.75 11.47 94.87
N CYS B 109 -9.86 12.76 94.63
CA CYS B 109 -9.34 13.34 93.39
C CYS B 109 -7.92 12.85 93.08
N ASP B 110 -7.67 12.50 91.83
CA ASP B 110 -6.34 12.02 91.44
C ASP B 110 -5.58 13.01 90.58
N ASP B 111 -6.23 13.73 89.68
CA ASP B 111 -5.53 14.66 88.81
C ASP B 111 -5.18 15.93 89.57
N LEU B 112 -3.97 16.44 89.31
CA LEU B 112 -3.47 17.62 90.01
C LEU B 112 -4.21 18.89 89.58
N MET B 113 -4.51 19.00 88.29
CA MET B 113 -5.06 20.25 87.75
C MET B 113 -6.44 20.55 88.28
N VAL B 114 -7.33 19.54 88.31
CA VAL B 114 -8.70 19.78 88.76
C VAL B 114 -8.72 20.11 90.25
N ALA B 115 -7.90 19.42 91.04
CA ALA B 115 -7.83 19.72 92.48
C ALA B 115 -7.29 21.12 92.73
N SER B 116 -6.23 21.50 92.01
CA SER B 116 -5.66 22.83 92.19
C SER B 116 -6.64 23.92 91.78
N ASP B 117 -7.33 23.74 90.65
CA ASP B 117 -8.31 24.71 90.20
C ASP B 117 -9.47 24.82 91.17
N PHE B 118 -9.95 23.67 91.68
CA PHE B 118 -11.06 23.68 92.62
C PHE B 118 -10.67 24.41 93.90
N PHE B 119 -9.47 24.14 94.42
CA PHE B 119 -9.04 24.78 95.65
C PHE B 119 -8.83 26.28 95.44
N LEU B 120 -8.25 26.67 94.30
CA LEU B 120 -8.01 28.09 94.07
C LEU B 120 -9.30 28.86 93.82
N ASN B 121 -10.32 28.20 93.29
CA ASN B 121 -11.56 28.91 93.00
C ASN B 121 -12.54 28.91 94.17
N ASN B 122 -12.49 27.91 95.04
CA ASN B 122 -13.56 27.73 96.02
C ASN B 122 -13.14 27.84 97.48
N ILE B 123 -11.84 27.80 97.79
CA ILE B 123 -11.40 27.91 99.17
C ILE B 123 -10.30 28.97 99.24
N PRO B 124 -10.44 29.99 100.08
CA PRO B 124 -9.56 31.17 99.99
C PRO B 124 -8.27 31.10 100.80
N GLN B 125 -7.85 29.94 101.29
CA GLN B 125 -6.60 29.85 102.06
C GLN B 125 -5.44 29.42 101.15
N LYS B 126 -5.19 30.24 100.12
CA LYS B 126 -4.16 29.92 99.14
C LYS B 126 -2.75 30.08 99.70
N ASP B 127 -2.58 30.84 100.77
CA ASP B 127 -1.26 30.95 101.40
C ASP B 127 -0.80 29.61 101.94
N GLU B 128 -1.72 28.78 102.41
CA GLU B 128 -1.38 27.42 102.83
C GLU B 128 -0.87 26.61 101.65
N LEU B 129 -1.48 26.78 100.48
CA LEU B 129 -0.98 26.09 99.28
C LEU B 129 0.41 26.57 98.91
N LEU B 130 0.66 27.88 99.00
CA LEU B 130 1.99 28.39 98.71
C LEU B 130 3.01 27.82 99.68
N GLN B 131 2.67 27.77 100.96
CA GLN B 131 3.58 27.20 101.96
C GLN B 131 3.82 25.72 101.71
N LEU B 132 2.77 24.98 101.33
CA LEU B 132 2.91 23.56 101.05
C LEU B 132 3.82 23.33 99.85
N LEU B 133 3.65 24.12 98.79
CA LEU B 133 4.50 23.97 97.62
C LEU B 133 5.94 24.35 97.93
N LYS B 134 6.14 25.39 98.75
CA LYS B 134 7.49 25.75 99.17
C LYS B 134 8.14 24.64 99.97
N ASP B 135 7.39 24.01 100.89
CA ASP B 135 7.96 22.93 101.69
C ASP B 135 8.20 21.68 100.87
N ASN B 136 7.38 21.45 99.84
CA ASN B 136 7.55 20.25 99.03
C ASN B 136 8.60 20.39 97.94
N TYR B 137 8.92 21.61 97.51
CA TYR B 137 9.77 21.80 96.34
C TYR B 137 11.10 22.48 96.62
N THR B 138 11.28 23.15 97.75
CA THR B 138 12.56 23.80 98.05
C THR B 138 13.59 22.74 98.38
N ILE B 139 14.38 22.35 97.38
CA ILE B 139 15.35 21.27 97.56
C ILE B 139 16.47 21.73 98.47
N LYS B 140 16.76 20.94 99.50
CA LYS B 140 17.78 21.28 100.49
C LYS B 140 19.12 20.63 100.16
N ASP B 141 19.11 19.37 99.75
CA ASP B 141 20.32 18.61 99.48
C ASP B 141 20.16 17.90 98.15
N VAL B 142 21.25 17.82 97.39
CA VAL B 142 21.26 17.16 96.09
C VAL B 142 22.38 16.13 96.06
N THR B 143 22.21 15.14 95.19
CA THR B 143 23.16 14.04 95.11
C THR B 143 24.44 14.47 94.39
N GLN B 144 25.44 13.61 94.38
CA GLN B 144 26.67 13.95 93.70
C GLN B 144 26.52 13.72 92.20
N GLU B 145 25.61 12.85 91.81
CA GLU B 145 25.39 12.63 90.38
C GLU B 145 24.87 13.89 89.69
N GLN B 146 23.98 14.63 90.35
CA GLN B 146 23.48 15.88 89.80
C GLN B 146 24.60 16.90 89.63
N ILE B 147 25.49 16.99 90.62
CA ILE B 147 26.63 17.90 90.54
C ILE B 147 27.55 17.49 89.39
N ASP B 148 27.73 16.18 89.21
CA ASP B 148 28.55 15.71 88.09
C ASP B 148 27.91 16.06 86.75
N ILE B 149 26.57 15.94 86.66
CA ILE B 149 25.88 16.26 85.42
C ILE B 149 26.01 17.74 85.09
N PHE B 150 25.83 18.60 86.09
CA PHE B 150 25.74 20.03 85.83
C PHE B 150 27.05 20.78 86.06
N SER B 151 28.16 20.08 86.25
CA SER B 151 29.46 20.73 86.15
C SER B 151 29.94 20.84 84.71
N MET B 152 29.17 20.28 83.77
CA MET B 152 29.48 20.35 82.35
C MET B 152 29.05 21.70 81.79
N LYS B 153 29.87 22.26 80.89
CA LYS B 153 29.55 23.54 80.28
C LYS B 153 28.58 23.35 79.12
N TRP B 154 27.38 23.89 79.25
CA TRP B 154 26.38 23.87 78.19
C TRP B 154 26.18 25.27 77.63
N ARG B 155 25.49 25.35 76.49
CA ARG B 155 25.15 26.65 75.92
C ARG B 155 24.09 27.36 76.76
N ARG B 156 22.99 26.68 77.06
CA ARG B 156 21.89 27.26 77.81
C ARG B 156 21.14 26.15 78.51
N ILE B 157 20.37 26.53 79.53
CA ILE B 157 19.62 25.58 80.35
C ILE B 157 18.15 25.95 80.29
N TYR B 158 17.31 24.98 79.96
CA TYR B 158 15.86 25.15 79.96
C TYR B 158 15.27 24.08 80.87
N THR B 159 14.53 24.50 81.89
CA THR B 159 13.95 23.58 82.85
C THR B 159 12.44 23.65 82.81
N THR B 160 11.80 22.58 83.28
CA THR B 160 10.35 22.54 83.40
C THR B 160 9.85 22.39 84.83
N ASN B 161 10.73 22.11 85.79
CA ASN B 161 10.35 21.92 87.18
C ASN B 161 10.40 23.25 87.93
N TYR B 162 9.68 23.30 89.04
CA TYR B 162 9.58 24.51 89.83
C TYR B 162 10.61 24.58 90.95
N ASP B 163 11.43 23.55 91.11
CA ASP B 163 12.36 23.48 92.23
C ASP B 163 13.64 24.23 91.91
N ASN B 164 14.54 24.28 92.89
CA ASN B 164 15.83 24.94 92.74
C ASN B 164 16.98 23.93 92.77
N ALA B 165 16.69 22.68 92.40
CA ALA B 165 17.74 21.65 92.39
C ALA B 165 18.78 21.93 91.33
N ILE B 166 18.34 22.42 90.17
CA ILE B 166 19.29 22.79 89.11
C ILE B 166 20.20 23.91 89.59
N GLU B 167 19.61 24.92 90.24
CA GLU B 167 20.42 26.03 90.76
C GLU B 167 21.40 25.54 91.80
N LEU B 168 20.92 24.81 92.82
CA LEU B 168 21.79 24.36 93.90
C LEU B 168 22.90 23.47 93.37
N SER B 169 22.61 22.64 92.36
CA SER B 169 23.67 21.90 91.69
C SER B 169 24.64 22.83 90.98
N LEU B 170 24.17 23.99 90.50
CA LEU B 170 25.09 24.91 89.84
C LEU B 170 26.04 25.57 90.84
N ILE B 171 25.49 26.08 91.92
CA ILE B 171 26.29 26.78 92.91
C ILE B 171 27.30 25.83 93.53
N LYS B 172 26.87 24.62 93.87
CA LYS B 172 27.76 23.69 94.54
C LYS B 172 29.01 23.40 93.74
N SER B 173 28.86 23.24 92.42
CA SER B 173 30.01 22.92 91.58
C SER B 173 30.80 24.16 91.21
N GLY B 174 30.85 25.15 92.09
CA GLY B 174 31.66 26.32 91.81
C GLY B 174 31.29 27.05 90.54
N LYS B 175 30.00 27.21 90.28
CA LYS B 175 29.52 27.92 89.10
C LYS B 175 28.37 28.83 89.51
N SER B 176 28.29 30.01 88.91
CA SER B 176 27.23 30.95 89.22
C SER B 176 25.92 30.50 88.60
N VAL B 177 24.86 31.25 88.90
CA VAL B 177 23.54 30.97 88.33
C VAL B 177 22.74 32.26 88.33
N THR B 178 21.98 32.49 87.25
CA THR B 178 21.07 33.62 87.11
C THR B 178 19.71 33.07 86.69
N PRO B 179 18.90 32.55 87.61
CA PRO B 179 17.65 31.90 87.22
C PRO B 179 16.59 32.93 86.83
N LEU B 180 15.98 32.72 85.66
CA LEU B 180 15.00 33.64 85.13
C LEU B 180 13.71 32.91 84.78
N THR B 181 12.61 33.66 84.83
CA THR B 181 11.27 33.20 84.53
C THR B 181 10.89 33.79 83.17
N LEU B 182 9.80 33.30 82.57
CA LEU B 182 9.33 33.80 81.28
C LEU B 182 8.95 35.27 81.31
N GLU B 183 8.73 35.86 82.49
CA GLU B 183 8.35 37.26 82.60
C GLU B 183 9.56 38.19 82.69
N ASP B 184 10.69 37.76 82.10
CA ASP B 184 11.93 38.58 82.07
C ASP B 184 12.41 38.72 80.63
N ALA B 185 12.56 39.92 80.11
CA ALA B 185 12.88 40.14 78.71
C ALA B 185 14.28 39.66 78.39
N PRO B 186 14.54 39.20 77.17
CA PRO B 186 15.90 38.74 76.82
C PRO B 186 16.87 39.86 76.46
N ASN B 187 16.40 41.09 76.29
CA ASN B 187 17.27 42.15 75.78
C ASN B 187 18.30 42.58 76.83
N GLN B 188 17.88 42.74 78.08
CA GLN B 188 18.82 43.18 79.11
C GLN B 188 19.77 42.07 79.56
N TYR B 189 19.55 40.83 79.14
CA TYR B 189 20.44 39.72 79.45
C TYR B 189 21.14 39.20 78.20
N LYS B 190 21.44 40.09 77.26
CA LYS B 190 22.09 39.70 76.03
C LYS B 190 23.52 39.24 76.27
N SER B 191 24.29 40.01 77.03
CA SER B 191 25.67 39.66 77.33
C SER B 191 25.81 38.68 78.48
N ALA B 192 24.73 38.40 79.20
CA ALA B 192 24.79 37.47 80.31
C ALA B 192 24.89 36.04 79.82
N GLU B 193 25.61 35.23 80.60
CA GLU B 193 25.75 33.80 80.34
C GLU B 193 24.87 33.05 81.33
N ASP B 194 24.99 31.71 81.27
CA ASP B 194 24.39 30.73 82.19
C ASP B 194 22.95 31.09 82.62
N ILE B 195 22.14 31.44 81.63
CA ILE B 195 20.70 31.60 81.83
C ILE B 195 20.13 30.24 82.21
N CYS B 196 19.36 30.19 83.30
CA CYS B 196 18.56 29.02 83.65
C CYS B 196 17.09 29.43 83.58
N LEU B 197 16.52 29.32 82.38
CA LEU B 197 15.16 29.79 82.14
C LEU B 197 14.16 28.73 82.60
N HIS B 198 13.20 29.13 83.42
CA HIS B 198 12.15 28.24 83.91
C HIS B 198 10.89 28.50 83.09
N ILE B 199 10.53 27.55 82.24
CA ILE B 199 9.38 27.73 81.36
C ILE B 199 8.08 27.71 82.15
N ASN B 200 7.94 26.78 83.08
CA ASN B 200 6.69 26.59 83.79
C ASN B 200 6.52 27.51 85.00
N GLY B 201 7.57 28.22 85.40
CA GLY B 201 7.50 29.12 86.54
C GLY B 201 8.54 28.76 87.58
N ARG B 202 8.48 29.48 88.71
CA ARG B 202 9.42 29.27 89.80
C ARG B 202 8.69 29.34 91.12
N ILE B 203 9.35 28.81 92.16
CA ILE B 203 8.78 28.73 93.49
C ILE B 203 9.44 29.68 94.48
N GLU B 204 10.77 29.77 94.43
CA GLU B 204 11.52 30.59 95.38
C GLU B 204 10.91 31.90 95.79
N ARG B 205 10.67 32.77 94.83
CA ARG B 205 10.18 34.12 95.12
C ARG B 205 8.92 34.41 94.33
N SER B 206 7.98 33.46 94.35
CA SER B 206 6.68 33.68 93.72
C SER B 206 5.70 34.25 94.73
N LYS B 207 5.07 35.36 94.38
CA LYS B 207 4.10 35.99 95.27
C LYS B 207 2.76 35.28 95.13
N GLU B 208 1.72 35.84 95.75
CA GLU B 208 0.42 35.19 95.75
C GLU B 208 -0.24 35.19 94.38
N SER B 209 0.18 36.08 93.48
CA SER B 209 -0.46 36.20 92.18
C SER B 209 0.16 35.30 91.11
N ASP B 210 1.22 34.57 91.44
CA ASP B 210 1.84 33.68 90.46
C ASP B 210 1.02 32.42 90.19
N LEU B 211 0.12 32.06 91.08
CA LEU B 211 -0.61 30.80 90.91
C LEU B 211 -1.56 30.88 89.74
N ASP B 212 -2.07 32.08 89.47
CA ASP B 212 -3.06 32.22 88.42
C ASP B 212 -2.50 32.03 87.02
N SER B 213 -1.30 32.53 86.76
CA SER B 213 -0.78 32.44 85.40
C SER B 213 0.70 32.12 85.32
N ALA B 214 1.48 32.63 86.27
CA ALA B 214 2.92 32.42 86.18
C ALA B 214 3.30 30.96 86.38
N ILE B 215 2.71 30.30 87.37
CA ILE B 215 3.02 28.90 87.68
C ILE B 215 1.98 28.02 87.00
N LYS B 216 2.45 27.09 86.17
CA LYS B 216 1.56 26.25 85.37
C LYS B 216 1.12 25.05 86.21
N LEU B 217 0.15 25.30 87.09
CA LEU B 217 -0.45 24.24 87.90
C LEU B 217 -1.92 24.04 87.56
N THR B 218 -2.75 25.07 87.67
CA THR B 218 -4.18 24.90 87.52
C THR B 218 -4.54 24.76 86.04
N THR B 219 -5.76 24.26 85.81
CA THR B 219 -6.26 24.15 84.44
C THR B 219 -6.43 25.53 83.82
N SER B 220 -6.92 26.50 84.60
CA SER B 220 -7.09 27.85 84.10
C SER B 220 -5.75 28.51 83.78
N SER B 221 -4.67 28.07 84.42
CA SER B 221 -3.36 28.60 84.10
C SER B 221 -2.83 28.06 82.78
N TYR B 222 -3.36 26.94 82.29
CA TYR B 222 -2.95 26.41 81.00
C TYR B 222 -3.70 27.04 79.84
N LEU B 223 -4.71 27.87 80.11
CA LEU B 223 -5.56 28.44 79.07
C LEU B 223 -5.44 29.96 79.00
N SER B 224 -4.50 30.56 79.72
CA SER B 224 -4.34 32.00 79.69
C SER B 224 -3.80 32.44 78.32
N PRO B 225 -4.14 33.65 77.89
CA PRO B 225 -3.61 34.14 76.60
C PRO B 225 -2.09 34.21 76.54
N GLU B 226 -1.44 34.48 77.67
CA GLU B 226 0.01 34.56 77.73
C GLU B 226 0.57 33.16 77.95
N GLN B 227 1.32 32.64 76.98
CA GLN B 227 1.89 31.31 77.06
C GLN B 227 3.34 31.32 76.58
N PHE B 228 3.93 30.14 76.42
CA PHE B 228 5.26 30.07 75.82
C PHE B 228 5.22 30.33 74.32
N LEU B 229 4.08 30.10 73.68
CA LEU B 229 3.95 30.39 72.26
C LEU B 229 4.09 31.87 71.97
N THR B 230 3.51 32.72 72.81
CA THR B 230 3.44 34.14 72.56
C THR B 230 4.55 34.93 73.25
N SER B 231 5.45 34.26 73.97
CA SER B 231 6.47 34.97 74.73
C SER B 231 7.65 35.34 73.84
N SER B 232 8.48 36.26 74.35
CA SER B 232 9.63 36.73 73.61
C SER B 232 10.78 35.73 73.61
N TRP B 233 10.79 34.77 74.54
CA TRP B 233 11.82 33.76 74.58
C TRP B 233 11.62 32.66 73.54
N TYR B 234 10.50 32.67 72.84
CA TYR B 234 10.23 31.65 71.82
C TYR B 234 11.25 31.74 70.69
N ARG B 235 11.50 32.95 70.19
CA ARG B 235 12.46 33.10 69.10
C ARG B 235 13.87 32.78 69.56
N GLN B 236 14.21 33.14 70.80
CA GLN B 236 15.51 32.78 71.33
C GLN B 236 15.69 31.28 71.41
N PHE B 237 14.66 30.57 71.87
CA PHE B 237 14.74 29.11 71.93
C PHE B 237 14.86 28.50 70.54
N LYS B 238 14.11 29.02 69.57
CA LYS B 238 14.20 28.49 68.21
C LYS B 238 15.59 28.71 67.63
N ALA B 239 16.15 29.91 67.82
CA ALA B 239 17.49 30.18 67.33
C ALA B 239 18.53 29.31 68.01
N ASP B 240 18.35 29.06 69.31
CA ASP B 240 19.33 28.26 70.04
C ASP B 240 19.29 26.80 69.63
N ILE B 241 18.11 26.22 69.44
CA ILE B 241 18.08 24.85 68.92
C ILE B 241 18.49 24.81 67.45
N ASP B 242 18.45 25.94 66.74
CA ASP B 242 19.01 25.95 65.40
C ASP B 242 20.53 26.01 65.40
N ASN B 243 21.14 26.64 66.40
CA ASN B 243 22.59 26.82 66.44
C ASN B 243 23.30 25.83 67.35
N ALA B 244 22.59 24.93 68.02
CA ALA B 244 23.22 24.04 68.98
C ALA B 244 23.79 22.81 68.28
N SER B 245 24.87 22.27 68.85
CA SER B 245 25.45 21.04 68.33
C SER B 245 24.66 19.82 68.74
N ALA B 246 24.06 19.81 69.93
CA ALA B 246 23.26 18.68 70.37
C ALA B 246 22.20 19.17 71.35
N ILE B 247 21.12 18.41 71.45
CA ILE B 247 20.04 18.67 72.39
C ILE B 247 19.85 17.43 73.25
N VAL B 248 19.85 17.61 74.57
CA VAL B 248 19.77 16.52 75.53
C VAL B 248 18.55 16.74 76.41
N PHE B 249 17.68 15.74 76.47
CA PHE B 249 16.50 15.76 77.33
C PHE B 249 16.75 14.84 78.51
N LEU B 250 16.76 15.40 79.72
CA LEU B 250 17.03 14.65 80.93
C LEU B 250 15.70 14.31 81.60
N GLY B 251 15.17 13.13 81.30
CA GLY B 251 13.98 12.64 81.97
C GLY B 251 12.72 13.44 81.69
N TYR B 252 12.48 13.81 80.44
CA TYR B 252 11.32 14.60 80.06
C TYR B 252 10.39 13.73 79.22
N SER B 253 9.13 13.63 79.66
CA SER B 253 8.13 12.82 78.97
C SER B 253 7.47 13.55 77.82
N MET B 254 7.82 14.82 77.61
CA MET B 254 7.32 15.65 76.51
C MET B 254 5.80 15.74 76.53
N TYR B 255 5.28 16.30 77.63
CA TYR B 255 3.85 16.52 77.76
C TYR B 255 3.41 17.69 76.89
N ASP B 256 4.18 18.78 76.89
CA ASP B 256 3.73 20.03 76.28
C ASP B 256 3.64 19.90 74.76
N ILE B 257 2.55 20.43 74.20
CA ILE B 257 2.28 20.31 72.78
C ILE B 257 3.23 21.14 71.93
N ASP B 258 3.58 22.35 72.40
CA ASP B 258 4.34 23.28 71.57
C ASP B 258 5.73 22.77 71.24
N ILE B 259 6.40 22.16 72.21
CA ILE B 259 7.75 21.65 71.97
C ILE B 259 7.71 20.49 70.96
N GLN B 260 6.71 19.61 71.09
CA GLN B 260 6.54 18.55 70.11
C GLN B 260 6.25 19.11 68.72
N LYS B 261 5.44 20.16 68.65
CA LYS B 261 5.13 20.77 67.36
C LYS B 261 6.38 21.38 66.73
N ILE B 262 7.28 21.91 67.56
CA ILE B 262 8.56 22.38 67.03
C ILE B 262 9.39 21.22 66.49
N PHE B 263 9.50 20.15 67.27
CA PHE B 263 10.48 19.12 66.96
C PHE B 263 10.02 18.14 65.89
N PHE B 264 8.72 18.06 65.60
CA PHE B 264 8.21 16.99 64.76
C PHE B 264 8.61 17.16 63.30
N ASN B 265 8.50 18.39 62.77
CA ASN B 265 8.60 18.58 61.32
C ASN B 265 10.01 18.36 60.81
N ASP B 266 11.00 18.97 61.47
CA ASP B 266 12.35 19.06 60.92
C ASP B 266 13.08 17.73 61.02
N SER B 267 14.06 17.56 60.13
CA SER B 267 14.92 16.39 60.12
C SER B 267 16.35 16.70 60.53
N SER B 268 16.82 17.93 60.33
CA SER B 268 18.14 18.29 60.84
C SER B 268 18.14 18.37 62.36
N ILE B 269 17.03 18.83 62.95
CA ILE B 269 16.91 18.86 64.40
C ILE B 269 16.79 17.44 64.95
N LYS B 270 16.08 16.57 64.24
CA LYS B 270 15.85 15.21 64.72
C LYS B 270 17.15 14.41 64.80
N SER B 271 18.11 14.71 63.92
CA SER B 271 19.35 13.95 63.86
C SER B 271 20.35 14.33 64.95
N LYS B 272 20.04 15.35 65.77
CA LYS B 272 20.94 15.76 66.84
C LYS B 272 20.39 15.54 68.24
N THR B 273 19.12 15.15 68.38
CA THR B 273 18.51 15.02 69.68
C THR B 273 18.92 13.72 70.37
N PHE B 274 18.83 13.73 71.70
CA PHE B 274 19.12 12.56 72.52
C PHE B 274 18.18 12.56 73.71
N PHE B 275 17.61 11.39 74.01
CA PHE B 275 16.69 11.22 75.13
C PHE B 275 17.31 10.30 76.16
N ILE B 276 17.23 10.69 77.42
CA ILE B 276 17.78 9.91 78.54
C ILE B 276 16.61 9.47 79.41
N THR B 277 16.13 8.24 79.19
CA THR B 277 15.00 7.71 79.93
C THR B 277 15.47 6.77 81.04
N ARG B 278 14.51 6.35 81.86
CA ARG B 278 14.81 5.50 83.02
C ARG B 278 15.10 4.07 82.58
N GLU B 279 15.73 3.31 83.48
CA GLU B 279 16.07 1.93 83.23
C GLU B 279 14.84 1.04 83.20
N GLY B 280 15.02 -0.18 82.70
CA GLY B 280 13.98 -1.18 82.72
C GLY B 280 12.77 -0.85 81.89
N THR B 281 12.96 -0.37 80.67
CA THR B 281 11.86 -0.05 79.77
C THR B 281 12.07 -0.72 78.42
N THR B 282 10.97 -1.04 77.77
CA THR B 282 10.97 -1.66 76.45
C THR B 282 10.66 -0.63 75.37
N LYS B 283 10.87 -1.03 74.12
CA LYS B 283 10.82 -0.08 73.01
C LYS B 283 9.43 0.51 72.82
N PHE B 284 8.39 -0.31 72.93
CA PHE B 284 7.04 0.23 72.78
C PHE B 284 6.62 1.08 73.97
N GLN B 285 7.27 0.95 75.12
CA GLN B 285 6.90 1.75 76.27
C GLN B 285 7.29 3.22 76.10
N ASN B 286 8.17 3.52 75.17
CA ASN B 286 8.59 4.90 74.88
C ASN B 286 8.47 5.17 73.38
N TYR B 287 7.34 4.76 72.79
CA TYR B 287 7.17 4.95 71.36
C TYR B 287 6.99 6.42 71.00
N LYS B 288 6.36 7.20 71.89
CA LYS B 288 6.17 8.63 71.63
C LYS B 288 7.50 9.38 71.58
N LEU B 289 8.42 9.05 72.48
CA LEU B 289 9.67 9.77 72.56
C LEU B 289 10.61 9.44 71.40
N ALA B 290 10.47 8.26 70.82
CA ALA B 290 11.36 7.86 69.73
C ALA B 290 11.02 8.52 68.41
N MET B 291 9.86 9.15 68.29
CA MET B 291 9.44 9.78 67.04
C MET B 291 10.23 11.03 66.74
N PHE B 292 10.56 11.80 67.76
CA PHE B 292 11.30 13.05 67.61
C PHE B 292 12.81 12.87 67.64
N GLY B 293 13.30 11.69 67.96
CA GLY B 293 14.73 11.48 67.97
C GLY B 293 15.11 10.21 68.71
N GLU B 294 16.42 9.96 68.72
CA GLU B 294 16.96 8.76 69.33
C GLU B 294 16.77 8.79 70.84
N VAL B 295 16.57 7.60 71.43
CA VAL B 295 16.34 7.46 72.85
C VAL B 295 17.42 6.54 73.43
N ILE B 296 18.02 6.96 74.54
CA ILE B 296 19.02 6.18 75.25
C ILE B 296 18.49 5.92 76.65
N ASN B 297 18.18 4.65 76.94
CA ASN B 297 17.55 4.29 78.21
C ASN B 297 18.64 3.83 79.18
N ILE B 298 19.33 4.81 79.75
CA ILE B 298 20.36 4.54 80.75
C ILE B 298 20.14 5.28 82.05
N GLY B 299 19.21 6.23 82.12
CA GLY B 299 18.99 6.98 83.32
C GLY B 299 19.97 8.13 83.49
N VAL B 300 19.65 9.01 84.45
CA VAL B 300 20.51 10.16 84.70
C VAL B 300 21.83 9.74 85.33
N ASN B 301 21.81 8.70 86.17
CA ASN B 301 23.02 8.27 86.87
C ASN B 301 24.09 7.79 85.90
N ALA B 302 23.70 7.04 84.87
CA ALA B 302 24.67 6.61 83.88
C ALA B 302 25.17 7.77 83.03
N PHE B 303 24.33 8.78 82.80
CA PHE B 303 24.76 9.95 82.06
C PHE B 303 25.75 10.78 82.86
N SER B 304 25.69 10.71 84.19
CA SER B 304 26.61 11.47 85.02
C SER B 304 28.05 11.08 84.76
N HIS B 305 28.30 9.79 84.50
CA HIS B 305 29.65 9.32 84.20
C HIS B 305 30.17 9.91 82.90
N ILE B 306 29.33 9.95 81.86
CA ILE B 306 29.75 10.52 80.58
C ILE B 306 29.99 12.02 80.72
N ALA B 307 29.15 12.70 81.48
CA ALA B 307 29.35 14.13 81.72
C ALA B 307 30.66 14.39 82.44
N ALA B 308 30.97 13.58 83.46
CA ALA B 308 32.23 13.73 84.17
C ALA B 308 33.41 13.42 83.27
N LYS B 309 33.23 12.49 82.34
CA LYS B 309 34.30 12.19 81.37
C LYS B 309 34.55 13.38 80.45
N CYS B 310 33.50 14.04 79.98
CA CYS B 310 33.63 15.11 79.00
C CYS B 310 33.77 16.50 79.62
N ILE B 311 33.80 16.58 80.96
CA ILE B 311 33.99 17.86 81.64
C ILE B 311 35.27 18.55 81.18
N GLU B 312 36.36 17.80 81.06
CA GLU B 312 37.64 18.41 80.69
C GLU B 312 37.61 18.88 79.24
N GLU B 313 37.05 18.07 78.34
CA GLU B 313 37.09 18.41 76.93
C GLU B 313 36.10 19.51 76.56
N SER B 314 35.09 19.74 77.40
CA SER B 314 34.11 20.78 77.06
C SER B 314 34.69 22.18 77.26
N HIS B 315 35.37 22.42 78.37
CA HIS B 315 35.78 23.77 78.75
C HIS B 315 36.92 24.33 77.91
N GLN B 316 37.53 23.53 77.05
CA GLN B 316 38.69 23.97 76.28
C GLN B 316 38.45 24.01 74.78
N ASP B 317 37.23 23.76 74.31
CA ASP B 317 36.97 23.74 72.88
C ASP B 317 37.04 25.13 72.28
N LYS B 318 37.72 25.23 71.14
CA LYS B 318 37.87 26.52 70.46
C LYS B 318 38.20 26.27 68.99
N GLU B 319 37.42 26.88 68.11
CA GLU B 319 37.64 26.75 66.67
C GLU B 319 36.93 27.90 65.97
N VAL B 320 37.62 28.54 65.02
CA VAL B 320 37.05 29.69 64.34
C VAL B 320 36.07 29.29 63.25
N GLY B 321 36.13 28.06 62.75
CA GLY B 321 35.20 27.62 61.73
C GLY B 321 35.43 28.32 60.40
N LEU B 322 34.36 28.39 59.61
CA LEU B 322 34.37 29.06 58.32
C LEU B 322 33.10 29.87 58.15
N ILE B 323 33.20 30.96 57.41
CA ILE B 323 32.06 31.80 57.08
C ILE B 323 31.65 31.51 55.64
N ASN B 324 30.45 30.95 55.46
CA ASN B 324 30.06 30.42 54.17
C ASN B 324 29.03 31.27 53.43
N SER B 325 28.34 32.18 54.11
CA SER B 325 27.33 33.01 53.45
C SER B 325 27.76 34.47 53.33
N LEU B 326 29.02 34.79 53.64
CA LEU B 326 29.55 36.13 53.46
C LEU B 326 30.94 36.01 52.84
N GLU B 327 31.37 37.08 52.16
CA GLU B 327 32.66 37.11 51.51
C GLU B 327 33.48 38.31 52.01
N LEU B 328 34.73 38.03 52.36
CA LEU B 328 35.62 39.05 52.92
C LEU B 328 36.36 39.75 51.79
N TYR B 329 36.31 41.07 51.79
CA TYR B 329 36.93 41.88 50.75
C TYR B 329 38.43 41.98 50.98
N THR B 330 39.17 42.16 49.88
CA THR B 330 40.61 42.32 49.97
C THR B 330 40.97 43.56 49.15
N PRO B 331 41.93 44.36 49.63
CA PRO B 331 42.29 45.61 48.95
C PRO B 331 43.20 45.33 47.75
N GLY B 332 43.66 46.42 47.14
CA GLY B 332 44.55 46.33 46.00
C GLY B 332 46.00 46.31 46.42
N GLU B 333 46.76 45.37 45.87
CA GLU B 333 48.17 45.21 46.19
C GLU B 333 49.09 45.54 45.02
N GLU B 334 48.57 45.57 43.79
CA GLU B 334 49.39 45.80 42.61
C GLU B 334 48.78 46.93 41.80
N HIS B 335 49.63 47.83 41.32
CA HIS B 335 49.20 48.95 40.48
C HIS B 335 49.02 48.45 39.05
N ASP B 336 47.83 48.65 38.50
CA ASP B 336 47.50 48.22 37.15
C ASP B 336 47.41 49.44 36.22
N GLU B 337 47.78 49.24 34.96
CA GLU B 337 47.63 50.31 33.98
C GLU B 337 46.17 50.48 33.60
N ILE B 338 45.82 51.70 33.16
CA ILE B 338 44.46 52.04 32.74
C ILE B 338 44.52 52.53 31.30
N ARG B 339 43.62 52.00 30.47
CA ARG B 339 43.47 52.41 29.08
C ARG B 339 42.11 53.07 28.91
N ASP B 340 41.95 53.77 27.79
CA ASP B 340 40.67 54.42 27.50
C ASP B 340 39.56 53.41 27.24
N ASN B 341 39.91 52.20 26.82
CA ASN B 341 38.91 51.15 26.66
C ASN B 341 38.27 50.79 27.99
N ASP B 342 39.06 50.75 29.06
CA ASP B 342 38.51 50.50 30.38
C ASP B 342 37.57 51.61 30.82
N ILE B 343 37.94 52.86 30.53
CA ILE B 343 37.08 54.00 30.85
C ILE B 343 35.75 53.88 30.12
N ALA B 344 35.81 53.59 28.82
CA ALA B 344 34.59 53.49 28.02
C ALA B 344 33.73 52.33 28.48
N ASN B 345 34.35 51.19 28.80
CA ASN B 345 33.59 50.04 29.28
C ASN B 345 32.92 50.34 30.62
N PHE B 346 33.64 50.97 31.54
CA PHE B 346 33.08 51.32 32.84
C PHE B 346 31.93 52.32 32.70
N MET B 347 32.07 53.30 31.80
CA MET B 347 31.05 54.33 31.70
C MET B 347 29.82 53.83 30.94
N ILE B 348 30.02 53.22 29.77
CA ILE B 348 28.92 52.84 28.90
C ILE B 348 28.36 51.48 29.28
N PHE B 349 29.24 50.49 29.44
CA PHE B 349 28.81 49.10 29.49
C PHE B 349 28.52 48.61 30.90
N GLY B 350 29.07 49.25 31.92
CA GLY B 350 28.83 48.87 33.29
C GLY B 350 29.79 47.85 33.86
N LYS B 351 30.75 47.37 33.07
CA LYS B 351 31.70 46.35 33.52
C LYS B 351 32.94 47.03 34.09
N VAL B 352 33.19 46.78 35.38
CA VAL B 352 34.35 47.36 36.05
C VAL B 352 34.84 46.39 37.11
N SER B 353 36.14 46.11 37.11
CA SER B 353 36.71 45.23 38.09
C SER B 353 36.92 45.98 39.41
N ASP B 354 37.18 45.21 40.48
CA ASP B 354 37.39 45.83 41.77
C ASP B 354 38.78 46.46 41.87
N ARG B 355 39.72 46.03 41.03
CA ARG B 355 41.05 46.63 41.01
C ARG B 355 40.95 48.11 40.61
N TYR B 356 40.06 48.41 39.66
CA TYR B 356 39.82 49.78 39.24
C TYR B 356 39.31 50.64 40.40
N ILE B 357 38.34 50.11 41.17
CA ILE B 357 37.75 50.87 42.27
C ILE B 357 38.76 51.06 43.38
N ASP B 358 39.63 50.08 43.62
CA ASP B 358 40.72 50.30 44.57
C ASP B 358 41.71 51.35 44.08
N GLU B 359 41.96 51.39 42.78
CA GLU B 359 42.92 52.36 42.27
C GLU B 359 42.39 53.79 42.36
N VAL B 360 41.12 53.99 42.03
CA VAL B 360 40.58 55.34 41.90
C VAL B 360 40.21 55.93 43.25
N THR B 361 40.60 55.28 44.34
CA THR B 361 40.33 55.79 45.69
C THR B 361 41.58 56.11 46.48
N LEU B 362 42.73 55.55 46.15
CA LEU B 362 43.94 55.91 46.88
C LEU B 362 44.32 57.35 46.58
N ASN B 363 44.29 57.71 45.30
CA ASN B 363 44.66 59.06 44.89
C ASN B 363 43.40 59.79 44.44
N ASP B 364 43.24 61.02 44.92
CA ASP B 364 42.03 61.78 44.66
C ASP B 364 42.15 62.72 43.47
N ASN B 365 43.27 62.71 42.75
CA ASN B 365 43.46 63.57 41.60
C ASN B 365 43.10 62.89 40.29
N MET B 366 42.57 61.67 40.33
CA MET B 366 42.11 60.99 39.12
C MET B 366 40.66 61.37 38.82
N HIS B 367 40.40 62.63 38.56
CA HIS B 367 39.02 63.04 38.35
C HIS B 367 38.51 62.69 36.97
N ASP B 368 39.40 62.26 36.08
CA ASP B 368 39.01 61.96 34.71
C ASP B 368 38.59 60.53 34.53
N LYS B 369 38.47 59.80 35.63
CA LYS B 369 38.05 58.41 35.56
C LYS B 369 36.82 58.11 36.39
N ILE B 370 36.45 58.97 37.31
CA ILE B 370 35.31 58.66 38.15
C ILE B 370 34.80 59.88 38.89
N ILE B 371 33.49 60.02 38.97
CA ILE B 371 32.90 61.17 39.65
C ILE B 371 32.98 60.95 41.15
N LEU B 372 33.65 61.88 41.84
CA LEU B 372 33.86 61.77 43.28
C LEU B 372 32.69 62.44 43.99
N ARG B 373 31.74 61.63 44.46
CA ARG B 373 30.59 62.15 45.18
C ARG B 373 31.02 62.64 46.56
N GLU B 374 30.19 63.51 47.14
CA GLU B 374 30.44 64.06 48.46
C GLU B 374 29.87 63.18 49.58
N GLU B 375 28.84 62.39 49.30
CA GLU B 375 28.15 61.64 50.34
C GLU B 375 29.00 60.53 50.93
N VAL B 376 30.04 60.08 50.23
CA VAL B 376 30.87 58.99 50.74
C VAL B 376 31.63 59.43 51.99
N SER B 377 32.12 60.67 51.99
CA SER B 377 32.82 61.19 53.16
C SER B 377 31.86 61.33 54.35
N LYS B 378 30.64 61.79 54.11
CA LYS B 378 29.66 61.89 55.19
C LYS B 378 29.28 60.52 55.72
N ILE B 379 29.17 59.52 54.86
CA ILE B 379 28.83 58.17 55.33
C ILE B 379 29.97 57.58 56.14
N ILE B 380 31.21 57.81 55.72
CA ILE B 380 32.36 57.35 56.50
C ILE B 380 32.38 58.03 57.86
N GLU B 381 32.11 59.34 57.91
CA GLU B 381 32.07 60.05 59.17
C GLU B 381 30.95 59.55 60.08
N HIS B 382 29.78 59.23 59.50
CA HIS B 382 28.67 58.69 60.27
C HIS B 382 28.96 57.29 60.77
N ILE B 383 29.74 56.49 60.03
CA ILE B 383 30.07 55.14 60.45
C ILE B 383 31.24 55.10 61.43
N GLU B 384 32.02 56.16 61.51
CA GLU B 384 33.10 56.21 62.50
C GLU B 384 32.56 56.56 63.88
N THR B 385 31.30 57.00 63.96
CA THR B 385 30.68 57.33 65.23
C THR B 385 29.72 56.24 65.69
N ASP B 386 29.96 55.00 65.26
CA ASP B 386 29.19 53.82 65.68
C ASP B 386 27.71 53.96 65.35
N ASN B 387 27.42 54.21 64.08
CA ASN B 387 26.07 54.28 63.55
C ASN B 387 25.97 53.46 62.28
N ASP B 388 24.79 52.97 61.99
CA ASP B 388 24.53 52.22 60.77
C ASP B 388 23.93 53.15 59.70
N ILE B 389 24.11 52.75 58.45
CA ILE B 389 23.72 53.57 57.31
C ILE B 389 22.66 52.82 56.51
N LEU B 390 21.79 53.59 55.87
CA LEU B 390 20.78 53.05 54.95
C LEU B 390 20.77 53.93 53.72
N ILE B 391 21.08 53.34 52.56
CA ILE B 391 21.19 54.07 51.30
C ILE B 391 19.98 53.73 50.44
N ALA B 392 19.18 54.73 50.09
CA ALA B 392 18.01 54.55 49.25
C ALA B 392 18.09 55.51 48.09
N SER B 393 18.03 55.00 46.87
CA SER B 393 18.11 55.84 45.68
C SER B 393 17.49 55.11 44.50
N ASP B 394 17.18 55.88 43.47
CA ASP B 394 16.36 55.40 42.38
C ASP B 394 17.19 54.53 41.43
N LEU B 395 16.64 54.25 40.25
CA LEU B 395 17.21 53.27 39.33
C LEU B 395 18.52 53.79 38.75
N GLY B 396 19.61 53.12 39.09
CA GLY B 396 20.91 53.40 38.49
C GLY B 396 21.53 54.75 38.81
N ASN B 397 21.44 55.20 40.06
CA ASN B 397 22.00 56.49 40.46
C ASN B 397 23.32 56.37 41.19
N GLY B 398 23.90 55.18 41.26
CA GLY B 398 25.22 55.03 41.86
C GLY B 398 25.23 54.51 43.28
N LYS B 399 24.47 53.46 43.56
CA LYS B 399 24.50 52.83 44.89
C LYS B 399 25.53 51.72 44.98
N SER B 400 25.58 50.83 43.99
CA SER B 400 26.52 49.71 44.06
C SER B 400 27.96 50.18 43.92
N ILE B 401 28.21 51.15 43.04
CA ILE B 401 29.56 51.67 42.89
C ILE B 401 30.00 52.41 44.14
N MET B 402 29.07 53.14 44.77
CA MET B 402 29.40 53.80 46.03
C MET B 402 29.67 52.79 47.13
N THR B 403 28.90 51.69 47.16
CA THR B 403 29.15 50.64 48.13
C THR B 403 30.54 50.04 47.96
N ARG B 404 30.95 49.82 46.72
CA ARG B 404 32.29 49.29 46.46
C ARG B 404 33.37 50.29 46.85
N MET B 405 33.18 51.58 46.59
CA MET B 405 34.18 52.54 47.03
C MET B 405 34.21 52.63 48.55
N LEU B 406 33.06 52.51 49.20
CA LEU B 406 32.99 52.55 50.66
C LEU B 406 33.74 51.39 51.27
N MET B 407 33.53 50.19 50.74
CA MET B 407 34.24 49.03 51.30
C MET B 407 35.68 48.98 50.86
N SER B 408 36.07 49.71 49.81
CA SER B 408 37.48 49.85 49.51
C SER B 408 38.18 50.81 50.46
N LYS B 409 37.50 51.89 50.85
CA LYS B 409 38.11 52.85 51.78
C LYS B 409 38.10 52.37 53.23
N LEU B 410 37.03 51.69 53.65
CA LEU B 410 36.94 51.23 55.03
C LEU B 410 37.94 50.11 55.32
N SER B 411 38.33 49.35 54.30
CA SER B 411 39.39 48.37 54.48
C SER B 411 40.71 49.04 54.81
N ARG B 412 41.00 50.16 54.15
CA ARG B 412 42.22 50.91 54.47
C ARG B 412 42.11 51.61 55.82
N LYS B 413 40.90 52.01 56.21
CA LYS B 413 40.74 52.69 57.49
C LYS B 413 40.99 51.78 58.69
N GLY B 414 40.82 50.47 58.53
CA GLY B 414 41.08 49.55 59.62
C GLY B 414 39.92 48.69 60.05
N TYR B 415 39.02 48.38 59.12
CA TYR B 415 37.85 47.54 59.39
C TYR B 415 37.97 46.21 58.66
N LEU B 416 36.93 45.39 58.78
CA LEU B 416 36.81 44.13 58.05
C LEU B 416 35.48 44.14 57.32
N CYS B 417 35.51 44.29 56.00
CA CYS B 417 34.31 44.48 55.20
C CYS B 417 33.85 43.15 54.61
N PHE B 418 32.61 42.76 54.92
CA PHE B 418 32.05 41.48 54.50
C PHE B 418 30.89 41.74 53.54
N TYR B 419 31.16 41.62 52.25
CA TYR B 419 30.10 41.72 51.25
C TYR B 419 29.19 40.49 51.33
N TYR B 420 27.90 40.71 51.19
CA TYR B 420 26.93 39.63 51.33
C TYR B 420 26.86 38.82 50.04
N LEU B 421 26.91 37.50 50.18
CA LEU B 421 26.73 36.58 49.07
C LEU B 421 25.36 35.93 49.16
N TYR B 422 24.69 35.80 48.01
CA TYR B 422 23.39 35.13 47.97
C TYR B 422 23.62 33.62 47.83
N ASN B 423 24.20 33.05 48.88
CA ASN B 423 24.58 31.65 48.93
C ASN B 423 23.46 30.83 49.56
N GLU B 424 23.56 29.51 49.43
CA GLU B 424 22.56 28.63 50.00
C GLU B 424 22.87 28.26 51.45
N PHE B 425 24.05 28.58 51.96
CA PHE B 425 24.41 28.24 53.32
C PHE B 425 23.68 29.14 54.30
N SER B 426 23.64 28.70 55.56
CA SER B 426 22.93 29.43 56.58
C SER B 426 23.68 30.71 56.97
N PHE B 427 22.94 31.66 57.51
CA PHE B 427 23.49 32.95 57.89
C PHE B 427 23.71 33.10 59.38
N SER B 428 22.89 32.44 60.20
CA SER B 428 22.96 32.63 61.65
C SER B 428 24.28 32.11 62.22
N LYS B 429 24.74 30.96 61.75
CA LYS B 429 26.04 30.46 62.21
C LYS B 429 27.16 31.37 61.77
N ASP B 430 27.03 32.01 60.61
CA ASP B 430 28.08 32.91 60.15
C ASP B 430 28.15 34.17 61.00
N ILE B 431 27.01 34.78 61.33
CA ILE B 431 27.06 35.97 62.16
C ILE B 431 27.50 35.62 63.58
N GLU B 432 27.14 34.42 64.06
CA GLU B 432 27.63 33.98 65.36
C GLU B 432 29.16 33.82 65.36
N ARG B 433 29.71 33.19 64.33
CA ARG B 433 31.15 33.05 64.23
C ARG B 433 31.84 34.40 64.08
N LEU B 434 31.20 35.34 63.40
CA LEU B 434 31.74 36.69 63.31
C LEU B 434 31.75 37.37 64.68
N SER B 435 30.70 37.13 65.48
CA SER B 435 30.67 37.67 66.82
C SER B 435 31.75 37.06 67.70
N LYS B 436 32.12 35.81 67.43
CA LYS B 436 33.19 35.17 68.21
C LYS B 436 34.55 35.81 67.98
N LEU B 437 34.71 36.63 66.94
CA LEU B 437 35.97 37.31 66.67
C LEU B 437 36.15 38.50 67.60
N GLY B 438 37.26 39.22 67.41
CA GLY B 438 37.58 40.35 68.25
C GLY B 438 38.01 41.59 67.50
N GLN B 439 37.41 41.84 66.33
CA GLN B 439 37.75 42.98 65.51
C GLN B 439 36.49 43.77 65.17
N LYS B 440 36.69 44.99 64.68
CA LYS B 440 35.58 45.82 64.21
C LYS B 440 35.20 45.40 62.80
N ILE B 441 33.95 44.97 62.63
CA ILE B 441 33.50 44.34 61.40
C ILE B 441 32.26 45.06 60.91
N VAL B 442 32.24 45.43 59.62
CA VAL B 442 31.05 45.96 58.98
C VAL B 442 30.58 44.94 57.95
N ILE B 443 29.26 44.91 57.73
CA ILE B 443 28.65 43.94 56.83
C ILE B 443 27.76 44.70 55.85
N PHE B 444 28.07 44.58 54.57
CA PHE B 444 27.31 45.24 53.52
C PHE B 444 26.27 44.27 52.96
N ILE B 445 25.02 44.69 52.95
CA ILE B 445 23.93 43.93 52.35
C ILE B 445 23.35 44.78 51.24
N ASP B 446 23.36 44.25 50.03
CA ASP B 446 22.93 44.98 48.84
C ASP B 446 21.56 44.52 48.42
N ASP B 447 20.63 45.47 48.26
CA ASP B 447 19.24 45.24 47.88
C ASP B 447 18.56 44.29 48.89
N TYR B 448 18.45 44.80 50.11
CA TYR B 448 18.02 44.00 51.25
C TYR B 448 16.57 43.52 51.15
N SER B 449 15.78 44.09 50.24
CA SER B 449 14.42 43.61 50.06
C SER B 449 14.36 42.22 49.44
N ASN B 450 15.48 41.70 48.95
CA ASN B 450 15.56 40.33 48.46
C ASN B 450 16.00 39.34 49.53
N CYS B 451 16.71 39.81 50.55
CA CYS B 451 17.16 39.00 51.69
C CYS B 451 16.66 39.62 52.98
N ILE B 452 15.37 39.97 52.97
CA ILE B 452 14.73 40.64 54.10
C ILE B 452 14.84 39.82 55.37
N ASP B 453 14.67 38.49 55.29
CA ASP B 453 14.73 37.67 56.51
C ASP B 453 16.14 37.62 57.09
N ASP B 454 17.16 37.55 56.23
CA ASP B 454 18.53 37.60 56.71
C ASP B 454 18.84 38.95 57.34
N THR B 455 18.29 40.03 56.78
CA THR B 455 18.46 41.33 57.44
C THR B 455 17.70 41.40 58.76
N ARG B 456 16.54 40.73 58.85
CA ARG B 456 15.82 40.64 60.11
C ARG B 456 16.70 40.02 61.19
N TYR B 457 17.30 38.87 60.88
CA TYR B 457 18.18 38.24 61.86
C TYR B 457 19.46 39.05 62.08
N ALA B 458 19.88 39.84 61.09
CA ALA B 458 21.09 40.65 61.25
C ALA B 458 20.87 41.80 62.21
N ILE B 459 19.71 42.47 62.11
CA ILE B 459 19.48 43.64 62.95
C ILE B 459 18.81 43.29 64.28
N GLU B 460 18.15 42.14 64.39
CA GLU B 460 17.53 41.76 65.65
C GLU B 460 18.57 41.34 66.68
N ASN B 461 19.52 40.51 66.27
CA ASN B 461 20.51 39.92 67.17
C ASN B 461 21.90 40.48 66.95
N ARG B 462 22.00 41.79 66.76
CA ARG B 462 23.30 42.39 66.49
C ARG B 462 24.15 42.43 67.76
N LYS B 463 25.46 42.39 67.56
CA LYS B 463 26.43 42.40 68.64
C LYS B 463 27.03 43.80 68.77
N ASP B 464 28.05 43.93 69.62
CA ASP B 464 28.65 45.22 69.93
C ASP B 464 29.81 45.57 69.00
N ASN B 465 30.22 44.68 68.11
CA ASN B 465 31.32 44.96 67.20
C ASN B 465 30.94 44.76 65.74
N ILE B 466 29.65 44.63 65.43
CA ILE B 466 29.19 44.39 64.07
C ILE B 466 28.34 45.58 63.64
N GLN B 467 28.76 46.23 62.55
CA GLN B 467 28.02 47.33 61.95
C GLN B 467 27.37 46.89 60.65
N LEU B 468 26.31 47.58 60.26
CA LEU B 468 25.51 47.18 59.11
C LEU B 468 25.30 48.36 58.17
N VAL B 469 25.41 48.08 56.87
CA VAL B 469 25.09 49.04 55.82
C VAL B 469 24.13 48.37 54.86
N LEU B 470 22.99 49.01 54.61
CA LEU B 470 21.96 48.45 53.73
C LEU B 470 21.70 49.43 52.60
N THR B 471 21.62 48.91 51.38
CA THR B 471 21.25 49.68 50.21
C THR B 471 19.99 49.11 49.60
N THR B 472 19.16 49.98 49.03
CA THR B 472 17.91 49.56 48.42
C THR B 472 17.44 50.63 47.46
N ARG B 473 16.41 50.30 46.69
CA ARG B 473 15.72 51.27 45.85
C ARG B 473 14.56 51.88 46.63
N HIS B 474 13.93 52.89 46.03
CA HIS B 474 12.79 53.53 46.68
C HIS B 474 11.60 52.59 46.76
N PHE B 475 11.35 51.80 45.71
CA PHE B 475 10.22 50.88 45.72
C PHE B 475 10.42 49.77 46.75
N GLY B 476 11.64 49.25 46.86
CA GLY B 476 11.90 48.23 47.86
C GLY B 476 11.83 48.75 49.28
N TYR B 477 12.30 49.98 49.50
CA TYR B 477 12.23 50.57 50.83
C TYR B 477 10.79 50.91 51.20
N GLU B 478 9.96 51.25 50.21
CA GLU B 478 8.57 51.56 50.49
C GLU B 478 7.78 50.33 50.92
N ASN B 479 8.12 49.16 50.38
CA ASN B 479 7.39 47.93 50.69
C ASN B 479 7.77 47.33 52.03
N THR B 480 8.87 47.76 52.65
CA THR B 480 9.31 47.20 53.92
C THR B 480 9.44 48.25 55.00
N LYS B 481 8.72 49.38 54.89
CA LYS B 481 8.75 50.38 55.94
C LYS B 481 8.06 49.88 57.20
N GLN B 482 6.92 49.21 57.06
CA GLN B 482 6.17 48.73 58.21
C GLN B 482 6.84 47.54 58.88
N HIS B 483 7.72 46.84 58.18
CA HIS B 483 8.38 45.66 58.72
C HIS B 483 9.58 45.99 59.57
N LEU B 484 10.34 47.03 59.19
CA LEU B 484 11.55 47.39 59.91
C LEU B 484 11.29 48.35 61.07
N LEU B 485 10.20 49.11 61.02
CA LEU B 485 9.95 50.13 62.02
C LEU B 485 9.48 49.56 63.36
N THR B 486 9.11 48.29 63.42
CA THR B 486 8.71 47.70 64.69
C THR B 486 9.90 47.46 65.62
N MET B 487 11.11 47.39 65.06
CA MET B 487 12.31 47.17 65.84
C MET B 487 12.95 48.52 66.21
N ASP B 488 14.16 48.47 66.72
CA ASP B 488 14.92 49.68 67.03
C ASP B 488 15.53 50.22 65.74
N MET B 489 15.19 51.46 65.41
CA MET B 489 15.70 52.12 64.21
C MET B 489 16.50 53.37 64.55
N SER B 490 16.91 53.51 65.82
CA SER B 490 17.57 54.74 66.24
C SER B 490 19.00 54.81 65.73
N SER B 491 19.68 53.67 65.64
CA SER B 491 21.09 53.64 65.26
C SER B 491 21.30 53.62 63.76
N PHE B 492 20.29 53.99 62.97
CA PHE B 492 20.37 53.95 61.53
C PHE B 492 20.20 55.36 60.96
N LYS B 493 21.15 55.77 60.14
CA LYS B 493 21.08 57.04 59.42
C LYS B 493 20.70 56.77 57.97
N THR B 494 20.02 57.72 57.35
CA THR B 494 19.54 57.57 55.98
C THR B 494 20.26 58.55 55.08
N HIS B 495 20.74 58.05 53.94
CA HIS B 495 21.39 58.87 52.92
C HIS B 495 20.73 58.62 51.58
N SER B 496 20.49 59.69 50.82
CA SER B 496 19.88 59.61 49.51
C SER B 496 20.79 60.29 48.50
N VAL B 497 21.08 59.60 47.40
CA VAL B 497 22.04 60.10 46.41
C VAL B 497 21.43 60.17 45.02
N ASP B 498 20.14 60.53 44.94
CA ASP B 498 19.50 60.75 43.65
C ASP B 498 20.18 61.87 42.86
N TYR B 499 20.49 62.97 43.52
CA TYR B 499 20.87 64.19 42.84
C TYR B 499 22.36 64.47 42.99
N LEU B 500 22.92 65.12 41.97
CA LEU B 500 24.32 65.54 41.97
C LEU B 500 24.39 67.05 42.14
N SER B 501 25.53 67.52 42.67
CA SER B 501 25.77 68.94 42.76
C SER B 501 26.34 69.46 41.45
N ASP B 502 26.64 70.76 41.42
CA ASP B 502 27.20 71.35 40.20
C ASP B 502 28.63 70.91 39.96
N SER B 503 29.41 70.75 41.03
CA SER B 503 30.80 70.33 40.88
C SER B 503 30.89 68.91 40.31
N GLU B 504 29.98 68.03 40.74
CA GLU B 504 29.96 66.68 40.20
C GLU B 504 29.55 66.66 38.73
N VAL B 505 28.63 67.53 38.33
CA VAL B 505 28.26 67.64 36.93
C VAL B 505 29.44 68.17 36.11
N ASP B 506 30.22 69.09 36.69
CA ASP B 506 31.41 69.58 36.02
C ASP B 506 32.45 68.46 35.86
N ASN B 507 32.60 67.62 36.88
CA ASN B 507 33.49 66.46 36.77
C ASN B 507 33.01 65.51 35.68
N PHE B 508 31.69 65.30 35.61
CA PHE B 508 31.13 64.43 34.58
C PHE B 508 31.42 64.97 33.18
N VAL B 509 31.21 66.27 32.98
CA VAL B 509 31.44 66.84 31.66
C VAL B 509 32.94 66.87 31.35
N HIS B 510 33.79 66.94 32.38
CA HIS B 510 35.22 66.81 32.16
C HIS B 510 35.58 65.40 31.71
N ILE B 511 34.92 64.39 32.28
CA ILE B 511 35.16 63.01 31.87
C ILE B 511 34.75 62.81 30.41
N VAL B 512 33.58 63.34 30.03
CA VAL B 512 33.14 63.21 28.65
C VAL B 512 34.03 64.02 27.70
N ASP B 513 34.57 65.15 28.17
CA ASP B 513 35.54 65.90 27.38
C ASP B 513 36.81 65.09 27.14
N HIS B 514 37.30 64.41 28.18
CA HIS B 514 38.49 63.57 28.02
C HIS B 514 38.22 62.39 27.11
N LEU B 515 37.00 61.82 27.17
CA LEU B 515 36.64 60.76 26.25
C LEU B 515 36.48 61.24 24.83
N GLY B 516 36.09 62.50 24.64
CA GLY B 516 35.85 62.98 23.30
C GLY B 516 34.61 62.42 22.64
N ALA B 517 33.65 61.95 23.42
CA ALA B 517 32.42 61.38 22.90
C ALA B 517 31.34 62.41 22.64
N TRP B 518 31.64 63.69 22.86
CA TRP B 518 30.64 64.73 22.60
C TRP B 518 30.33 64.83 21.12
N GLY B 519 31.34 64.73 20.27
CA GLY B 519 31.14 64.81 18.83
C GLY B 519 31.18 66.25 18.35
N GLU B 520 30.09 66.70 17.70
CA GLU B 520 30.04 68.05 17.15
C GLU B 520 29.80 69.11 18.23
N LYS B 521 29.41 68.71 19.44
CA LYS B 521 29.16 69.64 20.52
C LYS B 521 30.40 69.92 21.36
N ALA B 522 31.60 69.61 20.86
CA ALA B 522 32.80 69.79 21.67
C ALA B 522 33.19 71.25 21.80
N GLY B 523 32.92 72.07 20.78
CA GLY B 523 33.42 73.43 20.78
C GLY B 523 32.65 74.40 21.64
N LEU B 524 31.35 74.17 21.83
CA LEU B 524 30.53 75.14 22.52
C LEU B 524 30.68 75.03 24.04
N SER B 525 30.00 75.93 24.75
CA SER B 525 30.22 76.12 26.17
C SER B 525 29.43 75.08 26.98
N ARG B 526 29.49 75.21 28.31
CA ARG B 526 28.84 74.25 29.20
C ARG B 526 27.33 74.29 29.07
N HIS B 527 26.75 75.48 28.89
CA HIS B 527 25.30 75.60 28.84
C HIS B 527 24.72 74.96 27.60
N GLU B 528 25.46 75.00 26.49
CA GLU B 528 24.92 74.45 25.24
C GLU B 528 24.98 72.92 25.22
N LYS B 529 25.96 72.32 25.89
CA LYS B 529 26.09 70.87 25.88
C LYS B 529 24.90 70.19 26.55
N LEU B 530 24.47 70.72 27.69
CA LEU B 530 23.38 70.13 28.47
C LEU B 530 22.08 70.91 28.30
N SER B 531 21.87 71.51 27.14
CA SER B 531 20.71 72.38 26.95
C SER B 531 19.42 71.57 26.81
N GLU B 532 19.46 70.47 26.07
CA GLU B 532 18.25 69.72 25.76
C GLU B 532 17.69 68.96 26.95
N LEU B 533 18.44 68.82 28.04
CA LEU B 533 17.96 68.13 29.22
C LEU B 533 17.06 69.04 30.04
N ASP B 534 16.14 68.44 30.79
CA ASP B 534 15.18 69.18 31.60
C ASP B 534 15.85 69.72 32.85
N GLU B 535 15.04 70.24 33.76
CA GLU B 535 15.59 70.72 35.01
C GLU B 535 15.87 69.53 35.91
N ASN B 536 14.91 68.63 36.00
CA ASN B 536 15.06 67.47 36.88
C ASN B 536 16.12 66.50 36.39
N ALA B 537 16.21 66.30 35.09
CA ALA B 537 17.13 65.31 34.56
C ALA B 537 18.53 65.84 34.33
N ARG B 538 18.79 67.10 34.64
CA ARG B 538 20.16 67.57 34.49
C ARG B 538 21.05 67.10 35.63
N ASN B 539 20.51 66.96 36.84
CA ASN B 539 21.28 66.64 38.03
C ASN B 539 21.14 65.19 38.47
N GLN B 540 20.75 64.29 37.57
CA GLN B 540 20.60 62.88 37.88
C GLN B 540 21.54 62.08 37.00
N LEU B 541 22.30 61.17 37.62
CA LEU B 541 23.38 60.48 36.91
C LEU B 541 22.85 59.52 35.85
N SER B 542 21.75 58.81 36.16
CA SER B 542 21.22 57.84 35.21
C SER B 542 20.71 58.52 33.94
N PHE B 543 19.94 59.60 34.10
CA PHE B 543 19.43 60.30 32.93
C PHE B 543 20.55 61.02 32.18
N LEU B 544 21.57 61.50 32.89
CA LEU B 544 22.72 62.10 32.23
C LEU B 544 23.42 61.08 31.35
N LEU B 545 23.66 59.88 31.87
CA LEU B 545 24.30 58.83 31.07
C LEU B 545 23.44 58.43 29.89
N LEU B 546 22.13 58.27 30.11
CA LEU B 546 21.22 57.88 29.03
C LEU B 546 21.19 58.93 27.92
N SER B 547 21.13 60.21 28.28
CA SER B 547 20.99 61.25 27.27
C SER B 547 22.30 61.54 26.56
N ILE B 548 23.43 61.48 27.27
CA ILE B 548 24.70 61.89 26.68
C ILE B 548 25.48 60.69 26.17
N LEU B 549 25.83 59.77 27.07
CA LEU B 549 26.74 58.69 26.69
C LEU B 549 26.03 57.59 25.92
N LYS B 550 24.70 57.55 25.97
CA LYS B 550 23.89 56.49 25.38
C LYS B 550 24.41 55.12 25.83
N SER B 551 24.50 54.98 27.16
CA SER B 551 24.91 53.73 27.79
C SER B 551 23.73 52.78 27.82
N GLU B 552 23.92 51.56 27.32
CA GLU B 552 22.79 50.64 27.22
C GLU B 552 22.72 49.68 28.40
N ALA B 553 23.61 49.80 29.38
CA ALA B 553 23.35 49.16 30.66
C ALA B 553 22.13 49.78 31.33
N ILE B 554 22.04 51.11 31.30
CA ILE B 554 20.86 51.79 31.82
C ILE B 554 19.64 51.45 30.98
N GLN B 555 19.83 51.32 29.66
CA GLN B 555 18.71 50.93 28.80
C GLN B 555 18.27 49.50 29.10
N SER B 556 19.21 48.62 29.41
CA SER B 556 18.87 47.25 29.78
C SER B 556 18.08 47.22 31.09
N ARG B 557 18.48 48.05 32.04
CA ARG B 557 17.73 48.16 33.29
C ARG B 557 16.32 48.70 33.03
N ILE B 558 16.20 49.69 32.14
CA ILE B 558 14.89 50.25 31.80
C ILE B 558 14.01 49.20 31.16
N ARG B 559 14.57 48.40 30.24
CA ARG B 559 13.80 47.34 29.60
C ARG B 559 13.33 46.31 30.61
N GLU B 560 14.23 45.87 31.50
CA GLU B 560 13.89 44.88 32.49
C GLU B 560 12.81 45.38 33.44
N ILE B 561 12.87 46.65 33.81
CA ILE B 561 11.90 47.19 34.76
C ILE B 561 10.59 47.60 34.11
N SER B 562 10.58 47.78 32.78
CA SER B 562 9.34 48.11 32.09
C SER B 562 8.61 46.86 31.60
N ASN B 563 9.32 45.75 31.42
CA ASN B 563 8.65 44.48 31.12
C ASN B 563 7.67 44.09 32.21
N LEU B 564 7.95 44.46 33.46
CA LEU B 564 7.08 44.15 34.59
C LEU B 564 5.80 44.98 34.58
N ALA B 565 5.69 46.00 33.74
CA ALA B 565 4.51 46.84 33.67
C ALA B 565 3.76 46.72 32.36
N LEU B 566 4.48 46.55 31.24
CA LEU B 566 3.85 46.61 29.93
C LEU B 566 3.33 45.26 29.46
N ASN B 567 3.43 44.21 30.27
CA ASN B 567 2.94 42.89 29.83
C ASN B 567 1.42 42.87 29.70
N ASP B 568 0.70 43.32 30.72
CA ASP B 568 -0.75 43.36 30.63
C ASP B 568 -1.18 44.44 29.64
N LYS B 569 -2.21 44.12 28.86
CA LYS B 569 -2.62 45.02 27.78
C LYS B 569 -3.12 46.35 28.33
N GLU B 570 -3.92 46.31 29.39
CA GLU B 570 -4.52 47.52 29.93
C GLU B 570 -3.48 48.46 30.51
N TYR B 571 -2.46 47.90 31.17
CA TYR B 571 -1.38 48.72 31.71
C TYR B 571 -0.60 49.40 30.58
N LYS B 572 -0.37 48.67 29.49
CA LYS B 572 0.33 49.25 28.34
C LYS B 572 -0.48 50.39 27.73
N GLU B 573 -1.79 50.20 27.60
CA GLU B 573 -2.63 51.26 27.06
C GLU B 573 -2.62 52.50 27.96
N THR B 574 -2.72 52.31 29.27
CA THR B 574 -2.75 53.46 30.17
C THR B 574 -1.40 54.18 30.21
N VAL B 575 -0.30 53.43 30.17
CA VAL B 575 1.03 54.05 30.14
C VAL B 575 1.22 54.85 28.86
N PHE B 576 0.77 54.30 27.72
CA PHE B 576 0.86 55.04 26.46
C PHE B 576 0.01 56.30 26.51
N ALA B 577 -1.17 56.22 27.12
CA ALA B 577 -2.02 57.41 27.22
C ALA B 577 -1.36 58.50 28.04
N ILE B 578 -0.73 58.13 29.16
CA ILE B 578 -0.05 59.12 29.99
C ILE B 578 1.12 59.75 29.24
N LEU B 579 1.90 58.94 28.53
CA LEU B 579 3.03 59.48 27.77
C LEU B 579 2.56 60.40 26.64
N LEU B 580 1.48 60.03 25.96
CA LEU B 580 0.96 60.86 24.89
C LEU B 580 0.45 62.20 25.42
N LEU B 581 -0.25 62.18 26.57
CA LEU B 581 -0.69 63.44 27.17
C LEU B 581 0.49 64.26 27.68
N ASP B 582 1.60 63.62 28.04
CA ASP B 582 2.80 64.37 28.35
C ASP B 582 3.38 65.04 27.12
N VAL B 583 3.42 64.33 25.99
CA VAL B 583 4.03 64.86 24.77
C VAL B 583 3.22 66.04 24.25
N ILE B 584 1.89 65.90 24.21
CA ILE B 584 1.07 67.00 23.71
C ILE B 584 1.13 68.20 24.66
N GLY B 585 1.16 67.94 25.97
CA GLY B 585 1.24 68.98 26.96
C GLY B 585 -0.02 69.21 27.78
N LEU B 586 -1.03 68.38 27.61
CA LEU B 586 -2.27 68.51 28.37
C LEU B 586 -2.04 68.06 29.81
N PRO B 587 -2.86 68.53 30.75
CA PRO B 587 -2.72 68.08 32.15
C PRO B 587 -3.09 66.62 32.31
N LEU B 588 -2.49 65.99 33.33
CA LEU B 588 -2.72 64.58 33.62
C LEU B 588 -3.82 64.42 34.67
N VAL B 589 -5.00 64.93 34.33
CA VAL B 589 -6.18 64.65 35.15
C VAL B 589 -6.61 63.22 34.91
N ARG B 590 -7.20 62.59 35.92
CA ARG B 590 -7.54 61.17 35.78
C ARG B 590 -8.58 60.95 34.71
N SER B 591 -9.56 61.83 34.64
CA SER B 591 -10.63 61.64 33.68
C SER B 591 -10.12 61.59 32.25
N LEU B 592 -9.25 62.52 31.86
CA LEU B 592 -8.74 62.57 30.49
C LEU B 592 -7.92 61.34 30.12
N ILE B 593 -7.09 60.85 31.04
CA ILE B 593 -6.38 59.59 30.81
C ILE B 593 -7.37 58.44 30.69
N SER B 594 -8.51 58.53 31.37
CA SER B 594 -9.52 57.47 31.20
C SER B 594 -10.16 57.47 29.81
N ASP B 595 -10.08 58.57 29.08
CA ASP B 595 -10.60 58.61 27.73
C ASP B 595 -9.54 58.16 26.76
N VAL B 596 -8.34 58.69 26.92
CA VAL B 596 -7.25 58.40 25.99
C VAL B 596 -6.82 56.94 26.09
N ALA B 597 -6.88 56.38 27.31
CA ALA B 597 -6.45 55.00 27.50
C ALA B 597 -7.48 53.97 27.06
N VAL B 598 -8.70 54.41 26.76
CA VAL B 598 -9.81 53.58 26.27
C VAL B 598 -10.11 52.45 27.25
N ASN B 599 -9.93 52.71 28.54
CA ASN B 599 -10.35 51.79 29.60
C ASN B 599 -10.50 52.58 30.89
N GLU B 600 -10.61 51.87 32.01
CA GLU B 600 -10.72 52.50 33.33
C GLU B 600 -9.67 51.96 34.28
N LYS B 601 -8.51 51.54 33.76
CA LYS B 601 -7.49 50.97 34.62
C LYS B 601 -6.78 52.03 35.46
N ILE B 602 -6.88 53.31 35.07
CA ILE B 602 -6.25 54.37 35.84
C ILE B 602 -6.93 54.52 37.19
N TYR B 603 -8.24 54.30 37.25
CA TYR B 603 -8.99 54.45 38.49
C TYR B 603 -8.74 53.35 39.49
N SER B 604 -8.05 52.28 39.10
CA SER B 604 -7.80 51.17 40.01
C SER B 604 -6.74 51.55 41.04
N ALA B 605 -6.67 50.74 42.10
CA ALA B 605 -5.69 50.97 43.15
C ALA B 605 -4.42 50.14 42.97
N GLU B 606 -4.47 49.08 42.17
CA GLU B 606 -3.29 48.27 41.90
C GLU B 606 -2.45 48.82 40.76
N PHE B 607 -2.94 49.81 40.02
CA PHE B 607 -2.18 50.34 38.91
C PHE B 607 -0.95 51.11 39.39
N THR B 608 -1.11 51.86 40.48
CA THR B 608 -0.05 52.72 40.99
C THR B 608 1.05 51.95 41.70
N GLU B 609 0.78 50.71 42.13
CA GLU B 609 1.73 49.97 42.95
C GLU B 609 2.48 48.90 42.16
N ASN B 610 2.52 49.02 40.84
CA ASN B 610 3.32 48.13 40.03
C ASN B 610 4.80 48.45 40.18
N GLU B 611 5.66 47.52 39.77
CA GLU B 611 7.10 47.81 39.74
C GLU B 611 7.42 48.87 38.70
N GLY B 612 6.94 48.66 37.47
CA GLY B 612 7.27 49.57 36.39
C GLY B 612 6.68 50.95 36.58
N VAL B 613 5.41 51.02 37.01
CA VAL B 613 4.77 52.32 37.19
C VAL B 613 5.43 53.09 38.32
N LYS B 614 5.89 52.41 39.36
CA LYS B 614 6.59 53.08 40.44
C LYS B 614 8.05 53.36 40.12
N ASN B 615 8.62 52.76 39.08
CA ASN B 615 10.00 53.01 38.72
C ASN B 615 10.20 53.89 37.50
N LEU B 616 9.13 54.20 36.75
CA LEU B 616 9.23 55.05 35.58
C LEU B 616 8.50 56.38 35.72
N PHE B 617 7.75 56.59 36.78
CA PHE B 617 6.98 57.82 36.96
C PHE B 617 7.16 58.33 38.38
N ILE B 618 7.03 59.65 38.54
CA ILE B 618 7.01 60.26 39.87
C ILE B 618 5.59 60.17 40.39
N ILE B 619 5.43 59.56 41.56
CA ILE B 619 4.12 59.36 42.18
C ILE B 619 4.07 60.12 43.49
N SER B 620 3.03 60.93 43.64
CA SER B 620 2.86 61.76 44.84
C SER B 620 1.39 61.73 45.22
N ASN B 621 1.07 61.00 46.30
CA ASN B 621 -0.29 60.92 46.85
C ASN B 621 -1.28 60.39 45.81
N GLY B 622 -0.87 59.39 45.05
CA GLY B 622 -1.74 58.73 44.11
C GLY B 622 -1.78 59.32 42.73
N MET B 623 -1.30 60.55 42.56
CA MET B 623 -1.30 61.16 41.24
C MET B 623 -0.08 60.69 40.45
N VAL B 624 -0.12 60.92 39.14
CA VAL B 624 0.93 60.48 38.23
C VAL B 624 1.52 61.70 37.55
N LYS B 625 2.86 61.79 37.56
CA LYS B 625 3.55 62.80 36.77
C LYS B 625 4.85 62.22 36.26
N THR B 626 5.21 62.56 35.03
CA THR B 626 6.38 61.99 34.39
C THR B 626 7.67 62.52 35.02
N LYS B 627 8.71 61.68 34.97
CA LYS B 627 9.99 62.07 35.55
C LYS B 627 10.66 63.16 34.74
N SER B 628 10.74 62.99 33.42
CA SER B 628 11.46 63.91 32.56
C SER B 628 11.04 63.67 31.12
N SER B 629 11.40 64.62 30.25
CA SER B 629 11.14 64.45 28.83
C SER B 629 12.12 63.49 28.18
N THR B 630 13.38 63.48 28.62
CA THR B 630 14.39 62.62 28.02
C THR B 630 14.18 61.15 28.34
N LEU B 631 13.30 60.83 29.29
CA LEU B 631 12.91 59.44 29.52
C LEU B 631 11.67 59.08 28.73
N SER B 632 10.70 60.01 28.65
CA SER B 632 9.46 59.74 27.91
C SER B 632 9.74 59.58 26.42
N ARG B 633 10.60 60.43 25.86
CA ARG B 633 10.94 60.33 24.46
C ARG B 633 11.66 59.02 24.16
N PHE B 634 12.56 58.60 25.06
CA PHE B 634 13.24 57.32 24.86
C PHE B 634 12.28 56.15 24.97
N LEU B 635 11.32 56.21 25.91
CA LEU B 635 10.32 55.16 26.02
C LEU B 635 9.50 55.05 24.74
N ILE B 636 9.03 56.18 24.22
CA ILE B 636 8.21 56.19 23.01
C ILE B 636 9.01 55.67 21.82
N ALA B 637 10.27 56.09 21.70
CA ALA B 637 11.04 55.73 20.52
C ALA B 637 11.67 54.35 20.60
N ASN B 638 11.74 53.73 21.78
CA ASN B 638 12.54 52.51 21.87
C ASN B 638 11.81 51.34 22.54
N ILE B 639 10.90 51.60 23.46
CA ILE B 639 10.16 50.53 24.11
C ILE B 639 8.84 50.27 23.40
N PHE B 640 8.06 51.32 23.18
CA PHE B 640 6.85 51.24 22.37
C PHE B 640 7.26 51.24 20.91
N GLU B 641 7.14 50.09 20.24
CA GLU B 641 7.52 49.99 18.84
C GLU B 641 6.57 50.83 17.98
N HIS B 642 7.09 51.28 16.82
CA HIS B 642 6.29 52.13 15.94
C HIS B 642 5.06 51.42 15.41
N LYS B 643 5.17 50.11 15.16
CA LYS B 643 4.04 49.34 14.70
C LYS B 643 2.95 49.20 15.75
N TYR B 644 3.25 49.50 17.01
CA TYR B 644 2.21 49.66 18.01
C TYR B 644 1.74 51.10 18.12
N VAL B 645 2.65 52.05 17.90
CA VAL B 645 2.31 53.47 18.06
C VAL B 645 1.26 53.89 17.05
N VAL B 646 1.43 53.52 15.77
CA VAL B 646 0.50 53.99 14.75
C VAL B 646 -0.89 53.36 14.95
N ASN B 647 -0.94 52.06 15.24
CA ASN B 647 -2.22 51.40 15.45
C ASN B 647 -2.93 51.93 16.69
N GLN B 648 -2.21 52.13 17.79
CA GLN B 648 -2.85 52.69 18.98
C GLN B 648 -3.30 54.12 18.76
N LEU B 649 -2.55 54.90 18.00
CA LEU B 649 -2.96 56.26 17.70
C LEU B 649 -4.24 56.28 16.89
N LEU B 650 -4.36 55.39 15.91
CA LEU B 650 -5.61 55.31 15.14
C LEU B 650 -6.77 54.89 16.02
N LYS B 651 -6.55 53.93 16.92
CA LYS B 651 -7.60 53.49 17.81
C LYS B 651 -8.07 54.60 18.73
N VAL B 652 -7.13 55.34 19.33
CA VAL B 652 -7.53 56.39 20.27
C VAL B 652 -8.16 57.56 19.53
N ILE B 653 -7.72 57.87 18.31
CA ILE B 653 -8.36 58.98 17.59
C ILE B 653 -9.75 58.59 17.11
N GLU B 654 -9.98 57.34 16.71
CA GLU B 654 -11.34 56.92 16.38
C GLU B 654 -12.24 56.94 17.61
N HIS B 655 -11.72 56.50 18.76
CA HIS B 655 -12.51 56.54 19.99
C HIS B 655 -12.86 57.97 20.38
N LEU B 656 -11.88 58.88 20.32
CA LEU B 656 -12.12 60.27 20.69
C LEU B 656 -13.08 60.96 19.73
N TYR B 657 -13.02 60.63 18.45
CA TYR B 657 -14.03 61.14 17.53
C TYR B 657 -15.42 60.58 17.82
N VAL B 658 -15.51 59.31 18.22
CA VAL B 658 -16.82 58.70 18.44
C VAL B 658 -17.48 59.29 19.67
N ILE B 659 -16.74 59.43 20.77
CA ILE B 659 -17.43 59.85 22.01
C ILE B 659 -17.72 61.34 22.04
N ASN B 660 -17.07 62.13 21.18
CA ASN B 660 -17.22 63.58 21.26
C ASN B 660 -18.54 64.06 20.66
N LYS B 661 -19.21 63.25 19.83
CA LYS B 661 -20.44 63.70 19.20
C LYS B 661 -21.61 63.79 20.18
N ASP B 662 -21.47 63.28 21.41
CA ASP B 662 -22.47 63.43 22.45
C ASP B 662 -22.09 64.47 23.50
N ALA B 663 -20.85 64.41 24.01
CA ALA B 663 -20.44 65.34 25.04
C ALA B 663 -20.18 66.73 24.50
N LYS B 664 -19.60 66.82 23.30
CA LYS B 664 -19.24 68.09 22.65
C LYS B 664 -18.32 68.93 23.54
N ASP B 665 -17.41 68.26 24.24
CA ASP B 665 -16.48 68.95 25.12
C ASP B 665 -15.33 69.55 24.32
N HIS B 666 -14.90 70.74 24.71
CA HIS B 666 -13.88 71.47 23.94
C HIS B 666 -12.51 70.83 24.06
N ARG B 667 -12.20 70.20 25.20
CA ARG B 667 -10.90 69.56 25.37
C ARG B 667 -10.75 68.38 24.40
N LEU B 668 -11.84 67.64 24.17
CA LEU B 668 -11.78 66.54 23.21
C LEU B 668 -11.54 67.07 21.80
N GLN B 669 -12.18 68.18 21.43
CA GLN B 669 -11.95 68.77 20.12
C GLN B 669 -10.51 69.26 19.97
N THR B 670 -9.96 69.88 21.02
CA THR B 670 -8.58 70.34 20.96
C THR B 670 -7.62 69.16 20.86
N LEU B 671 -7.89 68.07 21.61
CA LEU B 671 -7.05 66.88 21.52
C LEU B 671 -7.09 66.27 20.12
N ILE B 672 -8.28 66.20 19.52
CA ILE B 672 -8.40 65.62 18.18
C ILE B 672 -7.70 66.48 17.15
N THR B 673 -7.91 67.80 17.21
CA THR B 673 -7.27 68.69 16.24
C THR B 673 -5.79 68.90 16.51
N SER B 674 -5.28 68.49 17.67
CA SER B 674 -3.85 68.54 17.95
C SER B 674 -3.15 67.24 17.62
N LEU B 675 -3.86 66.11 17.68
CA LEU B 675 -3.28 64.83 17.29
C LEU B 675 -2.98 64.77 15.80
N LEU B 676 -3.58 65.66 15.01
CA LEU B 676 -3.39 65.66 13.57
C LEU B 676 -2.04 66.26 13.16
N ARG B 677 -1.56 67.26 13.89
CA ARG B 677 -0.47 68.09 13.43
C ARG B 677 0.83 67.30 13.29
N PHE B 678 1.60 67.62 12.25
CA PHE B 678 2.78 66.82 11.94
C PHE B 678 3.90 66.99 12.94
N SER B 679 3.91 68.08 13.71
CA SER B 679 4.90 68.22 14.77
C SER B 679 4.76 67.11 15.81
N ILE B 680 3.52 66.85 16.23
CA ILE B 680 3.26 65.81 17.22
C ILE B 680 3.56 64.43 16.65
N ILE B 681 3.14 64.18 15.41
CA ILE B 681 3.35 62.85 14.81
C ILE B 681 4.83 62.59 14.59
N GLU B 682 5.58 63.60 14.15
CA GLU B 682 7.02 63.42 14.01
C GLU B 682 7.71 63.34 15.36
N LYS B 683 7.10 63.86 16.42
CA LYS B 683 7.63 63.61 17.75
C LYS B 683 7.33 62.20 18.23
N LEU B 684 6.24 61.61 17.76
CA LEU B 684 5.85 60.25 18.14
C LEU B 684 6.57 59.19 17.31
N LEU B 685 6.57 59.34 15.98
CA LEU B 685 7.18 58.39 15.06
C LEU B 685 8.38 59.06 14.40
N PRO B 686 9.59 58.84 14.92
CA PRO B 686 10.76 59.54 14.37
C PRO B 686 11.22 58.91 13.05
N GLN B 687 11.21 59.73 12.00
CA GLN B 687 11.62 59.40 10.63
C GLN B 687 11.13 58.01 10.16
N ARG B 688 9.81 57.84 10.20
CA ARG B 688 9.17 56.67 9.62
C ARG B 688 8.23 57.15 8.52
N ARG B 689 8.61 56.95 7.26
CA ARG B 689 7.81 57.40 6.14
C ARG B 689 6.57 56.58 5.94
N VAL B 690 6.70 55.26 5.98
CA VAL B 690 5.59 54.39 5.67
C VAL B 690 4.47 54.54 6.70
N GLU B 691 4.84 54.59 7.98
CA GLU B 691 3.85 54.71 9.04
C GLU B 691 3.12 56.05 8.97
N ILE B 692 3.85 57.13 8.70
CA ILE B 692 3.23 58.45 8.61
C ILE B 692 2.29 58.52 7.41
N ASN B 693 2.72 57.98 6.26
CA ASN B 693 1.86 57.97 5.09
C ASN B 693 0.60 57.16 5.31
N TYR B 694 0.73 55.97 5.93
CA TYR B 694 -0.43 55.15 6.20
C TYR B 694 -1.38 55.83 7.19
N PHE B 695 -0.82 56.48 8.21
CA PHE B 695 -1.65 57.19 9.18
C PHE B 695 -2.44 58.31 8.51
N TYR B 696 -1.77 59.09 7.65
CA TYR B 696 -2.43 60.25 7.07
C TYR B 696 -3.41 59.84 5.97
N GLU B 697 -3.19 58.70 5.31
CA GLU B 697 -4.16 58.25 4.32
C GLU B 697 -5.30 57.46 4.95
N LYS B 698 -5.15 56.99 6.18
CA LYS B 698 -6.23 56.30 6.86
C LYS B 698 -7.11 57.25 7.67
N VAL B 699 -6.52 58.33 8.20
CA VAL B 699 -7.28 59.22 9.08
C VAL B 699 -8.38 59.94 8.31
N LYS B 700 -8.17 60.21 7.01
CA LYS B 700 -9.22 60.85 6.21
C LYS B 700 -10.39 59.92 5.93
N HIS B 701 -10.21 58.61 6.10
CA HIS B 701 -11.34 57.70 6.10
C HIS B 701 -11.91 57.50 7.50
N ILE B 702 -11.09 57.71 8.53
CA ILE B 702 -11.57 57.59 9.91
C ILE B 702 -12.67 58.62 10.19
N ILE B 703 -12.43 59.87 9.77
CA ILE B 703 -13.42 60.94 9.86
C ILE B 703 -13.68 61.43 8.45
N PRO B 704 -14.94 61.54 8.02
CA PRO B 704 -15.21 61.95 6.63
C PRO B 704 -15.14 63.44 6.39
N ASN B 705 -14.67 64.23 7.35
CA ASN B 705 -14.73 65.69 7.24
C ASN B 705 -13.39 66.34 6.94
N LEU B 706 -12.28 65.60 7.00
CA LEU B 706 -10.97 66.22 6.76
C LEU B 706 -10.75 66.56 5.29
N ILE B 707 -11.40 65.82 4.38
CA ILE B 707 -11.25 66.10 2.96
C ILE B 707 -11.84 67.47 2.63
N ASN B 708 -12.84 67.91 3.38
CA ASN B 708 -13.38 69.26 3.24
C ASN B 708 -12.63 70.29 4.08
N ASP B 709 -11.74 69.85 4.97
CA ASP B 709 -10.99 70.75 5.83
C ASP B 709 -9.65 71.06 5.19
N PRO B 710 -9.34 72.32 4.86
CA PRO B 710 -8.02 72.62 4.29
C PRO B 710 -6.85 72.28 5.19
N HIS B 711 -7.03 72.42 6.51
CA HIS B 711 -5.93 72.27 7.46
C HIS B 711 -5.34 70.86 7.42
N PHE B 712 -6.17 69.84 7.22
CA PHE B 712 -5.65 68.49 7.07
C PHE B 712 -4.74 68.39 5.85
N TRP B 713 -5.12 69.05 4.75
CA TRP B 713 -4.28 69.00 3.56
C TRP B 713 -2.99 69.79 3.74
N VAL B 714 -3.02 70.87 4.53
CA VAL B 714 -1.78 71.56 4.87
C VAL B 714 -0.87 70.64 5.69
N GLN B 715 -1.44 69.91 6.65
CA GLN B 715 -0.64 69.00 7.46
C GLN B 715 -0.07 67.86 6.63
N TYR B 716 -0.85 67.38 5.67
CA TYR B 716 -0.35 66.34 4.79
C TYR B 716 0.80 66.89 3.97
N ALA B 717 0.62 68.08 3.41
CA ALA B 717 1.66 68.66 2.57
C ALA B 717 2.96 68.87 3.34
N MET B 718 2.85 69.39 4.56
CA MET B 718 4.04 69.59 5.37
C MET B 718 4.59 68.29 5.93
N SER B 719 3.83 67.19 5.84
CA SER B 719 4.37 65.90 6.25
C SER B 719 5.47 65.42 5.31
N MET B 720 5.39 65.75 4.03
CA MET B 720 6.29 65.22 3.02
C MET B 720 7.40 66.18 2.63
N ILE B 721 7.48 67.35 3.25
CA ILE B 721 8.54 68.31 2.91
C ILE B 721 9.94 67.79 3.23
N PRO B 722 10.23 67.24 4.41
CA PRO B 722 11.58 66.69 4.63
C PRO B 722 11.86 65.43 3.83
N PHE B 723 10.84 64.84 3.19
CA PHE B 723 10.97 63.60 2.45
C PHE B 723 11.12 63.84 0.95
N LYS B 724 11.44 65.09 0.56
CA LYS B 724 11.70 65.57 -0.80
C LYS B 724 10.72 65.06 -1.84
N ASP B 725 9.45 64.90 -1.48
CA ASP B 725 8.40 64.60 -2.44
C ASP B 725 7.67 65.90 -2.77
N TYR B 726 8.36 66.75 -3.54
CA TYR B 726 7.86 68.11 -3.78
C TYR B 726 6.61 68.16 -4.66
N PRO B 727 6.52 67.46 -5.81
CA PRO B 727 5.30 67.60 -6.63
C PRO B 727 4.03 67.11 -5.94
N SER B 728 4.12 66.03 -5.17
CA SER B 728 2.93 65.54 -4.47
C SER B 728 2.49 66.53 -3.39
N ALA B 729 3.45 67.13 -2.68
CA ALA B 729 3.11 68.18 -1.73
C ALA B 729 2.52 69.39 -2.44
N ASP B 730 2.98 69.67 -3.67
CA ASP B 730 2.39 70.75 -4.46
C ASP B 730 0.93 70.45 -4.78
N ARG B 731 0.63 69.20 -5.16
CA ARG B 731 -0.76 68.83 -5.41
C ARG B 731 -1.60 68.94 -4.15
N TYR B 732 -1.06 68.53 -3.00
CA TYR B 732 -1.79 68.64 -1.75
C TYR B 732 -2.06 70.09 -1.38
N LEU B 733 -1.07 70.96 -1.57
CA LEU B 733 -1.27 72.38 -1.27
C LEU B 733 -2.23 73.03 -2.25
N ALA B 734 -2.24 72.57 -3.51
CA ALA B 734 -3.23 73.07 -4.46
C ALA B 734 -4.64 72.65 -4.05
N THR B 735 -4.80 71.42 -3.58
CA THR B 735 -6.11 70.99 -3.10
C THR B 735 -6.53 71.78 -1.86
N ALA B 736 -5.56 72.08 -0.98
CA ALA B 736 -5.85 72.93 0.17
C ALA B 736 -6.28 74.33 -0.26
N TYR B 737 -5.62 74.87 -1.29
CA TYR B 737 -6.00 76.17 -1.82
C TYR B 737 -7.41 76.15 -2.40
N SER B 738 -7.74 75.08 -3.12
CA SER B 738 -9.08 74.95 -3.69
C SER B 738 -10.14 74.83 -2.59
N LEU B 739 -9.82 74.09 -1.53
CA LEU B 739 -10.75 73.98 -0.41
C LEU B 739 -10.91 75.32 0.30
N ALA B 740 -9.83 76.09 0.42
CA ALA B 740 -9.89 77.37 1.09
C ALA B 740 -10.62 78.41 0.25
N ALA B 741 -10.62 78.22 -1.08
CA ALA B 741 -11.27 79.18 -1.96
C ALA B 741 -12.78 79.18 -1.77
N ARG B 742 -13.36 78.01 -1.52
CA ARG B 742 -14.81 77.89 -1.37
C ARG B 742 -15.29 78.25 0.03
N LYS B 743 -14.40 78.61 0.95
CA LYS B 743 -14.78 78.99 2.31
C LYS B 743 -14.70 80.50 2.45
N ASP B 744 -15.78 81.08 2.98
CA ASP B 744 -15.84 82.51 3.14
C ASP B 744 -15.08 83.00 4.36
N ASN B 745 -14.36 84.10 4.19
CA ASN B 745 -13.61 84.72 5.28
C ASN B 745 -12.63 83.75 5.93
N TYR B 746 -12.05 82.86 5.14
CA TYR B 746 -11.06 81.89 5.62
C TYR B 746 -9.67 82.37 5.22
N HIS B 747 -8.85 82.71 6.22
CA HIS B 747 -7.51 83.18 5.94
C HIS B 747 -6.64 82.04 5.44
N THR B 748 -5.78 82.34 4.46
CA THR B 748 -4.87 81.36 3.87
C THR B 748 -3.42 81.69 4.15
N LYS B 749 -3.14 82.40 5.26
CA LYS B 749 -1.77 82.82 5.55
C LYS B 749 -0.87 81.64 5.86
N ASN B 750 -1.38 80.65 6.59
CA ASN B 750 -0.58 79.45 6.85
C ASN B 750 -0.34 78.66 5.57
N ILE B 751 -1.37 78.53 4.72
CA ILE B 751 -1.22 77.82 3.46
C ILE B 751 -0.26 78.58 2.55
N ASP B 752 -0.33 79.91 2.56
CA ASP B 752 0.62 80.71 1.79
C ASP B 752 2.04 80.56 2.32
N THR B 753 2.19 80.44 3.65
CA THR B 753 3.50 80.25 4.24
C THR B 753 4.10 78.91 3.80
N GLN B 754 3.29 77.85 3.80
CA GLN B 754 3.77 76.56 3.33
C GLN B 754 4.06 76.58 1.84
N ARG B 755 3.26 77.30 1.05
CA ARG B 755 3.54 77.42 -0.38
C ARG B 755 4.85 78.15 -0.63
N ALA B 756 5.11 79.20 0.14
CA ALA B 756 6.38 79.92 0.03
C ALA B 756 7.56 79.05 0.50
N ARG B 757 7.35 78.22 1.51
CA ARG B 757 8.38 77.28 1.91
C ARG B 757 8.69 76.28 0.80
N LEU B 758 7.64 75.79 0.13
CA LEU B 758 7.86 74.92 -1.02
C LEU B 758 8.58 75.64 -2.15
N HIS B 759 8.25 76.92 -2.37
CA HIS B 759 8.96 77.73 -3.36
C HIS B 759 10.44 77.85 -3.02
N LEU B 760 10.75 78.11 -1.74
CA LEU B 760 12.15 78.23 -1.32
C LEU B 760 12.88 76.90 -1.48
N LEU B 761 12.21 75.78 -1.16
CA LEU B 761 12.85 74.47 -1.32
C LEU B 761 13.13 74.17 -2.79
N VAL B 762 12.15 74.39 -3.67
CA VAL B 762 12.38 74.09 -5.09
C VAL B 762 13.34 75.09 -5.72
N SER B 763 13.48 76.28 -5.15
CA SER B 763 14.51 77.20 -5.60
C SER B 763 15.89 76.76 -5.13
N LEU B 764 15.96 76.14 -3.95
CA LEU B 764 17.22 75.54 -3.50
C LEU B 764 17.61 74.38 -4.40
N THR B 765 16.65 73.57 -4.83
CA THR B 765 16.96 72.43 -5.69
C THR B 765 17.30 72.85 -7.12
N LYS B 766 16.87 74.03 -7.55
CA LYS B 766 17.07 74.47 -8.92
C LYS B 766 18.13 75.57 -9.00
N THR B 767 18.59 75.82 -10.23
CA THR B 767 19.57 76.86 -10.50
C THR B 767 19.14 77.62 -11.75
N GLY B 768 19.56 78.88 -11.83
CA GLY B 768 19.32 79.67 -13.03
C GLY B 768 17.99 80.39 -13.06
N ASN B 769 17.38 80.45 -14.24
CA ASN B 769 16.16 81.24 -14.41
C ASN B 769 14.98 80.63 -13.66
N GLU B 770 14.90 79.30 -13.62
CA GLU B 770 13.81 78.64 -12.88
C GLU B 770 13.93 78.91 -11.39
N ALA B 771 15.15 78.93 -10.86
CA ALA B 771 15.36 79.28 -9.47
C ALA B 771 14.93 80.71 -9.19
N TYR B 772 15.21 81.63 -10.11
CA TYR B 772 14.77 83.02 -9.95
C TYR B 772 13.25 83.12 -10.00
N LEU B 773 12.61 82.35 -10.88
CA LEU B 773 11.15 82.37 -10.97
C LEU B 773 10.52 81.87 -9.68
N GLU B 774 11.01 80.76 -9.15
CA GLU B 774 10.50 80.25 -7.88
C GLU B 774 10.81 81.19 -6.73
N PHE B 775 11.97 81.85 -6.77
CA PHE B 775 12.32 82.82 -5.74
C PHE B 775 11.37 84.01 -5.76
N GLU B 776 11.01 84.49 -6.95
CA GLU B 776 10.04 85.58 -7.05
C GLU B 776 8.66 85.13 -6.59
N ALA B 777 8.28 83.89 -6.92
CA ALA B 777 7.01 83.34 -6.45
C ALA B 777 6.98 83.23 -4.93
N GLY B 778 8.12 82.96 -4.31
CA GLY B 778 8.21 83.01 -2.86
C GLY B 778 8.18 84.43 -2.32
N ASP B 779 8.84 85.35 -3.03
CA ASP B 779 8.96 86.72 -2.55
C ASP B 779 7.62 87.44 -2.52
N ASN B 780 6.82 87.30 -3.58
CA ASN B 780 5.53 87.99 -3.60
C ASN B 780 4.61 87.43 -2.51
N LEU B 781 4.61 86.11 -2.33
CA LEU B 781 3.78 85.51 -1.29
C LEU B 781 4.24 85.93 0.11
N ILE B 782 5.55 85.98 0.35
CA ILE B 782 6.02 86.43 1.66
C ILE B 782 5.83 87.93 1.83
N ARG B 783 5.67 88.67 0.73
CA ARG B 783 5.35 90.09 0.82
C ARG B 783 3.89 90.29 1.24
N ILE B 784 2.97 89.50 0.68
CA ILE B 784 1.58 89.58 1.11
C ILE B 784 1.35 88.92 2.46
N ILE B 785 2.31 88.14 2.95
CA ILE B 785 2.20 87.55 4.28
C ILE B 785 2.52 88.63 5.32
N PRO B 786 1.65 88.85 6.30
CA PRO B 786 1.95 89.83 7.36
C PRO B 786 3.07 89.34 8.26
N ASN B 787 3.69 90.30 8.93
CA ASN B 787 4.83 90.00 9.81
C ASN B 787 4.32 89.26 11.04
N ASP B 788 4.46 87.93 11.03
CA ASP B 788 4.06 87.08 12.14
C ASP B 788 5.22 86.15 12.50
N ILE B 789 4.97 85.27 13.47
CA ILE B 789 6.03 84.43 14.02
C ILE B 789 6.54 83.45 12.97
N TYR B 790 5.66 82.94 12.11
CA TYR B 790 6.06 81.97 11.10
C TYR B 790 6.80 82.60 9.93
N LYS B 791 6.70 83.93 9.77
CA LYS B 791 7.39 84.58 8.67
C LYS B 791 8.90 84.58 8.86
N TYR B 792 9.35 84.74 10.11
CA TYR B 792 10.79 84.83 10.38
C TYR B 792 11.50 83.50 10.23
N ARG B 793 10.76 82.40 10.13
CA ARG B 793 11.37 81.09 9.95
C ARG B 793 11.98 80.97 8.56
N GLN B 794 11.36 81.61 7.59
CA GLN B 794 11.81 81.50 6.20
C GLN B 794 13.01 82.38 5.91
N VAL B 795 13.42 83.23 6.84
CA VAL B 795 14.55 84.14 6.62
C VAL B 795 15.86 83.36 6.52
N LEU B 796 15.99 82.26 7.26
CA LEU B 796 17.23 81.49 7.28
C LEU B 796 17.57 80.87 5.94
N ARG B 797 16.56 80.63 5.08
CA ARG B 797 16.82 80.00 3.79
C ARG B 797 17.47 80.95 2.80
N TYR B 798 17.26 82.26 2.96
CA TYR B 798 17.94 83.21 2.08
C TYR B 798 19.45 83.21 2.30
N ARG B 799 19.90 82.91 3.52
CA ARG B 799 21.32 82.76 3.78
C ARG B 799 21.91 81.60 2.98
N ASP B 800 21.23 80.46 2.97
CA ASP B 800 21.69 79.33 2.16
C ASP B 800 21.58 79.63 0.68
N ILE B 801 20.58 80.42 0.27
CA ILE B 801 20.46 80.84 -1.12
C ILE B 801 21.66 81.67 -1.54
N TYR B 802 22.07 82.61 -0.70
CA TYR B 802 23.27 83.40 -0.98
C TYR B 802 24.54 82.56 -0.90
N GLU B 803 24.54 81.52 -0.07
CA GLU B 803 25.74 80.71 0.07
C GLU B 803 25.94 79.76 -1.11
N LYS B 804 24.84 79.25 -1.69
CA LYS B 804 24.93 78.20 -2.69
C LYS B 804 24.56 78.65 -4.09
N VAL B 805 23.36 79.21 -4.26
CA VAL B 805 22.80 79.45 -5.60
C VAL B 805 23.02 80.90 -6.06
N TYR B 806 23.68 81.73 -5.26
CA TYR B 806 23.93 83.12 -5.64
C TYR B 806 24.74 83.27 -6.94
N PRO B 807 25.88 82.58 -7.15
CA PRO B 807 26.63 82.83 -8.40
C PRO B 807 25.91 82.37 -9.66
N THR B 808 24.91 81.50 -9.55
CA THR B 808 24.21 81.01 -10.75
C THR B 808 23.34 82.08 -11.39
N PHE B 809 22.97 83.13 -10.65
CA PHE B 809 22.09 84.15 -11.17
C PHE B 809 22.88 85.22 -11.92
N ASN B 810 22.16 85.98 -12.76
CA ASN B 810 22.75 87.08 -13.49
C ASN B 810 22.69 88.36 -12.64
N ALA B 811 23.13 89.47 -13.24
CA ALA B 811 23.20 90.74 -12.51
C ALA B 811 21.82 91.26 -12.16
N LYS B 812 20.85 91.11 -13.07
CA LYS B 812 19.50 91.61 -12.81
C LYS B 812 18.86 90.88 -11.63
N GLN B 813 18.99 89.55 -11.58
CA GLN B 813 18.47 88.81 -10.45
C GLN B 813 19.25 89.10 -9.17
N LYS B 814 20.55 89.39 -9.30
CA LYS B 814 21.34 89.80 -8.14
C LYS B 814 20.80 91.09 -7.54
N VAL B 815 20.52 92.09 -8.38
CA VAL B 815 19.92 93.33 -7.91
C VAL B 815 18.52 93.08 -7.36
N PHE B 816 17.79 92.15 -7.97
CA PHE B 816 16.45 91.78 -7.53
C PHE B 816 16.44 91.30 -6.09
N TYR B 817 17.19 90.24 -5.78
CA TYR B 817 17.17 89.79 -4.39
C TYR B 817 18.01 90.68 -3.48
N GLU B 818 18.77 91.60 -4.08
CA GLU B 818 19.50 92.57 -3.29
C GLU B 818 18.50 93.54 -2.69
N HIS B 819 17.60 94.09 -3.51
CA HIS B 819 16.57 94.98 -2.98
C HIS B 819 15.54 94.20 -2.17
N ALA B 820 15.34 92.92 -2.49
CA ALA B 820 14.46 92.09 -1.68
C ALA B 820 14.98 91.91 -0.26
N ILE B 821 16.28 91.64 -0.11
CA ILE B 821 16.84 91.45 1.22
C ILE B 821 16.96 92.79 1.94
N LYS B 822 17.13 93.89 1.20
CA LYS B 822 17.06 95.21 1.84
C LYS B 822 15.66 95.48 2.39
N ARG B 823 14.62 95.13 1.63
CA ARG B 823 13.25 95.28 2.11
C ARG B 823 12.97 94.38 3.31
N ILE B 824 13.52 93.17 3.29
CA ILE B 824 13.35 92.25 4.42
C ILE B 824 14.03 92.82 5.66
N ILE B 825 15.23 93.39 5.50
CA ILE B 825 15.93 93.99 6.62
C ILE B 825 15.15 95.19 7.17
N LYS B 826 14.60 96.01 6.27
CA LYS B 826 13.80 97.16 6.71
C LYS B 826 12.55 96.72 7.45
N GLU B 827 11.89 95.66 6.97
CA GLU B 827 10.73 95.11 7.67
C GLU B 827 11.10 94.49 9.01
N SER B 828 12.33 93.98 9.15
CA SER B 828 12.75 93.36 10.39
C SER B 828 12.93 94.37 11.52
N GLU B 829 13.31 95.60 11.20
CA GLU B 829 13.54 96.63 12.22
C GLU B 829 12.29 97.41 12.56
N SER B 830 11.13 97.01 12.06
CA SER B 830 9.90 97.72 12.38
C SER B 830 9.55 97.53 13.86
N PRO B 831 8.96 98.56 14.49
CA PRO B 831 8.69 98.46 15.93
C PRO B 831 7.51 97.56 16.28
N GLU B 832 6.85 96.94 15.30
CA GLU B 832 5.76 96.01 15.61
C GLU B 832 6.27 94.75 16.31
N LEU B 833 7.49 94.32 15.98
CA LEU B 833 8.06 93.14 16.63
C LEU B 833 8.40 93.41 18.08
N VAL B 834 8.85 94.63 18.39
CA VAL B 834 9.36 94.94 19.73
C VAL B 834 8.25 94.85 20.76
N GLU B 835 7.04 95.28 20.40
CA GLU B 835 5.91 95.22 21.32
C GLU B 835 5.34 93.81 21.48
N ASP B 836 5.78 92.86 20.65
CA ASP B 836 5.30 91.49 20.74
C ASP B 836 6.11 90.71 21.75
N LEU B 837 5.42 89.89 22.55
CA LEU B 837 6.10 89.08 23.56
C LEU B 837 6.86 87.92 22.93
N THR B 838 6.39 87.42 21.77
CA THR B 838 7.07 86.31 21.12
C THR B 838 8.47 86.70 20.67
N TYR B 839 8.61 87.91 20.12
CA TYR B 839 9.94 88.43 19.82
C TYR B 839 10.72 88.73 21.09
N LYS B 840 10.02 89.15 22.16
CA LYS B 840 10.68 89.47 23.41
C LYS B 840 11.32 88.24 24.05
N ILE B 841 10.74 87.06 23.84
CA ILE B 841 11.32 85.82 24.36
C ILE B 841 12.68 85.56 23.71
N GLY B 842 12.78 85.75 22.40
CA GLY B 842 13.97 85.39 21.66
C GLY B 842 14.71 86.55 21.02
N VAL B 843 14.87 87.64 21.77
CA VAL B 843 15.48 88.86 21.22
C VAL B 843 16.88 88.57 20.65
N ASN B 844 17.65 87.74 21.35
CA ASN B 844 19.04 87.50 20.97
C ASN B 844 19.15 86.84 19.60
N TRP B 845 18.32 85.83 19.32
CA TRP B 845 18.49 85.10 18.07
C TRP B 845 17.91 85.84 16.87
N LEU B 846 16.82 86.60 17.04
CA LEU B 846 16.38 87.48 15.95
C LEU B 846 17.39 88.59 15.71
N ASP B 847 18.02 89.12 16.77
CA ASP B 847 19.06 90.12 16.57
C ASP B 847 20.27 89.54 15.85
N LYS B 848 20.62 88.28 16.17
CA LYS B 848 21.71 87.62 15.46
C LYS B 848 21.35 87.38 14.00
N LEU B 849 20.10 87.02 13.73
CA LEU B 849 19.65 86.87 12.34
C LEU B 849 19.71 88.18 11.58
N ARG B 850 19.30 89.28 12.22
CA ARG B 850 19.39 90.60 11.60
C ARG B 850 20.84 90.97 11.33
N GLY B 851 21.73 90.68 12.26
CA GLY B 851 23.15 90.93 12.04
C GLY B 851 23.71 90.08 10.91
N ASN B 852 23.23 88.84 10.79
CA ASN B 852 23.65 87.98 9.69
C ASN B 852 23.18 88.54 8.34
N LEU B 853 21.94 89.04 8.29
CA LEU B 853 21.46 89.68 7.07
C LEU B 853 22.27 90.93 6.74
N LYS B 854 22.63 91.70 7.75
CA LYS B 854 23.46 92.89 7.53
C LYS B 854 24.84 92.50 7.03
N LEU B 855 25.41 91.41 7.56
CA LEU B 855 26.70 90.94 7.07
C LEU B 855 26.60 90.42 5.65
N ILE B 856 25.47 89.79 5.29
CA ILE B 856 25.25 89.36 3.92
C ILE B 856 25.18 90.56 2.98
N VAL B 857 24.49 91.62 3.41
CA VAL B 857 24.42 92.85 2.63
C VAL B 857 25.80 93.46 2.47
N GLU B 858 26.60 93.48 3.54
CA GLU B 858 27.95 94.03 3.48
C GLU B 858 28.83 93.21 2.55
N ASN B 859 28.68 91.87 2.56
CA ASN B 859 29.44 91.03 1.64
C ASN B 859 29.01 91.26 0.20
N ILE B 860 27.71 91.49 -0.02
CA ILE B 860 27.23 91.80 -1.37
C ILE B 860 27.84 93.11 -1.86
N GLN B 861 27.88 94.12 -1.01
CA GLN B 861 28.49 95.39 -1.38
C GLN B 861 29.99 95.27 -1.59
N GLU B 862 30.66 94.42 -0.80
CA GLU B 862 32.10 94.23 -0.96
C GLU B 862 32.42 93.48 -2.25
N ASN B 863 31.59 92.51 -2.62
CA ASN B 863 31.80 91.76 -3.85
C ASN B 863 31.35 92.51 -5.09
N ARG B 864 30.72 93.67 -4.93
CA ARG B 864 30.32 94.48 -6.06
C ARG B 864 31.54 95.01 -6.81
N PRO B 865 31.44 95.18 -8.13
CA PRO B 865 32.56 95.75 -8.88
C PRO B 865 32.81 97.20 -8.51
N LYS B 866 34.06 97.63 -8.74
CA LYS B 866 34.46 98.98 -8.40
C LYS B 866 33.76 100.04 -9.24
N GLY B 867 33.24 99.67 -10.41
CA GLY B 867 32.51 100.60 -11.24
C GLY B 867 31.06 100.81 -10.85
N LYS B 868 30.57 100.08 -9.84
CA LYS B 868 29.20 100.22 -9.38
C LYS B 868 29.10 100.55 -7.89
N LYS B 869 30.22 100.67 -7.19
CA LYS B 869 30.21 100.97 -5.77
C LYS B 869 29.88 102.44 -5.52
N SER C 37 -37.81 46.72 13.13
CA SER C 37 -36.68 46.32 12.30
C SER C 37 -35.36 46.57 13.01
N ILE C 38 -34.26 46.52 12.26
CA ILE C 38 -32.94 46.70 12.82
C ILE C 38 -32.35 48.03 12.35
N SER C 39 -31.28 48.45 13.02
CA SER C 39 -30.77 49.81 12.89
C SER C 39 -30.03 50.03 11.57
N ASP C 40 -29.77 51.30 11.27
CA ASP C 40 -29.03 51.65 10.06
C ASP C 40 -27.53 51.41 10.24
N GLU C 41 -27.04 51.51 11.48
CA GLU C 41 -25.62 51.28 11.77
C GLU C 41 -25.21 49.86 11.41
N THR C 42 -26.09 48.90 11.68
CA THR C 42 -25.83 47.52 11.28
C THR C 42 -25.73 47.39 9.77
N TYR C 43 -26.61 48.09 9.04
CA TYR C 43 -26.54 48.07 7.58
C TYR C 43 -25.22 48.65 7.08
N GLU C 44 -24.78 49.75 7.67
CA GLU C 44 -23.54 50.38 7.24
C GLU C 44 -22.34 49.48 7.51
N ARG C 45 -22.28 48.90 8.71
CA ARG C 45 -21.18 47.98 9.03
C ARG C 45 -21.19 46.76 8.12
N LEU C 46 -22.37 46.19 7.88
CA LEU C 46 -22.47 45.03 7.00
C LEU C 46 -22.03 45.36 5.58
N LYS C 47 -22.49 46.50 5.04
CA LYS C 47 -22.10 46.89 3.69
C LYS C 47 -20.60 47.10 3.59
N ARG C 48 -20.02 47.81 4.55
CA ARG C 48 -18.59 48.09 4.52
C ARG C 48 -17.77 46.82 4.62
N LEU C 49 -18.15 45.91 5.52
CA LEU C 49 -17.37 44.70 5.71
C LEU C 49 -17.50 43.74 4.52
N ILE C 50 -18.71 43.66 3.96
CA ILE C 50 -18.95 42.76 2.83
C ILE C 50 -18.28 43.29 1.57
N SER C 51 -18.24 44.61 1.39
CA SER C 51 -17.65 45.22 0.20
C SER C 51 -16.13 45.10 0.14
N THR C 52 -15.47 44.66 1.21
CA THR C 52 -14.02 44.48 1.15
C THR C 52 -13.58 43.35 0.26
N GLY C 53 -14.51 42.48 -0.17
CA GLY C 53 -14.13 41.37 -1.01
C GLY C 53 -13.40 40.26 -0.31
N ASN C 54 -13.51 40.20 1.03
CA ASN C 54 -12.85 39.17 1.81
C ASN C 54 -13.83 38.52 2.79
N ALA C 55 -15.13 38.60 2.52
CA ALA C 55 -16.10 37.95 3.37
C ALA C 55 -16.25 36.48 2.99
N ILE C 56 -16.73 35.69 3.95
CA ILE C 56 -16.92 34.26 3.78
C ILE C 56 -18.37 33.95 4.08
N VAL C 57 -19.03 33.24 3.18
CA VAL C 57 -20.45 32.94 3.30
C VAL C 57 -20.62 31.48 3.66
N PHE C 58 -21.50 31.22 4.62
CA PHE C 58 -21.91 29.87 4.98
C PHE C 58 -23.37 29.68 4.60
N VAL C 59 -23.62 28.74 3.70
CA VAL C 59 -24.95 28.54 3.13
C VAL C 59 -25.62 27.38 3.84
N GLY C 60 -26.79 27.61 4.38
CA GLY C 60 -27.57 26.58 5.04
C GLY C 60 -28.63 26.02 4.14
N ALA C 61 -29.76 25.64 4.73
CA ALA C 61 -30.88 25.10 3.98
C ALA C 61 -31.86 26.15 3.52
N GLY C 62 -31.70 27.40 3.95
CA GLY C 62 -32.65 28.45 3.60
C GLY C 62 -32.36 29.15 2.30
N PHE C 63 -31.15 29.03 1.76
CA PHE C 63 -30.83 29.69 0.51
C PHE C 63 -31.51 29.00 -0.67
N SER C 64 -31.55 27.67 -0.65
CA SER C 64 -32.09 26.89 -1.76
C SER C 64 -33.53 26.48 -1.54
N LYS C 65 -34.35 27.38 -0.98
CA LYS C 65 -35.76 27.08 -0.73
C LYS C 65 -36.65 27.51 -1.89
N GLU C 66 -36.23 28.46 -2.70
CA GLU C 66 -37.05 29.00 -3.77
C GLU C 66 -36.77 28.31 -5.12
N SER C 67 -35.66 27.58 -5.21
CA SER C 67 -35.28 26.89 -6.44
C SER C 67 -36.27 25.75 -6.76
N ILE C 68 -36.32 25.37 -8.03
CA ILE C 68 -37.20 24.30 -8.49
C ILE C 68 -36.36 23.17 -9.08
N ASN C 69 -36.71 21.93 -8.73
CA ASN C 69 -35.96 20.77 -9.15
C ASN C 69 -36.56 20.18 -10.42
N ILE C 70 -36.09 18.99 -10.81
CA ILE C 70 -36.48 18.42 -12.09
C ILE C 70 -37.95 18.01 -12.11
N ILE C 71 -38.51 17.65 -10.96
CA ILE C 71 -39.90 17.23 -10.90
C ILE C 71 -40.79 18.43 -10.60
N GLY C 72 -40.25 19.63 -10.80
CA GLY C 72 -41.04 20.85 -10.73
C GLY C 72 -41.54 21.25 -9.37
N SER C 73 -40.75 21.04 -8.32
CA SER C 73 -41.18 21.34 -6.96
C SER C 73 -40.04 21.94 -6.17
N THR C 74 -40.40 22.69 -5.14
CA THR C 74 -39.42 23.15 -4.16
C THR C 74 -38.84 21.94 -3.43
N PRO C 75 -37.53 21.89 -3.22
CA PRO C 75 -36.91 20.71 -2.59
C PRO C 75 -37.44 20.48 -1.19
N PRO C 76 -37.68 19.22 -0.81
CA PRO C 76 -38.38 18.95 0.44
C PRO C 76 -37.47 19.02 1.65
N LEU C 77 -38.11 19.17 2.81
CA LEU C 77 -37.37 19.22 4.05
C LEU C 77 -37.21 17.82 4.60
N ALA C 78 -36.85 17.68 5.87
CA ALA C 78 -36.51 16.35 6.41
C ALA C 78 -37.77 15.52 6.66
N LYS C 79 -38.86 16.16 7.09
CA LYS C 79 -40.09 15.46 7.42
C LYS C 79 -40.67 14.73 6.22
N ASP C 80 -40.77 15.43 5.08
CA ASP C 80 -41.35 14.84 3.89
C ASP C 80 -40.47 13.74 3.31
N LEU C 81 -39.15 13.95 3.32
CA LEU C 81 -38.23 12.93 2.83
C LEU C 81 -38.31 11.67 3.69
N ALA C 82 -38.38 11.85 5.01
CA ALA C 82 -38.52 10.72 5.91
C ALA C 82 -39.83 9.99 5.68
N LEU C 83 -40.90 10.74 5.44
CA LEU C 83 -42.19 10.11 5.17
C LEU C 83 -42.14 9.28 3.90
N GLN C 84 -41.49 9.80 2.85
CA GLN C 84 -41.38 9.05 1.59
C GLN C 84 -40.55 7.78 1.77
N ILE C 85 -39.41 7.88 2.46
CA ILE C 85 -38.58 6.68 2.66
C ILE C 85 -39.31 5.63 3.48
N SER C 86 -39.97 6.06 4.56
CA SER C 86 -40.73 5.13 5.38
C SER C 86 -41.88 4.51 4.61
N ASN C 87 -42.54 5.30 3.75
CA ASN C 87 -43.64 4.79 2.95
C ASN C 87 -43.13 3.70 2.00
N LYS C 88 -41.97 3.93 1.38
CA LYS C 88 -41.43 2.94 0.46
C LYS C 88 -41.07 1.65 1.20
N SER C 89 -40.39 1.79 2.35
CA SER C 89 -39.98 0.59 3.09
C SER C 89 -41.18 -0.20 3.59
N ALA C 90 -42.21 0.49 4.09
CA ALA C 90 -43.37 -0.22 4.60
C ALA C 90 -44.22 -0.79 3.47
N ASN C 91 -44.21 -0.15 2.31
CA ASN C 91 -44.89 -0.72 1.15
C ASN C 91 -44.20 -1.99 0.68
N TYR C 92 -42.87 -2.00 0.70
CA TYR C 92 -42.13 -3.22 0.40
C TYR C 92 -42.43 -4.32 1.42
N LEU C 93 -42.52 -3.94 2.70
CA LEU C 93 -42.86 -4.92 3.73
C LEU C 93 -44.28 -5.44 3.56
N LYS C 94 -45.20 -4.60 3.09
CA LYS C 94 -46.54 -5.05 2.74
C LYS C 94 -46.51 -6.00 1.55
N GLU C 95 -45.62 -5.74 0.59
CA GLU C 95 -45.48 -6.63 -0.57
C GLU C 95 -45.00 -8.01 -0.15
N VAL C 96 -43.99 -8.07 0.72
CA VAL C 96 -43.54 -9.39 1.19
C VAL C 96 -44.52 -9.97 2.20
N GLY C 97 -45.36 -9.13 2.81
CA GLY C 97 -46.45 -9.64 3.63
C GLY C 97 -46.21 -9.69 5.12
N ALA C 98 -45.88 -8.56 5.72
CA ALA C 98 -45.79 -8.42 7.16
C ALA C 98 -47.15 -8.08 7.76
N ASP C 99 -47.22 -8.12 9.08
CA ASP C 99 -48.47 -7.81 9.78
C ASP C 99 -48.81 -6.34 9.65
N SER C 100 -50.11 -6.05 9.68
CA SER C 100 -50.58 -4.69 9.40
C SER C 100 -50.19 -3.71 10.51
N HIS C 101 -50.03 -4.18 11.75
CA HIS C 101 -49.59 -3.29 12.82
C HIS C 101 -48.17 -2.78 12.57
N TYR C 102 -47.28 -3.67 12.14
CA TYR C 102 -45.93 -3.26 11.77
C TYR C 102 -45.94 -2.27 10.62
N ILE C 103 -46.79 -2.53 9.61
CA ILE C 103 -46.86 -1.64 8.46
C ILE C 103 -47.32 -0.25 8.88
N GLU C 104 -48.42 -0.17 9.64
CA GLU C 104 -48.94 1.12 10.06
C GLU C 104 -48.05 1.81 11.08
N GLU C 105 -47.19 1.06 11.78
CA GLU C 105 -46.22 1.72 12.65
C GLU C 105 -44.97 2.16 11.90
N ILE C 106 -44.75 1.65 10.68
CA ILE C 106 -43.64 2.16 9.87
C ILE C 106 -44.06 3.31 8.93
N LYS C 107 -45.32 3.33 8.47
CA LYS C 107 -45.79 4.52 7.75
C LYS C 107 -45.68 5.78 8.60
N GLN C 108 -45.90 5.66 9.91
CA GLN C 108 -45.88 6.82 10.80
C GLN C 108 -44.53 7.01 11.47
N CYS C 109 -43.46 6.53 10.85
CA CYS C 109 -42.11 6.83 11.29
C CYS C 109 -41.65 8.11 10.62
N ASP C 110 -41.39 9.15 11.42
CA ASP C 110 -41.20 10.49 10.89
C ASP C 110 -39.77 11.01 11.04
N ASP C 111 -38.95 10.39 11.86
CA ASP C 111 -37.55 10.81 12.01
C ASP C 111 -36.76 10.36 10.79
N LEU C 112 -35.97 11.27 10.22
CA LEU C 112 -35.20 10.92 9.03
C LEU C 112 -34.06 9.96 9.36
N MET C 113 -33.44 10.14 10.53
CA MET C 113 -32.30 9.33 10.93
C MET C 113 -32.68 7.85 11.00
N VAL C 114 -33.67 7.53 11.83
CA VAL C 114 -34.08 6.15 12.05
C VAL C 114 -34.67 5.56 10.78
N ALA C 115 -35.52 6.31 10.08
CA ALA C 115 -36.16 5.79 8.88
C ALA C 115 -35.13 5.43 7.82
N SER C 116 -34.19 6.33 7.56
CA SER C 116 -33.19 6.06 6.54
C SER C 116 -32.26 4.93 6.95
N ASP C 117 -31.92 4.83 8.25
CA ASP C 117 -31.02 3.75 8.65
C ASP C 117 -31.72 2.39 8.62
N PHE C 118 -33.00 2.35 9.01
CA PHE C 118 -33.76 1.10 8.89
C PHE C 118 -33.88 0.68 7.43
N PHE C 119 -34.12 1.64 6.53
CA PHE C 119 -34.14 1.31 5.11
C PHE C 119 -32.81 0.76 4.64
N LEU C 120 -31.71 1.39 5.06
CA LEU C 120 -30.40 0.98 4.57
C LEU C 120 -29.98 -0.37 5.13
N ASN C 121 -30.43 -0.71 6.33
CA ASN C 121 -29.99 -1.95 6.98
C ASN C 121 -30.98 -3.09 6.86
N ASN C 122 -32.19 -2.85 6.32
CA ASN C 122 -33.17 -3.92 6.21
C ASN C 122 -33.82 -4.06 4.85
N ILE C 123 -33.79 -3.05 4.00
CA ILE C 123 -34.37 -3.10 2.65
C ILE C 123 -33.21 -3.22 1.66
N PRO C 124 -33.20 -4.23 0.79
CA PRO C 124 -32.00 -4.50 -0.02
C PRO C 124 -31.88 -3.69 -1.30
N GLN C 125 -32.89 -2.92 -1.70
CA GLN C 125 -32.78 -2.06 -2.89
C GLN C 125 -32.52 -0.61 -2.48
N LYS C 126 -31.23 -0.29 -2.35
CA LYS C 126 -30.78 1.08 -2.10
C LYS C 126 -30.65 1.89 -3.38
N ASP C 127 -30.68 1.23 -4.54
CA ASP C 127 -30.64 1.95 -5.81
C ASP C 127 -31.84 2.88 -5.94
N GLU C 128 -32.96 2.45 -5.39
CA GLU C 128 -34.16 3.28 -5.43
C GLU C 128 -34.03 4.46 -4.49
N LEU C 129 -33.25 4.32 -3.43
CA LEU C 129 -33.02 5.43 -2.52
C LEU C 129 -32.10 6.46 -3.15
N LEU C 130 -31.04 5.99 -3.83
CA LEU C 130 -30.17 6.92 -4.54
C LEU C 130 -30.92 7.64 -5.65
N GLN C 131 -31.81 6.93 -6.36
CA GLN C 131 -32.62 7.57 -7.39
C GLN C 131 -33.57 8.60 -6.80
N LEU C 132 -34.15 8.29 -5.63
CA LEU C 132 -35.06 9.24 -4.98
C LEU C 132 -34.33 10.51 -4.58
N LEU C 133 -33.13 10.36 -4.02
CA LEU C 133 -32.34 11.53 -3.65
C LEU C 133 -31.92 12.33 -4.89
N LYS C 134 -31.56 11.64 -5.98
CA LYS C 134 -31.17 12.33 -7.21
C LYS C 134 -32.34 13.11 -7.80
N ASP C 135 -33.53 12.53 -7.78
CA ASP C 135 -34.71 13.25 -8.27
C ASP C 135 -35.01 14.45 -7.39
N ASN C 136 -34.86 14.30 -6.08
CA ASN C 136 -35.23 15.39 -5.18
C ASN C 136 -34.20 16.52 -5.15
N TYR C 137 -32.94 16.24 -5.44
CA TYR C 137 -31.89 17.22 -5.20
C TYR C 137 -31.09 17.51 -6.46
N THR C 138 -31.79 17.78 -7.56
CA THR C 138 -31.18 18.26 -8.81
C THR C 138 -31.95 19.50 -9.24
N ILE C 139 -31.37 20.66 -9.02
CA ILE C 139 -32.05 21.93 -9.24
C ILE C 139 -31.96 22.30 -10.72
N LYS C 140 -33.11 22.60 -11.32
CA LYS C 140 -33.18 22.92 -12.74
C LYS C 140 -32.98 24.42 -12.98
N ASP C 141 -33.78 25.26 -12.32
CA ASP C 141 -33.72 26.71 -12.49
C ASP C 141 -33.54 27.40 -11.15
N VAL C 142 -32.87 28.55 -11.17
CA VAL C 142 -32.76 29.43 -10.02
C VAL C 142 -33.37 30.78 -10.38
N THR C 143 -33.59 31.61 -9.36
CA THR C 143 -34.24 32.89 -9.54
C THR C 143 -33.20 34.00 -9.63
N GLN C 144 -33.66 35.25 -9.65
CA GLN C 144 -32.79 36.40 -9.84
C GLN C 144 -32.04 36.79 -8.58
N GLU C 145 -32.67 36.67 -7.42
CA GLU C 145 -32.03 37.07 -6.17
C GLU C 145 -30.82 36.19 -5.86
N GLN C 146 -30.92 34.89 -6.11
CA GLN C 146 -29.79 33.99 -5.89
C GLN C 146 -28.63 34.32 -6.81
N ILE C 147 -28.92 34.60 -8.08
CA ILE C 147 -27.88 34.99 -9.03
C ILE C 147 -27.22 36.29 -8.58
N ASP C 148 -28.03 37.24 -8.15
CA ASP C 148 -27.50 38.52 -7.72
C ASP C 148 -26.62 38.36 -6.48
N ILE C 149 -27.03 37.52 -5.54
CA ILE C 149 -26.20 37.25 -4.38
C ILE C 149 -24.86 36.67 -4.80
N PHE C 150 -24.88 35.69 -5.70
CA PHE C 150 -23.65 35.01 -6.08
C PHE C 150 -22.97 35.64 -7.27
N SER C 151 -23.20 36.93 -7.52
CA SER C 151 -22.43 37.69 -8.48
C SER C 151 -21.33 38.51 -7.81
N MET C 152 -21.18 38.39 -6.50
CA MET C 152 -20.20 39.14 -5.73
C MET C 152 -18.93 38.30 -5.56
N LYS C 153 -17.85 38.97 -5.17
CA LYS C 153 -16.59 38.29 -4.88
C LYS C 153 -16.57 37.94 -3.40
N TRP C 154 -16.60 36.64 -3.11
CA TRP C 154 -16.39 36.12 -1.76
C TRP C 154 -15.01 35.50 -1.67
N ARG C 155 -14.49 35.43 -0.44
CA ARG C 155 -13.21 34.76 -0.23
C ARG C 155 -13.33 33.26 -0.45
N ARG C 156 -14.35 32.64 0.15
CA ARG C 156 -14.61 31.22 -0.03
C ARG C 156 -16.06 30.94 0.32
N ILE C 157 -16.65 29.96 -0.37
CA ILE C 157 -18.03 29.56 -0.15
C ILE C 157 -18.03 28.25 0.63
N TYR C 158 -18.81 28.20 1.69
CA TYR C 158 -19.07 26.97 2.43
C TYR C 158 -20.56 26.70 2.41
N THR C 159 -20.90 25.42 2.45
CA THR C 159 -22.29 25.03 2.45
C THR C 159 -22.48 23.67 3.04
N THR C 160 -23.72 23.30 3.31
CA THR C 160 -24.04 21.99 3.88
C THR C 160 -25.07 21.20 3.09
N ASN C 161 -25.69 21.83 2.09
CA ASN C 161 -26.74 21.19 1.32
C ASN C 161 -26.21 20.21 0.28
N TYR C 162 -27.12 19.43 -0.32
CA TYR C 162 -26.73 18.44 -1.33
C TYR C 162 -26.90 18.94 -2.76
N ASP C 163 -27.84 19.85 -3.00
CA ASP C 163 -28.26 20.18 -4.35
C ASP C 163 -27.17 20.96 -5.08
N ASN C 164 -27.45 21.27 -6.35
CA ASN C 164 -26.53 22.01 -7.20
C ASN C 164 -27.04 23.42 -7.50
N ALA C 165 -27.72 24.03 -6.53
CA ALA C 165 -28.22 25.39 -6.75
C ALA C 165 -27.08 26.40 -6.77
N ILE C 166 -26.07 26.20 -5.91
CA ILE C 166 -25.01 27.18 -5.76
C ILE C 166 -24.12 27.22 -6.99
N GLU C 167 -23.73 26.06 -7.51
CA GLU C 167 -22.83 26.04 -8.67
C GLU C 167 -23.53 26.54 -9.94
N LEU C 168 -24.80 26.17 -10.13
CA LEU C 168 -25.53 26.65 -11.29
C LEU C 168 -25.81 28.15 -11.17
N SER C 169 -26.05 28.64 -9.96
CA SER C 169 -26.24 30.08 -9.79
C SER C 169 -24.92 30.83 -9.95
N LEU C 170 -23.79 30.19 -9.67
CA LEU C 170 -22.49 30.81 -9.94
C LEU C 170 -22.19 30.87 -11.43
N ILE C 171 -22.50 29.82 -12.20
CA ILE C 171 -22.17 29.82 -13.63
C ILE C 171 -23.01 30.85 -14.34
N LYS C 172 -24.31 30.86 -14.09
CA LYS C 172 -25.18 31.85 -14.70
C LYS C 172 -24.66 33.25 -14.48
N SER C 173 -24.05 33.51 -13.34
CA SER C 173 -23.61 34.87 -13.03
C SER C 173 -22.23 35.20 -13.57
N GLY C 174 -21.76 34.45 -14.57
CA GLY C 174 -20.50 34.79 -15.19
C GLY C 174 -19.26 34.39 -14.43
N LYS C 175 -19.37 33.37 -13.60
CA LYS C 175 -18.24 32.96 -12.78
C LYS C 175 -18.07 31.45 -12.77
N SER C 176 -16.83 31.00 -12.78
CA SER C 176 -16.53 29.58 -12.76
C SER C 176 -16.78 28.99 -11.38
N VAL C 177 -16.77 27.66 -11.29
CA VAL C 177 -16.95 26.97 -10.02
C VAL C 177 -16.29 25.60 -10.12
N THR C 178 -15.65 25.17 -9.03
CA THR C 178 -15.16 23.80 -8.86
C THR C 178 -15.67 23.26 -7.53
N PRO C 179 -16.82 22.60 -7.51
CA PRO C 179 -17.36 22.10 -6.24
C PRO C 179 -16.54 20.95 -5.69
N LEU C 180 -16.56 20.81 -4.36
CA LEU C 180 -15.78 19.79 -3.69
C LEU C 180 -16.61 19.11 -2.61
N THR C 181 -15.98 18.17 -1.94
CA THR C 181 -16.56 17.42 -0.83
C THR C 181 -15.46 17.23 0.21
N LEU C 182 -15.79 16.59 1.33
CA LEU C 182 -14.82 16.37 2.39
C LEU C 182 -13.72 15.39 2.00
N GLU C 183 -13.92 14.58 0.96
CA GLU C 183 -12.97 13.54 0.58
C GLU C 183 -11.88 14.02 -0.36
N ASP C 184 -11.94 15.26 -0.82
CA ASP C 184 -10.92 15.82 -1.71
C ASP C 184 -9.90 16.59 -0.88
N ALA C 185 -8.63 16.32 -1.12
CA ALA C 185 -7.57 16.95 -0.36
C ALA C 185 -7.47 18.44 -0.71
N PRO C 186 -7.11 19.28 0.26
CA PRO C 186 -7.04 20.72 -0.02
C PRO C 186 -5.73 21.17 -0.65
N ASN C 187 -4.69 20.35 -0.63
CA ASN C 187 -3.40 20.78 -1.16
C ASN C 187 -3.40 20.85 -2.68
N GLN C 188 -4.22 20.02 -3.34
CA GLN C 188 -4.26 20.04 -4.79
C GLN C 188 -5.00 21.26 -5.32
N TYR C 189 -5.93 21.80 -4.54
CA TYR C 189 -6.74 22.95 -4.94
C TYR C 189 -6.35 24.20 -4.18
N LYS C 190 -5.05 24.37 -3.91
CA LYS C 190 -4.59 25.51 -3.12
C LYS C 190 -4.61 26.80 -3.93
N SER C 191 -4.43 26.72 -5.25
CA SER C 191 -4.35 27.90 -6.09
C SER C 191 -5.69 28.25 -6.74
N ALA C 192 -6.70 27.41 -6.58
CA ALA C 192 -7.98 27.63 -7.23
C ALA C 192 -8.86 28.54 -6.38
N GLU C 193 -9.59 29.43 -7.05
CA GLU C 193 -10.62 30.22 -6.42
C GLU C 193 -11.94 29.45 -6.51
N ASP C 194 -13.04 30.14 -6.20
CA ASP C 194 -14.43 29.68 -6.39
C ASP C 194 -14.69 28.28 -5.82
N ILE C 195 -13.99 27.90 -4.76
CA ILE C 195 -14.19 26.60 -4.13
C ILE C 195 -15.52 26.62 -3.38
N CYS C 196 -16.36 25.64 -3.65
CA CYS C 196 -17.66 25.49 -2.99
C CYS C 196 -17.66 24.15 -2.27
N LEU C 197 -17.34 24.16 -0.98
CA LEU C 197 -17.14 22.93 -0.22
C LEU C 197 -18.44 22.46 0.39
N HIS C 198 -18.92 21.29 -0.04
CA HIS C 198 -20.11 20.67 0.54
C HIS C 198 -19.67 19.81 1.72
N ILE C 199 -19.98 20.26 2.93
CA ILE C 199 -19.53 19.57 4.12
C ILE C 199 -20.24 18.23 4.29
N ASN C 200 -21.54 18.19 4.04
CA ASN C 200 -22.32 16.98 4.25
C ASN C 200 -22.39 16.09 3.03
N GLY C 201 -21.80 16.47 1.91
CA GLY C 201 -21.74 15.62 0.73
C GLY C 201 -22.55 16.18 -0.41
N ARG C 202 -22.45 15.49 -1.55
CA ARG C 202 -23.13 15.87 -2.78
C ARG C 202 -23.93 14.69 -3.30
N ILE C 203 -24.75 14.97 -4.31
CA ILE C 203 -25.51 13.94 -5.00
C ILE C 203 -25.11 13.80 -6.47
N GLU C 204 -24.45 14.82 -7.06
CA GLU C 204 -24.32 14.90 -8.50
C GLU C 204 -23.52 13.73 -9.08
N ARG C 205 -22.42 13.35 -8.44
CA ARG C 205 -21.76 12.12 -8.87
C ARG C 205 -21.61 11.16 -7.71
N SER C 206 -22.69 10.95 -6.97
CA SER C 206 -22.70 10.03 -5.86
C SER C 206 -22.81 8.59 -6.33
N LYS C 207 -22.20 7.69 -5.58
CA LYS C 207 -22.26 6.26 -5.83
C LYS C 207 -23.12 5.59 -4.77
N GLU C 208 -23.39 4.30 -4.97
CA GLU C 208 -24.30 3.58 -4.09
C GLU C 208 -23.69 3.34 -2.71
N SER C 209 -22.38 3.17 -2.64
CA SER C 209 -21.72 2.91 -1.36
C SER C 209 -21.45 4.18 -0.57
N ASP C 210 -21.83 5.34 -1.09
CA ASP C 210 -21.60 6.59 -0.37
C ASP C 210 -22.64 6.87 0.69
N LEU C 211 -23.78 6.17 0.69
CA LEU C 211 -24.81 6.43 1.68
C LEU C 211 -24.41 5.96 3.08
N ASP C 212 -23.31 5.23 3.20
CA ASP C 212 -22.87 4.75 4.51
C ASP C 212 -22.26 5.87 5.35
N SER C 213 -21.27 6.56 4.81
CA SER C 213 -20.56 7.58 5.58
C SER C 213 -20.45 8.92 4.87
N ALA C 214 -20.35 8.91 3.55
CA ALA C 214 -20.11 10.15 2.81
C ALA C 214 -21.31 11.09 2.90
N ILE C 215 -22.50 10.60 2.60
CA ILE C 215 -23.71 11.39 2.70
C ILE C 215 -24.32 11.14 4.07
N LYS C 216 -24.47 12.20 4.85
CA LYS C 216 -24.88 12.10 6.25
C LYS C 216 -26.38 12.32 6.33
N LEU C 217 -27.13 11.22 6.37
CA LEU C 217 -28.57 11.30 6.59
C LEU C 217 -29.03 10.18 7.53
N THR C 218 -28.24 9.12 7.63
CA THR C 218 -28.51 8.04 8.57
C THR C 218 -27.89 8.37 9.93
N THR C 219 -28.37 7.69 10.96
CA THR C 219 -27.76 7.83 12.27
C THR C 219 -26.49 7.01 12.42
N SER C 220 -26.23 6.07 11.52
CA SER C 220 -24.95 5.39 11.48
C SER C 220 -23.88 6.26 10.87
N SER C 221 -24.25 7.18 9.99
CA SER C 221 -23.28 8.05 9.33
C SER C 221 -22.75 9.13 10.24
N TYR C 222 -23.45 9.44 11.33
CA TYR C 222 -22.97 10.43 12.29
C TYR C 222 -22.11 9.83 13.38
N LEU C 223 -22.17 8.52 13.58
CA LEU C 223 -21.34 7.83 14.56
C LEU C 223 -20.05 7.31 13.96
N SER C 224 -19.85 7.46 12.65
CA SER C 224 -18.69 6.90 11.98
C SER C 224 -17.42 7.63 12.40
N PRO C 225 -16.26 6.98 12.28
CA PRO C 225 -15.01 7.64 12.69
C PRO C 225 -14.68 8.91 11.92
N GLU C 226 -15.03 8.99 10.63
CA GLU C 226 -14.74 10.17 9.84
C GLU C 226 -15.89 11.17 9.95
N GLN C 227 -15.56 12.41 10.29
CA GLN C 227 -16.55 13.49 10.37
C GLN C 227 -15.90 14.74 9.79
N PHE C 228 -16.55 15.88 10.01
CA PHE C 228 -15.95 17.15 9.62
C PHE C 228 -14.78 17.51 10.53
N LEU C 229 -14.85 17.14 11.81
CA LEU C 229 -13.83 17.52 12.77
C LEU C 229 -12.50 16.84 12.47
N THR C 230 -12.53 15.57 12.10
CA THR C 230 -11.31 14.82 11.86
C THR C 230 -10.72 15.05 10.47
N SER C 231 -11.44 15.72 9.58
CA SER C 231 -10.98 15.91 8.22
C SER C 231 -9.88 16.97 8.16
N SER C 232 -9.27 17.10 6.99
CA SER C 232 -8.22 18.09 6.79
C SER C 232 -8.77 19.47 6.42
N TRP C 233 -10.07 19.59 6.18
CA TRP C 233 -10.70 20.86 5.89
C TRP C 233 -11.10 21.62 7.15
N TYR C 234 -11.04 20.99 8.32
CA TYR C 234 -11.36 21.66 9.57
C TYR C 234 -10.35 22.76 9.87
N ARG C 235 -9.06 22.47 9.68
CA ARG C 235 -8.02 23.47 9.91
C ARG C 235 -8.12 24.61 8.91
N GLN C 236 -8.43 24.30 7.65
CA GLN C 236 -8.64 25.34 6.65
C GLN C 236 -9.84 26.21 7.01
N PHE C 237 -10.91 25.60 7.51
CA PHE C 237 -12.07 26.37 7.93
C PHE C 237 -11.73 27.31 9.08
N LYS C 238 -10.95 26.82 10.04
CA LYS C 238 -10.53 27.65 11.17
C LYS C 238 -9.67 28.82 10.70
N ALA C 239 -8.71 28.55 9.81
CA ALA C 239 -7.84 29.61 9.32
C ALA C 239 -8.61 30.62 8.49
N ASP C 240 -9.60 30.17 7.72
CA ASP C 240 -10.39 31.09 6.91
C ASP C 240 -11.26 31.98 7.78
N ILE C 241 -11.93 31.44 8.79
CA ILE C 241 -12.73 32.30 9.65
C ILE C 241 -11.87 33.15 10.57
N ASP C 242 -10.59 32.80 10.72
CA ASP C 242 -9.66 33.70 11.39
C ASP C 242 -9.27 34.87 10.49
N ASN C 243 -9.07 34.60 9.19
CA ASN C 243 -8.49 35.57 8.27
C ASN C 243 -9.53 36.45 7.57
N ALA C 244 -10.82 36.17 7.73
CA ALA C 244 -11.83 36.85 6.95
C ALA C 244 -12.12 38.24 7.53
N SER C 245 -13.08 38.92 6.89
CA SER C 245 -13.58 40.22 7.35
C SER C 245 -14.96 40.12 7.98
N ALA C 246 -15.88 39.41 7.34
CA ALA C 246 -17.20 39.17 7.90
C ALA C 246 -17.63 37.78 7.48
N ILE C 247 -18.36 37.10 8.36
CA ILE C 247 -18.78 35.72 8.12
C ILE C 247 -20.29 35.69 8.11
N VAL C 248 -20.88 35.72 6.92
CA VAL C 248 -22.33 35.77 6.78
C VAL C 248 -22.88 34.36 6.68
N PHE C 249 -23.88 34.06 7.51
CA PHE C 249 -24.58 32.78 7.48
C PHE C 249 -25.92 33.01 6.78
N LEU C 250 -26.19 32.23 5.74
CA LEU C 250 -27.39 32.42 4.92
C LEU C 250 -28.42 31.36 5.29
N GLY C 251 -29.27 31.71 6.26
CA GLY C 251 -30.33 30.80 6.67
C GLY C 251 -29.82 29.53 7.31
N TYR C 252 -28.72 29.59 8.04
CA TYR C 252 -28.15 28.42 8.70
C TYR C 252 -28.69 28.34 10.11
N SER C 253 -29.31 27.21 10.46
CA SER C 253 -29.90 27.03 11.78
C SER C 253 -28.86 26.67 12.83
N MET C 254 -27.63 26.38 12.42
CA MET C 254 -26.51 26.04 13.32
C MET C 254 -26.87 24.81 14.17
N TYR C 255 -26.95 23.68 13.47
CA TYR C 255 -27.36 22.43 14.09
C TYR C 255 -26.19 21.53 14.46
N ASP C 256 -25.14 21.51 13.63
CA ASP C 256 -24.01 20.64 13.91
C ASP C 256 -23.19 21.17 15.08
N ILE C 257 -22.83 20.29 16.01
CA ILE C 257 -22.20 20.70 17.25
C ILE C 257 -20.76 21.16 17.06
N ASP C 258 -20.12 20.79 15.94
CA ASP C 258 -18.74 21.19 15.72
C ASP C 258 -18.63 22.69 15.40
N ILE C 259 -19.52 23.21 14.54
CA ILE C 259 -19.52 24.63 14.27
C ILE C 259 -19.93 25.42 15.51
N GLN C 260 -20.85 24.87 16.31
CA GLN C 260 -21.22 25.51 17.57
C GLN C 260 -20.02 25.62 18.48
N LYS C 261 -19.24 24.54 18.60
CA LYS C 261 -18.09 24.56 19.48
C LYS C 261 -16.98 25.45 18.93
N ILE C 262 -16.92 25.65 17.61
CA ILE C 262 -15.97 26.59 17.04
C ILE C 262 -16.36 28.02 17.41
N PHE C 263 -17.64 28.37 17.20
CA PHE C 263 -18.03 29.77 17.27
C PHE C 263 -18.42 30.26 18.65
N PHE C 264 -18.72 29.36 19.60
CA PHE C 264 -19.20 29.81 20.89
C PHE C 264 -18.09 30.40 21.75
N ASN C 265 -16.91 29.78 21.76
CA ASN C 265 -15.91 30.11 22.76
C ASN C 265 -15.39 31.54 22.61
N ASP C 266 -15.14 31.96 21.38
CA ASP C 266 -14.39 33.19 21.13
C ASP C 266 -15.30 34.41 21.19
N SER C 267 -14.67 35.58 21.24
CA SER C 267 -15.38 36.85 21.23
C SER C 267 -14.93 37.80 20.13
N SER C 268 -13.74 37.60 19.56
CA SER C 268 -13.36 38.36 18.37
C SER C 268 -14.15 37.90 17.16
N ILE C 269 -14.50 36.61 17.11
CA ILE C 269 -15.31 36.10 16.02
C ILE C 269 -16.72 36.65 16.09
N LYS C 270 -17.26 36.81 17.31
CA LYS C 270 -18.63 37.28 17.47
C LYS C 270 -18.83 38.68 16.91
N SER C 271 -17.78 39.49 16.87
CA SER C 271 -17.89 40.83 16.30
C SER C 271 -17.83 40.82 14.78
N LYS C 272 -17.57 39.68 14.14
CA LYS C 272 -17.50 39.59 12.70
C LYS C 272 -18.67 38.86 12.06
N THR C 273 -19.29 37.91 12.74
CA THR C 273 -20.28 37.07 12.09
C THR C 273 -21.66 37.72 12.10
N PHE C 274 -22.45 37.41 11.08
CA PHE C 274 -23.81 37.87 10.93
C PHE C 274 -24.69 36.69 10.57
N PHE C 275 -25.95 36.74 10.97
CA PHE C 275 -26.92 35.70 10.67
C PHE C 275 -28.08 36.30 9.92
N ILE C 276 -28.56 35.60 8.89
CA ILE C 276 -29.67 36.06 8.07
C ILE C 276 -30.81 35.06 8.21
N THR C 277 -31.80 35.40 9.04
CA THR C 277 -32.95 34.55 9.27
C THR C 277 -34.13 35.08 8.50
N ARG C 278 -35.20 34.31 8.41
CA ARG C 278 -36.37 34.70 7.64
C ARG C 278 -37.08 35.89 8.31
N GLU C 279 -38.01 36.49 7.57
CA GLU C 279 -38.74 37.64 8.09
C GLU C 279 -39.72 37.21 9.18
N GLY C 280 -40.06 38.17 10.02
CA GLY C 280 -41.06 37.97 11.05
C GLY C 280 -40.69 36.97 12.15
N THR C 281 -39.45 37.02 12.63
CA THR C 281 -39.02 36.18 13.73
C THR C 281 -38.84 37.03 14.99
N THR C 282 -39.43 36.58 16.09
CA THR C 282 -39.28 37.28 17.36
C THR C 282 -37.87 37.11 17.90
N LYS C 283 -37.55 37.91 18.92
CA LYS C 283 -36.23 37.86 19.52
C LYS C 283 -35.99 36.54 20.24
N PHE C 284 -37.03 35.98 20.88
CA PHE C 284 -36.88 34.73 21.61
C PHE C 284 -36.83 33.51 20.69
N GLN C 285 -37.35 33.61 19.47
CA GLN C 285 -37.30 32.47 18.56
C GLN C 285 -35.88 32.14 18.13
N ASN C 286 -35.02 33.16 18.00
CA ASN C 286 -33.65 32.97 17.59
C ASN C 286 -32.70 33.42 18.68
N TYR C 287 -33.02 33.07 19.93
CA TYR C 287 -32.11 33.34 21.03
C TYR C 287 -30.87 32.45 20.94
N LYS C 288 -31.01 31.26 20.36
CA LYS C 288 -29.86 30.37 20.21
C LYS C 288 -28.81 30.98 19.29
N LEU C 289 -29.25 31.62 18.21
CA LEU C 289 -28.32 32.13 17.20
C LEU C 289 -27.56 33.36 17.67
N ALA C 290 -28.19 34.23 18.46
CA ALA C 290 -27.53 35.44 18.92
C ALA C 290 -26.37 35.15 19.86
N MET C 291 -26.29 33.94 20.40
CA MET C 291 -25.17 33.55 21.25
C MET C 291 -23.86 33.48 20.48
N PHE C 292 -23.92 33.29 19.15
CA PHE C 292 -22.73 33.14 18.33
C PHE C 292 -22.37 34.36 17.51
N GLY C 293 -23.36 35.17 17.13
CA GLY C 293 -23.11 36.37 16.34
C GLY C 293 -24.39 37.16 16.19
N GLU C 294 -24.30 38.20 15.37
CA GLU C 294 -25.44 39.09 15.20
C GLU C 294 -26.54 38.44 14.35
N VAL C 295 -27.79 38.72 14.69
CA VAL C 295 -28.94 38.16 14.00
C VAL C 295 -29.65 39.27 13.23
N ILE C 296 -29.92 39.02 11.95
CA ILE C 296 -30.62 39.94 11.08
C ILE C 296 -31.79 39.19 10.46
N ASN C 297 -33.02 39.57 10.80
CA ASN C 297 -34.21 38.91 10.28
C ASN C 297 -34.77 39.73 9.11
N ILE C 298 -34.16 39.56 7.94
CA ILE C 298 -34.60 40.27 6.74
C ILE C 298 -34.87 39.28 5.63
N GLY C 299 -34.25 38.11 5.70
CA GLY C 299 -34.42 37.08 4.69
C GLY C 299 -33.33 37.13 3.62
N VAL C 300 -33.34 36.12 2.77
CA VAL C 300 -32.38 36.05 1.66
C VAL C 300 -32.72 37.09 0.60
N ASN C 301 -34.01 37.27 0.31
CA ASN C 301 -34.41 38.18 -0.75
C ASN C 301 -34.05 39.63 -0.42
N ALA C 302 -34.15 40.02 0.86
CA ALA C 302 -33.79 41.37 1.23
C ALA C 302 -32.27 41.58 1.19
N PHE C 303 -31.51 40.56 1.56
CA PHE C 303 -30.06 40.63 1.45
C PHE C 303 -29.58 40.66 0.01
N SER C 304 -30.42 40.20 -0.90
CA SER C 304 -30.09 40.25 -2.31
C SER C 304 -29.88 41.69 -2.76
N HIS C 305 -30.68 42.62 -2.24
CA HIS C 305 -30.57 44.01 -2.66
C HIS C 305 -29.28 44.65 -2.15
N ILE C 306 -28.86 44.33 -0.93
CA ILE C 306 -27.56 44.79 -0.44
C ILE C 306 -26.44 44.21 -1.28
N ALA C 307 -26.55 42.93 -1.62
CA ALA C 307 -25.59 42.31 -2.53
C ALA C 307 -25.58 43.01 -3.89
N ALA C 308 -26.77 43.38 -4.38
CA ALA C 308 -26.90 44.06 -5.66
C ALA C 308 -26.22 45.42 -5.64
N LYS C 309 -26.35 46.14 -4.53
CA LYS C 309 -25.64 47.40 -4.38
C LYS C 309 -24.14 47.18 -4.19
N CYS C 310 -23.70 45.99 -3.83
CA CYS C 310 -22.27 45.82 -3.52
C CYS C 310 -21.42 45.17 -4.59
N ILE C 311 -21.98 44.50 -5.58
CA ILE C 311 -21.09 43.87 -6.57
C ILE C 311 -20.08 44.88 -7.12
N GLU C 312 -20.56 46.05 -7.53
CA GLU C 312 -19.74 47.00 -8.26
C GLU C 312 -18.57 47.54 -7.45
N GLU C 313 -18.61 47.38 -6.13
CA GLU C 313 -17.53 47.78 -5.25
C GLU C 313 -16.69 46.60 -4.77
N SER C 314 -17.26 45.39 -4.76
CA SER C 314 -16.52 44.24 -4.24
C SER C 314 -15.34 43.86 -5.13
N HIS C 315 -15.40 44.16 -6.43
CA HIS C 315 -14.31 43.81 -7.34
C HIS C 315 -13.25 44.89 -7.45
N GLN C 316 -13.49 46.07 -6.89
CA GLN C 316 -12.60 47.21 -7.06
C GLN C 316 -11.69 47.45 -5.87
N ASP C 317 -11.92 46.78 -4.75
CA ASP C 317 -11.24 47.11 -3.49
C ASP C 317 -9.91 46.37 -3.39
N LYS C 318 -8.81 47.10 -3.56
CA LYS C 318 -7.47 46.61 -3.25
C LYS C 318 -6.79 47.62 -2.34
N GLU C 319 -6.05 47.11 -1.36
CA GLU C 319 -5.35 47.95 -0.40
C GLU C 319 -4.17 47.18 0.16
N VAL C 320 -2.98 47.77 0.09
CA VAL C 320 -1.78 47.08 0.55
C VAL C 320 -1.78 46.93 2.07
N GLY C 321 -2.16 47.99 2.78
CA GLY C 321 -2.14 47.95 4.23
C GLY C 321 -0.73 48.04 4.78
N LEU C 322 -0.63 47.77 6.08
CA LEU C 322 0.64 47.75 6.79
C LEU C 322 1.00 46.32 7.16
N ILE C 323 2.29 46.09 7.35
CA ILE C 323 2.80 44.81 7.84
C ILE C 323 3.17 45.00 9.30
N ASN C 324 2.53 44.24 10.19
CA ASN C 324 2.59 44.52 11.61
C ASN C 324 3.50 43.59 12.40
N SER C 325 3.56 42.30 12.08
CA SER C 325 4.40 41.38 12.83
C SER C 325 5.77 41.20 12.21
N LEU C 326 6.04 41.83 11.08
CA LEU C 326 7.32 41.70 10.39
C LEU C 326 7.84 43.08 10.05
N GLU C 327 9.17 43.22 10.11
CA GLU C 327 9.79 44.48 9.78
C GLU C 327 10.56 44.32 8.49
N LEU C 328 10.60 45.36 7.68
CA LEU C 328 11.34 45.32 6.42
C LEU C 328 12.77 45.78 6.66
N TYR C 329 13.73 44.90 6.41
CA TYR C 329 15.12 45.28 6.49
C TYR C 329 15.48 46.17 5.31
N THR C 330 16.18 47.27 5.57
CA THR C 330 16.60 48.17 4.51
C THR C 330 18.11 48.37 4.57
N PRO C 331 18.79 48.34 3.42
CA PRO C 331 20.26 48.41 3.43
C PRO C 331 20.79 49.80 3.75
N GLY C 332 22.12 49.95 3.67
CA GLY C 332 22.75 51.20 4.08
C GLY C 332 22.77 52.22 2.96
N GLU C 333 22.79 53.49 3.35
CA GLU C 333 22.89 54.61 2.42
C GLU C 333 24.08 55.52 2.72
N GLU C 334 24.78 55.28 3.83
CA GLU C 334 25.93 56.10 4.22
C GLU C 334 27.04 55.20 4.71
N HIS C 335 28.27 55.72 4.61
CA HIS C 335 29.46 55.01 5.08
C HIS C 335 29.79 55.51 6.48
N ASP C 336 29.69 54.61 7.46
CA ASP C 336 30.03 54.93 8.84
C ASP C 336 31.46 54.50 9.13
N GLU C 337 32.24 55.41 9.69
CA GLU C 337 33.61 55.06 10.06
C GLU C 337 33.62 54.07 11.21
N ILE C 338 34.58 53.16 11.18
CA ILE C 338 34.70 52.18 12.26
C ILE C 338 35.98 52.39 13.01
N ARG C 339 35.88 52.50 14.31
CA ARG C 339 37.00 52.75 15.20
C ARG C 339 37.43 51.43 15.83
N ASP C 340 38.39 51.53 16.76
CA ASP C 340 38.66 50.39 17.62
C ASP C 340 37.56 50.19 18.66
N ASN C 341 36.81 51.24 18.98
CA ASN C 341 35.73 51.12 19.95
C ASN C 341 34.62 50.22 19.43
N ASP C 342 34.18 50.43 18.19
CA ASP C 342 33.12 49.60 17.65
C ASP C 342 33.57 48.15 17.49
N ILE C 343 34.83 47.95 17.12
CA ILE C 343 35.37 46.59 16.98
C ILE C 343 35.39 45.90 18.34
N ALA C 344 35.88 46.60 19.37
CA ALA C 344 35.94 45.99 20.70
C ALA C 344 34.54 45.70 21.23
N ASN C 345 33.60 46.63 21.04
CA ASN C 345 32.23 46.42 21.50
C ASN C 345 31.61 45.21 20.83
N PHE C 346 31.75 45.11 19.50
CA PHE C 346 31.19 43.98 18.77
C PHE C 346 31.82 42.66 19.20
N MET C 347 33.14 42.63 19.35
CA MET C 347 33.78 41.34 19.59
C MET C 347 33.61 40.88 21.02
N ILE C 348 33.54 41.80 21.99
CA ILE C 348 33.46 41.38 23.38
C ILE C 348 32.02 41.40 23.87
N PHE C 349 31.37 42.55 23.80
CA PHE C 349 30.04 42.69 24.40
C PHE C 349 28.92 42.34 23.44
N GLY C 350 29.21 42.12 22.17
CA GLY C 350 28.21 41.73 21.21
C GLY C 350 27.33 42.84 20.68
N LYS C 351 27.71 44.10 20.86
CA LYS C 351 26.90 45.23 20.42
C LYS C 351 27.38 45.70 19.05
N VAL C 352 26.46 45.74 18.09
CA VAL C 352 26.79 46.11 16.72
C VAL C 352 25.56 46.73 16.07
N SER C 353 25.74 47.90 15.47
CA SER C 353 24.70 48.50 14.68
C SER C 353 24.67 47.86 13.30
N ASP C 354 23.48 47.86 12.69
CA ASP C 354 23.33 47.21 11.39
C ASP C 354 24.10 47.92 10.29
N ARG C 355 24.46 49.19 10.51
CA ARG C 355 25.28 49.91 9.54
C ARG C 355 26.67 49.31 9.44
N TYR C 356 27.21 48.85 10.59
CA TYR C 356 28.47 48.13 10.59
C TYR C 356 28.40 46.87 9.72
N ILE C 357 27.32 46.11 9.87
CA ILE C 357 27.12 44.89 9.09
C ILE C 357 26.98 45.20 7.61
N ASP C 358 26.23 46.24 7.26
CA ASP C 358 26.11 46.63 5.85
C ASP C 358 27.43 47.13 5.29
N GLU C 359 28.29 47.71 6.14
CA GLU C 359 29.57 48.21 5.65
C GLU C 359 30.57 47.08 5.41
N VAL C 360 30.55 46.05 6.25
CA VAL C 360 31.60 45.03 6.12
C VAL C 360 31.24 44.00 5.06
N THR C 361 30.14 44.21 4.34
CA THR C 361 29.73 43.29 3.28
C THR C 361 29.97 43.85 1.88
N LEU C 362 30.32 45.13 1.74
CA LEU C 362 30.66 45.67 0.43
C LEU C 362 32.03 45.19 -0.03
N ASN C 363 33.02 45.23 0.86
CA ASN C 363 34.41 44.92 0.52
C ASN C 363 34.79 43.59 1.16
N ASP C 364 35.31 42.68 0.35
CA ASP C 364 35.68 41.35 0.82
C ASP C 364 37.16 41.25 1.21
N ASN C 365 37.91 42.34 1.10
CA ASN C 365 39.27 42.40 1.63
C ASN C 365 39.31 42.96 3.05
N MET C 366 38.14 43.14 3.66
CA MET C 366 38.02 43.89 4.91
C MET C 366 38.11 42.91 6.10
N HIS C 367 39.22 42.16 6.11
CA HIS C 367 39.35 40.99 6.98
C HIS C 367 39.67 41.35 8.43
N ASP C 368 39.93 42.61 8.74
CA ASP C 368 40.29 42.98 10.10
C ASP C 368 39.10 43.38 10.94
N LYS C 369 37.87 43.19 10.45
CA LYS C 369 36.69 43.61 11.18
C LYS C 369 35.58 42.58 11.28
N ILE C 370 35.65 41.49 10.52
CA ILE C 370 34.66 40.42 10.64
C ILE C 370 35.25 39.16 10.01
N ILE C 371 34.92 38.00 10.58
CA ILE C 371 35.29 36.72 9.96
C ILE C 371 34.26 36.39 8.89
N LEU C 372 34.73 36.14 7.68
CA LEU C 372 33.87 35.83 6.55
C LEU C 372 33.73 34.31 6.46
N ARG C 373 32.49 33.82 6.51
CA ARG C 373 32.21 32.40 6.51
C ARG C 373 31.68 31.99 5.14
N GLU C 374 32.24 30.91 4.60
CA GLU C 374 31.80 30.42 3.30
C GLU C 374 30.45 29.73 3.35
N GLU C 375 29.88 29.52 4.55
CA GLU C 375 28.53 29.01 4.63
C GLU C 375 27.52 29.98 4.04
N VAL C 376 27.83 31.28 4.06
CA VAL C 376 26.91 32.29 3.54
C VAL C 376 26.74 32.13 2.03
N SER C 377 27.83 31.88 1.30
CA SER C 377 27.73 31.69 -0.14
C SER C 377 26.91 30.45 -0.49
N LYS C 378 27.12 29.35 0.26
CA LYS C 378 26.34 28.14 0.04
C LYS C 378 24.86 28.39 0.30
N ILE C 379 24.55 29.13 1.37
CA ILE C 379 23.17 29.42 1.70
C ILE C 379 22.53 30.31 0.65
N ILE C 380 23.31 31.27 0.11
CA ILE C 380 22.79 32.14 -0.95
C ILE C 380 22.50 31.33 -2.21
N GLU C 381 23.41 30.42 -2.57
CA GLU C 381 23.19 29.57 -3.74
C GLU C 381 21.96 28.69 -3.56
N HIS C 382 21.75 28.19 -2.34
CA HIS C 382 20.58 27.37 -2.07
C HIS C 382 19.29 28.20 -2.08
N ILE C 383 19.33 29.44 -1.61
CA ILE C 383 18.10 30.23 -1.55
C ILE C 383 17.74 30.76 -2.93
N GLU C 384 18.71 30.93 -3.83
CA GLU C 384 18.38 31.38 -5.18
C GLU C 384 17.66 30.33 -6.00
N THR C 385 17.73 29.05 -5.61
CA THR C 385 17.15 27.96 -6.37
C THR C 385 15.84 27.46 -5.73
N ASP C 386 15.08 28.36 -5.12
CA ASP C 386 13.74 28.09 -4.58
C ASP C 386 13.76 26.97 -3.53
N ASN C 387 14.74 27.03 -2.64
CA ASN C 387 14.86 26.08 -1.53
C ASN C 387 14.72 26.81 -0.22
N ASP C 388 14.18 26.13 0.79
CA ASP C 388 14.16 26.67 2.14
C ASP C 388 15.45 26.29 2.85
N ILE C 389 15.70 26.96 3.98
CA ILE C 389 16.94 26.80 4.72
C ILE C 389 16.64 26.72 6.20
N LEU C 390 17.31 25.77 6.88
CA LEU C 390 17.16 25.56 8.31
C LEU C 390 18.55 25.47 8.93
N ILE C 391 18.86 26.37 9.85
CA ILE C 391 20.18 26.45 10.48
C ILE C 391 20.08 26.00 11.93
N ALA C 392 21.04 25.19 12.36
CA ALA C 392 21.13 24.77 13.75
C ALA C 392 22.57 24.87 14.21
N SER C 393 22.76 25.13 15.50
CA SER C 393 24.09 25.28 16.06
C SER C 393 24.02 25.12 17.57
N ASP C 394 25.17 25.28 18.22
CA ASP C 394 25.30 25.16 19.66
C ASP C 394 25.11 26.55 20.29
N LEU C 395 25.52 26.71 21.55
CA LEU C 395 25.33 27.97 22.27
C LEU C 395 26.20 29.06 21.66
N GLY C 396 25.58 29.94 20.87
CA GLY C 396 26.21 31.16 20.42
C GLY C 396 27.44 30.99 19.55
N ASN C 397 27.32 30.31 18.41
CA ASN C 397 28.45 30.10 17.51
C ASN C 397 28.39 31.00 16.28
N GLY C 398 27.59 32.06 16.31
CA GLY C 398 27.52 32.99 15.20
C GLY C 398 26.41 32.72 14.21
N LYS C 399 25.18 32.64 14.69
CA LYS C 399 24.03 32.28 13.88
C LYS C 399 23.06 33.43 13.61
N SER C 400 22.76 34.27 14.61
CA SER C 400 21.97 35.45 14.35
C SER C 400 22.75 36.49 13.56
N ILE C 401 24.05 36.60 13.81
CA ILE C 401 24.89 37.49 13.00
C ILE C 401 24.95 36.99 11.56
N MET C 402 24.97 35.68 11.37
CA MET C 402 24.87 35.14 10.01
C MET C 402 23.53 35.45 9.37
N THR C 403 22.45 35.40 10.15
CA THR C 403 21.15 35.82 9.61
C THR C 403 21.18 37.28 9.16
N ARG C 404 21.80 38.15 9.95
CA ARG C 404 21.90 39.56 9.57
C ARG C 404 22.73 39.76 8.31
N MET C 405 23.87 39.06 8.21
CA MET C 405 24.70 39.16 7.01
C MET C 405 23.96 38.65 5.78
N LEU C 406 23.25 37.54 5.93
CA LEU C 406 22.45 36.98 4.85
C LEU C 406 21.38 37.94 4.39
N MET C 407 20.71 38.60 5.34
CA MET C 407 19.67 39.57 5.01
C MET C 407 20.24 40.77 4.27
N SER C 408 21.39 41.27 4.72
CA SER C 408 22.04 42.40 4.05
C SER C 408 22.43 42.05 2.62
N LYS C 409 22.92 40.83 2.39
CA LYS C 409 23.28 40.44 1.03
C LYS C 409 22.05 40.23 0.15
N LEU C 410 21.04 39.53 0.66
CA LEU C 410 19.88 39.23 -0.16
C LEU C 410 19.05 40.47 -0.47
N SER C 411 19.13 41.51 0.37
CA SER C 411 18.39 42.73 0.05
C SER C 411 18.98 43.44 -1.15
N ARG C 412 20.32 43.44 -1.26
CA ARG C 412 20.95 44.06 -2.43
C ARG C 412 20.85 43.16 -3.65
N LYS C 413 20.77 41.84 -3.46
CA LYS C 413 20.67 40.94 -4.61
C LYS C 413 19.34 41.04 -5.34
N GLY C 414 18.35 41.74 -4.79
CA GLY C 414 17.06 41.92 -5.42
C GLY C 414 15.88 41.42 -4.61
N TYR C 415 16.09 40.57 -3.61
CA TYR C 415 15.00 40.06 -2.80
C TYR C 415 14.50 41.12 -1.84
N LEU C 416 13.29 40.90 -1.31
CA LEU C 416 12.74 41.69 -0.23
C LEU C 416 12.72 40.81 1.01
N CYS C 417 13.53 41.15 2.01
CA CYS C 417 13.68 40.33 3.19
C CYS C 417 12.95 40.95 4.37
N PHE C 418 12.23 40.12 5.11
CA PHE C 418 11.49 40.55 6.29
C PHE C 418 12.04 39.83 7.51
N TYR C 419 11.95 40.50 8.66
CA TYR C 419 12.46 39.96 9.92
C TYR C 419 11.30 39.85 10.90
N TYR C 420 11.17 38.69 11.53
CA TYR C 420 10.03 38.40 12.39
C TYR C 420 10.17 39.14 13.72
N LEU C 421 9.17 39.91 14.09
CA LEU C 421 9.13 40.59 15.37
C LEU C 421 8.27 39.81 16.35
N TYR C 422 8.74 39.72 17.60
CA TYR C 422 8.01 39.01 18.65
C TYR C 422 6.93 39.93 19.20
N ASN C 423 5.91 40.13 18.37
CA ASN C 423 4.85 41.10 18.60
C ASN C 423 3.56 40.40 19.02
N GLU C 424 2.58 41.20 19.37
CA GLU C 424 1.24 40.71 19.69
C GLU C 424 0.29 40.78 18.50
N PHE C 425 0.80 41.12 17.33
CA PHE C 425 -0.03 41.22 16.14
C PHE C 425 -0.03 39.90 15.38
N SER C 426 -1.11 39.66 14.64
CA SER C 426 -1.32 38.36 14.02
C SER C 426 -0.32 38.12 12.90
N PHE C 427 0.06 36.85 12.74
CA PHE C 427 1.05 36.45 11.74
C PHE C 427 0.41 35.97 10.44
N SER C 428 -0.80 35.42 10.51
CA SER C 428 -1.45 34.94 9.30
C SER C 428 -1.81 36.08 8.36
N LYS C 429 -2.31 37.19 8.91
CA LYS C 429 -2.71 38.33 8.08
C LYS C 429 -1.52 38.92 7.35
N ASP C 430 -0.38 39.03 8.02
CA ASP C 430 0.80 39.60 7.38
C ASP C 430 1.34 38.70 6.29
N ILE C 431 1.28 37.38 6.48
CA ILE C 431 1.73 36.49 5.41
C ILE C 431 0.75 36.50 4.24
N GLU C 432 -0.54 36.74 4.50
CA GLU C 432 -1.49 36.88 3.40
C GLU C 432 -1.23 38.16 2.62
N ARG C 433 -0.98 39.27 3.32
CA ARG C 433 -0.65 40.52 2.63
C ARG C 433 0.66 40.39 1.86
N LEU C 434 1.62 39.66 2.40
CA LEU C 434 2.87 39.41 1.69
C LEU C 434 2.61 38.59 0.42
N SER C 435 1.62 37.71 0.46
CA SER C 435 1.31 36.92 -0.71
C SER C 435 0.75 37.79 -1.82
N LYS C 436 -0.09 38.76 -1.46
CA LYS C 436 -0.71 39.62 -2.48
C LYS C 436 0.32 40.43 -3.24
N LEU C 437 1.49 40.63 -2.65
CA LEU C 437 2.53 41.39 -3.31
C LEU C 437 3.00 40.62 -4.53
N GLY C 438 3.99 41.17 -5.25
CA GLY C 438 4.48 40.54 -6.46
C GLY C 438 6.00 40.51 -6.58
N GLN C 439 6.70 40.29 -5.48
CA GLN C 439 8.15 40.20 -5.48
C GLN C 439 8.59 38.90 -4.84
N LYS C 440 9.90 38.67 -4.84
CA LYS C 440 10.47 37.52 -4.15
C LYS C 440 10.77 37.92 -2.71
N ILE C 441 10.19 37.17 -1.76
CA ILE C 441 10.28 37.49 -0.34
C ILE C 441 10.97 36.35 0.37
N VAL C 442 11.87 36.69 1.29
CA VAL C 442 12.50 35.73 2.20
C VAL C 442 12.16 36.15 3.62
N ILE C 443 11.58 35.24 4.38
CA ILE C 443 11.16 35.51 5.75
C ILE C 443 12.14 34.86 6.70
N PHE C 444 12.76 35.67 7.57
CA PHE C 444 13.73 35.19 8.52
C PHE C 444 13.07 35.04 9.89
N ILE C 445 13.19 33.85 10.48
CA ILE C 445 12.69 33.58 11.82
C ILE C 445 13.86 33.06 12.65
N ASP C 446 14.13 33.71 13.78
CA ASP C 446 15.27 33.39 14.63
C ASP C 446 14.77 32.73 15.91
N ASP C 447 15.38 31.60 16.26
CA ASP C 447 15.00 30.78 17.41
C ASP C 447 13.52 30.42 17.35
N TYR C 448 13.22 29.60 16.35
CA TYR C 448 11.84 29.21 16.07
C TYR C 448 11.12 28.39 17.12
N SER C 449 11.86 27.81 18.04
CA SER C 449 11.23 26.96 19.02
C SER C 449 10.34 27.81 19.92
N ASN C 450 10.65 29.09 20.06
CA ASN C 450 9.84 29.96 20.90
C ASN C 450 8.57 30.42 20.20
N CYS C 451 8.48 30.27 18.88
CA CYS C 451 7.31 30.61 18.08
C CYS C 451 6.97 29.46 17.15
N ILE C 452 7.00 28.24 17.70
CA ILE C 452 6.75 27.03 16.93
C ILE C 452 5.37 27.02 16.28
N ASP C 453 4.36 27.63 16.91
CA ASP C 453 3.05 27.66 16.28
C ASP C 453 3.04 28.56 15.03
N ASP C 454 3.67 29.72 15.10
CA ASP C 454 3.75 30.57 13.92
C ASP C 454 4.71 29.98 12.92
N THR C 455 5.74 29.29 13.39
CA THR C 455 6.67 28.63 12.49
C THR C 455 5.93 27.56 11.75
N ARG C 456 4.94 26.96 12.39
CA ARG C 456 4.16 25.92 11.77
C ARG C 456 3.22 26.51 10.72
N TYR C 457 2.47 27.54 11.06
CA TYR C 457 1.63 28.20 10.07
C TYR C 457 2.45 28.65 8.87
N ALA C 458 3.71 29.03 9.09
CA ALA C 458 4.54 29.49 7.97
C ALA C 458 4.89 28.34 7.03
N ILE C 459 5.35 27.22 7.57
CA ILE C 459 5.73 26.09 6.73
C ILE C 459 4.55 25.23 6.33
N GLU C 460 3.36 25.54 6.81
CA GLU C 460 2.16 24.79 6.45
C GLU C 460 1.38 25.44 5.31
N ASN C 461 1.04 26.71 5.47
CA ASN C 461 0.26 27.41 4.47
C ASN C 461 1.16 28.42 3.79
N ARG C 462 2.12 27.93 3.03
CA ARG C 462 3.07 28.83 2.38
C ARG C 462 2.62 29.21 0.99
N LYS C 463 3.29 30.18 0.39
CA LYS C 463 2.97 30.55 -0.98
C LYS C 463 4.18 30.31 -1.88
N ASP C 464 4.05 30.71 -3.15
CA ASP C 464 5.09 30.41 -4.12
C ASP C 464 6.25 31.40 -4.11
N ASN C 465 6.03 32.62 -3.63
CA ASN C 465 7.07 33.65 -3.64
C ASN C 465 7.58 33.98 -2.24
N ILE C 466 7.37 33.09 -1.27
CA ILE C 466 7.79 33.31 0.10
C ILE C 466 8.62 32.11 0.53
N GLN C 467 9.94 32.28 0.55
CA GLN C 467 10.83 31.28 1.13
C GLN C 467 10.98 31.54 2.62
N LEU C 468 11.50 30.55 3.34
CA LEU C 468 11.62 30.64 4.79
C LEU C 468 13.03 30.28 5.21
N VAL C 469 13.55 31.02 6.18
CA VAL C 469 14.85 30.73 6.80
C VAL C 469 14.63 30.65 8.30
N LEU C 470 14.89 29.49 8.89
CA LEU C 470 14.67 29.26 10.31
C LEU C 470 15.98 28.86 10.97
N THR C 471 16.26 29.45 12.13
CA THR C 471 17.45 29.14 12.91
C THR C 471 17.04 28.69 14.31
N THR C 472 17.83 27.82 14.92
CA THR C 472 17.57 27.33 16.27
C THR C 472 18.81 26.68 16.85
N ARG C 473 18.71 26.28 18.12
CA ARG C 473 19.73 25.51 18.79
C ARG C 473 19.43 24.02 18.64
N HIS C 474 20.34 23.18 19.13
CA HIS C 474 20.19 21.74 18.92
C HIS C 474 19.11 21.16 19.81
N PHE C 475 18.97 21.66 21.04
CA PHE C 475 17.93 21.19 21.95
C PHE C 475 16.55 21.44 21.35
N GLY C 476 16.28 22.68 20.93
CA GLY C 476 14.99 23.02 20.38
C GLY C 476 14.72 22.37 19.05
N TYR C 477 15.77 22.01 18.30
CA TYR C 477 15.56 21.24 17.08
C TYR C 477 15.14 19.82 17.42
N GLU C 478 15.82 19.19 18.37
CA GLU C 478 15.49 17.81 18.72
C GLU C 478 14.37 17.70 19.72
N ASN C 479 13.82 18.82 20.20
CA ASN C 479 12.58 18.81 20.96
C ASN C 479 11.35 18.96 20.08
N THR C 480 11.52 19.29 18.80
CA THR C 480 10.40 19.52 17.89
C THR C 480 10.56 18.69 16.63
N LYS C 481 11.31 17.59 16.69
CA LYS C 481 11.41 16.69 15.55
C LYS C 481 10.07 16.01 15.27
N GLN C 482 9.33 15.67 16.31
CA GLN C 482 8.04 15.02 16.13
C GLN C 482 6.97 16.02 15.73
N HIS C 483 7.22 17.29 15.94
CA HIS C 483 6.23 18.32 15.66
C HIS C 483 6.33 18.86 14.25
N LEU C 484 7.26 18.36 13.46
CA LEU C 484 7.49 18.92 12.13
C LEU C 484 7.68 17.91 11.00
N LEU C 485 8.25 16.74 11.30
CA LEU C 485 8.47 15.72 10.28
C LEU C 485 7.19 15.07 9.79
N THR C 486 6.04 15.34 10.42
CA THR C 486 4.77 14.93 9.84
C THR C 486 4.38 15.80 8.66
N MET C 487 5.07 16.93 8.48
CA MET C 487 4.79 17.85 7.39
C MET C 487 5.93 17.77 6.39
N ASP C 488 5.80 18.50 5.29
CA ASP C 488 6.81 18.42 4.25
C ASP C 488 8.07 19.17 4.60
N MET C 489 9.20 18.50 4.49
CA MET C 489 10.46 19.15 4.77
C MET C 489 11.43 18.74 3.68
N SER C 490 10.89 18.32 2.53
CA SER C 490 11.73 17.89 1.42
C SER C 490 12.46 19.05 0.79
N SER C 491 11.88 20.24 0.87
CA SER C 491 12.48 21.44 0.30
C SER C 491 13.35 22.19 1.29
N PHE C 492 13.65 21.60 2.44
CA PHE C 492 14.44 22.24 3.48
C PHE C 492 15.86 21.71 3.45
N LYS C 493 16.83 22.62 3.46
CA LYS C 493 18.25 22.26 3.46
C LYS C 493 18.81 22.53 4.85
N THR C 494 19.17 21.47 5.56
CA THR C 494 19.62 21.57 6.95
C THR C 494 21.11 21.90 6.98
N HIS C 495 21.44 23.09 7.46
CA HIS C 495 22.82 23.54 7.55
C HIS C 495 23.27 23.57 9.00
N SER C 496 24.57 23.38 9.21
CA SER C 496 25.16 23.42 10.55
C SER C 496 26.38 24.33 10.53
N VAL C 497 26.43 25.26 11.49
CA VAL C 497 27.44 26.31 11.52
C VAL C 497 28.34 26.21 12.75
N ASP C 498 28.38 25.04 13.39
CA ASP C 498 29.13 24.90 14.64
C ASP C 498 30.63 25.08 14.42
N TYR C 499 31.18 24.49 13.37
CA TYR C 499 32.62 24.37 13.20
C TYR C 499 33.14 25.33 12.15
N LEU C 500 34.40 25.72 12.31
CA LEU C 500 35.09 26.60 11.38
C LEU C 500 36.24 25.88 10.73
N SER C 501 36.56 26.27 9.50
CA SER C 501 37.78 25.80 8.86
C SER C 501 38.99 26.49 9.47
N ASP C 502 40.18 26.00 9.13
CA ASP C 502 41.41 26.57 9.67
C ASP C 502 41.63 28.00 9.17
N SER C 503 41.15 28.31 7.98
CA SER C 503 41.25 29.67 7.47
C SER C 503 40.48 30.65 8.33
N GLU C 504 39.30 30.25 8.81
CA GLU C 504 38.52 31.11 9.69
C GLU C 504 39.20 31.29 11.04
N VAL C 505 39.86 30.24 11.54
CA VAL C 505 40.63 30.39 12.78
C VAL C 505 41.76 31.39 12.59
N ASP C 506 42.44 31.32 11.44
CA ASP C 506 43.47 32.31 11.15
C ASP C 506 42.90 33.71 11.02
N ASN C 507 41.69 33.83 10.49
CA ASN C 507 41.06 35.14 10.39
C ASN C 507 40.71 35.71 11.77
N PHE C 508 40.23 34.85 12.67
CA PHE C 508 39.99 35.26 14.05
C PHE C 508 41.28 35.70 14.72
N VAL C 509 42.37 34.95 14.50
CA VAL C 509 43.67 35.33 15.04
C VAL C 509 44.10 36.69 14.51
N HIS C 510 43.87 36.95 13.22
CA HIS C 510 44.20 38.24 12.64
C HIS C 510 43.36 39.36 13.25
N ILE C 511 42.06 39.11 13.49
CA ILE C 511 41.20 40.12 14.10
C ILE C 511 41.69 40.46 15.50
N VAL C 512 42.03 39.45 16.29
CA VAL C 512 42.52 39.71 17.64
C VAL C 512 43.88 40.39 17.61
N ASP C 513 44.76 40.01 16.66
CA ASP C 513 46.07 40.61 16.56
C ASP C 513 45.98 42.09 16.22
N HIS C 514 45.08 42.43 15.30
CA HIS C 514 44.84 43.85 15.02
C HIS C 514 44.24 44.54 16.25
N LEU C 515 43.37 43.84 16.98
CA LEU C 515 42.78 44.40 18.19
C LEU C 515 43.76 44.43 19.36
N GLY C 516 44.84 43.66 19.29
CA GLY C 516 45.84 43.67 20.35
C GLY C 516 45.38 43.12 21.67
N ALA C 517 44.68 41.99 21.67
CA ALA C 517 44.17 41.38 22.88
C ALA C 517 44.97 40.15 23.32
N TRP C 518 46.09 39.88 22.67
CA TRP C 518 46.89 38.71 23.05
C TRP C 518 47.56 38.91 24.41
N GLY C 519 48.18 40.05 24.61
CA GLY C 519 48.90 40.32 25.84
C GLY C 519 50.37 39.97 25.71
N GLU C 520 50.85 39.10 26.59
CA GLU C 520 52.26 38.72 26.58
C GLU C 520 52.58 37.66 25.53
N LYS C 521 51.57 37.06 24.91
CA LYS C 521 51.77 36.01 23.91
C LYS C 521 51.84 36.55 22.49
N ALA C 522 52.07 37.85 22.32
CA ALA C 522 52.08 38.43 20.99
C ALA C 522 53.30 38.02 20.19
N GLY C 523 54.45 37.87 20.84
CA GLY C 523 55.68 37.57 20.11
C GLY C 523 55.70 36.15 19.56
N LEU C 524 55.00 35.24 20.21
CA LEU C 524 55.00 33.84 19.79
C LEU C 524 54.11 33.64 18.57
N SER C 525 54.25 32.48 17.94
CA SER C 525 53.64 32.21 16.65
C SER C 525 52.21 31.66 16.83
N ARG C 526 51.64 31.15 15.74
CA ARG C 526 50.24 30.74 15.73
C ARG C 526 50.00 29.51 16.61
N HIS C 527 50.89 28.52 16.56
CA HIS C 527 50.63 27.24 17.20
C HIS C 527 50.55 27.38 18.72
N GLU C 528 51.45 28.17 19.31
CA GLU C 528 51.49 28.28 20.76
C GLU C 528 50.54 29.33 21.31
N LYS C 529 49.91 30.12 20.43
CA LYS C 529 48.87 31.03 20.89
C LYS C 529 47.61 30.28 21.32
N LEU C 530 47.34 29.15 20.68
CA LEU C 530 46.19 28.31 21.00
C LEU C 530 46.61 26.99 21.64
N SER C 531 47.66 27.05 22.46
CA SER C 531 48.22 25.84 23.04
C SER C 531 47.35 25.28 24.17
N GLU C 532 46.79 26.14 25.00
CA GLU C 532 46.00 25.70 26.15
C GLU C 532 44.56 25.33 25.79
N LEU C 533 44.13 25.60 24.57
CA LEU C 533 42.78 25.22 24.16
C LEU C 533 42.71 23.74 23.83
N ASP C 534 41.54 23.16 24.03
CA ASP C 534 41.31 21.77 23.68
C ASP C 534 41.19 21.61 22.16
N GLU C 535 41.24 20.37 21.70
CA GLU C 535 41.21 20.12 20.26
C GLU C 535 39.84 20.39 19.67
N ASN C 536 38.78 20.08 20.43
CA ASN C 536 37.41 20.24 19.94
C ASN C 536 36.88 21.65 20.16
N ALA C 537 37.44 22.34 21.15
CA ALA C 537 37.06 23.72 21.41
C ALA C 537 37.95 24.72 20.67
N ARG C 538 38.90 24.23 19.89
CA ARG C 538 39.80 25.13 19.16
C ARG C 538 39.11 25.75 17.96
N ASN C 539 38.24 25.01 17.29
CA ASN C 539 37.57 25.46 16.08
C ASN C 539 36.08 25.74 16.27
N GLN C 540 35.70 26.22 17.44
CA GLN C 540 34.37 26.73 17.71
C GLN C 540 34.48 28.19 18.13
N LEU C 541 33.58 29.03 17.62
CA LEU C 541 33.71 30.47 17.85
C LEU C 541 33.41 30.84 19.29
N SER C 542 32.42 30.20 19.91
CA SER C 542 32.04 30.55 21.28
C SER C 542 33.14 30.23 22.27
N PHE C 543 33.71 29.02 22.18
CA PHE C 543 34.78 28.65 23.09
C PHE C 543 36.05 29.43 22.80
N LEU C 544 36.31 29.77 21.53
CA LEU C 544 37.44 30.62 21.19
C LEU C 544 37.30 31.99 21.85
N LEU C 545 36.11 32.59 21.74
CA LEU C 545 35.87 33.89 22.35
C LEU C 545 36.04 33.83 23.86
N LEU C 546 35.47 32.81 24.48
CA LEU C 546 35.55 32.68 25.93
C LEU C 546 36.98 32.45 26.42
N SER C 547 37.77 31.66 25.70
CA SER C 547 39.13 31.37 26.15
C SER C 547 40.07 32.56 25.90
N ILE C 548 39.93 33.23 24.76
CA ILE C 548 40.90 34.26 24.39
C ILE C 548 40.42 35.64 24.82
N LEU C 549 39.29 36.07 24.29
CA LEU C 549 38.85 37.44 24.48
C LEU C 549 38.12 37.66 25.80
N LYS C 550 37.75 36.59 26.50
CA LYS C 550 37.01 36.66 27.75
C LYS C 550 35.72 37.45 27.58
N SER C 551 35.00 37.18 26.49
CA SER C 551 33.85 37.97 26.11
C SER C 551 32.72 37.82 27.12
N GLU C 552 32.12 38.95 27.52
CA GLU C 552 31.11 38.93 28.55
C GLU C 552 29.78 38.38 28.04
N ALA C 553 29.52 38.46 26.73
CA ALA C 553 28.28 37.91 26.18
C ALA C 553 28.22 36.40 26.36
N ILE C 554 29.33 35.70 26.11
CA ILE C 554 29.34 34.25 26.24
C ILE C 554 29.21 33.84 27.70
N GLN C 555 29.87 34.57 28.61
CA GLN C 555 29.72 34.27 30.02
C GLN C 555 28.28 34.47 30.49
N SER C 556 27.64 35.54 30.03
CA SER C 556 26.25 35.77 30.41
C SER C 556 25.35 34.66 29.88
N ARG C 557 25.58 34.23 28.64
CA ARG C 557 24.77 33.16 28.05
C ARG C 557 24.93 31.86 28.83
N ILE C 558 26.18 31.52 29.20
CA ILE C 558 26.43 30.29 29.92
C ILE C 558 25.83 30.34 31.32
N ARG C 559 25.96 31.48 32.00
CA ARG C 559 25.36 31.62 33.32
C ARG C 559 23.85 31.48 33.27
N GLU C 560 23.22 32.11 32.27
CA GLU C 560 21.78 32.03 32.12
C GLU C 560 21.31 30.61 31.83
N ILE C 561 22.08 29.86 31.02
CA ILE C 561 21.66 28.50 30.70
C ILE C 561 22.05 27.46 31.75
N SER C 562 22.99 27.77 32.64
CA SER C 562 23.39 26.82 33.66
C SER C 562 22.61 27.02 34.95
N ASN C 563 22.18 28.24 35.23
CA ASN C 563 21.38 28.51 36.42
C ASN C 563 20.06 27.78 36.41
N LEU C 564 19.58 27.35 35.24
CA LEU C 564 18.28 26.69 35.19
C LEU C 564 18.39 25.26 35.67
N ALA C 565 19.56 24.64 35.52
CA ALA C 565 19.76 23.25 35.94
C ALA C 565 20.48 23.12 37.26
N LEU C 566 21.24 24.13 37.66
CA LEU C 566 22.00 24.05 38.91
C LEU C 566 21.19 24.49 40.12
N ASN C 567 19.92 24.86 39.95
CA ASN C 567 19.15 25.36 41.08
C ASN C 567 18.73 24.23 42.02
N ASP C 568 18.52 23.02 41.49
CA ASP C 568 18.17 21.89 42.33
C ASP C 568 19.39 21.43 43.13
N LYS C 569 19.12 20.69 44.20
CA LYS C 569 20.22 20.19 45.03
C LYS C 569 20.79 18.90 44.46
N GLU C 570 19.93 17.97 44.08
CA GLU C 570 20.39 16.71 43.54
C GLU C 570 21.08 16.92 42.20
N TYR C 571 20.51 17.74 41.34
CA TYR C 571 21.14 18.05 40.05
C TYR C 571 22.50 18.69 40.26
N LYS C 572 22.60 19.63 41.20
CA LYS C 572 23.88 20.28 41.45
C LYS C 572 24.92 19.29 41.95
N GLU C 573 24.51 18.38 42.83
CA GLU C 573 25.44 17.38 43.34
C GLU C 573 25.90 16.44 42.24
N THR C 574 24.99 16.00 41.37
CA THR C 574 25.37 15.09 40.29
C THR C 574 26.27 15.77 39.27
N VAL C 575 25.98 17.03 38.93
CA VAL C 575 26.83 17.77 37.99
C VAL C 575 28.22 17.97 38.59
N PHE C 576 28.29 18.29 39.88
CA PHE C 576 29.58 18.43 40.53
C PHE C 576 30.34 17.10 40.53
N ALA C 577 29.63 15.99 40.71
CA ALA C 577 30.28 14.69 40.67
C ALA C 577 30.86 14.41 39.29
N ILE C 578 30.11 14.73 38.24
CA ILE C 578 30.61 14.51 36.88
C ILE C 578 31.86 15.35 36.62
N LEU C 579 31.83 16.62 37.03
CA LEU C 579 33.00 17.48 36.83
C LEU C 579 34.19 16.99 37.65
N LEU C 580 33.95 16.53 38.88
CA LEU C 580 35.04 16.05 39.72
C LEU C 580 35.70 14.80 39.13
N LEU C 581 34.88 13.85 38.68
CA LEU C 581 35.43 12.65 38.04
C LEU C 581 36.16 12.98 36.75
N ASP C 582 35.74 14.05 36.06
CA ASP C 582 36.49 14.47 34.88
C ASP C 582 37.86 15.01 35.26
N VAL C 583 37.91 15.92 36.23
CA VAL C 583 39.20 16.55 36.56
C VAL C 583 40.16 15.58 37.22
N ILE C 584 39.66 14.49 37.82
CA ILE C 584 40.61 13.48 38.31
C ILE C 584 41.10 12.61 37.15
N GLY C 585 40.25 12.30 36.19
CA GLY C 585 40.60 11.45 35.08
C GLY C 585 39.98 10.07 35.09
N LEU C 586 39.03 9.83 35.96
CA LEU C 586 38.40 8.55 36.17
C LEU C 586 37.29 8.33 35.13
N PRO C 587 36.94 7.08 34.82
CA PRO C 587 35.86 6.83 33.87
C PRO C 587 34.49 7.27 34.41
N LEU C 588 33.61 7.64 33.49
CA LEU C 588 32.27 8.11 33.84
C LEU C 588 31.31 6.93 33.74
N VAL C 589 31.02 6.35 34.90
CA VAL C 589 30.18 5.16 35.02
C VAL C 589 29.10 5.45 36.06
N ARG C 590 27.87 4.97 35.78
CA ARG C 590 26.72 5.29 36.63
C ARG C 590 26.92 4.80 38.06
N SER C 591 27.53 3.64 38.24
CA SER C 591 27.77 3.12 39.58
C SER C 591 28.70 4.02 40.37
N LEU C 592 29.75 4.53 39.72
CA LEU C 592 30.70 5.39 40.40
C LEU C 592 30.16 6.80 40.57
N ILE C 593 29.41 7.28 39.56
CA ILE C 593 28.81 8.61 39.64
C ILE C 593 27.82 8.68 40.78
N SER C 594 26.99 7.64 40.95
CA SER C 594 26.03 7.63 42.03
C SER C 594 26.67 7.50 43.40
N ASP C 595 27.93 7.10 43.48
CA ASP C 595 28.63 7.04 44.76
C ASP C 595 29.35 8.33 45.10
N VAL C 596 29.90 9.01 44.08
CA VAL C 596 30.47 10.34 44.32
C VAL C 596 29.36 11.35 44.60
N ALA C 597 28.23 11.24 43.91
CA ALA C 597 27.16 12.22 43.99
C ALA C 597 26.26 12.05 45.21
N VAL C 598 26.46 10.98 45.99
CA VAL C 598 25.72 10.68 47.21
C VAL C 598 24.21 10.65 46.97
N ASN C 599 23.79 10.24 45.77
CA ASN C 599 22.38 10.01 45.48
C ASN C 599 22.28 9.19 44.20
N GLU C 600 21.04 8.86 43.82
CA GLU C 600 20.80 8.04 42.64
C GLU C 600 19.97 8.79 41.62
N LYS C 601 20.32 10.03 41.33
CA LYS C 601 19.66 10.79 40.29
C LYS C 601 20.21 10.46 38.91
N ILE C 602 21.38 9.85 38.83
CA ILE C 602 21.93 9.46 37.54
C ILE C 602 21.17 8.28 36.95
N TYR C 603 20.44 7.52 37.77
CA TYR C 603 19.59 6.43 37.31
C TYR C 603 18.23 6.93 36.82
N SER C 604 17.86 8.16 37.13
CA SER C 604 16.65 8.72 36.59
C SER C 604 16.82 9.02 35.11
N ALA C 605 15.72 8.93 34.37
CA ALA C 605 15.75 9.22 32.94
C ALA C 605 15.55 10.69 32.63
N GLU C 606 15.20 11.50 33.61
CA GLU C 606 14.97 12.93 33.41
C GLU C 606 16.19 13.79 33.66
N PHE C 607 17.30 13.20 34.11
CA PHE C 607 18.51 13.97 34.32
C PHE C 607 19.08 14.46 33.00
N THR C 608 18.99 13.63 31.97
CA THR C 608 19.56 13.94 30.66
C THR C 608 18.57 14.63 29.75
N GLU C 609 17.61 15.37 30.29
CA GLU C 609 16.67 16.14 29.49
C GLU C 609 16.47 17.54 30.09
N ASN C 610 17.48 18.06 30.79
CA ASN C 610 17.43 19.40 31.35
C ASN C 610 18.09 20.38 30.37
N GLU C 611 18.41 21.59 30.83
CA GLU C 611 19.07 22.56 29.99
C GLU C 611 20.55 22.70 30.26
N GLY C 612 20.94 22.77 31.53
CA GLY C 612 22.36 22.73 31.84
C GLY C 612 22.98 21.44 31.39
N VAL C 613 22.26 20.33 31.55
CA VAL C 613 22.79 19.03 31.16
C VAL C 613 22.90 18.92 29.65
N LYS C 614 21.82 19.23 28.93
CA LYS C 614 21.84 19.06 27.48
C LYS C 614 22.65 20.14 26.77
N ASN C 615 22.86 21.29 27.40
CA ASN C 615 23.59 22.38 26.78
C ASN C 615 25.05 22.45 27.21
N LEU C 616 25.41 21.81 28.33
CA LEU C 616 26.77 21.82 28.82
C LEU C 616 27.45 20.46 28.74
N PHE C 617 26.71 19.39 28.53
CA PHE C 617 27.27 18.05 28.44
C PHE C 617 26.83 17.42 27.13
N ILE C 618 27.76 16.77 26.44
CA ILE C 618 27.42 16.00 25.24
C ILE C 618 26.75 14.71 25.70
N ILE C 619 25.47 14.56 25.44
CA ILE C 619 24.76 13.31 25.75
C ILE C 619 24.61 12.52 24.46
N SER C 620 24.75 11.21 24.57
CA SER C 620 24.70 10.32 23.42
C SER C 620 24.40 8.93 23.92
N ASN C 621 23.26 8.37 23.49
CA ASN C 621 22.80 7.04 23.91
C ASN C 621 22.66 6.97 25.43
N GLY C 622 22.13 8.05 26.03
CA GLY C 622 21.87 8.11 27.44
C GLY C 622 23.06 8.49 28.30
N MET C 623 24.28 8.18 27.85
CA MET C 623 25.45 8.47 28.66
C MET C 623 25.85 9.94 28.53
N VAL C 624 26.74 10.36 29.43
CA VAL C 624 27.13 11.76 29.56
C VAL C 624 28.65 11.85 29.39
N LYS C 625 29.08 12.83 28.60
CA LYS C 625 30.50 13.08 28.40
C LYS C 625 30.72 14.57 28.41
N THR C 626 31.91 15.01 28.80
CA THR C 626 32.23 16.43 28.88
C THR C 626 32.56 17.00 27.50
N LYS C 627 32.29 18.29 27.34
CA LYS C 627 32.53 18.96 26.06
C LYS C 627 33.99 19.32 25.89
N SER C 628 34.51 20.19 26.76
CA SER C 628 35.89 20.64 26.65
C SER C 628 36.37 21.11 28.01
N SER C 629 37.70 21.24 28.12
CA SER C 629 38.29 21.68 29.38
C SER C 629 38.02 23.15 29.66
N THR C 630 37.98 23.97 28.60
CA THR C 630 37.77 25.40 28.78
C THR C 630 36.37 25.74 29.25
N LEU C 631 35.43 24.80 29.15
CA LEU C 631 34.10 24.97 29.72
C LEU C 631 34.00 24.37 31.12
N SER C 632 34.63 23.21 31.33
CA SER C 632 34.59 22.57 32.64
C SER C 632 35.30 23.41 33.70
N ARG C 633 36.50 23.88 33.38
CA ARG C 633 37.24 24.67 34.36
C ARG C 633 36.60 26.03 34.57
N PHE C 634 35.98 26.60 33.53
CA PHE C 634 35.26 27.85 33.70
C PHE C 634 34.05 27.66 34.62
N LEU C 635 33.32 26.57 34.44
CA LEU C 635 32.18 26.28 35.30
C LEU C 635 32.61 26.12 36.75
N ILE C 636 33.69 25.36 36.97
CA ILE C 636 34.17 25.12 38.34
C ILE C 636 34.65 26.42 38.98
N ALA C 637 35.40 27.23 38.23
CA ALA C 637 35.97 28.43 38.82
C ALA C 637 34.96 29.56 38.99
N ASN C 638 33.93 29.63 38.15
CA ASN C 638 33.06 30.80 38.14
C ASN C 638 31.65 30.53 38.63
N ILE C 639 31.02 29.44 38.20
CA ILE C 639 29.61 29.24 38.52
C ILE C 639 29.46 28.46 39.82
N PHE C 640 30.30 27.45 40.05
CA PHE C 640 30.36 26.79 41.35
C PHE C 640 31.25 27.64 42.24
N GLU C 641 30.63 28.33 43.21
CA GLU C 641 31.40 29.17 44.12
C GLU C 641 32.29 28.29 44.99
N HIS C 642 33.45 28.83 45.38
CA HIS C 642 34.44 28.02 46.07
C HIS C 642 33.97 27.56 47.44
N LYS C 643 33.15 28.37 48.12
CA LYS C 643 32.63 28.00 49.42
C LYS C 643 31.69 26.81 49.35
N TYR C 644 31.03 26.59 48.21
CA TYR C 644 30.29 25.35 48.00
C TYR C 644 31.23 24.19 47.75
N VAL C 645 32.29 24.44 46.98
CA VAL C 645 33.18 23.37 46.53
C VAL C 645 33.91 22.74 47.71
N VAL C 646 34.42 23.56 48.64
CA VAL C 646 35.18 22.99 49.75
C VAL C 646 34.28 22.10 50.62
N ASN C 647 33.06 22.57 50.92
CA ASN C 647 32.16 21.79 51.76
C ASN C 647 31.72 20.52 51.07
N GLN C 648 31.46 20.58 49.76
CA GLN C 648 31.08 19.36 49.05
C GLN C 648 32.23 18.38 48.97
N LEU C 649 33.46 18.87 48.82
CA LEU C 649 34.61 17.98 48.82
C LEU C 649 34.76 17.27 50.15
N LEU C 650 34.56 17.99 51.25
CA LEU C 650 34.63 17.36 52.57
C LEU C 650 33.54 16.32 52.75
N LYS C 651 32.31 16.63 52.32
CA LYS C 651 31.21 15.67 52.46
C LYS C 651 31.45 14.42 51.63
N VAL C 652 31.96 14.58 50.40
CA VAL C 652 32.24 13.44 49.54
C VAL C 652 33.34 12.57 50.13
N ILE C 653 34.41 13.20 50.65
CA ILE C 653 35.49 12.44 51.25
C ILE C 653 35.03 11.67 52.48
N GLU C 654 34.16 12.26 53.30
CA GLU C 654 33.62 11.51 54.44
C GLU C 654 32.77 10.33 54.01
N HIS C 655 31.86 10.55 53.04
CA HIS C 655 30.95 9.50 52.60
C HIS C 655 31.67 8.33 51.95
N LEU C 656 32.68 8.62 51.12
CA LEU C 656 33.43 7.55 50.45
C LEU C 656 34.13 6.66 51.46
N TYR C 657 34.75 7.25 52.48
CA TYR C 657 35.43 6.44 53.49
C TYR C 657 34.42 5.68 54.35
N VAL C 658 33.23 6.25 54.58
CA VAL C 658 32.23 5.53 55.37
C VAL C 658 31.77 4.27 54.63
N ILE C 659 31.54 4.38 53.32
CA ILE C 659 31.07 3.19 52.60
C ILE C 659 32.22 2.22 52.28
N ASN C 660 33.42 2.72 52.02
CA ASN C 660 34.51 1.89 51.54
C ASN C 660 35.05 0.91 52.57
N LYS C 661 34.65 1.01 53.83
CA LYS C 661 35.12 0.07 54.84
C LYS C 661 34.40 -1.27 54.79
N ASP C 662 33.52 -1.49 53.81
CA ASP C 662 32.83 -2.76 53.62
C ASP C 662 33.12 -3.41 52.27
N ALA C 663 33.02 -2.64 51.18
CA ALA C 663 33.20 -3.22 49.86
C ALA C 663 34.67 -3.51 49.56
N LYS C 664 35.59 -2.77 50.17
CA LYS C 664 37.04 -2.90 49.97
C LYS C 664 37.42 -2.75 48.49
N ASP C 665 36.74 -1.85 47.79
CA ASP C 665 37.02 -1.65 46.38
C ASP C 665 38.30 -0.84 46.21
N HIS C 666 39.07 -1.18 45.18
CA HIS C 666 40.32 -0.46 44.92
C HIS C 666 40.06 0.90 44.28
N ARG C 667 38.97 1.03 43.51
CA ARG C 667 38.70 2.29 42.84
C ARG C 667 38.38 3.40 43.83
N LEU C 668 37.59 3.10 44.85
CA LEU C 668 37.32 4.11 45.87
C LEU C 668 38.57 4.46 46.66
N GLN C 669 39.44 3.47 46.92
CA GLN C 669 40.69 3.74 47.62
C GLN C 669 41.58 4.67 46.82
N THR C 670 41.77 4.39 45.53
CA THR C 670 42.62 5.28 44.74
C THR C 670 41.94 6.62 44.50
N LEU C 671 40.61 6.66 44.50
CA LEU C 671 39.90 7.93 44.40
C LEU C 671 40.18 8.82 45.62
N ILE C 672 40.10 8.23 46.82
CA ILE C 672 40.35 9.00 48.03
C ILE C 672 41.82 9.41 48.10
N THR C 673 42.74 8.51 47.79
CA THR C 673 44.15 8.88 47.81
C THR C 673 44.55 9.80 46.68
N SER C 674 43.69 9.97 45.67
CA SER C 674 43.94 10.95 44.61
C SER C 674 43.32 12.30 44.92
N LEU C 675 42.24 12.34 45.72
CA LEU C 675 41.66 13.62 46.10
C LEU C 675 42.59 14.41 47.02
N LEU C 676 43.52 13.72 47.69
CA LEU C 676 44.42 14.37 48.64
C LEU C 676 45.53 15.15 47.96
N ARG C 677 45.84 14.83 46.71
CA ARG C 677 47.00 15.44 46.05
C ARG C 677 46.77 16.93 45.81
N PHE C 678 47.84 17.71 45.94
CA PHE C 678 47.70 19.15 45.90
C PHE C 678 47.45 19.68 44.49
N SER C 679 47.81 18.92 43.46
CA SER C 679 47.54 19.38 42.10
C SER C 679 46.04 19.46 41.82
N ILE C 680 45.30 18.43 42.23
CA ILE C 680 43.86 18.42 42.01
C ILE C 680 43.17 19.48 42.86
N ILE C 681 43.61 19.62 44.11
CA ILE C 681 43.00 20.61 45.01
C ILE C 681 43.28 22.02 44.51
N GLU C 682 44.46 22.26 43.94
CA GLU C 682 44.74 23.55 43.33
C GLU C 682 43.90 23.75 42.07
N LYS C 683 43.65 22.67 41.32
CA LYS C 683 42.77 22.76 40.15
C LYS C 683 41.33 23.09 40.53
N LEU C 684 40.90 22.69 41.73
CA LEU C 684 39.51 22.89 42.14
C LEU C 684 39.29 24.18 42.90
N LEU C 685 40.29 24.68 43.62
CA LEU C 685 40.19 25.94 44.37
C LEU C 685 41.39 26.81 44.00
N PRO C 686 41.29 27.60 42.94
CA PRO C 686 42.45 28.39 42.49
C PRO C 686 42.73 29.59 43.38
N GLN C 687 43.96 29.66 43.89
CA GLN C 687 44.50 30.72 44.76
C GLN C 687 43.51 31.20 45.81
N ARG C 688 43.12 30.28 46.68
CA ARG C 688 42.29 30.57 47.86
C ARG C 688 42.98 29.94 49.06
N ARG C 689 43.77 30.73 49.77
CA ARG C 689 44.56 30.21 50.89
C ARG C 689 43.66 29.68 52.00
N VAL C 690 42.57 30.38 52.30
CA VAL C 690 41.73 30.03 53.44
C VAL C 690 41.03 28.69 53.21
N GLU C 691 40.49 28.48 52.02
CA GLU C 691 39.80 27.23 51.73
C GLU C 691 40.76 26.04 51.73
N ILE C 692 41.95 26.20 51.17
CA ILE C 692 42.94 25.12 51.18
C ILE C 692 43.32 24.77 52.61
N ASN C 693 43.58 25.79 53.43
CA ASN C 693 43.97 25.54 54.82
C ASN C 693 42.85 24.85 55.59
N TYR C 694 41.60 25.31 55.41
CA TYR C 694 40.48 24.72 56.12
C TYR C 694 40.24 23.27 55.69
N PHE C 695 40.31 23.00 54.38
CA PHE C 695 40.12 21.64 53.90
C PHE C 695 41.20 20.72 54.42
N TYR C 696 42.43 21.17 54.40
CA TYR C 696 43.52 20.33 54.84
C TYR C 696 43.47 20.08 56.35
N GLU C 697 43.05 21.06 57.14
CA GLU C 697 42.97 20.85 58.58
C GLU C 697 41.70 20.14 59.02
N LYS C 698 40.71 19.98 58.13
CA LYS C 698 39.53 19.19 58.45
C LYS C 698 39.60 17.76 57.94
N VAL C 699 40.32 17.50 56.84
CA VAL C 699 40.41 16.15 56.31
C VAL C 699 41.17 15.23 57.28
N LYS C 700 42.11 15.79 58.05
CA LYS C 700 42.81 14.99 59.05
C LYS C 700 41.91 14.66 60.24
N HIS C 701 40.77 15.33 60.39
CA HIS C 701 39.80 15.00 61.42
C HIS C 701 38.73 14.06 60.90
N ILE C 702 38.39 14.14 59.61
CA ILE C 702 37.39 13.24 59.05
C ILE C 702 37.86 11.79 59.08
N ILE C 703 39.09 11.54 58.66
CA ILE C 703 39.67 10.20 58.71
C ILE C 703 40.85 10.25 59.68
N PRO C 704 40.94 9.33 60.64
CA PRO C 704 41.98 9.46 61.68
C PRO C 704 43.36 9.00 61.26
N ASN C 705 43.50 8.26 60.17
CA ASN C 705 44.74 7.55 59.89
C ASN C 705 45.82 8.41 59.24
N LEU C 706 45.49 9.64 58.84
CA LEU C 706 46.46 10.44 58.09
C LEU C 706 47.52 11.08 58.96
N ILE C 707 47.36 11.08 60.28
CA ILE C 707 48.38 11.66 61.14
C ILE C 707 49.65 10.83 61.10
N ASN C 708 49.51 9.52 60.93
CA ASN C 708 50.68 8.68 60.79
C ASN C 708 51.13 8.70 59.34
N ASP C 709 50.15 8.68 58.43
CA ASP C 709 50.46 8.72 57.00
C ASP C 709 51.43 9.85 56.73
N PRO C 710 52.52 9.55 56.03
CA PRO C 710 53.44 10.62 55.68
C PRO C 710 52.98 11.32 54.41
N HIS C 711 52.45 10.56 53.46
CA HIS C 711 52.07 11.15 52.17
C HIS C 711 51.12 12.34 52.38
N PHE C 712 50.19 12.25 53.33
CA PHE C 712 49.34 13.39 53.63
C PHE C 712 50.15 14.56 54.16
N TRP C 713 51.15 14.29 55.00
CA TRP C 713 51.97 15.36 55.54
C TRP C 713 52.83 16.01 54.47
N VAL C 714 53.34 15.23 53.51
CA VAL C 714 54.14 15.84 52.46
C VAL C 714 53.26 16.60 51.50
N GLN C 715 51.99 16.20 51.37
CA GLN C 715 51.06 16.96 50.54
C GLN C 715 50.75 18.29 51.22
N TYR C 716 50.34 18.23 52.48
CA TYR C 716 50.03 19.45 53.23
C TYR C 716 51.20 20.40 53.14
N ALA C 717 52.41 19.87 53.24
CA ALA C 717 53.60 20.68 53.12
C ALA C 717 53.62 21.33 51.75
N MET C 718 53.68 20.50 50.71
CA MET C 718 53.65 21.04 49.35
C MET C 718 52.61 22.13 49.19
N SER C 719 51.55 22.12 50.00
CA SER C 719 50.50 23.11 49.84
C SER C 719 50.92 24.50 50.32
N MET C 720 51.86 24.58 51.28
CA MET C 720 52.41 25.84 51.74
C MET C 720 53.56 26.35 50.89
N ILE C 721 54.02 25.56 49.92
CA ILE C 721 55.13 26.01 49.05
C ILE C 721 54.79 27.25 48.23
N PRO C 722 53.67 27.33 47.50
CA PRO C 722 53.47 28.50 46.63
C PRO C 722 53.16 29.79 47.36
N PHE C 723 52.94 29.77 48.68
CA PHE C 723 52.56 30.96 49.42
C PHE C 723 53.67 31.45 50.33
N LYS C 724 54.92 31.14 49.99
CA LYS C 724 56.13 31.61 50.66
C LYS C 724 56.20 31.21 52.13
N ASP C 725 55.46 30.21 52.56
CA ASP C 725 55.46 29.78 53.95
C ASP C 725 56.47 28.64 54.12
N TYR C 726 57.73 29.02 54.15
CA TYR C 726 58.84 28.07 54.22
C TYR C 726 59.02 27.41 55.60
N PRO C 727 58.98 28.13 56.73
CA PRO C 727 59.15 27.43 58.02
C PRO C 727 58.06 26.40 58.31
N SER C 728 56.81 26.70 57.94
CA SER C 728 55.73 25.75 58.19
C SER C 728 55.92 24.47 57.38
N ALA C 729 56.28 24.63 56.10
CA ALA C 729 56.55 23.46 55.26
C ALA C 729 57.78 22.73 55.75
N ASP C 730 58.71 23.45 56.36
CA ASP C 730 59.87 22.80 56.93
C ASP C 730 59.37 21.88 58.02
N ARG C 731 58.62 22.44 58.96
CA ARG C 731 58.12 21.65 60.08
C ARG C 731 57.36 20.42 59.60
N TYR C 732 56.53 20.60 58.55
CA TYR C 732 55.78 19.47 58.01
C TYR C 732 56.69 18.42 57.40
N LEU C 733 57.76 18.87 56.71
CA LEU C 733 58.71 17.93 56.15
C LEU C 733 59.52 17.23 57.22
N ALA C 734 59.83 17.93 58.32
CA ALA C 734 60.48 17.28 59.46
C ALA C 734 59.57 16.22 60.07
N THR C 735 58.27 16.51 60.15
CA THR C 735 57.31 15.52 60.63
C THR C 735 57.25 14.32 59.69
N ALA C 736 57.31 14.58 58.39
CA ALA C 736 57.33 13.49 57.41
C ALA C 736 58.60 12.65 57.55
N TYR C 737 59.74 13.30 57.79
CA TYR C 737 60.99 12.58 58.01
C TYR C 737 60.91 11.71 59.26
N SER C 738 60.35 12.25 60.34
CA SER C 738 60.21 11.50 61.57
C SER C 738 59.27 10.31 61.39
N LEU C 739 58.18 10.50 60.64
CA LEU C 739 57.25 9.40 60.39
C LEU C 739 57.89 8.33 59.51
N ALA C 740 58.65 8.74 58.50
CA ALA C 740 59.28 7.78 57.60
C ALA C 740 60.48 7.09 58.23
N ALA C 741 61.05 7.65 59.29
CA ALA C 741 62.18 7.01 59.96
C ALA C 741 61.75 5.70 60.62
N ARG C 742 60.56 5.66 61.21
CA ARG C 742 60.08 4.47 61.90
C ARG C 742 59.48 3.44 60.96
N LYS C 743 59.34 3.74 59.67
CA LYS C 743 58.77 2.82 58.70
C LYS C 743 59.89 2.04 58.01
N ASP C 744 59.73 0.73 57.97
CA ASP C 744 60.74 -0.12 57.35
C ASP C 744 60.62 -0.19 55.85
N ASN C 745 61.75 -0.13 55.17
CA ASN C 745 61.79 -0.24 53.71
C ASN C 745 60.90 0.79 53.03
N TYR C 746 60.84 2.00 53.60
CA TYR C 746 60.04 3.08 53.06
C TYR C 746 60.96 4.08 52.37
N HIS C 747 60.75 4.29 51.08
CA HIS C 747 61.59 5.23 50.35
C HIS C 747 61.29 6.66 50.77
N THR C 748 62.33 7.49 50.82
CA THR C 748 62.21 8.87 51.25
C THR C 748 62.59 9.82 50.11
N LYS C 749 62.57 9.33 48.87
CA LYS C 749 63.04 10.13 47.74
C LYS C 749 62.12 11.32 47.49
N ASN C 750 60.82 11.15 47.65
CA ASN C 750 59.88 12.26 47.47
C ASN C 750 60.08 13.32 48.54
N ILE C 751 60.21 12.88 49.81
CA ILE C 751 60.43 13.81 50.90
C ILE C 751 61.77 14.50 50.76
N ASP C 752 62.78 13.77 50.29
CA ASP C 752 64.08 14.38 50.03
C ASP C 752 64.00 15.40 48.90
N THR C 753 63.18 15.12 47.88
CA THR C 753 63.00 16.07 46.80
C THR C 753 62.33 17.35 47.28
N GLN C 754 61.34 17.20 48.17
CA GLN C 754 60.66 18.38 48.71
C GLN C 754 61.50 19.09 49.77
N ARG C 755 62.53 18.44 50.27
CA ARG C 755 63.42 19.10 51.22
C ARG C 755 64.42 19.86 50.42
N ALA C 756 64.85 19.27 49.30
CA ALA C 756 65.80 19.94 48.41
C ALA C 756 65.17 21.17 47.77
N ARG C 757 63.88 21.08 47.44
CA ARG C 757 63.20 22.22 46.84
C ARG C 757 63.10 23.35 47.86
N LEU C 758 62.82 23.00 49.11
CA LEU C 758 62.75 24.02 50.15
C LEU C 758 64.11 24.64 50.41
N HIS C 759 65.17 23.84 50.37
CA HIS C 759 66.52 24.35 50.52
C HIS C 759 66.88 25.29 49.37
N LEU C 760 66.48 24.94 48.14
CA LEU C 760 66.72 25.83 47.01
C LEU C 760 65.93 27.12 47.15
N LEU C 761 64.70 27.05 47.64
CA LEU C 761 63.91 28.25 47.84
C LEU C 761 64.53 29.17 48.88
N VAL C 762 64.94 28.61 50.02
CA VAL C 762 65.53 29.45 51.07
C VAL C 762 66.93 29.91 50.69
N SER C 763 67.61 29.21 49.77
CA SER C 763 68.86 29.72 49.23
C SER C 763 68.59 30.87 48.26
N LEU C 764 67.48 30.82 47.52
CA LEU C 764 67.08 31.95 46.69
C LEU C 764 66.75 33.17 47.55
N THR C 765 66.09 32.96 48.68
CA THR C 765 65.75 34.08 49.55
C THR C 765 66.94 34.62 50.34
N LYS C 766 68.04 33.88 50.41
CA LYS C 766 69.20 34.30 51.18
C LYS C 766 70.36 34.63 50.24
N THR C 767 71.39 35.27 50.82
CA THR C 767 72.60 35.63 50.09
C THR C 767 73.81 35.32 50.94
N GLY C 768 74.93 35.02 50.28
CA GLY C 768 76.18 34.84 50.98
C GLY C 768 76.42 33.45 51.52
N ASN C 769 76.95 33.37 52.75
CA ASN C 769 77.36 32.09 53.32
C ASN C 769 76.16 31.21 53.64
N GLU C 770 75.05 31.81 54.11
CA GLU C 770 73.85 31.04 54.39
C GLU C 770 73.27 30.45 53.10
N ALA C 771 73.31 31.23 52.01
CA ALA C 771 72.88 30.72 50.71
C ALA C 771 73.76 29.56 50.27
N TYR C 772 75.08 29.66 50.52
CA TYR C 772 75.98 28.56 50.18
C TYR C 772 75.67 27.31 51.01
N LEU C 773 75.37 27.49 52.30
CA LEU C 773 75.03 26.35 53.15
C LEU C 773 73.74 25.67 52.68
N GLU C 774 72.72 26.47 52.33
CA GLU C 774 71.49 25.90 51.82
C GLU C 774 71.69 25.24 50.46
N PHE C 775 72.56 25.81 49.63
CA PHE C 775 72.88 25.18 48.35
C PHE C 775 73.57 23.85 48.55
N GLU C 776 74.48 23.75 49.52
CA GLU C 776 75.13 22.48 49.82
C GLU C 776 74.12 21.46 50.36
N ALA C 777 73.22 21.91 51.23
CA ALA C 777 72.21 21.03 51.80
C ALA C 777 71.24 20.51 50.73
N GLY C 778 70.95 21.33 49.71
CA GLY C 778 70.17 20.82 48.59
C GLY C 778 70.98 19.97 47.64
N ASP C 779 72.28 20.27 47.49
CA ASP C 779 73.11 19.60 46.50
C ASP C 779 73.44 18.17 46.93
N ASN C 780 73.75 17.96 48.21
CA ASN C 780 73.99 16.59 48.66
C ASN C 780 72.73 15.75 48.56
N LEU C 781 71.57 16.34 48.87
CA LEU C 781 70.30 15.64 48.77
C LEU C 781 69.99 15.27 47.31
N ILE C 782 70.20 16.21 46.38
CA ILE C 782 69.97 15.88 44.98
C ILE C 782 71.03 14.95 44.43
N ARG C 783 72.20 14.88 45.08
CA ARG C 783 73.20 13.90 44.70
C ARG C 783 72.78 12.49 45.11
N ILE C 784 72.21 12.34 46.31
CA ILE C 784 71.70 11.02 46.71
C ILE C 784 70.35 10.72 46.10
N ILE C 785 69.69 11.69 45.47
CA ILE C 785 68.43 11.44 44.77
C ILE C 785 68.74 10.77 43.43
N PRO C 786 68.12 9.63 43.13
CA PRO C 786 68.35 8.99 41.84
C PRO C 786 67.79 9.81 40.68
N ASN C 787 68.33 9.57 39.50
CA ASN C 787 67.93 10.30 38.30
C ASN C 787 66.53 9.87 37.90
N ASP C 788 65.54 10.67 38.26
CA ASP C 788 64.15 10.44 37.90
C ASP C 788 63.57 11.72 37.31
N ILE C 789 62.28 11.66 36.94
CA ILE C 789 61.64 12.77 36.24
C ILE C 789 61.55 14.00 37.14
N TYR C 790 61.34 13.79 38.44
CA TYR C 790 61.22 14.93 39.36
C TYR C 790 62.57 15.59 39.63
N LYS C 791 63.67 14.88 39.39
CA LYS C 791 64.99 15.48 39.63
C LYS C 791 65.29 16.57 38.60
N TYR C 792 64.86 16.38 37.35
CA TYR C 792 65.13 17.37 36.31
C TYR C 792 64.32 18.63 36.47
N ARG C 793 63.30 18.63 37.33
CA ARG C 793 62.48 19.81 37.56
C ARG C 793 63.24 20.83 38.40
N GLN C 794 64.17 20.36 39.22
CA GLN C 794 64.93 21.23 40.11
C GLN C 794 66.10 21.91 39.41
N VAL C 795 66.41 21.51 38.18
CA VAL C 795 67.55 22.07 37.46
C VAL C 795 67.30 23.53 37.09
N LEU C 796 66.04 23.90 36.88
CA LEU C 796 65.70 25.26 36.46
C LEU C 796 66.04 26.30 37.53
N ARG C 797 66.12 25.90 38.80
CA ARG C 797 66.42 26.85 39.86
C ARG C 797 67.89 27.25 39.88
N TYR C 798 68.79 26.40 39.40
CA TYR C 798 70.19 26.77 39.32
C TYR C 798 70.43 27.90 38.33
N ARG C 799 69.62 27.98 37.27
CA ARG C 799 69.72 29.09 36.34
C ARG C 799 69.38 30.42 37.02
N ASP C 800 68.31 30.44 37.82
CA ASP C 800 67.98 31.63 38.58
C ASP C 800 69.04 31.93 39.64
N ILE C 801 69.63 30.89 40.22
CA ILE C 801 70.72 31.08 41.19
C ILE C 801 71.91 31.78 40.53
N TYR C 802 72.27 31.34 39.32
CA TYR C 802 73.36 31.97 38.59
C TYR C 802 72.99 33.38 38.14
N GLU C 803 71.71 33.61 37.82
CA GLU C 803 71.30 34.92 37.33
C GLU C 803 71.19 35.96 38.44
N LYS C 804 70.82 35.56 39.66
CA LYS C 804 70.50 36.50 40.71
C LYS C 804 71.53 36.51 41.84
N VAL C 805 71.78 35.35 42.45
CA VAL C 805 72.55 35.30 43.69
C VAL C 805 74.01 34.94 43.48
N TYR C 806 74.41 34.60 42.25
CA TYR C 806 75.78 34.16 41.99
C TYR C 806 76.86 35.18 42.34
N PRO C 807 76.76 36.48 42.00
CA PRO C 807 77.86 37.40 42.35
C PRO C 807 78.06 37.61 43.84
N THR C 808 77.08 37.28 44.68
CA THR C 808 77.22 37.48 46.12
C THR C 808 78.18 36.49 46.78
N PHE C 809 78.63 35.47 46.06
CA PHE C 809 79.49 34.43 46.62
C PHE C 809 80.96 34.75 46.40
N ASN C 810 81.80 34.04 47.14
CA ASN C 810 83.25 34.15 46.99
C ASN C 810 83.74 33.16 45.93
N ALA C 811 85.06 33.10 45.76
CA ALA C 811 85.65 32.27 44.72
C ALA C 811 85.48 30.79 45.01
N LYS C 812 85.64 30.39 46.28
CA LYS C 812 85.53 28.98 46.64
C LYS C 812 84.13 28.45 46.41
N GLN C 813 83.11 29.22 46.79
CA GLN C 813 81.73 28.81 46.55
C GLN C 813 81.42 28.79 45.06
N LYS C 814 81.99 29.72 44.30
CA LYS C 814 81.79 29.73 42.84
C LYS C 814 82.39 28.49 42.20
N VAL C 815 83.58 28.08 42.64
CA VAL C 815 84.18 26.84 42.14
C VAL C 815 83.36 25.63 42.57
N PHE C 816 82.79 25.68 43.78
CA PHE C 816 81.91 24.61 44.25
C PHE C 816 80.71 24.45 43.32
N TYR C 817 80.03 25.56 43.02
CA TYR C 817 78.89 25.48 42.10
C TYR C 817 79.32 25.13 40.68
N GLU C 818 80.55 25.50 40.34
CA GLU C 818 81.07 25.19 39.03
C GLU C 818 81.21 23.68 38.84
N HIS C 819 81.86 23.01 39.79
CA HIS C 819 81.99 21.55 39.68
C HIS C 819 80.66 20.86 39.92
N ALA C 820 79.76 21.48 40.70
CA ALA C 820 78.42 20.93 40.87
C ALA C 820 77.66 20.92 39.55
N ILE C 821 77.71 22.01 38.78
CA ILE C 821 76.98 22.05 37.52
C ILE C 821 77.69 21.19 36.47
N LYS C 822 79.02 21.04 36.57
CA LYS C 822 79.72 20.07 35.74
C LYS C 822 79.20 18.66 36.00
N ARG C 823 79.06 18.29 37.27
CA ARG C 823 78.57 16.95 37.62
C ARG C 823 77.11 16.77 37.19
N ILE C 824 76.30 17.83 37.33
CA ILE C 824 74.91 17.77 36.90
C ILE C 824 74.81 17.55 35.39
N ILE C 825 75.64 18.26 34.62
CA ILE C 825 75.64 18.09 33.18
C ILE C 825 76.11 16.69 32.79
N LYS C 826 77.16 16.20 33.47
CA LYS C 826 77.64 14.85 33.19
C LYS C 826 76.60 13.79 33.50
N GLU C 827 75.85 13.97 34.59
CA GLU C 827 74.74 13.08 34.89
C GLU C 827 73.59 13.21 33.90
N SER C 828 73.44 14.39 33.30
CA SER C 828 72.36 14.58 32.32
C SER C 828 72.61 13.81 31.04
N GLU C 829 73.87 13.73 30.60
CA GLU C 829 74.19 13.06 29.35
C GLU C 829 74.30 11.55 29.47
N SER C 830 73.96 10.99 30.63
CA SER C 830 74.02 9.54 30.81
C SER C 830 72.97 8.87 29.93
N PRO C 831 73.28 7.69 29.37
CA PRO C 831 72.32 7.02 28.47
C PRO C 831 71.13 6.39 29.18
N GLU C 832 71.04 6.50 30.51
CA GLU C 832 69.88 5.97 31.22
C GLU C 832 68.62 6.74 30.86
N LEU C 833 68.75 8.05 30.58
CA LEU C 833 67.59 8.83 30.18
C LEU C 833 67.07 8.42 28.82
N VAL C 834 67.98 8.07 27.89
CA VAL C 834 67.60 7.83 26.50
C VAL C 834 66.71 6.61 26.38
N GLU C 835 66.95 5.60 27.20
CA GLU C 835 66.12 4.40 27.18
C GLU C 835 64.78 4.59 27.87
N ASP C 836 64.58 5.71 28.58
CA ASP C 836 63.33 5.98 29.27
C ASP C 836 62.34 6.64 28.32
N LEU C 837 61.07 6.21 28.41
CA LEU C 837 60.03 6.81 27.58
C LEU C 837 59.68 8.22 28.05
N THR C 838 59.87 8.51 29.34
CA THR C 838 59.57 9.84 29.85
C THR C 838 60.49 10.88 29.24
N TYR C 839 61.78 10.57 29.11
CA TYR C 839 62.70 11.47 28.42
C TYR C 839 62.44 11.48 26.93
N LYS C 840 61.98 10.35 26.37
CA LYS C 840 61.64 10.29 24.95
C LYS C 840 60.51 11.25 24.62
N ILE C 841 59.51 11.37 25.49
CA ILE C 841 58.49 12.38 25.33
C ILE C 841 59.09 13.77 25.53
N GLY C 842 59.98 13.91 26.50
CA GLY C 842 60.54 15.21 26.85
C GLY C 842 61.93 15.47 26.29
N VAL C 843 62.16 15.09 25.03
CA VAL C 843 63.47 15.30 24.42
C VAL C 843 63.76 16.79 24.26
N ASN C 844 62.79 17.55 23.75
CA ASN C 844 63.07 18.90 23.26
C ASN C 844 63.41 19.85 24.39
N TRP C 845 62.51 19.99 25.38
CA TRP C 845 62.75 20.96 26.44
C TRP C 845 63.88 20.54 27.37
N LEU C 846 64.07 19.24 27.59
CA LEU C 846 65.20 18.81 28.42
C LEU C 846 66.53 19.04 27.69
N ASP C 847 66.56 18.83 26.37
CA ASP C 847 67.77 19.16 25.61
C ASP C 847 68.01 20.66 25.59
N LYS C 848 66.94 21.46 25.56
CA LYS C 848 67.09 22.91 25.66
C LYS C 848 67.64 23.31 27.02
N LEU C 849 67.20 22.62 28.08
CA LEU C 849 67.75 22.85 29.40
C LEU C 849 69.22 22.48 29.47
N ARG C 850 69.60 21.37 28.83
CA ARG C 850 71.01 21.00 28.75
C ARG C 850 71.83 22.07 28.03
N GLY C 851 71.29 22.60 26.92
CA GLY C 851 71.97 23.67 26.21
C GLY C 851 72.08 24.94 27.04
N ASN C 852 71.05 25.24 27.83
CA ASN C 852 71.10 26.39 28.73
C ASN C 852 72.18 26.21 29.78
N LEU C 853 72.28 25.00 30.34
CA LEU C 853 73.37 24.72 31.29
C LEU C 853 74.73 24.87 30.64
N LYS C 854 74.87 24.37 29.41
CA LYS C 854 76.15 24.49 28.70
C LYS C 854 76.49 25.95 28.43
N LEU C 855 75.49 26.76 28.09
CA LEU C 855 75.72 28.20 27.93
C LEU C 855 76.10 28.85 29.25
N ILE C 856 75.54 28.37 30.36
CA ILE C 856 75.93 28.88 31.68
C ILE C 856 77.40 28.58 31.96
N VAL C 857 77.84 27.36 31.65
CA VAL C 857 79.26 27.01 31.82
C VAL C 857 80.14 27.86 30.91
N GLU C 858 79.69 28.10 29.67
CA GLU C 858 80.47 28.94 28.76
C GLU C 858 80.59 30.37 29.28
N ASN C 859 79.50 30.90 29.84
CA ASN C 859 79.54 32.23 30.42
C ASN C 859 80.45 32.27 31.66
N ILE C 860 80.44 31.19 32.45
CA ILE C 860 81.32 31.11 33.62
C ILE C 860 82.78 31.12 33.19
N GLN C 861 83.11 30.35 32.16
CA GLN C 861 84.49 30.32 31.66
C GLN C 861 84.89 31.65 31.05
N GLU C 862 83.94 32.32 30.36
CA GLU C 862 84.24 33.62 29.78
C GLU C 862 84.45 34.68 30.84
N ASN C 863 83.68 34.63 31.94
CA ASN C 863 83.82 35.59 33.01
C ASN C 863 85.00 35.29 33.94
N ARG C 864 85.69 34.17 33.75
CA ARG C 864 86.85 33.86 34.55
C ARG C 864 87.99 34.83 34.22
N PRO C 865 88.84 35.14 35.20
CA PRO C 865 89.97 36.03 34.94
C PRO C 865 90.99 35.38 34.02
N LYS C 866 91.78 36.24 33.36
CA LYS C 866 92.76 35.77 32.39
C LYS C 866 93.90 34.98 33.05
N GLY C 867 94.12 35.16 34.35
CA GLY C 867 95.12 34.42 35.06
C GLY C 867 94.73 33.02 35.48
N LYS C 868 93.48 32.63 35.23
CA LYS C 868 92.99 31.30 35.58
C LYS C 868 92.45 30.53 34.38
N LYS C 869 92.45 31.13 33.19
CA LYS C 869 91.93 30.46 32.00
C LYS C 869 92.92 29.44 31.47
N SER D 37 -42.51 -12.27 24.40
CA SER D 37 -41.66 -11.63 25.40
C SER D 37 -40.20 -12.03 25.20
N ILE D 38 -39.41 -11.93 26.26
CA ILE D 38 -37.99 -12.25 26.23
C ILE D 38 -37.82 -13.72 26.60
N SER D 39 -36.96 -14.42 25.85
CA SER D 39 -36.85 -15.87 25.95
C SER D 39 -36.09 -16.26 27.22
N ASP D 40 -35.70 -17.54 27.29
CA ASP D 40 -35.03 -18.09 28.47
C ASP D 40 -33.52 -18.20 28.31
N GLU D 41 -33.02 -18.38 27.08
CA GLU D 41 -31.57 -18.45 26.89
C GLU D 41 -30.90 -17.14 27.26
N THR D 42 -31.54 -16.02 26.93
CA THR D 42 -31.03 -14.73 27.34
C THR D 42 -31.01 -14.60 28.86
N TYR D 43 -32.03 -15.14 29.54
CA TYR D 43 -32.04 -15.12 31.00
C TYR D 43 -30.90 -15.93 31.58
N GLU D 44 -30.63 -17.10 31.00
CA GLU D 44 -29.52 -17.91 31.49
C GLU D 44 -28.17 -17.23 31.25
N ARG D 45 -28.00 -16.61 30.07
CA ARG D 45 -26.77 -15.88 29.79
C ARG D 45 -26.59 -14.72 30.76
N LEU D 46 -27.67 -13.98 31.02
CA LEU D 46 -27.60 -12.86 31.96
C LEU D 46 -27.23 -13.32 33.35
N LYS D 47 -27.88 -14.39 33.83
CA LYS D 47 -27.61 -14.88 35.18
C LYS D 47 -26.20 -15.43 35.31
N ARG D 48 -25.66 -16.01 34.24
CA ARG D 48 -24.29 -16.51 34.30
C ARG D 48 -23.27 -15.38 34.26
N LEU D 49 -23.51 -14.37 33.43
CA LEU D 49 -22.53 -13.30 33.27
C LEU D 49 -22.51 -12.36 34.45
N ILE D 50 -23.67 -12.12 35.06
CA ILE D 50 -23.75 -11.20 36.19
C ILE D 50 -23.06 -11.79 37.42
N SER D 51 -23.23 -13.09 37.64
CA SER D 51 -22.80 -13.78 38.86
C SER D 51 -21.29 -13.94 39.00
N THR D 52 -20.51 -13.35 38.10
CA THR D 52 -19.06 -13.47 38.14
C THR D 52 -18.42 -12.37 38.96
N GLY D 53 -19.23 -11.48 39.52
CA GLY D 53 -18.71 -10.38 40.30
C GLY D 53 -17.87 -9.40 39.51
N ASN D 54 -18.11 -9.30 38.20
CA ASN D 54 -17.33 -8.43 37.34
C ASN D 54 -18.19 -7.61 36.38
N ALA D 55 -19.51 -7.67 36.52
CA ALA D 55 -20.39 -6.88 35.67
C ALA D 55 -20.30 -5.41 36.05
N ILE D 56 -20.62 -4.55 35.09
CA ILE D 56 -20.61 -3.10 35.29
C ILE D 56 -22.00 -2.57 34.98
N VAL D 57 -22.54 -1.78 35.89
CA VAL D 57 -23.85 -1.19 35.71
C VAL D 57 -23.68 0.25 35.30
N PHE D 58 -24.44 0.68 34.30
CA PHE D 58 -24.58 2.08 33.94
C PHE D 58 -26.01 2.50 34.26
N VAL D 59 -26.16 3.45 35.17
CA VAL D 59 -27.46 3.82 35.72
C VAL D 59 -27.94 5.09 35.02
N GLY D 60 -29.14 5.03 34.44
CA GLY D 60 -29.76 6.15 33.82
C GLY D 60 -30.85 6.75 34.69
N ALA D 61 -31.78 7.45 34.03
CA ALA D 61 -32.87 8.09 34.75
C ALA D 61 -34.00 7.15 35.12
N GLY D 62 -34.01 5.93 34.57
CA GLY D 62 -35.10 5.01 34.86
C GLY D 62 -34.96 4.26 36.17
N PHE D 63 -33.78 4.27 36.77
CA PHE D 63 -33.59 3.57 38.04
C PHE D 63 -34.24 4.31 39.18
N SER D 64 -34.12 5.64 39.21
CA SER D 64 -34.63 6.46 40.30
C SER D 64 -35.92 7.17 39.90
N LYS D 65 -36.79 6.49 39.17
CA LYS D 65 -38.07 7.07 38.79
C LYS D 65 -39.12 6.95 39.90
N GLU D 66 -38.95 6.01 40.84
CA GLU D 66 -39.92 5.81 41.91
C GLU D 66 -39.36 6.13 43.29
N SER D 67 -38.28 6.92 43.34
CA SER D 67 -37.78 7.43 44.62
C SER D 67 -38.57 8.67 45.03
N ILE D 68 -38.43 9.05 46.30
CA ILE D 68 -39.15 10.22 46.83
C ILE D 68 -38.13 11.25 47.28
N ASN D 69 -38.43 12.51 47.02
CA ASN D 69 -37.50 13.59 47.30
C ASN D 69 -37.86 14.25 48.62
N ILE D 70 -37.20 15.39 48.89
CA ILE D 70 -37.42 16.11 50.14
C ILE D 70 -38.86 16.59 50.24
N ILE D 71 -39.43 17.10 49.15
CA ILE D 71 -40.77 17.67 49.20
C ILE D 71 -41.83 16.58 48.99
N GLY D 72 -41.40 15.31 49.02
CA GLY D 72 -42.35 14.21 49.07
C GLY D 72 -42.93 13.76 47.75
N SER D 73 -42.24 14.00 46.64
CA SER D 73 -42.73 13.61 45.32
C SER D 73 -41.63 12.85 44.57
N THR D 74 -42.03 12.20 43.49
CA THR D 74 -41.05 11.60 42.60
C THR D 74 -40.29 12.70 41.85
N PRO D 75 -39.02 12.48 41.53
CA PRO D 75 -38.21 13.52 40.87
C PRO D 75 -38.79 13.89 39.51
N PRO D 76 -38.75 15.16 39.14
CA PRO D 76 -39.43 15.60 37.92
C PRO D 76 -38.58 15.43 36.68
N LEU D 77 -39.27 15.34 35.54
CA LEU D 77 -38.57 15.24 34.27
C LEU D 77 -38.20 16.62 33.82
N ALA D 78 -37.61 16.74 32.64
CA ALA D 78 -37.11 18.03 32.18
C ALA D 78 -38.24 18.98 31.81
N LYS D 79 -39.41 18.45 31.48
CA LYS D 79 -40.54 19.30 31.14
C LYS D 79 -40.98 20.15 32.32
N ASP D 80 -41.18 19.50 33.47
CA ASP D 80 -41.61 20.22 34.68
C ASP D 80 -40.53 21.18 35.16
N LEU D 81 -39.26 20.75 35.12
CA LEU D 81 -38.17 21.63 35.55
C LEU D 81 -38.07 22.87 34.68
N ALA D 82 -38.17 22.69 33.35
CA ALA D 82 -38.12 23.83 32.45
C ALA D 82 -39.30 24.77 32.66
N LEU D 83 -40.49 24.21 32.85
CA LEU D 83 -41.65 25.05 33.10
C LEU D 83 -41.50 25.82 34.41
N GLN D 84 -40.96 25.18 35.44
CA GLN D 84 -40.78 25.83 36.73
C GLN D 84 -39.77 26.97 36.66
N ILE D 85 -38.63 26.74 36.01
CA ILE D 85 -37.61 27.78 35.94
C ILE D 85 -38.07 28.92 35.03
N SER D 86 -38.80 28.61 33.95
CA SER D 86 -39.37 29.66 33.12
C SER D 86 -40.41 30.46 33.90
N ASN D 87 -41.19 29.80 34.75
CA ASN D 87 -42.16 30.49 35.59
C ASN D 87 -41.44 31.46 36.51
N LYS D 88 -40.33 31.03 37.10
CA LYS D 88 -39.57 31.90 37.99
C LYS D 88 -39.02 33.12 37.25
N SER D 89 -38.44 32.90 36.07
CA SER D 89 -37.86 34.01 35.31
C SER D 89 -38.94 34.98 34.83
N ALA D 90 -40.08 34.45 34.40
CA ALA D 90 -41.17 35.30 33.97
C ALA D 90 -41.77 36.09 35.12
N ASN D 91 -41.83 35.49 36.32
CA ASN D 91 -42.31 36.22 37.49
C ASN D 91 -41.35 37.35 37.84
N TYR D 92 -40.04 37.10 37.75
CA TYR D 92 -39.08 38.17 37.97
C TYR D 92 -39.23 39.29 36.97
N LEU D 93 -39.40 38.95 35.69
CA LEU D 93 -39.52 39.99 34.66
C LEU D 93 -40.85 40.74 34.76
N LYS D 94 -41.90 40.07 35.22
CA LYS D 94 -43.17 40.75 35.47
C LYS D 94 -43.06 41.69 36.65
N GLU D 95 -42.33 41.28 37.69
CA GLU D 95 -42.11 42.16 38.84
C GLU D 95 -41.29 43.38 38.45
N VAL D 96 -40.26 43.20 37.62
CA VAL D 96 -39.50 44.37 37.17
C VAL D 96 -40.23 45.14 36.08
N GLY D 97 -41.27 44.56 35.48
CA GLY D 97 -42.14 45.32 34.61
C GLY D 97 -41.83 45.30 33.12
N ALA D 98 -41.74 44.10 32.54
CA ALA D 98 -41.61 43.96 31.09
C ALA D 98 -42.98 43.86 30.43
N ASP D 99 -42.97 43.81 29.11
CA ASP D 99 -44.21 43.73 28.35
C ASP D 99 -44.86 42.36 28.50
N SER D 100 -46.18 42.32 28.29
CA SER D 100 -46.95 41.11 28.57
C SER D 100 -46.66 40.01 27.56
N HIS D 101 -46.40 40.38 26.30
CA HIS D 101 -46.13 39.38 25.28
C HIS D 101 -44.85 38.60 25.60
N TYR D 102 -43.82 39.29 26.10
CA TYR D 102 -42.59 38.60 26.47
C TYR D 102 -42.84 37.64 27.61
N ILE D 103 -43.63 38.05 28.59
CA ILE D 103 -43.94 37.21 29.74
C ILE D 103 -44.68 35.96 29.29
N GLU D 104 -45.72 36.12 28.46
CA GLU D 104 -46.48 34.96 28.04
C GLU D 104 -45.71 34.10 27.04
N GLU D 105 -44.67 34.64 26.41
CA GLU D 105 -43.84 33.82 25.54
C GLU D 105 -42.72 33.12 26.30
N ILE D 106 -42.31 33.65 27.46
CA ILE D 106 -41.33 32.96 28.29
C ILE D 106 -41.99 31.88 29.16
N LYS D 107 -43.20 32.15 29.66
CA LYS D 107 -43.94 31.13 30.41
C LYS D 107 -44.20 29.89 29.57
N GLN D 108 -44.19 30.02 28.24
CA GLN D 108 -44.37 28.90 27.33
C GLN D 108 -43.05 28.49 26.68
N CYS D 109 -41.95 28.64 27.40
CA CYS D 109 -40.66 28.08 27.00
C CYS D 109 -40.49 26.74 27.69
N ASP D 110 -40.44 25.67 26.90
CA ASP D 110 -40.52 24.31 27.44
C ASP D 110 -39.28 23.50 27.14
N ASP D 111 -38.14 24.15 26.92
CA ASP D 111 -36.86 23.49 26.69
C ASP D 111 -35.99 23.79 27.90
N LEU D 112 -35.44 22.74 28.51
CA LEU D 112 -34.68 22.94 29.75
C LEU D 112 -33.36 23.65 29.50
N MET D 113 -32.68 23.31 28.40
CA MET D 113 -31.39 23.93 28.10
C MET D 113 -31.52 25.44 27.89
N VAL D 114 -32.44 25.85 27.01
CA VAL D 114 -32.58 27.26 26.68
C VAL D 114 -33.09 28.05 27.87
N ALA D 115 -34.08 27.51 28.59
CA ALA D 115 -34.62 28.22 29.75
C ALA D 115 -33.58 28.38 30.84
N SER D 116 -32.80 27.33 31.09
CA SER D 116 -31.76 27.42 32.11
C SER D 116 -30.67 28.40 31.71
N ASP D 117 -30.28 28.43 30.43
CA ASP D 117 -29.26 29.39 30.00
C ASP D 117 -29.79 30.82 30.07
N PHE D 118 -31.06 31.04 29.71
CA PHE D 118 -31.62 32.37 29.82
C PHE D 118 -31.70 32.83 31.27
N PHE D 119 -32.05 31.93 32.18
CA PHE D 119 -32.03 32.27 33.60
C PHE D 119 -30.62 32.59 34.07
N LEU D 120 -29.63 31.85 33.58
CA LEU D 120 -28.27 32.09 34.02
C LEU D 120 -27.72 33.41 33.49
N ASN D 121 -28.14 33.81 32.30
CA ASN D 121 -27.56 34.99 31.66
C ASN D 121 -28.44 36.22 31.67
N ASN D 122 -29.60 36.19 32.30
CA ASN D 122 -30.43 37.40 32.33
C ASN D 122 -31.07 37.72 33.67
N ILE D 123 -31.10 36.80 34.63
CA ILE D 123 -31.71 37.03 35.93
C ILE D 123 -30.67 36.71 36.99
N PRO D 124 -30.41 37.61 37.95
CA PRO D 124 -29.33 37.41 38.91
C PRO D 124 -29.69 36.64 40.17
N GLN D 125 -30.78 35.87 40.18
CA GLN D 125 -31.17 35.10 41.37
C GLN D 125 -30.77 33.64 41.22
N LYS D 126 -29.47 33.37 41.16
CA LYS D 126 -29.00 31.99 41.01
C LYS D 126 -29.12 31.18 42.30
N ASP D 127 -29.20 31.84 43.46
CA ASP D 127 -29.45 31.13 44.71
C ASP D 127 -30.79 30.42 44.68
N GLU D 128 -31.81 31.06 44.12
CA GLU D 128 -33.11 30.41 43.98
C GLU D 128 -33.02 29.19 43.09
N LEU D 129 -32.23 29.27 42.01
CA LEU D 129 -32.05 28.12 41.13
C LEU D 129 -31.36 26.96 41.86
N LEU D 130 -30.31 27.25 42.60
CA LEU D 130 -29.61 26.18 43.32
C LEU D 130 -30.49 25.58 44.41
N GLN D 131 -31.27 26.40 45.11
CA GLN D 131 -32.18 25.87 46.11
C GLN D 131 -33.26 25.00 45.47
N LEU D 132 -33.74 25.40 44.30
CA LEU D 132 -34.72 24.60 43.58
C LEU D 132 -34.15 23.24 43.18
N LEU D 133 -32.92 23.24 42.67
CA LEU D 133 -32.30 21.97 42.28
C LEU D 133 -32.05 21.08 43.49
N LYS D 134 -31.59 21.65 44.60
CA LYS D 134 -31.35 20.85 45.80
C LYS D 134 -32.64 20.29 46.37
N ASP D 135 -33.73 21.07 46.33
CA ASP D 135 -35.01 20.56 46.77
C ASP D 135 -35.49 19.42 45.88
N ASN D 136 -35.32 19.57 44.57
CA ASN D 136 -35.88 18.58 43.65
C ASN D 136 -35.06 17.30 43.58
N TYR D 137 -33.75 17.36 43.75
CA TYR D 137 -32.89 16.23 43.45
C TYR D 137 -32.11 15.75 44.67
N THR D 138 -32.79 15.61 45.80
CA THR D 138 -32.23 14.97 46.99
C THR D 138 -33.20 13.88 47.44
N ILE D 139 -32.69 12.65 47.54
CA ILE D 139 -33.52 11.49 47.81
C ILE D 139 -33.57 11.23 49.31
N LYS D 140 -34.77 11.10 49.85
CA LYS D 140 -35.00 10.86 51.27
C LYS D 140 -35.19 9.39 51.61
N ASP D 141 -35.71 8.59 50.69
CA ASP D 141 -35.92 7.16 50.92
C ASP D 141 -35.89 6.29 49.67
N VAL D 142 -35.15 5.17 49.72
CA VAL D 142 -35.07 4.25 48.58
C VAL D 142 -35.92 3.02 48.85
N THR D 143 -36.58 2.50 47.82
CA THR D 143 -37.50 1.39 47.99
C THR D 143 -36.76 0.06 48.07
N GLN D 144 -37.52 -1.04 48.12
CA GLN D 144 -36.93 -2.34 48.39
C GLN D 144 -36.24 -2.95 47.16
N GLU D 145 -36.79 -2.75 45.97
CA GLU D 145 -36.19 -3.33 44.77
C GLU D 145 -34.82 -2.74 44.48
N GLN D 146 -34.67 -1.44 44.70
CA GLN D 146 -33.37 -0.80 44.52
C GLN D 146 -32.35 -1.33 45.52
N ILE D 147 -32.79 -1.57 46.76
CA ILE D 147 -31.93 -2.16 47.77
C ILE D 147 -31.50 -3.56 47.35
N ASP D 148 -32.43 -4.35 46.83
CA ASP D 148 -32.12 -5.72 46.44
C ASP D 148 -31.19 -5.75 45.24
N ILE D 149 -31.30 -4.77 44.34
CA ILE D 149 -30.38 -4.68 43.22
C ILE D 149 -28.99 -4.32 43.71
N PHE D 150 -28.88 -3.30 44.56
CA PHE D 150 -27.58 -2.82 44.97
C PHE D 150 -27.03 -3.56 46.18
N SER D 151 -27.49 -4.77 46.42
CA SER D 151 -26.87 -5.67 47.39
C SER D 151 -25.91 -6.66 46.72
N MET D 152 -25.62 -6.47 45.44
CA MET D 152 -24.69 -7.32 44.70
C MET D 152 -23.26 -6.82 44.86
N LYS D 153 -22.36 -7.36 44.06
CA LYS D 153 -21.00 -6.84 43.91
C LYS D 153 -20.74 -6.58 42.44
N TRP D 154 -20.57 -5.31 42.09
CA TRP D 154 -20.22 -4.90 40.74
C TRP D 154 -18.75 -4.54 40.68
N ARG D 155 -18.22 -4.54 39.46
CA ARG D 155 -16.86 -4.04 39.27
C ARG D 155 -16.80 -2.54 39.52
N ARG D 156 -17.70 -1.78 38.91
CA ARG D 156 -17.78 -0.34 39.14
C ARG D 156 -19.17 0.14 38.79
N ILE D 157 -19.62 1.16 39.51
CA ILE D 157 -20.93 1.78 39.31
C ILE D 157 -20.73 3.05 38.53
N TYR D 158 -21.53 3.23 37.48
CA TYR D 158 -21.56 4.47 36.71
C TYR D 158 -22.99 4.99 36.69
N THR D 159 -23.12 6.31 36.65
CA THR D 159 -24.44 6.92 36.63
C THR D 159 -24.37 8.27 35.94
N THR D 160 -25.50 8.74 35.47
CA THR D 160 -25.55 10.02 34.79
C THR D 160 -26.61 10.84 35.45
N ASN D 161 -26.82 10.58 36.73
CA ASN D 161 -27.85 11.29 37.46
C ASN D 161 -27.26 12.34 38.38
N TYR D 162 -28.12 13.10 39.03
CA TYR D 162 -27.65 14.13 39.95
C TYR D 162 -27.96 13.77 41.39
N ASP D 163 -28.98 12.96 41.62
CA ASP D 163 -29.41 12.67 42.98
C ASP D 163 -28.51 11.62 43.63
N ASN D 164 -28.69 11.47 44.94
CA ASN D 164 -27.90 10.53 45.75
C ASN D 164 -28.67 9.26 46.06
N ALA D 165 -29.50 8.79 45.14
CA ALA D 165 -30.26 7.57 45.37
C ALA D 165 -29.36 6.35 45.42
N ILE D 166 -28.30 6.33 44.62
CA ILE D 166 -27.40 5.18 44.57
C ILE D 166 -26.62 5.04 45.86
N GLU D 167 -26.14 6.16 46.42
CA GLU D 167 -25.41 6.10 47.69
C GLU D 167 -26.31 5.65 48.83
N LEU D 168 -27.54 6.15 48.86
CA LEU D 168 -28.51 5.70 49.87
C LEU D 168 -28.80 4.21 49.71
N SER D 169 -28.94 3.74 48.48
CA SER D 169 -29.22 2.34 48.24
C SER D 169 -28.03 1.46 48.59
N LEU D 170 -26.81 1.96 48.46
CA LEU D 170 -25.63 1.18 48.87
C LEU D 170 -25.46 1.18 50.37
N ILE D 171 -25.74 2.31 51.03
CA ILE D 171 -25.58 2.40 52.48
C ILE D 171 -26.62 1.54 53.18
N LYS D 172 -27.89 1.63 52.76
CA LYS D 172 -28.94 0.88 53.43
C LYS D 172 -28.87 -0.61 53.15
N SER D 173 -28.02 -1.06 52.24
CA SER D 173 -27.85 -2.48 51.95
C SER D 173 -26.64 -3.09 52.63
N GLY D 174 -25.85 -2.29 53.36
CA GLY D 174 -24.72 -2.82 54.10
C GLY D 174 -23.41 -2.80 53.35
N LYS D 175 -23.05 -1.65 52.77
CA LYS D 175 -21.84 -1.54 51.98
C LYS D 175 -21.44 -0.08 51.91
N SER D 176 -20.15 0.20 51.98
CA SER D 176 -19.67 1.57 51.92
C SER D 176 -19.72 2.08 50.49
N VAL D 177 -19.65 3.41 50.35
CA VAL D 177 -19.65 4.05 49.03
C VAL D 177 -18.94 5.39 49.15
N THR D 178 -18.13 5.71 48.13
CA THR D 178 -17.51 7.03 48.01
C THR D 178 -17.95 7.65 46.69
N PRO D 179 -18.94 8.53 46.68
CA PRO D 179 -19.38 9.13 45.42
C PRO D 179 -18.34 10.09 44.88
N LEU D 180 -18.28 10.16 43.55
CA LEU D 180 -17.28 10.99 42.88
C LEU D 180 -17.94 11.73 41.73
N THR D 181 -17.14 12.62 41.12
CA THR D 181 -17.56 13.37 39.94
C THR D 181 -16.35 13.48 39.02
N LEU D 182 -16.50 14.24 37.93
CA LEU D 182 -15.47 14.26 36.91
C LEU D 182 -14.21 15.01 37.36
N GLU D 183 -14.30 15.85 38.39
CA GLU D 183 -13.17 16.68 38.79
C GLU D 183 -12.16 15.97 39.67
N ASP D 184 -12.42 14.74 40.08
CA ASP D 184 -11.55 14.02 40.99
C ASP D 184 -10.60 13.13 40.19
N ALA D 185 -9.33 13.15 40.58
CA ALA D 185 -8.33 12.39 39.84
C ALA D 185 -8.52 10.89 40.07
N PRO D 186 -8.55 10.09 39.02
CA PRO D 186 -8.73 8.64 39.20
C PRO D 186 -7.55 7.96 39.85
N ASN D 187 -6.37 8.58 39.81
CA ASN D 187 -5.16 7.98 40.40
C ASN D 187 -5.21 7.95 41.90
N GLN D 188 -5.90 8.90 42.51
CA GLN D 188 -5.93 9.00 43.96
C GLN D 188 -6.77 7.90 44.60
N TYR D 189 -7.82 7.44 43.91
CA TYR D 189 -8.69 6.38 44.39
C TYR D 189 -8.38 5.05 43.72
N LYS D 190 -7.09 4.79 43.50
CA LYS D 190 -6.67 3.57 42.82
C LYS D 190 -7.00 2.33 43.64
N SER D 191 -6.77 2.38 44.95
CA SER D 191 -6.94 1.22 45.80
C SER D 191 -8.36 1.05 46.34
N ALA D 192 -9.25 1.99 46.07
CA ALA D 192 -10.59 1.92 46.63
C ALA D 192 -11.50 1.06 45.78
N GLU D 193 -12.62 0.67 46.36
CA GLU D 193 -13.71 0.01 45.68
C GLU D 193 -14.94 0.91 45.74
N ASP D 194 -16.09 0.36 45.32
CA ASP D 194 -17.42 0.99 45.41
C ASP D 194 -17.43 2.44 44.94
N ILE D 195 -16.71 2.69 43.85
CA ILE D 195 -16.60 4.04 43.28
C ILE D 195 -17.85 4.27 42.42
N CYS D 196 -18.79 5.05 42.94
CA CYS D 196 -19.93 5.50 42.15
C CYS D 196 -19.58 6.84 41.55
N LEU D 197 -19.52 6.90 40.23
CA LEU D 197 -19.08 8.11 39.53
C LEU D 197 -20.25 8.76 38.81
N HIS D 198 -20.52 10.01 39.14
CA HIS D 198 -21.57 10.79 38.49
C HIS D 198 -20.95 11.56 37.34
N ILE D 199 -21.36 11.24 36.12
CA ILE D 199 -20.76 11.84 34.92
C ILE D 199 -21.18 13.30 34.79
N ASN D 200 -22.44 13.62 35.08
CA ASN D 200 -22.98 14.96 34.87
C ASN D 200 -22.96 15.82 36.14
N GLY D 201 -22.29 15.38 37.19
CA GLY D 201 -22.15 16.16 38.40
C GLY D 201 -23.17 15.78 39.46
N ARG D 202 -23.00 16.38 40.63
CA ARG D 202 -23.84 16.14 41.78
C ARG D 202 -24.33 17.46 42.35
N ILE D 203 -25.48 17.41 43.01
CA ILE D 203 -26.01 18.54 43.75
C ILE D 203 -25.86 18.37 45.25
N GLU D 204 -25.22 17.28 45.70
CA GLU D 204 -25.13 17.00 47.12
C GLU D 204 -24.29 18.06 47.84
N ARG D 205 -23.13 18.41 47.28
CA ARG D 205 -22.31 19.50 47.81
C ARG D 205 -21.84 20.40 46.69
N SER D 206 -22.79 20.86 45.88
CA SER D 206 -22.48 21.75 44.77
C SER D 206 -22.57 23.21 45.21
N LYS D 207 -21.80 24.06 44.54
CA LYS D 207 -21.71 25.47 44.85
C LYS D 207 -22.43 26.29 43.78
N GLU D 208 -22.39 27.62 43.96
CA GLU D 208 -23.14 28.50 43.06
C GLU D 208 -22.49 28.59 41.68
N SER D 209 -21.16 28.66 41.64
CA SER D 209 -20.46 28.87 40.38
C SER D 209 -20.35 27.62 39.53
N ASP D 210 -20.75 26.46 40.06
CA ASP D 210 -20.60 25.21 39.33
C ASP D 210 -21.63 25.05 38.21
N LEU D 211 -22.61 25.93 38.10
CA LEU D 211 -23.61 25.82 37.06
C LEU D 211 -23.06 26.14 35.68
N ASP D 212 -21.83 26.63 35.59
CA ASP D 212 -21.27 27.03 34.31
C ASP D 212 -20.92 25.84 33.45
N SER D 213 -20.19 24.89 34.02
CA SER D 213 -19.79 23.69 33.28
C SER D 213 -19.80 22.42 34.12
N ALA D 214 -19.65 22.54 35.43
CA ALA D 214 -19.55 21.33 36.25
C ALA D 214 -20.81 20.48 36.14
N ILE D 215 -21.98 21.10 36.30
CA ILE D 215 -23.25 20.42 36.13
C ILE D 215 -23.79 20.77 34.75
N LYS D 216 -24.02 19.76 33.93
CA LYS D 216 -24.40 19.97 32.54
C LYS D 216 -25.91 20.15 32.45
N LEU D 217 -26.33 21.40 32.57
CA LEU D 217 -27.74 21.77 32.42
C LEU D 217 -27.96 22.74 31.26
N THR D 218 -27.19 23.82 31.23
CA THR D 218 -27.35 24.83 30.19
C THR D 218 -26.77 24.38 28.85
N THR D 219 -27.06 25.11 27.79
CA THR D 219 -26.52 24.76 26.48
C THR D 219 -25.08 25.20 26.38
N SER D 220 -24.64 26.00 27.35
CA SER D 220 -23.26 26.43 27.36
C SER D 220 -22.40 25.40 28.03
N SER D 221 -22.97 24.67 28.98
CA SER D 221 -22.23 23.64 29.69
C SER D 221 -21.79 22.56 28.73
N TYR D 222 -22.56 22.33 27.69
CA TYR D 222 -22.24 21.29 26.72
C TYR D 222 -21.21 21.74 25.70
N LEU D 223 -20.89 23.03 25.64
CA LEU D 223 -19.98 23.57 24.64
C LEU D 223 -18.63 23.95 25.22
N SER D 224 -18.47 23.93 26.54
CA SER D 224 -17.22 24.30 27.16
C SER D 224 -16.15 23.24 26.87
N PRO D 225 -14.87 23.62 26.89
CA PRO D 225 -13.82 22.63 26.58
C PRO D 225 -13.71 21.49 27.57
N GLU D 226 -14.29 21.62 28.77
CA GLU D 226 -14.22 20.58 29.79
C GLU D 226 -15.40 19.63 29.74
N GLN D 227 -15.23 18.45 29.15
CA GLN D 227 -16.33 17.51 28.99
C GLN D 227 -15.94 16.12 29.50
N PHE D 228 -16.78 15.12 29.25
CA PHE D 228 -16.41 13.76 29.58
C PHE D 228 -15.36 13.21 28.62
N LEU D 229 -15.35 13.71 27.38
CA LEU D 229 -14.40 13.23 26.38
C LEU D 229 -12.98 13.59 26.75
N THR D 230 -12.76 14.79 27.28
CA THR D 230 -11.42 15.24 27.61
C THR D 230 -11.01 14.90 29.04
N SER D 231 -11.91 14.34 29.84
CA SER D 231 -11.60 14.06 31.22
C SER D 231 -10.68 12.85 31.33
N SER D 232 -10.13 12.64 32.53
CA SER D 232 -9.21 11.54 32.76
C SER D 232 -9.91 10.23 33.07
N TRP D 233 -11.23 10.23 33.18
CA TRP D 233 -12.00 9.02 33.42
C TRP D 233 -12.39 8.31 32.13
N TYR D 234 -12.03 8.88 30.97
CA TYR D 234 -12.35 8.23 29.71
C TYR D 234 -11.57 6.94 29.52
N ARG D 235 -10.26 6.99 29.81
CA ARG D 235 -9.43 5.80 29.70
C ARG D 235 -9.88 4.72 30.69
N GLN D 236 -10.22 5.13 31.92
CA GLN D 236 -10.73 4.18 32.91
C GLN D 236 -12.05 3.57 32.46
N PHE D 237 -12.94 4.37 31.88
CA PHE D 237 -14.21 3.83 31.39
C PHE D 237 -13.99 2.83 30.27
N LYS D 238 -13.06 3.11 29.37
CA LYS D 238 -12.83 2.22 28.25
C LYS D 238 -12.18 0.93 28.71
N ALA D 239 -11.24 1.00 29.65
CA ALA D 239 -10.63 -0.21 30.19
C ALA D 239 -11.64 -1.02 31.01
N ASP D 240 -12.54 -0.33 31.71
CA ASP D 240 -13.56 -1.01 32.49
C ASP D 240 -14.50 -1.81 31.61
N ILE D 241 -15.03 -1.19 30.56
CA ILE D 241 -15.93 -1.95 29.69
C ILE D 241 -15.17 -2.94 28.84
N ASP D 242 -13.85 -2.80 28.72
CA ASP D 242 -13.05 -3.82 28.06
C ASP D 242 -12.89 -5.06 28.93
N ASN D 243 -12.67 -4.89 30.23
CA ASN D 243 -12.34 -5.99 31.12
C ASN D 243 -13.55 -6.67 31.75
N ALA D 244 -14.75 -6.12 31.58
CA ALA D 244 -15.90 -6.60 32.33
C ALA D 244 -16.41 -7.93 31.79
N SER D 245 -17.47 -8.44 32.42
CA SER D 245 -18.17 -9.63 31.95
C SER D 245 -19.37 -9.25 31.10
N ALA D 246 -20.30 -8.48 31.67
CA ALA D 246 -21.46 -7.98 30.95
C ALA D 246 -21.79 -6.60 31.47
N ILE D 247 -22.16 -5.70 30.57
CA ILE D 247 -22.41 -4.31 30.91
C ILE D 247 -23.91 -4.06 30.85
N VAL D 248 -24.49 -3.68 31.98
CA VAL D 248 -25.93 -3.51 32.11
C VAL D 248 -26.25 -2.02 32.16
N PHE D 249 -27.19 -1.59 31.32
CA PHE D 249 -27.64 -0.20 31.29
C PHE D 249 -29.04 -0.14 31.87
N LEU D 250 -29.17 0.33 33.11
CA LEU D 250 -30.44 0.31 33.84
C LEU D 250 -31.29 1.52 33.43
N GLY D 251 -32.12 1.34 32.41
CA GLY D 251 -33.01 2.40 31.99
C GLY D 251 -32.29 3.62 31.44
N TYR D 252 -31.25 3.40 30.65
CA TYR D 252 -30.50 4.48 30.02
C TYR D 252 -30.92 4.57 28.56
N SER D 253 -31.32 5.76 28.12
CA SER D 253 -31.83 5.97 26.78
C SER D 253 -30.77 6.40 25.78
N MET D 254 -29.51 6.53 26.22
CA MET D 254 -28.36 6.82 25.36
C MET D 254 -28.54 8.15 24.62
N TYR D 255 -28.56 9.24 25.39
CA TYR D 255 -28.61 10.58 24.82
C TYR D 255 -27.22 11.13 24.54
N ASP D 256 -26.25 10.83 25.41
CA ASP D 256 -24.92 11.39 25.27
C ASP D 256 -24.21 10.79 24.05
N ILE D 257 -23.57 11.65 23.26
CA ILE D 257 -22.98 11.21 22.01
C ILE D 257 -21.70 10.43 22.21
N ASP D 258 -21.04 10.59 23.36
CA ASP D 258 -19.77 9.90 23.58
C ASP D 258 -19.99 8.41 23.85
N ILE D 259 -21.03 8.08 24.60
CA ILE D 259 -21.35 6.68 24.83
C ILE D 259 -21.77 6.01 23.53
N GLN D 260 -22.47 6.75 22.67
CA GLN D 260 -22.83 6.22 21.36
C GLN D 260 -21.59 5.94 20.52
N LYS D 261 -20.66 6.90 20.47
CA LYS D 261 -19.46 6.70 19.67
C LYS D 261 -18.55 5.64 20.26
N ILE D 262 -18.70 5.33 21.55
CA ILE D 262 -17.93 4.22 22.14
C ILE D 262 -18.55 2.88 21.77
N PHE D 263 -19.87 2.74 21.94
CA PHE D 263 -20.51 1.44 21.81
C PHE D 263 -20.90 1.08 20.38
N PHE D 264 -20.89 2.04 19.44
CA PHE D 264 -21.33 1.72 18.09
C PHE D 264 -20.29 0.94 17.30
N ASN D 265 -19.02 1.28 17.46
CA ASN D 265 -17.99 0.81 16.53
C ASN D 265 -17.71 -0.68 16.70
N ASP D 266 -17.57 -1.15 17.93
CA ASP D 266 -17.12 -2.51 18.19
C ASP D 266 -18.25 -3.52 17.98
N SER D 267 -17.87 -4.78 17.93
CA SER D 267 -18.79 -5.90 17.83
C SER D 267 -18.65 -6.89 18.98
N SER D 268 -17.44 -7.07 19.52
CA SER D 268 -17.27 -7.94 20.68
C SER D 268 -17.93 -7.34 21.92
N ILE D 269 -17.92 -6.02 22.03
CA ILE D 269 -18.59 -5.35 23.14
C ILE D 269 -20.10 -5.52 23.03
N LYS D 270 -20.63 -5.56 21.80
CA LYS D 270 -22.08 -5.69 21.61
C LYS D 270 -22.61 -6.99 22.17
N SER D 271 -21.82 -8.07 22.08
CA SER D 271 -22.28 -9.37 22.57
C SER D 271 -22.38 -9.43 24.09
N LYS D 272 -21.85 -8.44 24.81
CA LYS D 272 -21.92 -8.43 26.26
C LYS D 272 -22.90 -7.41 26.83
N THR D 273 -23.21 -6.35 26.09
CA THR D 273 -23.98 -5.24 26.63
C THR D 273 -25.47 -5.56 26.64
N PHE D 274 -26.11 -5.35 27.78
CA PHE D 274 -27.55 -5.52 27.92
C PHE D 274 -28.18 -4.18 28.27
N PHE D 275 -29.34 -3.91 27.68
CA PHE D 275 -30.10 -2.70 27.97
C PHE D 275 -31.40 -3.10 28.64
N ILE D 276 -31.73 -2.44 29.75
CA ILE D 276 -32.94 -2.76 30.48
C ILE D 276 -33.91 -1.59 30.37
N THR D 277 -34.76 -1.63 29.35
CA THR D 277 -35.73 -0.56 29.14
C THR D 277 -36.97 -0.81 29.99
N ARG D 278 -38.03 -0.07 29.72
CA ARG D 278 -39.24 -0.21 30.52
C ARG D 278 -40.14 -1.30 29.96
N GLU D 279 -41.18 -1.63 30.72
CA GLU D 279 -42.15 -2.62 30.28
C GLU D 279 -43.04 -2.05 29.18
N GLY D 280 -43.56 -2.96 28.36
CA GLY D 280 -44.56 -2.61 27.35
C GLY D 280 -44.08 -1.71 26.24
N THR D 281 -42.88 -1.95 25.72
CA THR D 281 -42.37 -1.23 24.56
C THR D 281 -42.19 -2.21 23.41
N THR D 282 -42.72 -1.85 22.24
CA THR D 282 -42.61 -2.71 21.08
C THR D 282 -41.22 -2.58 20.47
N LYS D 283 -40.97 -3.29 19.40
CA LYS D 283 -39.63 -3.30 18.81
C LYS D 283 -39.18 -2.00 18.22
N PHE D 284 -40.07 -1.27 17.56
CA PHE D 284 -39.62 -0.07 16.87
C PHE D 284 -39.31 1.09 17.80
N GLN D 285 -39.95 1.16 18.98
CA GLN D 285 -39.69 2.27 19.88
C GLN D 285 -38.29 2.26 20.45
N ASN D 286 -37.64 1.09 20.50
CA ASN D 286 -36.27 0.98 20.99
C ASN D 286 -35.39 0.33 19.93
N TYR D 287 -35.62 0.67 18.66
CA TYR D 287 -34.71 0.23 17.61
C TYR D 287 -33.35 0.91 17.74
N LYS D 288 -33.33 2.14 18.27
CA LYS D 288 -32.07 2.86 18.43
C LYS D 288 -31.15 2.15 19.40
N LEU D 289 -31.70 1.58 20.48
CA LEU D 289 -30.87 0.91 21.47
C LEU D 289 -30.35 -0.43 20.97
N ALA D 290 -31.08 -1.09 20.07
CA ALA D 290 -30.71 -2.41 19.60
C ALA D 290 -29.44 -2.40 18.75
N MET D 291 -28.96 -1.23 18.33
CA MET D 291 -27.73 -1.13 17.57
C MET D 291 -26.49 -1.29 18.44
N PHE D 292 -26.65 -1.27 19.77
CA PHE D 292 -25.52 -1.29 20.68
C PHE D 292 -25.45 -2.54 21.55
N GLY D 293 -26.58 -3.19 21.83
CA GLY D 293 -26.57 -4.39 22.64
C GLY D 293 -27.98 -4.93 22.76
N GLU D 294 -28.10 -6.04 23.49
CA GLU D 294 -29.39 -6.69 23.66
C GLU D 294 -30.34 -5.84 24.48
N VAL D 295 -31.60 -5.81 24.06
CA VAL D 295 -32.63 -5.03 24.73
C VAL D 295 -33.59 -5.99 25.42
N ILE D 296 -33.79 -5.78 26.72
CA ILE D 296 -34.69 -6.57 27.53
C ILE D 296 -35.71 -5.62 28.14
N ASN D 297 -36.96 -5.73 27.72
CA ASN D 297 -38.00 -4.80 28.17
C ASN D 297 -38.74 -5.39 29.37
N ILE D 298 -38.02 -5.49 30.48
CA ILE D 298 -38.60 -6.00 31.72
C ILE D 298 -38.59 -4.97 32.84
N GLY D 299 -37.70 -3.98 32.82
CA GLY D 299 -37.71 -2.93 33.81
C GLY D 299 -36.79 -3.21 34.99
N VAL D 300 -36.64 -2.19 35.82
CA VAL D 300 -35.82 -2.32 37.03
C VAL D 300 -36.50 -3.24 38.04
N ASN D 301 -37.82 -3.14 38.15
CA ASN D 301 -38.55 -3.94 39.14
C ASN D 301 -38.45 -5.42 38.85
N ALA D 302 -38.50 -5.79 37.58
CA ALA D 302 -38.31 -7.19 37.20
C ALA D 302 -36.84 -7.59 37.14
N PHE D 303 -35.91 -6.62 37.15
CA PHE D 303 -34.51 -6.93 37.30
C PHE D 303 -34.14 -7.24 38.75
N SER D 304 -34.91 -6.68 39.69
CA SER D 304 -34.58 -6.87 41.10
C SER D 304 -34.71 -8.32 41.55
N HIS D 305 -35.67 -9.06 40.98
CA HIS D 305 -35.80 -10.47 41.34
C HIS D 305 -34.59 -11.28 40.86
N ILE D 306 -34.09 -10.99 39.66
CA ILE D 306 -32.86 -11.61 39.17
C ILE D 306 -31.70 -11.26 40.09
N ALA D 307 -31.64 -9.99 40.50
CA ALA D 307 -30.59 -9.55 41.43
C ALA D 307 -30.65 -10.33 42.73
N ALA D 308 -31.83 -10.50 43.29
CA ALA D 308 -31.99 -11.20 44.57
C ALA D 308 -31.66 -12.67 44.43
N LYS D 309 -31.92 -13.26 43.26
CA LYS D 309 -31.51 -14.64 43.03
C LYS D 309 -30.00 -14.75 42.81
N CYS D 310 -29.33 -13.66 42.45
CA CYS D 310 -27.91 -13.69 42.16
C CYS D 310 -27.02 -13.18 43.30
N ILE D 311 -27.62 -12.62 44.37
CA ILE D 311 -26.85 -11.98 45.45
C ILE D 311 -25.86 -12.94 46.08
N GLU D 312 -26.33 -14.14 46.47
CA GLU D 312 -25.49 -15.04 47.25
C GLU D 312 -24.32 -15.55 46.43
N GLU D 313 -24.55 -15.83 45.14
CA GLU D 313 -23.50 -16.34 44.27
C GLU D 313 -22.53 -15.26 43.83
N SER D 314 -22.95 -13.99 43.86
CA SER D 314 -22.08 -12.91 43.36
C SER D 314 -20.85 -12.74 44.22
N HIS D 315 -20.95 -12.98 45.52
CA HIS D 315 -19.83 -12.76 46.42
C HIS D 315 -18.91 -13.96 46.57
N GLN D 316 -19.42 -15.17 46.37
CA GLN D 316 -18.64 -16.38 46.57
C GLN D 316 -17.64 -16.64 45.47
N ASP D 317 -17.98 -16.25 44.23
CA ASP D 317 -17.27 -16.73 43.04
C ASP D 317 -15.82 -16.27 43.03
N LYS D 318 -14.91 -17.22 42.89
CA LYS D 318 -13.47 -16.96 42.77
C LYS D 318 -12.87 -18.03 41.86
N GLU D 319 -11.99 -17.60 40.96
CA GLU D 319 -11.37 -18.51 40.02
C GLU D 319 -9.99 -17.97 39.63
N VAL D 320 -8.98 -18.83 39.69
CA VAL D 320 -7.62 -18.41 39.35
C VAL D 320 -7.50 -18.14 37.85
N GLY D 321 -8.14 -18.97 37.04
CA GLY D 321 -8.07 -18.81 35.60
C GLY D 321 -6.73 -19.26 35.04
N LEU D 322 -6.53 -18.92 33.77
CA LEU D 322 -5.30 -19.20 33.05
C LEU D 322 -4.71 -17.89 32.54
N ILE D 323 -3.39 -17.82 32.48
CA ILE D 323 -2.69 -16.66 31.95
C ILE D 323 -2.25 -16.98 30.53
N ASN D 324 -2.66 -16.15 29.57
CA ASN D 324 -2.54 -16.46 28.16
C ASN D 324 -1.40 -15.74 27.46
N SER D 325 -1.21 -14.44 27.69
CA SER D 325 -0.15 -13.72 27.00
C SER D 325 1.16 -13.73 27.76
N LEU D 326 1.22 -14.41 28.90
CA LEU D 326 2.44 -14.49 29.70
C LEU D 326 2.68 -15.92 30.12
N GLU D 327 3.94 -16.36 30.00
CA GLU D 327 4.34 -17.70 30.41
C GLU D 327 5.11 -17.63 31.72
N LEU D 328 4.94 -18.64 32.57
CA LEU D 328 5.62 -18.66 33.86
C LEU D 328 6.95 -19.35 33.68
N TYR D 329 8.05 -18.66 34.03
CA TYR D 329 9.37 -19.26 33.89
C TYR D 329 9.75 -20.13 35.09
N THR D 330 10.00 -21.41 34.86
CA THR D 330 10.33 -22.33 35.95
C THR D 330 11.76 -22.83 35.81
N PRO D 331 12.58 -22.66 36.85
CA PRO D 331 13.98 -23.07 36.73
C PRO D 331 14.12 -24.55 36.50
N GLY D 332 15.34 -25.05 36.57
CA GLY D 332 15.57 -26.46 36.27
C GLY D 332 15.45 -27.41 37.43
N GLU D 333 15.40 -28.70 37.12
CA GLU D 333 15.29 -29.72 38.15
C GLU D 333 16.26 -30.85 37.90
N GLU D 334 17.19 -30.65 36.98
CA GLU D 334 18.16 -31.69 36.65
C GLU D 334 19.45 -31.04 36.15
N HIS D 335 20.53 -31.82 36.19
CA HIS D 335 21.84 -31.36 35.76
C HIS D 335 22.13 -31.89 34.36
N ASP D 336 22.46 -30.99 33.44
CA ASP D 336 22.81 -31.35 32.08
C ASP D 336 24.31 -31.22 31.88
N GLU D 337 24.94 -32.29 31.41
CA GLU D 337 26.36 -32.24 31.09
C GLU D 337 26.59 -31.36 29.87
N ILE D 338 27.72 -30.66 29.86
CA ILE D 338 28.02 -29.65 28.84
C ILE D 338 29.34 -30.03 28.19
N ARG D 339 29.37 -30.01 26.86
CA ARG D 339 30.58 -30.28 26.08
C ARG D 339 31.07 -28.99 25.43
N ASP D 340 32.10 -29.11 24.60
CA ASP D 340 32.54 -27.97 23.82
C ASP D 340 31.56 -27.63 22.69
N ASN D 341 30.72 -28.59 22.29
CA ASN D 341 29.74 -28.35 21.24
C ASN D 341 28.71 -27.31 21.68
N ASP D 342 28.22 -27.41 22.92
CA ASP D 342 27.22 -26.47 23.39
C ASP D 342 27.81 -25.07 23.55
N ILE D 343 29.04 -24.98 24.05
CA ILE D 343 29.69 -23.67 24.16
C ILE D 343 29.90 -23.07 22.78
N ALA D 344 30.30 -23.91 21.81
CA ALA D 344 30.52 -23.40 20.46
C ALA D 344 29.23 -22.93 19.82
N ASN D 345 28.14 -23.69 19.98
CA ASN D 345 26.85 -23.29 19.43
C ASN D 345 26.38 -21.99 20.06
N PHE D 346 26.55 -21.85 21.38
CA PHE D 346 26.13 -20.63 22.05
C PHE D 346 26.95 -19.43 21.61
N MET D 347 28.26 -19.58 21.51
CA MET D 347 29.08 -18.42 21.17
C MET D 347 29.01 -18.06 19.68
N ILE D 348 28.62 -19.00 18.82
CA ILE D 348 28.64 -18.72 17.39
C ILE D 348 27.23 -18.54 16.84
N PHE D 349 26.40 -19.58 16.93
CA PHE D 349 25.09 -19.54 16.31
C PHE D 349 24.00 -19.00 17.22
N GLY D 350 24.34 -18.70 18.47
CA GLY D 350 23.38 -18.16 19.40
C GLY D 350 22.38 -19.16 19.93
N LYS D 351 22.67 -20.45 19.87
CA LYS D 351 21.74 -21.48 20.29
C LYS D 351 22.03 -21.89 21.72
N VAL D 352 20.99 -21.88 22.56
CA VAL D 352 21.15 -22.16 23.99
C VAL D 352 19.83 -22.66 24.53
N SER D 353 19.91 -23.58 25.48
CA SER D 353 18.73 -24.09 26.18
C SER D 353 18.64 -23.45 27.56
N ASP D 354 17.45 -23.55 28.15
CA ASP D 354 17.25 -23.02 29.49
C ASP D 354 18.07 -23.79 30.52
N ARG D 355 18.32 -25.08 30.26
CA ARG D 355 19.09 -25.89 31.20
C ARG D 355 20.56 -25.43 31.25
N TYR D 356 21.07 -24.92 30.12
CA TYR D 356 22.40 -24.33 30.11
C TYR D 356 22.47 -23.12 31.03
N ILE D 357 21.49 -22.22 30.92
CA ILE D 357 21.47 -21.03 31.77
C ILE D 357 21.33 -21.41 33.23
N ASP D 358 20.46 -22.38 33.53
CA ASP D 358 20.30 -22.80 34.92
C ASP D 358 21.53 -23.51 35.46
N GLU D 359 22.30 -24.17 34.59
CA GLU D 359 23.53 -24.79 35.05
C GLU D 359 24.60 -23.76 35.36
N VAL D 360 24.74 -22.75 34.50
CA VAL D 360 25.84 -21.79 34.66
C VAL D 360 25.47 -20.61 35.55
N THR D 361 24.22 -20.50 35.97
CA THR D 361 23.85 -19.47 36.94
C THR D 361 23.98 -19.91 38.38
N LEU D 362 23.79 -21.20 38.67
CA LEU D 362 23.88 -21.67 40.05
C LEU D 362 25.30 -21.63 40.56
N ASN D 363 26.25 -22.15 39.78
CA ASN D 363 27.65 -22.23 40.17
C ASN D 363 28.42 -21.10 39.51
N ASP D 364 29.04 -20.24 40.31
CA ASP D 364 29.71 -19.05 39.79
C ASP D 364 31.16 -19.31 39.42
N ASN D 365 31.65 -20.54 39.55
CA ASN D 365 33.01 -20.88 39.15
C ASN D 365 33.10 -21.29 37.68
N MET D 366 31.99 -21.31 36.96
CA MET D 366 31.98 -21.70 35.55
C MET D 366 32.33 -20.48 34.69
N HIS D 367 33.60 -20.08 34.78
CA HIS D 367 34.12 -19.02 33.93
C HIS D 367 34.39 -19.48 32.51
N ASP D 368 34.33 -20.79 32.26
CA ASP D 368 34.59 -21.35 30.95
C ASP D 368 33.33 -21.61 30.14
N LYS D 369 32.17 -21.19 30.64
CA LYS D 369 30.91 -21.46 29.97
C LYS D 369 30.03 -20.24 29.75
N ILE D 370 30.13 -19.20 30.57
CA ILE D 370 29.36 -17.98 30.33
C ILE D 370 30.12 -16.81 30.94
N ILE D 371 29.76 -15.59 30.54
CA ILE D 371 30.48 -14.40 31.00
C ILE D 371 29.77 -13.80 32.18
N LEU D 372 30.46 -13.68 33.29
CA LEU D 372 29.86 -13.24 34.54
C LEU D 372 29.76 -11.72 34.51
N ARG D 373 28.67 -11.20 33.96
CA ARG D 373 28.46 -9.75 33.92
C ARG D 373 28.21 -9.21 35.31
N GLU D 374 28.78 -8.04 35.60
CA GLU D 374 28.66 -7.44 36.91
C GLU D 374 27.40 -6.60 37.09
N GLU D 375 26.68 -6.31 36.01
CA GLU D 375 25.47 -5.52 36.13
C GLU D 375 24.33 -6.31 36.75
N VAL D 376 24.40 -7.64 36.73
CA VAL D 376 23.30 -8.48 37.18
C VAL D 376 23.03 -8.27 38.67
N SER D 377 24.10 -8.19 39.48
CA SER D 377 23.92 -7.99 40.92
C SER D 377 23.33 -6.63 41.22
N LYS D 378 23.76 -5.59 40.51
CA LYS D 378 23.19 -4.26 40.69
C LYS D 378 21.70 -4.25 40.35
N ILE D 379 21.33 -4.92 39.25
CA ILE D 379 19.92 -4.95 38.87
C ILE D 379 19.11 -5.75 39.88
N ILE D 380 19.67 -6.83 40.43
CA ILE D 380 18.98 -7.62 41.45
C ILE D 380 18.75 -6.78 42.70
N GLU D 381 19.77 -6.05 43.15
CA GLU D 381 19.64 -5.18 44.32
C GLU D 381 18.59 -4.10 44.07
N HIS D 382 18.58 -3.51 42.88
CA HIS D 382 17.59 -2.49 42.56
C HIS D 382 16.18 -3.05 42.52
N ILE D 383 16.01 -4.28 42.01
CA ILE D 383 14.68 -4.86 41.92
C ILE D 383 14.20 -5.37 43.27
N GLU D 384 15.10 -5.61 44.23
CA GLU D 384 14.67 -6.02 45.55
C GLU D 384 13.98 -4.90 46.33
N THR D 385 14.38 -3.65 46.09
CA THR D 385 13.90 -2.50 46.86
C THR D 385 12.75 -1.77 46.16
N ASP D 386 11.88 -2.50 45.46
CA ASP D 386 10.69 -1.96 44.79
C ASP D 386 11.07 -0.88 43.78
N ASN D 387 11.73 -1.32 42.71
CA ASN D 387 12.05 -0.44 41.59
C ASN D 387 11.78 -1.16 40.28
N ASP D 388 11.36 -0.40 39.28
CA ASP D 388 11.29 -0.90 37.91
C ASP D 388 12.60 -0.59 37.20
N ILE D 389 12.85 -1.31 36.12
CA ILE D 389 14.16 -1.31 35.47
C ILE D 389 13.97 -1.14 33.97
N LEU D 390 14.81 -0.31 33.35
CA LEU D 390 14.84 -0.15 31.90
C LEU D 390 16.26 -0.34 31.42
N ILE D 391 16.46 -1.26 30.48
CA ILE D 391 17.78 -1.59 29.95
C ILE D 391 17.84 -1.15 28.49
N ALA D 392 18.91 -0.44 28.13
CA ALA D 392 19.12 0.02 26.77
C ALA D 392 20.51 -0.37 26.30
N SER D 393 20.64 -0.71 25.03
CA SER D 393 21.94 -1.06 24.46
C SER D 393 21.88 -1.14 22.95
N ASP D 394 23.03 -1.16 22.29
CA ASP D 394 23.06 -1.21 20.84
C ASP D 394 22.87 -2.63 20.31
N LEU D 395 23.15 -2.85 19.03
CA LEU D 395 22.92 -4.16 18.42
C LEU D 395 23.73 -5.31 18.96
N GLY D 396 23.07 -6.28 19.57
CA GLY D 396 23.73 -7.49 19.98
C GLY D 396 24.61 -7.39 21.18
N ASN D 397 24.27 -6.55 22.15
CA ASN D 397 25.21 -6.44 23.25
C ASN D 397 24.79 -7.21 24.49
N GLY D 398 23.78 -8.07 24.39
CA GLY D 398 23.41 -8.92 25.50
C GLY D 398 22.26 -8.46 26.37
N LYS D 399 21.09 -8.23 25.79
CA LYS D 399 19.91 -7.93 26.59
C LYS D 399 19.08 -9.18 26.90
N SER D 400 18.90 -10.07 25.93
CA SER D 400 17.98 -11.19 26.10
C SER D 400 18.58 -12.26 27.01
N ILE D 401 19.86 -12.59 26.81
CA ILE D 401 20.50 -13.56 27.69
C ILE D 401 20.60 -13.01 29.11
N MET D 402 20.84 -11.70 29.24
CA MET D 402 20.84 -11.08 30.57
C MET D 402 19.46 -11.13 31.21
N THR D 403 18.41 -10.93 30.42
CA THR D 403 17.04 -11.04 30.93
C THR D 403 16.76 -12.46 31.42
N ARG D 404 17.22 -13.47 30.69
CA ARG D 404 17.02 -14.85 31.13
C ARG D 404 17.83 -15.16 32.39
N MET D 405 19.05 -14.61 32.49
CA MET D 405 19.82 -14.74 33.72
C MET D 405 19.07 -14.16 34.91
N LEU D 406 18.52 -12.95 34.75
CA LEU D 406 17.76 -12.33 35.82
C LEU D 406 16.53 -13.14 36.17
N MET D 407 15.91 -13.79 35.18
CA MET D 407 14.68 -14.57 35.44
C MET D 407 14.97 -15.81 36.23
N SER D 408 16.04 -16.50 35.89
CA SER D 408 16.41 -17.66 36.70
C SER D 408 16.83 -17.26 38.10
N LYS D 409 17.62 -16.19 38.23
CA LYS D 409 18.09 -15.78 39.54
C LYS D 409 16.94 -15.34 40.44
N LEU D 410 16.00 -14.56 39.90
CA LEU D 410 14.88 -14.11 40.71
C LEU D 410 13.87 -15.21 40.98
N SER D 411 13.80 -16.23 40.13
CA SER D 411 12.96 -17.39 40.49
C SER D 411 13.60 -18.20 41.60
N ARG D 412 14.93 -18.21 41.67
CA ARG D 412 15.58 -18.84 42.82
C ARG D 412 15.46 -18.00 44.09
N LYS D 413 15.46 -16.67 43.96
CA LYS D 413 15.36 -15.79 45.12
C LYS D 413 13.96 -15.75 45.72
N GLY D 414 12.96 -16.32 45.05
CA GLY D 414 11.61 -16.38 45.59
C GLY D 414 10.56 -15.64 44.79
N TYR D 415 10.91 -14.94 43.72
CA TYR D 415 9.94 -14.21 42.93
C TYR D 415 9.23 -15.14 41.95
N LEU D 416 8.16 -14.61 41.34
CA LEU D 416 7.45 -15.28 40.26
C LEU D 416 7.65 -14.46 39.00
N CYS D 417 8.61 -14.85 38.17
CA CYS D 417 8.95 -14.08 36.98
C CYS D 417 8.15 -14.59 35.79
N PHE D 418 7.73 -13.67 34.94
CA PHE D 418 6.95 -13.99 33.76
C PHE D 418 7.62 -13.42 32.53
N TYR D 419 7.36 -14.05 31.38
CA TYR D 419 7.99 -13.69 30.11
C TYR D 419 6.88 -13.41 29.11
N TYR D 420 6.95 -12.27 28.44
CA TYR D 420 5.87 -11.80 27.59
C TYR D 420 5.93 -12.50 26.24
N LEU D 421 4.92 -13.32 25.94
CA LEU D 421 4.78 -13.94 24.62
C LEU D 421 4.02 -13.02 23.70
N TYR D 422 4.47 -12.94 22.44
CA TYR D 422 3.83 -12.08 21.45
C TYR D 422 2.63 -12.80 20.85
N ASN D 423 1.63 -12.98 21.70
CA ASN D 423 0.43 -13.74 21.38
C ASN D 423 -0.63 -12.83 20.77
N GLU D 424 -1.72 -13.44 20.34
CA GLU D 424 -2.89 -12.71 19.88
C GLU D 424 -3.89 -12.47 20.99
N PHE D 425 -3.56 -12.84 22.23
CA PHE D 425 -4.46 -12.72 23.36
C PHE D 425 -4.25 -11.38 24.06
N SER D 426 -5.27 -11.00 24.85
CA SER D 426 -5.28 -9.70 25.49
C SER D 426 -4.28 -9.64 26.64
N PHE D 427 -3.73 -8.45 26.86
CA PHE D 427 -2.75 -8.19 27.91
C PHE D 427 -3.38 -7.62 29.17
N SER D 428 -4.53 -6.97 29.07
CA SER D 428 -5.14 -6.34 30.24
C SER D 428 -5.69 -7.37 31.21
N LYS D 429 -6.42 -8.36 30.70
CA LYS D 429 -7.00 -9.39 31.56
C LYS D 429 -5.92 -10.19 32.26
N ASP D 430 -4.77 -10.37 31.60
CA ASP D 430 -3.67 -11.09 32.23
C ASP D 430 -3.04 -10.27 33.36
N ILE D 431 -2.96 -8.96 33.20
CA ILE D 431 -2.47 -8.11 34.29
C ILE D 431 -3.45 -8.15 35.46
N GLU D 432 -4.75 -8.22 35.17
CA GLU D 432 -5.73 -8.33 36.27
C GLU D 432 -5.58 -9.67 37.00
N ARG D 433 -5.42 -10.76 36.25
CA ARG D 433 -5.24 -12.06 36.86
C ARG D 433 -3.95 -12.12 37.68
N LEU D 434 -2.88 -11.50 37.18
CA LEU D 434 -1.64 -11.47 37.95
C LEU D 434 -1.79 -10.64 39.21
N SER D 435 -2.58 -9.56 39.16
CA SER D 435 -2.83 -8.78 40.36
C SER D 435 -3.65 -9.57 41.38
N LYS D 436 -4.52 -10.47 40.91
CA LYS D 436 -5.37 -11.23 41.83
C LYS D 436 -4.60 -12.21 42.69
N LEU D 437 -3.37 -12.55 42.33
CA LEU D 437 -2.58 -13.50 43.10
C LEU D 437 -2.06 -12.83 44.38
N GLY D 438 -1.13 -13.48 45.06
CA GLY D 438 -0.64 -12.93 46.32
C GLY D 438 0.85 -13.05 46.53
N GLN D 439 1.63 -13.07 45.46
CA GLN D 439 3.07 -13.23 45.55
C GLN D 439 3.77 -12.03 44.93
N LYS D 440 5.10 -12.06 44.99
CA LYS D 440 5.91 -11.04 44.34
C LYS D 440 6.17 -11.44 42.90
N ILE D 441 5.82 -10.55 41.97
CA ILE D 441 5.89 -10.83 40.54
C ILE D 441 6.70 -9.73 39.87
N VAL D 442 7.55 -10.11 38.92
CA VAL D 442 8.15 -9.19 37.98
C VAL D 442 7.72 -9.61 36.58
N ILE D 443 7.74 -8.65 35.66
CA ILE D 443 7.27 -8.89 34.29
C ILE D 443 8.34 -8.41 33.32
N PHE D 444 8.74 -9.29 32.41
CA PHE D 444 9.79 -8.99 31.44
C PHE D 444 9.16 -8.76 30.08
N ILE D 445 9.49 -7.63 29.43
CA ILE D 445 8.98 -7.31 28.09
C ILE D 445 10.12 -6.88 27.19
N ASP D 446 10.62 -7.77 26.35
CA ASP D 446 11.77 -7.47 25.49
C ASP D 446 11.39 -6.73 24.23
N ASP D 447 12.15 -5.70 23.88
CA ASP D 447 11.83 -4.90 22.72
C ASP D 447 10.42 -4.39 22.86
N TYR D 448 10.20 -3.49 23.80
CA TYR D 448 8.86 -2.99 24.07
C TYR D 448 8.35 -2.01 23.02
N SER D 449 9.24 -1.47 22.18
CA SER D 449 8.79 -0.55 21.14
C SER D 449 7.97 -1.25 20.08
N ASN D 450 8.00 -2.58 20.01
CA ASN D 450 7.13 -3.33 19.13
C ASN D 450 5.75 -3.56 19.73
N CYS D 451 5.63 -3.53 21.06
CA CYS D 451 4.38 -3.68 21.79
C CYS D 451 4.17 -2.49 22.71
N ILE D 452 4.34 -1.30 22.14
CA ILE D 452 4.24 -0.05 22.88
C ILE D 452 2.86 0.17 23.51
N ASP D 453 1.78 -0.29 22.87
CA ASP D 453 0.47 -0.14 23.49
C ASP D 453 0.33 -1.00 24.74
N ASP D 454 0.81 -2.25 24.67
CA ASP D 454 0.76 -3.12 25.83
C ASP D 454 1.64 -2.61 26.97
N THR D 455 2.85 -2.12 26.65
CA THR D 455 3.67 -1.60 27.74
C THR D 455 3.13 -0.28 28.27
N ARG D 456 2.40 0.48 27.45
CA ARG D 456 1.68 1.63 27.94
C ARG D 456 0.62 1.24 28.95
N TYR D 457 -0.15 0.20 28.66
CA TYR D 457 -1.14 -0.27 29.64
C TYR D 457 -0.46 -0.78 30.90
N ALA D 458 0.66 -1.48 30.76
CA ALA D 458 1.36 -2.02 31.92
C ALA D 458 1.89 -0.90 32.82
N ILE D 459 2.43 0.16 32.22
CA ILE D 459 2.98 1.26 33.00
C ILE D 459 1.90 2.24 33.47
N GLU D 460 0.70 2.19 32.89
CA GLU D 460 -0.39 3.03 33.37
C GLU D 460 -1.00 2.46 34.63
N ASN D 461 -1.52 1.24 34.55
CA ASN D 461 -2.30 0.60 35.61
C ASN D 461 -1.46 -0.39 36.41
N ARG D 462 -0.20 -0.08 36.66
CA ARG D 462 0.67 -0.99 37.38
C ARG D 462 0.24 -1.12 38.83
N LYS D 463 0.17 -2.37 39.31
CA LYS D 463 -0.27 -2.67 40.66
C LYS D 463 0.89 -2.54 41.63
N ASP D 464 0.69 -3.02 42.86
CA ASP D 464 1.68 -2.83 43.91
C ASP D 464 2.69 -3.97 44.01
N ASN D 465 2.30 -5.19 43.63
CA ASN D 465 3.18 -6.35 43.71
C ASN D 465 3.74 -6.75 42.35
N ILE D 466 3.76 -5.84 41.38
CA ILE D 466 4.23 -6.12 40.03
C ILE D 466 5.28 -5.09 39.65
N GLN D 467 6.49 -5.54 39.40
CA GLN D 467 7.54 -4.73 38.82
C GLN D 467 7.60 -4.98 37.32
N LEU D 468 8.28 -4.09 36.60
CA LEU D 468 8.42 -4.20 35.17
C LEU D 468 9.89 -4.12 34.79
N VAL D 469 10.30 -4.98 33.85
CA VAL D 469 11.65 -4.95 33.30
C VAL D 469 11.51 -4.84 31.79
N LEU D 470 11.92 -3.71 31.23
CA LEU D 470 11.79 -3.42 29.81
C LEU D 470 13.17 -3.23 29.21
N THR D 471 13.44 -3.92 28.10
CA THR D 471 14.71 -3.84 27.39
C THR D 471 14.44 -3.37 25.96
N THR D 472 15.31 -2.52 25.43
CA THR D 472 15.16 -2.05 24.06
C THR D 472 16.47 -1.48 23.55
N ARG D 473 16.52 -1.28 22.23
CA ARG D 473 17.66 -0.66 21.57
C ARG D 473 17.60 0.86 21.73
N HIS D 474 18.68 1.53 21.34
CA HIS D 474 18.73 2.98 21.51
C HIS D 474 17.80 3.70 20.54
N PHE D 475 17.77 3.25 19.28
CA PHE D 475 16.92 3.89 18.29
C PHE D 475 15.46 3.80 18.67
N GLY D 476 15.03 2.65 19.21
CA GLY D 476 13.66 2.53 19.67
C GLY D 476 13.37 3.38 20.89
N TYR D 477 14.39 3.66 21.70
CA TYR D 477 14.17 4.47 22.88
C TYR D 477 13.99 5.94 22.52
N GLU D 478 14.88 6.49 21.66
CA GLU D 478 14.68 7.87 21.24
C GLU D 478 13.47 8.07 20.33
N ASN D 479 12.89 7.01 19.80
CA ASN D 479 11.63 7.15 19.06
C ASN D 479 10.41 7.14 19.96
N THR D 480 10.57 6.81 21.25
CA THR D 480 9.46 6.79 22.19
C THR D 480 9.78 7.53 23.48
N LYS D 481 10.79 8.39 23.48
CA LYS D 481 11.06 9.21 24.66
C LYS D 481 9.92 10.18 24.93
N GLN D 482 9.38 10.79 23.88
CA GLN D 482 8.37 11.82 24.02
C GLN D 482 7.02 11.28 24.51
N HIS D 483 6.84 9.97 24.48
CA HIS D 483 5.56 9.37 24.80
C HIS D 483 5.55 8.82 26.23
N LEU D 484 6.73 8.50 26.78
CA LEU D 484 6.86 7.90 28.09
C LEU D 484 7.22 8.89 29.18
N LEU D 485 7.94 9.96 28.86
CA LEU D 485 8.34 10.92 29.89
C LEU D 485 7.18 11.78 30.36
N THR D 486 6.10 11.88 29.58
CA THR D 486 4.89 12.53 30.06
C THR D 486 4.16 11.69 31.10
N MET D 487 4.55 10.44 31.28
CA MET D 487 3.97 9.54 32.26
C MET D 487 4.80 9.65 33.55
N ASP D 488 4.57 8.74 34.49
CA ASP D 488 5.35 8.72 35.73
C ASP D 488 6.53 7.79 35.54
N MET D 489 7.74 8.35 35.53
CA MET D 489 8.98 7.59 35.40
C MET D 489 9.87 7.74 36.63
N SER D 490 9.28 8.03 37.80
CA SER D 490 10.09 8.27 38.97
C SER D 490 10.70 7.00 39.52
N SER D 491 10.07 5.86 39.25
CA SER D 491 10.48 4.58 39.83
C SER D 491 11.29 3.73 38.86
N PHE D 492 11.65 4.24 37.69
CA PHE D 492 12.32 3.46 36.67
C PHE D 492 13.82 3.73 36.73
N LYS D 493 14.59 2.71 37.11
CA LYS D 493 16.04 2.80 37.17
C LYS D 493 16.62 2.45 35.81
N THR D 494 17.18 3.44 35.11
CA THR D 494 17.68 3.24 33.77
C THR D 494 19.10 2.68 33.83
N HIS D 495 19.32 1.53 33.20
CA HIS D 495 20.62 0.89 33.15
C HIS D 495 21.09 0.79 31.71
N SER D 496 22.41 0.72 31.53
CA SER D 496 23.01 0.54 30.22
C SER D 496 23.98 -0.64 30.27
N VAL D 497 23.94 -1.48 29.23
CA VAL D 497 24.74 -2.69 29.22
C VAL D 497 25.65 -2.72 27.99
N ASP D 498 26.08 -1.54 27.54
CA ASP D 498 26.85 -1.47 26.30
C ASP D 498 28.28 -2.01 26.49
N TYR D 499 28.94 -1.63 27.57
CA TYR D 499 30.37 -1.85 27.71
C TYR D 499 30.67 -2.90 28.79
N LEU D 500 31.82 -3.54 28.64
CA LEU D 500 32.32 -4.51 29.59
C LEU D 500 33.59 -3.98 30.25
N SER D 501 33.80 -4.37 31.51
CA SER D 501 35.03 -4.02 32.21
C SER D 501 36.17 -4.91 31.73
N ASP D 502 37.37 -4.66 32.27
CA ASP D 502 38.53 -5.45 31.85
C ASP D 502 38.44 -6.89 32.31
N SER D 503 37.83 -7.14 33.47
CA SER D 503 37.68 -8.51 33.95
C SER D 503 36.77 -9.32 33.04
N GLU D 504 35.69 -8.72 32.55
CA GLU D 504 34.80 -9.45 31.65
C GLU D 504 35.41 -9.65 30.28
N VAL D 505 36.25 -8.72 29.82
CA VAL D 505 36.98 -8.95 28.57
C VAL D 505 37.97 -10.09 28.74
N ASP D 506 38.66 -10.14 29.88
CA ASP D 506 39.56 -11.26 30.15
C ASP D 506 38.79 -12.56 30.24
N ASN D 507 37.56 -12.52 30.77
CA ASN D 507 36.73 -13.72 30.86
C ASN D 507 36.32 -14.19 29.46
N PHE D 508 36.02 -13.24 28.57
CA PHE D 508 35.74 -13.60 27.17
C PHE D 508 36.95 -14.25 26.52
N VAL D 509 38.14 -13.71 26.79
CA VAL D 509 39.37 -14.30 26.25
C VAL D 509 39.55 -15.72 26.76
N HIS D 510 39.29 -15.95 28.05
CA HIS D 510 39.39 -17.28 28.63
C HIS D 510 38.37 -18.24 28.02
N ILE D 511 37.14 -17.77 27.80
CA ILE D 511 36.10 -18.60 27.20
C ILE D 511 36.53 -19.04 25.80
N VAL D 512 37.04 -18.09 25.01
CA VAL D 512 37.45 -18.43 23.66
C VAL D 512 38.67 -19.33 23.67
N ASP D 513 39.51 -19.18 24.68
CA ASP D 513 40.65 -20.05 24.81
C ASP D 513 40.15 -21.47 24.95
N HIS D 514 39.27 -21.71 25.92
CA HIS D 514 38.79 -23.07 26.13
C HIS D 514 37.94 -23.54 24.95
N LEU D 515 37.45 -22.61 24.13
CA LEU D 515 36.85 -22.99 22.86
C LEU D 515 37.88 -23.39 21.82
N GLY D 516 39.08 -22.82 21.88
CA GLY D 516 40.10 -23.08 20.88
C GLY D 516 39.76 -22.46 19.54
N ALA D 517 39.73 -21.13 19.48
CA ALA D 517 39.32 -20.46 18.25
C ALA D 517 40.23 -19.30 17.84
N TRP D 518 41.42 -19.16 18.43
CA TRP D 518 42.30 -18.07 18.04
C TRP D 518 42.89 -18.29 16.66
N GLY D 519 43.36 -19.51 16.40
CA GLY D 519 44.10 -19.80 15.18
C GLY D 519 45.59 -19.82 15.44
N GLU D 520 46.33 -19.00 14.70
CA GLU D 520 47.78 -18.92 14.87
C GLU D 520 48.20 -17.94 15.95
N LYS D 521 47.28 -17.16 16.49
CA LYS D 521 47.58 -16.14 17.49
C LYS D 521 47.49 -16.67 18.91
N ALA D 522 47.58 -17.99 19.09
CA ALA D 522 47.49 -18.56 20.43
C ALA D 522 48.75 -18.35 21.25
N GLY D 523 49.91 -18.25 20.60
CA GLY D 523 51.16 -18.14 21.33
C GLY D 523 51.42 -16.77 21.92
N LEU D 524 50.88 -15.72 21.29
CA LEU D 524 51.14 -14.38 21.76
C LEU D 524 50.35 -14.07 23.03
N SER D 525 50.66 -12.93 23.64
CA SER D 525 50.08 -12.56 24.93
C SER D 525 48.69 -11.96 24.72
N ARG D 526 48.14 -11.38 25.78
CA ARG D 526 46.79 -10.83 25.72
C ARG D 526 46.73 -9.58 24.86
N HIS D 527 47.76 -8.74 24.91
CA HIS D 527 47.72 -7.48 24.17
C HIS D 527 47.75 -7.71 22.67
N GLU D 528 48.56 -8.68 22.20
CA GLU D 528 48.66 -8.93 20.77
C GLU D 528 47.46 -9.67 20.22
N LYS D 529 46.63 -10.26 21.09
CA LYS D 529 45.44 -10.96 20.60
C LYS D 529 44.35 -9.97 20.20
N LEU D 530 44.31 -8.81 20.84
CA LEU D 530 43.34 -7.76 20.51
C LEU D 530 44.00 -6.58 19.80
N SER D 531 45.00 -6.86 18.96
CA SER D 531 45.74 -5.79 18.31
C SER D 531 44.97 -5.16 17.16
N GLU D 532 44.19 -5.95 16.42
CA GLU D 532 43.50 -5.44 15.25
C GLU D 532 42.22 -4.71 15.56
N LEU D 533 41.71 -4.77 16.79
CA LEU D 533 40.56 -3.98 17.17
C LEU D 533 40.99 -2.58 17.60
N ASP D 534 40.08 -1.63 17.44
CA ASP D 534 40.34 -0.25 17.84
C ASP D 534 39.99 -0.07 19.31
N GLU D 535 39.85 1.19 19.75
CA GLU D 535 39.61 1.45 21.16
C GLU D 535 38.13 1.28 21.52
N ASN D 536 37.24 1.94 20.79
CA ASN D 536 35.82 1.92 21.12
C ASN D 536 35.14 0.59 20.93
N ALA D 537 35.64 -0.21 20.00
CA ALA D 537 35.05 -1.52 19.73
C ALA D 537 35.72 -2.64 20.50
N ARG D 538 36.72 -2.34 21.34
CA ARG D 538 37.38 -3.38 22.11
C ARG D 538 36.55 -3.82 23.29
N ASN D 539 35.81 -2.91 23.91
CA ASN D 539 34.98 -3.20 25.08
C ASN D 539 33.51 -3.35 24.73
N GLN D 540 33.20 -3.96 23.61
CA GLN D 540 31.82 -4.24 23.22
C GLN D 540 31.71 -5.70 22.84
N LEU D 541 30.59 -6.32 23.20
CA LEU D 541 30.44 -7.76 22.97
C LEU D 541 30.18 -8.07 21.50
N SER D 542 29.37 -7.24 20.84
CA SER D 542 28.99 -7.54 19.46
C SER D 542 30.19 -7.44 18.52
N PHE D 543 30.98 -6.38 18.66
CA PHE D 543 32.16 -6.24 17.82
C PHE D 543 33.23 -7.27 18.17
N LEU D 544 33.34 -7.64 19.45
CA LEU D 544 34.29 -8.67 19.84
C LEU D 544 33.92 -10.01 19.19
N LEU D 545 32.64 -10.37 19.23
CA LEU D 545 32.18 -11.58 18.57
C LEU D 545 32.45 -11.54 17.08
N LEU D 546 32.08 -10.43 16.44
CA LEU D 546 32.20 -10.31 14.99
C LEU D 546 33.65 -10.33 14.53
N SER D 547 34.57 -9.77 15.31
CA SER D 547 35.95 -9.68 14.86
C SER D 547 36.82 -10.84 15.32
N ILE D 548 36.41 -11.58 16.35
CA ILE D 548 37.19 -12.73 16.81
C ILE D 548 36.56 -14.05 16.39
N LEU D 549 35.32 -14.30 16.81
CA LEU D 549 34.72 -15.60 16.61
C LEU D 549 34.04 -15.73 15.26
N LYS D 550 33.94 -14.64 14.50
CA LYS D 550 33.26 -14.61 13.20
C LYS D 550 31.84 -15.14 13.31
N SER D 551 31.12 -14.62 14.29
CA SER D 551 29.78 -15.09 14.59
C SER D 551 28.83 -14.83 13.42
N GLU D 552 27.84 -15.71 13.26
CA GLU D 552 26.87 -15.54 12.19
C GLU D 552 25.55 -14.95 12.68
N ALA D 553 25.28 -15.00 13.99
CA ALA D 553 24.15 -14.25 14.53
C ALA D 553 24.37 -12.75 14.35
N ILE D 554 25.57 -12.27 14.61
CA ILE D 554 25.84 -10.84 14.47
C ILE D 554 25.81 -10.43 13.00
N GLN D 555 26.33 -11.28 12.11
CA GLN D 555 26.26 -10.99 10.69
C GLN D 555 24.82 -10.92 10.20
N SER D 556 23.98 -11.84 10.68
CA SER D 556 22.56 -11.80 10.31
C SER D 556 21.89 -10.53 10.81
N ARG D 557 22.21 -10.12 12.04
CA ARG D 557 21.64 -8.90 12.59
C ARG D 557 22.04 -7.68 11.79
N ILE D 558 23.32 -7.60 11.39
CA ILE D 558 23.79 -6.45 10.64
C ILE D 558 23.19 -6.43 9.23
N ARG D 559 23.07 -7.60 8.59
CA ARG D 559 22.42 -7.66 7.28
C ARG D 559 20.99 -7.17 7.35
N GLU D 560 20.23 -7.65 8.34
CA GLU D 560 18.84 -7.23 8.49
C GLU D 560 18.74 -5.74 8.77
N ILE D 561 19.65 -5.19 9.58
CA ILE D 561 19.54 -3.78 9.92
C ILE D 561 20.08 -2.86 8.83
N SER D 562 20.89 -3.36 7.90
CA SER D 562 21.40 -2.52 6.82
C SER D 562 20.56 -2.59 5.56
N ASN D 563 19.76 -3.65 5.39
CA ASN D 563 18.85 -3.70 4.26
C ASN D 563 17.79 -2.61 4.31
N LEU D 564 17.60 -1.98 5.47
CA LEU D 564 16.68 -0.86 5.59
C LEU D 564 17.26 0.44 5.03
N ALA D 565 18.57 0.62 5.14
CA ALA D 565 19.23 1.83 4.67
C ALA D 565 19.77 1.71 3.26
N LEU D 566 20.05 0.49 2.80
CA LEU D 566 20.65 0.28 1.49
C LEU D 566 19.64 -0.22 0.45
N ASN D 567 18.41 0.30 0.47
CA ASN D 567 17.47 -0.04 -0.59
C ASN D 567 17.12 1.14 -1.49
N ASP D 568 17.47 2.36 -1.10
CA ASP D 568 17.30 3.52 -1.95
C ASP D 568 18.61 3.82 -2.67
N LYS D 569 18.49 4.38 -3.87
CA LYS D 569 19.69 4.66 -4.65
C LYS D 569 20.46 5.84 -4.08
N GLU D 570 19.76 6.92 -3.71
CA GLU D 570 20.41 8.07 -3.12
C GLU D 570 21.02 7.73 -1.77
N TYR D 571 20.29 6.96 -0.96
CA TYR D 571 20.80 6.53 0.33
C TYR D 571 22.04 5.65 0.19
N LYS D 572 22.01 4.71 -0.75
CA LYS D 572 23.17 3.83 -0.95
C LYS D 572 24.38 4.63 -1.42
N GLU D 573 24.16 5.60 -2.32
CA GLU D 573 25.26 6.45 -2.77
C GLU D 573 25.84 7.26 -1.63
N THR D 574 24.99 7.85 -0.78
CA THR D 574 25.47 8.66 0.33
C THR D 574 26.23 7.81 1.35
N VAL D 575 25.72 6.61 1.66
CA VAL D 575 26.37 5.75 2.63
C VAL D 575 27.72 5.28 2.09
N PHE D 576 27.80 4.96 0.80
CA PHE D 576 29.09 4.59 0.23
C PHE D 576 30.06 5.75 0.26
N ALA D 577 29.57 6.98 0.04
CA ALA D 577 30.45 8.14 0.12
C ALA D 577 30.99 8.34 1.53
N ILE D 578 30.14 8.17 2.55
CA ILE D 578 30.59 8.28 3.93
C ILE D 578 31.67 7.24 4.24
N LEU D 579 31.42 5.98 3.83
CA LEU D 579 32.39 4.93 4.08
C LEU D 579 33.69 5.17 3.35
N LEU D 580 33.62 5.64 2.10
CA LEU D 580 34.83 5.91 1.32
C LEU D 580 35.64 7.04 1.93
N LEU D 581 34.97 8.11 2.36
CA LEU D 581 35.69 9.24 2.95
C LEU D 581 36.36 8.84 4.25
N ASP D 582 35.71 8.01 5.05
CA ASP D 582 36.39 7.55 6.27
C ASP D 582 37.47 6.52 5.97
N VAL D 583 37.38 5.82 4.84
CA VAL D 583 38.47 4.93 4.43
C VAL D 583 39.71 5.74 4.09
N ILE D 584 39.54 6.81 3.30
CA ILE D 584 40.68 7.64 2.94
C ILE D 584 41.19 8.43 4.13
N GLY D 585 40.30 8.94 4.97
CA GLY D 585 40.68 9.72 6.13
C GLY D 585 40.38 11.20 6.04
N LEU D 586 39.83 11.67 4.93
CA LEU D 586 39.43 13.06 4.81
C LEU D 586 38.23 13.34 5.73
N PRO D 587 38.13 14.53 6.32
CA PRO D 587 37.01 14.80 7.23
C PRO D 587 35.66 14.75 6.53
N LEU D 588 34.65 14.38 7.31
CA LEU D 588 33.29 14.19 6.82
C LEU D 588 32.54 15.51 6.96
N VAL D 589 32.54 16.29 5.90
CA VAL D 589 31.82 17.56 5.83
C VAL D 589 30.63 17.38 4.92
N ARG D 590 29.56 18.14 5.17
CA ARG D 590 28.34 18.02 4.40
C ARG D 590 28.55 18.42 2.93
N SER D 591 29.28 19.51 2.71
CA SER D 591 29.50 20.00 1.36
C SER D 591 30.49 19.15 0.57
N LEU D 592 31.19 18.24 1.23
CA LEU D 592 32.08 17.30 0.55
C LEU D 592 31.38 15.97 0.27
N ILE D 593 30.53 15.54 1.20
CA ILE D 593 29.72 14.36 0.97
C ILE D 593 28.74 14.61 -0.18
N SER D 594 28.25 15.84 -0.30
CA SER D 594 27.39 16.17 -1.42
C SER D 594 28.10 16.13 -2.77
N ASP D 595 29.43 16.15 -2.78
CA ASP D 595 30.19 16.04 -4.03
C ASP D 595 30.59 14.60 -4.32
N VAL D 596 31.08 13.88 -3.30
CA VAL D 596 31.48 12.50 -3.49
C VAL D 596 30.27 11.61 -3.75
N ALA D 597 29.14 11.90 -3.12
CA ALA D 597 27.94 11.09 -3.30
C ALA D 597 27.11 11.48 -4.51
N VAL D 598 27.56 12.47 -5.27
CA VAL D 598 26.96 12.97 -6.53
C VAL D 598 25.47 13.31 -6.38
N ASN D 599 25.04 13.60 -5.15
CA ASN D 599 23.67 14.05 -4.91
C ASN D 599 23.65 14.88 -3.63
N GLU D 600 22.46 15.36 -3.27
CA GLU D 600 22.32 16.18 -2.07
C GLU D 600 21.29 15.61 -1.10
N LYS D 601 21.39 14.31 -0.81
CA LYS D 601 20.55 13.71 0.21
C LYS D 601 21.08 13.95 1.62
N ILE D 602 22.35 14.33 1.76
CA ILE D 602 22.90 14.60 3.08
C ILE D 602 22.34 15.91 3.66
N TYR D 603 21.83 16.80 2.81
CA TYR D 603 21.24 18.05 3.28
C TYR D 603 19.82 17.88 3.79
N SER D 604 19.16 16.78 3.43
CA SER D 604 17.81 16.55 3.91
C SER D 604 17.82 16.13 5.37
N ALA D 605 16.69 16.37 6.04
CA ALA D 605 16.55 16.06 7.45
C ALA D 605 16.03 14.64 7.69
N GLU D 606 15.78 13.88 6.63
CA GLU D 606 15.30 12.51 6.77
C GLU D 606 16.41 11.48 6.62
N PHE D 607 17.64 11.90 6.30
CA PHE D 607 18.72 10.94 6.18
C PHE D 607 19.12 10.39 7.54
N THR D 608 19.28 11.26 8.53
CA THR D 608 19.80 10.86 9.83
C THR D 608 18.74 10.24 10.73
N GLU D 609 17.48 10.20 10.31
CA GLU D 609 16.42 9.56 11.07
C GLU D 609 16.10 8.16 10.55
N ASN D 610 16.95 7.63 9.68
CA ASN D 610 16.73 6.29 9.14
C ASN D 610 17.23 5.25 10.12
N GLU D 611 16.62 4.07 10.12
CA GLU D 611 17.01 3.05 11.07
C GLU D 611 18.42 2.52 10.81
N GLY D 612 18.75 2.20 9.57
CA GLY D 612 20.07 1.74 9.25
C GLY D 612 21.13 2.76 9.60
N VAL D 613 20.96 3.99 9.15
CA VAL D 613 21.94 5.06 9.40
C VAL D 613 22.09 5.30 10.88
N LYS D 614 20.99 5.31 11.64
CA LYS D 614 21.09 5.49 13.08
C LYS D 614 21.69 4.27 13.77
N ASN D 615 21.44 3.07 13.24
CA ASN D 615 21.94 1.85 13.85
C ASN D 615 23.37 1.53 13.48
N LEU D 616 23.94 2.16 12.45
CA LEU D 616 25.29 1.87 12.01
C LEU D 616 26.26 3.02 12.20
N PHE D 617 25.82 4.27 12.09
CA PHE D 617 26.67 5.43 12.32
C PHE D 617 26.21 6.15 13.58
N ILE D 618 27.17 6.59 14.39
CA ILE D 618 26.85 7.40 15.57
C ILE D 618 26.49 8.80 15.08
N ILE D 619 25.24 9.19 15.25
CA ILE D 619 24.80 10.53 14.88
C ILE D 619 24.79 11.39 16.14
N SER D 620 25.11 12.67 15.96
CA SER D 620 25.19 13.59 17.08
C SER D 620 24.96 14.99 16.56
N ASN D 621 23.79 15.56 16.83
CA ASN D 621 23.42 16.91 16.41
C ASN D 621 23.51 17.06 14.90
N GLY D 622 23.01 16.08 14.16
CA GLY D 622 22.98 16.10 12.72
C GLY D 622 24.19 15.48 12.04
N MET D 623 25.38 15.68 12.58
CA MET D 623 26.59 15.12 11.97
C MET D 623 26.62 13.61 12.13
N VAL D 624 27.27 12.94 11.18
CA VAL D 624 27.42 11.49 11.19
C VAL D 624 28.90 11.17 11.31
N LYS D 625 29.23 10.34 12.30
CA LYS D 625 30.58 9.80 12.44
C LYS D 625 30.50 8.29 12.61
N THR D 626 31.53 7.61 12.11
CA THR D 626 31.53 6.16 12.09
C THR D 626 31.78 5.59 13.48
N LYS D 627 31.31 4.37 13.69
CA LYS D 627 31.48 3.70 14.98
C LYS D 627 32.89 3.14 15.13
N SER D 628 33.25 2.20 14.25
CA SER D 628 34.51 1.49 14.40
C SER D 628 34.99 1.04 13.03
N SER D 629 36.28 0.73 12.94
CA SER D 629 36.84 0.24 11.69
C SER D 629 36.46 -1.21 11.44
N THR D 630 36.32 -2.02 12.50
CA THR D 630 35.97 -3.42 12.35
C THR D 630 34.54 -3.63 11.88
N LEU D 631 33.71 -2.58 11.86
CA LEU D 631 32.41 -2.61 11.23
C LEU D 631 32.43 -2.01 9.83
N SER D 632 33.19 -0.93 9.63
CA SER D 632 33.24 -0.31 8.31
C SER D 632 33.89 -1.25 7.29
N ARG D 633 34.97 -1.91 7.68
CA ARG D 633 35.62 -2.85 6.78
C ARG D 633 34.71 -4.03 6.44
N PHE D 634 33.99 -4.53 7.45
CA PHE D 634 33.03 -5.61 7.20
C PHE D 634 31.93 -5.17 6.25
N LEU D 635 31.39 -3.98 6.46
CA LEU D 635 30.32 -3.47 5.58
C LEU D 635 30.81 -3.34 4.15
N ILE D 636 31.99 -2.74 3.96
CA ILE D 636 32.53 -2.52 2.62
C ILE D 636 32.86 -3.84 1.94
N ALA D 637 33.38 -4.81 2.68
CA ALA D 637 33.81 -6.05 2.06
C ALA D 637 32.72 -7.12 1.99
N ASN D 638 31.59 -6.93 2.65
CA ASN D 638 30.65 -8.04 2.76
C ASN D 638 29.22 -7.63 2.41
N ILE D 639 28.85 -6.38 2.65
CA ILE D 639 27.49 -5.92 2.32
C ILE D 639 27.46 -5.20 0.99
N PHE D 640 28.39 -4.27 0.78
CA PHE D 640 28.60 -3.69 -0.54
C PHE D 640 29.42 -4.67 -1.36
N GLU D 641 28.81 -5.32 -2.33
CA GLU D 641 29.54 -6.26 -3.17
C GLU D 641 30.59 -5.52 -4.00
N HIS D 642 31.65 -6.26 -4.36
CA HIS D 642 32.76 -5.64 -5.09
C HIS D 642 32.32 -5.09 -6.44
N LYS D 643 31.34 -5.72 -7.08
CA LYS D 643 30.88 -5.26 -8.38
C LYS D 643 30.19 -3.91 -8.30
N TYR D 644 29.44 -3.66 -7.23
CA TYR D 644 28.89 -2.33 -7.02
C TYR D 644 30.01 -1.32 -6.75
N VAL D 645 31.00 -1.74 -5.98
CA VAL D 645 32.05 -0.82 -5.51
C VAL D 645 32.87 -0.30 -6.67
N VAL D 646 33.28 -1.18 -7.58
CA VAL D 646 34.13 -0.71 -8.69
C VAL D 646 33.36 0.25 -9.60
N ASN D 647 32.10 -0.07 -9.89
CA ASN D 647 31.28 0.81 -10.73
C ASN D 647 31.07 2.17 -10.10
N GLN D 648 30.74 2.20 -8.80
CA GLN D 648 30.55 3.48 -8.13
C GLN D 648 31.85 4.27 -8.02
N LEU D 649 32.97 3.58 -7.83
CA LEU D 649 34.26 4.25 -7.78
C LEU D 649 34.57 4.93 -9.11
N LEU D 650 34.31 4.24 -10.21
CA LEU D 650 34.53 4.85 -11.53
C LEU D 650 33.62 6.06 -11.73
N LYS D 651 32.35 5.94 -11.35
CA LYS D 651 31.41 7.04 -11.52
C LYS D 651 31.82 8.27 -10.72
N VAL D 652 32.22 8.07 -9.46
CA VAL D 652 32.61 9.17 -8.60
C VAL D 652 33.90 9.81 -9.10
N ILE D 653 34.89 9.00 -9.49
CA ILE D 653 36.16 9.55 -9.95
C ILE D 653 36.02 10.22 -11.31
N GLU D 654 34.95 9.93 -12.05
CA GLU D 654 34.68 10.71 -13.25
C GLU D 654 33.98 12.03 -12.94
N HIS D 655 32.99 12.00 -12.04
CA HIS D 655 32.25 13.21 -11.72
C HIS D 655 33.10 14.26 -11.01
N LEU D 656 34.02 13.81 -10.15
CA LEU D 656 34.91 14.75 -9.47
C LEU D 656 35.77 15.51 -10.47
N TYR D 657 36.32 14.80 -11.46
CA TYR D 657 37.12 15.48 -12.48
C TYR D 657 36.26 16.37 -13.36
N VAL D 658 35.00 15.98 -13.61
CA VAL D 658 34.13 16.81 -14.43
C VAL D 658 33.85 18.14 -13.75
N ILE D 659 33.57 18.15 -12.45
CA ILE D 659 33.24 19.40 -11.77
C ILE D 659 34.44 20.08 -11.11
N ASN D 660 35.64 19.47 -11.16
CA ASN D 660 36.81 20.11 -10.57
C ASN D 660 37.53 21.03 -11.54
N LYS D 661 37.22 20.95 -12.83
CA LYS D 661 37.94 21.76 -13.81
C LYS D 661 37.54 23.24 -13.75
N ASP D 662 36.52 23.59 -12.99
CA ASP D 662 36.09 24.96 -12.83
C ASP D 662 36.46 25.55 -11.48
N ALA D 663 36.20 24.81 -10.39
CA ALA D 663 36.41 25.36 -9.06
C ALA D 663 37.89 25.43 -8.67
N LYS D 664 38.70 24.51 -9.21
CA LYS D 664 40.14 24.42 -8.88
C LYS D 664 40.37 24.23 -7.39
N ASP D 665 39.51 23.47 -6.74
CA ASP D 665 39.69 23.18 -5.33
C ASP D 665 40.81 22.15 -5.16
N HIS D 666 41.73 22.43 -4.25
CA HIS D 666 42.85 21.52 -4.04
C HIS D 666 42.43 20.29 -3.26
N ARG D 667 41.33 20.34 -2.50
CA ARG D 667 40.89 19.17 -1.76
C ARG D 667 40.36 18.09 -2.70
N LEU D 668 39.65 18.47 -3.76
CA LEU D 668 39.25 17.48 -4.75
C LEU D 668 40.45 16.93 -5.50
N GLN D 669 41.46 17.77 -5.72
CA GLN D 669 42.67 17.30 -6.39
C GLN D 669 43.39 16.25 -5.56
N THR D 670 43.57 16.51 -4.26
CA THR D 670 44.23 15.50 -3.43
C THR D 670 43.33 14.28 -3.22
N LEU D 671 42.00 14.46 -3.26
CA LEU D 671 41.09 13.33 -3.23
C LEU D 671 41.33 12.40 -4.42
N ILE D 672 41.35 12.97 -5.63
CA ILE D 672 41.53 12.16 -6.83
C ILE D 672 42.91 11.52 -6.84
N THR D 673 43.96 12.29 -6.54
CA THR D 673 45.29 11.71 -6.53
C THR D 673 45.49 10.71 -5.40
N SER D 674 44.61 10.69 -4.39
CA SER D 674 44.67 9.64 -3.39
C SER D 674 43.86 8.41 -3.76
N LEU D 675 42.83 8.56 -4.61
CA LEU D 675 42.02 7.39 -4.98
C LEU D 675 42.80 6.41 -5.86
N LEU D 676 43.74 6.90 -6.68
CA LEU D 676 44.49 6.00 -7.54
C LEU D 676 45.56 5.20 -6.81
N ARG D 677 45.89 5.57 -5.57
CA ARG D 677 46.93 4.87 -4.83
C ARG D 677 46.49 3.45 -4.53
N PHE D 678 47.43 2.51 -4.62
CA PHE D 678 47.06 1.09 -4.58
C PHE D 678 46.56 0.66 -3.22
N SER D 679 47.00 1.30 -2.13
CA SER D 679 46.62 0.85 -0.80
C SER D 679 45.12 0.99 -0.57
N ILE D 680 44.55 2.11 -0.99
CA ILE D 680 43.11 2.33 -0.82
C ILE D 680 42.32 1.38 -1.71
N ILE D 681 42.83 1.10 -2.92
CA ILE D 681 42.15 0.18 -3.82
C ILE D 681 42.17 -1.24 -3.26
N GLU D 682 43.30 -1.66 -2.68
CA GLU D 682 43.39 -2.99 -2.10
C GLU D 682 42.53 -3.10 -0.84
N LYS D 683 42.39 -2.01 -0.10
CA LYS D 683 41.52 -2.03 1.08
C LYS D 683 40.05 -2.07 0.69
N LEU D 684 39.68 -1.37 -0.40
CA LEU D 684 38.28 -1.34 -0.82
C LEU D 684 37.85 -2.65 -1.48
N LEU D 685 38.74 -3.26 -2.27
CA LEU D 685 38.47 -4.52 -2.96
C LEU D 685 39.44 -5.58 -2.49
N PRO D 686 39.05 -6.43 -1.55
CA PRO D 686 39.99 -7.43 -1.01
C PRO D 686 40.16 -8.62 -1.96
N GLN D 687 41.34 -8.70 -2.58
CA GLN D 687 41.75 -9.84 -3.42
C GLN D 687 40.78 -10.07 -4.57
N ARG D 688 40.68 -9.07 -5.44
CA ARG D 688 39.85 -9.11 -6.64
C ARG D 688 40.73 -8.73 -7.82
N ARG D 689 41.32 -9.72 -8.48
CA ARG D 689 42.26 -9.43 -9.57
C ARG D 689 41.54 -8.75 -10.74
N VAL D 690 40.42 -9.33 -11.18
CA VAL D 690 39.76 -8.86 -12.39
C VAL D 690 39.21 -7.44 -12.20
N GLU D 691 38.62 -7.16 -11.04
CA GLU D 691 38.01 -5.86 -10.81
C GLU D 691 39.05 -4.76 -10.68
N ILE D 692 40.16 -5.04 -9.99
CA ILE D 692 41.25 -4.08 -9.90
C ILE D 692 41.84 -3.80 -11.28
N ASN D 693 42.03 -4.85 -12.08
CA ASN D 693 42.54 -4.67 -13.43
C ASN D 693 41.59 -3.83 -14.28
N TYR D 694 40.28 -4.09 -14.17
CA TYR D 694 39.30 -3.34 -14.95
C TYR D 694 39.25 -1.89 -14.53
N PHE D 695 39.30 -1.63 -13.22
CA PHE D 695 39.31 -0.24 -12.73
C PHE D 695 40.53 0.50 -13.21
N TYR D 696 41.71 -0.13 -13.14
CA TYR D 696 42.93 0.54 -13.57
C TYR D 696 42.93 0.78 -15.07
N GLU D 697 42.39 -0.13 -15.86
CA GLU D 697 42.39 0.08 -17.30
C GLU D 697 41.26 0.99 -17.78
N LYS D 698 40.27 1.27 -16.94
CA LYS D 698 39.21 2.22 -17.32
C LYS D 698 39.44 3.63 -16.79
N VAL D 699 40.15 3.78 -15.68
CA VAL D 699 40.37 5.12 -15.14
C VAL D 699 41.28 5.93 -16.07
N LYS D 700 42.22 5.27 -16.76
CA LYS D 700 43.08 5.98 -17.70
C LYS D 700 42.33 6.42 -18.93
N HIS D 701 41.16 5.83 -19.21
CA HIS D 701 40.29 6.32 -20.27
C HIS D 701 39.30 7.37 -19.77
N ILE D 702 38.99 7.37 -18.47
CA ILE D 702 38.11 8.40 -17.91
C ILE D 702 38.78 9.78 -17.99
N ILE D 703 40.01 9.88 -17.53
CA ILE D 703 40.79 11.12 -17.59
C ILE D 703 41.96 10.88 -18.53
N PRO D 704 42.14 11.70 -19.57
CA PRO D 704 43.17 11.43 -20.59
C PRO D 704 44.57 11.92 -20.24
N ASN D 705 44.85 12.19 -18.97
CA ASN D 705 46.15 12.76 -18.61
C ASN D 705 47.07 11.83 -17.84
N LEU D 706 46.52 10.78 -17.26
CA LEU D 706 47.34 9.89 -16.42
C LEU D 706 48.29 9.03 -17.22
N ILE D 707 48.13 9.02 -18.54
CA ILE D 707 48.94 8.16 -19.43
C ILE D 707 50.33 8.73 -19.57
N ASN D 708 50.49 10.02 -19.36
CA ASN D 708 51.80 10.68 -19.31
C ASN D 708 52.30 10.90 -17.89
N ASP D 709 51.55 10.47 -16.88
CA ASP D 709 51.90 10.73 -15.49
C ASP D 709 52.63 9.51 -14.96
N PRO D 710 53.87 9.64 -14.48
CA PRO D 710 54.59 8.46 -13.96
C PRO D 710 53.99 7.88 -12.70
N HIS D 711 53.23 8.65 -11.92
CA HIS D 711 52.67 8.12 -10.67
C HIS D 711 51.57 7.10 -10.95
N PHE D 712 50.74 7.35 -11.95
CA PHE D 712 49.73 6.36 -12.33
C PHE D 712 50.37 5.07 -12.79
N TRP D 713 51.46 5.17 -13.56
CA TRP D 713 52.12 3.96 -14.04
C TRP D 713 52.82 3.22 -12.91
N VAL D 714 53.39 3.92 -11.94
CA VAL D 714 54.00 3.20 -10.82
C VAL D 714 52.94 2.57 -9.94
N GLN D 715 51.75 3.18 -9.91
CA GLN D 715 50.64 2.59 -9.14
C GLN D 715 50.09 1.36 -9.83
N TYR D 716 49.87 1.43 -11.14
CA TYR D 716 49.39 0.27 -11.88
C TYR D 716 50.39 -0.83 -11.67
N ALA D 717 51.66 -0.48 -11.76
CA ALA D 717 52.71 -1.46 -11.57
C ALA D 717 52.54 -2.12 -10.22
N MET D 718 52.83 -1.38 -9.16
CA MET D 718 52.74 -1.96 -7.83
C MET D 718 51.43 -2.67 -7.57
N SER D 719 50.43 -2.51 -8.45
CA SER D 719 49.20 -3.25 -8.30
C SER D 719 49.31 -4.70 -8.76
N MET D 720 50.31 -5.04 -9.58
CA MET D 720 50.47 -6.39 -10.09
C MET D 720 51.44 -7.25 -9.28
N ILE D 721 52.10 -6.67 -8.28
CA ILE D 721 53.06 -7.43 -7.48
C ILE D 721 52.43 -8.56 -6.68
N PRO D 722 51.35 -8.35 -5.91
CA PRO D 722 50.85 -9.45 -5.06
C PRO D 722 50.27 -10.63 -5.82
N PHE D 723 49.98 -10.50 -7.12
CA PHE D 723 49.42 -11.59 -7.90
C PHE D 723 50.47 -12.27 -8.78
N LYS D 724 51.75 -12.05 -8.50
CA LYS D 724 52.89 -12.69 -9.13
C LYS D 724 52.98 -12.44 -10.64
N ASP D 725 52.46 -11.32 -11.13
CA ASP D 725 52.56 -10.98 -12.54
C ASP D 725 53.77 -10.07 -12.72
N TYR D 726 54.94 -10.68 -12.86
CA TYR D 726 56.22 -9.97 -12.84
C TYR D 726 56.56 -9.26 -14.16
N PRO D 727 56.45 -9.89 -15.34
CA PRO D 727 56.83 -9.16 -16.57
C PRO D 727 55.98 -7.94 -16.84
N SER D 728 54.69 -7.95 -16.47
CA SER D 728 53.87 -6.76 -16.60
C SER D 728 54.40 -5.63 -15.73
N ALA D 729 54.80 -5.97 -14.49
CA ALA D 729 55.41 -4.97 -13.62
C ALA D 729 56.72 -4.44 -14.18
N ASP D 730 57.52 -5.32 -14.80
CA ASP D 730 58.76 -4.88 -15.42
C ASP D 730 58.50 -3.91 -16.56
N ARG D 731 57.52 -4.21 -17.41
CA ARG D 731 57.19 -3.32 -18.52
C ARG D 731 56.64 -1.99 -18.02
N TYR D 732 55.80 -2.02 -16.98
CA TYR D 732 55.25 -0.78 -16.45
C TYR D 732 56.33 0.07 -15.79
N LEU D 733 57.29 -0.57 -15.10
CA LEU D 733 58.40 0.17 -14.51
C LEU D 733 59.31 0.74 -15.59
N ALA D 734 59.51 0.02 -16.70
CA ALA D 734 60.27 0.56 -17.81
C ALA D 734 59.56 1.77 -18.42
N THR D 735 58.24 1.71 -18.53
CA THR D 735 57.48 2.85 -19.01
C THR D 735 57.60 4.04 -18.06
N ALA D 736 57.57 3.77 -16.76
CA ALA D 736 57.76 4.84 -15.77
C ALA D 736 59.15 5.45 -15.88
N TYR D 737 60.17 4.62 -16.08
CA TYR D 737 61.53 5.14 -16.26
C TYR D 737 61.62 6.02 -17.51
N SER D 738 61.00 5.57 -18.60
CA SER D 738 61.02 6.34 -19.84
C SER D 738 60.28 7.67 -19.68
N LEU D 739 59.16 7.65 -18.95
CA LEU D 739 58.41 8.89 -18.73
C LEU D 739 59.16 9.84 -17.83
N ALA D 740 59.83 9.33 -16.80
CA ALA D 740 60.59 10.17 -15.90
C ALA D 740 61.90 10.67 -16.51
N ALA D 741 62.41 10.00 -17.54
CA ALA D 741 63.63 10.45 -18.19
C ALA D 741 63.44 11.80 -18.86
N ARG D 742 62.28 12.02 -19.49
CA ARG D 742 62.03 13.27 -20.20
C ARG D 742 61.59 14.41 -19.30
N LYS D 743 61.36 14.14 -18.01
CA LYS D 743 60.95 15.16 -17.06
C LYS D 743 62.16 15.74 -16.35
N ASP D 744 62.23 17.07 -16.33
CA ASP D 744 63.34 17.74 -15.69
C ASP D 744 63.18 17.86 -14.20
N ASN D 745 64.26 17.65 -13.47
CA ASN D 745 64.28 17.79 -12.02
C ASN D 745 63.23 16.92 -11.34
N TYR D 746 62.97 15.74 -11.89
CA TYR D 746 62.00 14.81 -11.33
C TYR D 746 62.76 13.66 -10.67
N HIS D 747 62.53 13.47 -9.37
CA HIS D 747 63.19 12.40 -8.64
C HIS D 747 62.61 11.05 -9.06
N THR D 748 63.45 10.03 -9.09
CA THR D 748 62.97 8.70 -9.48
C THR D 748 63.23 7.69 -8.36
N LYS D 749 63.31 8.18 -7.14
CA LYS D 749 63.58 7.31 -6.01
C LYS D 749 62.46 6.31 -5.75
N ASN D 750 61.21 6.70 -5.98
CA ASN D 750 60.10 5.77 -5.81
C ASN D 750 60.15 4.65 -6.85
N ILE D 751 60.35 5.02 -8.11
CA ILE D 751 60.43 4.02 -9.18
C ILE D 751 61.66 3.15 -8.99
N ASP D 752 62.77 3.74 -8.53
CA ASP D 752 63.96 2.95 -8.24
C ASP D 752 63.72 1.98 -7.09
N THR D 753 62.94 2.41 -6.09
CA THR D 753 62.61 1.52 -4.98
C THR D 753 61.76 0.35 -5.45
N GLN D 754 60.76 0.62 -6.31
CA GLN D 754 59.95 -0.46 -6.85
C GLN D 754 60.77 -1.40 -7.72
N ARG D 755 61.68 -0.84 -8.53
CA ARG D 755 62.53 -1.68 -9.36
C ARG D 755 63.46 -2.54 -8.52
N ALA D 756 64.00 -1.99 -7.44
CA ALA D 756 64.85 -2.76 -6.55
C ALA D 756 64.06 -3.86 -5.83
N ARG D 757 62.81 -3.56 -5.46
CA ARG D 757 61.96 -4.59 -4.87
C ARG D 757 61.68 -5.71 -5.87
N LEU D 758 61.40 -5.35 -7.12
CA LEU D 758 61.17 -6.37 -8.14
C LEU D 758 62.43 -7.20 -8.38
N HIS D 759 63.60 -6.55 -8.33
CA HIS D 759 64.86 -7.29 -8.42
C HIS D 759 65.03 -8.24 -7.25
N LEU D 760 64.63 -7.82 -6.05
CA LEU D 760 64.72 -8.70 -4.89
C LEU D 760 63.80 -9.92 -5.05
N LEU D 761 62.57 -9.70 -5.52
CA LEU D 761 61.67 -10.83 -5.73
C LEU D 761 62.15 -11.77 -6.83
N VAL D 762 62.64 -11.23 -7.94
CA VAL D 762 63.13 -12.12 -8.99
C VAL D 762 64.42 -12.82 -8.57
N SER D 763 65.19 -12.23 -7.66
CA SER D 763 66.33 -12.95 -7.09
C SER D 763 65.85 -14.04 -6.15
N LEU D 764 64.73 -13.82 -5.46
CA LEU D 764 64.15 -14.87 -4.62
C LEU D 764 63.67 -16.05 -5.46
N THR D 765 63.03 -15.76 -6.60
CA THR D 765 62.51 -16.84 -7.43
C THR D 765 63.60 -17.58 -8.20
N LYS D 766 64.81 -17.04 -8.26
CA LYS D 766 65.88 -17.58 -9.06
C LYS D 766 67.01 -18.05 -8.15
N THR D 767 67.84 -18.97 -8.66
CA THR D 767 68.93 -19.52 -7.88
C THR D 767 70.19 -19.63 -8.72
N GLY D 768 71.32 -19.27 -8.12
CA GLY D 768 72.61 -19.36 -8.76
C GLY D 768 73.17 -18.04 -9.24
N ASN D 769 73.78 -18.04 -10.43
CA ASN D 769 74.48 -16.85 -10.91
C ASN D 769 73.53 -15.72 -11.26
N GLU D 770 72.39 -16.03 -11.88
CA GLU D 770 71.40 -15.01 -12.20
C GLU D 770 70.74 -14.45 -10.94
N ALA D 771 70.62 -15.27 -9.89
CA ALA D 771 70.17 -14.75 -8.60
C ALA D 771 71.14 -13.72 -8.05
N TYR D 772 72.44 -13.99 -8.16
CA TYR D 772 73.46 -13.03 -7.76
C TYR D 772 73.41 -11.78 -8.62
N LEU D 773 73.15 -11.93 -9.92
CA LEU D 773 73.04 -10.78 -10.81
C LEU D 773 71.87 -9.88 -10.41
N GLU D 774 70.71 -10.48 -10.12
CA GLU D 774 69.58 -9.67 -9.67
C GLU D 774 69.82 -9.08 -8.28
N PHE D 775 70.55 -9.79 -7.41
CA PHE D 775 70.92 -9.24 -6.12
C PHE D 775 71.81 -8.02 -6.27
N GLU D 776 72.77 -8.07 -7.20
CA GLU D 776 73.63 -6.92 -7.45
C GLU D 776 72.83 -5.76 -8.06
N ALA D 777 71.91 -6.07 -8.97
CA ALA D 777 71.08 -5.04 -9.58
C ALA D 777 70.18 -4.35 -8.57
N GLY D 778 69.72 -5.08 -7.55
CA GLY D 778 69.01 -4.44 -6.45
C GLY D 778 69.92 -3.74 -5.48
N ASP D 779 71.14 -4.25 -5.29
CA ASP D 779 72.04 -3.70 -4.29
C ASP D 779 72.59 -2.35 -4.72
N ASN D 780 72.97 -2.20 -5.99
CA ASN D 780 73.44 -0.90 -6.45
C ASN D 780 72.33 0.14 -6.41
N LEU D 781 71.11 -0.27 -6.76
CA LEU D 781 69.96 0.63 -6.71
C LEU D 781 69.68 1.08 -5.27
N ILE D 782 69.70 0.15 -4.32
CA ILE D 782 69.49 0.54 -2.93
C ILE D 782 70.68 1.31 -2.38
N ARG D 783 71.86 1.16 -2.99
CA ARG D 783 72.99 1.98 -2.60
C ARG D 783 72.81 3.43 -3.04
N ILE D 784 72.30 3.64 -4.26
CA ILE D 784 72.02 5.00 -4.71
C ILE D 784 70.72 5.55 -4.14
N ILE D 785 69.90 4.71 -3.54
CA ILE D 785 68.67 5.17 -2.89
C ILE D 785 69.04 5.78 -1.54
N PRO D 786 68.63 7.02 -1.25
CA PRO D 786 68.93 7.62 0.05
C PRO D 786 68.20 6.92 1.18
N ASN D 787 68.75 7.06 2.39
CA ASN D 787 68.18 6.41 3.57
C ASN D 787 66.87 7.09 3.93
N ASP D 788 65.76 6.46 3.54
CA ASP D 788 64.43 6.94 3.85
C ASP D 788 63.61 5.79 4.42
N ILE D 789 62.35 6.09 4.76
CA ILE D 789 61.49 5.11 5.43
C ILE D 789 61.21 3.91 4.53
N TYR D 790 61.08 4.14 3.23
CA TYR D 790 60.81 3.06 2.30
C TYR D 790 62.03 2.16 2.09
N LYS D 791 63.24 2.66 2.37
CA LYS D 791 64.44 1.84 2.18
C LYS D 791 64.50 0.71 3.20
N TYR D 792 64.05 0.96 4.42
CA TYR D 792 64.13 -0.06 5.47
C TYR D 792 63.15 -1.20 5.28
N ARG D 793 62.17 -1.03 4.39
CA ARG D 793 61.23 -2.13 4.11
C ARG D 793 61.88 -3.23 3.28
N GLN D 794 62.92 -2.90 2.52
CA GLN D 794 63.60 -3.90 1.70
C GLN D 794 64.59 -4.73 2.49
N VAL D 795 64.90 -4.36 3.72
CA VAL D 795 65.88 -5.09 4.52
C VAL D 795 65.37 -6.46 4.91
N LEU D 796 64.05 -6.62 5.04
CA LEU D 796 63.48 -7.89 5.47
C LEU D 796 63.72 -9.00 4.44
N ARG D 797 63.88 -8.63 3.17
CA ARG D 797 64.03 -9.63 2.12
C ARG D 797 65.43 -10.25 2.11
N TYR D 798 66.43 -9.54 2.62
CA TYR D 798 67.77 -10.13 2.73
C TYR D 798 67.79 -11.29 3.71
N ARG D 799 66.93 -11.25 4.74
CA ARG D 799 66.83 -12.38 5.66
C ARG D 799 66.32 -13.63 4.95
N ASP D 800 65.30 -13.47 4.10
CA ASP D 800 64.81 -14.60 3.31
C ASP D 800 65.84 -15.03 2.27
N ILE D 801 66.62 -14.08 1.75
CA ILE D 801 67.71 -14.41 0.82
C ILE D 801 68.73 -15.30 1.50
N TYR D 802 69.11 -14.96 2.74
CA TYR D 802 70.04 -15.78 3.50
C TYR D 802 69.42 -17.12 3.89
N GLU D 803 68.11 -17.15 4.15
CA GLU D 803 67.46 -18.38 4.55
C GLU D 803 67.27 -19.36 3.40
N LYS D 804 67.11 -18.86 2.17
CA LYS D 804 66.74 -19.70 1.04
C LYS D 804 67.83 -19.79 -0.02
N VAL D 805 68.27 -18.65 -0.56
CA VAL D 805 69.12 -18.65 -1.75
C VAL D 805 70.61 -18.52 -1.41
N TYR D 806 70.96 -18.35 -0.13
CA TYR D 806 72.36 -18.21 0.25
C TYR D 806 73.21 -19.44 -0.08
N PRO D 807 72.80 -20.69 0.19
CA PRO D 807 73.65 -21.83 -0.21
C PRO D 807 73.84 -21.99 -1.70
N THR D 808 72.94 -21.43 -2.52
CA THR D 808 73.10 -21.53 -3.97
C THR D 808 74.27 -20.69 -4.49
N PHE D 809 74.65 -19.65 -3.76
CA PHE D 809 75.75 -18.80 -4.18
C PHE D 809 77.09 -19.50 -3.98
N ASN D 810 78.07 -19.09 -4.77
CA ASN D 810 79.44 -19.56 -4.59
C ASN D 810 80.14 -18.71 -3.55
N ALA D 811 81.44 -18.92 -3.37
CA ALA D 811 82.18 -18.18 -2.34
C ALA D 811 82.26 -16.69 -2.65
N LYS D 812 82.49 -16.33 -3.92
CA LYS D 812 82.60 -14.93 -4.29
C LYS D 812 81.27 -14.20 -4.07
N GLN D 813 80.16 -14.82 -4.47
CA GLN D 813 78.85 -14.20 -4.28
C GLN D 813 78.48 -14.16 -2.80
N LYS D 814 78.90 -15.16 -2.02
CA LYS D 814 78.67 -15.13 -0.58
C LYS D 814 79.42 -13.99 0.08
N VAL D 815 80.67 -13.76 -0.33
CA VAL D 815 81.44 -12.63 0.20
C VAL D 815 80.82 -11.31 -0.27
N PHE D 816 80.30 -11.27 -1.49
CA PHE D 816 79.62 -10.08 -1.99
C PHE D 816 78.41 -9.74 -1.12
N TYR D 817 77.55 -10.73 -0.86
CA TYR D 817 76.40 -10.52 0.00
C TYR D 817 76.83 -10.18 1.42
N GLU D 818 77.95 -10.75 1.84
CA GLU D 818 78.46 -10.51 3.18
C GLU D 818 78.83 -9.04 3.37
N HIS D 819 79.64 -8.50 2.47
CA HIS D 819 80.04 -7.10 2.62
C HIS D 819 78.87 -6.17 2.32
N ALA D 820 77.92 -6.61 1.48
CA ALA D 820 76.72 -5.83 1.27
C ALA D 820 75.90 -5.69 2.55
N ILE D 821 75.71 -6.79 3.28
CA ILE D 821 74.94 -6.72 4.52
C ILE D 821 75.73 -6.01 5.61
N LYS D 822 77.07 -6.07 5.57
CA LYS D 822 77.86 -5.28 6.50
C LYS D 822 77.69 -3.79 6.23
N ARG D 823 77.68 -3.39 4.95
CA ARG D 823 77.45 -1.99 4.61
C ARG D 823 76.04 -1.55 4.99
N ILE D 824 75.06 -2.44 4.83
CA ILE D 824 73.69 -2.14 5.24
C ILE D 824 73.61 -1.93 6.75
N ILE D 825 74.30 -2.79 7.51
CA ILE D 825 74.34 -2.65 8.96
C ILE D 825 74.99 -1.33 9.36
N LYS D 826 76.11 -1.00 8.72
CA LYS D 826 76.80 0.25 9.03
C LYS D 826 75.93 1.47 8.72
N GLU D 827 75.20 1.43 7.60
CA GLU D 827 74.28 2.50 7.27
C GLU D 827 73.09 2.56 8.21
N SER D 828 72.71 1.43 8.81
CA SER D 828 71.58 1.40 9.73
C SER D 828 71.88 2.10 11.04
N GLU D 829 73.14 2.09 11.48
CA GLU D 829 73.52 2.70 12.76
C GLU D 829 73.89 4.17 12.63
N SER D 830 73.73 4.76 11.45
CA SER D 830 74.05 6.17 11.27
C SER D 830 73.10 7.04 12.10
N PRO D 831 73.58 8.15 12.65
CA PRO D 831 72.73 8.98 13.52
C PRO D 831 71.69 9.80 12.78
N GLU D 832 71.62 9.71 11.45
CA GLU D 832 70.57 10.42 10.72
C GLU D 832 69.19 9.86 11.02
N LEU D 833 69.10 8.57 11.31
CA LEU D 833 67.81 7.97 11.65
C LEU D 833 67.33 8.44 13.02
N VAL D 834 68.25 8.63 13.96
CA VAL D 834 67.87 8.93 15.34
C VAL D 834 67.17 10.29 15.43
N GLU D 835 67.63 11.26 14.64
CA GLU D 835 67.01 12.57 14.64
C GLU D 835 65.66 12.61 13.93
N ASP D 836 65.32 11.55 13.20
CA ASP D 836 64.05 11.49 12.48
C ASP D 836 62.94 11.00 13.39
N LEU D 837 61.76 11.60 13.27
CA LEU D 837 60.62 11.20 14.09
C LEU D 837 60.05 9.86 13.63
N THR D 838 60.20 9.52 12.34
CA THR D 838 59.68 8.27 11.83
C THR D 838 60.39 7.08 12.48
N TYR D 839 61.71 7.17 12.63
CA TYR D 839 62.44 6.13 13.36
C TYR D 839 62.14 6.20 14.85
N LYS D 840 61.88 7.40 15.37
CA LYS D 840 61.57 7.55 16.80
C LYS D 840 60.28 6.82 17.17
N ILE D 841 59.27 6.89 16.29
CA ILE D 841 58.05 6.11 16.51
C ILE D 841 58.34 4.62 16.39
N GLY D 842 59.21 4.25 15.47
CA GLY D 842 59.49 2.84 15.20
C GLY D 842 60.83 2.34 15.68
N VAL D 843 61.22 2.73 16.90
CA VAL D 843 62.52 2.32 17.44
C VAL D 843 62.59 0.80 17.59
N ASN D 844 61.53 0.21 18.12
CA ASN D 844 61.53 -1.23 18.39
C ASN D 844 61.78 -2.13 17.19
N TRP D 845 60.85 -2.18 16.25
CA TRP D 845 61.00 -3.13 15.14
C TRP D 845 62.28 -2.91 14.35
N LEU D 846 62.70 -1.66 14.21
CA LEU D 846 63.91 -1.37 13.46
C LEU D 846 65.13 -1.85 14.25
N ASP D 847 65.12 -1.67 15.56
CA ASP D 847 66.21 -2.19 16.38
C ASP D 847 66.23 -3.72 16.39
N LYS D 848 65.04 -4.33 16.41
CA LYS D 848 64.96 -5.79 16.29
C LYS D 848 65.49 -6.27 14.94
N LEU D 849 65.19 -5.52 13.88
CA LEU D 849 65.73 -5.84 12.56
C LEU D 849 67.25 -5.73 12.53
N ARG D 850 67.80 -4.69 13.16
CA ARG D 850 69.24 -4.54 13.26
C ARG D 850 69.86 -5.71 14.03
N GLY D 851 69.22 -6.12 15.12
CA GLY D 851 69.69 -7.28 15.86
C GLY D 851 69.61 -8.56 15.05
N ASN D 852 68.57 -8.68 14.22
CA ASN D 852 68.46 -9.84 13.34
C ASN D 852 69.58 -9.86 12.30
N LEU D 853 69.92 -8.69 11.74
CA LEU D 853 71.04 -8.60 10.82
C LEU D 853 72.35 -8.95 11.52
N LYS D 854 72.53 -8.50 12.76
CA LYS D 854 73.72 -8.85 13.52
C LYS D 854 73.81 -10.34 13.78
N LEU D 855 72.66 -10.97 14.09
CA LEU D 855 72.63 -12.42 14.28
C LEU D 855 72.93 -13.16 12.98
N ILE D 856 72.46 -12.63 11.85
CA ILE D 856 72.78 -13.23 10.56
C ILE D 856 74.28 -13.14 10.28
N VAL D 857 74.88 -11.99 10.60
CA VAL D 857 76.32 -11.81 10.45
C VAL D 857 77.08 -12.79 11.34
N GLU D 858 76.63 -12.95 12.59
CA GLU D 858 77.26 -13.89 13.51
C GLU D 858 77.14 -15.33 13.01
N ASN D 859 75.99 -15.69 12.44
CA ASN D 859 75.81 -17.01 11.87
C ASN D 859 76.72 -17.22 10.65
N ILE D 860 76.90 -16.17 9.85
CA ILE D 860 77.80 -16.25 8.70
C ILE D 860 79.23 -16.49 9.17
N GLN D 861 79.64 -15.79 10.21
CA GLN D 861 80.99 -15.97 10.73
C GLN D 861 81.16 -17.33 11.39
N GLU D 862 80.11 -17.85 12.03
CA GLU D 862 80.18 -19.17 12.64
C GLU D 862 80.25 -20.26 11.58
N ASN D 863 79.52 -20.10 10.48
CA ASN D 863 79.52 -21.09 9.41
C ASN D 863 80.75 -20.99 8.51
N ARG D 864 81.59 -19.97 8.72
CA ARG D 864 82.81 -19.85 7.95
C ARG D 864 83.77 -20.98 8.30
N PRO D 865 84.59 -21.42 7.33
CA PRO D 865 85.57 -22.49 7.62
C PRO D 865 86.64 -22.01 8.59
N LYS D 866 87.23 -22.97 9.29
CA LYS D 866 88.26 -22.68 10.29
C LYS D 866 89.52 -22.10 9.68
N GLY D 867 89.77 -22.32 8.39
CA GLY D 867 90.91 -21.75 7.72
C GLY D 867 90.75 -20.32 7.28
N LYS D 868 89.56 -19.74 7.47
CA LYS D 868 89.30 -18.36 7.09
C LYS D 868 88.82 -17.50 8.25
N LYS D 869 88.68 -18.07 9.45
CA LYS D 869 88.21 -17.32 10.60
C LYS D 869 89.31 -16.41 11.15
N SER E 37 24.45 26.34 -33.84
CA SER E 37 24.83 25.12 -34.56
C SER E 37 25.25 24.03 -33.59
N ILE E 38 26.07 23.09 -34.09
CA ILE E 38 26.53 21.99 -33.26
C ILE E 38 27.75 22.43 -32.47
N SER E 39 27.69 22.26 -31.16
CA SER E 39 28.80 22.61 -30.29
C SER E 39 29.91 21.56 -30.39
N ASP E 40 31.06 21.88 -29.80
CA ASP E 40 32.17 20.94 -29.85
C ASP E 40 31.96 19.74 -28.93
N GLU E 41 31.28 19.93 -27.79
CA GLU E 41 31.03 18.81 -26.90
C GLU E 41 30.05 17.80 -27.51
N THR E 42 29.00 18.30 -28.17
CA THR E 42 28.08 17.40 -28.87
C THR E 42 28.77 16.70 -30.02
N TYR E 43 29.68 17.40 -30.68
CA TYR E 43 30.42 16.82 -31.77
C TYR E 43 31.32 15.68 -31.27
N GLU E 44 31.99 15.90 -30.14
CA GLU E 44 32.86 14.86 -29.59
C GLU E 44 32.05 13.69 -29.07
N ARG E 45 30.91 13.95 -28.43
CA ARG E 45 30.10 12.86 -27.92
C ARG E 45 29.52 12.02 -29.06
N LEU E 46 29.06 12.67 -30.12
CA LEU E 46 28.56 11.94 -31.28
C LEU E 46 29.65 11.07 -31.89
N LYS E 47 30.85 11.61 -32.06
CA LYS E 47 31.96 10.83 -32.61
C LYS E 47 32.29 9.65 -31.71
N ARG E 48 32.37 9.88 -30.40
CA ARG E 48 32.76 8.83 -29.47
C ARG E 48 31.74 7.71 -29.43
N LEU E 49 30.44 8.05 -29.47
CA LEU E 49 29.43 7.01 -29.42
C LEU E 49 29.29 6.28 -30.76
N ILE E 50 29.46 7.00 -31.87
CA ILE E 50 29.31 6.40 -33.19
C ILE E 50 30.47 5.46 -33.49
N SER E 51 31.69 5.83 -33.09
CA SER E 51 32.87 5.06 -33.46
C SER E 51 32.94 3.70 -32.78
N THR E 52 32.08 3.40 -31.81
CA THR E 52 32.11 2.09 -31.18
C THR E 52 31.64 0.97 -32.09
N GLY E 53 31.02 1.28 -33.22
CA GLY E 53 30.50 0.25 -34.09
C GLY E 53 29.34 -0.52 -33.52
N ASN E 54 28.61 0.08 -32.58
CA ASN E 54 27.48 -0.57 -31.92
C ASN E 54 26.23 0.29 -31.98
N ALA E 55 26.21 1.27 -32.87
CA ALA E 55 25.12 2.23 -32.92
C ALA E 55 23.98 1.72 -33.80
N ILE E 56 22.79 2.29 -33.58
CA ILE E 56 21.60 2.00 -34.36
C ILE E 56 21.33 3.21 -35.24
N VAL E 57 20.99 2.96 -36.51
CA VAL E 57 20.63 4.02 -37.43
C VAL E 57 19.20 3.81 -37.88
N PHE E 58 18.39 4.86 -37.81
CA PHE E 58 17.02 4.88 -38.29
C PHE E 58 16.93 5.81 -39.49
N VAL E 59 16.91 5.23 -40.69
CA VAL E 59 16.96 5.99 -41.93
C VAL E 59 15.57 6.51 -42.25
N GLY E 60 15.46 7.80 -42.51
CA GLY E 60 14.18 8.40 -42.81
C GLY E 60 14.03 8.86 -44.25
N ALA E 61 13.21 9.89 -44.47
CA ALA E 61 12.96 10.37 -45.83
C ALA E 61 14.05 11.29 -46.34
N GLY E 62 14.82 11.91 -45.44
CA GLY E 62 15.84 12.86 -45.86
C GLY E 62 17.09 12.21 -46.42
N PHE E 63 17.24 10.91 -46.23
CA PHE E 63 18.40 10.21 -46.76
C PHE E 63 18.29 9.98 -48.27
N SER E 64 17.09 10.08 -48.83
CA SER E 64 16.85 9.74 -50.23
C SER E 64 16.37 10.92 -51.05
N LYS E 65 16.70 12.14 -50.65
CA LYS E 65 16.24 13.32 -51.36
C LYS E 65 17.16 13.72 -52.52
N GLU E 66 18.24 12.98 -52.72
CA GLU E 66 19.20 13.29 -53.77
C GLU E 66 19.35 12.17 -54.78
N SER E 67 18.82 11.00 -54.46
CA SER E 67 18.94 9.86 -55.34
C SER E 67 18.12 10.09 -56.61
N ILE E 68 18.37 9.26 -57.62
CA ILE E 68 17.70 9.37 -58.91
C ILE E 68 17.04 8.04 -59.22
N ASN E 69 15.74 8.10 -59.52
CA ASN E 69 14.97 6.90 -59.86
C ASN E 69 15.23 6.47 -61.28
N ILE E 70 14.42 5.56 -61.80
CA ILE E 70 14.70 5.03 -63.13
C ILE E 70 14.11 5.86 -64.27
N ILE E 71 13.27 6.85 -63.96
CA ILE E 71 12.76 7.76 -64.97
C ILE E 71 13.41 9.14 -64.89
N GLY E 72 14.59 9.23 -64.30
CA GLY E 72 15.37 10.45 -64.35
C GLY E 72 14.93 11.57 -63.44
N SER E 73 14.29 11.24 -62.32
CA SER E 73 13.88 12.28 -61.37
C SER E 73 14.28 11.90 -59.95
N THR E 74 13.94 12.72 -58.98
CA THR E 74 14.14 12.43 -57.57
C THR E 74 12.94 11.66 -57.03
N PRO E 75 13.08 10.97 -55.91
CA PRO E 75 11.93 10.36 -55.26
C PRO E 75 10.88 11.40 -54.92
N PRO E 76 9.61 11.07 -55.09
CA PRO E 76 8.56 12.11 -55.08
C PRO E 76 8.36 12.71 -53.70
N LEU E 77 7.96 13.98 -53.70
CA LEU E 77 7.28 14.53 -52.55
C LEU E 77 5.84 14.00 -52.51
N ALA E 78 5.26 13.96 -51.31
CA ALA E 78 3.95 13.35 -51.14
C ALA E 78 2.88 14.06 -51.97
N LYS E 79 3.00 15.38 -52.13
CA LYS E 79 2.01 16.15 -52.87
C LYS E 79 1.97 15.74 -54.33
N ASP E 80 3.15 15.56 -54.95
CA ASP E 80 3.21 15.20 -56.36
C ASP E 80 2.64 13.81 -56.62
N LEU E 81 2.97 12.86 -55.75
CA LEU E 81 2.43 11.50 -55.90
C LEU E 81 0.92 11.48 -55.71
N ALA E 82 0.42 12.23 -54.73
CA ALA E 82 -1.03 12.33 -54.53
C ALA E 82 -1.70 12.96 -55.73
N LEU E 83 -1.08 14.00 -56.31
CA LEU E 83 -1.64 14.64 -57.49
C LEU E 83 -1.65 13.70 -58.69
N GLN E 84 -0.60 12.90 -58.85
CA GLN E 84 -0.54 11.93 -59.93
C GLN E 84 -1.66 10.91 -59.81
N ILE E 85 -1.83 10.36 -58.61
CA ILE E 85 -2.86 9.35 -58.41
C ILE E 85 -4.25 9.95 -58.62
N SER E 86 -4.45 11.18 -58.13
CA SER E 86 -5.75 11.82 -58.28
C SER E 86 -6.06 12.12 -59.73
N ASN E 87 -5.07 12.51 -60.52
CA ASN E 87 -5.34 12.77 -61.92
C ASN E 87 -5.59 11.48 -62.65
N LYS E 88 -4.91 10.41 -62.27
CA LYS E 88 -5.20 9.12 -62.89
C LYS E 88 -6.64 8.70 -62.65
N SER E 89 -7.10 8.80 -61.40
CA SER E 89 -8.47 8.43 -61.08
C SER E 89 -9.47 9.36 -61.77
N ALA E 90 -9.15 10.66 -61.84
CA ALA E 90 -10.04 11.60 -62.51
C ALA E 90 -10.08 11.35 -64.01
N ASN E 91 -8.97 10.96 -64.62
CA ASN E 91 -8.97 10.60 -66.03
C ASN E 91 -9.86 9.40 -66.29
N TYR E 92 -9.78 8.38 -65.43
CA TYR E 92 -10.66 7.24 -65.59
C TYR E 92 -12.13 7.64 -65.42
N LEU E 93 -12.42 8.48 -64.43
CA LEU E 93 -13.81 8.89 -64.21
C LEU E 93 -14.34 9.74 -65.35
N LYS E 94 -13.48 10.57 -65.95
CA LYS E 94 -13.87 11.32 -67.14
C LYS E 94 -14.13 10.39 -68.32
N GLU E 95 -13.31 9.34 -68.45
CA GLU E 95 -13.51 8.36 -69.52
C GLU E 95 -14.84 7.63 -69.37
N VAL E 96 -15.19 7.24 -68.13
CA VAL E 96 -16.45 6.51 -67.93
C VAL E 96 -17.66 7.41 -67.88
N GLY E 97 -17.49 8.73 -67.92
CA GLY E 97 -18.62 9.62 -68.09
C GLY E 97 -19.34 10.05 -66.83
N ALA E 98 -18.63 10.71 -65.91
CA ALA E 98 -19.25 11.30 -64.73
C ALA E 98 -19.45 12.80 -64.94
N ASP E 99 -20.18 13.42 -64.00
CA ASP E 99 -20.39 14.86 -64.05
C ASP E 99 -19.09 15.59 -63.70
N SER E 100 -18.91 16.76 -64.31
CA SER E 100 -17.63 17.44 -64.27
C SER E 100 -17.26 17.93 -62.87
N HIS E 101 -18.26 18.21 -62.04
CA HIS E 101 -17.98 18.70 -60.68
C HIS E 101 -17.27 17.65 -59.84
N TYR E 102 -17.74 16.40 -59.93
CA TYR E 102 -17.08 15.29 -59.24
C TYR E 102 -15.64 15.15 -59.73
N ILE E 103 -15.44 15.33 -61.04
CA ILE E 103 -14.10 15.22 -61.61
C ILE E 103 -13.17 16.29 -61.05
N GLU E 104 -13.62 17.54 -61.00
CA GLU E 104 -12.68 18.57 -60.57
C GLU E 104 -12.54 18.58 -59.07
N GLU E 105 -13.48 17.97 -58.34
CA GLU E 105 -13.36 17.87 -56.89
C GLU E 105 -12.51 16.68 -56.46
N ILE E 106 -12.30 15.69 -57.34
CA ILE E 106 -11.29 14.66 -57.08
C ILE E 106 -9.95 15.01 -57.71
N LYS E 107 -9.92 15.93 -58.67
CA LYS E 107 -8.67 16.28 -59.34
C LYS E 107 -7.68 16.91 -58.38
N GLN E 108 -8.16 17.80 -57.51
CA GLN E 108 -7.29 18.58 -56.64
C GLN E 108 -7.05 17.94 -55.28
N CYS E 109 -7.27 16.63 -55.15
CA CYS E 109 -7.04 15.96 -53.87
C CYS E 109 -5.54 15.79 -53.70
N ASP E 110 -4.95 16.59 -52.81
CA ASP E 110 -3.50 16.60 -52.61
C ASP E 110 -3.05 15.72 -51.45
N ASP E 111 -3.97 14.98 -50.83
CA ASP E 111 -3.63 14.11 -49.70
C ASP E 111 -3.31 12.72 -50.22
N LEU E 112 -2.14 12.19 -49.83
CA LEU E 112 -1.69 10.90 -50.36
C LEU E 112 -2.58 9.75 -49.87
N MET E 113 -2.98 9.78 -48.61
CA MET E 113 -3.73 8.67 -48.02
C MET E 113 -5.09 8.51 -48.68
N VAL E 114 -5.85 9.59 -48.76
CA VAL E 114 -7.20 9.52 -49.31
C VAL E 114 -7.17 9.25 -50.81
N ALA E 115 -6.19 9.83 -51.53
CA ALA E 115 -6.09 9.59 -52.97
C ALA E 115 -5.76 8.13 -53.26
N SER E 116 -4.81 7.56 -52.52
CA SER E 116 -4.46 6.15 -52.72
C SER E 116 -5.62 5.24 -52.35
N ASP E 117 -6.33 5.54 -51.25
CA ASP E 117 -7.48 4.72 -50.87
C ASP E 117 -8.60 4.81 -51.91
N PHE E 118 -8.83 6.00 -52.46
CA PHE E 118 -9.85 6.16 -53.49
C PHE E 118 -9.49 5.37 -54.74
N PHE E 119 -8.22 5.41 -55.15
CA PHE E 119 -7.80 4.64 -56.31
C PHE E 119 -7.96 3.15 -56.07
N LEU E 120 -7.62 2.68 -54.87
CA LEU E 120 -7.75 1.25 -54.60
C LEU E 120 -9.20 0.81 -54.56
N ASN E 121 -10.08 1.61 -53.98
CA ASN E 121 -11.46 1.18 -53.76
C ASN E 121 -12.42 1.61 -54.86
N ASN E 122 -11.97 2.32 -55.89
CA ASN E 122 -12.89 2.75 -56.93
C ASN E 122 -12.42 2.53 -58.37
N ILE E 123 -11.12 2.36 -58.61
CA ILE E 123 -10.58 2.16 -59.95
C ILE E 123 -9.97 0.76 -60.00
N PRO E 124 -10.34 -0.09 -60.95
CA PRO E 124 -9.89 -1.48 -60.93
C PRO E 124 -8.48 -1.71 -61.46
N GLN E 125 -7.81 -0.70 -62.01
CA GLN E 125 -6.49 -0.89 -62.58
C GLN E 125 -5.38 -0.58 -61.57
N LYS E 126 -5.38 -1.35 -60.47
CA LYS E 126 -4.36 -1.16 -59.45
C LYS E 126 -2.98 -1.62 -59.93
N ASP E 127 -2.92 -2.39 -61.02
CA ASP E 127 -1.65 -2.69 -61.63
C ASP E 127 -0.97 -1.43 -62.13
N GLU E 128 -1.75 -0.47 -62.64
CA GLU E 128 -1.18 0.81 -63.04
C GLU E 128 -0.62 1.58 -61.86
N LEU E 129 -1.31 1.53 -60.71
CA LEU E 129 -0.81 2.19 -59.51
C LEU E 129 0.51 1.56 -59.06
N LEU E 130 0.57 0.23 -59.05
CA LEU E 130 1.81 -0.44 -58.66
C LEU E 130 2.93 -0.14 -59.65
N GLN E 131 2.61 -0.06 -60.94
CA GLN E 131 3.64 0.26 -61.93
C GLN E 131 4.16 1.68 -61.77
N LEU E 132 3.27 2.62 -61.45
CA LEU E 132 3.71 3.98 -61.17
C LEU E 132 4.61 4.03 -59.95
N LEU E 133 4.27 3.29 -58.89
CA LEU E 133 5.12 3.26 -57.71
C LEU E 133 6.48 2.63 -58.02
N LYS E 134 6.50 1.56 -58.80
CA LYS E 134 7.77 0.93 -59.18
C LYS E 134 8.61 1.87 -60.03
N ASP E 135 7.99 2.60 -60.95
CA ASP E 135 8.74 3.54 -61.77
C ASP E 135 9.28 4.70 -60.95
N ASN E 136 8.53 5.12 -59.93
CA ASN E 136 8.90 6.35 -59.25
C ASN E 136 9.84 6.13 -58.08
N TYR E 137 9.84 4.93 -57.48
CA TYR E 137 10.60 4.71 -56.27
C TYR E 137 11.83 3.83 -56.45
N THR E 138 11.95 3.11 -57.55
CA THR E 138 13.08 2.20 -57.73
C THR E 138 14.33 3.02 -58.03
N ILE E 139 15.22 3.12 -57.04
CA ILE E 139 16.40 3.96 -57.16
C ILE E 139 17.37 3.35 -58.15
N LYS E 140 17.92 4.19 -59.03
CA LYS E 140 18.90 3.76 -60.02
C LYS E 140 20.30 4.30 -59.75
N ASP E 141 20.37 5.55 -59.32
CA ASP E 141 21.65 6.18 -59.05
C ASP E 141 21.70 6.77 -57.66
N VAL E 142 22.82 6.61 -56.98
CA VAL E 142 23.01 7.16 -55.65
C VAL E 142 24.29 7.99 -55.65
N THR E 143 24.36 8.95 -54.73
CA THR E 143 25.50 9.86 -54.67
C THR E 143 26.59 9.32 -53.75
N GLN E 144 27.67 10.06 -53.58
CA GLN E 144 28.76 9.53 -52.77
C GLN E 144 28.47 9.70 -51.29
N GLU E 145 27.70 10.71 -50.92
CA GLU E 145 27.45 10.94 -49.50
C GLU E 145 26.72 9.77 -48.85
N GLN E 146 25.81 9.14 -49.58
CA GLN E 146 25.12 7.97 -49.04
C GLN E 146 26.07 6.79 -48.84
N ILE E 147 26.96 6.56 -49.81
CA ILE E 147 27.96 5.51 -49.68
C ILE E 147 28.90 5.81 -48.52
N ASP E 148 29.24 7.08 -48.31
CA ASP E 148 30.06 7.47 -47.17
C ASP E 148 29.35 7.16 -45.86
N ILE E 149 28.05 7.44 -45.80
CA ILE E 149 27.30 7.23 -44.56
C ILE E 149 27.20 5.75 -44.23
N PHE E 150 26.97 4.91 -45.24
CA PHE E 150 26.73 3.50 -44.98
C PHE E 150 27.96 2.62 -45.16
N SER E 151 29.15 3.21 -45.23
CA SER E 151 30.38 2.41 -45.26
C SER E 151 30.86 2.03 -43.88
N MET E 152 30.26 2.56 -42.82
CA MET E 152 30.69 2.30 -41.46
C MET E 152 29.77 1.27 -40.80
N LYS E 153 30.36 0.39 -40.01
CA LYS E 153 29.64 -0.71 -39.39
C LYS E 153 28.64 -0.21 -38.36
N TRP E 154 27.35 -0.53 -38.55
CA TRP E 154 26.31 -0.27 -37.58
C TRP E 154 25.84 -1.57 -36.95
N ARG E 155 25.11 -1.44 -35.84
CA ARG E 155 24.53 -2.62 -35.21
C ARG E 155 23.38 -3.19 -36.04
N ARG E 156 22.46 -2.33 -36.46
CA ARG E 156 21.31 -2.75 -37.25
C ARG E 156 20.77 -1.55 -38.00
N ILE E 157 20.03 -1.82 -39.06
CA ILE E 157 19.46 -0.77 -39.91
C ILE E 157 17.95 -0.90 -39.88
N TYR E 158 17.27 0.20 -39.56
CA TYR E 158 15.82 0.29 -39.68
C TYR E 158 15.50 1.42 -40.63
N THR E 159 14.36 1.32 -41.30
CA THR E 159 13.99 2.36 -42.25
C THR E 159 12.48 2.36 -42.45
N THR E 160 11.98 3.48 -42.97
CA THR E 160 10.58 3.61 -43.31
C THR E 160 10.33 3.83 -44.80
N ASN E 161 11.38 4.02 -45.61
CA ASN E 161 11.20 4.21 -47.03
C ASN E 161 10.88 2.89 -47.72
N TYR E 162 10.24 2.97 -48.87
CA TYR E 162 9.89 1.77 -49.62
C TYR E 162 10.86 1.51 -50.74
N ASP E 163 11.90 2.31 -50.85
CA ASP E 163 12.83 2.18 -51.97
C ASP E 163 14.15 1.46 -51.66
N ASN E 164 15.00 1.31 -52.66
CA ASN E 164 16.24 0.58 -52.47
C ASN E 164 17.53 1.40 -52.35
N ALA E 165 17.47 2.61 -51.80
CA ALA E 165 18.68 3.43 -51.75
C ALA E 165 19.67 2.89 -50.72
N ILE E 166 19.17 2.40 -49.59
CA ILE E 166 20.03 1.82 -48.57
C ILE E 166 20.73 0.58 -49.09
N GLU E 167 20.00 -0.27 -49.81
CA GLU E 167 20.59 -1.51 -50.32
C GLU E 167 21.62 -1.22 -51.39
N LEU E 168 21.34 -0.27 -52.29
CA LEU E 168 22.32 0.09 -53.31
C LEU E 168 23.54 0.73 -52.69
N SER E 169 23.35 1.55 -51.65
CA SER E 169 24.47 2.17 -50.96
C SER E 169 25.34 1.14 -50.24
N LEU E 170 24.72 0.15 -49.59
CA LEU E 170 25.48 -0.90 -48.95
C LEU E 170 26.26 -1.71 -49.97
N ILE E 171 25.61 -2.07 -51.08
CA ILE E 171 26.26 -2.90 -52.10
C ILE E 171 27.43 -2.15 -52.73
N LYS E 172 27.23 -0.87 -53.04
CA LYS E 172 28.29 -0.09 -53.68
C LYS E 172 29.47 0.19 -52.76
N SER E 173 29.32 -0.01 -51.46
CA SER E 173 30.38 0.23 -50.48
C SER E 173 31.09 -1.05 -50.07
N GLY E 174 30.98 -2.10 -50.87
CA GLY E 174 31.62 -3.36 -50.54
C GLY E 174 31.07 -4.05 -49.31
N LYS E 175 29.74 -4.07 -49.18
CA LYS E 175 29.09 -4.68 -48.02
C LYS E 175 27.79 -5.32 -48.47
N SER E 176 27.52 -6.52 -47.96
CA SER E 176 26.33 -7.26 -48.34
C SER E 176 25.13 -6.82 -47.50
N VAL E 177 23.94 -7.27 -47.90
CA VAL E 177 22.71 -6.88 -47.22
C VAL E 177 21.65 -7.93 -47.50
N THR E 178 20.83 -8.21 -46.49
CA THR E 178 19.64 -9.07 -46.63
C THR E 178 18.41 -8.26 -46.24
N PRO E 179 17.70 -7.68 -47.19
CA PRO E 179 16.53 -6.88 -46.83
C PRO E 179 15.34 -7.74 -46.44
N LEU E 180 14.64 -7.32 -45.39
CA LEU E 180 13.48 -8.06 -44.91
C LEU E 180 12.31 -7.10 -44.74
N THR E 181 11.22 -7.64 -44.20
CA THR E 181 10.02 -6.87 -43.92
C THR E 181 9.49 -7.37 -42.57
N LEU E 182 8.25 -7.02 -42.23
CA LEU E 182 7.64 -7.51 -41.00
C LEU E 182 7.01 -8.88 -41.15
N GLU E 183 7.04 -9.46 -42.34
CA GLU E 183 6.54 -10.81 -42.57
C GLU E 183 7.66 -11.85 -42.56
N ASP E 184 8.72 -11.56 -41.83
CA ASP E 184 9.80 -12.51 -41.69
C ASP E 184 9.92 -12.74 -40.21
N ALA E 185 10.27 -13.96 -39.81
CA ALA E 185 10.49 -14.25 -38.40
C ALA E 185 11.94 -13.95 -38.01
N PRO E 186 12.18 -13.45 -36.79
CA PRO E 186 13.56 -13.12 -36.39
C PRO E 186 14.41 -14.33 -36.05
N ASN E 187 13.81 -15.47 -35.70
CA ASN E 187 14.58 -16.63 -35.30
C ASN E 187 15.25 -17.33 -36.47
N GLN E 188 14.69 -17.21 -37.67
CA GLN E 188 15.34 -17.81 -38.83
C GLN E 188 16.57 -17.03 -39.27
N TYR E 189 16.67 -15.76 -38.91
CA TYR E 189 17.81 -14.91 -39.23
C TYR E 189 18.54 -14.48 -37.97
N LYS E 190 18.71 -15.42 -37.04
CA LYS E 190 19.32 -15.09 -35.74
C LYS E 190 20.77 -14.68 -35.90
N SER E 191 21.51 -15.38 -36.76
CA SER E 191 22.93 -15.11 -36.96
C SER E 191 23.20 -14.14 -38.11
N ALA E 192 22.16 -13.60 -38.73
CA ALA E 192 22.35 -12.74 -39.89
C ALA E 192 22.93 -11.39 -39.50
N GLU E 193 23.62 -10.78 -40.46
CA GLU E 193 24.18 -9.45 -40.32
C GLU E 193 23.71 -8.62 -41.50
N ASP E 194 23.71 -7.29 -41.32
CA ASP E 194 23.16 -6.32 -42.26
C ASP E 194 21.66 -6.57 -42.46
N ILE E 195 20.92 -6.42 -41.36
CA ILE E 195 19.48 -6.52 -41.37
C ILE E 195 18.96 -5.14 -41.75
N CYS E 196 18.49 -4.98 -42.99
CA CYS E 196 17.86 -3.74 -43.41
C CYS E 196 16.35 -3.95 -43.39
N LEU E 197 15.77 -3.84 -42.20
CA LEU E 197 14.35 -4.15 -42.01
C LEU E 197 13.51 -2.96 -42.47
N HIS E 198 12.61 -3.20 -43.41
CA HIS E 198 11.70 -2.16 -43.90
C HIS E 198 10.42 -2.20 -43.11
N ILE E 199 10.21 -1.19 -42.27
CA ILE E 199 9.05 -1.17 -41.39
C ILE E 199 7.77 -0.91 -42.18
N ASN E 200 7.79 0.09 -43.06
CA ASN E 200 6.58 0.43 -43.81
C ASN E 200 6.29 -0.58 -44.91
N GLY E 201 7.29 -0.99 -45.65
CA GLY E 201 7.09 -1.94 -46.73
C GLY E 201 8.25 -1.88 -47.69
N ARG E 202 8.12 -2.65 -48.77
CA ARG E 202 9.13 -2.69 -49.81
C ARG E 202 8.45 -2.62 -51.18
N ILE E 203 9.22 -2.13 -52.15
CA ILE E 203 8.75 -2.06 -53.53
C ILE E 203 9.35 -3.18 -54.39
N GLU E 204 10.51 -3.72 -54.01
CA GLU E 204 11.32 -4.53 -54.93
C GLU E 204 10.59 -5.77 -55.40
N ARG E 205 9.89 -6.46 -54.51
CA ARG E 205 9.12 -7.65 -54.90
C ARG E 205 7.74 -7.60 -54.24
N SER E 206 7.06 -6.47 -54.39
CA SER E 206 5.69 -6.34 -53.90
C SER E 206 4.72 -6.91 -54.92
N LYS E 207 3.73 -7.64 -54.43
CA LYS E 207 2.70 -8.22 -55.26
C LYS E 207 1.46 -7.31 -55.25
N GLU E 208 0.37 -7.77 -55.87
CA GLU E 208 -0.82 -6.95 -55.99
C GLU E 208 -1.55 -6.79 -54.66
N SER E 209 -1.51 -7.81 -53.80
CA SER E 209 -2.21 -7.75 -52.53
C SER E 209 -1.42 -7.03 -51.44
N ASP E 210 -0.21 -6.59 -51.73
CA ASP E 210 0.61 -5.91 -50.73
C ASP E 210 0.17 -4.48 -50.47
N LEU E 211 -0.70 -3.90 -51.32
CA LEU E 211 -1.17 -2.55 -51.10
C LEU E 211 -2.20 -2.47 -49.97
N ASP E 212 -2.87 -3.58 -49.65
CA ASP E 212 -3.91 -3.55 -48.64
C ASP E 212 -3.32 -3.42 -47.23
N SER E 213 -2.33 -4.23 -46.90
CA SER E 213 -1.78 -4.19 -45.55
C SER E 213 -0.26 -4.19 -45.50
N ALA E 214 0.39 -4.76 -46.51
CA ALA E 214 1.85 -4.91 -46.43
C ALA E 214 2.57 -3.60 -46.63
N ILE E 215 2.18 -2.81 -47.63
CA ILE E 215 2.82 -1.53 -47.89
C ILE E 215 1.98 -0.45 -47.28
N LYS E 216 2.53 0.26 -46.30
CA LYS E 216 1.74 1.25 -45.60
C LYS E 216 1.64 2.53 -46.40
N LEU E 217 0.56 2.67 -47.15
CA LEU E 217 0.35 3.84 -47.95
C LEU E 217 -1.07 4.35 -47.75
N THR E 218 -2.05 3.45 -47.84
CA THR E 218 -3.44 3.90 -47.75
C THR E 218 -3.95 4.10 -46.32
N THR E 219 -5.18 4.60 -46.19
CA THR E 219 -5.76 4.84 -44.88
C THR E 219 -6.33 3.58 -44.31
N SER E 220 -6.33 2.51 -45.10
CA SER E 220 -6.79 1.23 -44.60
C SER E 220 -5.60 0.42 -44.10
N SER E 221 -4.44 0.63 -44.69
CA SER E 221 -3.24 -0.07 -44.27
C SER E 221 -2.69 0.45 -42.96
N TYR E 222 -3.30 1.50 -42.40
CA TYR E 222 -2.91 2.01 -41.10
C TYR E 222 -3.86 1.57 -40.00
N LEU E 223 -4.95 0.88 -40.33
CA LEU E 223 -5.93 0.45 -39.36
C LEU E 223 -6.05 -1.07 -39.31
N SER E 224 -5.19 -1.79 -40.01
CA SER E 224 -5.24 -3.25 -40.01
C SER E 224 -4.79 -3.81 -38.67
N PRO E 225 -5.26 -4.99 -38.29
CA PRO E 225 -4.81 -5.60 -37.03
C PRO E 225 -3.33 -5.93 -36.99
N GLU E 226 -2.67 -6.09 -38.13
CA GLU E 226 -1.23 -6.34 -38.18
C GLU E 226 -0.54 -4.99 -38.28
N GLN E 227 0.35 -4.71 -37.33
CA GLN E 227 1.07 -3.44 -37.27
C GLN E 227 2.51 -3.68 -36.85
N PHE E 228 3.20 -2.63 -36.42
CA PHE E 228 4.54 -2.80 -35.88
C PHE E 228 4.50 -3.31 -34.44
N LEU E 229 3.46 -2.97 -33.67
CA LEU E 229 3.39 -3.40 -32.28
C LEU E 229 3.18 -4.90 -32.17
N THR E 230 2.23 -5.45 -32.93
CA THR E 230 1.88 -6.85 -32.81
C THR E 230 2.87 -7.78 -33.50
N SER E 231 3.83 -7.23 -34.24
CA SER E 231 4.80 -8.08 -34.93
C SER E 231 5.79 -8.66 -33.94
N SER E 232 6.57 -9.63 -34.42
CA SER E 232 7.61 -10.24 -33.59
C SER E 232 8.88 -9.42 -33.55
N TRP E 233 9.02 -8.42 -34.41
CA TRP E 233 10.21 -7.57 -34.43
C TRP E 233 10.13 -6.43 -33.43
N TYR E 234 8.99 -6.24 -32.76
CA TYR E 234 8.86 -5.20 -31.76
C TYR E 234 9.78 -5.45 -30.58
N ARG E 235 9.80 -6.70 -30.10
CA ARG E 235 10.67 -7.06 -28.99
C ARG E 235 12.13 -6.91 -29.37
N GLN E 236 12.48 -7.28 -30.60
CA GLN E 236 13.85 -7.13 -31.07
C GLN E 236 14.25 -5.65 -31.15
N PHE E 237 13.35 -4.80 -31.60
CA PHE E 237 13.66 -3.39 -31.70
C PHE E 237 13.87 -2.79 -30.33
N LYS E 238 12.95 -3.07 -29.41
CA LYS E 238 13.05 -2.53 -28.07
C LYS E 238 14.32 -2.99 -27.38
N ALA E 239 14.70 -4.24 -27.57
CA ALA E 239 15.94 -4.73 -27.00
C ALA E 239 17.13 -4.05 -27.64
N ASP E 240 17.10 -3.89 -28.96
CA ASP E 240 18.20 -3.25 -29.66
C ASP E 240 18.40 -1.82 -29.20
N ILE E 241 17.32 -1.05 -29.00
CA ILE E 241 17.52 0.30 -28.49
C ILE E 241 17.91 0.28 -27.02
N ASP E 242 17.65 -0.83 -26.32
CA ASP E 242 18.13 -0.94 -24.94
C ASP E 242 19.57 -1.46 -24.85
N ASN E 243 20.15 -1.94 -25.95
CA ASN E 243 21.51 -2.45 -25.93
C ASN E 243 22.49 -1.68 -26.81
N ALA E 244 22.05 -0.64 -27.52
CA ALA E 244 22.93 0.09 -28.41
C ALA E 244 23.51 1.32 -27.71
N SER E 245 24.62 1.81 -28.28
CA SER E 245 25.33 2.92 -27.67
C SER E 245 24.89 4.28 -28.19
N ALA E 246 24.25 4.33 -29.36
CA ALA E 246 23.68 5.56 -29.87
C ALA E 246 22.61 5.23 -30.88
N ILE E 247 21.59 6.07 -30.96
CA ILE E 247 20.50 5.93 -31.93
C ILE E 247 20.48 7.17 -32.79
N VAL E 248 20.61 6.99 -34.10
CA VAL E 248 20.77 8.10 -35.03
C VAL E 248 19.60 8.08 -36.02
N PHE E 249 18.93 9.22 -36.15
CA PHE E 249 17.82 9.38 -37.08
C PHE E 249 18.27 10.25 -38.23
N LEU E 250 18.28 9.70 -39.44
CA LEU E 250 18.69 10.43 -40.63
C LEU E 250 17.44 10.91 -41.35
N GLY E 251 17.09 12.17 -41.12
CA GLY E 251 15.98 12.79 -41.83
C GLY E 251 14.62 12.21 -41.52
N TYR E 252 14.35 11.89 -40.27
CA TYR E 252 13.05 11.38 -39.85
C TYR E 252 12.34 12.44 -39.05
N SER E 253 11.11 12.78 -39.46
CA SER E 253 10.32 13.80 -38.80
C SER E 253 9.46 13.25 -37.68
N MET E 254 9.66 11.99 -37.30
CA MET E 254 8.94 11.44 -36.16
C MET E 254 7.45 11.60 -36.35
N TYR E 255 6.88 10.85 -37.29
CA TYR E 255 5.45 10.94 -37.56
C TYR E 255 4.68 9.84 -36.87
N ASP E 256 5.15 8.61 -36.99
CA ASP E 256 4.41 7.49 -36.42
C ASP E 256 4.36 7.57 -34.90
N ILE E 257 3.17 7.36 -34.34
CA ILE E 257 2.98 7.55 -32.91
C ILE E 257 3.54 6.41 -32.07
N ASP E 258 3.85 5.27 -32.69
CA ASP E 258 4.36 4.13 -31.93
C ASP E 258 5.79 4.36 -31.49
N ILE E 259 6.64 4.87 -32.37
CA ILE E 259 8.01 5.17 -32.02
C ILE E 259 8.06 6.32 -31.01
N GLN E 260 7.18 7.30 -31.17
CA GLN E 260 7.08 8.37 -30.18
C GLN E 260 6.70 7.82 -28.80
N LYS E 261 5.73 6.91 -28.77
CA LYS E 261 5.32 6.35 -27.48
C LYS E 261 6.42 5.49 -26.88
N ILE E 262 7.26 4.88 -27.71
CA ILE E 262 8.42 4.15 -27.17
C ILE E 262 9.40 5.12 -26.54
N PHE E 263 9.74 6.20 -27.25
CA PHE E 263 10.84 7.05 -26.84
C PHE E 263 10.47 8.10 -25.81
N PHE E 264 9.18 8.37 -25.59
CA PHE E 264 8.79 9.49 -24.76
C PHE E 264 9.06 9.24 -23.28
N ASN E 265 8.77 8.03 -22.80
CA ASN E 265 8.77 7.79 -21.36
C ASN E 265 10.18 7.73 -20.78
N ASP E 266 11.08 7.02 -21.45
CA ASP E 266 12.39 6.72 -20.87
C ASP E 266 13.27 7.96 -20.83
N SER E 267 14.26 7.92 -19.93
CA SER E 267 15.22 9.01 -19.76
C SER E 267 16.64 8.63 -20.17
N SER E 268 17.02 7.36 -20.04
CA SER E 268 18.35 6.95 -20.49
C SER E 268 18.44 6.87 -22.00
N ILE E 269 17.32 6.60 -22.67
CA ILE E 269 17.31 6.60 -24.13
C ILE E 269 17.48 8.02 -24.67
N LYS E 270 16.91 9.01 -23.98
CA LYS E 270 17.02 10.39 -24.43
C LYS E 270 18.46 10.88 -24.40
N SER E 271 19.28 10.34 -23.52
CA SER E 271 20.69 10.71 -23.48
C SER E 271 21.49 10.10 -24.62
N LYS E 272 20.90 9.20 -25.41
CA LYS E 272 21.60 8.55 -26.51
C LYS E 272 21.13 8.98 -27.89
N THR E 273 19.90 9.48 -28.02
CA THR E 273 19.35 9.78 -29.34
C THR E 273 19.99 11.03 -29.93
N PHE E 274 20.18 11.00 -31.25
CA PHE E 274 20.66 12.14 -32.02
C PHE E 274 19.80 12.29 -33.26
N PHE E 275 19.54 13.52 -33.66
CA PHE E 275 18.76 13.82 -34.86
C PHE E 275 19.62 14.59 -35.85
N ILE E 276 19.61 14.17 -37.11
CA ILE E 276 20.37 14.88 -38.13
C ILE E 276 19.39 15.52 -39.10
N THR E 277 19.03 16.78 -38.85
CA THR E 277 18.01 17.47 -39.63
C THR E 277 18.63 18.41 -40.65
N ARG E 278 17.78 18.88 -41.57
CA ARG E 278 18.24 19.72 -42.67
C ARG E 278 18.59 21.11 -42.17
N GLU E 279 19.39 21.82 -42.98
CA GLU E 279 19.89 23.12 -42.59
C GLU E 279 18.79 24.17 -42.64
N GLY E 280 19.06 25.31 -41.99
CA GLY E 280 18.13 26.41 -41.99
C GLY E 280 16.82 26.16 -41.26
N THR E 281 16.88 25.55 -40.08
CA THR E 281 15.70 25.36 -39.25
C THR E 281 15.96 25.91 -37.87
N THR E 282 15.04 26.76 -37.40
CA THR E 282 15.17 27.37 -36.10
C THR E 282 14.83 26.41 -34.99
N LYS E 283 15.01 26.85 -33.76
CA LYS E 283 14.76 25.96 -32.62
C LYS E 283 13.29 25.63 -32.47
N PHE E 284 12.41 26.61 -32.65
CA PHE E 284 10.98 26.34 -32.57
C PHE E 284 10.45 25.64 -33.80
N GLN E 285 11.17 25.66 -34.91
CA GLN E 285 10.70 24.95 -36.11
C GLN E 285 10.83 23.44 -35.98
N ASN E 286 11.60 22.95 -35.03
CA ASN E 286 11.72 21.53 -34.74
C ASN E 286 11.58 21.28 -33.24
N TYR E 287 10.48 21.80 -32.68
CA TYR E 287 10.21 21.58 -31.26
C TYR E 287 9.70 20.18 -31.00
N LYS E 288 9.01 19.58 -31.98
CA LYS E 288 8.48 18.23 -31.79
C LYS E 288 9.61 17.21 -31.68
N LEU E 289 10.67 17.36 -32.47
CA LEU E 289 11.80 16.45 -32.40
C LEU E 289 12.71 16.72 -31.20
N ALA E 290 12.66 17.91 -30.62
CA ALA E 290 13.52 18.23 -29.49
C ALA E 290 13.09 17.56 -28.21
N MET E 291 11.91 16.94 -28.20
CA MET E 291 11.38 16.29 -27.00
C MET E 291 11.91 14.89 -26.80
N PHE E 292 12.62 14.33 -27.78
CA PHE E 292 13.10 12.96 -27.72
C PHE E 292 14.61 12.83 -27.76
N GLY E 293 15.35 13.86 -28.16
CA GLY E 293 16.79 13.77 -28.20
C GLY E 293 17.41 15.06 -28.68
N GLU E 294 18.74 15.10 -28.63
CA GLU E 294 19.48 16.29 -29.02
C GLU E 294 19.49 16.44 -30.53
N VAL E 295 19.05 17.60 -31.01
CA VAL E 295 18.88 17.85 -32.44
C VAL E 295 20.14 18.50 -32.98
N ILE E 296 20.67 17.93 -34.06
CA ILE E 296 21.87 18.45 -34.73
C ILE E 296 21.46 18.83 -36.15
N ASN E 297 21.43 20.13 -36.43
CA ASN E 297 20.87 20.65 -37.67
C ASN E 297 21.97 20.98 -38.68
N ILE E 298 22.66 19.94 -39.13
CA ILE E 298 23.71 20.10 -40.13
C ILE E 298 23.37 19.47 -41.46
N GLY E 299 22.37 18.61 -41.55
CA GLY E 299 22.06 17.92 -42.78
C GLY E 299 22.84 16.63 -42.94
N VAL E 300 22.27 15.72 -43.74
CA VAL E 300 22.91 14.43 -43.94
C VAL E 300 24.19 14.59 -44.75
N ASN E 301 24.28 15.64 -45.58
CA ASN E 301 25.49 15.88 -46.35
C ASN E 301 26.67 16.18 -45.46
N ALA E 302 26.45 16.94 -44.38
CA ALA E 302 27.52 17.19 -43.42
C ALA E 302 27.80 15.96 -42.56
N PHE E 303 26.78 15.14 -42.30
CA PHE E 303 27.01 13.90 -41.56
C PHE E 303 27.83 12.89 -42.34
N SER E 304 27.82 13.00 -43.68
CA SER E 304 28.68 12.12 -44.47
C SER E 304 30.14 12.28 -44.12
N HIS E 305 30.57 13.49 -43.75
CA HIS E 305 31.97 13.70 -43.37
C HIS E 305 32.28 13.08 -42.01
N ILE E 306 31.32 13.11 -41.08
CA ILE E 306 31.52 12.43 -39.79
C ILE E 306 31.66 10.92 -40.02
N ALA E 307 30.81 10.38 -40.89
CA ALA E 307 30.90 8.95 -41.20
C ALA E 307 32.21 8.60 -41.87
N ALA E 308 32.68 9.45 -42.79
CA ALA E 308 33.95 9.22 -43.44
C ALA E 308 35.12 9.38 -42.48
N LYS E 309 34.93 10.12 -41.40
CA LYS E 309 35.97 10.20 -40.39
C LYS E 309 35.99 8.96 -39.51
N CYS E 310 34.82 8.40 -39.21
CA CYS E 310 34.73 7.31 -38.25
C CYS E 310 34.66 5.91 -38.87
N ILE E 311 34.76 5.80 -40.19
CA ILE E 311 34.62 4.49 -40.81
C ILE E 311 35.74 3.55 -40.40
N GLU E 312 36.98 4.02 -40.40
CA GLU E 312 38.10 3.15 -40.08
C GLU E 312 38.20 2.82 -38.60
N GLU E 313 37.58 3.63 -37.74
CA GLU E 313 37.56 3.37 -36.31
C GLU E 313 36.37 2.52 -35.90
N SER E 314 35.32 2.44 -36.73
CA SER E 314 34.17 1.63 -36.38
C SER E 314 34.48 0.14 -36.41
N HIS E 315 35.35 -0.30 -37.33
CA HIS E 315 35.52 -1.72 -37.58
C HIS E 315 36.50 -2.41 -36.64
N GLN E 316 37.16 -1.67 -35.75
CA GLN E 316 38.22 -2.25 -34.94
C GLN E 316 37.92 -2.23 -33.44
N ASP E 317 36.75 -1.76 -33.03
CA ASP E 317 36.46 -1.63 -31.60
C ASP E 317 36.27 -3.00 -30.97
N LYS E 318 36.93 -3.21 -29.83
CA LYS E 318 36.87 -4.50 -29.14
C LYS E 318 37.26 -4.32 -27.69
N GLU E 319 36.40 -4.78 -26.79
CA GLU E 319 36.66 -4.74 -25.36
C GLU E 319 35.81 -5.80 -24.69
N VAL E 320 36.39 -6.49 -23.70
CA VAL E 320 35.68 -7.60 -23.07
C VAL E 320 34.66 -7.10 -22.05
N GLY E 321 34.89 -5.93 -21.45
CA GLY E 321 33.94 -5.43 -20.47
C GLY E 321 33.98 -6.23 -19.17
N LEU E 322 32.92 -6.05 -18.38
CA LEU E 322 32.77 -6.76 -17.12
C LEU E 322 31.37 -7.34 -17.03
N ILE E 323 31.27 -8.47 -16.35
CA ILE E 323 30.00 -9.14 -16.10
C ILE E 323 29.52 -8.72 -14.71
N ASN E 324 28.35 -8.09 -14.64
CA ASN E 324 27.95 -7.40 -13.43
C ASN E 324 26.86 -8.10 -12.63
N SER E 325 25.96 -8.85 -13.27
CA SER E 325 24.89 -9.52 -12.54
C SER E 325 25.09 -11.03 -12.46
N LEU E 326 26.30 -11.52 -12.70
CA LEU E 326 26.63 -12.93 -12.57
C LEU E 326 28.01 -13.06 -11.95
N GLU E 327 28.20 -14.12 -11.17
CA GLU E 327 29.46 -14.36 -10.48
C GLU E 327 30.08 -15.67 -10.96
N LEU E 328 31.37 -15.61 -11.27
CA LEU E 328 32.11 -16.75 -11.81
C LEU E 328 32.62 -17.60 -10.66
N TYR E 329 32.35 -18.90 -10.71
CA TYR E 329 32.86 -19.82 -9.70
C TYR E 329 34.34 -20.07 -9.92
N THR E 330 35.07 -20.29 -8.82
CA THR E 330 36.47 -20.64 -8.89
C THR E 330 36.73 -21.87 -8.03
N PRO E 331 37.58 -22.80 -8.48
CA PRO E 331 37.85 -24.00 -7.70
C PRO E 331 38.73 -23.70 -6.49
N GLY E 332 38.92 -24.73 -5.67
CA GLY E 332 39.77 -24.62 -4.50
C GLY E 332 41.19 -25.04 -4.80
N GLU E 333 42.13 -24.15 -4.50
CA GLU E 333 43.54 -24.39 -4.78
C GLU E 333 44.28 -25.04 -3.63
N GLU E 334 43.61 -25.31 -2.51
CA GLU E 334 44.25 -25.90 -1.34
C GLU E 334 43.29 -26.84 -0.65
N HIS E 335 43.85 -27.75 0.15
CA HIS E 335 43.06 -28.74 0.89
C HIS E 335 42.88 -28.23 2.31
N ASP E 336 41.68 -27.72 2.60
CA ASP E 336 41.36 -27.23 3.94
C ASP E 336 41.10 -28.41 4.86
N GLU E 337 41.66 -28.34 6.08
CA GLU E 337 41.43 -29.39 7.06
C GLU E 337 39.98 -29.37 7.52
N ILE E 338 39.47 -30.55 7.87
CA ILE E 338 38.08 -30.74 8.25
C ILE E 338 38.05 -31.32 9.67
N ARG E 339 37.26 -30.70 10.53
CA ARG E 339 37.05 -31.16 11.89
C ARG E 339 35.60 -31.56 12.09
N ASP E 340 35.32 -32.15 13.26
CA ASP E 340 33.95 -32.55 13.57
C ASP E 340 33.04 -31.35 13.75
N ASN E 341 33.58 -30.18 14.10
CA ASN E 341 32.76 -28.98 14.20
C ASN E 341 32.19 -28.59 12.84
N ASP E 342 32.98 -28.74 11.78
CA ASP E 342 32.48 -28.45 10.44
C ASP E 342 31.37 -29.42 10.05
N ILE E 343 31.52 -30.69 10.41
CA ILE E 343 30.47 -31.68 10.19
C ILE E 343 29.19 -31.27 10.89
N ALA E 344 29.31 -30.91 12.17
CA ALA E 344 28.12 -30.54 12.94
C ALA E 344 27.46 -29.29 12.40
N ASN E 345 28.27 -28.28 12.05
CA ASN E 345 27.73 -27.04 11.50
C ASN E 345 26.99 -27.30 10.19
N PHE E 346 27.63 -28.01 9.26
CA PHE E 346 27.03 -28.28 7.97
C PHE E 346 25.76 -29.10 8.11
N MET E 347 25.77 -30.13 8.98
CA MET E 347 24.62 -31.01 9.07
C MET E 347 23.45 -30.38 9.82
N ILE E 348 23.71 -29.67 10.91
CA ILE E 348 22.67 -29.21 11.80
C ILE E 348 22.29 -27.75 11.52
N PHE E 349 23.28 -26.89 11.32
CA PHE E 349 23.01 -25.47 11.29
C PHE E 349 22.87 -24.90 9.89
N GLY E 350 23.42 -25.57 8.88
CA GLY E 350 23.29 -25.16 7.50
C GLY E 350 24.44 -24.33 6.97
N LYS E 351 25.29 -23.81 7.84
CA LYS E 351 26.43 -23.03 7.38
C LYS E 351 27.50 -23.97 6.85
N VAL E 352 27.86 -23.80 5.58
CA VAL E 352 28.95 -24.52 4.96
C VAL E 352 29.72 -23.56 4.07
N SER E 353 31.00 -23.85 3.87
CA SER E 353 31.84 -23.04 3.01
C SER E 353 31.98 -23.71 1.65
N ASP E 354 32.49 -22.98 0.68
CA ASP E 354 32.64 -23.54 -0.64
C ASP E 354 33.85 -24.46 -0.71
N ARG E 355 34.81 -24.27 0.18
CA ARG E 355 35.96 -25.17 0.19
C ARG E 355 35.57 -26.57 0.66
N TYR E 356 34.56 -26.68 1.51
CA TYR E 356 34.04 -27.99 1.89
C TYR E 356 33.51 -28.74 0.67
N ILE E 357 32.63 -28.08 -0.09
CA ILE E 357 32.04 -28.69 -1.28
C ILE E 357 33.10 -28.93 -2.34
N ASP E 358 34.16 -28.13 -2.36
CA ASP E 358 35.27 -28.40 -3.26
C ASP E 358 36.09 -29.60 -2.81
N GLU E 359 36.22 -29.80 -1.50
CA GLU E 359 37.02 -30.91 -1.00
C GLU E 359 36.30 -32.24 -1.09
N VAL E 360 34.97 -32.24 -1.10
CA VAL E 360 34.24 -33.51 -1.09
C VAL E 360 33.95 -33.99 -2.51
N THR E 361 34.74 -33.56 -3.48
CA THR E 361 34.57 -34.04 -4.85
C THR E 361 35.83 -34.69 -5.39
N LEU E 362 37.01 -34.24 -4.97
CA LEU E 362 38.24 -34.79 -5.53
C LEU E 362 38.39 -36.26 -5.21
N ASN E 363 38.01 -36.68 -4.01
CA ASN E 363 37.98 -38.08 -3.62
C ASN E 363 36.55 -38.43 -3.25
N ASP E 364 36.07 -39.57 -3.74
CA ASP E 364 34.68 -39.98 -3.57
C ASP E 364 34.48 -40.94 -2.40
N ASN E 365 35.52 -41.23 -1.63
CA ASN E 365 35.41 -42.14 -0.50
C ASN E 365 35.12 -41.40 0.81
N MET E 366 34.83 -40.11 0.75
CA MET E 366 34.47 -39.33 1.93
C MET E 366 32.96 -39.40 2.14
N HIS E 367 32.51 -40.59 2.54
CA HIS E 367 31.09 -40.86 2.77
C HIS E 367 30.60 -40.36 4.13
N ASP E 368 31.51 -40.03 5.04
CA ASP E 368 31.13 -39.59 6.38
C ASP E 368 30.91 -38.09 6.45
N LYS E 369 31.04 -37.37 5.34
CA LYS E 369 30.89 -35.93 5.33
C LYS E 369 29.75 -35.43 4.45
N ILE E 370 29.40 -36.14 3.39
CA ILE E 370 28.36 -35.68 2.48
C ILE E 370 27.65 -36.88 1.88
N ILE E 371 26.35 -36.75 1.71
CA ILE E 371 25.53 -37.77 1.06
C ILE E 371 25.73 -37.66 -0.45
N LEU E 372 26.20 -38.75 -1.06
CA LEU E 372 26.45 -38.77 -2.51
C LEU E 372 25.19 -39.23 -3.22
N ARG E 373 24.47 -38.28 -3.81
CA ARG E 373 23.28 -38.62 -4.58
C ARG E 373 23.68 -39.25 -5.91
N GLU E 374 22.75 -40.03 -6.47
CA GLU E 374 22.93 -40.62 -7.78
C GLU E 374 22.25 -39.83 -8.89
N GLU E 375 21.77 -38.62 -8.59
CA GLU E 375 21.20 -37.74 -9.61
C GLU E 375 22.22 -36.76 -10.16
N VAL E 376 23.28 -36.45 -9.43
CA VAL E 376 24.31 -35.54 -9.94
C VAL E 376 25.00 -36.16 -11.14
N SER E 377 25.24 -37.47 -11.11
CA SER E 377 25.85 -38.16 -12.25
C SER E 377 24.95 -38.10 -13.48
N LYS E 378 23.64 -38.29 -13.29
CA LYS E 378 22.73 -38.24 -14.42
C LYS E 378 22.61 -36.82 -14.97
N ILE E 379 22.63 -35.81 -14.10
CA ILE E 379 22.55 -34.43 -14.58
C ILE E 379 23.80 -34.07 -15.36
N ILE E 380 24.97 -34.51 -14.90
CA ILE E 380 26.20 -34.31 -15.65
C ILE E 380 26.11 -35.00 -17.02
N GLU E 381 25.56 -36.22 -17.04
CA GLU E 381 25.41 -36.94 -18.30
C GLU E 381 24.46 -36.22 -19.26
N HIS E 382 23.37 -35.65 -18.74
CA HIS E 382 22.45 -34.92 -19.61
C HIS E 382 23.04 -33.61 -20.11
N ILE E 383 23.84 -32.94 -19.28
CA ILE E 383 24.42 -31.67 -19.70
C ILE E 383 25.61 -31.87 -20.63
N GLU E 384 26.20 -33.05 -20.66
CA GLU E 384 27.28 -33.30 -21.60
C GLU E 384 26.76 -33.51 -23.02
N THR E 385 25.48 -33.80 -23.18
CA THR E 385 24.88 -34.03 -24.48
C THR E 385 24.08 -32.82 -24.97
N ASP E 386 24.52 -31.61 -24.57
CA ASP E 386 23.93 -30.35 -25.00
C ASP E 386 22.45 -30.26 -24.66
N ASN E 387 22.14 -30.42 -23.39
CA ASN E 387 20.79 -30.27 -22.87
C ASN E 387 20.80 -29.37 -21.65
N ASP E 388 19.72 -28.63 -21.46
CA ASP E 388 19.57 -27.87 -20.24
C ASP E 388 18.87 -28.72 -19.18
N ILE E 389 18.99 -28.29 -17.92
CA ILE E 389 18.46 -29.02 -16.79
C ILE E 389 17.49 -28.13 -16.03
N LEU E 390 16.46 -28.75 -15.46
CA LEU E 390 15.56 -28.11 -14.52
C LEU E 390 15.39 -29.04 -13.33
N ILE E 391 15.67 -28.56 -12.12
CA ILE E 391 15.60 -29.40 -10.93
C ILE E 391 14.61 -28.84 -9.95
N ALA E 392 13.76 -29.71 -9.40
CA ALA E 392 12.72 -29.24 -8.48
C ALA E 392 12.52 -30.21 -7.34
N SER E 393 12.30 -29.68 -6.15
CA SER E 393 12.09 -30.50 -4.97
C SER E 393 11.58 -29.55 -3.93
N ASP E 394 11.14 -30.04 -2.78
CA ASP E 394 10.52 -29.16 -1.79
C ASP E 394 11.46 -28.64 -0.72
N LEU E 395 10.91 -27.93 0.25
CA LEU E 395 11.67 -27.37 1.35
C LEU E 395 12.63 -28.35 1.95
N GLY E 396 13.91 -28.03 1.97
CA GLY E 396 14.88 -28.88 2.63
C GLY E 396 15.26 -30.20 1.99
N ASN E 397 15.00 -30.35 0.71
CA ASN E 397 15.29 -31.62 0.04
C ASN E 397 16.72 -31.69 -0.50
N GLY E 398 17.32 -30.56 -0.82
CA GLY E 398 18.73 -30.55 -1.23
C GLY E 398 19.05 -30.07 -2.62
N LYS E 399 18.49 -28.94 -3.03
CA LYS E 399 18.72 -28.43 -4.38
C LYS E 399 19.92 -27.49 -4.43
N SER E 400 20.08 -26.62 -3.43
CA SER E 400 21.17 -25.66 -3.47
C SER E 400 22.51 -26.35 -3.23
N ILE E 401 22.56 -27.32 -2.31
CA ILE E 401 23.78 -28.07 -2.10
C ILE E 401 24.10 -28.89 -3.34
N MET E 402 23.08 -29.38 -4.03
CA MET E 402 23.33 -30.08 -5.29
C MET E 402 23.87 -29.13 -6.35
N THR E 403 23.37 -27.89 -6.38
CA THR E 403 23.86 -26.91 -7.35
C THR E 403 25.34 -26.62 -7.12
N ARG E 404 25.74 -26.46 -5.86
CA ARG E 404 27.15 -26.25 -5.55
C ARG E 404 27.98 -27.49 -5.86
N MET E 405 27.46 -28.67 -5.53
CA MET E 405 28.10 -29.95 -5.86
C MET E 405 28.30 -30.09 -7.36
N LEU E 406 27.30 -29.68 -8.14
CA LEU E 406 27.32 -29.83 -9.59
C LEU E 406 28.30 -28.86 -10.24
N MET E 407 28.25 -27.59 -9.83
CA MET E 407 29.14 -26.60 -10.41
C MET E 407 30.56 -26.73 -9.88
N SER E 408 30.78 -27.55 -8.85
CA SER E 408 32.14 -27.86 -8.45
C SER E 408 32.80 -28.87 -9.39
N LYS E 409 32.02 -29.73 -10.05
CA LYS E 409 32.57 -30.72 -10.97
C LYS E 409 32.52 -30.28 -12.42
N LEU E 410 31.46 -29.56 -12.82
CA LEU E 410 31.41 -29.04 -14.19
C LEU E 410 32.52 -28.04 -14.44
N SER E 411 32.98 -27.35 -13.39
CA SER E 411 34.13 -26.47 -13.54
C SER E 411 35.41 -27.27 -13.78
N ARG E 412 35.51 -28.45 -13.15
CA ARG E 412 36.69 -29.29 -13.38
C ARG E 412 36.68 -29.87 -14.79
N LYS E 413 35.50 -30.19 -15.31
CA LYS E 413 35.42 -30.80 -16.65
C LYS E 413 35.85 -29.84 -17.75
N GLY E 414 35.87 -28.54 -17.50
CA GLY E 414 36.25 -27.56 -18.49
C GLY E 414 35.24 -26.46 -18.74
N TYR E 415 34.05 -26.54 -18.15
CA TYR E 415 33.01 -25.55 -18.37
C TYR E 415 33.32 -24.27 -17.58
N LEU E 416 32.50 -23.25 -17.79
CA LEU E 416 32.53 -22.02 -17.00
C LEU E 416 31.17 -21.85 -16.35
N CYS E 417 31.14 -21.82 -15.02
CA CYS E 417 29.89 -21.81 -14.28
C CYS E 417 29.65 -20.42 -13.69
N PHE E 418 28.54 -19.80 -14.06
CA PHE E 418 28.21 -18.43 -13.68
C PHE E 418 27.02 -18.45 -12.74
N TYR E 419 27.28 -18.33 -11.45
CA TYR E 419 26.21 -18.18 -10.46
C TYR E 419 25.51 -16.85 -10.67
N TYR E 420 24.19 -16.84 -10.46
CA TYR E 420 23.38 -15.65 -10.70
C TYR E 420 23.27 -14.84 -9.42
N LEU E 421 23.68 -13.57 -9.49
CA LEU E 421 23.60 -12.65 -8.37
C LEU E 421 22.33 -11.82 -8.48
N TYR E 422 21.57 -11.75 -7.40
CA TYR E 422 20.37 -10.92 -7.37
C TYR E 422 20.82 -9.47 -7.22
N ASN E 423 21.21 -8.89 -8.36
CA ASN E 423 21.93 -7.63 -8.41
C ASN E 423 21.03 -6.52 -8.94
N GLU E 424 21.53 -5.30 -8.87
CA GLU E 424 20.82 -4.13 -9.40
C GLU E 424 21.30 -3.74 -10.79
N PHE E 425 22.14 -4.56 -11.42
CA PHE E 425 22.68 -4.25 -12.73
C PHE E 425 21.85 -4.92 -13.81
N SER E 426 22.30 -4.80 -15.05
CA SER E 426 21.58 -5.32 -16.21
C SER E 426 21.99 -6.75 -16.51
N PHE E 427 21.03 -7.53 -16.98
CA PHE E 427 21.26 -8.92 -17.35
C PHE E 427 21.44 -9.12 -18.85
N SER E 428 20.81 -8.28 -19.67
CA SER E 428 20.92 -8.43 -21.12
C SER E 428 22.32 -8.10 -21.62
N LYS E 429 22.92 -7.04 -21.10
CA LYS E 429 24.28 -6.72 -21.50
C LYS E 429 25.27 -7.77 -21.04
N ASP E 430 25.03 -8.37 -19.87
CA ASP E 430 25.88 -9.44 -19.39
C ASP E 430 25.81 -10.66 -20.30
N ILE E 431 24.60 -11.03 -20.74
CA ILE E 431 24.49 -12.21 -21.59
C ILE E 431 25.01 -11.92 -22.99
N GLU E 432 24.91 -10.68 -23.46
CA GLU E 432 25.52 -10.33 -24.74
C GLU E 432 27.05 -10.43 -24.67
N ARG E 433 27.64 -9.88 -23.61
CA ARG E 433 29.09 -9.99 -23.44
C ARG E 433 29.52 -11.44 -23.25
N LEU E 434 28.68 -12.26 -22.63
CA LEU E 434 28.98 -13.68 -22.52
C LEU E 434 28.96 -14.36 -23.88
N SER E 435 28.00 -14.00 -24.73
CA SER E 435 27.97 -14.56 -26.08
C SER E 435 29.17 -14.13 -26.89
N LYS E 436 29.72 -12.96 -26.59
CA LYS E 436 30.94 -12.51 -27.28
C LYS E 436 32.16 -13.35 -26.94
N LEU E 437 32.09 -14.17 -25.88
CA LEU E 437 33.20 -15.02 -25.48
C LEU E 437 33.29 -16.25 -26.38
N GLY E 438 34.29 -17.08 -26.15
CA GLY E 438 34.52 -18.24 -26.98
C GLY E 438 34.71 -19.54 -26.22
N GLN E 439 33.97 -19.74 -25.14
CA GLN E 439 34.09 -20.95 -24.33
C GLN E 439 32.70 -21.45 -23.96
N LYS E 440 32.66 -22.72 -23.53
CA LYS E 440 31.42 -23.30 -23.07
C LYS E 440 31.06 -22.65 -21.77
N ILE E 441 29.82 -22.22 -21.64
CA ILE E 441 29.37 -21.52 -20.43
C ILE E 441 28.06 -22.15 -19.98
N VAL E 442 27.97 -22.46 -18.69
CA VAL E 442 26.72 -22.86 -18.05
C VAL E 442 26.34 -21.77 -17.05
N ILE E 443 25.06 -21.48 -16.95
CA ILE E 443 24.56 -20.40 -16.10
C ILE E 443 23.57 -20.99 -15.11
N PHE E 444 23.86 -20.84 -13.83
CA PHE E 444 23.03 -21.39 -12.75
C PHE E 444 22.16 -20.30 -12.18
N ILE E 445 20.85 -20.46 -12.30
CA ILE E 445 19.88 -19.54 -11.73
C ILE E 445 19.10 -20.30 -10.67
N ASP E 446 19.12 -19.77 -9.45
CA ASP E 446 18.46 -20.43 -8.35
C ASP E 446 17.14 -19.80 -8.02
N ASP E 447 16.14 -20.62 -7.81
CA ASP E 447 14.78 -20.18 -7.51
C ASP E 447 14.32 -19.12 -8.52
N TYR E 448 14.23 -19.56 -9.78
CA TYR E 448 14.02 -18.67 -10.91
C TYR E 448 12.69 -17.92 -10.86
N SER E 449 11.75 -18.38 -10.05
CA SER E 449 10.46 -17.71 -9.92
C SER E 449 10.60 -16.33 -9.30
N ASN E 450 11.72 -16.03 -8.66
CA ASN E 450 11.98 -14.69 -8.15
C ASN E 450 12.53 -13.75 -9.22
N CYS E 451 13.19 -14.29 -10.25
CA CYS E 451 13.76 -13.52 -11.36
C CYS E 451 13.23 -14.06 -12.68
N ILE E 452 11.91 -14.26 -12.72
CA ILE E 452 11.24 -14.87 -13.87
C ILE E 452 11.42 -14.06 -15.15
N ASP E 453 11.43 -12.73 -15.09
CA ASP E 453 11.58 -11.96 -16.33
C ASP E 453 12.98 -12.11 -16.90
N ASP E 454 13.99 -12.13 -16.04
CA ASP E 454 15.36 -12.35 -16.50
C ASP E 454 15.53 -13.76 -17.07
N THR E 455 14.90 -14.76 -16.44
CA THR E 455 14.98 -16.10 -17.02
C THR E 455 14.22 -16.21 -18.33
N ARG E 456 13.12 -15.47 -18.47
CA ARG E 456 12.38 -15.40 -19.73
C ARG E 456 13.26 -14.84 -20.84
N TYR E 457 13.95 -13.73 -20.55
CA TYR E 457 14.90 -13.19 -21.52
C TYR E 457 16.04 -14.17 -21.79
N ALA E 458 16.46 -14.92 -20.76
CA ALA E 458 17.57 -15.85 -20.93
C ALA E 458 17.21 -16.98 -21.88
N ILE E 459 16.01 -17.55 -21.74
CA ILE E 459 15.64 -18.66 -22.60
C ILE E 459 15.08 -18.20 -23.94
N GLU E 460 14.66 -16.94 -24.05
CA GLU E 460 14.18 -16.46 -25.34
C GLU E 460 15.32 -16.07 -26.27
N ASN E 461 16.36 -15.43 -25.73
CA ASN E 461 17.44 -14.90 -26.55
C ASN E 461 18.75 -15.62 -26.28
N ARG E 462 18.71 -16.95 -26.26
CA ARG E 462 19.91 -17.72 -25.94
C ARG E 462 20.78 -17.94 -27.17
N LYS E 463 22.02 -18.32 -26.91
CA LYS E 463 23.04 -18.53 -27.92
C LYS E 463 23.47 -20.01 -27.94
N ASP E 464 24.48 -20.30 -28.75
CA ASP E 464 24.89 -21.68 -28.99
C ASP E 464 25.95 -22.18 -28.04
N ASN E 465 26.52 -21.32 -27.20
CA ASN E 465 27.54 -21.74 -26.25
C ASN E 465 27.08 -21.65 -24.80
N ILE E 466 25.86 -21.21 -24.56
CA ILE E 466 25.34 -20.96 -23.22
C ILE E 466 24.28 -22.00 -22.91
N GLN E 467 24.52 -22.81 -21.88
CA GLN E 467 23.53 -23.71 -21.33
C GLN E 467 22.87 -23.05 -20.12
N LEU E 468 21.79 -23.65 -19.65
CA LEU E 468 21.05 -23.12 -18.51
C LEU E 468 20.73 -24.23 -17.54
N VAL E 469 20.91 -23.96 -16.25
CA VAL E 469 20.50 -24.86 -15.18
C VAL E 469 19.64 -24.06 -14.20
N LEU E 470 18.38 -24.45 -14.07
CA LEU E 470 17.42 -23.73 -13.24
C LEU E 470 16.92 -24.66 -12.14
N THR E 471 16.77 -24.13 -10.94
CA THR E 471 16.19 -24.86 -9.82
C THR E 471 15.06 -24.05 -9.22
N THR E 472 14.13 -24.73 -8.56
CA THR E 472 12.96 -24.10 -7.99
C THR E 472 12.31 -25.05 -6.99
N ARG E 473 11.24 -24.58 -6.36
CA ARG E 473 10.46 -25.45 -5.52
C ARG E 473 9.25 -25.77 -6.37
N HIS E 474 8.36 -26.63 -5.90
CA HIS E 474 7.18 -27.03 -6.64
C HIS E 474 6.17 -25.89 -6.77
N PHE E 475 5.97 -25.13 -5.69
CA PHE E 475 5.03 -24.02 -5.73
C PHE E 475 5.48 -22.95 -6.70
N GLY E 476 6.77 -22.63 -6.69
CA GLY E 476 7.29 -21.68 -7.67
C GLY E 476 7.37 -22.23 -9.07
N TYR E 477 7.44 -23.54 -9.21
CA TYR E 477 7.49 -24.16 -10.52
C TYR E 477 6.15 -24.09 -11.21
N GLU E 478 5.10 -24.47 -10.51
CA GLU E 478 3.79 -24.52 -11.14
C GLU E 478 3.03 -23.20 -11.03
N ASN E 479 3.68 -22.13 -10.60
CA ASN E 479 3.14 -20.79 -10.74
C ASN E 479 3.65 -20.09 -12.00
N THR E 480 4.58 -20.70 -12.73
CA THR E 480 5.08 -20.12 -13.98
C THR E 480 5.11 -21.14 -15.11
N LYS E 481 4.27 -22.17 -15.06
CA LYS E 481 4.16 -23.09 -16.18
C LYS E 481 3.60 -22.40 -17.41
N GLN E 482 2.63 -21.50 -17.21
CA GLN E 482 1.98 -20.84 -18.34
C GLN E 482 2.89 -19.81 -18.99
N HIS E 483 3.95 -19.40 -18.32
CA HIS E 483 4.84 -18.39 -18.89
C HIS E 483 6.09 -19.00 -19.49
N LEU E 484 6.17 -20.33 -19.50
CA LEU E 484 7.35 -21.01 -20.00
C LEU E 484 7.07 -21.97 -21.13
N LEU E 485 5.94 -22.69 -21.08
CA LEU E 485 5.65 -23.71 -22.08
C LEU E 485 5.28 -23.12 -23.43
N THR E 486 5.01 -21.82 -23.50
CA THR E 486 4.73 -21.18 -24.78
C THR E 486 5.97 -21.03 -25.63
N MET E 487 7.15 -20.94 -25.02
CA MET E 487 8.41 -20.82 -25.74
C MET E 487 9.02 -22.20 -25.96
N ASP E 488 10.28 -22.23 -26.36
CA ASP E 488 10.96 -23.49 -26.65
C ASP E 488 11.53 -24.09 -25.37
N MET E 489 11.06 -25.30 -25.05
CA MET E 489 11.54 -26.04 -23.88
C MET E 489 12.00 -27.43 -24.25
N SER E 490 12.30 -27.66 -25.53
CA SER E 490 12.62 -29.00 -26.01
C SER E 490 13.99 -29.49 -25.56
N SER E 491 14.83 -28.61 -25.02
CA SER E 491 16.17 -28.99 -24.58
C SER E 491 16.29 -29.10 -23.06
N PHE E 492 15.16 -29.09 -22.36
CA PHE E 492 15.15 -29.11 -20.90
C PHE E 492 14.76 -30.50 -20.41
N LYS E 493 15.62 -31.10 -19.58
CA LYS E 493 15.34 -32.37 -18.94
C LYS E 493 15.00 -32.12 -17.48
N THR E 494 13.87 -32.64 -17.03
CA THR E 494 13.37 -32.37 -15.69
C THR E 494 13.86 -33.45 -14.73
N HIS E 495 14.55 -33.03 -13.66
CA HIS E 495 15.03 -33.92 -12.63
C HIS E 495 14.36 -33.57 -11.31
N SER E 496 14.11 -34.59 -10.50
CA SER E 496 13.45 -34.40 -9.22
C SER E 496 14.19 -35.20 -8.16
N VAL E 497 14.50 -34.55 -7.03
CA VAL E 497 15.30 -35.17 -5.99
C VAL E 497 14.59 -35.17 -4.64
N ASP E 498 13.26 -35.30 -4.68
CA ASP E 498 12.47 -35.32 -3.45
C ASP E 498 12.82 -36.52 -2.58
N TYR E 499 12.96 -37.70 -3.17
CA TYR E 499 13.12 -38.94 -2.44
C TYR E 499 14.54 -39.48 -2.58
N LEU E 500 14.98 -40.19 -1.54
CA LEU E 500 16.27 -40.87 -1.54
C LEU E 500 16.08 -42.37 -1.73
N SER E 501 17.17 -43.02 -2.11
CA SER E 501 17.18 -44.48 -2.25
C SER E 501 17.47 -45.10 -0.88
N ASP E 502 17.83 -46.38 -0.87
CA ASP E 502 18.22 -47.04 0.38
C ASP E 502 19.70 -46.89 0.68
N SER E 503 20.56 -46.89 -0.34
CA SER E 503 21.98 -46.71 -0.11
C SER E 503 22.29 -45.33 0.44
N GLU E 504 21.53 -44.32 0.00
CA GLU E 504 21.73 -42.98 0.52
C GLU E 504 21.26 -42.85 1.97
N VAL E 505 20.19 -43.56 2.34
CA VAL E 505 19.79 -43.58 3.74
C VAL E 505 20.84 -44.29 4.58
N ASP E 506 21.47 -45.33 4.03
CA ASP E 506 22.58 -45.97 4.74
C ASP E 506 23.75 -45.01 4.91
N ASN E 507 24.06 -44.21 3.90
CA ASN E 507 25.09 -43.20 4.02
C ASN E 507 24.75 -42.18 5.10
N PHE E 508 23.50 -41.75 5.16
CA PHE E 508 23.08 -40.80 6.19
C PHE E 508 23.22 -41.39 7.58
N VAL E 509 22.81 -42.65 7.74
CA VAL E 509 22.96 -43.31 9.03
C VAL E 509 24.43 -43.45 9.39
N HIS E 510 25.29 -43.64 8.38
CA HIS E 510 26.72 -43.72 8.65
C HIS E 510 27.27 -42.38 9.14
N ILE E 511 26.79 -41.27 8.56
CA ILE E 511 27.23 -39.96 9.05
C ILE E 511 26.77 -39.73 10.49
N VAL E 512 25.53 -40.10 10.80
CA VAL E 512 25.03 -39.93 12.16
C VAL E 512 25.79 -40.84 13.13
N ASP E 513 26.19 -42.03 12.68
CA ASP E 513 27.00 -42.92 13.50
C ASP E 513 28.35 -42.29 13.82
N HIS E 514 29.01 -41.76 12.79
CA HIS E 514 30.34 -41.15 13.01
C HIS E 514 30.24 -39.89 13.85
N LEU E 515 29.16 -39.13 13.68
CA LEU E 515 28.99 -37.88 14.43
C LEU E 515 28.69 -38.15 15.90
N GLY E 516 28.10 -39.29 16.22
CA GLY E 516 27.79 -39.62 17.59
C GLY E 516 26.55 -38.95 18.14
N ALA E 517 25.58 -38.64 17.29
CA ALA E 517 24.37 -37.96 17.71
C ALA E 517 23.20 -38.90 17.94
N TRP E 518 23.40 -40.22 17.84
CA TRP E 518 22.30 -41.15 18.10
C TRP E 518 21.96 -41.18 19.59
N GLY E 519 22.97 -41.15 20.44
CA GLY E 519 22.75 -41.21 21.87
C GLY E 519 22.43 -42.62 22.36
N GLU E 520 21.23 -42.79 22.92
CA GLU E 520 20.85 -44.07 23.50
C GLU E 520 20.55 -45.13 22.44
N LYS E 521 20.24 -44.72 21.21
CA LYS E 521 19.84 -45.64 20.17
C LYS E 521 21.00 -46.21 19.38
N ALA E 522 22.23 -46.11 19.90
CA ALA E 522 23.39 -46.55 19.15
C ALA E 522 23.43 -48.07 18.99
N GLY E 523 22.99 -48.81 20.02
CA GLY E 523 23.14 -50.26 19.99
C GLY E 523 22.18 -50.97 19.06
N LEU E 524 21.04 -50.37 18.75
CA LEU E 524 20.04 -51.04 17.94
C LEU E 524 20.44 -51.03 16.46
N SER E 525 19.68 -51.77 15.66
CA SER E 525 19.99 -51.96 14.26
C SER E 525 19.31 -50.88 13.41
N ARG E 526 19.36 -51.04 12.08
CA ARG E 526 18.89 -50.01 11.17
C ARG E 526 17.37 -49.84 11.26
N HIS E 527 16.63 -50.94 11.38
CA HIS E 527 15.18 -50.84 11.42
C HIS E 527 14.70 -50.22 12.73
N GLU E 528 15.39 -50.51 13.84
CA GLU E 528 15.00 -49.95 15.12
C GLU E 528 15.46 -48.51 15.30
N LYS E 529 16.47 -48.07 14.56
CA LYS E 529 16.92 -46.68 14.65
C LYS E 529 15.90 -45.74 14.03
N LEU E 530 15.43 -46.06 12.82
CA LEU E 530 14.48 -45.23 12.10
C LEU E 530 13.05 -45.72 12.25
N SER E 531 12.71 -46.27 13.42
CA SER E 531 11.42 -46.93 13.59
C SER E 531 10.27 -45.94 13.72
N GLU E 532 10.52 -44.80 14.37
CA GLU E 532 9.44 -43.85 14.66
C GLU E 532 8.98 -43.07 13.44
N LEU E 533 9.72 -43.10 12.33
CA LEU E 533 9.33 -42.38 11.14
C LEU E 533 8.30 -43.19 10.33
N ASP E 534 7.55 -42.49 9.49
CA ASP E 534 6.54 -43.13 8.67
C ASP E 534 7.19 -43.80 7.46
N GLU E 535 6.37 -44.21 6.51
CA GLU E 535 6.90 -44.82 5.29
C GLU E 535 7.50 -43.79 4.34
N ASN E 536 6.95 -42.57 4.29
CA ASN E 536 7.45 -41.57 3.36
C ASN E 536 8.44 -40.61 3.99
N ALA E 537 8.42 -40.47 5.31
CA ALA E 537 9.38 -39.60 5.99
C ALA E 537 10.74 -40.26 6.17
N ARG E 538 10.84 -41.58 5.97
CA ARG E 538 12.12 -42.25 6.16
C ARG E 538 13.08 -41.95 5.01
N ASN E 539 12.56 -41.86 3.78
CA ASN E 539 13.40 -41.66 2.61
C ASN E 539 13.38 -40.22 2.09
N GLN E 540 13.03 -39.26 2.93
CA GLN E 540 13.07 -37.84 2.59
C GLN E 540 14.11 -37.15 3.46
N LEU E 541 14.90 -36.26 2.84
CA LEU E 541 16.06 -35.72 3.54
C LEU E 541 15.66 -34.72 4.62
N SER E 542 14.68 -33.86 4.32
CA SER E 542 14.29 -32.82 5.27
C SER E 542 13.72 -33.43 6.55
N PHE E 543 12.86 -34.43 6.42
CA PHE E 543 12.26 -35.04 7.60
C PHE E 543 13.28 -35.87 8.37
N LEU E 544 14.23 -36.50 7.68
CA LEU E 544 15.30 -37.21 8.36
C LEU E 544 16.11 -36.26 9.24
N LEU E 545 16.54 -35.13 8.67
CA LEU E 545 17.31 -34.16 9.44
C LEU E 545 16.48 -33.58 10.58
N LEU E 546 15.21 -33.28 10.33
CA LEU E 546 14.34 -32.72 11.37
C LEU E 546 14.18 -33.69 12.54
N SER E 547 13.80 -34.94 12.27
CA SER E 547 13.49 -35.85 13.35
C SER E 547 14.73 -36.37 14.05
N ILE E 548 15.87 -36.47 13.35
CA ILE E 548 17.04 -37.07 13.97
C ILE E 548 18.01 -35.99 14.45
N LEU E 549 18.51 -35.17 13.53
CA LEU E 549 19.59 -34.26 13.86
C LEU E 549 19.11 -33.04 14.63
N LYS E 550 17.80 -32.78 14.64
CA LYS E 550 17.22 -31.57 15.20
C LYS E 550 17.87 -30.33 14.59
N SER E 551 18.04 -30.36 13.27
CA SER E 551 18.68 -29.29 12.53
C SER E 551 17.75 -28.09 12.50
N GLU E 552 18.25 -26.92 12.94
CA GLU E 552 17.33 -25.80 13.02
C GLU E 552 17.34 -24.92 11.77
N ALA E 553 18.14 -25.24 10.77
CA ALA E 553 17.94 -24.63 9.46
C ALA E 553 16.59 -25.04 8.88
N ILE E 554 16.26 -26.33 8.98
CA ILE E 554 14.96 -26.82 8.52
C ILE E 554 13.84 -26.25 9.38
N GLN E 555 14.05 -26.17 10.69
CA GLN E 555 13.04 -25.56 11.57
C GLN E 555 12.82 -24.10 11.23
N SER E 556 13.89 -23.38 10.92
CA SER E 556 13.77 -21.98 10.52
C SER E 556 12.98 -21.84 9.23
N ARG E 557 13.23 -22.73 8.27
CA ARG E 557 12.46 -22.73 7.03
C ARG E 557 10.99 -23.01 7.29
N ILE E 558 10.70 -23.96 8.17
CA ILE E 558 9.31 -24.32 8.47
C ILE E 558 8.59 -23.16 9.12
N ARG E 559 9.23 -22.50 10.09
CA ARG E 559 8.60 -21.35 10.74
C ARG E 559 8.37 -20.21 9.75
N GLU E 560 9.36 -19.93 8.90
CA GLU E 560 9.26 -18.84 7.96
C GLU E 560 8.19 -19.09 6.91
N ILE E 561 8.01 -20.34 6.47
CA ILE E 561 6.99 -20.63 5.46
C ILE E 561 5.61 -20.85 6.08
N SER E 562 5.52 -21.14 7.39
CA SER E 562 4.24 -21.25 8.05
C SER E 562 3.70 -19.91 8.52
N ASN E 563 4.57 -18.92 8.71
CA ASN E 563 4.10 -17.58 9.04
C ASN E 563 3.24 -16.99 7.93
N LEU E 564 3.47 -17.41 6.69
CA LEU E 564 2.69 -16.95 5.54
C LEU E 564 1.31 -17.57 5.49
N ALA E 565 1.07 -18.63 6.25
CA ALA E 565 -0.23 -19.29 6.28
C ALA E 565 -1.02 -19.00 7.54
N LEU E 566 -0.35 -18.92 8.69
CA LEU E 566 -1.04 -18.85 9.96
C LEU E 566 -1.27 -17.43 10.46
N ASN E 567 -0.97 -16.41 9.66
CA ASN E 567 -1.17 -15.04 10.14
C ASN E 567 -2.64 -14.64 10.12
N ASP E 568 -3.41 -15.12 9.16
CA ASP E 568 -4.84 -14.90 9.17
C ASP E 568 -5.50 -15.84 10.19
N LYS E 569 -6.63 -15.41 10.73
CA LYS E 569 -7.29 -16.21 11.76
C LYS E 569 -7.97 -17.45 11.18
N GLU E 570 -8.64 -17.28 10.04
CA GLU E 570 -9.40 -18.40 9.46
C GLU E 570 -8.50 -19.48 8.93
N TYR E 571 -7.38 -19.11 8.33
CA TYR E 571 -6.43 -20.10 7.85
C TYR E 571 -5.83 -20.88 9.02
N LYS E 572 -5.53 -20.17 10.13
CA LYS E 572 -5.01 -20.84 11.31
C LYS E 572 -6.01 -21.82 11.89
N GLU E 573 -7.29 -21.42 11.96
CA GLU E 573 -8.33 -22.31 12.46
C GLU E 573 -8.44 -23.57 11.60
N THR E 574 -8.44 -23.39 10.27
CA THR E 574 -8.60 -24.54 9.39
C THR E 574 -7.39 -25.46 9.43
N VAL E 575 -6.18 -24.89 9.51
CA VAL E 575 -4.97 -25.72 9.60
C VAL E 575 -4.97 -26.53 10.90
N PHE E 576 -5.35 -25.90 12.01
CA PHE E 576 -5.45 -26.64 13.26
C PHE E 576 -6.49 -27.74 13.17
N ALA E 577 -7.63 -27.47 12.53
CA ALA E 577 -8.67 -28.48 12.40
C ALA E 577 -8.18 -29.68 11.59
N ILE E 578 -7.44 -29.40 10.50
CA ILE E 578 -6.90 -30.48 9.67
C ILE E 578 -5.91 -31.32 10.47
N LEU E 579 -5.00 -30.67 11.21
CA LEU E 579 -4.02 -31.42 11.98
C LEU E 579 -4.66 -32.21 13.12
N LEU E 580 -5.71 -31.66 13.74
CA LEU E 580 -6.41 -32.37 14.81
C LEU E 580 -7.13 -33.59 14.27
N LEU E 581 -7.83 -33.45 13.14
CA LEU E 581 -8.45 -34.62 12.51
C LEU E 581 -7.41 -35.63 12.04
N ASP E 582 -6.21 -35.16 11.70
CA ASP E 582 -5.12 -36.07 11.40
C ASP E 582 -4.71 -36.88 12.63
N VAL E 583 -4.52 -36.20 13.76
CA VAL E 583 -4.06 -36.86 14.98
C VAL E 583 -5.09 -37.87 15.47
N ILE E 584 -6.37 -37.50 15.46
CA ILE E 584 -7.40 -38.44 15.86
C ILE E 584 -7.52 -39.58 14.84
N GLY E 585 -7.33 -39.28 13.55
CA GLY E 585 -7.36 -40.30 12.53
C GLY E 585 -8.64 -40.39 11.73
N LEU E 586 -9.56 -39.46 11.90
CA LEU E 586 -10.78 -39.46 11.12
C LEU E 586 -10.48 -39.04 9.68
N PRO E 587 -11.28 -39.47 8.71
CA PRO E 587 -11.08 -39.02 7.33
C PRO E 587 -11.33 -37.53 7.17
N LEU E 588 -10.59 -36.92 6.25
CA LEU E 588 -10.59 -35.47 6.08
C LEU E 588 -11.59 -35.06 4.99
N VAL E 589 -12.86 -35.28 5.28
CA VAL E 589 -13.94 -34.80 4.41
C VAL E 589 -14.10 -33.30 4.64
N ARG E 590 -14.59 -32.60 3.62
CA ARG E 590 -14.73 -31.15 3.73
C ARG E 590 -15.78 -30.77 4.75
N SER E 591 -16.90 -31.50 4.80
CA SER E 591 -17.98 -31.19 5.73
C SER E 591 -17.62 -31.52 7.17
N LEU E 592 -16.50 -32.22 7.41
CA LEU E 592 -16.00 -32.51 8.73
C LEU E 592 -14.87 -31.59 9.17
N ILE E 593 -14.00 -31.18 8.25
CA ILE E 593 -13.02 -30.15 8.53
C ILE E 593 -13.72 -28.81 8.78
N SER E 594 -14.78 -28.54 8.01
CA SER E 594 -15.48 -27.26 8.13
C SER E 594 -16.17 -27.11 9.48
N ASP E 595 -16.71 -28.21 10.03
CA ASP E 595 -17.43 -28.11 11.30
C ASP E 595 -16.47 -27.94 12.46
N VAL E 596 -15.33 -28.62 12.43
CA VAL E 596 -14.33 -28.44 13.49
C VAL E 596 -13.70 -27.07 13.40
N ALA E 597 -13.43 -26.58 12.19
CA ALA E 597 -12.77 -25.29 12.03
C ALA E 597 -13.69 -24.11 12.33
N VAL E 598 -14.99 -24.34 12.51
CA VAL E 598 -16.00 -23.35 12.87
C VAL E 598 -16.04 -22.22 11.84
N ASN E 599 -15.75 -22.53 10.58
CA ASN E 599 -15.93 -21.57 9.49
C ASN E 599 -16.01 -22.36 8.18
N GLU E 600 -16.05 -21.64 7.06
CA GLU E 600 -16.17 -22.23 5.74
C GLU E 600 -15.10 -21.69 4.81
N LYS E 601 -13.86 -21.68 5.30
CA LYS E 601 -12.71 -21.30 4.50
C LYS E 601 -12.07 -22.48 3.78
N ILE E 602 -12.40 -23.72 4.19
CA ILE E 602 -11.91 -24.89 3.47
C ILE E 602 -12.56 -24.96 2.10
N TYR E 603 -13.82 -24.56 1.99
CA TYR E 603 -14.52 -24.57 0.72
C TYR E 603 -14.01 -23.51 -0.24
N SER E 604 -13.21 -22.58 0.24
CA SER E 604 -12.72 -21.50 -0.60
C SER E 604 -11.74 -21.99 -1.64
N ALA E 605 -11.70 -21.32 -2.79
CA ALA E 605 -10.74 -21.68 -3.81
C ALA E 605 -9.36 -21.07 -3.57
N GLU E 606 -9.25 -20.10 -2.66
CA GLU E 606 -7.97 -19.48 -2.36
C GLU E 606 -7.25 -20.12 -1.19
N PHE E 607 -7.88 -21.10 -0.53
CA PHE E 607 -7.25 -21.71 0.65
C PHE E 607 -6.07 -22.58 0.25
N THR E 608 -6.16 -23.27 -0.88
CA THR E 608 -5.13 -24.21 -1.31
C THR E 608 -4.14 -23.60 -2.29
N GLU E 609 -4.13 -22.28 -2.43
CA GLU E 609 -3.17 -21.60 -3.30
C GLU E 609 -2.16 -20.80 -2.50
N ASN E 610 -2.20 -20.87 -1.18
CA ASN E 610 -1.29 -20.12 -0.34
C ASN E 610 0.09 -20.74 -0.38
N GLU E 611 1.10 -19.96 0.02
CA GLU E 611 2.45 -20.50 0.14
C GLU E 611 2.52 -21.57 1.21
N GLY E 612 2.04 -21.26 2.42
CA GLY E 612 2.15 -22.19 3.52
C GLY E 612 1.30 -23.43 3.34
N VAL E 613 0.06 -23.25 2.89
CA VAL E 613 -0.85 -24.39 2.76
C VAL E 613 -0.39 -25.37 1.69
N LYS E 614 0.30 -24.87 0.66
CA LYS E 614 0.87 -25.76 -0.35
C LYS E 614 2.26 -26.27 -0.01
N ASN E 615 2.97 -25.64 0.91
CA ASN E 615 4.30 -26.08 1.27
C ASN E 615 4.35 -27.00 2.48
N LEU E 616 3.30 -27.01 3.31
CA LEU E 616 3.25 -27.91 4.45
C LEU E 616 2.45 -29.18 4.20
N PHE E 617 1.46 -29.13 3.32
CA PHE E 617 0.60 -30.26 3.02
C PHE E 617 0.81 -30.71 1.58
N ILE E 618 0.10 -31.75 1.18
CA ILE E 618 0.03 -32.15 -0.22
C ILE E 618 -1.39 -31.89 -0.72
N ILE E 619 -1.50 -31.39 -1.94
CA ILE E 619 -2.78 -31.10 -2.56
C ILE E 619 -2.94 -32.01 -3.76
N SER E 620 -4.01 -32.80 -3.73
CA SER E 620 -4.29 -33.75 -4.79
C SER E 620 -5.68 -33.51 -5.32
N ASN E 621 -5.79 -32.80 -6.43
CA ASN E 621 -7.08 -32.50 -7.06
C ASN E 621 -8.03 -31.77 -6.12
N GLY E 622 -7.47 -30.93 -5.23
CA GLY E 622 -8.23 -30.16 -4.28
C GLY E 622 -8.30 -30.78 -2.89
N MET E 623 -8.19 -32.10 -2.80
CA MET E 623 -8.19 -32.77 -1.52
C MET E 623 -6.90 -32.43 -0.75
N VAL E 624 -7.03 -32.37 0.57
CA VAL E 624 -5.91 -31.99 1.44
C VAL E 624 -5.56 -33.17 2.33
N LYS E 625 -4.29 -33.58 2.30
CA LYS E 625 -3.76 -34.56 3.23
C LYS E 625 -2.35 -34.14 3.62
N THR E 626 -1.84 -34.76 4.68
CA THR E 626 -0.59 -34.35 5.28
C THR E 626 0.60 -34.93 4.51
N LYS E 627 1.80 -34.53 4.92
CA LYS E 627 3.03 -35.14 4.39
C LYS E 627 3.44 -36.34 5.23
N SER E 628 3.69 -36.13 6.51
CA SER E 628 4.06 -37.23 7.41
C SER E 628 3.71 -36.82 8.84
N SER E 629 3.62 -37.82 9.71
CA SER E 629 3.30 -37.56 11.10
C SER E 629 4.42 -36.80 11.80
N THR E 630 5.66 -36.99 11.34
CA THR E 630 6.80 -36.29 11.94
C THR E 630 6.79 -34.80 11.67
N LEU E 631 5.95 -34.32 10.75
CA LEU E 631 5.76 -32.90 10.55
C LEU E 631 4.52 -32.38 11.28
N SER E 632 3.43 -33.15 11.27
CA SER E 632 2.23 -32.73 11.99
C SER E 632 2.48 -32.63 13.48
N ARG E 633 3.19 -33.62 14.05
CA ARG E 633 3.49 -33.59 15.47
C ARG E 633 4.42 -32.45 15.83
N PHE E 634 5.41 -32.17 14.98
CA PHE E 634 6.31 -31.05 15.23
C PHE E 634 5.56 -29.72 15.13
N LEU E 635 4.67 -29.58 14.15
CA LEU E 635 3.90 -28.34 14.04
C LEU E 635 3.02 -28.13 15.26
N ILE E 636 2.34 -29.19 15.71
CA ILE E 636 1.46 -29.08 16.87
C ILE E 636 2.26 -28.73 18.13
N ALA E 637 3.43 -29.35 18.30
CA ALA E 637 4.19 -29.14 19.50
C ALA E 637 5.09 -27.89 19.46
N ASN E 638 5.25 -27.24 18.31
CA ASN E 638 6.22 -26.16 18.29
C ASN E 638 5.74 -24.87 17.63
N ILE E 639 4.79 -24.94 16.71
CA ILE E 639 4.27 -23.74 16.06
C ILE E 639 2.98 -23.27 16.73
N PHE E 640 2.00 -24.16 16.85
CA PHE E 640 0.82 -23.89 17.65
C PHE E 640 1.21 -24.03 19.12
N GLU E 641 1.31 -22.92 19.83
CA GLU E 641 1.69 -22.99 21.24
C GLU E 641 0.56 -23.61 22.06
N HIS E 642 0.92 -24.04 23.28
CA HIS E 642 -0.05 -24.71 24.14
C HIS E 642 -1.18 -23.78 24.55
N LYS E 643 -0.87 -22.50 24.77
CA LYS E 643 -1.86 -21.51 25.14
C LYS E 643 -2.82 -21.19 24.00
N TYR E 644 -2.52 -21.59 22.78
CA TYR E 644 -3.51 -21.55 21.72
C TYR E 644 -4.23 -22.88 21.59
N VAL E 645 -3.52 -23.99 21.83
CA VAL E 645 -4.08 -25.32 21.62
C VAL E 645 -5.23 -25.57 22.59
N VAL E 646 -5.04 -25.28 23.88
CA VAL E 646 -6.08 -25.60 24.85
C VAL E 646 -7.30 -24.70 24.66
N ASN E 647 -7.09 -23.42 24.33
CA ASN E 647 -8.21 -22.52 24.12
C ASN E 647 -9.01 -22.90 22.88
N GLN E 648 -8.32 -23.21 21.78
CA GLN E 648 -9.05 -23.64 20.58
C GLN E 648 -9.72 -24.99 20.78
N LEU E 649 -9.11 -25.87 21.57
CA LEU E 649 -9.75 -27.14 21.88
C LEU E 649 -11.04 -26.97 22.66
N LEU E 650 -11.03 -26.05 23.64
CA LEU E 650 -12.26 -25.77 24.38
C LEU E 650 -13.31 -25.15 23.49
N LYS E 651 -12.90 -24.25 22.60
CA LYS E 651 -13.85 -23.63 21.67
C LYS E 651 -14.51 -24.66 20.78
N VAL E 652 -13.70 -25.56 20.19
CA VAL E 652 -14.27 -26.54 19.26
C VAL E 652 -15.07 -27.60 20.00
N ILE E 653 -14.69 -27.97 21.23
CA ILE E 653 -15.46 -28.97 21.95
C ILE E 653 -16.76 -28.38 22.49
N GLU E 654 -16.83 -27.06 22.65
CA GLU E 654 -18.13 -26.44 22.93
C GLU E 654 -18.98 -26.38 21.67
N HIS E 655 -18.39 -25.98 20.54
CA HIS E 655 -19.15 -25.83 19.31
C HIS E 655 -19.72 -27.15 18.83
N LEU E 656 -18.93 -28.23 18.90
CA LEU E 656 -19.42 -29.54 18.49
C LEU E 656 -20.57 -30.02 19.36
N TYR E 657 -20.50 -29.80 20.66
CA TYR E 657 -21.60 -30.21 21.53
C TYR E 657 -22.85 -29.36 21.30
N VAL E 658 -22.68 -28.08 20.95
CA VAL E 658 -23.86 -27.26 20.62
C VAL E 658 -24.52 -27.77 19.35
N ILE E 659 -23.72 -28.07 18.31
CA ILE E 659 -24.31 -28.47 17.04
C ILE E 659 -24.70 -29.94 16.98
N ASN E 660 -24.29 -30.75 17.96
CA ASN E 660 -24.68 -32.15 17.95
C ASN E 660 -26.13 -32.34 18.34
N LYS E 661 -26.69 -31.46 19.16
CA LYS E 661 -28.01 -31.69 19.74
C LYS E 661 -29.14 -31.59 18.72
N ASP E 662 -28.87 -31.12 17.51
CA ASP E 662 -29.88 -31.04 16.46
C ASP E 662 -29.72 -32.12 15.40
N ALA E 663 -28.53 -32.26 14.84
CA ALA E 663 -28.30 -33.27 13.80
C ALA E 663 -28.22 -34.68 14.37
N LYS E 664 -27.71 -34.83 15.59
CA LYS E 664 -27.50 -36.12 16.25
C LYS E 664 -26.63 -37.05 15.41
N ASP E 665 -25.62 -36.47 14.77
CA ASP E 665 -24.72 -37.25 13.92
C ASP E 665 -23.76 -38.06 14.78
N HIS E 666 -23.55 -39.32 14.37
CA HIS E 666 -22.77 -40.23 15.20
C HIS E 666 -21.26 -39.96 15.13
N ARG E 667 -20.78 -39.45 13.99
CA ARG E 667 -19.36 -39.07 13.91
C ARG E 667 -19.04 -37.97 14.89
N LEU E 668 -19.94 -37.01 15.06
CA LEU E 668 -19.72 -35.92 16.01
C LEU E 668 -19.71 -36.44 17.44
N GLN E 669 -20.58 -37.39 17.76
CA GLN E 669 -20.58 -37.98 19.10
C GLN E 669 -19.29 -38.74 19.36
N THR E 670 -18.82 -39.51 18.37
CA THR E 670 -17.55 -40.22 18.53
C THR E 670 -16.38 -39.25 18.66
N LEU E 671 -16.40 -38.16 17.88
CA LEU E 671 -15.35 -37.15 18.00
C LEU E 671 -15.35 -36.51 19.38
N ILE E 672 -16.52 -36.23 19.93
CA ILE E 672 -16.59 -35.63 21.27
C ILE E 672 -16.11 -36.63 22.33
N THR E 673 -16.52 -37.89 22.23
CA THR E 673 -16.10 -38.86 23.23
C THR E 673 -14.65 -39.33 23.05
N SER E 674 -14.01 -39.02 21.93
CA SER E 674 -12.60 -39.34 21.76
C SER E 674 -11.68 -38.16 22.02
N LEU E 675 -12.16 -36.94 21.78
CA LEU E 675 -11.37 -35.75 22.10
C LEU E 675 -11.15 -35.61 23.60
N LEU E 676 -11.99 -36.24 24.41
CA LEU E 676 -11.91 -36.11 25.85
C LEU E 676 -10.94 -37.10 26.48
N ARG E 677 -10.51 -38.10 25.74
CA ARG E 677 -9.60 -39.09 26.30
C ARG E 677 -8.24 -38.49 26.56
N PHE E 678 -7.50 -39.02 27.53
CA PHE E 678 -6.21 -38.44 27.88
C PHE E 678 -5.12 -38.75 26.87
N SER E 679 -5.22 -39.85 26.13
CA SER E 679 -4.19 -40.17 25.14
C SER E 679 -4.08 -39.08 24.07
N ILE E 680 -5.22 -38.61 23.58
CA ILE E 680 -5.22 -37.55 22.58
C ILE E 680 -4.66 -36.26 23.16
N ILE E 681 -5.02 -35.94 24.41
CA ILE E 681 -4.58 -34.69 25.02
C ILE E 681 -3.08 -34.71 25.26
N GLU E 682 -2.54 -35.84 25.73
CA GLU E 682 -1.09 -35.91 25.90
C GLU E 682 -0.37 -35.97 24.55
N LYS E 683 -1.06 -36.40 23.49
CA LYS E 683 -0.48 -36.24 22.17
C LYS E 683 -0.54 -34.79 21.68
N LEU E 684 -1.45 -33.99 22.22
CA LEU E 684 -1.61 -32.59 21.84
C LEU E 684 -0.88 -31.62 22.77
N LEU E 685 -0.92 -31.87 24.08
CA LEU E 685 -0.31 -30.99 25.09
C LEU E 685 0.64 -31.82 25.94
N PRO E 686 1.84 -32.13 25.42
CA PRO E 686 2.74 -33.00 26.18
C PRO E 686 3.35 -32.29 27.37
N GLN E 687 3.45 -33.04 28.48
CA GLN E 687 4.06 -32.62 29.75
C GLN E 687 3.65 -31.21 30.20
N ARG E 688 2.38 -30.91 30.01
CA ARG E 688 1.80 -29.63 30.41
C ARG E 688 0.75 -29.90 31.50
N ARG E 689 1.20 -29.91 32.75
CA ARG E 689 0.30 -30.23 33.87
C ARG E 689 -0.80 -29.19 34.02
N VAL E 690 -0.41 -27.93 34.04
CA VAL E 690 -1.37 -26.87 34.26
C VAL E 690 -2.44 -26.81 33.17
N GLU E 691 -2.02 -26.87 31.92
CA GLU E 691 -2.97 -26.78 30.82
C GLU E 691 -3.91 -27.98 30.79
N ILE E 692 -3.39 -29.17 31.08
CA ILE E 692 -4.24 -30.36 31.12
C ILE E 692 -5.26 -30.25 32.24
N ASN E 693 -4.82 -29.79 33.42
CA ASN E 693 -5.74 -29.63 34.55
C ASN E 693 -6.80 -28.58 34.25
N TYR E 694 -6.43 -27.47 33.62
CA TYR E 694 -7.42 -26.47 33.25
C TYR E 694 -8.42 -27.02 32.26
N PHE E 695 -7.96 -27.77 31.25
CA PHE E 695 -8.87 -28.35 30.28
C PHE E 695 -9.84 -29.30 30.95
N TYR E 696 -9.34 -30.17 31.83
CA TYR E 696 -10.19 -31.19 32.41
C TYR E 696 -11.13 -30.63 33.48
N GLU E 697 -10.75 -29.55 34.16
CA GLU E 697 -11.66 -28.92 35.10
C GLU E 697 -12.62 -27.95 34.43
N LYS E 698 -12.36 -27.57 33.18
CA LYS E 698 -13.29 -26.72 32.45
C LYS E 698 -14.30 -27.52 31.63
N VAL E 699 -13.91 -28.71 31.16
CA VAL E 699 -14.80 -29.49 30.30
C VAL E 699 -16.04 -29.95 31.07
N LYS E 700 -15.92 -30.22 32.37
CA LYS E 700 -17.09 -30.57 33.18
C LYS E 700 -18.03 -29.40 33.38
N HIS E 701 -17.58 -28.17 33.15
CA HIS E 701 -18.48 -27.03 33.14
C HIS E 701 -19.02 -26.73 31.75
N ILE E 702 -18.28 -27.12 30.71
CA ILE E 702 -18.78 -26.96 29.34
C ILE E 702 -20.01 -27.83 29.12
N ILE E 703 -19.94 -29.09 29.56
CA ILE E 703 -21.03 -30.03 29.42
C ILE E 703 -21.42 -30.48 30.83
N PRO E 704 -22.71 -30.43 31.20
CA PRO E 704 -23.10 -30.81 32.56
C PRO E 704 -23.33 -32.30 32.76
N ASN E 705 -23.13 -33.12 31.74
CA ASN E 705 -23.50 -34.53 31.82
C ASN E 705 -22.34 -35.46 32.14
N LEU E 706 -21.11 -34.95 32.21
CA LEU E 706 -19.98 -35.85 32.45
C LEU E 706 -19.81 -36.22 33.91
N ILE E 707 -20.33 -35.42 34.85
CA ILE E 707 -20.18 -35.72 36.27
C ILE E 707 -20.87 -37.04 36.60
N ASN E 708 -21.97 -37.33 35.92
CA ASN E 708 -22.64 -38.61 36.08
C ASN E 708 -22.01 -39.72 35.23
N ASP E 709 -21.04 -39.38 34.39
CA ASP E 709 -20.39 -40.36 33.54
C ASP E 709 -19.09 -40.81 34.21
N PRO E 710 -18.97 -42.08 34.60
CA PRO E 710 -17.71 -42.52 35.24
C PRO E 710 -16.51 -42.50 34.31
N HIS E 711 -16.71 -42.52 32.99
CA HIS E 711 -15.58 -42.55 32.07
C HIS E 711 -14.78 -41.25 32.12
N PHE E 712 -15.47 -40.13 32.31
CA PHE E 712 -14.76 -38.86 32.49
C PHE E 712 -13.81 -38.98 33.67
N TRP E 713 -14.30 -39.46 34.81
CA TRP E 713 -13.46 -39.50 36.00
C TRP E 713 -12.37 -40.55 35.88
N VAL E 714 -12.60 -41.57 35.06
CA VAL E 714 -11.53 -42.53 34.84
C VAL E 714 -10.41 -41.77 34.15
N GLN E 715 -10.74 -41.03 33.09
CA GLN E 715 -9.74 -40.26 32.36
C GLN E 715 -9.13 -39.18 33.25
N TYR E 716 -9.96 -38.47 33.97
CA TYR E 716 -9.47 -37.43 34.85
C TYR E 716 -8.39 -38.02 35.71
N ALA E 717 -8.65 -39.21 36.24
CA ALA E 717 -7.65 -39.88 37.07
C ALA E 717 -6.42 -40.20 36.25
N MET E 718 -6.61 -40.98 35.20
CA MET E 718 -5.50 -41.36 34.33
C MET E 718 -4.58 -40.18 34.08
N SER E 719 -5.13 -38.96 34.13
CA SER E 719 -4.34 -37.77 33.85
C SER E 719 -3.24 -37.57 34.90
N MET E 720 -3.54 -37.88 36.15
CA MET E 720 -2.62 -37.62 37.25
C MET E 720 -1.64 -38.77 37.50
N ILE E 721 -1.77 -39.89 36.77
CA ILE E 721 -0.85 -41.01 36.99
C ILE E 721 0.60 -40.68 36.65
N PRO E 722 0.94 -40.09 35.49
CA PRO E 722 2.35 -39.77 35.24
C PRO E 722 2.84 -38.52 35.95
N PHE E 723 2.00 -37.88 36.77
CA PHE E 723 2.35 -36.64 37.44
C PHE E 723 2.51 -36.82 38.94
N LYS E 724 2.64 -38.06 39.39
CA LYS E 724 2.93 -38.46 40.77
C LYS E 724 1.87 -38.02 41.77
N ASP E 725 0.63 -37.76 41.31
CA ASP E 725 -0.44 -37.34 42.21
C ASP E 725 -1.37 -38.52 42.43
N TYR E 726 -1.02 -39.37 43.38
CA TYR E 726 -1.75 -40.60 43.65
C TYR E 726 -3.04 -40.43 44.47
N PRO E 727 -3.05 -39.70 45.60
CA PRO E 727 -4.32 -39.61 46.36
C PRO E 727 -5.46 -38.95 45.60
N SER E 728 -5.17 -37.94 44.78
CA SER E 728 -6.20 -37.33 43.96
C SER E 728 -6.76 -38.32 42.95
N ALA E 729 -5.88 -39.09 42.30
CA ALA E 729 -6.33 -40.10 41.36
C ALA E 729 -7.13 -41.19 42.04
N ASP E 730 -6.76 -41.55 43.27
CA ASP E 730 -7.53 -42.52 44.04
C ASP E 730 -8.92 -41.99 44.35
N ARG E 731 -9.01 -40.71 44.73
CA ARG E 731 -10.33 -40.12 44.97
C ARG E 731 -11.17 -40.06 43.71
N TYR E 732 -10.54 -39.74 42.58
CA TYR E 732 -11.27 -39.73 41.30
C TYR E 732 -11.77 -41.12 40.94
N LEU E 733 -10.94 -42.14 41.15
CA LEU E 733 -11.37 -43.51 40.88
C LEU E 733 -12.46 -43.96 41.84
N ALA E 734 -12.43 -43.48 43.09
CA ALA E 734 -13.49 -43.78 44.04
C ALA E 734 -14.81 -43.15 43.60
N THR E 735 -14.77 -41.91 43.12
CA THR E 735 -15.97 -41.28 42.59
C THR E 735 -16.49 -42.02 41.36
N ALA E 736 -15.57 -42.48 40.51
CA ALA E 736 -15.96 -43.28 39.35
C ALA E 736 -16.63 -44.59 39.78
N TYR E 737 -16.09 -45.24 40.81
CA TYR E 737 -16.68 -46.46 41.32
C TYR E 737 -18.08 -46.20 41.89
N SER E 738 -18.23 -45.10 42.63
CA SER E 738 -19.53 -44.78 43.22
C SER E 738 -20.57 -44.49 42.15
N LEU E 739 -20.16 -43.79 41.09
CA LEU E 739 -21.10 -43.54 39.99
C LEU E 739 -21.41 -44.81 39.21
N ALA E 740 -20.42 -45.70 39.06
CA ALA E 740 -20.65 -46.95 38.33
C ALA E 740 -21.50 -47.93 39.13
N ALA E 741 -21.53 -47.79 40.46
CA ALA E 741 -22.33 -48.70 41.28
C ALA E 741 -23.82 -48.54 41.01
N ARG E 742 -24.29 -47.31 40.82
CA ARG E 742 -25.70 -47.04 40.61
C ARG E 742 -26.18 -47.37 39.19
N LYS E 743 -25.26 -47.63 38.26
CA LYS E 743 -25.62 -47.93 36.88
C LYS E 743 -25.85 -49.43 36.73
N ASP E 744 -27.01 -49.79 36.19
CA ASP E 744 -27.37 -51.19 36.01
C ASP E 744 -26.64 -51.79 34.83
N ASN E 745 -26.04 -52.97 35.05
CA ASN E 745 -25.35 -53.75 34.01
C ASN E 745 -24.24 -52.93 33.34
N TYR E 746 -23.51 -52.17 34.14
CA TYR E 746 -22.43 -51.33 33.63
C TYR E 746 -21.12 -52.10 33.63
N HIS E 747 -20.36 -52.00 32.55
CA HIS E 747 -19.04 -52.61 32.52
C HIS E 747 -18.08 -51.72 33.30
N THR E 748 -17.59 -52.21 34.42
CA THR E 748 -16.70 -51.40 35.26
C THR E 748 -15.27 -51.93 35.20
N LYS E 749 -15.03 -52.94 34.38
CA LYS E 749 -13.69 -53.55 34.34
C LYS E 749 -12.59 -52.53 34.07
N ASN E 750 -12.82 -51.62 33.12
CA ASN E 750 -11.79 -50.61 32.85
C ASN E 750 -11.46 -49.80 34.10
N ILE E 751 -12.48 -49.46 34.90
CA ILE E 751 -12.21 -48.80 36.18
C ILE E 751 -11.43 -49.74 37.09
N ASP E 752 -11.73 -51.04 37.03
CA ASP E 752 -10.97 -52.02 37.80
C ASP E 752 -9.52 -52.08 37.35
N THR E 753 -9.29 -52.00 36.04
CA THR E 753 -7.92 -52.00 35.51
C THR E 753 -7.17 -50.75 35.97
N GLN E 754 -7.83 -49.59 35.96
CA GLN E 754 -7.18 -48.37 36.41
C GLN E 754 -6.90 -48.42 37.91
N ARG E 755 -7.82 -48.98 38.69
CA ARG E 755 -7.59 -49.13 40.13
C ARG E 755 -6.43 -50.09 40.40
N ALA E 756 -6.33 -51.17 39.62
CA ALA E 756 -5.21 -52.09 39.75
C ALA E 756 -3.90 -51.41 39.38
N ARG E 757 -3.91 -50.56 38.35
CA ARG E 757 -2.72 -49.80 37.98
C ARG E 757 -2.30 -48.86 39.10
N LEU E 758 -3.28 -48.19 39.73
CA LEU E 758 -2.98 -47.31 40.85
C LEU E 758 -2.41 -48.11 42.03
N HIS E 759 -2.97 -49.29 42.30
CA HIS E 759 -2.48 -50.12 43.39
C HIS E 759 -1.06 -50.60 43.11
N LEU E 760 -0.77 -50.97 41.86
CA LEU E 760 0.60 -51.37 41.50
C LEU E 760 1.57 -50.21 41.65
N LEU E 761 1.15 -49.00 41.26
CA LEU E 761 2.03 -47.84 41.40
C LEU E 761 2.31 -47.52 42.86
N VAL E 762 1.27 -47.54 43.71
CA VAL E 762 1.51 -47.24 45.12
C VAL E 762 2.23 -48.38 45.82
N SER E 763 2.18 -49.60 45.27
CA SER E 763 3.03 -50.68 45.78
C SER E 763 4.48 -50.47 45.36
N LEU E 764 4.68 -49.91 44.16
CA LEU E 764 6.03 -49.53 43.75
C LEU E 764 6.61 -48.46 44.66
N THR E 765 5.78 -47.48 45.04
CA THR E 765 6.26 -46.40 45.91
C THR E 765 6.48 -46.85 47.35
N LYS E 766 5.94 -47.99 47.75
CA LYS E 766 6.03 -48.46 49.13
C LYS E 766 6.90 -49.70 49.23
N THR E 767 7.29 -50.02 50.47
CA THR E 767 8.09 -51.20 50.77
C THR E 767 7.52 -51.88 52.00
N GLY E 768 7.73 -53.19 52.08
CA GLY E 768 7.34 -53.94 53.26
C GLY E 768 5.91 -54.46 53.23
N ASN E 769 5.24 -54.39 54.40
CA ASN E 769 3.91 -54.98 54.52
C ASN E 769 2.86 -54.18 53.74
N GLU E 770 3.01 -52.86 53.70
CA GLU E 770 2.08 -52.03 52.92
C GLU E 770 2.19 -52.33 51.44
N ALA E 771 3.40 -52.55 50.95
CA ALA E 771 3.58 -52.95 49.56
C ALA E 771 2.93 -54.31 49.29
N TYR E 772 3.01 -55.23 50.25
CA TYR E 772 2.35 -56.52 50.11
C TYR E 772 0.84 -56.36 50.07
N LEU E 773 0.29 -55.49 50.92
CA LEU E 773 -1.15 -55.26 50.93
C LEU E 773 -1.63 -54.66 49.62
N GLU E 774 -0.89 -53.67 49.09
CA GLU E 774 -1.27 -53.10 47.80
C GLU E 774 -1.09 -54.09 46.67
N PHE E 775 -0.07 -54.95 46.73
CA PHE E 775 0.10 -55.98 45.73
C PHE E 775 -1.06 -56.97 45.74
N GLU E 776 -1.52 -57.35 46.93
CA GLU E 776 -2.67 -58.24 47.02
C GLU E 776 -3.94 -57.56 46.52
N ALA E 777 -4.11 -56.27 46.83
CA ALA E 777 -5.27 -55.53 46.36
C ALA E 777 -5.27 -55.38 44.84
N GLY E 778 -4.09 -55.31 44.23
CA GLY E 778 -4.02 -55.36 42.78
C GLY E 778 -4.16 -56.75 42.21
N ASP E 779 -3.70 -57.76 42.94
CA ASP E 779 -3.69 -59.12 42.42
C ASP E 779 -5.08 -59.72 42.38
N ASN E 780 -5.89 -59.49 43.42
CA ASN E 780 -7.27 -59.98 43.39
C ASN E 780 -8.05 -59.30 42.27
N LEU E 781 -7.84 -58.00 42.08
CA LEU E 781 -8.52 -57.27 41.02
C LEU E 781 -8.10 -57.78 39.64
N ILE E 782 -6.81 -58.03 39.43
CA ILE E 782 -6.38 -58.56 38.15
C ILE E 782 -6.79 -60.02 37.99
N ARG E 783 -7.08 -60.71 39.10
CA ARG E 783 -7.63 -62.06 39.00
C ARG E 783 -9.08 -62.04 38.53
N ILE E 784 -9.88 -61.10 39.04
CA ILE E 784 -11.25 -60.99 38.55
C ILE E 784 -11.35 -60.31 37.19
N ILE E 785 -10.28 -59.68 36.73
CA ILE E 785 -10.28 -59.09 35.39
C ILE E 785 -10.04 -60.19 34.36
N PRO E 786 -10.90 -60.32 33.35
CA PRO E 786 -10.67 -61.32 32.31
C PRO E 786 -9.45 -60.99 31.46
N ASN E 787 -8.92 -62.01 30.79
CA ASN E 787 -7.74 -61.86 29.96
C ASN E 787 -8.08 -61.06 28.72
N ASP E 788 -7.75 -59.77 28.74
CA ASP E 788 -7.99 -58.87 27.62
C ASP E 788 -6.69 -58.10 27.33
N ILE E 789 -6.76 -57.22 26.33
CA ILE E 789 -5.57 -56.54 25.83
C ILE E 789 -4.97 -55.63 26.89
N TYR E 790 -5.81 -54.99 27.71
CA TYR E 790 -5.29 -54.10 28.75
C TYR E 790 -4.70 -54.87 29.93
N LYS E 791 -5.05 -56.15 30.09
CA LYS E 791 -4.52 -56.92 31.21
C LYS E 791 -3.03 -57.20 31.02
N TYR E 792 -2.60 -57.46 29.79
CA TYR E 792 -1.20 -57.80 29.54
C TYR E 792 -0.28 -56.60 29.68
N ARG E 793 -0.82 -55.39 29.76
CA ARG E 793 0.00 -54.19 29.93
C ARG E 793 0.55 -54.13 31.33
N GLN E 794 -0.19 -54.66 32.30
CA GLN E 794 0.19 -54.60 33.70
C GLN E 794 1.22 -55.66 34.08
N VAL E 795 1.54 -56.57 33.17
CA VAL E 795 2.50 -57.63 33.47
C VAL E 795 3.90 -57.06 33.65
N LEU E 796 4.23 -55.99 32.92
CA LEU E 796 5.58 -55.42 32.96
C LEU E 796 5.94 -54.85 34.32
N ARG E 797 4.94 -54.51 35.14
CA ARG E 797 5.23 -53.91 36.44
C ARG E 797 5.73 -54.95 37.46
N TYR E 798 5.33 -56.21 37.30
CA TYR E 798 5.84 -57.25 38.19
C TYR E 798 7.33 -57.48 38.01
N ARG E 799 7.85 -57.25 36.81
CA ARG E 799 9.29 -57.34 36.60
C ARG E 799 10.04 -56.30 37.42
N ASP E 800 9.55 -55.05 37.43
CA ASP E 800 10.16 -54.02 38.26
C ASP E 800 9.95 -54.29 39.74
N ILE E 801 8.81 -54.90 40.09
CA ILE E 801 8.57 -55.30 41.48
C ILE E 801 9.61 -56.31 41.93
N TYR E 802 9.90 -57.31 41.08
CA TYR E 802 10.93 -58.29 41.41
C TYR E 802 12.32 -57.67 41.40
N GLU E 803 12.54 -56.65 40.56
CA GLU E 803 13.87 -56.05 40.46
C GLU E 803 14.18 -55.14 41.64
N LYS E 804 13.19 -54.43 42.17
CA LYS E 804 13.43 -53.37 43.15
C LYS E 804 12.94 -53.72 44.55
N VAL E 805 11.66 -54.07 44.70
CA VAL E 805 11.04 -54.17 46.02
C VAL E 805 11.01 -55.61 46.54
N TYR E 806 11.41 -56.58 45.72
CA TYR E 806 11.32 -57.99 46.11
C TYR E 806 12.14 -58.35 47.37
N PRO E 807 13.40 -57.92 47.54
CA PRO E 807 14.13 -58.32 48.76
C PRO E 807 13.55 -57.77 50.05
N THR E 808 12.73 -56.71 49.99
CA THR E 808 12.17 -56.12 51.20
C THR E 808 11.09 -56.99 51.83
N PHE E 809 10.64 -58.03 51.15
CA PHE E 809 9.55 -58.86 51.64
C PHE E 809 10.07 -60.07 52.41
N ASN E 810 9.17 -60.69 53.18
CA ASN E 810 9.50 -61.90 53.92
C ASN E 810 9.21 -63.13 53.06
N ALA E 811 9.37 -64.31 53.67
CA ALA E 811 9.25 -65.55 52.92
C ALA E 811 7.81 -65.83 52.49
N LYS E 812 6.85 -65.56 53.38
CA LYS E 812 5.45 -65.83 53.05
C LYS E 812 4.97 -64.96 51.89
N GLN E 813 5.30 -63.68 51.92
CA GLN E 813 4.94 -62.79 50.82
C GLN E 813 5.65 -63.19 49.53
N LYS E 814 6.91 -63.64 49.62
CA LYS E 814 7.63 -64.08 48.45
C LYS E 814 6.98 -65.31 47.82
N VAL E 815 6.52 -66.25 48.65
CA VAL E 815 5.80 -67.42 48.14
C VAL E 815 4.47 -66.99 47.54
N PHE E 816 3.82 -65.98 48.13
CA PHE E 816 2.57 -65.45 47.59
C PHE E 816 2.78 -64.91 46.18
N TYR E 817 3.83 -64.09 45.99
CA TYR E 817 4.12 -63.57 44.66
C TYR E 817 4.59 -64.67 43.72
N GLU E 818 5.20 -65.69 44.29
CA GLU E 818 5.67 -66.80 43.48
C GLU E 818 4.50 -67.54 42.84
N HIS E 819 3.52 -67.92 43.65
CA HIS E 819 2.36 -68.62 43.09
C HIS E 819 1.50 -67.67 42.26
N ALA E 820 1.50 -66.37 42.58
CA ALA E 820 0.79 -65.41 41.75
C ALA E 820 1.39 -65.33 40.35
N ILE E 821 2.72 -65.26 40.25
CA ILE E 821 3.35 -65.17 38.93
C ILE E 821 3.26 -66.52 38.20
N LYS E 822 3.22 -67.63 38.94
CA LYS E 822 2.96 -68.92 38.29
C LYS E 822 1.55 -68.95 37.69
N ARG E 823 0.56 -68.43 38.43
CA ARG E 823 -0.80 -68.37 37.91
C ARG E 823 -0.88 -67.44 36.70
N ILE E 824 -0.15 -66.33 36.74
CA ILE E 824 -0.13 -65.41 35.61
C ILE E 824 0.49 -66.08 34.38
N ILE E 825 1.58 -66.82 34.58
CA ILE E 825 2.22 -67.54 33.48
C ILE E 825 1.27 -68.59 32.91
N LYS E 826 0.58 -69.33 33.78
CA LYS E 826 -0.38 -70.34 33.32
C LYS E 826 -1.52 -69.71 32.53
N GLU E 827 -2.03 -68.56 32.99
CA GLU E 827 -3.06 -67.86 32.25
C GLU E 827 -2.54 -67.29 30.94
N SER E 828 -1.24 -67.00 30.85
CA SER E 828 -0.67 -66.46 29.63
C SER E 828 -0.63 -67.49 28.49
N GLU E 829 -0.39 -68.76 28.81
CA GLU E 829 -0.27 -69.80 27.81
C GLU E 829 -1.61 -70.40 27.40
N SER E 830 -2.71 -69.81 27.86
CA SER E 830 -4.03 -70.33 27.51
C SER E 830 -4.31 -70.13 26.01
N PRO E 831 -5.01 -71.08 25.38
CA PRO E 831 -5.26 -70.97 23.93
C PRO E 831 -6.30 -69.92 23.56
N GLU E 832 -6.89 -69.23 24.52
CA GLU E 832 -7.84 -68.16 24.20
C GLU E 832 -7.15 -67.01 23.48
N LEU E 833 -5.91 -66.71 23.86
CA LEU E 833 -5.16 -65.65 23.20
C LEU E 833 -4.83 -66.00 21.76
N VAL E 834 -4.53 -67.28 21.48
CA VAL E 834 -3.99 -67.68 20.18
C VAL E 834 -5.00 -67.40 19.06
N GLU E 835 -6.30 -67.51 19.38
CA GLU E 835 -7.33 -67.25 18.38
C GLU E 835 -7.63 -65.76 18.21
N ASP E 836 -7.02 -64.89 19.01
CA ASP E 836 -7.28 -63.46 18.92
C ASP E 836 -6.32 -62.79 17.93
N LEU E 837 -6.84 -61.81 17.20
CA LEU E 837 -6.02 -61.12 16.20
C LEU E 837 -5.07 -60.13 16.83
N THR E 838 -5.48 -59.48 17.92
CA THR E 838 -4.60 -58.54 18.61
C THR E 838 -3.38 -59.24 19.18
N TYR E 839 -3.57 -60.46 19.68
CA TYR E 839 -2.44 -61.32 20.05
C TYR E 839 -1.58 -61.65 18.84
N LYS E 840 -2.21 -61.90 17.69
CA LYS E 840 -1.46 -62.29 16.49
C LYS E 840 -0.60 -61.14 15.97
N ILE E 841 -1.05 -59.90 16.16
CA ILE E 841 -0.27 -58.75 15.70
C ILE E 841 1.05 -58.65 16.46
N GLY E 842 1.01 -58.82 17.78
CA GLY E 842 2.17 -58.63 18.61
C GLY E 842 2.73 -59.90 19.23
N VAL E 843 2.84 -60.97 18.43
CA VAL E 843 3.25 -62.26 18.95
C VAL E 843 4.64 -62.19 19.56
N ASN E 844 5.56 -61.51 18.88
CA ASN E 844 6.97 -61.51 19.29
C ASN E 844 7.16 -60.86 20.66
N TRP E 845 6.51 -59.72 20.89
CA TRP E 845 6.79 -58.96 22.11
C TRP E 845 6.21 -59.64 23.34
N LEU E 846 5.00 -60.18 23.21
CA LEU E 846 4.36 -60.89 24.32
C LEU E 846 5.08 -62.20 24.58
N ASP E 847 5.53 -62.86 23.52
CA ASP E 847 6.31 -64.08 23.69
C ASP E 847 7.62 -63.79 24.42
N LYS E 848 8.25 -62.66 24.10
CA LYS E 848 9.44 -62.23 24.85
C LYS E 848 9.08 -61.94 26.30
N LEU E 849 7.90 -61.35 26.53
CA LEU E 849 7.45 -61.11 27.90
C LEU E 849 7.23 -62.42 28.66
N ARG E 850 6.66 -63.43 27.99
CA ARG E 850 6.49 -64.74 28.62
C ARG E 850 7.84 -65.37 28.93
N GLY E 851 8.79 -65.24 28.01
CA GLY E 851 10.14 -65.73 28.29
C GLY E 851 10.80 -65.00 29.45
N ASN E 852 10.54 -63.69 29.57
CA ASN E 852 11.07 -62.93 30.69
C ASN E 852 10.45 -63.38 32.01
N LEU E 853 9.14 -63.68 32.01
CA LEU E 853 8.50 -64.21 33.21
C LEU E 853 9.08 -65.57 33.57
N LYS E 854 9.33 -66.42 32.57
CA LYS E 854 9.94 -67.72 32.82
C LYS E 854 11.35 -67.58 33.37
N LEU E 855 12.11 -66.59 32.87
CA LEU E 855 13.44 -66.33 33.40
C LEU E 855 13.38 -65.81 34.84
N ILE E 856 12.36 -65.01 35.15
CA ILE E 856 12.16 -64.53 36.52
C ILE E 856 11.85 -65.70 37.44
N VAL E 857 11.01 -66.63 36.98
CA VAL E 857 10.70 -67.83 37.76
C VAL E 857 11.95 -68.67 37.97
N GLU E 858 12.77 -68.82 36.92
CA GLU E 858 14.02 -69.58 37.04
C GLU E 858 14.98 -68.91 38.01
N ASN E 859 15.07 -67.58 37.98
CA ASN E 859 15.92 -66.87 38.93
C ASN E 859 15.41 -67.01 40.36
N ILE E 860 14.09 -67.03 40.54
CA ILE E 860 13.51 -67.25 41.86
C ILE E 860 13.87 -68.64 42.37
N GLN E 861 13.78 -69.65 41.50
CA GLN E 861 14.15 -71.00 41.90
C GLN E 861 15.65 -71.12 42.18
N GLU E 862 16.48 -70.41 41.41
CA GLU E 862 17.92 -70.46 41.62
C GLU E 862 18.32 -69.77 42.92
N ASN E 863 17.65 -68.67 43.25
CA ASN E 863 17.94 -67.95 44.49
C ASN E 863 17.33 -68.60 45.72
N ARG E 864 16.53 -69.66 45.54
CA ARG E 864 15.96 -70.37 46.66
C ARG E 864 17.06 -71.09 47.45
N PRO E 865 16.89 -71.23 48.76
CA PRO E 865 17.88 -71.96 49.57
C PRO E 865 17.90 -73.44 49.20
N LYS E 866 19.04 -74.07 49.47
CA LYS E 866 19.24 -75.48 49.15
C LYS E 866 18.34 -76.39 49.96
N GLY E 867 17.85 -75.94 51.12
CA GLY E 867 16.95 -76.73 51.91
C GLY E 867 15.50 -76.72 51.47
N LYS E 868 15.17 -75.93 50.45
CA LYS E 868 13.81 -75.87 49.93
C LYS E 868 13.71 -76.19 48.44
N LYS E 869 14.83 -76.49 47.79
CA LYS E 869 14.82 -76.80 46.36
C LYS E 869 14.29 -78.21 46.12
N SER F 37 -30.09 14.63 -51.58
CA SER F 37 -29.83 14.65 -50.15
C SER F 37 -29.82 13.24 -49.56
N ILE F 38 -30.59 13.03 -48.52
CA ILE F 38 -30.68 11.74 -47.84
C ILE F 38 -32.03 11.11 -48.15
N SER F 39 -32.02 9.85 -48.56
CA SER F 39 -33.23 9.17 -48.98
C SER F 39 -34.16 8.89 -47.81
N ASP F 40 -35.39 8.49 -48.13
CA ASP F 40 -36.38 8.23 -47.10
C ASP F 40 -36.14 6.93 -46.35
N GLU F 41 -35.50 5.95 -47.00
CA GLU F 41 -35.19 4.70 -46.32
C GLU F 41 -34.23 4.93 -45.16
N THR F 42 -33.24 5.81 -45.36
CA THR F 42 -32.32 6.14 -44.28
C THR F 42 -33.03 6.82 -43.12
N TYR F 43 -33.96 7.73 -43.42
CA TYR F 43 -34.75 8.35 -42.35
C TYR F 43 -35.56 7.32 -41.58
N GLU F 44 -36.19 6.39 -42.30
CA GLU F 44 -36.98 5.36 -41.63
C GLU F 44 -36.11 4.48 -40.75
N ARG F 45 -34.95 4.07 -41.25
CA ARG F 45 -34.06 3.22 -40.47
C ARG F 45 -33.49 3.97 -39.26
N LEU F 46 -33.13 5.24 -39.43
CA LEU F 46 -32.62 6.05 -38.33
C LEU F 46 -33.66 6.18 -37.24
N LYS F 47 -34.90 6.54 -37.61
CA LYS F 47 -35.96 6.66 -36.61
C LYS F 47 -36.24 5.33 -35.93
N ARG F 48 -36.29 4.24 -36.69
CA ARG F 48 -36.62 2.94 -36.11
C ARG F 48 -35.56 2.49 -35.11
N LEU F 49 -34.28 2.70 -35.44
CA LEU F 49 -33.23 2.28 -34.50
C LEU F 49 -33.08 3.26 -33.34
N ILE F 50 -33.34 4.54 -33.56
CA ILE F 50 -33.17 5.54 -32.51
C ILE F 50 -34.27 5.41 -31.47
N SER F 51 -35.52 5.19 -31.90
CA SER F 51 -36.64 5.25 -30.99
C SER F 51 -36.71 4.07 -30.03
N THR F 52 -35.86 3.05 -30.19
CA THR F 52 -35.91 1.92 -29.27
C THR F 52 -35.41 2.26 -27.86
N GLY F 53 -34.80 3.41 -27.66
CA GLY F 53 -34.26 3.75 -26.37
C GLY F 53 -33.03 2.96 -25.99
N ASN F 54 -32.31 2.43 -26.98
CA ASN F 54 -31.15 1.60 -26.75
C ASN F 54 -29.89 2.15 -27.40
N ALA F 55 -29.98 3.27 -28.11
CA ALA F 55 -28.87 3.73 -28.93
C ALA F 55 -27.75 4.32 -28.09
N ILE F 56 -26.58 4.43 -28.69
CA ILE F 56 -25.41 5.06 -28.11
C ILE F 56 -25.15 6.36 -28.85
N VAL F 57 -24.89 7.43 -28.12
CA VAL F 57 -24.60 8.72 -28.72
C VAL F 57 -23.15 9.08 -28.41
N PHE F 58 -22.42 9.50 -29.44
CA PHE F 58 -21.07 10.04 -29.32
C PHE F 58 -21.12 11.50 -29.70
N VAL F 59 -20.75 12.37 -28.77
CA VAL F 59 -20.90 13.81 -28.95
C VAL F 59 -19.56 14.42 -29.32
N GLY F 60 -19.54 15.19 -30.40
CA GLY F 60 -18.33 15.78 -30.91
C GLY F 60 -18.29 17.28 -30.73
N ALA F 61 -17.38 17.91 -31.47
CA ALA F 61 -17.16 19.35 -31.33
C ALA F 61 -18.29 20.16 -31.95
N GLY F 62 -18.90 19.66 -33.01
CA GLY F 62 -19.94 20.40 -33.70
C GLY F 62 -21.25 20.49 -32.96
N PHE F 63 -21.42 19.72 -31.88
CA PHE F 63 -22.64 19.77 -31.11
C PHE F 63 -22.78 21.11 -30.39
N SER F 64 -21.70 21.63 -29.83
CA SER F 64 -21.72 22.82 -29.00
C SER F 64 -21.01 23.99 -29.67
N LYS F 65 -21.15 24.13 -30.98
CA LYS F 65 -20.57 25.26 -31.69
C LYS F 65 -21.46 26.49 -31.64
N GLU F 66 -22.63 26.39 -31.03
CA GLU F 66 -23.54 27.50 -30.87
C GLU F 66 -23.70 27.95 -29.43
N SER F 67 -23.05 27.27 -28.48
CA SER F 67 -23.17 27.62 -27.09
C SER F 67 -22.36 28.88 -26.78
N ILE F 68 -22.62 29.45 -25.61
CA ILE F 68 -22.00 30.70 -25.19
C ILE F 68 -21.38 30.49 -23.82
N ASN F 69 -20.09 30.79 -23.72
CA ASN F 69 -19.36 30.65 -22.47
C ASN F 69 -19.54 31.86 -21.59
N ILE F 70 -18.82 31.93 -20.48
CA ILE F 70 -19.03 33.00 -19.52
C ILE F 70 -18.50 34.34 -20.00
N ILE F 71 -17.66 34.37 -21.03
CA ILE F 71 -17.16 35.64 -21.56
C ILE F 71 -18.00 36.07 -22.75
N GLY F 72 -19.16 35.43 -22.91
CA GLY F 72 -20.10 35.83 -23.95
C GLY F 72 -19.64 35.60 -25.38
N SER F 73 -19.06 34.44 -25.67
CA SER F 73 -18.62 34.11 -27.02
C SER F 73 -18.80 32.62 -27.26
N THR F 74 -18.74 32.23 -28.53
CA THR F 74 -18.74 30.82 -28.86
C THR F 74 -17.41 30.19 -28.41
N PRO F 75 -17.41 28.90 -28.08
CA PRO F 75 -16.16 28.24 -27.67
C PRO F 75 -15.12 28.29 -28.79
N PRO F 76 -13.86 28.49 -28.45
CA PRO F 76 -12.86 28.80 -29.46
C PRO F 76 -12.53 27.61 -30.33
N LEU F 77 -11.94 27.92 -31.49
CA LEU F 77 -11.49 26.87 -32.38
C LEU F 77 -10.02 26.67 -32.09
N ALA F 78 -9.37 25.78 -32.82
CA ALA F 78 -7.98 25.47 -32.54
C ALA F 78 -7.08 26.67 -32.79
N LYS F 79 -7.34 27.41 -33.86
CA LYS F 79 -6.46 28.51 -34.25
C LYS F 79 -6.50 29.65 -33.23
N ASP F 80 -7.70 30.03 -32.79
CA ASP F 80 -7.83 31.17 -31.87
C ASP F 80 -7.24 30.84 -30.50
N LEU F 81 -7.54 29.64 -29.98
CA LEU F 81 -7.00 29.25 -28.68
C LEU F 81 -5.48 29.12 -28.74
N ALA F 82 -4.97 28.53 -29.83
CA ALA F 82 -3.52 28.40 -29.98
C ALA F 82 -2.86 29.77 -30.06
N LEU F 83 -3.46 30.71 -30.80
CA LEU F 83 -2.91 32.04 -30.91
C LEU F 83 -2.94 32.78 -29.57
N GLN F 84 -4.02 32.57 -28.79
CA GLN F 84 -4.11 33.19 -27.47
C GLN F 84 -3.01 32.69 -26.54
N ILE F 85 -2.81 31.37 -26.51
CA ILE F 85 -1.77 30.82 -25.64
C ILE F 85 -0.39 31.27 -26.09
N SER F 86 -0.16 31.28 -27.41
CA SER F 86 1.15 31.72 -27.92
C SER F 86 1.39 33.19 -27.62
N ASN F 87 0.35 34.03 -27.71
CA ASN F 87 0.51 35.44 -27.39
C ASN F 87 0.83 35.63 -25.91
N LYS F 88 0.20 34.84 -25.03
CA LYS F 88 0.52 34.92 -23.60
C LYS F 88 1.98 34.53 -23.34
N SER F 89 2.42 33.42 -23.93
CA SER F 89 3.80 32.97 -23.73
C SER F 89 4.80 33.96 -24.27
N ALA F 90 4.53 34.51 -25.46
CA ALA F 90 5.46 35.46 -26.06
C ALA F 90 5.45 36.79 -25.32
N ASN F 91 4.32 37.15 -24.72
CA ASN F 91 4.28 38.34 -23.87
C ASN F 91 5.17 38.16 -22.65
N TYR F 92 5.11 36.99 -22.02
CA TYR F 92 6.03 36.70 -20.91
C TYR F 92 7.49 36.74 -21.38
N LEU F 93 7.78 36.17 -22.54
CA LEU F 93 9.16 36.16 -23.05
C LEU F 93 9.65 37.56 -23.38
N LYS F 94 8.77 38.41 -23.90
CA LYS F 94 9.12 39.81 -24.14
C LYS F 94 9.37 40.53 -22.82
N GLU F 95 8.59 40.19 -21.79
CA GLU F 95 8.79 40.78 -20.48
C GLU F 95 10.14 40.40 -19.88
N VAL F 96 10.57 39.14 -20.07
CA VAL F 96 11.86 38.72 -19.51
C VAL F 96 13.04 39.10 -20.38
N GLY F 97 12.81 39.59 -21.61
CA GLY F 97 13.89 40.16 -22.39
C GLY F 97 14.65 39.24 -23.33
N ALA F 98 13.93 38.59 -24.25
CA ALA F 98 14.55 37.79 -25.30
C ALA F 98 14.65 38.60 -26.58
N ASP F 99 15.33 38.02 -27.57
CA ASP F 99 15.50 38.68 -28.86
C ASP F 99 14.20 38.68 -29.64
N SER F 100 14.08 39.59 -30.60
CA SER F 100 12.85 39.71 -31.36
C SER F 100 12.61 38.52 -32.26
N HIS F 101 13.67 37.87 -32.71
CA HIS F 101 13.50 36.77 -33.65
C HIS F 101 12.70 35.66 -33.00
N TYR F 102 13.03 35.33 -31.75
CA TYR F 102 12.30 34.29 -31.05
C TYR F 102 10.89 34.75 -30.77
N ILE F 103 10.71 35.99 -30.30
CA ILE F 103 9.38 36.45 -29.95
C ILE F 103 8.44 36.32 -31.13
N GLU F 104 8.89 36.76 -32.31
CA GLU F 104 8.04 36.68 -33.50
C GLU F 104 7.79 35.23 -33.88
N GLU F 105 8.81 34.38 -33.80
CA GLU F 105 8.65 33.00 -34.25
C GLU F 105 7.80 32.17 -33.30
N ILE F 106 7.70 32.55 -32.02
CA ILE F 106 6.73 31.88 -31.14
C ILE F 106 5.43 32.67 -31.00
N LYS F 107 5.29 33.82 -31.67
CA LYS F 107 4.06 34.59 -31.57
C LYS F 107 2.98 34.11 -32.54
N GLN F 108 3.34 33.76 -33.78
CA GLN F 108 2.35 33.29 -34.75
C GLN F 108 2.22 31.76 -34.77
N CYS F 109 2.52 31.09 -33.66
CA CYS F 109 2.33 29.64 -33.62
C CYS F 109 0.84 29.36 -33.48
N ASP F 110 0.26 28.73 -34.51
CA ASP F 110 -1.18 28.50 -34.56
C ASP F 110 -1.56 27.05 -34.24
N ASP F 111 -0.62 26.25 -33.76
CA ASP F 111 -0.91 24.86 -33.40
C ASP F 111 -1.22 24.78 -31.91
N LEU F 112 -2.37 24.20 -31.57
CA LEU F 112 -2.77 24.10 -30.18
C LEU F 112 -1.81 23.20 -29.40
N MET F 113 -1.37 22.11 -30.01
CA MET F 113 -0.54 21.12 -29.34
C MET F 113 0.82 21.71 -28.96
N VAL F 114 1.50 22.30 -29.94
CA VAL F 114 2.86 22.80 -29.70
C VAL F 114 2.84 24.03 -28.80
N ALA F 115 1.87 24.93 -29.00
CA ALA F 115 1.78 26.11 -28.14
C ALA F 115 1.46 25.73 -26.71
N SER F 116 0.53 24.79 -26.49
CA SER F 116 0.20 24.37 -25.15
C SER F 116 1.38 23.68 -24.48
N ASP F 117 2.10 22.83 -25.22
CA ASP F 117 3.27 22.17 -24.66
C ASP F 117 4.35 23.16 -24.30
N PHE F 118 4.58 24.17 -25.17
CA PHE F 118 5.59 25.17 -24.88
C PHE F 118 5.23 25.99 -23.65
N PHE F 119 3.96 26.39 -23.53
CA PHE F 119 3.53 27.14 -22.36
C PHE F 119 3.68 26.31 -21.09
N LEU F 120 3.33 25.02 -21.15
CA LEU F 120 3.46 24.17 -19.97
C LEU F 120 4.92 23.98 -19.57
N ASN F 121 5.81 23.83 -20.55
CA ASN F 121 7.19 23.47 -20.23
C ASN F 121 8.13 24.65 -20.15
N ASN F 122 7.68 25.88 -20.37
CA ASN F 122 8.59 27.01 -20.36
C ASN F 122 8.11 28.25 -19.61
N ILE F 123 6.83 28.35 -19.25
CA ILE F 123 6.29 29.48 -18.52
C ILE F 123 5.71 28.97 -17.22
N PRO F 124 6.09 29.53 -16.06
CA PRO F 124 5.59 29.01 -14.78
C PRO F 124 4.17 29.44 -14.43
N GLN F 125 3.49 30.21 -15.27
CA GLN F 125 2.16 30.69 -14.96
C GLN F 125 1.10 29.80 -15.58
N LYS F 126 1.10 28.52 -15.19
CA LYS F 126 0.08 27.60 -15.68
C LYS F 126 -1.28 27.88 -15.05
N ASP F 127 -1.32 28.64 -13.95
CA ASP F 127 -2.59 29.07 -13.39
C ASP F 127 -3.35 29.96 -14.37
N GLU F 128 -2.63 30.82 -15.09
CA GLU F 128 -3.29 31.64 -16.11
C GLU F 128 -3.79 30.79 -17.27
N LEU F 129 -3.07 29.72 -17.62
CA LEU F 129 -3.56 28.82 -18.66
C LEU F 129 -4.85 28.13 -18.22
N LEU F 130 -4.89 27.65 -16.97
CA LEU F 130 -6.11 27.02 -16.48
C LEU F 130 -7.24 28.02 -16.40
N GLN F 131 -6.94 29.27 -16.05
CA GLN F 131 -7.99 30.28 -15.99
C GLN F 131 -8.52 30.63 -17.38
N LEU F 132 -7.63 30.66 -18.38
CA LEU F 132 -8.09 30.88 -19.75
C LEU F 132 -8.98 29.75 -20.23
N LEU F 133 -8.61 28.50 -19.94
CA LEU F 133 -9.45 27.36 -20.32
C LEU F 133 -10.79 27.39 -19.59
N LYS F 134 -10.79 27.72 -18.30
CA LYS F 134 -12.03 27.80 -17.55
C LYS F 134 -12.92 28.92 -18.06
N ASP F 135 -12.34 30.04 -18.47
CA ASP F 135 -13.14 31.11 -19.05
C ASP F 135 -13.73 30.71 -20.39
N ASN F 136 -12.95 30.02 -21.23
CA ASN F 136 -13.43 29.73 -22.57
C ASN F 136 -14.41 28.56 -22.62
N TYR F 137 -14.31 27.59 -21.71
CA TYR F 137 -15.07 26.36 -21.84
C TYR F 137 -16.16 26.17 -20.80
N THR F 138 -16.35 27.10 -19.88
CA THR F 138 -17.42 26.96 -18.90
C THR F 138 -18.72 27.42 -19.56
N ILE F 139 -19.45 26.47 -20.13
CA ILE F 139 -20.66 26.79 -20.88
C ILE F 139 -21.74 27.26 -19.92
N LYS F 140 -22.34 28.40 -20.23
CA LYS F 140 -23.32 29.07 -19.39
C LYS F 140 -24.74 29.01 -19.91
N ASP F 141 -24.92 29.08 -21.23
CA ASP F 141 -26.23 29.11 -21.86
C ASP F 141 -26.20 28.10 -23.01
N VAL F 142 -27.29 27.37 -23.18
CA VAL F 142 -27.43 26.42 -24.28
C VAL F 142 -28.72 26.69 -25.02
N THR F 143 -28.75 26.33 -26.29
CA THR F 143 -29.90 26.55 -27.15
C THR F 143 -30.94 25.47 -26.94
N GLN F 144 -32.08 25.62 -27.63
CA GLN F 144 -33.14 24.65 -27.51
C GLN F 144 -32.83 23.37 -28.28
N GLU F 145 -32.01 23.45 -29.33
CA GLU F 145 -31.69 22.28 -30.14
C GLU F 145 -30.95 21.23 -29.32
N GLN F 146 -30.01 21.66 -28.47
CA GLN F 146 -29.29 20.73 -27.62
C GLN F 146 -30.23 20.06 -26.60
N ILE F 147 -31.14 20.83 -26.02
CA ILE F 147 -32.09 20.27 -25.06
C ILE F 147 -33.00 19.27 -25.75
N ASP F 148 -33.40 19.56 -27.00
CA ASP F 148 -34.21 18.61 -27.77
C ASP F 148 -33.46 17.33 -28.07
N ILE F 149 -32.17 17.45 -28.39
CA ILE F 149 -31.39 16.26 -28.70
C ILE F 149 -31.22 15.39 -27.46
N PHE F 150 -30.99 15.99 -26.29
CA PHE F 150 -30.64 15.23 -25.11
C PHE F 150 -31.81 14.97 -24.16
N SER F 151 -33.03 15.28 -24.56
CA SER F 151 -34.19 14.90 -23.78
C SER F 151 -34.74 13.54 -24.17
N MET F 152 -34.06 12.83 -25.05
CA MET F 152 -34.39 11.45 -25.41
C MET F 152 -33.57 10.50 -24.54
N LYS F 153 -34.12 9.31 -24.30
CA LYS F 153 -33.45 8.28 -23.52
C LYS F 153 -32.44 7.53 -24.40
N TRP F 154 -31.16 7.76 -24.15
CA TRP F 154 -30.09 7.00 -24.78
C TRP F 154 -29.55 5.97 -23.80
N ARG F 155 -28.84 4.97 -24.33
CA ARG F 155 -28.27 3.92 -23.49
C ARG F 155 -27.09 4.44 -22.68
N ARG F 156 -26.18 5.17 -23.34
CA ARG F 156 -25.05 5.77 -22.64
C ARG F 156 -24.57 6.96 -23.45
N ILE F 157 -23.83 7.84 -22.78
CA ILE F 157 -23.33 9.08 -23.37
C ILE F 157 -21.81 9.05 -23.33
N TYR F 158 -21.18 9.24 -24.47
CA TYR F 158 -19.73 9.39 -24.57
C TYR F 158 -19.44 10.71 -25.26
N THR F 159 -18.38 11.39 -24.84
CA THR F 159 -18.05 12.68 -25.43
C THR F 159 -16.56 12.95 -25.27
N THR F 160 -16.07 13.87 -26.11
CA THR F 160 -14.67 14.25 -26.12
C THR F 160 -14.42 15.71 -25.78
N ASN F 161 -15.45 16.54 -25.67
CA ASN F 161 -15.26 17.93 -25.31
C ASN F 161 -14.84 18.07 -23.85
N TYR F 162 -14.33 19.24 -23.48
CA TYR F 162 -14.00 19.48 -22.10
C TYR F 162 -15.08 20.29 -21.43
N ASP F 163 -15.99 20.90 -22.20
CA ASP F 163 -16.97 21.80 -21.63
C ASP F 163 -18.06 21.02 -20.91
N ASN F 164 -19.17 21.68 -20.62
CA ASN F 164 -20.27 21.04 -19.91
C ASN F 164 -21.61 21.41 -20.51
N ALA F 165 -21.70 21.47 -21.84
CA ALA F 165 -23.00 21.73 -22.47
C ALA F 165 -23.91 20.52 -22.39
N ILE F 166 -23.35 19.32 -22.39
CA ILE F 166 -24.16 18.12 -22.27
C ILE F 166 -24.76 18.02 -20.87
N GLU F 167 -23.99 18.35 -19.85
CA GLU F 167 -24.49 18.31 -18.47
C GLU F 167 -25.60 19.33 -18.28
N LEU F 168 -25.44 20.53 -18.82
CA LEU F 168 -26.48 21.54 -18.68
C LEU F 168 -27.73 21.18 -19.49
N SER F 169 -27.55 20.59 -20.67
CA SER F 169 -28.69 20.23 -21.51
C SER F 169 -29.53 19.18 -20.85
N LEU F 170 -28.86 18.22 -20.22
CA LEU F 170 -29.58 17.21 -19.49
C LEU F 170 -30.31 17.85 -18.32
N ILE F 171 -29.59 18.62 -17.51
CA ILE F 171 -30.26 19.16 -16.31
C ILE F 171 -31.45 20.03 -16.67
N LYS F 172 -31.38 20.75 -17.78
CA LYS F 172 -32.45 21.67 -18.15
C LYS F 172 -33.61 20.97 -18.83
N SER F 173 -33.48 19.67 -19.05
CA SER F 173 -34.55 18.90 -19.70
C SER F 173 -35.20 17.95 -18.71
N GLY F 174 -35.11 18.27 -17.44
CA GLY F 174 -35.69 17.41 -16.41
C GLY F 174 -35.02 16.06 -16.28
N LYS F 175 -33.69 16.01 -16.34
CA LYS F 175 -32.96 14.76 -16.24
C LYS F 175 -31.69 14.99 -15.43
N SER F 176 -31.24 13.93 -14.76
CA SER F 176 -30.04 13.99 -13.94
C SER F 176 -28.82 13.55 -14.75
N VAL F 177 -27.64 13.70 -14.14
CA VAL F 177 -26.39 13.38 -14.82
C VAL F 177 -25.31 13.17 -13.78
N THR F 178 -24.46 12.16 -14.00
CA THR F 178 -23.27 11.90 -13.19
C THR F 178 -22.07 11.93 -14.12
N PRO F 179 -21.43 13.08 -14.30
CA PRO F 179 -20.32 13.18 -15.28
C PRO F 179 -19.03 12.59 -14.71
N LEU F 180 -18.64 11.43 -15.23
CA LEU F 180 -17.45 10.73 -14.77
C LEU F 180 -16.28 11.08 -15.67
N THR F 181 -15.13 10.46 -15.38
CA THR F 181 -13.92 10.66 -16.17
C THR F 181 -13.27 9.28 -16.34
N LEU F 182 -12.07 9.21 -16.91
CA LEU F 182 -11.38 7.94 -17.05
C LEU F 182 -10.67 7.50 -15.77
N GLU F 183 -10.78 8.28 -14.69
CA GLU F 183 -10.17 7.93 -13.41
C GLU F 183 -11.15 7.29 -12.44
N ASP F 184 -12.36 6.97 -12.88
CA ASP F 184 -13.38 6.37 -12.04
C ASP F 184 -13.54 4.90 -12.39
N ALA F 185 -13.80 4.09 -11.38
CA ALA F 185 -13.95 2.65 -11.56
C ALA F 185 -15.32 2.33 -12.15
N PRO F 186 -15.39 1.48 -13.17
CA PRO F 186 -16.70 1.14 -13.74
C PRO F 186 -17.54 0.26 -12.84
N ASN F 187 -16.91 -0.68 -12.12
CA ASN F 187 -17.65 -1.56 -11.23
C ASN F 187 -18.19 -0.86 -9.99
N GLN F 188 -17.77 0.37 -9.73
CA GLN F 188 -18.30 1.14 -8.61
C GLN F 188 -19.58 1.87 -8.97
N TYR F 189 -19.77 2.19 -10.25
CA TYR F 189 -20.97 2.85 -10.75
C TYR F 189 -21.81 1.88 -11.57
N LYS F 190 -21.87 0.62 -11.11
CA LYS F 190 -22.47 -0.45 -11.91
C LYS F 190 -23.96 -0.22 -12.13
N SER F 191 -24.68 0.21 -11.09
CA SER F 191 -26.11 0.40 -11.16
C SER F 191 -26.51 1.82 -11.55
N ALA F 192 -25.54 2.66 -11.87
CA ALA F 192 -25.83 4.07 -12.16
C ALA F 192 -26.44 4.23 -13.54
N GLU F 193 -27.22 5.29 -13.68
CA GLU F 193 -27.80 5.70 -14.95
C GLU F 193 -27.50 7.18 -15.16
N ASP F 194 -27.45 7.59 -16.43
CA ASP F 194 -27.06 8.95 -16.75
C ASP F 194 -25.54 9.09 -16.61
N ILE F 195 -24.78 8.18 -17.21
CA ILE F 195 -23.32 8.32 -17.20
C ILE F 195 -22.94 9.13 -18.41
N CYS F 196 -22.24 10.24 -18.19
CA CYS F 196 -21.66 11.04 -19.27
C CYS F 196 -20.16 10.97 -19.11
N LEU F 197 -19.55 9.96 -19.72
CA LEU F 197 -18.12 9.74 -19.56
C LEU F 197 -17.35 10.68 -20.48
N HIS F 198 -16.48 11.51 -19.89
CA HIS F 198 -15.65 12.43 -20.65
C HIS F 198 -14.31 11.75 -20.93
N ILE F 199 -14.11 11.33 -22.18
CA ILE F 199 -12.94 10.54 -22.52
C ILE F 199 -11.67 11.38 -22.45
N ASN F 200 -11.72 12.62 -22.97
CA ASN F 200 -10.54 13.45 -23.03
C ASN F 200 -10.23 14.18 -21.73
N GLY F 201 -11.18 14.26 -20.82
CA GLY F 201 -11.01 14.99 -19.57
C GLY F 201 -12.01 16.11 -19.44
N ARG F 202 -12.17 16.57 -18.20
CA ARG F 202 -13.16 17.56 -17.86
C ARG F 202 -12.51 18.86 -17.44
N ILE F 203 -13.29 19.93 -17.44
CA ILE F 203 -12.81 21.26 -17.08
C ILE F 203 -13.30 21.63 -15.69
N GLU F 204 -14.47 21.12 -15.32
CA GLU F 204 -15.25 21.69 -14.21
C GLU F 204 -14.49 21.63 -12.88
N ARG F 205 -14.00 20.47 -12.50
CA ARG F 205 -13.22 20.37 -11.26
C ARG F 205 -11.84 19.79 -11.56
N SER F 206 -11.23 20.23 -12.65
CA SER F 206 -9.86 19.88 -12.93
C SER F 206 -8.92 20.65 -12.01
N LYS F 207 -7.86 20.00 -11.56
CA LYS F 207 -6.88 20.65 -10.72
C LYS F 207 -5.69 21.11 -11.58
N GLU F 208 -4.68 21.68 -10.92
CA GLU F 208 -3.53 22.21 -11.64
C GLU F 208 -2.71 21.09 -12.29
N SER F 209 -2.71 19.91 -11.71
CA SER F 209 -1.90 18.81 -12.21
C SER F 209 -2.60 17.94 -13.24
N ASP F 210 -3.83 18.30 -13.64
CA ASP F 210 -4.56 17.53 -14.63
C ASP F 210 -4.11 17.81 -16.06
N LEU F 211 -3.31 18.85 -16.28
CA LEU F 211 -2.89 19.17 -17.64
C LEU F 211 -1.81 18.23 -18.15
N ASP F 212 -1.13 17.50 -17.27
CA ASP F 212 -0.05 16.64 -17.70
C ASP F 212 -0.58 15.40 -18.42
N SER F 213 -1.57 14.73 -17.85
CA SER F 213 -2.07 13.50 -18.44
C SER F 213 -3.59 13.42 -18.48
N ALA F 214 -4.27 14.10 -17.55
CA ALA F 214 -5.72 13.94 -17.45
C ALA F 214 -6.46 14.66 -18.57
N ILE F 215 -6.05 15.88 -18.90
CA ILE F 215 -6.67 16.66 -19.95
C ILE F 215 -5.83 16.52 -21.21
N LYS F 216 -6.44 16.01 -22.28
CA LYS F 216 -5.71 15.77 -23.52
C LYS F 216 -5.65 17.08 -24.31
N LEU F 217 -4.63 17.87 -24.01
CA LEU F 217 -4.35 19.14 -24.68
C LEU F 217 -2.98 19.16 -25.32
N THR F 218 -1.95 18.76 -24.58
CA THR F 218 -0.57 18.89 -25.01
C THR F 218 -0.11 17.66 -25.78
N THR F 219 1.08 17.75 -26.37
CA THR F 219 1.69 16.60 -27.04
C THR F 219 2.31 15.62 -26.06
N SER F 220 2.52 16.03 -24.81
CA SER F 220 2.98 15.10 -23.80
C SER F 220 1.84 14.38 -23.09
N SER F 221 0.60 14.80 -23.31
CA SER F 221 -0.55 14.13 -22.73
C SER F 221 -1.12 13.06 -23.65
N TYR F 222 -0.60 12.95 -24.87
CA TYR F 222 -1.02 11.91 -25.80
C TYR F 222 -0.04 10.76 -25.88
N LEU F 223 1.16 10.91 -25.32
CA LEU F 223 2.15 9.85 -25.31
C LEU F 223 2.29 9.19 -23.95
N SER F 224 1.44 9.55 -22.99
CA SER F 224 1.51 8.94 -21.67
C SER F 224 0.98 7.51 -21.72
N PRO F 225 1.45 6.64 -20.82
CA PRO F 225 0.98 5.24 -20.82
C PRO F 225 -0.51 5.09 -20.58
N GLU F 226 -1.12 5.96 -19.78
CA GLU F 226 -2.55 5.86 -19.49
C GLU F 226 -3.33 6.53 -20.60
N GLN F 227 -3.98 5.72 -21.42
CA GLN F 227 -4.80 6.18 -22.54
C GLN F 227 -6.19 5.60 -22.41
N PHE F 228 -6.96 5.66 -23.50
CA PHE F 228 -8.28 5.02 -23.49
C PHE F 228 -8.16 3.51 -23.55
N LEU F 229 -7.15 2.98 -24.25
CA LEU F 229 -7.00 1.54 -24.39
C LEU F 229 -6.68 0.86 -23.07
N THR F 230 -5.80 1.46 -22.27
CA THR F 230 -5.39 0.85 -21.01
C THR F 230 -6.53 0.84 -20.00
N SER F 231 -7.36 1.88 -20.02
CA SER F 231 -8.40 2.05 -19.02
C SER F 231 -9.44 0.95 -19.10
N SER F 232 -10.11 0.71 -17.97
CA SER F 232 -11.12 -0.33 -17.88
C SER F 232 -12.41 0.03 -18.59
N TRP F 233 -12.58 1.28 -19.01
CA TRP F 233 -13.76 1.67 -19.77
C TRP F 233 -13.67 1.26 -21.23
N TYR F 234 -12.51 0.80 -21.70
CA TYR F 234 -12.39 0.29 -23.06
C TYR F 234 -13.24 -0.97 -23.25
N ARG F 235 -13.17 -1.88 -22.28
CA ARG F 235 -13.99 -3.09 -22.34
C ARG F 235 -15.47 -2.77 -22.28
N GLN F 236 -15.85 -1.81 -21.43
CA GLN F 236 -17.24 -1.43 -21.34
C GLN F 236 -17.73 -0.77 -22.62
N PHE F 237 -16.90 0.05 -23.24
CA PHE F 237 -17.29 0.67 -24.50
C PHE F 237 -17.40 -0.38 -25.59
N LYS F 238 -16.45 -1.30 -25.64
CA LYS F 238 -16.47 -2.35 -26.65
C LYS F 238 -17.69 -3.23 -26.52
N ALA F 239 -18.17 -3.43 -25.30
CA ALA F 239 -19.36 -4.24 -25.08
C ALA F 239 -20.59 -3.44 -25.40
N ASP F 240 -20.60 -2.17 -25.00
CA ASP F 240 -21.74 -1.30 -25.28
C ASP F 240 -22.00 -1.18 -26.77
N ILE F 241 -20.95 -1.02 -27.58
CA ILE F 241 -21.20 -0.98 -29.02
C ILE F 241 -21.56 -2.35 -29.55
N ASP F 242 -21.23 -3.42 -28.84
CA ASP F 242 -21.72 -4.74 -29.25
C ASP F 242 -23.14 -5.01 -28.78
N ASN F 243 -23.68 -4.23 -27.85
CA ASN F 243 -25.03 -4.46 -27.34
C ASN F 243 -26.03 -3.39 -27.74
N ALA F 244 -25.59 -2.29 -28.37
CA ALA F 244 -26.50 -1.20 -28.66
C ALA F 244 -27.25 -1.46 -29.97
N SER F 245 -28.37 -0.76 -30.12
CA SER F 245 -29.19 -0.88 -31.32
C SER F 245 -28.82 0.12 -32.40
N ALA F 246 -28.16 1.21 -32.04
CA ALA F 246 -27.60 2.14 -33.01
C ALA F 246 -26.48 2.93 -32.34
N ILE F 247 -25.53 3.36 -33.15
CA ILE F 247 -24.44 4.23 -32.70
C ILE F 247 -24.52 5.51 -33.51
N VAL F 248 -24.59 6.64 -32.83
CA VAL F 248 -24.79 7.93 -33.49
C VAL F 248 -23.69 8.88 -33.05
N PHE F 249 -22.97 9.44 -34.02
CA PHE F 249 -21.93 10.42 -33.77
C PHE F 249 -22.48 11.81 -34.09
N LEU F 250 -22.51 12.68 -33.10
CA LEU F 250 -22.97 14.06 -33.27
C LEU F 250 -21.75 14.94 -33.50
N GLY F 251 -21.46 15.23 -34.76
CA GLY F 251 -20.40 16.16 -35.10
C GLY F 251 -19.00 15.73 -34.72
N TYR F 252 -18.66 14.48 -35.00
CA TYR F 252 -17.33 13.95 -34.71
C TYR F 252 -16.58 13.73 -36.00
N SER F 253 -15.33 14.19 -36.05
CA SER F 253 -14.50 14.10 -37.24
C SER F 253 -13.58 12.88 -37.23
N MET F 254 -13.62 12.06 -36.18
CA MET F 254 -12.80 10.86 -36.03
C MET F 254 -11.31 11.20 -36.14
N TYR F 255 -10.87 12.07 -35.22
CA TYR F 255 -9.44 12.38 -35.16
C TYR F 255 -8.67 11.25 -34.47
N ASP F 256 -9.26 10.64 -33.45
CA ASP F 256 -8.57 9.61 -32.70
C ASP F 256 -8.36 8.37 -33.54
N ILE F 257 -7.22 7.70 -33.34
CA ILE F 257 -6.95 6.46 -34.06
C ILE F 257 -7.57 5.26 -33.36
N ASP F 258 -7.89 5.37 -32.07
CA ASP F 258 -8.40 4.23 -31.32
C ASP F 258 -9.82 3.86 -31.76
N ILE F 259 -10.70 4.85 -31.84
CA ILE F 259 -12.08 4.58 -32.24
C ILE F 259 -12.13 4.15 -33.70
N GLN F 260 -11.28 4.73 -34.55
CA GLN F 260 -11.18 4.29 -35.93
C GLN F 260 -10.72 2.84 -36.02
N LYS F 261 -9.74 2.45 -35.20
CA LYS F 261 -9.27 1.08 -35.22
C LYS F 261 -10.31 0.11 -34.69
N ILE F 262 -11.14 0.56 -33.75
CA ILE F 262 -12.27 -0.28 -33.30
C ILE F 262 -13.26 -0.49 -34.44
N PHE F 263 -13.62 0.60 -35.13
CA PHE F 263 -14.75 0.55 -36.04
C PHE F 263 -14.40 0.09 -37.45
N PHE F 264 -13.13 0.05 -37.82
CA PHE F 264 -12.78 -0.25 -39.20
C PHE F 264 -13.00 -1.72 -39.55
N ASN F 265 -12.60 -2.62 -38.65
CA ASN F 265 -12.49 -4.03 -39.02
C ASN F 265 -13.86 -4.67 -39.24
N ASP F 266 -14.79 -4.48 -38.32
CA ASP F 266 -16.04 -5.24 -38.32
C ASP F 266 -17.00 -4.69 -39.37
N SER F 267 -17.96 -5.54 -39.75
CA SER F 267 -18.98 -5.19 -40.72
C SER F 267 -20.38 -5.12 -40.14
N SER F 268 -20.63 -5.79 -39.01
CA SER F 268 -21.94 -5.66 -38.36
C SER F 268 -22.07 -4.31 -37.66
N ILE F 269 -20.97 -3.74 -37.18
CA ILE F 269 -21.01 -2.42 -36.57
C ILE F 269 -21.30 -1.35 -37.62
N LYS F 270 -20.73 -1.51 -38.82
CA LYS F 270 -20.87 -0.49 -39.85
C LYS F 270 -22.32 -0.33 -40.30
N SER F 271 -23.11 -1.39 -40.23
CA SER F 271 -24.52 -1.30 -40.59
C SER F 271 -25.36 -0.56 -39.57
N LYS F 272 -24.82 -0.28 -38.38
CA LYS F 272 -25.54 0.45 -37.35
C LYS F 272 -25.07 1.88 -37.17
N THR F 273 -23.82 2.19 -37.52
CA THR F 273 -23.27 3.51 -37.28
C THR F 273 -23.95 4.56 -38.17
N PHE F 274 -24.23 5.72 -37.59
CA PHE F 274 -24.72 6.87 -38.32
C PHE F 274 -23.82 8.06 -38.01
N PHE F 275 -23.73 8.98 -38.95
CA PHE F 275 -22.96 10.20 -38.80
C PHE F 275 -23.86 11.40 -39.08
N ILE F 276 -23.84 12.38 -38.20
CA ILE F 276 -24.56 13.62 -38.40
C ILE F 276 -23.52 14.70 -38.66
N THR F 277 -23.41 15.13 -39.91
CA THR F 277 -22.36 16.05 -40.34
C THR F 277 -22.99 17.37 -40.76
N ARG F 278 -22.20 18.44 -40.69
CA ARG F 278 -22.69 19.79 -40.98
C ARG F 278 -23.04 19.93 -42.46
N GLU F 279 -23.86 20.93 -42.75
CA GLU F 279 -24.38 21.16 -44.09
C GLU F 279 -23.27 21.60 -45.04
N GLY F 280 -23.58 21.59 -46.33
CA GLY F 280 -22.66 22.02 -47.36
C GLY F 280 -21.44 21.14 -47.52
N THR F 281 -21.62 19.82 -47.50
CA THR F 281 -20.53 18.88 -47.62
C THR F 281 -20.80 17.92 -48.77
N THR F 282 -19.85 17.84 -49.71
CA THR F 282 -19.98 16.94 -50.84
C THR F 282 -19.64 15.50 -50.42
N LYS F 283 -19.74 14.59 -51.37
CA LYS F 283 -19.47 13.18 -51.07
C LYS F 283 -17.99 12.94 -50.78
N PHE F 284 -17.10 13.48 -51.61
CA PHE F 284 -15.68 13.30 -51.38
C PHE F 284 -15.17 14.14 -50.22
N GLN F 285 -15.88 15.22 -49.87
CA GLN F 285 -15.43 16.09 -48.79
C GLN F 285 -15.46 15.39 -47.44
N ASN F 286 -16.34 14.42 -47.25
CA ASN F 286 -16.36 13.63 -46.03
C ASN F 286 -16.17 12.16 -46.36
N TYR F 287 -15.12 11.87 -47.14
CA TYR F 287 -14.86 10.50 -47.55
C TYR F 287 -14.35 9.65 -46.40
N LYS F 288 -13.64 10.25 -45.46
CA LYS F 288 -13.06 9.50 -44.35
C LYS F 288 -14.13 8.94 -43.43
N LEU F 289 -15.21 9.68 -43.22
CA LEU F 289 -16.28 9.20 -42.35
C LEU F 289 -17.12 8.12 -43.00
N ALA F 290 -17.15 8.04 -44.34
CA ALA F 290 -17.91 7.01 -45.03
C ALA F 290 -17.25 5.65 -44.95
N MET F 291 -16.00 5.58 -44.47
CA MET F 291 -15.32 4.30 -44.34
C MET F 291 -15.86 3.48 -43.17
N PHE F 292 -16.33 4.15 -42.12
CA PHE F 292 -16.78 3.48 -40.90
C PHE F 292 -18.29 3.43 -40.74
N GLY F 293 -19.04 4.21 -41.50
CA GLY F 293 -20.48 4.26 -41.30
C GLY F 293 -21.14 5.02 -42.42
N GLU F 294 -22.41 5.35 -42.19
CA GLU F 294 -23.22 6.01 -43.20
C GLU F 294 -23.41 7.48 -42.84
N VAL F 295 -23.04 8.36 -43.75
CA VAL F 295 -22.97 9.79 -43.48
C VAL F 295 -24.31 10.43 -43.83
N ILE F 296 -24.90 11.11 -42.86
CA ILE F 296 -26.09 11.93 -43.06
C ILE F 296 -25.66 13.38 -42.85
N ASN F 297 -25.69 14.17 -43.91
CA ASN F 297 -25.23 15.56 -43.86
C ASN F 297 -26.45 16.47 -43.76
N ILE F 298 -26.96 16.63 -42.55
CA ILE F 298 -28.06 17.56 -42.28
C ILE F 298 -27.73 18.60 -41.25
N GLY F 299 -26.72 18.41 -40.41
CA GLY F 299 -26.45 19.31 -39.31
C GLY F 299 -27.15 18.86 -38.04
N VAL F 300 -26.59 19.29 -36.90
CA VAL F 300 -27.13 18.88 -35.62
C VAL F 300 -28.49 19.52 -35.38
N ASN F 301 -28.70 20.75 -35.87
CA ASN F 301 -29.97 21.43 -35.67
C ASN F 301 -31.10 20.72 -36.41
N ALA F 302 -30.81 20.15 -37.58
CA ALA F 302 -31.83 19.38 -38.30
C ALA F 302 -32.10 18.05 -37.62
N PHE F 303 -31.06 17.43 -37.05
CA PHE F 303 -31.25 16.21 -36.27
C PHE F 303 -32.06 16.44 -35.01
N SER F 304 -32.05 17.66 -34.48
CA SER F 304 -32.82 17.95 -33.28
C SER F 304 -34.31 17.74 -33.50
N HIS F 305 -34.81 17.96 -34.73
CA HIS F 305 -36.23 17.74 -35.00
C HIS F 305 -36.59 16.26 -34.98
N ILE F 306 -35.74 15.41 -35.56
CA ILE F 306 -35.96 13.97 -35.48
C ILE F 306 -35.90 13.51 -34.03
N ALA F 307 -34.96 14.07 -33.25
CA ALA F 307 -34.86 13.72 -31.84
C ALA F 307 -36.11 14.12 -31.07
N ALA F 308 -36.63 15.32 -31.35
CA ALA F 308 -37.84 15.77 -30.70
C ALA F 308 -39.03 14.90 -31.08
N LYS F 309 -39.05 14.40 -32.31
CA LYS F 309 -40.11 13.48 -32.71
C LYS F 309 -40.01 12.15 -31.96
N CYS F 310 -38.78 11.66 -31.75
CA CYS F 310 -38.60 10.35 -31.12
C CYS F 310 -38.55 10.40 -29.59
N ILE F 311 -38.67 11.59 -28.99
CA ILE F 311 -38.65 11.72 -27.53
C ILE F 311 -39.71 10.82 -26.89
N GLU F 312 -40.95 10.88 -27.38
CA GLU F 312 -42.03 10.14 -26.76
C GLU F 312 -41.89 8.64 -27.00
N GLU F 313 -41.51 8.25 -28.21
CA GLU F 313 -41.37 6.85 -28.56
C GLU F 313 -40.19 6.18 -27.87
N SER F 314 -39.22 6.94 -27.37
CA SER F 314 -38.07 6.33 -26.72
C SER F 314 -38.36 5.81 -25.31
N HIS F 315 -39.23 6.48 -24.55
CA HIS F 315 -39.37 6.20 -23.13
C HIS F 315 -40.30 5.04 -22.80
N GLN F 316 -40.88 4.39 -23.81
CA GLN F 316 -41.88 3.35 -23.56
C GLN F 316 -41.51 2.00 -24.15
N ASP F 317 -40.43 1.90 -24.91
CA ASP F 317 -40.15 0.70 -25.68
C ASP F 317 -39.75 -0.45 -24.75
N LYS F 318 -40.39 -1.60 -24.92
CA LYS F 318 -40.16 -2.75 -24.06
C LYS F 318 -40.52 -4.02 -24.80
N GLU F 319 -39.71 -5.07 -24.61
CA GLU F 319 -39.91 -6.35 -25.27
C GLU F 319 -39.09 -7.40 -24.54
N VAL F 320 -39.74 -8.52 -24.21
CA VAL F 320 -39.04 -9.59 -23.48
C VAL F 320 -38.02 -10.28 -24.40
N GLY F 321 -38.40 -10.58 -25.63
CA GLY F 321 -37.51 -11.24 -26.55
C GLY F 321 -37.36 -12.72 -26.26
N LEU F 322 -36.39 -13.33 -26.93
CA LEU F 322 -36.10 -14.75 -26.77
C LEU F 322 -34.65 -14.93 -26.39
N ILE F 323 -34.40 -15.97 -25.59
CA ILE F 323 -33.06 -16.31 -25.14
C ILE F 323 -32.52 -17.44 -26.02
N ASN F 324 -31.36 -17.22 -26.61
CA ASN F 324 -30.92 -18.06 -27.72
C ASN F 324 -29.74 -18.97 -27.42
N SER F 325 -28.97 -18.71 -26.36
CA SER F 325 -27.83 -19.56 -26.03
C SER F 325 -28.07 -20.43 -24.81
N LEU F 326 -29.23 -20.33 -24.17
CA LEU F 326 -29.56 -21.12 -22.99
C LEU F 326 -30.94 -21.74 -23.17
N GLU F 327 -31.14 -22.90 -22.54
CA GLU F 327 -32.43 -23.57 -22.56
C GLU F 327 -33.01 -23.58 -21.16
N LEU F 328 -34.33 -23.63 -21.08
CA LEU F 328 -35.04 -23.58 -19.80
C LEU F 328 -35.53 -24.98 -19.45
N TYR F 329 -35.17 -25.45 -18.26
CA TYR F 329 -35.57 -26.77 -17.83
C TYR F 329 -37.05 -26.81 -17.47
N THR F 330 -37.71 -27.91 -17.81
CA THR F 330 -39.11 -28.11 -17.48
C THR F 330 -39.26 -29.46 -16.79
N PRO F 331 -39.83 -29.51 -15.58
CA PRO F 331 -39.89 -30.78 -14.84
C PRO F 331 -40.92 -31.73 -15.42
N GLY F 332 -40.91 -32.98 -14.97
CA GLY F 332 -41.81 -33.98 -15.51
C GLY F 332 -42.73 -34.57 -14.48
N GLU F 333 -43.86 -33.91 -14.24
CA GLU F 333 -44.81 -34.42 -13.26
C GLU F 333 -45.35 -35.76 -13.72
N GLU F 334 -45.67 -35.87 -15.00
CA GLU F 334 -46.14 -37.13 -15.54
C GLU F 334 -45.23 -38.23 -15.05
N HIS F 335 -45.74 -39.10 -14.18
CA HIS F 335 -44.88 -40.13 -13.61
C HIS F 335 -44.75 -41.27 -14.60
N ASP F 336 -43.62 -41.33 -15.29
CA ASP F 336 -43.37 -42.41 -16.25
C ASP F 336 -43.06 -43.70 -15.51
N GLU F 337 -43.57 -44.81 -16.06
CA GLU F 337 -43.28 -46.11 -15.49
C GLU F 337 -41.81 -46.47 -15.68
N ILE F 338 -41.28 -47.27 -14.77
CA ILE F 338 -39.88 -47.66 -14.77
C ILE F 338 -39.80 -49.18 -14.88
N ARG F 339 -39.01 -49.66 -15.83
CA ARG F 339 -38.80 -51.08 -16.02
C ARG F 339 -37.33 -51.42 -15.73
N ASP F 340 -37.05 -52.72 -15.67
CA ASP F 340 -35.68 -53.17 -15.42
C ASP F 340 -34.75 -52.81 -16.58
N ASN F 341 -35.28 -52.73 -17.79
CA ASN F 341 -34.47 -52.33 -18.93
C ASN F 341 -33.98 -50.90 -18.78
N ASP F 342 -34.81 -50.01 -18.23
CA ASP F 342 -34.36 -48.64 -17.97
C ASP F 342 -33.26 -48.62 -16.93
N ILE F 343 -33.38 -49.47 -15.90
CA ILE F 343 -32.31 -49.62 -14.90
C ILE F 343 -31.01 -50.02 -15.58
N ALA F 344 -31.06 -51.05 -16.42
CA ALA F 344 -29.86 -51.54 -17.07
C ALA F 344 -29.27 -50.50 -18.02
N ASN F 345 -30.13 -49.83 -18.80
CA ASN F 345 -29.64 -48.82 -19.74
C ASN F 345 -28.98 -47.67 -19.02
N PHE F 346 -29.61 -47.16 -17.95
CA PHE F 346 -29.03 -46.08 -17.18
C PHE F 346 -27.72 -46.48 -16.54
N MET F 347 -27.66 -47.69 -15.96
CA MET F 347 -26.48 -48.05 -15.18
C MET F 347 -25.31 -48.41 -16.08
N ILE F 348 -25.58 -49.09 -17.19
CA ILE F 348 -24.52 -49.58 -18.07
C ILE F 348 -24.25 -48.59 -19.20
N PHE F 349 -25.27 -48.30 -20.00
CA PHE F 349 -25.05 -47.66 -21.28
C PHE F 349 -25.06 -46.14 -21.22
N GLY F 350 -25.46 -45.56 -20.10
CA GLY F 350 -25.43 -44.12 -19.93
C GLY F 350 -26.64 -43.38 -20.47
N LYS F 351 -27.47 -44.03 -21.27
CA LYS F 351 -28.66 -43.36 -21.81
C LYS F 351 -29.72 -43.26 -20.73
N VAL F 352 -30.27 -42.04 -20.56
CA VAL F 352 -31.30 -41.78 -19.57
C VAL F 352 -32.09 -40.57 -20.04
N SER F 353 -33.31 -40.43 -19.53
CA SER F 353 -34.20 -39.36 -19.93
C SER F 353 -34.47 -38.43 -18.75
N ASP F 354 -35.11 -37.30 -19.03
CA ASP F 354 -35.38 -36.32 -18.00
C ASP F 354 -36.47 -36.79 -17.04
N ARG F 355 -37.47 -37.52 -17.56
CA ARG F 355 -38.53 -38.02 -16.69
C ARG F 355 -37.99 -38.96 -15.63
N TYR F 356 -36.93 -39.71 -15.96
CA TYR F 356 -36.27 -40.57 -14.98
C TYR F 356 -35.70 -39.77 -13.82
N ILE F 357 -34.97 -38.69 -14.13
CA ILE F 357 -34.34 -37.89 -13.09
C ILE F 357 -35.38 -37.13 -12.28
N ASP F 358 -36.48 -36.70 -12.90
CA ASP F 358 -37.56 -36.11 -12.13
C ASP F 358 -38.26 -37.13 -11.24
N GLU F 359 -38.32 -38.38 -11.68
CA GLU F 359 -39.00 -39.40 -10.88
C GLU F 359 -38.15 -39.87 -9.70
N VAL F 360 -36.83 -39.88 -9.84
CA VAL F 360 -35.98 -40.41 -8.78
C VAL F 360 -35.58 -39.30 -7.80
N THR F 361 -36.25 -38.16 -7.88
CA THR F 361 -35.96 -37.02 -7.03
C THR F 361 -37.06 -36.71 -6.03
N LEU F 362 -38.33 -36.80 -6.46
CA LEU F 362 -39.45 -36.43 -5.59
C LEU F 362 -39.52 -37.32 -4.35
N ASN F 363 -39.38 -38.62 -4.51
CA ASN F 363 -39.46 -39.57 -3.41
C ASN F 363 -38.06 -40.10 -3.11
N ASP F 364 -37.66 -40.03 -1.85
CA ASP F 364 -36.31 -40.39 -1.44
C ASP F 364 -36.18 -41.86 -1.05
N ASN F 365 -37.24 -42.65 -1.18
CA ASN F 365 -37.19 -44.08 -0.91
C ASN F 365 -36.84 -44.89 -2.14
N MET F 366 -36.56 -44.25 -3.27
CA MET F 366 -36.23 -44.94 -4.52
C MET F 366 -34.72 -45.21 -4.55
N HIS F 367 -34.29 -46.08 -3.65
CA HIS F 367 -32.87 -46.39 -3.53
C HIS F 367 -32.43 -47.55 -4.39
N ASP F 368 -33.36 -48.28 -4.99
CA ASP F 368 -32.95 -49.37 -5.85
C ASP F 368 -32.83 -48.95 -7.28
N LYS F 369 -32.89 -47.66 -7.57
CA LYS F 369 -32.81 -47.16 -8.94
C LYS F 369 -31.74 -46.11 -9.17
N ILE F 370 -31.27 -45.41 -8.15
CA ILE F 370 -30.23 -44.40 -8.32
C ILE F 370 -29.47 -44.25 -7.02
N ILE F 371 -28.17 -43.97 -7.15
CA ILE F 371 -27.31 -43.74 -5.98
C ILE F 371 -27.47 -42.30 -5.54
N LEU F 372 -27.90 -42.11 -4.29
CA LEU F 372 -28.17 -40.77 -3.77
C LEU F 372 -26.94 -40.27 -3.04
N ARG F 373 -26.20 -39.37 -3.69
CA ARG F 373 -25.08 -38.73 -3.04
C ARG F 373 -25.56 -37.72 -2.01
N GLU F 374 -24.71 -37.44 -1.04
CA GLU F 374 -25.01 -36.45 0.00
C GLU F 374 -24.46 -35.07 -0.34
N GLU F 375 -23.87 -34.90 -1.53
CA GLU F 375 -23.34 -33.60 -1.91
C GLU F 375 -24.41 -32.67 -2.46
N VAL F 376 -25.50 -33.22 -3.00
CA VAL F 376 -26.56 -32.38 -3.56
C VAL F 376 -27.21 -31.54 -2.48
N SER F 377 -27.38 -32.12 -1.29
CA SER F 377 -27.98 -31.38 -0.17
C SER F 377 -27.11 -30.20 0.23
N LYS F 378 -25.79 -30.42 0.31
CA LYS F 378 -24.89 -29.34 0.68
C LYS F 378 -24.81 -28.28 -0.41
N ILE F 379 -24.88 -28.67 -1.69
CA ILE F 379 -24.83 -27.68 -2.75
C ILE F 379 -26.10 -26.84 -2.76
N ILE F 380 -27.25 -27.46 -2.51
CA ILE F 380 -28.49 -26.70 -2.38
C ILE F 380 -28.41 -25.74 -1.21
N GLU F 381 -27.87 -26.19 -0.08
CA GLU F 381 -27.75 -25.33 1.09
C GLU F 381 -26.81 -24.15 0.81
N HIS F 382 -25.72 -24.39 0.09
CA HIS F 382 -24.79 -23.32 -0.24
C HIS F 382 -25.40 -22.34 -1.25
N ILE F 383 -26.21 -22.81 -2.19
CA ILE F 383 -26.82 -21.93 -3.17
C ILE F 383 -28.02 -21.19 -2.64
N GLU F 384 -28.60 -21.65 -1.53
CA GLU F 384 -29.70 -20.92 -0.91
C GLU F 384 -29.23 -19.70 -0.12
N THR F 385 -27.93 -19.56 0.12
CA THR F 385 -27.39 -18.41 0.84
C THR F 385 -26.60 -17.48 -0.07
N ASP F 386 -26.98 -17.42 -1.36
CA ASP F 386 -26.37 -16.52 -2.35
C ASP F 386 -24.87 -16.78 -2.49
N ASN F 387 -24.51 -18.04 -2.67
CA ASN F 387 -23.16 -18.46 -2.99
C ASN F 387 -23.19 -19.27 -4.28
N ASP F 388 -22.32 -18.93 -5.22
CA ASP F 388 -22.21 -19.71 -6.44
C ASP F 388 -21.35 -20.95 -6.19
N ILE F 389 -21.47 -21.93 -7.07
CA ILE F 389 -20.87 -23.25 -6.87
C ILE F 389 -19.87 -23.53 -7.98
N LEU F 390 -18.86 -24.33 -7.67
CA LEU F 390 -17.94 -24.89 -8.65
C LEU F 390 -17.71 -26.35 -8.29
N ILE F 391 -17.97 -27.24 -9.24
CA ILE F 391 -17.88 -28.68 -9.01
C ILE F 391 -16.76 -29.24 -9.88
N ALA F 392 -15.86 -30.00 -9.26
CA ALA F 392 -14.74 -30.59 -9.99
C ALA F 392 -14.56 -32.04 -9.56
N SER F 393 -14.46 -32.93 -10.52
CA SER F 393 -14.26 -34.35 -10.21
C SER F 393 -13.36 -34.95 -11.26
N ASP F 394 -13.53 -36.22 -11.61
CA ASP F 394 -12.65 -36.86 -12.55
C ASP F 394 -13.43 -37.64 -13.57
N LEU F 395 -12.76 -38.31 -14.48
CA LEU F 395 -13.46 -39.00 -15.54
C LEU F 395 -14.51 -39.93 -15.00
N GLY F 396 -15.76 -39.69 -15.33
CA GLY F 396 -16.83 -40.59 -14.92
C GLY F 396 -17.24 -40.64 -13.47
N ASN F 397 -17.07 -39.56 -12.71
CA ASN F 397 -17.38 -39.61 -11.29
C ASN F 397 -18.73 -39.01 -10.94
N GLY F 398 -19.54 -38.63 -11.93
CA GLY F 398 -20.91 -38.27 -11.66
C GLY F 398 -21.22 -36.80 -11.53
N LYS F 399 -20.56 -35.94 -12.29
CA LYS F 399 -20.86 -34.52 -12.27
C LYS F 399 -22.08 -34.15 -13.08
N SER F 400 -22.33 -34.84 -14.19
CA SER F 400 -23.45 -34.50 -15.04
C SER F 400 -24.76 -34.94 -14.47
N ILE F 401 -24.81 -36.16 -13.96
CA ILE F 401 -26.05 -36.68 -13.36
C ILE F 401 -26.42 -35.84 -12.13
N MET F 402 -25.41 -35.46 -11.33
CA MET F 402 -25.68 -34.59 -10.20
C MET F 402 -26.16 -33.22 -10.65
N THR F 403 -25.61 -32.70 -11.76
CA THR F 403 -26.09 -31.44 -12.30
C THR F 403 -27.55 -31.53 -12.70
N ARG F 404 -27.93 -32.64 -13.32
CA ARG F 404 -29.33 -32.81 -13.72
C ARG F 404 -30.26 -32.92 -12.52
N MET F 405 -29.87 -33.70 -11.49
CA MET F 405 -30.67 -33.76 -10.28
C MET F 405 -30.74 -32.42 -9.57
N LEU F 406 -29.63 -31.70 -9.54
CA LEU F 406 -29.55 -30.40 -8.88
C LEU F 406 -30.48 -29.40 -9.54
N MET F 407 -30.47 -29.34 -10.87
CA MET F 407 -31.40 -28.46 -11.55
C MET F 407 -32.84 -28.92 -11.42
N SER F 408 -33.08 -30.23 -11.31
CA SER F 408 -34.44 -30.70 -11.06
C SER F 408 -34.96 -30.27 -9.69
N LYS F 409 -34.12 -30.29 -8.67
CA LYS F 409 -34.54 -29.85 -7.35
C LYS F 409 -34.67 -28.34 -7.25
N LEU F 410 -33.73 -27.59 -7.82
CA LEU F 410 -33.79 -26.14 -7.79
C LEU F 410 -34.99 -25.62 -8.58
N SER F 411 -35.40 -26.33 -9.63
CA SER F 411 -36.61 -25.94 -10.35
C SER F 411 -37.84 -26.07 -9.48
N ARG F 412 -37.91 -27.10 -8.64
CA ARG F 412 -39.05 -27.28 -7.76
C ARG F 412 -39.03 -26.33 -6.57
N LYS F 413 -37.84 -25.92 -6.12
CA LYS F 413 -37.77 -25.00 -4.99
C LYS F 413 -38.23 -23.59 -5.33
N GLY F 414 -38.44 -23.27 -6.59
CA GLY F 414 -38.88 -21.94 -7.00
C GLY F 414 -37.92 -21.18 -7.89
N TYR F 415 -36.77 -21.74 -8.26
CA TYR F 415 -35.78 -21.04 -9.06
C TYR F 415 -36.09 -21.19 -10.55
N LEU F 416 -35.24 -20.59 -11.39
CA LEU F 416 -35.28 -20.77 -12.83
C LEU F 416 -33.90 -21.24 -13.28
N CYS F 417 -33.82 -22.47 -13.74
CA CYS F 417 -32.54 -23.09 -14.09
C CYS F 417 -32.37 -23.09 -15.60
N PHE F 418 -31.24 -22.56 -16.06
CA PHE F 418 -30.95 -22.41 -17.48
C PHE F 418 -29.74 -23.26 -17.85
N TYR F 419 -29.99 -24.41 -18.48
CA TYR F 419 -28.91 -25.21 -19.03
C TYR F 419 -28.27 -24.47 -20.20
N TYR F 420 -26.94 -24.57 -20.31
CA TYR F 420 -26.20 -23.82 -21.31
C TYR F 420 -26.07 -24.63 -22.60
N LEU F 421 -26.66 -24.12 -23.68
CA LEU F 421 -26.52 -24.73 -24.99
C LEU F 421 -25.26 -24.24 -25.68
N TYR F 422 -24.65 -25.11 -26.48
CA TYR F 422 -23.44 -24.73 -27.22
C TYR F 422 -23.83 -24.30 -28.63
N ASN F 423 -24.51 -23.16 -28.69
CA ASN F 423 -25.11 -22.65 -29.92
C ASN F 423 -24.17 -21.66 -30.60
N GLU F 424 -24.59 -21.17 -31.76
CA GLU F 424 -23.86 -20.15 -32.49
C GLU F 424 -24.44 -18.75 -32.29
N PHE F 425 -25.41 -18.60 -31.40
CA PHE F 425 -26.00 -17.30 -31.13
C PHE F 425 -25.21 -16.58 -30.05
N SER F 426 -25.74 -15.46 -29.59
CA SER F 426 -25.02 -14.59 -28.67
C SER F 426 -25.33 -14.94 -27.22
N PHE F 427 -24.38 -14.63 -26.35
CA PHE F 427 -24.52 -14.85 -24.91
C PHE F 427 -24.70 -13.56 -24.12
N SER F 428 -24.05 -12.48 -24.55
CA SER F 428 -24.16 -11.21 -23.83
C SER F 428 -25.57 -10.62 -23.95
N LYS F 429 -26.16 -10.68 -25.13
CA LYS F 429 -27.54 -10.23 -25.26
C LYS F 429 -28.49 -11.12 -24.46
N ASP F 430 -28.20 -12.42 -24.42
CA ASP F 430 -29.01 -13.34 -23.61
C ASP F 430 -28.89 -13.02 -22.13
N ILE F 431 -27.67 -12.75 -21.65
CA ILE F 431 -27.52 -12.47 -20.22
C ILE F 431 -28.12 -11.11 -19.87
N GLU F 432 -28.11 -10.15 -20.80
CA GLU F 432 -28.76 -8.88 -20.52
C GLU F 432 -30.27 -9.03 -20.46
N ARG F 433 -30.86 -9.78 -21.40
CA ARG F 433 -32.29 -10.03 -21.35
C ARG F 433 -32.68 -10.87 -20.15
N LEU F 434 -31.76 -11.71 -19.66
CA LEU F 434 -32.00 -12.41 -18.40
C LEU F 434 -32.02 -11.45 -17.22
N SER F 435 -31.07 -10.50 -17.20
CA SER F 435 -31.04 -9.51 -16.14
C SER F 435 -32.27 -8.62 -16.15
N LYS F 436 -32.92 -8.47 -17.30
CA LYS F 436 -34.14 -7.69 -17.36
C LYS F 436 -35.29 -8.31 -16.55
N LEU F 437 -35.26 -9.61 -16.30
CA LEU F 437 -36.33 -10.28 -15.58
C LEU F 437 -36.24 -10.00 -14.08
N GLY F 438 -37.18 -10.54 -13.33
CA GLY F 438 -37.25 -10.29 -11.90
C GLY F 438 -37.42 -11.53 -11.04
N GLN F 439 -36.77 -12.64 -11.41
CA GLN F 439 -36.83 -13.87 -10.64
C GLN F 439 -35.43 -14.34 -10.31
N LYS F 440 -35.33 -15.18 -9.29
CA LYS F 440 -34.06 -15.80 -8.96
C LYS F 440 -33.70 -16.85 -10.01
N ILE F 441 -32.60 -16.63 -10.71
CA ILE F 441 -32.22 -17.44 -11.86
C ILE F 441 -30.83 -17.99 -11.64
N VAL F 442 -30.68 -19.30 -11.81
CA VAL F 442 -29.36 -19.94 -11.80
C VAL F 442 -29.06 -20.45 -13.21
N ILE F 443 -27.78 -20.46 -13.56
CA ILE F 443 -27.34 -20.83 -14.90
C ILE F 443 -26.26 -21.90 -14.76
N PHE F 444 -26.48 -23.05 -15.38
CA PHE F 444 -25.57 -24.17 -15.31
C PHE F 444 -24.70 -24.21 -16.55
N ILE F 445 -23.39 -24.21 -16.36
CA ILE F 445 -22.43 -24.31 -17.45
C ILE F 445 -21.61 -25.56 -17.24
N ASP F 446 -21.74 -26.50 -18.17
CA ASP F 446 -21.06 -27.78 -18.04
C ASP F 446 -19.75 -27.82 -18.79
N ASP F 447 -18.72 -28.31 -18.14
CA ASP F 447 -17.38 -28.38 -18.71
C ASP F 447 -16.98 -27.03 -19.31
N TYR F 448 -16.85 -26.05 -18.42
CA TYR F 448 -16.69 -24.65 -18.80
C TYR F 448 -15.35 -24.36 -19.49
N SER F 449 -14.41 -25.29 -19.47
CA SER F 449 -13.16 -25.10 -20.19
C SER F 449 -13.34 -25.10 -21.70
N ASN F 450 -14.52 -25.51 -22.21
CA ASN F 450 -14.83 -25.40 -23.62
C ASN F 450 -15.47 -24.06 -23.99
N CYS F 451 -16.03 -23.35 -23.00
CA CYS F 451 -16.65 -22.05 -23.21
C CYS F 451 -16.14 -21.06 -22.18
N ILE F 452 -14.81 -21.06 -22.02
CA ILE F 452 -14.13 -20.15 -21.09
C ILE F 452 -14.43 -18.68 -21.39
N ASP F 453 -14.61 -18.30 -22.65
CA ASP F 453 -14.90 -16.90 -22.95
C ASP F 453 -16.26 -16.48 -22.39
N ASP F 454 -17.28 -17.29 -22.60
CA ASP F 454 -18.61 -16.95 -22.09
C ASP F 454 -18.67 -17.06 -20.58
N THR F 455 -17.88 -17.95 -19.99
CA THR F 455 -17.85 -18.06 -18.54
C THR F 455 -17.19 -16.82 -18.00
N ARG F 456 -16.12 -16.36 -18.65
CA ARG F 456 -15.42 -15.16 -18.24
C ARG F 456 -16.36 -13.96 -18.28
N TYR F 457 -17.12 -13.83 -19.37
CA TYR F 457 -18.09 -12.75 -19.46
C TYR F 457 -19.15 -12.86 -18.37
N ALA F 458 -19.57 -14.08 -18.06
CA ALA F 458 -20.59 -14.26 -17.03
C ALA F 458 -20.08 -13.82 -15.66
N ILE F 459 -18.85 -14.19 -15.31
CA ILE F 459 -18.33 -13.84 -13.99
C ILE F 459 -17.83 -12.41 -13.91
N GLU F 460 -17.62 -11.74 -15.05
CA GLU F 460 -17.23 -10.33 -15.01
C GLU F 460 -18.45 -9.43 -14.81
N ASN F 461 -19.49 -9.62 -15.61
CA ASN F 461 -20.66 -8.75 -15.64
C ASN F 461 -21.85 -9.34 -14.91
N ARG F 462 -21.63 -9.98 -13.77
CA ARG F 462 -22.73 -10.63 -13.08
C ARG F 462 -23.64 -9.61 -12.42
N LYS F 463 -24.94 -9.91 -12.42
CA LYS F 463 -25.98 -9.07 -11.88
C LYS F 463 -26.38 -9.58 -10.50
N ASP F 464 -27.47 -9.02 -9.95
CA ASP F 464 -27.89 -9.31 -8.59
C ASP F 464 -28.90 -10.44 -8.49
N ASN F 465 -29.39 -10.98 -9.61
CA ASN F 465 -30.38 -12.05 -9.56
C ASN F 465 -29.93 -13.31 -10.32
N ILE F 466 -28.74 -13.31 -10.91
CA ILE F 466 -28.26 -14.41 -11.73
C ILE F 466 -27.13 -15.10 -10.97
N GLN F 467 -27.29 -16.38 -10.72
CA GLN F 467 -26.27 -17.19 -10.07
C GLN F 467 -25.61 -18.12 -11.09
N LEU F 468 -24.48 -18.69 -10.71
CA LEU F 468 -23.70 -19.53 -11.60
C LEU F 468 -23.37 -20.85 -10.92
N VAL F 469 -23.49 -21.94 -11.67
CA VAL F 469 -23.01 -23.26 -11.24
C VAL F 469 -22.13 -23.79 -12.36
N LEU F 470 -20.84 -23.96 -12.08
CA LEU F 470 -19.88 -24.42 -13.07
C LEU F 470 -19.40 -25.82 -12.71
N THR F 471 -19.15 -26.63 -13.73
CA THR F 471 -18.57 -27.95 -13.55
C THR F 471 -17.41 -28.12 -14.53
N THR F 472 -16.46 -28.97 -14.17
CA THR F 472 -15.28 -29.18 -14.99
C THR F 472 -14.60 -30.47 -14.56
N ARG F 473 -13.56 -30.83 -15.29
CA ARG F 473 -12.64 -31.89 -14.89
C ARG F 473 -11.41 -31.26 -14.23
N HIS F 474 -10.58 -32.12 -13.63
CA HIS F 474 -9.37 -31.64 -12.99
C HIS F 474 -8.40 -31.05 -14.01
N PHE F 475 -8.27 -31.70 -15.18
CA PHE F 475 -7.43 -31.16 -16.24
C PHE F 475 -7.98 -29.84 -16.75
N GLY F 476 -9.31 -29.74 -16.88
CA GLY F 476 -9.90 -28.49 -17.32
C GLY F 476 -9.75 -27.37 -16.31
N TYR F 477 -9.88 -27.70 -15.02
CA TYR F 477 -9.78 -26.67 -13.99
C TYR F 477 -8.35 -26.20 -13.80
N GLU F 478 -7.38 -27.12 -13.88
CA GLU F 478 -5.99 -26.73 -13.68
C GLU F 478 -5.39 -26.00 -14.88
N ASN F 479 -6.08 -25.98 -16.02
CA ASN F 479 -5.60 -25.27 -17.19
C ASN F 479 -6.22 -23.88 -17.35
N THR F 480 -7.21 -23.52 -16.53
CA THR F 480 -7.80 -22.20 -16.56
C THR F 480 -7.72 -21.51 -15.20
N LYS F 481 -6.81 -21.97 -14.33
CA LYS F 481 -6.66 -21.34 -13.01
C LYS F 481 -6.07 -19.94 -13.13
N GLN F 482 -5.11 -19.75 -14.03
CA GLN F 482 -4.49 -18.44 -14.17
C GLN F 482 -5.40 -17.43 -14.86
N HIS F 483 -6.45 -17.88 -15.55
CA HIS F 483 -7.38 -16.95 -16.17
C HIS F 483 -8.57 -16.62 -15.31
N LEU F 484 -8.63 -17.17 -14.10
CA LEU F 484 -9.79 -16.97 -13.26
C LEU F 484 -9.49 -16.33 -11.91
N LEU F 485 -8.32 -16.58 -11.34
CA LEU F 485 -8.01 -16.01 -10.04
C LEU F 485 -7.73 -14.52 -10.10
N THR F 486 -7.56 -13.96 -11.30
CA THR F 486 -7.39 -12.51 -11.43
C THR F 486 -8.70 -11.76 -11.25
N MET F 487 -9.84 -12.41 -11.50
CA MET F 487 -11.14 -11.79 -11.33
C MET F 487 -11.63 -12.03 -9.91
N ASP F 488 -12.93 -11.87 -9.68
CA ASP F 488 -13.50 -12.09 -8.35
C ASP F 488 -14.15 -13.46 -8.18
N MET F 489 -13.68 -14.23 -7.21
CA MET F 489 -14.23 -15.55 -6.97
C MET F 489 -14.48 -15.78 -5.48
N SER F 490 -14.72 -14.70 -4.75
CA SER F 490 -14.98 -14.82 -3.32
C SER F 490 -16.34 -15.42 -3.01
N SER F 491 -17.21 -15.57 -4.00
CA SER F 491 -18.56 -16.10 -3.78
C SER F 491 -18.72 -17.52 -4.33
N PHE F 492 -17.62 -18.20 -4.65
CA PHE F 492 -17.67 -19.52 -5.25
C PHE F 492 -17.26 -20.57 -4.21
N LYS F 493 -18.09 -21.58 -4.05
CA LYS F 493 -17.82 -22.68 -3.13
C LYS F 493 -17.40 -23.90 -3.91
N THR F 494 -16.24 -24.46 -3.59
CA THR F 494 -15.68 -25.58 -4.34
C THR F 494 -16.10 -26.89 -3.70
N HIS F 495 -16.69 -27.77 -4.50
CA HIS F 495 -17.09 -29.10 -4.08
C HIS F 495 -16.36 -30.13 -4.94
N SER F 496 -15.90 -31.21 -4.32
CA SER F 496 -15.19 -32.28 -5.03
C SER F 496 -15.90 -33.59 -4.74
N VAL F 497 -16.31 -34.28 -5.80
CA VAL F 497 -17.24 -35.41 -5.67
C VAL F 497 -16.61 -36.70 -6.21
N ASP F 498 -15.28 -36.80 -6.09
CA ASP F 498 -14.57 -37.99 -6.54
C ASP F 498 -14.95 -39.22 -5.75
N TYR F 499 -14.86 -39.16 -4.43
CA TYR F 499 -14.95 -40.33 -3.58
C TYR F 499 -16.34 -40.46 -2.97
N LEU F 500 -16.75 -41.71 -2.73
CA LEU F 500 -18.03 -42.01 -2.13
C LEU F 500 -17.85 -42.46 -0.68
N SER F 501 -18.95 -42.42 0.07
CA SER F 501 -18.98 -42.90 1.44
C SER F 501 -19.40 -44.37 1.46
N ASP F 502 -19.47 -44.95 2.66
CA ASP F 502 -19.81 -46.36 2.78
C ASP F 502 -21.30 -46.60 2.50
N SER F 503 -22.15 -45.67 2.91
CA SER F 503 -23.59 -45.83 2.69
C SER F 503 -23.93 -45.81 1.20
N GLU F 504 -23.25 -44.95 0.44
CA GLU F 504 -23.47 -44.91 -1.00
C GLU F 504 -22.96 -46.17 -1.69
N VAL F 505 -21.85 -46.75 -1.21
CA VAL F 505 -21.39 -48.02 -1.75
C VAL F 505 -22.38 -49.13 -1.44
N ASP F 506 -23.00 -49.09 -0.25
CA ASP F 506 -24.05 -50.06 0.08
C ASP F 506 -25.27 -49.86 -0.82
N ASN F 507 -25.63 -48.62 -1.12
CA ASN F 507 -26.72 -48.36 -2.07
C ASN F 507 -26.39 -48.92 -3.44
N PHE F 508 -25.14 -48.74 -3.90
CA PHE F 508 -24.74 -49.28 -5.19
C PHE F 508 -24.83 -50.79 -5.21
N VAL F 509 -24.35 -51.44 -4.15
CA VAL F 509 -24.37 -52.90 -4.15
C VAL F 509 -25.79 -53.40 -4.04
N HIS F 510 -26.68 -52.62 -3.42
CA HIS F 510 -28.10 -52.95 -3.43
C HIS F 510 -28.67 -52.88 -4.84
N ILE F 511 -28.26 -51.86 -5.61
CA ILE F 511 -28.73 -51.72 -6.98
C ILE F 511 -28.24 -52.89 -7.84
N VAL F 512 -26.98 -53.28 -7.67
CA VAL F 512 -26.45 -54.43 -8.42
C VAL F 512 -27.15 -55.71 -8.01
N ASP F 513 -27.46 -55.86 -6.72
CA ASP F 513 -28.21 -57.03 -6.26
C ASP F 513 -29.60 -57.07 -6.85
N HIS F 514 -30.27 -55.92 -6.95
CA HIS F 514 -31.59 -55.86 -7.56
C HIS F 514 -31.51 -56.16 -9.05
N LEU F 515 -30.43 -55.76 -9.70
CA LEU F 515 -30.24 -56.08 -11.12
C LEU F 515 -30.09 -57.58 -11.35
N GLY F 516 -29.41 -58.27 -10.46
CA GLY F 516 -29.08 -59.67 -10.71
C GLY F 516 -27.85 -59.87 -11.55
N ALA F 517 -26.98 -58.87 -11.65
CA ALA F 517 -25.75 -58.96 -12.42
C ALA F 517 -24.60 -59.54 -11.62
N TRP F 518 -24.81 -59.86 -10.34
CA TRP F 518 -23.74 -60.48 -9.56
C TRP F 518 -23.44 -61.89 -10.04
N GLY F 519 -24.48 -62.66 -10.35
CA GLY F 519 -24.30 -64.01 -10.83
C GLY F 519 -23.85 -64.97 -9.74
N GLU F 520 -22.66 -65.54 -9.90
CA GLU F 520 -22.16 -66.53 -8.96
C GLU F 520 -21.76 -65.95 -7.62
N LYS F 521 -21.43 -64.66 -7.57
CA LYS F 521 -20.99 -64.02 -6.34
C LYS F 521 -22.13 -63.40 -5.55
N ALA F 522 -23.37 -63.77 -5.86
CA ALA F 522 -24.51 -63.14 -5.18
C ALA F 522 -24.66 -63.63 -3.75
N GLY F 523 -24.28 -64.88 -3.47
CA GLY F 523 -24.59 -65.46 -2.18
C GLY F 523 -23.69 -64.98 -1.05
N LEU F 524 -22.44 -64.65 -1.35
CA LEU F 524 -21.46 -64.40 -0.29
C LEU F 524 -21.61 -62.98 0.25
N SER F 525 -20.71 -62.63 1.16
CA SER F 525 -20.80 -61.38 1.90
C SER F 525 -20.26 -60.21 1.08
N ARG F 526 -20.41 -59.00 1.64
CA ARG F 526 -20.01 -57.79 0.92
C ARG F 526 -18.50 -57.70 0.75
N HIS F 527 -17.74 -58.18 1.74
CA HIS F 527 -16.28 -58.11 1.65
C HIS F 527 -15.76 -59.04 0.56
N GLU F 528 -16.48 -60.12 0.25
CA GLU F 528 -16.04 -61.02 -0.81
C GLU F 528 -16.30 -60.40 -2.18
N LYS F 529 -17.44 -59.75 -2.37
CA LYS F 529 -17.81 -59.22 -3.68
C LYS F 529 -16.88 -58.11 -4.13
N LEU F 530 -16.46 -57.24 -3.21
CA LEU F 530 -15.57 -56.14 -3.53
C LEU F 530 -14.12 -56.43 -3.11
N SER F 531 -13.76 -57.71 -3.03
CA SER F 531 -12.42 -58.07 -2.55
C SER F 531 -11.36 -57.77 -3.59
N GLU F 532 -11.66 -58.00 -4.87
CA GLU F 532 -10.68 -57.85 -5.94
C GLU F 532 -10.35 -56.39 -6.22
N LEU F 533 -11.13 -55.46 -5.66
CA LEU F 533 -10.87 -54.04 -5.85
C LEU F 533 -9.82 -53.53 -4.86
N ASP F 534 -9.05 -52.52 -5.26
CA ASP F 534 -8.06 -51.93 -4.38
C ASP F 534 -8.72 -51.01 -3.36
N GLU F 535 -7.90 -50.32 -2.58
CA GLU F 535 -8.43 -49.49 -1.50
C GLU F 535 -9.07 -48.21 -2.04
N ASN F 536 -8.66 -47.75 -3.22
CA ASN F 536 -9.20 -46.52 -3.77
C ASN F 536 -10.10 -46.76 -4.98
N ALA F 537 -10.01 -47.92 -5.63
CA ALA F 537 -10.94 -48.23 -6.71
C ALA F 537 -12.34 -48.50 -6.17
N ARG F 538 -12.44 -48.99 -4.93
CA ARG F 538 -13.74 -49.32 -4.36
C ARG F 538 -14.53 -48.06 -4.01
N ASN F 539 -13.84 -46.99 -3.60
CA ASN F 539 -14.49 -45.76 -3.16
C ASN F 539 -14.76 -44.80 -4.31
N GLN F 540 -14.63 -45.25 -5.56
CA GLN F 540 -14.85 -44.41 -6.73
C GLN F 540 -15.96 -45.02 -7.57
N LEU F 541 -16.75 -44.16 -8.21
CA LEU F 541 -17.90 -44.64 -8.97
C LEU F 541 -17.49 -45.24 -10.31
N SER F 542 -16.54 -44.59 -10.99
CA SER F 542 -16.14 -45.03 -12.33
C SER F 542 -15.53 -46.42 -12.29
N PHE F 543 -14.64 -46.68 -11.35
CA PHE F 543 -14.02 -47.99 -11.25
C PHE F 543 -14.99 -49.05 -10.79
N LEU F 544 -15.95 -48.67 -9.92
CA LEU F 544 -17.02 -49.59 -9.55
C LEU F 544 -17.78 -50.07 -10.78
N LEU F 545 -18.22 -49.12 -11.62
CA LEU F 545 -18.95 -49.51 -12.83
C LEU F 545 -18.08 -50.31 -13.78
N LEU F 546 -16.82 -49.88 -13.97
CA LEU F 546 -15.92 -50.53 -14.91
C LEU F 546 -15.64 -51.98 -14.51
N SER F 547 -15.46 -52.24 -13.22
CA SER F 547 -15.08 -53.58 -12.81
C SER F 547 -16.28 -54.48 -12.58
N ILE F 548 -17.43 -53.90 -12.21
CA ILE F 548 -18.56 -54.72 -11.82
C ILE F 548 -19.57 -54.81 -12.96
N LEU F 549 -20.07 -53.67 -13.41
CA LEU F 549 -21.16 -53.65 -14.37
C LEU F 549 -20.67 -53.84 -15.81
N LYS F 550 -19.39 -53.61 -16.06
CA LYS F 550 -18.83 -53.53 -17.41
C LYS F 550 -19.61 -52.52 -18.25
N SER F 551 -19.84 -51.35 -17.65
CA SER F 551 -20.60 -50.28 -18.29
C SER F 551 -19.80 -49.72 -19.45
N GLU F 552 -20.36 -49.78 -20.66
CA GLU F 552 -19.56 -49.45 -21.82
C GLU F 552 -19.43 -47.95 -22.06
N ALA F 553 -20.23 -47.13 -21.37
CA ALA F 553 -20.02 -45.68 -21.45
C ALA F 553 -18.67 -45.28 -20.88
N ILE F 554 -18.30 -45.85 -19.74
CA ILE F 554 -17.00 -45.59 -19.16
C ILE F 554 -15.89 -46.14 -20.06
N GLN F 555 -16.15 -47.25 -20.73
CA GLN F 555 -15.16 -47.79 -21.63
C GLN F 555 -14.99 -46.87 -22.84
N SER F 556 -16.07 -46.29 -23.34
CA SER F 556 -15.97 -45.32 -24.43
C SER F 556 -15.17 -44.10 -24.01
N ARG F 557 -15.42 -43.62 -22.79
CA ARG F 557 -14.67 -42.48 -22.28
C ARG F 557 -13.19 -42.79 -22.15
N ILE F 558 -12.87 -43.98 -21.65
CA ILE F 558 -11.46 -44.39 -21.49
C ILE F 558 -10.78 -44.48 -22.84
N ARG F 559 -11.45 -45.08 -23.82
CA ARG F 559 -10.88 -45.19 -25.17
C ARG F 559 -10.62 -43.81 -25.77
N GLU F 560 -11.60 -42.91 -25.66
CA GLU F 560 -11.46 -41.58 -26.26
C GLU F 560 -10.37 -40.77 -25.57
N ILE F 561 -10.24 -40.89 -24.25
CA ILE F 561 -9.24 -40.09 -23.54
C ILE F 561 -7.85 -40.71 -23.63
N SER F 562 -7.74 -42.00 -23.95
CA SER F 562 -6.44 -42.61 -24.12
C SER F 562 -5.92 -42.51 -25.55
N ASN F 563 -6.81 -42.36 -26.54
CA ASN F 563 -6.36 -42.15 -27.90
C ASN F 563 -5.63 -40.83 -28.08
N LEU F 564 -5.82 -39.87 -27.17
CA LEU F 564 -5.10 -38.61 -27.22
C LEU F 564 -3.66 -38.75 -26.77
N ALA F 565 -3.35 -39.74 -25.94
CA ALA F 565 -2.00 -39.95 -25.45
C ALA F 565 -1.26 -41.06 -26.16
N LEU F 566 -1.95 -42.08 -26.65
CA LEU F 566 -1.31 -43.24 -27.24
C LEU F 566 -1.16 -43.15 -28.75
N ASN F 567 -1.53 -42.02 -29.36
CA ASN F 567 -1.39 -41.88 -30.80
C ASN F 567 0.05 -41.63 -31.23
N ASP F 568 0.86 -41.03 -30.37
CA ASP F 568 2.28 -40.89 -30.64
C ASP F 568 3.02 -42.15 -30.23
N LYS F 569 4.14 -42.41 -30.89
CA LYS F 569 4.89 -43.64 -30.62
C LYS F 569 5.60 -43.56 -29.28
N GLU F 570 6.28 -42.45 -29.00
CA GLU F 570 7.08 -42.33 -27.79
C GLU F 570 6.21 -42.32 -26.54
N TYR F 571 5.08 -41.63 -26.59
CA TYR F 571 4.16 -41.62 -25.45
C TYR F 571 3.61 -43.02 -25.21
N LYS F 572 3.28 -43.75 -26.29
CA LYS F 572 2.78 -45.12 -26.13
C LYS F 572 3.83 -46.02 -25.49
N GLU F 573 5.08 -45.90 -25.92
CA GLU F 573 6.15 -46.71 -25.33
C GLU F 573 6.32 -46.41 -23.84
N THR F 574 6.31 -45.12 -23.48
CA THR F 574 6.53 -44.77 -22.08
C THR F 574 5.34 -45.19 -21.21
N VAL F 575 4.12 -45.06 -21.72
CA VAL F 575 2.95 -45.49 -20.96
C VAL F 575 2.96 -46.99 -20.73
N PHE F 576 3.33 -47.76 -21.76
CA PHE F 576 3.44 -49.20 -21.58
C PHE F 576 4.54 -49.55 -20.58
N ALA F 577 5.64 -48.80 -20.59
CA ALA F 577 6.70 -49.05 -19.61
C ALA F 577 6.23 -48.80 -18.18
N ILE F 578 5.46 -47.73 -17.98
CA ILE F 578 4.93 -47.44 -16.65
C ILE F 578 3.98 -48.55 -16.19
N LEU F 579 3.09 -48.99 -17.09
CA LEU F 579 2.15 -50.05 -16.71
C LEU F 579 2.88 -51.37 -16.42
N LEU F 580 3.91 -51.69 -17.19
CA LEU F 580 4.69 -52.90 -16.96
C LEU F 580 5.42 -52.84 -15.62
N LEU F 581 6.03 -51.70 -15.30
CA LEU F 581 6.70 -51.57 -14.01
C LEU F 581 5.71 -51.62 -12.85
N ASP F 582 4.48 -51.19 -13.06
CA ASP F 582 3.48 -51.30 -12.02
C ASP F 582 3.11 -52.76 -11.82
N VAL F 583 2.88 -53.47 -12.92
CA VAL F 583 2.42 -54.86 -12.82
C VAL F 583 3.49 -55.73 -12.17
N ILE F 584 4.76 -55.56 -12.55
CA ILE F 584 5.81 -56.40 -11.98
C ILE F 584 6.02 -56.06 -10.51
N GLY F 585 6.12 -54.78 -10.19
CA GLY F 585 6.21 -54.37 -8.79
C GLY F 585 7.35 -53.44 -8.44
N LEU F 586 8.23 -53.13 -9.39
CA LEU F 586 9.36 -52.27 -9.12
C LEU F 586 8.91 -50.83 -8.91
N PRO F 587 9.67 -50.03 -8.16
CA PRO F 587 9.33 -48.62 -7.98
C PRO F 587 9.47 -47.83 -9.27
N LEU F 588 8.70 -46.76 -9.38
CA LEU F 588 8.63 -45.96 -10.60
C LEU F 588 9.57 -44.75 -10.51
N VAL F 589 10.85 -45.02 -10.69
CA VAL F 589 11.87 -44.00 -10.77
C VAL F 589 12.06 -43.63 -12.23
N ARG F 590 12.57 -42.42 -12.50
CA ARG F 590 12.72 -41.97 -13.87
C ARG F 590 13.82 -42.73 -14.59
N SER F 591 14.89 -43.09 -13.87
CA SER F 591 16.02 -43.78 -14.49
C SER F 591 15.68 -45.19 -14.93
N LEU F 592 14.58 -45.76 -14.43
CA LEU F 592 14.15 -47.10 -14.81
C LEU F 592 13.08 -47.09 -15.89
N ILE F 593 12.15 -46.12 -15.85
CA ILE F 593 11.20 -45.93 -16.93
C ILE F 593 11.92 -45.49 -18.20
N SER F 594 12.97 -44.69 -18.06
CA SER F 594 13.77 -44.32 -19.22
C SER F 594 14.64 -45.45 -19.74
N ASP F 595 14.75 -46.55 -19.02
CA ASP F 595 15.47 -47.73 -19.50
C ASP F 595 14.53 -48.73 -20.16
N VAL F 596 13.39 -48.99 -19.54
CA VAL F 596 12.40 -49.88 -20.15
C VAL F 596 11.78 -49.23 -21.38
N ALA F 597 11.56 -47.92 -21.33
CA ALA F 597 10.77 -47.22 -22.35
C ALA F 597 11.53 -46.98 -23.64
N VAL F 598 12.81 -47.38 -23.70
CA VAL F 598 13.75 -47.23 -24.83
C VAL F 598 13.77 -45.82 -25.39
N ASN F 599 13.52 -44.81 -24.56
CA ASN F 599 13.64 -43.42 -24.98
C ASN F 599 13.78 -42.54 -23.74
N GLU F 600 13.80 -41.23 -23.98
CA GLU F 600 13.92 -40.26 -22.90
C GLU F 600 12.78 -39.25 -22.95
N LYS F 601 11.56 -39.74 -23.14
CA LYS F 601 10.38 -38.88 -23.11
C LYS F 601 9.76 -38.77 -21.72
N ILE F 602 10.20 -39.58 -20.76
CA ILE F 602 9.77 -39.42 -19.38
C ILE F 602 10.35 -38.14 -18.80
N TYR F 603 11.60 -37.82 -19.15
CA TYR F 603 12.27 -36.62 -18.65
C TYR F 603 11.70 -35.34 -19.22
N SER F 604 10.92 -35.41 -20.30
CA SER F 604 10.39 -34.21 -20.93
C SER F 604 9.37 -33.54 -20.02
N ALA F 605 9.23 -32.22 -20.20
CA ALA F 605 8.27 -31.44 -19.43
C ALA F 605 6.88 -31.41 -20.06
N GLU F 606 6.70 -32.05 -21.21
CA GLU F 606 5.41 -32.10 -21.88
C GLU F 606 4.70 -33.43 -21.71
N PHE F 607 5.38 -34.45 -21.17
CA PHE F 607 4.74 -35.75 -21.00
C PHE F 607 3.64 -35.67 -19.96
N THR F 608 3.83 -34.91 -18.90
CA THR F 608 2.88 -34.83 -17.80
C THR F 608 1.82 -33.75 -18.01
N GLU F 609 1.82 -33.06 -19.15
CA GLU F 609 0.81 -32.07 -19.46
C GLU F 609 -0.16 -32.54 -20.54
N ASN F 610 -0.06 -33.79 -20.96
CA ASN F 610 -0.95 -34.35 -21.97
C ASN F 610 -2.34 -34.56 -21.38
N GLU F 611 -3.34 -34.63 -22.25
CA GLU F 611 -4.70 -34.93 -21.80
C GLU F 611 -4.79 -36.35 -21.23
N GLY F 612 -4.35 -37.33 -22.01
CA GLY F 612 -4.47 -38.71 -21.57
C GLY F 612 -3.56 -39.03 -20.39
N VAL F 613 -2.36 -38.47 -20.37
CA VAL F 613 -1.43 -38.76 -19.28
C VAL F 613 -1.94 -38.15 -17.98
N LYS F 614 -2.55 -36.96 -18.05
CA LYS F 614 -3.10 -36.36 -16.84
C LYS F 614 -4.39 -37.03 -16.41
N ASN F 615 -5.17 -37.55 -17.35
CA ASN F 615 -6.46 -38.15 -17.02
C ASN F 615 -6.41 -39.64 -16.72
N LEU F 616 -5.26 -40.29 -16.96
CA LEU F 616 -5.14 -41.72 -16.71
C LEU F 616 -4.23 -42.07 -15.54
N PHE F 617 -3.39 -41.15 -15.08
CA PHE F 617 -2.45 -41.42 -14.01
C PHE F 617 -2.56 -40.35 -12.94
N ILE F 618 -2.09 -40.67 -11.75
CA ILE F 618 -2.00 -39.71 -10.66
C ILE F 618 -0.59 -39.15 -10.66
N ILE F 619 -0.47 -37.84 -10.85
CA ILE F 619 0.83 -37.18 -10.84
C ILE F 619 0.86 -36.17 -9.71
N SER F 620 1.90 -36.31 -8.87
CA SER F 620 2.09 -35.41 -7.76
C SER F 620 3.44 -34.75 -7.92
N ASN F 621 3.44 -33.45 -8.12
CA ASN F 621 4.66 -32.67 -8.30
C ASN F 621 5.53 -33.22 -9.43
N GLY F 622 4.90 -33.59 -10.53
CA GLY F 622 5.60 -34.08 -11.71
C GLY F 622 5.78 -35.57 -11.80
N MET F 623 6.15 -36.22 -10.70
CA MET F 623 6.34 -37.66 -10.71
C MET F 623 5.00 -38.37 -10.90
N VAL F 624 5.07 -39.58 -11.45
CA VAL F 624 3.88 -40.30 -11.89
C VAL F 624 3.67 -41.53 -11.03
N LYS F 625 2.40 -41.86 -10.80
CA LYS F 625 2.00 -43.12 -10.19
C LYS F 625 0.60 -43.47 -10.66
N THR F 626 0.33 -44.76 -10.79
CA THR F 626 -0.92 -45.19 -11.39
C THR F 626 -2.09 -45.05 -10.41
N LYS F 627 -3.29 -45.04 -10.96
CA LYS F 627 -4.49 -44.84 -10.14
C LYS F 627 -4.85 -46.12 -9.40
N SER F 628 -5.15 -47.18 -10.14
CA SER F 628 -5.64 -48.41 -9.53
C SER F 628 -5.25 -49.58 -10.42
N SER F 629 -5.36 -50.78 -9.84
CA SER F 629 -5.09 -51.99 -10.61
C SER F 629 -6.23 -52.33 -11.55
N THR F 630 -7.46 -52.00 -11.17
CA THR F 630 -8.62 -52.29 -12.02
C THR F 630 -8.65 -51.44 -13.28
N LEU F 631 -7.83 -50.39 -13.36
CA LEU F 631 -7.67 -49.63 -14.59
C LEU F 631 -6.44 -50.05 -15.37
N SER F 632 -5.33 -50.32 -14.68
CA SER F 632 -4.11 -50.77 -15.38
C SER F 632 -4.33 -52.12 -16.05
N ARG F 633 -4.98 -53.06 -15.36
CA ARG F 633 -5.22 -54.37 -15.95
C ARG F 633 -6.18 -54.27 -17.12
N PHE F 634 -7.20 -53.41 -17.02
CA PHE F 634 -8.10 -53.20 -18.14
C PHE F 634 -7.39 -52.56 -19.32
N LEU F 635 -6.48 -51.62 -19.05
CA LEU F 635 -5.71 -51.01 -20.14
C LEU F 635 -4.87 -52.04 -20.86
N ILE F 636 -4.17 -52.88 -20.10
CA ILE F 636 -3.31 -53.91 -20.68
C ILE F 636 -4.14 -54.91 -21.49
N ALA F 637 -5.30 -55.29 -20.98
CA ALA F 637 -6.11 -56.29 -21.66
C ALA F 637 -6.84 -55.74 -22.88
N ASN F 638 -7.28 -54.50 -22.87
CA ASN F 638 -8.15 -54.03 -23.94
C ASN F 638 -7.52 -52.96 -24.83
N ILE F 639 -6.87 -51.96 -24.25
CA ILE F 639 -6.34 -50.86 -25.06
C ILE F 639 -5.06 -51.27 -25.75
N PHE F 640 -4.11 -51.80 -24.99
CA PHE F 640 -2.89 -52.36 -25.56
C PHE F 640 -3.20 -53.75 -26.09
N GLU F 641 -3.36 -53.85 -27.41
CA GLU F 641 -3.65 -55.13 -28.03
C GLU F 641 -2.47 -56.08 -27.87
N HIS F 642 -2.77 -57.38 -27.92
CA HIS F 642 -1.77 -58.41 -27.60
C HIS F 642 -0.64 -58.44 -28.62
N LYS F 643 -0.94 -58.20 -29.89
CA LYS F 643 0.11 -58.21 -30.91
C LYS F 643 1.05 -57.03 -30.79
N TYR F 644 0.68 -56.00 -30.02
CA TYR F 644 1.65 -54.98 -29.66
C TYR F 644 2.41 -55.39 -28.40
N VAL F 645 1.71 -56.05 -27.47
CA VAL F 645 2.31 -56.39 -26.18
C VAL F 645 3.47 -57.36 -26.37
N VAL F 646 3.28 -58.40 -27.21
CA VAL F 646 4.34 -59.39 -27.39
C VAL F 646 5.55 -58.79 -28.08
N ASN F 647 5.33 -58.01 -29.14
CA ASN F 647 6.44 -57.41 -29.88
C ASN F 647 7.21 -56.41 -29.01
N GLN F 648 6.49 -55.56 -28.26
CA GLN F 648 7.17 -54.60 -27.40
C GLN F 648 7.88 -55.30 -26.25
N LEU F 649 7.30 -56.40 -25.74
CA LEU F 649 7.97 -57.15 -24.68
C LEU F 649 9.28 -57.73 -25.16
N LEU F 650 9.29 -58.30 -26.37
CA LEU F 650 10.53 -58.84 -26.91
C LEU F 650 11.55 -57.73 -27.16
N LYS F 651 11.09 -56.57 -27.64
CA LYS F 651 12.00 -55.46 -27.84
C LYS F 651 12.63 -54.98 -26.53
N VAL F 652 11.82 -54.86 -25.48
CA VAL F 652 12.37 -54.34 -24.22
C VAL F 652 13.28 -55.37 -23.57
N ILE F 653 13.00 -56.67 -23.67
CA ILE F 653 13.91 -57.62 -23.03
C ILE F 653 15.22 -57.69 -23.80
N GLU F 654 15.17 -57.59 -25.13
CA GLU F 654 16.41 -57.53 -25.91
C GLU F 654 17.22 -56.29 -25.57
N HIS F 655 16.56 -55.14 -25.45
CA HIS F 655 17.29 -53.91 -25.10
C HIS F 655 17.93 -54.03 -23.72
N LEU F 656 17.19 -54.57 -22.75
CA LEU F 656 17.72 -54.75 -21.42
C LEU F 656 18.92 -55.70 -21.41
N TYR F 657 18.87 -56.79 -22.17
CA TYR F 657 20.01 -57.69 -22.23
C TYR F 657 21.22 -57.08 -22.94
N VAL F 658 21.01 -56.22 -23.93
CA VAL F 658 22.15 -55.53 -24.53
C VAL F 658 22.76 -54.53 -23.56
N ILE F 659 21.94 -53.70 -22.92
CA ILE F 659 22.49 -52.64 -22.07
C ILE F 659 23.11 -53.13 -20.77
N ASN F 660 22.59 -54.22 -20.22
CA ASN F 660 23.07 -54.67 -18.91
C ASN F 660 24.36 -55.50 -18.99
N LYS F 661 24.84 -55.83 -20.18
CA LYS F 661 26.11 -56.54 -20.25
C LYS F 661 27.31 -55.66 -19.93
N ASP F 662 27.13 -54.35 -19.85
CA ASP F 662 28.21 -53.42 -19.49
C ASP F 662 28.05 -52.81 -18.11
N ALA F 663 26.84 -52.39 -17.74
CA ALA F 663 26.63 -51.77 -16.45
C ALA F 663 26.66 -52.78 -15.30
N LYS F 664 26.22 -54.01 -15.56
CA LYS F 664 26.13 -55.07 -14.56
C LYS F 664 25.29 -54.65 -13.36
N ASP F 665 24.22 -53.91 -13.63
CA ASP F 665 23.34 -53.45 -12.57
C ASP F 665 22.42 -54.58 -12.12
N HIS F 666 22.18 -54.65 -10.81
CA HIS F 666 21.38 -55.75 -10.25
C HIS F 666 19.90 -55.62 -10.60
N ARG F 667 19.38 -54.39 -10.66
CA ARG F 667 17.97 -54.19 -10.95
C ARG F 667 17.61 -54.68 -12.34
N LEU F 668 18.48 -54.43 -13.31
CA LEU F 668 18.24 -54.95 -14.66
C LEU F 668 18.29 -56.47 -14.67
N GLN F 669 19.18 -57.07 -13.87
CA GLN F 669 19.24 -58.53 -13.79
C GLN F 669 17.96 -59.12 -13.23
N THR F 670 17.44 -58.56 -12.13
CA THR F 670 16.22 -59.12 -11.59
C THR F 670 15.01 -58.81 -12.46
N LEU F 671 15.01 -57.67 -13.16
CA LEU F 671 13.95 -57.38 -14.10
C LEU F 671 13.95 -58.38 -15.26
N ILE F 672 15.14 -58.71 -15.78
CA ILE F 672 15.23 -59.66 -16.89
C ILE F 672 14.81 -61.05 -16.43
N THR F 673 15.30 -61.48 -15.26
CA THR F 673 14.95 -62.82 -14.79
C THR F 673 13.54 -62.90 -14.23
N SER F 674 12.86 -61.77 -14.01
CA SER F 674 11.46 -61.80 -13.62
C SER F 674 10.51 -61.62 -14.79
N LEU F 675 10.98 -61.05 -15.89
CA LEU F 675 10.15 -60.96 -17.09
C LEU F 675 9.89 -62.32 -17.72
N LEU F 676 10.69 -63.34 -17.39
CA LEU F 676 10.50 -64.66 -17.96
C LEU F 676 9.46 -65.49 -17.23
N ARG F 677 9.06 -65.09 -16.03
CA ARG F 677 8.15 -65.91 -15.23
C ARG F 677 6.76 -65.94 -15.87
N PHE F 678 6.15 -67.13 -15.86
CA PHE F 678 4.88 -67.32 -16.55
C PHE F 678 3.71 -66.65 -15.84
N SER F 679 3.82 -66.41 -14.53
CA SER F 679 2.75 -65.70 -13.83
C SER F 679 2.59 -64.29 -14.36
N ILE F 680 3.71 -63.58 -14.55
CA ILE F 680 3.67 -62.21 -15.06
C ILE F 680 3.14 -62.18 -16.49
N ILE F 681 3.60 -63.11 -17.33
CA ILE F 681 3.17 -63.12 -18.73
C ILE F 681 1.69 -63.46 -18.84
N GLU F 682 1.22 -64.43 -18.05
CA GLU F 682 -0.19 -64.76 -18.08
C GLU F 682 -1.04 -63.66 -17.44
N LYS F 683 -0.44 -62.79 -16.62
CA LYS F 683 -1.12 -61.58 -16.20
C LYS F 683 -1.13 -60.52 -17.29
N LEU F 684 -0.12 -60.54 -18.18
CA LEU F 684 -0.06 -59.58 -19.28
C LEU F 684 -0.94 -60.01 -20.44
N LEU F 685 -0.79 -61.25 -20.90
CA LEU F 685 -1.53 -61.78 -22.04
C LEU F 685 -2.58 -62.75 -21.52
N PRO F 686 -3.85 -62.34 -21.42
CA PRO F 686 -4.87 -63.23 -20.86
C PRO F 686 -5.31 -64.29 -21.87
N GLN F 687 -4.89 -65.54 -21.63
CA GLN F 687 -5.32 -66.71 -22.39
C GLN F 687 -5.01 -66.56 -23.88
N ARG F 688 -3.72 -66.49 -24.19
CA ARG F 688 -3.24 -66.37 -25.56
C ARG F 688 -2.19 -67.46 -25.78
N ARG F 689 -2.60 -68.57 -26.37
CA ARG F 689 -1.69 -69.71 -26.57
C ARG F 689 -0.61 -69.37 -27.60
N VAL F 690 -1.01 -68.87 -28.75
CA VAL F 690 -0.05 -68.58 -29.80
C VAL F 690 0.95 -67.54 -29.35
N GLU F 691 0.46 -66.44 -28.80
CA GLU F 691 1.35 -65.36 -28.40
C GLU F 691 2.36 -65.83 -27.35
N ILE F 692 1.89 -66.59 -26.36
CA ILE F 692 2.79 -67.04 -25.30
C ILE F 692 3.81 -68.04 -25.84
N ASN F 693 3.37 -68.95 -26.71
CA ASN F 693 4.30 -69.91 -27.31
C ASN F 693 5.34 -69.22 -28.18
N TYR F 694 4.92 -68.24 -28.97
CA TYR F 694 5.88 -67.50 -29.79
C TYR F 694 6.87 -66.74 -28.91
N PHE F 695 6.37 -66.13 -27.82
CA PHE F 695 7.25 -65.42 -26.90
C PHE F 695 8.29 -66.35 -26.30
N TYR F 696 7.86 -67.52 -25.83
CA TYR F 696 8.78 -68.41 -25.14
C TYR F 696 9.71 -69.14 -26.09
N GLU F 697 9.34 -69.34 -27.35
CA GLU F 697 10.26 -69.93 -28.30
C GLU F 697 11.15 -68.89 -28.98
N LYS F 698 10.84 -67.60 -28.85
CA LYS F 698 11.71 -66.56 -29.37
C LYS F 698 12.68 -66.02 -28.34
N VAL F 699 12.33 -66.06 -27.06
CA VAL F 699 13.24 -65.53 -26.04
C VAL F 699 14.52 -66.37 -25.97
N LYS F 700 14.43 -67.69 -26.19
CA LYS F 700 15.62 -68.53 -26.18
C LYS F 700 16.50 -68.31 -27.40
N HIS F 701 15.99 -67.67 -28.44
CA HIS F 701 16.83 -67.22 -29.54
C HIS F 701 17.37 -65.81 -29.33
N ILE F 702 16.64 -64.99 -28.58
CA ILE F 702 17.14 -63.67 -28.21
C ILE F 702 18.38 -63.81 -27.33
N ILE F 703 18.32 -64.69 -26.34
CA ILE F 703 19.42 -64.93 -25.41
C ILE F 703 19.79 -66.40 -25.52
N PRO F 704 21.06 -66.74 -25.78
CA PRO F 704 21.44 -68.15 -25.94
C PRO F 704 21.76 -68.88 -24.65
N ASN F 705 21.54 -68.27 -23.50
CA ASN F 705 21.91 -68.90 -22.23
C ASN F 705 20.78 -69.66 -21.58
N LEU F 706 19.52 -69.40 -21.96
CA LEU F 706 18.39 -70.07 -21.33
C LEU F 706 18.27 -71.54 -21.72
N ILE F 707 18.88 -71.93 -22.83
CA ILE F 707 18.76 -73.30 -23.27
C ILE F 707 19.57 -74.10 -22.29
N ASN F 708 20.07 -73.42 -21.27
CA ASN F 708 20.89 -74.09 -20.27
C ASN F 708 20.19 -74.07 -18.94
N ASP F 709 20.13 -72.89 -18.33
CA ASP F 709 19.47 -72.77 -17.05
C ASP F 709 18.16 -73.52 -17.08
N PRO F 710 18.01 -74.50 -16.19
CA PRO F 710 16.78 -75.29 -16.15
C PRO F 710 15.56 -74.41 -15.95
N HIS F 711 15.66 -73.38 -15.12
CA HIS F 711 14.51 -72.54 -14.84
C HIS F 711 13.71 -72.25 -16.08
N PHE F 712 14.35 -71.68 -17.10
CA PHE F 712 13.60 -71.29 -18.29
C PHE F 712 12.73 -72.43 -18.78
N TRP F 713 13.29 -73.64 -18.81
CA TRP F 713 12.51 -74.79 -19.25
C TRP F 713 11.40 -75.11 -18.25
N VAL F 714 11.62 -74.84 -16.96
CA VAL F 714 10.56 -75.01 -15.97
C VAL F 714 9.41 -74.06 -16.25
N GLN F 715 9.73 -72.80 -16.55
CA GLN F 715 8.69 -71.81 -16.86
C GLN F 715 7.96 -72.17 -18.15
N TYR F 716 8.69 -72.62 -19.16
CA TYR F 716 8.07 -72.94 -20.42
C TYR F 716 7.24 -74.20 -20.30
N ALA F 717 7.53 -75.02 -19.29
CA ALA F 717 6.73 -76.22 -19.07
C ALA F 717 5.47 -75.80 -18.34
N MET F 718 5.61 -74.93 -17.36
CA MET F 718 4.47 -74.40 -16.62
C MET F 718 3.51 -73.67 -17.55
N SER F 719 4.00 -73.20 -18.69
CA SER F 719 3.12 -72.54 -19.65
C SER F 719 2.17 -73.53 -20.26
N MET F 720 2.68 -74.69 -20.65
CA MET F 720 1.85 -75.69 -21.32
C MET F 720 0.76 -76.26 -20.43
N ILE F 721 0.97 -76.28 -19.13
CA ILE F 721 0.01 -76.91 -18.20
C ILE F 721 -1.46 -76.54 -18.41
N PRO F 722 -1.85 -75.28 -18.14
CA PRO F 722 -3.29 -75.00 -18.22
C PRO F 722 -3.89 -75.24 -19.60
N PHE F 723 -3.08 -75.53 -20.61
CA PHE F 723 -3.58 -75.83 -21.95
C PHE F 723 -3.56 -77.33 -22.25
N LYS F 724 -3.43 -78.17 -21.22
CA LYS F 724 -3.60 -79.62 -21.26
C LYS F 724 -2.55 -80.35 -22.11
N ASP F 725 -1.60 -79.61 -22.69
CA ASP F 725 -0.52 -80.21 -23.47
C ASP F 725 0.49 -80.84 -22.51
N TYR F 726 0.14 -82.03 -22.03
CA TYR F 726 0.92 -82.71 -21.01
C TYR F 726 2.19 -83.41 -21.51
N PRO F 727 2.20 -84.12 -22.65
CA PRO F 727 3.47 -84.73 -23.10
C PRO F 727 4.57 -83.73 -23.40
N SER F 728 4.23 -82.57 -23.97
CA SER F 728 5.25 -81.54 -24.21
C SER F 728 5.82 -81.03 -22.90
N ALA F 729 4.96 -80.81 -21.91
CA ALA F 729 5.43 -80.43 -20.59
C ALA F 729 6.30 -81.50 -19.97
N ASP F 730 5.96 -82.78 -20.18
CA ASP F 730 6.78 -83.87 -19.67
C ASP F 730 8.17 -83.86 -20.29
N ARG F 731 8.25 -83.64 -21.60
CA ARG F 731 9.55 -83.52 -22.25
C ARG F 731 10.31 -82.32 -21.72
N TYR F 732 9.61 -81.22 -21.44
CA TYR F 732 10.29 -80.04 -20.90
C TYR F 732 10.85 -80.28 -19.51
N LEU F 733 10.08 -80.92 -18.63
CA LEU F 733 10.62 -81.29 -17.32
C LEU F 733 11.76 -82.30 -17.46
N ALA F 734 11.70 -83.19 -18.46
CA ALA F 734 12.80 -84.11 -18.69
C ALA F 734 14.08 -83.37 -19.07
N THR F 735 13.97 -82.39 -19.95
CA THR F 735 15.12 -81.58 -20.32
C THR F 735 15.63 -80.77 -19.13
N ALA F 736 14.71 -80.24 -18.32
CA ALA F 736 15.11 -79.50 -17.13
C ALA F 736 15.84 -80.40 -16.14
N TYR F 737 15.38 -81.64 -15.96
CA TYR F 737 16.07 -82.58 -15.10
C TYR F 737 17.45 -82.92 -15.62
N SER F 738 17.56 -83.13 -16.94
CA SER F 738 18.86 -83.45 -17.53
C SER F 738 19.83 -82.29 -17.37
N LEU F 739 19.35 -81.05 -17.53
CA LEU F 739 20.22 -79.90 -17.33
C LEU F 739 20.58 -79.72 -15.86
N ALA F 740 19.65 -80.02 -14.96
CA ALA F 740 19.91 -79.85 -13.52
C ALA F 740 20.83 -80.94 -12.99
N ALA F 741 20.92 -82.07 -13.69
CA ALA F 741 21.78 -83.16 -13.23
C ALA F 741 23.25 -82.76 -13.30
N ARG F 742 23.65 -82.05 -14.34
CA ARG F 742 25.06 -81.71 -14.52
C ARG F 742 25.52 -80.59 -13.60
N LYS F 743 24.60 -79.81 -13.04
CA LYS F 743 24.97 -78.71 -12.18
C LYS F 743 25.24 -79.22 -10.76
N ASP F 744 26.34 -78.76 -10.18
CA ASP F 744 26.70 -79.17 -8.82
C ASP F 744 25.95 -78.32 -7.80
N ASN F 745 25.40 -79.00 -6.77
CA ASN F 745 24.67 -78.36 -5.67
C ASN F 745 23.51 -77.51 -6.18
N TYR F 746 22.77 -78.05 -7.15
CA TYR F 746 21.66 -77.32 -7.77
C TYR F 746 20.37 -77.68 -7.05
N HIS F 747 19.61 -76.65 -6.66
CA HIS F 747 18.33 -76.88 -6.02
C HIS F 747 17.32 -77.38 -7.05
N THR F 748 16.72 -78.54 -6.77
CA THR F 748 15.85 -79.21 -7.72
C THR F 748 14.43 -79.37 -7.20
N LYS F 749 14.12 -78.83 -6.01
CA LYS F 749 12.81 -79.02 -5.43
C LYS F 749 11.70 -78.28 -6.18
N ASN F 750 12.03 -77.18 -6.87
CA ASN F 750 11.02 -76.50 -7.68
C ASN F 750 10.67 -77.33 -8.92
N ILE F 751 11.69 -77.88 -9.58
CA ILE F 751 11.45 -78.77 -10.71
C ILE F 751 10.71 -80.01 -10.25
N ASP F 752 11.02 -80.50 -9.05
CA ASP F 752 10.31 -81.63 -8.47
C ASP F 752 8.85 -81.27 -8.21
N THR F 753 8.60 -80.04 -7.75
CA THR F 753 7.22 -79.61 -7.51
C THR F 753 6.42 -79.54 -8.80
N GLN F 754 7.04 -79.01 -9.86
CA GLN F 754 6.35 -78.97 -11.16
C GLN F 754 6.13 -80.37 -11.71
N ARG F 755 7.09 -81.27 -11.54
CA ARG F 755 6.92 -82.65 -11.97
C ARG F 755 5.80 -83.34 -11.20
N ALA F 756 5.71 -83.07 -9.90
CA ALA F 756 4.63 -83.64 -9.10
C ALA F 756 3.28 -83.07 -9.52
N ARG F 757 3.24 -81.78 -9.86
CA ARG F 757 1.99 -81.19 -10.35
C ARG F 757 1.57 -81.83 -11.67
N LEU F 758 2.52 -82.07 -12.57
CA LEU F 758 2.21 -82.73 -13.82
C LEU F 758 1.73 -84.17 -13.59
N HIS F 759 2.37 -84.87 -12.63
CA HIS F 759 1.94 -86.22 -12.28
C HIS F 759 0.53 -86.21 -11.71
N LEU F 760 0.21 -85.23 -10.86
CA LEU F 760 -1.14 -85.12 -10.32
C LEU F 760 -2.15 -84.83 -11.43
N LEU F 761 -1.79 -83.98 -12.39
CA LEU F 761 -2.68 -83.70 -13.51
C LEU F 761 -2.94 -84.94 -14.35
N VAL F 762 -1.89 -85.69 -14.69
CA VAL F 762 -2.10 -86.88 -15.52
C VAL F 762 -2.75 -88.00 -14.72
N SER F 763 -2.67 -87.97 -13.38
CA SER F 763 -3.46 -88.90 -12.58
C SER F 763 -4.92 -88.49 -12.55
N LEU F 764 -5.19 -87.18 -12.58
CA LEU F 764 -6.57 -86.72 -12.71
C LEU F 764 -7.17 -87.12 -14.05
N THR F 765 -6.38 -87.05 -15.12
CA THR F 765 -6.88 -87.43 -16.44
C THR F 765 -7.07 -88.93 -16.58
N LYS F 766 -6.46 -89.74 -15.71
CA LYS F 766 -6.51 -91.19 -15.82
C LYS F 766 -7.35 -91.78 -14.69
N THR F 767 -7.72 -93.04 -14.85
CA THR F 767 -8.49 -93.78 -13.86
C THR F 767 -7.90 -95.16 -13.70
N GLY F 768 -8.00 -95.69 -12.48
CA GLY F 768 -7.60 -97.06 -12.21
C GLY F 768 -6.14 -97.24 -11.84
N ASN F 769 -5.49 -98.23 -12.46
CA ASN F 769 -4.14 -98.60 -12.05
C ASN F 769 -3.11 -97.54 -12.47
N GLU F 770 -3.28 -96.98 -13.67
CA GLU F 770 -2.35 -95.94 -14.12
C GLU F 770 -2.48 -94.68 -13.30
N ALA F 771 -3.71 -94.34 -12.88
CA ALA F 771 -3.90 -93.22 -11.97
C ALA F 771 -3.22 -93.45 -10.64
N TYR F 772 -3.29 -94.69 -10.13
CA TYR F 772 -2.59 -95.04 -8.90
C TYR F 772 -1.07 -94.94 -9.07
N LEU F 773 -0.56 -95.38 -10.22
CA LEU F 773 0.87 -95.31 -10.48
C LEU F 773 1.35 -93.86 -10.53
N GLU F 774 0.61 -92.99 -11.22
CA GLU F 774 0.97 -91.58 -11.26
C GLU F 774 0.84 -90.93 -9.90
N PHE F 775 -0.17 -91.34 -9.11
CA PHE F 775 -0.32 -90.82 -7.76
C PHE F 775 0.85 -91.22 -6.88
N GLU F 776 1.33 -92.46 -7.02
CA GLU F 776 2.50 -92.89 -6.26
C GLU F 776 3.75 -92.14 -6.69
N ALA F 777 3.90 -91.91 -8.00
CA ALA F 777 5.04 -91.15 -8.51
C ALA F 777 5.02 -89.71 -8.03
N GLY F 778 3.83 -89.13 -7.86
CA GLY F 778 3.75 -87.81 -7.24
C GLY F 778 3.90 -87.83 -5.74
N ASP F 779 3.47 -88.93 -5.10
CA ASP F 779 3.47 -89.00 -3.64
C ASP F 779 4.87 -89.17 -3.09
N ASN F 780 5.70 -90.01 -3.72
CA ASN F 780 7.08 -90.13 -3.27
C ASN F 780 7.83 -88.82 -3.47
N LEU F 781 7.56 -88.14 -4.59
CA LEU F 781 8.19 -86.85 -4.84
C LEU F 781 7.78 -85.81 -3.81
N ILE F 782 6.48 -85.73 -3.48
CA ILE F 782 6.05 -84.79 -2.46
C ILE F 782 6.52 -85.22 -1.07
N ARG F 783 6.84 -86.51 -0.89
CA ARG F 783 7.44 -86.95 0.36
C ARG F 783 8.87 -86.44 0.49
N ILE F 784 9.64 -86.49 -0.60
CA ILE F 784 11.00 -85.92 -0.54
C ILE F 784 11.00 -84.40 -0.63
N ILE F 785 9.87 -83.79 -0.96
CA ILE F 785 9.78 -82.33 -0.96
C ILE F 785 9.61 -81.85 0.48
N PRO F 786 10.46 -80.94 0.96
CA PRO F 786 10.29 -80.39 2.31
C PRO F 786 9.05 -79.51 2.40
N ASN F 787 8.58 -79.34 3.63
CA ASN F 787 7.38 -78.54 3.88
C ASN F 787 7.68 -77.07 3.63
N ASP F 788 7.29 -76.58 2.46
CA ASP F 788 7.47 -75.18 2.09
C ASP F 788 6.17 -74.65 1.51
N ILE F 789 6.20 -73.39 1.06
CA ILE F 789 4.99 -72.70 0.64
C ILE F 789 4.38 -73.36 -0.60
N TYR F 790 5.22 -73.82 -1.52
CA TYR F 790 4.72 -74.43 -2.75
C TYR F 790 4.17 -75.84 -2.52
N LYS F 791 4.52 -76.47 -1.40
CA LYS F 791 4.05 -77.83 -1.14
C LYS F 791 2.55 -77.85 -0.82
N TYR F 792 2.07 -76.83 -0.11
CA TYR F 792 0.67 -76.82 0.30
C TYR F 792 -0.30 -76.53 -0.84
N ARG F 793 0.22 -76.11 -1.99
CA ARG F 793 -0.63 -75.84 -3.15
C ARG F 793 -1.18 -77.13 -3.70
N GLN F 794 -0.41 -78.20 -3.62
CA GLN F 794 -0.81 -79.49 -4.19
C GLN F 794 -1.79 -80.25 -3.32
N VAL F 795 -2.06 -79.75 -2.11
CA VAL F 795 -2.99 -80.43 -1.21
C VAL F 795 -4.42 -80.38 -1.76
N LEU F 796 -4.78 -79.29 -2.45
CA LEU F 796 -6.14 -79.13 -2.95
C LEU F 796 -6.49 -80.16 -4.02
N ARG F 797 -5.50 -80.74 -4.70
CA ARG F 797 -5.78 -81.71 -5.75
C ARG F 797 -6.21 -83.06 -5.18
N TYR F 798 -5.80 -83.40 -3.96
CA TYR F 798 -6.25 -84.65 -3.35
C TYR F 798 -7.75 -84.63 -3.06
N ARG F 799 -8.31 -83.45 -2.80
CA ARG F 799 -9.76 -83.34 -2.62
C ARG F 799 -10.50 -83.71 -3.90
N ASP F 800 -10.03 -83.21 -5.04
CA ASP F 800 -10.64 -83.58 -6.32
C ASP F 800 -10.38 -85.05 -6.65
N ILE F 801 -9.23 -85.57 -6.23
CA ILE F 801 -8.92 -86.99 -6.41
C ILE F 801 -9.94 -87.85 -5.66
N TYR F 802 -10.23 -87.47 -4.41
CA TYR F 802 -11.23 -88.20 -3.65
C TYR F 802 -12.63 -88.00 -4.20
N GLU F 803 -12.91 -86.82 -4.75
CA GLU F 803 -14.25 -86.55 -5.26
C GLU F 803 -14.53 -87.27 -6.57
N LYS F 804 -13.52 -87.46 -7.43
CA LYS F 804 -13.75 -87.97 -8.78
C LYS F 804 -13.21 -89.37 -8.98
N VAL F 805 -11.92 -89.60 -8.73
CA VAL F 805 -11.23 -90.81 -9.16
C VAL F 805 -11.14 -91.85 -8.04
N TYR F 806 -11.56 -91.51 -6.82
CA TYR F 806 -11.45 -92.44 -5.69
C TYR F 806 -12.21 -93.76 -5.87
N PRO F 807 -13.48 -93.79 -6.33
CA PRO F 807 -14.15 -95.11 -6.46
C PRO F 807 -13.54 -96.02 -7.51
N THR F 808 -12.73 -95.50 -8.43
CA THR F 808 -12.15 -96.34 -9.47
C THR F 808 -11.07 -97.27 -8.93
N PHE F 809 -10.60 -97.03 -7.72
CA PHE F 809 -9.49 -97.81 -7.18
C PHE F 809 -10.00 -99.01 -6.39
N ASN F 810 -9.11 -99.98 -6.19
CA ASN F 810 -9.41 -101.17 -5.40
C ASN F 810 -9.18 -100.86 -3.93
N ALA F 811 -9.30 -101.90 -3.08
CA ALA F 811 -9.14 -101.70 -1.64
C ALA F 811 -7.71 -101.35 -1.28
N LYS F 812 -6.73 -102.00 -1.91
CA LYS F 812 -5.32 -101.75 -1.60
C LYS F 812 -4.92 -100.31 -1.94
N GLN F 813 -5.34 -99.84 -3.12
CA GLN F 813 -5.04 -98.46 -3.49
C GLN F 813 -5.79 -97.46 -2.62
N LYS F 814 -7.01 -97.81 -2.19
CA LYS F 814 -7.74 -96.94 -1.27
C LYS F 814 -7.03 -96.83 0.07
N VAL F 815 -6.49 -97.94 0.58
CA VAL F 815 -5.72 -97.90 1.82
C VAL F 815 -4.43 -97.12 1.62
N PHE F 816 -3.82 -97.23 0.43
CA PHE F 816 -2.62 -96.46 0.12
C PHE F 816 -2.88 -94.97 0.17
N TYR F 817 -3.95 -94.53 -0.50
CA TYR F 817 -4.35 -93.12 -0.47
C TYR F 817 -4.73 -92.69 0.94
N GLU F 818 -5.32 -93.61 1.69
CA GLU F 818 -5.75 -93.30 3.04
C GLU F 818 -4.57 -93.00 3.96
N HIS F 819 -3.56 -93.87 3.96
CA HIS F 819 -2.40 -93.60 4.79
C HIS F 819 -1.58 -92.45 4.24
N ALA F 820 -1.62 -92.22 2.93
CA ALA F 820 -0.96 -91.04 2.37
C ALA F 820 -1.59 -89.74 2.89
N ILE F 821 -2.92 -89.67 2.90
CA ILE F 821 -3.57 -88.46 3.38
C ILE F 821 -3.43 -88.34 4.90
N LYS F 822 -3.34 -89.46 5.62
CA LYS F 822 -3.04 -89.40 7.05
C LYS F 822 -1.65 -88.81 7.30
N ARG F 823 -0.66 -89.25 6.51
CA ARG F 823 0.68 -88.71 6.64
C ARG F 823 0.72 -87.23 6.28
N ILE F 824 -0.04 -86.84 5.25
CA ILE F 824 -0.11 -85.42 4.87
C ILE F 824 -0.73 -84.60 6.01
N ILE F 825 -1.79 -85.12 6.64
CA ILE F 825 -2.43 -84.42 7.76
C ILE F 825 -1.46 -84.30 8.92
N LYS F 826 -0.73 -85.38 9.23
CA LYS F 826 0.25 -85.34 10.33
C LYS F 826 1.36 -84.33 10.05
N GLU F 827 1.83 -84.27 8.80
CA GLU F 827 2.84 -83.28 8.43
C GLU F 827 2.29 -81.87 8.45
N SER F 828 0.97 -81.71 8.26
CA SER F 828 0.37 -80.38 8.25
C SER F 828 0.31 -79.75 9.64
N GLU F 829 0.20 -80.56 10.68
CA GLU F 829 0.09 -80.06 12.05
C GLU F 829 1.44 -79.88 12.74
N SER F 830 2.53 -80.05 12.00
CA SER F 830 3.86 -79.89 12.60
C SER F 830 4.09 -78.44 13.01
N PRO F 831 4.80 -78.20 14.11
CA PRO F 831 5.01 -76.82 14.58
C PRO F 831 6.01 -76.02 13.76
N GLU F 832 6.59 -76.60 12.71
CA GLU F 832 7.49 -75.85 11.86
C GLU F 832 6.76 -74.75 11.11
N LEU F 833 5.49 -74.99 10.74
CA LEU F 833 4.69 -73.99 10.05
C LEU F 833 4.38 -72.81 10.97
N VAL F 834 4.13 -73.08 12.25
CA VAL F 834 3.61 -72.06 13.17
C VAL F 834 4.59 -70.92 13.33
N GLU F 835 5.89 -71.20 13.23
CA GLU F 835 6.91 -70.17 13.35
C GLU F 835 7.14 -69.39 12.07
N ASP F 836 6.48 -69.75 10.98
CA ASP F 836 6.66 -69.08 9.70
C ASP F 836 5.67 -67.94 9.53
N LEU F 837 6.14 -66.83 8.96
CA LEU F 837 5.28 -65.66 8.76
C LEU F 837 4.33 -65.86 7.59
N THR F 838 4.75 -66.56 6.55
CA THR F 838 3.87 -66.84 5.42
C THR F 838 2.69 -67.69 5.86
N TYR F 839 2.94 -68.64 6.76
CA TYR F 839 1.85 -69.35 7.42
C TYR F 839 0.95 -68.41 8.22
N LYS F 840 1.55 -67.43 8.91
CA LYS F 840 0.79 -66.52 9.76
C LYS F 840 -0.13 -65.62 8.93
N ILE F 841 0.27 -65.27 7.71
CA ILE F 841 -0.56 -64.43 6.86
C ILE F 841 -1.85 -65.16 6.48
N GLY F 842 -1.75 -66.42 6.10
CA GLY F 842 -2.90 -67.16 5.60
C GLY F 842 -3.39 -68.27 6.52
N VAL F 843 -3.50 -67.99 7.82
CA VAL F 843 -3.86 -69.01 8.80
C VAL F 843 -5.24 -69.59 8.51
N ASN F 844 -6.20 -68.72 8.19
CA ASN F 844 -7.60 -69.12 8.10
C ASN F 844 -7.83 -70.12 6.97
N TRP F 845 -7.27 -69.85 5.79
CA TRP F 845 -7.57 -70.71 4.65
C TRP F 845 -6.89 -72.07 4.75
N LEU F 846 -5.66 -72.12 5.27
CA LEU F 846 -5.02 -73.43 5.43
C LEU F 846 -5.62 -74.20 6.60
N ASP F 847 -6.15 -73.49 7.61
CA ASP F 847 -6.89 -74.18 8.66
C ASP F 847 -8.18 -74.76 8.11
N LYS F 848 -8.85 -74.03 7.21
CA LYS F 848 -10.02 -74.58 6.53
C LYS F 848 -9.65 -75.77 5.68
N LEU F 849 -8.48 -75.72 5.03
CA LEU F 849 -8.00 -76.87 4.26
C LEU F 849 -7.73 -78.08 5.15
N ARG F 850 -7.14 -77.84 6.33
CA ARG F 850 -6.91 -78.93 7.29
C ARG F 850 -8.24 -79.52 7.76
N GLY F 851 -9.22 -78.67 8.03
CA GLY F 851 -10.54 -79.17 8.38
C GLY F 851 -11.18 -79.96 7.27
N ASN F 852 -10.96 -79.53 6.02
CA ASN F 852 -11.48 -80.27 4.87
C ASN F 852 -10.82 -81.64 4.75
N LEU F 853 -9.51 -81.71 4.99
CA LEU F 853 -8.83 -83.00 4.99
C LEU F 853 -9.34 -83.90 6.10
N LYS F 854 -9.59 -83.33 7.27
CA LYS F 854 -10.16 -84.11 8.38
C LYS F 854 -11.56 -84.61 8.05
N LEU F 855 -12.36 -83.78 7.37
CA LEU F 855 -13.68 -84.21 6.94
C LEU F 855 -13.59 -85.30 5.88
N ILE F 856 -12.60 -85.22 4.99
CA ILE F 856 -12.39 -86.28 4.00
C ILE F 856 -12.02 -87.59 4.70
N VAL F 857 -11.16 -87.51 5.71
CA VAL F 857 -10.80 -88.69 6.50
C VAL F 857 -12.03 -89.27 7.20
N GLU F 858 -12.86 -88.40 7.77
CA GLU F 858 -14.07 -88.85 8.45
C GLU F 858 -15.05 -89.50 7.46
N ASN F 859 -15.15 -88.95 6.25
CA ASN F 859 -16.01 -89.55 5.23
C ASN F 859 -15.47 -90.91 4.79
N ILE F 860 -14.14 -91.04 4.71
CA ILE F 860 -13.52 -92.32 4.38
C ILE F 860 -13.85 -93.35 5.46
N GLN F 861 -13.74 -92.96 6.73
CA GLN F 861 -14.08 -93.87 7.81
C GLN F 861 -15.57 -94.21 7.83
N GLU F 862 -16.42 -93.26 7.49
CA GLU F 862 -17.86 -93.52 7.48
C GLU F 862 -18.25 -94.44 6.33
N ASN F 863 -17.60 -94.29 5.17
CA ASN F 863 -17.88 -95.14 4.03
C ASN F 863 -17.21 -96.51 4.14
N ARG F 864 -16.39 -96.73 5.16
CA ARG F 864 -15.77 -98.03 5.36
C ARG F 864 -16.83 -99.07 5.73
N PRO F 865 -16.62 -100.33 5.34
CA PRO F 865 -17.56 -101.38 5.71
C PRO F 865 -17.56 -101.63 7.21
N LYS F 866 -18.68 -102.17 7.70
CA LYS F 866 -18.84 -102.42 9.12
C LYS F 866 -17.90 -103.51 9.63
N GLY F 867 -17.40 -104.37 8.75
CA GLY F 867 -16.44 -105.39 9.13
C GLY F 867 -15.01 -104.93 9.25
N LYS F 868 -14.74 -103.67 8.93
CA LYS F 868 -13.40 -103.11 9.01
C LYS F 868 -13.31 -101.87 9.89
N LYS F 869 -14.43 -101.41 10.47
CA LYS F 869 -14.43 -100.23 11.31
C LYS F 869 -13.82 -100.53 12.68
N SER G 37 39.63 -52.57 -40.66
CA SER G 37 38.91 -53.54 -41.46
C SER G 37 37.53 -53.79 -40.89
N ILE G 38 36.89 -54.88 -41.34
CA ILE G 38 35.55 -55.24 -40.89
C ILE G 38 35.66 -55.93 -39.53
N SER G 39 34.85 -55.47 -38.57
CA SER G 39 34.89 -55.98 -37.21
C SER G 39 34.15 -57.31 -37.12
N ASP G 40 33.87 -57.75 -35.89
CA ASP G 40 33.23 -59.04 -35.67
C ASP G 40 31.70 -58.93 -35.73
N GLU G 41 31.14 -57.89 -35.11
CA GLU G 41 29.69 -57.75 -35.06
C GLU G 41 29.09 -57.51 -36.44
N THR G 42 29.81 -56.80 -37.31
CA THR G 42 29.34 -56.63 -38.68
C THR G 42 29.30 -57.96 -39.41
N TYR G 43 30.33 -58.80 -39.23
CA TYR G 43 30.34 -60.13 -39.82
C TYR G 43 29.16 -60.95 -39.32
N GLU G 44 28.90 -60.90 -38.00
CA GLU G 44 27.84 -61.70 -37.41
C GLU G 44 26.47 -61.27 -37.93
N ARG G 45 26.22 -59.96 -37.95
CA ARG G 45 24.92 -59.48 -38.43
C ARG G 45 24.73 -59.77 -39.92
N LEU G 46 25.79 -59.60 -40.71
CA LEU G 46 25.70 -59.92 -42.13
C LEU G 46 25.38 -61.40 -42.35
N LYS G 47 26.09 -62.28 -41.63
CA LYS G 47 25.83 -63.71 -41.77
C LYS G 47 24.41 -64.06 -41.36
N ARG G 48 23.94 -63.50 -40.24
CA ARG G 48 22.61 -63.83 -39.74
C ARG G 48 21.53 -63.32 -40.69
N LEU G 49 21.71 -62.14 -41.27
CA LEU G 49 20.69 -61.60 -42.16
C LEU G 49 20.71 -62.29 -43.52
N ILE G 50 21.89 -62.68 -44.00
CA ILE G 50 21.99 -63.37 -45.28
C ILE G 50 21.41 -64.78 -45.17
N SER G 51 21.61 -65.45 -44.02
CA SER G 51 21.25 -66.86 -43.90
C SER G 51 19.74 -67.10 -43.95
N THR G 52 18.94 -66.05 -43.87
CA THR G 52 17.49 -66.19 -43.84
C THR G 52 16.90 -66.68 -45.14
N GLY G 53 17.66 -66.62 -46.23
CA GLY G 53 17.15 -67.01 -47.51
C GLY G 53 16.15 -66.05 -48.11
N ASN G 54 16.18 -64.78 -47.69
CA ASN G 54 15.25 -63.77 -48.18
C ASN G 54 15.97 -62.47 -48.52
N ALA G 55 17.25 -62.53 -48.85
CA ALA G 55 18.03 -61.33 -49.15
C ALA G 55 18.07 -61.08 -50.64
N ILE G 56 18.53 -59.88 -51.01
CA ILE G 56 18.57 -59.42 -52.40
C ILE G 56 19.99 -59.00 -52.73
N VAL G 57 20.47 -59.42 -53.89
CA VAL G 57 21.80 -59.04 -54.39
C VAL G 57 21.63 -58.12 -55.57
N PHE G 58 22.26 -56.94 -55.49
CA PHE G 58 22.40 -56.04 -56.62
C PHE G 58 23.81 -56.18 -57.17
N VAL G 59 23.92 -56.47 -58.46
CA VAL G 59 25.19 -56.79 -59.09
C VAL G 59 25.59 -55.61 -59.97
N GLY G 60 26.75 -55.03 -59.68
CA GLY G 60 27.31 -53.94 -60.44
C GLY G 60 28.31 -54.43 -61.46
N ALA G 61 29.31 -53.58 -61.73
CA ALA G 61 30.35 -53.92 -62.70
C ALA G 61 31.56 -54.58 -62.07
N GLY G 62 31.69 -54.55 -60.74
CA GLY G 62 32.86 -55.14 -60.10
C GLY G 62 32.77 -56.62 -59.85
N PHE G 63 31.60 -57.22 -60.07
CA PHE G 63 31.46 -58.67 -59.90
C PHE G 63 31.99 -59.40 -61.12
N SER G 64 31.48 -59.05 -62.30
CA SER G 64 31.88 -59.76 -63.50
C SER G 64 33.32 -59.45 -63.89
N LYS G 65 33.97 -58.57 -63.16
CA LYS G 65 35.33 -58.17 -63.51
C LYS G 65 36.24 -59.37 -63.75
N GLU G 66 36.26 -60.32 -62.83
CA GLU G 66 37.15 -61.47 -62.97
C GLU G 66 36.52 -62.53 -63.86
N SER G 67 36.28 -62.20 -65.12
CA SER G 67 35.68 -63.15 -66.03
C SER G 67 36.40 -63.17 -67.37
N ILE G 68 36.13 -64.19 -68.18
CA ILE G 68 36.76 -64.29 -69.49
C ILE G 68 35.65 -64.27 -70.55
N ASN G 69 36.02 -63.86 -71.75
CA ASN G 69 35.07 -63.71 -72.83
C ASN G 69 35.46 -64.59 -74.01
N ILE G 70 34.77 -64.41 -75.14
CA ILE G 70 34.99 -65.24 -76.32
C ILE G 70 36.32 -64.94 -77.01
N ILE G 71 36.97 -63.82 -76.69
CA ILE G 71 38.28 -63.53 -77.25
C ILE G 71 39.41 -63.81 -76.27
N GLY G 72 39.09 -64.32 -75.08
CA GLY G 72 40.11 -64.74 -74.14
C GLY G 72 40.73 -63.63 -73.33
N SER G 73 40.00 -62.54 -73.09
CA SER G 73 40.50 -61.43 -72.30
C SER G 73 39.48 -61.07 -71.23
N THR G 74 39.88 -60.17 -70.33
CA THR G 74 38.94 -59.64 -69.35
C THR G 74 37.95 -58.71 -70.05
N PRO G 75 36.75 -58.54 -69.48
CA PRO G 75 35.78 -57.61 -70.07
C PRO G 75 36.30 -56.18 -69.99
N PRO G 76 36.17 -55.42 -71.07
CA PRO G 76 36.71 -54.06 -71.08
C PRO G 76 35.86 -53.11 -70.25
N LEU G 77 36.53 -52.09 -69.72
CA LEU G 77 35.85 -51.01 -69.01
C LEU G 77 35.50 -49.92 -70.02
N ALA G 78 35.12 -48.74 -69.52
CA ALA G 78 34.65 -47.68 -70.41
C ALA G 78 35.76 -47.14 -71.30
N LYS G 79 36.99 -47.03 -70.77
CA LYS G 79 38.05 -46.33 -71.48
C LYS G 79 38.48 -47.08 -72.74
N ASP G 80 38.74 -48.39 -72.63
CA ASP G 80 39.23 -49.12 -73.78
C ASP G 80 38.13 -49.36 -74.81
N LEU G 81 36.88 -49.50 -74.36
CA LEU G 81 35.76 -49.59 -75.30
C LEU G 81 35.59 -48.28 -76.06
N ALA G 82 35.72 -47.14 -75.37
CA ALA G 82 35.67 -45.85 -76.04
C ALA G 82 36.82 -45.69 -77.03
N LEU G 83 38.01 -46.14 -76.64
CA LEU G 83 39.16 -46.08 -77.54
C LEU G 83 38.92 -46.94 -78.78
N GLN G 84 38.35 -48.13 -78.62
CA GLN G 84 38.10 -49.01 -79.76
C GLN G 84 37.05 -48.43 -80.70
N ILE G 85 35.94 -47.91 -80.15
CA ILE G 85 34.90 -47.37 -81.04
C ILE G 85 35.39 -46.09 -81.72
N SER G 86 36.18 -45.27 -81.02
CA SER G 86 36.76 -44.09 -81.66
C SER G 86 37.77 -44.49 -82.72
N ASN G 87 38.55 -45.52 -82.46
CA ASN G 87 39.52 -45.97 -83.44
C ASN G 87 38.76 -46.34 -84.68
N LYS G 88 37.61 -46.99 -84.49
CA LYS G 88 36.83 -47.42 -85.63
C LYS G 88 36.31 -46.24 -86.40
N SER G 89 35.63 -45.34 -85.71
CA SER G 89 35.05 -44.20 -86.38
C SER G 89 36.14 -43.50 -87.15
N ALA G 90 37.32 -43.36 -86.54
CA ALA G 90 38.39 -42.62 -87.19
C ALA G 90 38.94 -43.38 -88.40
N ASN G 91 39.01 -44.70 -88.32
CA ASN G 91 39.42 -45.49 -89.47
C ASN G 91 38.43 -45.33 -90.62
N TYR G 92 37.12 -45.35 -90.32
CA TYR G 92 36.13 -45.14 -91.36
C TYR G 92 36.23 -43.73 -91.95
N LEU G 93 36.43 -42.73 -91.11
CA LEU G 93 36.53 -41.35 -91.60
C LEU G 93 37.80 -41.15 -92.42
N LYS G 94 38.89 -41.82 -92.06
CA LYS G 94 40.11 -41.78 -92.86
C LYS G 94 39.90 -42.49 -94.20
N GLU G 95 39.09 -43.54 -94.18
CA GLU G 95 38.80 -44.26 -95.41
C GLU G 95 37.96 -43.39 -96.31
N VAL G 96 36.82 -42.92 -95.79
CA VAL G 96 35.97 -42.04 -96.57
C VAL G 96 36.72 -40.75 -96.84
N GLY G 97 37.66 -40.42 -95.95
CA GLY G 97 38.42 -39.19 -96.10
C GLY G 97 37.93 -38.17 -95.11
N ALA G 98 38.82 -37.71 -94.22
CA ALA G 98 38.43 -36.76 -93.20
C ALA G 98 39.58 -35.83 -92.86
N ASP G 99 39.25 -34.62 -92.41
CA ASP G 99 40.29 -33.68 -92.01
C ASP G 99 41.06 -34.26 -90.85
N SER G 100 42.38 -34.14 -90.90
CA SER G 100 43.21 -34.69 -89.84
C SER G 100 42.80 -34.08 -88.51
N HIS G 101 42.35 -32.84 -88.55
CA HIS G 101 41.99 -32.16 -87.31
C HIS G 101 40.88 -32.91 -86.61
N TYR G 102 39.81 -33.20 -87.33
CA TYR G 102 38.69 -33.88 -86.72
C TYR G 102 39.07 -35.32 -86.48
N ILE G 103 39.94 -35.87 -87.32
CA ILE G 103 40.38 -37.24 -87.16
C ILE G 103 41.11 -37.41 -85.83
N GLU G 104 42.07 -36.54 -85.56
CA GLU G 104 42.81 -36.63 -84.30
C GLU G 104 41.85 -36.27 -83.19
N GLU G 105 40.92 -35.38 -83.49
CA GLU G 105 39.90 -35.02 -82.52
C GLU G 105 39.03 -36.21 -82.13
N ILE G 106 38.71 -37.09 -83.07
CA ILE G 106 37.91 -38.28 -82.81
C ILE G 106 38.71 -39.37 -82.09
N LYS G 107 39.97 -39.56 -82.48
CA LYS G 107 40.78 -40.65 -81.92
C LYS G 107 40.99 -40.47 -80.42
N GLN G 108 41.19 -39.23 -79.97
CA GLN G 108 41.42 -38.94 -78.56
C GLN G 108 40.14 -38.58 -77.81
N CYS G 109 38.99 -39.08 -78.26
CA CYS G 109 37.73 -38.92 -77.52
C CYS G 109 37.58 -40.13 -76.62
N ASP G 110 37.93 -39.96 -75.34
CA ASP G 110 37.94 -41.07 -74.39
C ASP G 110 36.60 -41.33 -73.72
N ASP G 111 35.56 -40.58 -74.06
CA ASP G 111 34.24 -40.77 -73.48
C ASP G 111 33.45 -41.76 -74.33
N LEU G 112 33.02 -42.86 -73.70
CA LEU G 112 32.21 -43.85 -74.42
C LEU G 112 30.86 -43.27 -74.83
N MET G 113 30.33 -42.36 -74.01
CA MET G 113 28.98 -41.84 -74.21
C MET G 113 28.89 -41.06 -75.52
N VAL G 114 29.67 -39.99 -75.64
CA VAL G 114 29.61 -39.11 -76.80
C VAL G 114 30.09 -39.85 -78.05
N ALA G 115 31.16 -40.64 -77.93
CA ALA G 115 31.67 -41.37 -79.09
C ALA G 115 30.66 -42.38 -79.62
N SER G 116 29.92 -43.01 -78.71
CA SER G 116 28.90 -43.92 -79.18
C SER G 116 27.89 -43.11 -79.93
N ASP G 117 27.29 -42.14 -79.26
CA ASP G 117 26.25 -41.36 -79.91
C ASP G 117 26.71 -40.90 -81.30
N PHE G 118 27.97 -40.50 -81.42
CA PHE G 118 28.48 -40.08 -82.72
C PHE G 118 28.46 -41.23 -83.71
N PHE G 119 28.89 -42.42 -83.25
CA PHE G 119 28.90 -43.59 -84.13
C PHE G 119 27.50 -43.98 -84.57
N LEU G 120 26.53 -43.92 -83.65
CA LEU G 120 25.16 -44.25 -84.04
C LEU G 120 24.59 -43.19 -84.98
N ASN G 121 24.87 -41.91 -84.74
CA ASN G 121 24.23 -40.82 -85.47
C ASN G 121 24.92 -40.47 -86.78
N ASN G 122 26.15 -40.95 -87.03
CA ASN G 122 26.85 -40.59 -88.26
C ASN G 122 27.46 -41.76 -89.04
N ILE G 123 27.75 -42.91 -88.42
CA ILE G 123 28.37 -44.07 -89.05
C ILE G 123 27.31 -45.16 -89.21
N PRO G 124 26.99 -45.61 -90.44
CA PRO G 124 25.94 -46.62 -90.62
C PRO G 124 26.42 -48.07 -90.63
N GLN G 125 27.64 -48.36 -90.15
CA GLN G 125 28.10 -49.74 -89.90
C GLN G 125 27.77 -50.06 -88.43
N LYS G 126 26.45 -50.09 -88.16
CA LYS G 126 26.00 -50.39 -86.80
C LYS G 126 26.13 -51.88 -86.52
N ASP G 127 26.19 -52.68 -87.58
CA ASP G 127 26.38 -54.12 -87.45
C ASP G 127 27.75 -54.45 -86.86
N GLU G 128 28.80 -53.74 -87.31
CA GLU G 128 30.11 -53.97 -86.74
C GLU G 128 30.12 -53.55 -85.27
N LEU G 129 29.29 -52.57 -84.91
CA LEU G 129 29.16 -52.19 -83.51
C LEU G 129 28.54 -53.31 -82.69
N LEU G 130 27.48 -53.94 -83.22
CA LEU G 130 26.88 -55.07 -82.52
C LEU G 130 27.86 -56.23 -82.40
N GLN G 131 28.63 -56.49 -83.45
CA GLN G 131 29.63 -57.56 -83.40
C GLN G 131 30.71 -57.26 -82.37
N LEU G 132 31.15 -56.01 -82.30
CA LEU G 132 32.15 -55.63 -81.31
C LEU G 132 31.61 -55.77 -79.89
N LEU G 133 30.36 -55.36 -79.68
CA LEU G 133 29.74 -55.51 -78.36
C LEU G 133 29.61 -56.98 -77.97
N LYS G 134 29.20 -57.83 -78.91
CA LYS G 134 29.06 -59.25 -78.63
C LYS G 134 30.42 -59.89 -78.34
N ASP G 135 31.46 -59.51 -79.08
CA ASP G 135 32.78 -60.07 -78.84
C ASP G 135 33.35 -59.60 -77.52
N ASN G 136 33.01 -58.38 -77.08
CA ASN G 136 33.53 -57.87 -75.83
C ASN G 136 32.71 -58.26 -74.62
N TYR G 137 31.48 -58.76 -74.80
CA TYR G 137 30.62 -59.02 -73.66
C TYR G 137 29.94 -60.38 -73.63
N THR G 138 30.46 -61.38 -74.35
CA THR G 138 29.93 -62.74 -74.24
C THR G 138 30.88 -63.56 -73.36
N ILE G 139 30.46 -63.84 -72.13
CA ILE G 139 31.30 -64.54 -71.17
C ILE G 139 31.35 -66.02 -71.52
N LYS G 140 32.56 -66.57 -71.59
CA LYS G 140 32.79 -67.96 -71.96
C LYS G 140 33.00 -68.87 -70.74
N ASP G 141 33.86 -68.48 -69.82
CA ASP G 141 34.17 -69.27 -68.63
C ASP G 141 34.07 -68.40 -67.39
N VAL G 142 33.66 -69.01 -66.27
CA VAL G 142 33.50 -68.30 -65.02
C VAL G 142 34.51 -68.84 -64.00
N THR G 143 34.57 -68.18 -62.85
CA THR G 143 35.49 -68.52 -61.78
C THR G 143 34.74 -69.24 -60.67
N GLN G 144 35.46 -70.16 -59.99
CA GLN G 144 34.89 -70.93 -58.88
C GLN G 144 34.37 -70.02 -57.77
N GLU G 145 34.99 -68.86 -57.57
CA GLU G 145 34.53 -67.91 -56.56
C GLU G 145 33.13 -67.40 -56.88
N GLN G 146 32.86 -67.10 -58.14
CA GLN G 146 31.51 -66.69 -58.54
C GLN G 146 30.51 -67.82 -58.35
N ILE G 147 30.93 -69.05 -58.61
CA ILE G 147 30.06 -70.21 -58.41
C ILE G 147 29.69 -70.36 -56.95
N ASP G 148 30.68 -70.20 -56.05
CA ASP G 148 30.38 -70.26 -54.62
C ASP G 148 29.52 -69.09 -54.18
N ILE G 149 29.66 -67.93 -54.83
CA ILE G 149 28.84 -66.77 -54.48
C ILE G 149 27.38 -67.01 -54.84
N PHE G 150 27.13 -67.49 -56.06
CA PHE G 150 25.76 -67.57 -56.55
C PHE G 150 25.11 -68.93 -56.30
N SER G 151 25.78 -69.83 -55.58
CA SER G 151 25.13 -71.08 -55.20
C SER G 151 24.14 -70.90 -54.06
N MET G 152 24.13 -69.75 -53.41
CA MET G 152 23.21 -69.49 -52.32
C MET G 152 21.84 -69.07 -52.86
N LYS G 153 20.80 -69.31 -52.06
CA LYS G 153 19.44 -68.98 -52.44
C LYS G 153 19.16 -67.52 -52.10
N TRP G 154 18.82 -66.74 -53.12
CA TRP G 154 18.48 -65.33 -52.97
C TRP G 154 17.00 -65.12 -53.28
N ARG G 155 16.44 -64.02 -52.76
CA ARG G 155 15.05 -63.70 -53.05
C ARG G 155 14.89 -63.29 -54.51
N ARG G 156 15.73 -62.38 -54.98
CA ARG G 156 15.72 -61.99 -56.39
C ARG G 156 17.08 -61.43 -56.74
N ILE G 157 17.41 -61.50 -58.03
CA ILE G 157 18.69 -61.06 -58.55
C ILE G 157 18.45 -59.81 -59.39
N TYR G 158 19.18 -58.74 -59.07
CA TYR G 158 19.19 -57.53 -59.88
C TYR G 158 20.59 -57.27 -60.39
N THR G 159 20.69 -56.80 -61.63
CA THR G 159 21.99 -56.56 -62.22
C THR G 159 21.92 -55.36 -63.15
N THR G 160 23.10 -54.83 -63.46
CA THR G 160 23.26 -53.69 -64.35
C THR G 160 24.13 -53.99 -65.56
N ASN G 161 25.03 -54.95 -65.43
CA ASN G 161 25.91 -55.32 -66.54
C ASN G 161 25.17 -55.93 -67.71
N TYR G 162 25.77 -55.90 -68.89
CA TYR G 162 25.17 -56.49 -70.08
C TYR G 162 25.56 -57.95 -70.30
N ASP G 163 26.51 -58.48 -69.55
CA ASP G 163 27.04 -59.81 -69.86
C ASP G 163 26.10 -60.89 -69.35
N ASN G 164 26.48 -62.15 -69.55
CA ASN G 164 25.76 -63.30 -69.06
C ASN G 164 26.57 -64.06 -68.00
N ALA G 165 27.29 -63.31 -67.17
CA ALA G 165 28.06 -63.94 -66.10
C ALA G 165 27.17 -64.59 -65.06
N ILE G 166 26.06 -63.92 -64.71
CA ILE G 166 25.15 -64.47 -63.72
C ILE G 166 24.42 -65.70 -64.27
N GLU G 167 24.07 -65.66 -65.56
CA GLU G 167 23.45 -66.82 -66.21
C GLU G 167 24.33 -68.06 -66.11
N LEU G 168 25.60 -67.92 -66.50
CA LEU G 168 26.52 -69.06 -66.47
C LEU G 168 26.84 -69.47 -65.05
N SER G 169 26.95 -68.51 -64.14
CA SER G 169 27.20 -68.84 -62.73
C SER G 169 26.05 -69.64 -62.15
N LEU G 170 24.81 -69.31 -62.53
CA LEU G 170 23.67 -70.03 -61.98
C LEU G 170 23.47 -71.39 -62.63
N ILE G 171 23.67 -71.52 -63.94
CA ILE G 171 23.48 -72.81 -64.57
C ILE G 171 24.61 -73.77 -64.17
N LYS G 172 25.84 -73.27 -64.05
CA LYS G 172 26.95 -74.13 -63.66
C LYS G 172 26.89 -74.55 -62.20
N SER G 173 26.11 -73.86 -61.38
CA SER G 173 25.97 -74.22 -59.97
C SER G 173 24.85 -75.21 -59.72
N GLY G 174 24.08 -75.58 -60.75
CA GLY G 174 23.01 -76.53 -60.59
C GLY G 174 21.70 -75.92 -60.14
N LYS G 175 21.25 -74.88 -60.85
CA LYS G 175 20.00 -74.21 -60.53
C LYS G 175 19.50 -73.49 -61.77
N SER G 176 18.19 -73.53 -61.99
CA SER G 176 17.62 -72.92 -63.18
C SER G 176 17.60 -71.40 -63.03
N VAL G 177 17.53 -70.72 -64.18
CA VAL G 177 17.44 -69.26 -64.20
C VAL G 177 16.68 -68.85 -65.46
N THR G 178 15.78 -67.87 -65.30
CA THR G 178 15.05 -67.28 -66.42
C THR G 178 15.30 -65.78 -66.42
N PRO G 179 16.27 -65.28 -67.18
CA PRO G 179 16.57 -63.86 -67.15
C PRO G 179 15.50 -63.04 -67.84
N LEU G 180 15.43 -61.77 -67.46
CA LEU G 180 14.44 -60.85 -68.00
C LEU G 180 15.07 -59.48 -68.20
N THR G 181 14.44 -58.68 -69.05
CA THR G 181 14.81 -57.28 -69.26
C THR G 181 13.61 -56.40 -68.92
N LEU G 182 13.78 -55.10 -69.18
CA LEU G 182 12.73 -54.14 -68.83
C LEU G 182 11.51 -54.21 -69.73
N GLU G 183 11.57 -54.97 -70.82
CA GLU G 183 10.47 -55.08 -71.77
C GLU G 183 9.56 -56.27 -71.50
N ASP G 184 9.69 -56.91 -70.35
CA ASP G 184 8.89 -58.07 -70.00
C ASP G 184 7.95 -57.71 -68.87
N ALA G 185 6.68 -58.10 -68.99
CA ALA G 185 5.72 -57.80 -67.95
C ALA G 185 6.02 -58.62 -66.70
N PRO G 186 5.79 -58.05 -65.50
CA PRO G 186 6.07 -58.81 -64.28
C PRO G 186 4.98 -59.78 -63.88
N ASN G 187 3.77 -59.64 -64.43
CA ASN G 187 2.68 -60.52 -64.02
C ASN G 187 2.82 -61.92 -64.61
N GLN G 188 3.37 -62.03 -65.83
CA GLN G 188 3.52 -63.33 -66.47
C GLN G 188 4.54 -64.21 -65.76
N TYR G 189 5.50 -63.61 -65.07
CA TYR G 189 6.55 -64.35 -64.37
C TYR G 189 6.36 -64.27 -62.86
N LYS G 190 5.10 -64.34 -62.42
CA LYS G 190 4.80 -64.23 -60.99
C LYS G 190 5.27 -65.46 -60.23
N SER G 191 5.02 -66.65 -60.77
CA SER G 191 5.36 -67.90 -60.10
C SER G 191 6.78 -68.35 -60.38
N ALA G 192 7.49 -67.69 -61.30
CA ALA G 192 8.84 -68.10 -61.64
C ALA G 192 9.82 -67.70 -60.53
N GLU G 193 10.93 -68.43 -60.46
CA GLU G 193 11.96 -68.18 -59.48
C GLU G 193 13.30 -67.97 -60.18
N ASP G 194 14.25 -67.37 -59.47
CA ASP G 194 15.55 -67.07 -60.05
C ASP G 194 15.39 -66.08 -61.19
N ILE G 195 14.79 -64.92 -60.91
CA ILE G 195 14.56 -63.92 -61.95
C ILE G 195 15.77 -62.99 -61.97
N CYS G 196 16.67 -63.20 -62.93
CA CYS G 196 17.84 -62.33 -63.09
C CYS G 196 17.45 -61.17 -63.97
N LEU G 197 16.93 -60.12 -63.34
CA LEU G 197 16.42 -58.96 -64.06
C LEU G 197 17.57 -58.02 -64.42
N HIS G 198 17.82 -57.84 -65.71
CA HIS G 198 18.82 -56.91 -66.19
C HIS G 198 18.18 -55.55 -66.39
N ILE G 199 18.66 -54.54 -65.65
CA ILE G 199 18.05 -53.21 -65.71
C ILE G 199 18.38 -52.54 -67.05
N ASN G 200 19.64 -52.62 -67.48
CA ASN G 200 20.09 -51.88 -68.66
C ASN G 200 20.11 -52.72 -69.92
N GLY G 201 19.47 -53.88 -69.92
CA GLY G 201 19.33 -54.68 -71.12
C GLY G 201 20.38 -55.77 -71.19
N ARG G 202 20.31 -56.52 -72.29
CA ARG G 202 21.17 -57.67 -72.51
C ARG G 202 21.72 -57.63 -73.92
N ILE G 203 22.75 -58.43 -74.16
CA ILE G 203 23.41 -58.49 -75.46
C ILE G 203 23.17 -59.81 -76.17
N GLU G 204 22.88 -60.90 -75.44
CA GLU G 204 22.86 -62.24 -76.02
C GLU G 204 21.85 -62.37 -77.15
N ARG G 205 20.66 -61.79 -76.98
CA ARG G 205 19.65 -61.82 -78.03
C ARG G 205 19.19 -60.42 -78.38
N SER G 206 20.13 -59.48 -78.44
CA SER G 206 19.80 -58.10 -78.80
C SER G 206 19.84 -57.93 -80.32
N LYS G 207 19.01 -57.01 -80.80
CA LYS G 207 18.87 -56.75 -82.23
C LYS G 207 19.49 -55.40 -82.59
N GLU G 208 19.41 -55.03 -83.86
CA GLU G 208 20.02 -53.78 -84.30
C GLU G 208 19.35 -52.55 -83.70
N SER G 209 18.03 -52.54 -83.66
CA SER G 209 17.29 -51.38 -83.18
C SER G 209 17.43 -51.21 -81.69
N ASP G 210 17.66 -52.30 -80.97
CA ASP G 210 17.74 -52.25 -79.53
C ASP G 210 18.75 -51.22 -79.07
N LEU G 211 19.80 -51.02 -79.85
CA LEU G 211 20.87 -50.10 -79.46
C LEU G 211 20.39 -48.66 -79.35
N ASP G 212 19.19 -48.38 -79.85
CA ASP G 212 18.64 -47.04 -79.79
C ASP G 212 18.51 -46.55 -78.36
N SER G 213 18.08 -47.44 -77.47
CA SER G 213 17.87 -47.04 -76.08
C SER G 213 17.92 -48.22 -75.11
N ALA G 214 17.40 -49.37 -75.52
CA ALA G 214 17.37 -50.51 -74.62
C ALA G 214 18.72 -50.68 -73.97
N ILE G 215 19.78 -50.61 -74.75
CA ILE G 215 21.12 -50.69 -74.19
C ILE G 215 21.51 -49.26 -73.89
N LYS G 216 21.65 -48.92 -72.63
CA LYS G 216 21.95 -47.55 -72.26
C LYS G 216 23.38 -47.18 -72.56
N LEU G 217 23.69 -46.86 -73.82
CA LEU G 217 25.03 -46.42 -74.18
C LEU G 217 25.04 -44.96 -74.61
N THR G 218 24.14 -44.58 -75.52
CA THR G 218 24.12 -43.21 -76.04
C THR G 218 23.36 -42.24 -75.14
N THR G 219 23.35 -40.97 -75.49
CA THR G 219 22.64 -39.98 -74.69
C THR G 219 21.15 -40.14 -74.94
N SER G 220 20.75 -40.30 -76.19
CA SER G 220 19.36 -40.52 -76.52
C SER G 220 18.80 -41.74 -75.78
N SER G 221 19.64 -42.72 -75.48
CA SER G 221 19.18 -43.85 -74.68
C SER G 221 18.88 -43.42 -73.24
N TYR G 222 19.73 -42.57 -72.67
CA TYR G 222 19.51 -42.11 -71.30
C TYR G 222 18.50 -40.98 -71.22
N LEU G 223 18.09 -40.42 -72.36
CA LEU G 223 17.14 -39.32 -72.39
C LEU G 223 15.77 -39.74 -72.90
N SER G 224 15.63 -40.98 -73.35
CA SER G 224 14.37 -41.44 -73.89
C SER G 224 13.31 -41.52 -72.80
N PRO G 225 12.02 -41.36 -73.16
CA PRO G 225 10.97 -41.40 -72.13
C PRO G 225 10.80 -42.76 -71.46
N GLU G 226 11.28 -43.84 -72.05
CA GLU G 226 11.18 -45.17 -71.45
C GLU G 226 12.41 -45.41 -70.58
N GLN G 227 12.22 -45.34 -69.27
CA GLN G 227 13.33 -45.53 -68.32
C GLN G 227 12.96 -46.53 -67.24
N PHE G 228 13.78 -46.61 -66.20
CA PHE G 228 13.49 -47.51 -65.09
C PHE G 228 12.30 -47.04 -64.28
N LEU G 229 12.01 -45.74 -64.30
CA LEU G 229 10.89 -45.21 -63.51
C LEU G 229 9.56 -45.66 -64.07
N THR G 230 9.36 -45.48 -65.38
CA THR G 230 8.05 -45.72 -65.97
C THR G 230 7.76 -47.20 -66.15
N SER G 231 8.78 -48.04 -66.07
CA SER G 231 8.57 -49.48 -66.23
C SER G 231 7.82 -50.04 -65.04
N SER G 232 7.18 -51.18 -65.25
CA SER G 232 6.42 -51.82 -64.17
C SER G 232 7.32 -52.44 -63.12
N TRP G 233 8.60 -52.68 -63.43
CA TRP G 233 9.51 -53.31 -62.49
C TRP G 233 9.90 -52.40 -61.33
N TYR G 234 9.57 -51.11 -61.40
CA TYR G 234 9.93 -50.19 -60.33
C TYR G 234 9.16 -50.50 -59.05
N ARG G 235 7.85 -50.73 -59.16
CA ARG G 235 7.05 -51.07 -57.99
C ARG G 235 7.47 -52.41 -57.41
N GLN G 236 7.80 -53.38 -58.26
CA GLN G 236 8.31 -54.66 -57.79
C GLN G 236 9.63 -54.50 -57.07
N PHE G 237 10.52 -53.65 -57.58
CA PHE G 237 11.79 -53.39 -56.91
C PHE G 237 11.57 -52.76 -55.54
N LYS G 238 10.66 -51.80 -55.45
CA LYS G 238 10.37 -51.15 -54.19
C LYS G 238 9.80 -52.15 -53.18
N ALA G 239 8.87 -52.99 -53.61
CA ALA G 239 8.28 -53.99 -52.72
C ALA G 239 9.31 -55.04 -52.29
N ASP G 240 10.21 -55.41 -53.21
CA ASP G 240 11.25 -56.38 -52.87
C ASP G 240 12.20 -55.85 -51.82
N ILE G 241 12.64 -54.59 -51.95
CA ILE G 241 13.49 -54.05 -50.90
C ILE G 241 12.69 -53.74 -49.64
N ASP G 242 11.36 -53.68 -49.74
CA ASP G 242 10.54 -53.53 -48.53
C ASP G 242 10.44 -54.83 -47.75
N ASN G 243 10.28 -55.96 -48.45
CA ASN G 243 10.01 -57.23 -47.78
C ASN G 243 11.27 -58.01 -47.40
N ALA G 244 12.43 -57.66 -47.95
CA ALA G 244 13.60 -58.51 -47.81
C ALA G 244 14.19 -58.41 -46.41
N SER G 245 15.18 -59.27 -46.14
CA SER G 245 15.92 -59.24 -44.89
C SER G 245 17.12 -58.31 -44.95
N ALA G 246 17.87 -58.33 -46.05
CA ALA G 246 18.99 -57.42 -46.25
C ALA G 246 19.22 -57.28 -47.74
N ILE G 247 19.82 -56.15 -48.12
CA ILE G 247 20.13 -55.84 -49.52
C ILE G 247 21.64 -55.77 -49.67
N VAL G 248 22.17 -56.53 -50.61
CA VAL G 248 23.62 -56.63 -50.81
C VAL G 248 23.96 -56.05 -52.18
N PHE G 249 24.93 -55.15 -52.20
CA PHE G 249 25.45 -54.57 -53.43
C PHE G 249 26.86 -55.12 -53.65
N LEU G 250 27.09 -55.74 -54.80
CA LEU G 250 28.37 -56.35 -55.12
C LEU G 250 29.09 -55.52 -56.17
N GLY G 251 30.03 -54.69 -55.71
CA GLY G 251 30.83 -53.89 -56.62
C GLY G 251 30.01 -52.88 -57.40
N TYR G 252 29.01 -52.28 -56.78
CA TYR G 252 28.15 -51.31 -57.43
C TYR G 252 28.64 -49.91 -57.08
N SER G 253 29.06 -49.15 -58.09
CA SER G 253 29.52 -47.78 -57.89
C SER G 253 28.38 -46.80 -57.69
N MET G 254 27.14 -47.23 -57.94
CA MET G 254 25.92 -46.43 -57.78
C MET G 254 26.01 -45.15 -58.65
N TYR G 255 25.98 -45.41 -59.96
CA TYR G 255 26.05 -44.31 -60.92
C TYR G 255 24.67 -43.75 -61.26
N ASP G 256 23.66 -44.61 -61.29
CA ASP G 256 22.31 -44.17 -61.64
C ASP G 256 21.73 -43.30 -60.53
N ILE G 257 21.04 -42.22 -60.92
CA ILE G 257 20.49 -41.30 -59.94
C ILE G 257 19.21 -41.84 -59.30
N ASP G 258 18.56 -42.81 -59.94
CA ASP G 258 17.24 -43.24 -59.47
C ASP G 258 17.36 -44.13 -58.24
N ILE G 259 18.32 -45.05 -58.23
CA ILE G 259 18.55 -45.84 -57.04
C ILE G 259 19.08 -44.95 -55.92
N GLN G 260 19.75 -43.86 -56.28
CA GLN G 260 20.20 -42.94 -55.26
C GLN G 260 19.01 -42.27 -54.61
N LYS G 261 18.05 -41.86 -55.42
CA LYS G 261 16.86 -41.21 -54.88
C LYS G 261 15.99 -42.20 -54.11
N ILE G 262 16.07 -43.49 -54.47
CA ILE G 262 15.34 -44.51 -53.71
C ILE G 262 15.95 -44.67 -52.32
N PHE G 263 17.28 -44.81 -52.25
CA PHE G 263 17.91 -45.22 -51.00
C PHE G 263 18.30 -44.07 -50.10
N PHE G 264 18.32 -42.83 -50.58
CA PHE G 264 18.80 -41.73 -49.75
C PHE G 264 17.78 -41.33 -48.69
N ASN G 265 16.49 -41.42 -49.00
CA ASN G 265 15.47 -40.80 -48.15
C ASN G 265 15.31 -41.54 -46.82
N ASP G 266 15.20 -42.87 -46.87
CA ASP G 266 14.75 -43.62 -45.71
C ASP G 266 15.92 -43.95 -44.77
N SER G 267 15.56 -44.40 -43.57
CA SER G 267 16.51 -44.81 -42.55
C SER G 267 16.41 -46.27 -42.17
N SER G 268 15.21 -46.87 -42.27
CA SER G 268 15.08 -48.32 -42.03
C SER G 268 15.76 -49.13 -43.11
N ILE G 269 15.73 -48.65 -44.36
CA ILE G 269 16.43 -49.32 -45.45
C ILE G 269 17.94 -49.14 -45.31
N LYS G 270 18.37 -48.10 -44.59
CA LYS G 270 19.81 -47.90 -44.37
C LYS G 270 20.40 -49.01 -43.51
N SER G 271 19.64 -49.48 -42.52
CA SER G 271 20.16 -50.50 -41.62
C SER G 271 20.35 -51.85 -42.30
N LYS G 272 19.59 -52.14 -43.34
CA LYS G 272 19.66 -53.43 -44.02
C LYS G 272 20.55 -53.43 -45.25
N THR G 273 21.14 -52.30 -45.61
CA THR G 273 21.90 -52.20 -46.86
C THR G 273 23.39 -52.39 -46.59
N PHE G 274 24.01 -53.26 -47.39
CA PHE G 274 25.43 -53.52 -47.30
C PHE G 274 26.06 -53.34 -48.68
N PHE G 275 27.12 -52.53 -48.75
CA PHE G 275 27.83 -52.30 -49.99
C PHE G 275 29.18 -53.02 -49.93
N ILE G 276 29.49 -53.79 -50.96
CA ILE G 276 30.76 -54.52 -51.05
C ILE G 276 31.61 -53.83 -52.10
N THR G 277 32.73 -53.26 -51.67
CA THR G 277 33.65 -52.55 -52.53
C THR G 277 35.00 -53.25 -52.55
N ARG G 278 35.91 -52.71 -53.35
CA ARG G 278 37.21 -53.35 -53.52
C ARG G 278 38.09 -53.10 -52.30
N GLU G 279 39.21 -53.82 -52.25
CA GLU G 279 40.15 -53.70 -51.15
C GLU G 279 41.07 -52.50 -51.38
N GLY G 280 41.74 -52.09 -50.31
CA GLY G 280 42.66 -50.97 -50.38
C GLY G 280 42.00 -49.64 -50.66
N THR G 281 40.83 -49.41 -50.09
CA THR G 281 40.10 -48.15 -50.27
C THR G 281 40.01 -47.42 -48.94
N THR G 282 40.31 -46.13 -48.97
CA THR G 282 40.18 -45.33 -47.76
C THR G 282 38.70 -45.01 -47.52
N LYS G 283 38.39 -44.53 -46.33
CA LYS G 283 37.01 -44.22 -46.00
C LYS G 283 36.47 -43.13 -46.90
N PHE G 284 37.30 -42.14 -47.22
CA PHE G 284 36.80 -41.02 -48.03
C PHE G 284 36.49 -41.48 -49.45
N GLN G 285 37.40 -42.25 -50.06
CA GLN G 285 37.17 -42.70 -51.43
C GLN G 285 35.76 -43.25 -51.62
N ASN G 286 35.09 -43.64 -50.54
CA ASN G 286 33.75 -44.22 -50.62
C ASN G 286 32.81 -43.51 -49.66
N TYR G 287 32.97 -42.20 -49.47
CA TYR G 287 32.03 -41.46 -48.64
C TYR G 287 30.67 -41.35 -49.32
N LYS G 288 30.64 -41.31 -50.66
CA LYS G 288 29.38 -41.23 -51.38
C LYS G 288 28.52 -42.46 -51.12
N LEU G 289 29.13 -43.64 -51.10
CA LEU G 289 28.37 -44.87 -50.85
C LEU G 289 27.98 -45.03 -49.39
N ALA G 290 28.68 -44.37 -48.47
CA ALA G 290 28.38 -44.53 -47.06
C ALA G 290 27.08 -43.84 -46.64
N MET G 291 26.56 -42.94 -47.47
CA MET G 291 25.35 -42.22 -47.10
C MET G 291 24.11 -43.09 -47.19
N PHE G 292 24.15 -44.15 -47.99
CA PHE G 292 22.97 -44.96 -48.25
C PHE G 292 22.88 -46.21 -47.38
N GLY G 293 24.01 -46.74 -46.93
CA GLY G 293 23.99 -47.92 -46.08
C GLY G 293 25.40 -48.27 -45.66
N GLU G 294 25.51 -49.35 -44.89
CA GLU G 294 26.81 -49.81 -44.43
C GLU G 294 27.66 -50.28 -45.60
N VAL G 295 28.95 -49.96 -45.55
CA VAL G 295 29.89 -50.30 -46.60
C VAL G 295 30.98 -51.19 -46.03
N ILE G 296 31.26 -52.30 -46.71
CA ILE G 296 32.33 -53.21 -46.35
C ILE G 296 33.31 -53.28 -47.51
N ASN G 297 34.57 -52.96 -47.26
CA ASN G 297 35.61 -52.97 -48.29
C ASN G 297 36.42 -54.27 -48.19
N ILE G 298 35.82 -55.35 -48.68
CA ILE G 298 36.49 -56.65 -48.73
C ILE G 298 36.46 -57.30 -50.10
N GLY G 299 35.61 -56.87 -51.02
CA GLY G 299 35.56 -57.44 -52.35
C GLY G 299 34.75 -58.72 -52.42
N VAL G 300 34.57 -59.20 -53.66
CA VAL G 300 33.92 -60.49 -53.86
C VAL G 300 34.83 -61.62 -53.42
N ASN G 301 36.14 -61.38 -53.40
CA ASN G 301 37.11 -62.40 -53.02
C ASN G 301 36.86 -62.89 -51.60
N ALA G 302 36.69 -61.96 -50.65
CA ALA G 302 36.40 -62.33 -49.27
C ALA G 302 34.95 -62.75 -49.09
N PHE G 303 34.04 -62.21 -49.91
CA PHE G 303 32.64 -62.59 -49.80
C PHE G 303 32.38 -64.02 -50.25
N SER G 304 33.27 -64.58 -51.07
CA SER G 304 33.13 -65.98 -51.48
C SER G 304 33.20 -66.92 -50.28
N HIS G 305 34.09 -66.63 -49.33
CA HIS G 305 34.20 -67.47 -48.15
C HIS G 305 32.94 -67.39 -47.28
N ILE G 306 32.36 -66.19 -47.15
CA ILE G 306 31.12 -66.05 -46.39
C ILE G 306 29.98 -66.78 -47.08
N ALA G 307 29.93 -66.73 -48.41
CA ALA G 307 28.93 -67.50 -49.15
C ALA G 307 29.12 -69.00 -48.95
N ALA G 308 30.37 -69.46 -48.96
CA ALA G 308 30.62 -70.89 -48.78
C ALA G 308 30.29 -71.35 -47.36
N LYS G 309 30.47 -70.47 -46.38
CA LYS G 309 30.11 -70.81 -45.01
C LYS G 309 28.61 -70.68 -44.75
N CYS G 310 27.87 -69.97 -45.58
CA CYS G 310 26.46 -69.74 -45.30
C CYS G 310 25.51 -70.44 -46.26
N ILE G 311 26.04 -71.10 -47.29
CA ILE G 311 25.17 -71.72 -48.29
C ILE G 311 24.30 -72.81 -47.67
N GLU G 312 24.88 -73.65 -46.80
CA GLU G 312 24.17 -74.81 -46.30
C GLU G 312 23.02 -74.45 -45.37
N GLU G 313 22.98 -73.23 -44.86
CA GLU G 313 21.92 -72.80 -43.96
C GLU G 313 20.76 -72.14 -44.70
N SER G 314 21.05 -71.49 -45.83
CA SER G 314 20.04 -70.70 -46.54
C SER G 314 18.89 -71.57 -47.04
N HIS G 315 19.20 -72.75 -47.58
CA HIS G 315 18.16 -73.64 -48.08
C HIS G 315 17.36 -74.30 -46.98
N GLN G 316 17.83 -74.23 -45.72
CA GLN G 316 17.22 -74.93 -44.61
C GLN G 316 16.29 -74.08 -43.77
N ASP G 317 16.49 -72.75 -43.77
CA ASP G 317 15.77 -71.89 -42.84
C ASP G 317 14.29 -71.80 -43.20
N LYS G 318 13.44 -71.92 -42.17
CA LYS G 318 12.00 -71.84 -42.35
C LYS G 318 11.37 -71.55 -41.00
N GLU G 319 10.36 -70.68 -41.00
CA GLU G 319 9.68 -70.29 -39.77
C GLU G 319 8.29 -69.78 -40.11
N VAL G 320 7.30 -70.21 -39.34
CA VAL G 320 5.93 -69.76 -39.56
C VAL G 320 5.77 -68.29 -39.19
N GLY G 321 6.37 -67.87 -38.08
CA GLY G 321 6.29 -66.50 -37.65
C GLY G 321 4.93 -66.15 -37.05
N LEU G 322 4.73 -64.84 -36.89
CA LEU G 322 3.51 -64.28 -36.33
C LEU G 322 2.88 -63.32 -37.33
N ILE G 323 1.56 -63.27 -37.33
CA ILE G 323 0.80 -62.36 -38.18
C ILE G 323 0.40 -61.17 -37.33
N ASN G 324 0.87 -59.98 -37.70
CA ASN G 324 0.76 -58.78 -36.88
C ASN G 324 -0.47 -57.94 -37.17
N SER G 325 -0.78 -57.68 -38.44
CA SER G 325 -1.87 -56.79 -38.79
C SER G 325 -3.18 -57.51 -39.04
N LEU G 326 -3.22 -58.83 -38.89
CA LEU G 326 -4.44 -59.60 -39.07
C LEU G 326 -4.62 -60.53 -37.88
N GLU G 327 -5.89 -60.77 -37.54
CA GLU G 327 -6.21 -61.65 -36.44
C GLU G 327 -7.06 -62.79 -36.95
N LEU G 328 -6.74 -64.01 -36.53
CA LEU G 328 -7.47 -65.18 -36.98
C LEU G 328 -8.73 -65.30 -36.13
N TYR G 329 -9.88 -65.38 -36.80
CA TYR G 329 -11.15 -65.53 -36.10
C TYR G 329 -11.35 -66.98 -35.70
N THR G 330 -11.31 -67.26 -34.40
CA THR G 330 -11.51 -68.59 -33.87
C THR G 330 -12.94 -68.74 -33.37
N PRO G 331 -13.68 -69.74 -33.86
CA PRO G 331 -15.07 -69.88 -33.44
C PRO G 331 -15.19 -70.28 -31.98
N GLY G 332 -16.34 -69.94 -31.40
CA GLY G 332 -16.58 -70.23 -30.00
C GLY G 332 -16.71 -71.71 -29.75
N GLU G 333 -16.50 -72.10 -28.48
CA GLU G 333 -16.48 -73.49 -28.09
C GLU G 333 -17.57 -73.85 -27.10
N GLU G 334 -18.53 -72.97 -26.86
CA GLU G 334 -19.59 -73.23 -25.89
C GLU G 334 -20.85 -72.47 -26.31
N HIS G 335 -21.96 -72.83 -25.68
CA HIS G 335 -23.25 -72.21 -25.95
C HIS G 335 -23.59 -71.22 -24.84
N ASP G 336 -23.87 -69.98 -25.22
CA ASP G 336 -24.24 -68.95 -24.26
C ASP G 336 -25.76 -68.80 -24.22
N GLU G 337 -26.30 -68.73 -23.01
CA GLU G 337 -27.72 -68.45 -22.84
C GLU G 337 -28.01 -67.01 -23.25
N ILE G 338 -29.03 -66.83 -24.08
CA ILE G 338 -29.38 -65.52 -24.62
C ILE G 338 -30.65 -65.04 -23.93
N ARG G 339 -30.57 -63.88 -23.31
CA ARG G 339 -31.72 -63.32 -22.62
C ARG G 339 -32.29 -62.19 -23.46
N ASP G 340 -33.40 -61.61 -23.03
CA ASP G 340 -33.94 -60.47 -23.74
C ASP G 340 -33.00 -59.30 -23.57
N ASN G 341 -32.24 -59.27 -22.49
CA ASN G 341 -31.27 -58.19 -22.34
C ASN G 341 -30.32 -58.14 -23.53
N ASP G 342 -29.83 -59.29 -23.98
CA ASP G 342 -28.90 -59.32 -25.10
C ASP G 342 -29.60 -58.90 -26.39
N ILE G 343 -30.85 -59.32 -26.58
CA ILE G 343 -31.60 -58.93 -27.77
C ILE G 343 -31.81 -57.42 -27.79
N ALA G 344 -32.22 -56.85 -26.65
CA ALA G 344 -32.44 -55.42 -26.57
C ALA G 344 -31.15 -54.64 -26.79
N ASN G 345 -30.05 -55.09 -26.19
CA ASN G 345 -28.77 -54.43 -26.37
C ASN G 345 -28.32 -54.48 -27.82
N PHE G 346 -28.49 -55.63 -28.47
CA PHE G 346 -28.08 -55.78 -29.86
C PHE G 346 -28.93 -54.92 -30.80
N MET G 347 -30.24 -54.85 -30.56
CA MET G 347 -31.11 -54.12 -31.47
C MET G 347 -31.22 -52.64 -31.16
N ILE G 348 -30.71 -52.18 -30.02
CA ILE G 348 -30.73 -50.76 -29.67
C ILE G 348 -29.33 -50.16 -29.69
N PHE G 349 -28.44 -50.64 -28.83
CA PHE G 349 -27.13 -50.02 -28.69
C PHE G 349 -26.10 -50.59 -29.64
N GLY G 350 -26.44 -51.63 -30.38
CA GLY G 350 -25.48 -52.25 -31.28
C GLY G 350 -24.42 -53.09 -30.61
N LYS G 351 -24.63 -53.47 -29.35
CA LYS G 351 -23.64 -54.25 -28.62
C LYS G 351 -23.90 -55.74 -28.84
N VAL G 352 -22.84 -56.47 -29.17
CA VAL G 352 -22.96 -57.91 -29.39
C VAL G 352 -21.59 -58.53 -29.18
N SER G 353 -21.58 -59.82 -28.86
CA SER G 353 -20.37 -60.61 -28.76
C SER G 353 -20.37 -61.68 -29.84
N ASP G 354 -19.17 -62.13 -30.22
CA ASP G 354 -19.08 -63.13 -31.28
C ASP G 354 -19.69 -64.46 -30.89
N ARG G 355 -19.85 -64.74 -29.60
CA ARG G 355 -20.56 -65.95 -29.19
C ARG G 355 -22.04 -65.89 -29.53
N TYR G 356 -22.64 -64.70 -29.49
CA TYR G 356 -24.02 -64.54 -29.93
C TYR G 356 -24.17 -64.93 -31.39
N ILE G 357 -23.28 -64.41 -32.24
CA ILE G 357 -23.35 -64.72 -33.67
C ILE G 357 -23.06 -66.19 -33.91
N ASP G 358 -22.09 -66.76 -33.19
CA ASP G 358 -21.77 -68.18 -33.35
C ASP G 358 -22.93 -69.06 -32.91
N GLU G 359 -23.68 -68.65 -31.90
CA GLU G 359 -24.84 -69.44 -31.47
C GLU G 359 -25.98 -69.35 -32.47
N VAL G 360 -26.31 -68.14 -32.93
CA VAL G 360 -27.46 -67.98 -33.82
C VAL G 360 -27.15 -68.31 -35.28
N THR G 361 -25.87 -68.53 -35.60
CA THR G 361 -25.48 -68.86 -36.98
C THR G 361 -25.14 -70.34 -37.15
N LEU G 362 -25.35 -71.14 -36.11
CA LEU G 362 -25.12 -72.58 -36.22
C LEU G 362 -26.38 -73.24 -36.66
N ASN G 363 -27.51 -72.74 -36.19
CA ASN G 363 -28.79 -73.27 -36.59
C ASN G 363 -29.48 -72.30 -37.52
N ASP G 364 -30.72 -72.57 -37.89
CA ASP G 364 -31.44 -71.70 -38.80
C ASP G 364 -32.91 -71.54 -38.43
N ASN G 365 -33.34 -72.06 -37.28
CA ASN G 365 -34.71 -71.91 -36.82
C ASN G 365 -34.86 -70.75 -35.84
N MET G 366 -33.80 -69.96 -35.66
CA MET G 366 -33.73 -68.97 -34.59
C MET G 366 -34.17 -67.60 -35.10
N HIS G 367 -35.39 -67.54 -35.61
CA HIS G 367 -35.89 -66.30 -36.19
C HIS G 367 -36.47 -65.37 -35.14
N ASP G 368 -36.13 -65.60 -33.88
CA ASP G 368 -36.62 -64.74 -32.82
C ASP G 368 -35.45 -64.04 -32.22
N LYS G 369 -34.33 -64.05 -32.93
CA LYS G 369 -33.12 -63.47 -32.38
C LYS G 369 -32.22 -62.78 -33.41
N ILE G 370 -32.39 -63.03 -34.70
CA ILE G 370 -31.59 -62.36 -35.73
C ILE G 370 -32.34 -62.44 -37.05
N ILE G 371 -32.18 -61.40 -37.87
CA ILE G 371 -32.75 -61.40 -39.22
C ILE G 371 -31.81 -62.17 -40.13
N LEU G 372 -32.31 -63.25 -40.72
CA LEU G 372 -31.51 -64.10 -41.60
C LEU G 372 -31.53 -63.51 -43.00
N ARG G 373 -30.40 -62.95 -43.43
CA ARG G 373 -30.31 -62.37 -44.76
C ARG G 373 -30.13 -63.47 -45.79
N GLU G 374 -30.81 -63.32 -46.93
CA GLU G 374 -30.72 -64.29 -48.00
C GLU G 374 -29.42 -64.18 -48.77
N GLU G 375 -28.76 -63.02 -48.74
CA GLU G 375 -27.52 -62.83 -49.49
C GLU G 375 -26.37 -63.67 -48.97
N VAL G 376 -26.49 -64.22 -47.76
CA VAL G 376 -25.39 -65.00 -47.17
C VAL G 376 -25.13 -66.26 -48.00
N SER G 377 -26.19 -66.98 -48.37
CA SER G 377 -26.02 -68.22 -49.11
C SER G 377 -25.46 -67.96 -50.51
N LYS G 378 -25.97 -66.93 -51.20
CA LYS G 378 -25.45 -66.59 -52.51
C LYS G 378 -24.00 -66.15 -52.45
N ILE G 379 -23.65 -65.38 -51.41
CA ILE G 379 -22.27 -64.93 -51.25
C ILE G 379 -21.35 -66.12 -50.99
N ILE G 380 -21.80 -67.08 -50.18
CA ILE G 380 -20.99 -68.27 -49.90
C ILE G 380 -20.83 -69.12 -51.16
N GLU G 381 -21.91 -69.27 -51.94
CA GLU G 381 -21.81 -70.00 -53.20
C GLU G 381 -20.85 -69.32 -54.16
N HIS G 382 -20.82 -67.99 -54.14
CA HIS G 382 -19.90 -67.27 -55.03
C HIS G 382 -18.46 -67.40 -54.56
N ILE G 383 -18.21 -67.37 -53.26
CA ILE G 383 -16.83 -67.40 -52.79
C ILE G 383 -16.26 -68.82 -52.89
N GLU G 384 -17.11 -69.85 -52.78
CA GLU G 384 -16.63 -71.23 -52.88
C GLU G 384 -16.17 -71.60 -54.29
N THR G 385 -16.49 -70.81 -55.31
CA THR G 385 -16.09 -71.10 -56.68
C THR G 385 -14.99 -70.15 -57.17
N ASP G 386 -14.11 -69.73 -56.27
CA ASP G 386 -12.95 -68.88 -56.59
C ASP G 386 -13.37 -67.57 -57.23
N ASN G 387 -14.02 -66.72 -56.44
CA ASN G 387 -14.43 -65.39 -56.87
C ASN G 387 -14.46 -64.46 -55.67
N ASP G 388 -13.79 -63.32 -55.80
CA ASP G 388 -13.75 -62.37 -54.70
C ASP G 388 -15.07 -61.62 -54.60
N ILE G 389 -15.27 -60.96 -53.46
CA ILE G 389 -16.53 -60.30 -53.13
C ILE G 389 -16.24 -58.84 -52.81
N LEU G 390 -17.17 -57.96 -53.18
CA LEU G 390 -17.09 -56.54 -52.84
C LEU G 390 -18.49 -56.09 -52.45
N ILE G 391 -18.71 -55.87 -51.17
CA ILE G 391 -20.03 -55.50 -50.64
C ILE G 391 -20.08 -53.99 -50.49
N ALA G 392 -21.14 -53.38 -51.00
CA ALA G 392 -21.35 -51.95 -50.85
C ALA G 392 -22.80 -51.72 -50.44
N SER G 393 -23.01 -50.75 -49.58
CA SER G 393 -24.35 -50.46 -49.07
C SER G 393 -24.40 -49.01 -48.63
N ASP G 394 -25.56 -48.62 -48.09
CA ASP G 394 -25.76 -47.27 -47.59
C ASP G 394 -25.25 -47.18 -46.15
N LEU G 395 -25.61 -46.10 -45.47
CA LEU G 395 -25.15 -45.86 -44.10
C LEU G 395 -25.87 -46.79 -43.14
N GLY G 396 -25.11 -47.70 -42.53
CA GLY G 396 -25.63 -48.54 -41.46
C GLY G 396 -26.70 -49.52 -41.84
N ASN G 397 -26.54 -50.22 -42.95
CA ASN G 397 -27.51 -51.20 -43.41
C ASN G 397 -27.03 -52.65 -43.22
N GLY G 398 -26.11 -52.88 -42.29
CA GLY G 398 -25.71 -54.24 -41.98
C GLY G 398 -24.58 -54.80 -42.81
N LYS G 399 -23.40 -54.19 -42.73
CA LYS G 399 -22.29 -54.76 -43.45
C LYS G 399 -21.33 -55.48 -42.49
N SER G 400 -20.92 -54.85 -41.40
CA SER G 400 -19.93 -55.48 -40.53
C SER G 400 -20.50 -56.70 -39.81
N ILE G 401 -21.75 -56.62 -39.36
CA ILE G 401 -22.38 -57.78 -38.75
C ILE G 401 -22.50 -58.91 -39.76
N MET G 402 -22.88 -58.58 -40.99
CA MET G 402 -22.92 -59.55 -42.08
C MET G 402 -21.56 -60.18 -42.30
N THR G 403 -20.50 -59.37 -42.25
CA THR G 403 -19.14 -59.90 -42.38
C THR G 403 -18.81 -60.87 -41.25
N ARG G 404 -19.28 -60.59 -40.04
CA ARG G 404 -19.01 -61.50 -38.92
C ARG G 404 -19.77 -62.83 -39.07
N MET G 405 -21.03 -62.79 -39.51
CA MET G 405 -21.74 -64.04 -39.76
C MET G 405 -21.06 -64.84 -40.87
N LEU G 406 -20.61 -64.15 -41.91
CA LEU G 406 -19.87 -64.81 -42.98
C LEU G 406 -18.58 -65.43 -42.45
N MET G 407 -17.90 -64.74 -41.54
CA MET G 407 -16.66 -65.24 -40.95
C MET G 407 -16.91 -66.54 -40.20
N SER G 408 -17.96 -66.56 -39.37
CA SER G 408 -18.27 -67.76 -38.61
C SER G 408 -18.63 -68.93 -39.52
N LYS G 409 -19.48 -68.68 -40.51
CA LYS G 409 -19.90 -69.75 -41.41
C LYS G 409 -18.72 -70.29 -42.22
N LEU G 410 -17.87 -69.41 -42.74
CA LEU G 410 -16.75 -69.88 -43.53
C LEU G 410 -15.68 -70.55 -42.69
N SER G 411 -15.55 -70.15 -41.41
CA SER G 411 -14.62 -70.85 -40.54
C SER G 411 -15.11 -72.25 -40.23
N ARG G 412 -16.42 -72.44 -40.09
CA ARG G 412 -16.94 -73.79 -39.92
C ARG G 412 -16.85 -74.59 -41.21
N LYS G 413 -16.90 -73.92 -42.37
CA LYS G 413 -16.83 -74.61 -43.65
C LYS G 413 -15.45 -75.15 -43.98
N GLY G 414 -14.43 -74.81 -43.20
CA GLY G 414 -13.08 -75.31 -43.41
C GLY G 414 -12.08 -74.25 -43.81
N TYR G 415 -12.51 -73.03 -44.09
CA TYR G 415 -11.60 -71.97 -44.47
C TYR G 415 -10.93 -71.37 -43.24
N LEU G 416 -9.94 -70.53 -43.49
CA LEU G 416 -9.31 -69.71 -42.46
C LEU G 416 -9.69 -68.26 -42.73
N CYS G 417 -10.30 -67.61 -41.75
CA CYS G 417 -10.79 -66.26 -41.93
C CYS G 417 -10.00 -65.29 -41.05
N PHE G 418 -9.46 -64.25 -41.67
CA PHE G 418 -8.67 -63.24 -40.98
C PHE G 418 -9.38 -61.90 -41.11
N TYR G 419 -9.27 -61.08 -40.07
CA TYR G 419 -9.90 -59.77 -40.03
C TYR G 419 -8.83 -58.71 -39.88
N TYR G 420 -8.83 -57.74 -40.79
CA TYR G 420 -7.78 -56.71 -40.84
C TYR G 420 -7.94 -55.76 -39.67
N LEU G 421 -6.95 -55.73 -38.79
CA LEU G 421 -6.91 -54.79 -37.67
C LEU G 421 -6.27 -53.49 -38.12
N TYR G 422 -6.87 -52.37 -37.71
CA TYR G 422 -6.34 -51.05 -38.06
C TYR G 422 -5.13 -50.79 -37.18
N ASN G 423 -4.00 -51.34 -37.61
CA ASN G 423 -2.80 -51.46 -36.80
C ASN G 423 -1.64 -50.73 -37.46
N GLU G 424 -0.63 -50.41 -36.66
CA GLU G 424 0.56 -49.71 -37.14
C GLU G 424 1.66 -50.66 -37.59
N PHE G 425 1.33 -51.91 -37.87
CA PHE G 425 2.29 -52.89 -38.37
C PHE G 425 2.12 -53.05 -39.87
N SER G 426 3.14 -53.66 -40.49
CA SER G 426 3.17 -53.77 -41.93
C SER G 426 2.11 -54.75 -42.43
N PHE G 427 1.63 -54.50 -43.65
CA PHE G 427 0.63 -55.35 -44.28
C PHE G 427 1.21 -56.29 -45.33
N SER G 428 2.29 -55.89 -45.98
CA SER G 428 2.87 -56.73 -47.03
C SER G 428 3.46 -58.01 -46.46
N LYS G 429 4.18 -57.92 -45.33
CA LYS G 429 4.84 -59.09 -44.78
C LYS G 429 3.82 -60.12 -44.28
N ASP G 430 2.70 -59.65 -43.73
CA ASP G 430 1.66 -60.58 -43.29
C ASP G 430 1.03 -61.30 -44.48
N ILE G 431 0.85 -60.58 -45.60
CA ILE G 431 0.35 -61.22 -46.81
C ILE G 431 1.32 -62.28 -47.30
N GLU G 432 2.63 -61.98 -47.26
CA GLU G 432 3.62 -62.95 -47.68
C GLU G 432 3.63 -64.19 -46.78
N ARG G 433 3.55 -63.99 -45.46
CA ARG G 433 3.52 -65.12 -44.54
C ARG G 433 2.24 -65.94 -44.68
N LEU G 434 1.12 -65.29 -44.98
CA LEU G 434 -0.10 -66.02 -45.29
C LEU G 434 0.05 -66.83 -46.57
N SER G 435 0.78 -66.28 -47.55
CA SER G 435 1.05 -67.01 -48.78
C SER G 435 1.91 -68.23 -48.52
N LYS G 436 2.80 -68.16 -47.53
CA LYS G 436 3.68 -69.28 -47.22
C LYS G 436 2.93 -70.48 -46.64
N LEU G 437 1.69 -70.30 -46.19
CA LEU G 437 0.91 -71.41 -45.67
C LEU G 437 0.40 -72.29 -46.82
N GLY G 438 -0.46 -73.24 -46.49
CA GLY G 438 -0.98 -74.14 -47.49
C GLY G 438 -2.46 -74.42 -47.39
N GLN G 439 -3.24 -73.44 -46.95
CA GLN G 439 -4.68 -73.62 -46.77
C GLN G 439 -5.43 -72.52 -47.51
N LYS G 440 -6.75 -72.68 -47.58
CA LYS G 440 -7.60 -71.68 -48.23
C LYS G 440 -7.92 -70.57 -47.24
N ILE G 441 -7.56 -69.34 -47.60
CA ILE G 441 -7.64 -68.20 -46.71
C ILE G 441 -8.49 -67.12 -47.37
N VAL G 442 -9.46 -66.58 -46.64
CA VAL G 442 -10.18 -65.39 -47.06
C VAL G 442 -9.87 -64.28 -46.07
N ILE G 443 -9.83 -63.05 -46.57
CA ILE G 443 -9.45 -61.88 -45.80
C ILE G 443 -10.60 -60.89 -45.83
N PHE G 444 -11.03 -60.44 -44.67
CA PHE G 444 -12.13 -59.50 -44.55
C PHE G 444 -11.57 -58.12 -44.21
N ILE G 445 -11.82 -57.15 -45.08
CA ILE G 445 -11.42 -55.76 -44.88
C ILE G 445 -12.67 -54.92 -44.80
N ASP G 446 -12.79 -54.17 -43.70
CA ASP G 446 -13.97 -53.35 -43.47
C ASP G 446 -13.68 -51.89 -43.68
N ASP G 447 -14.51 -51.22 -44.46
CA ASP G 447 -14.35 -49.80 -44.80
C ASP G 447 -12.97 -49.54 -45.40
N TYR G 448 -12.79 -50.05 -46.61
CA TYR G 448 -11.51 -49.96 -47.28
C TYR G 448 -11.07 -48.58 -47.70
N SER G 449 -12.01 -47.68 -47.90
CA SER G 449 -11.67 -46.34 -48.29
C SER G 449 -10.64 -45.74 -47.34
N ASN G 450 -10.61 -46.18 -46.09
CA ASN G 450 -9.70 -45.60 -45.11
C ASN G 450 -8.31 -46.21 -45.19
N CYS G 451 -8.16 -47.37 -45.82
CA CYS G 451 -6.88 -48.05 -46.01
C CYS G 451 -6.72 -48.43 -47.46
N ILE G 452 -7.10 -47.50 -48.35
CA ILE G 452 -7.07 -47.73 -49.79
C ILE G 452 -5.67 -48.06 -50.28
N ASP G 453 -4.61 -47.55 -49.65
CA ASP G 453 -3.27 -47.91 -50.08
C ASP G 453 -2.98 -49.39 -49.83
N ASP G 454 -3.31 -49.89 -48.64
CA ASP G 454 -3.12 -51.31 -48.38
C ASP G 454 -4.13 -52.11 -49.17
N THR G 455 -5.35 -51.60 -49.27
CA THR G 455 -6.38 -52.27 -50.06
C THR G 455 -5.85 -52.44 -51.45
N ARG G 456 -5.10 -51.46 -51.92
CA ARG G 456 -4.53 -51.51 -53.25
C ARG G 456 -3.47 -52.57 -53.35
N TYR G 457 -2.52 -52.55 -52.43
CA TYR G 457 -1.43 -53.51 -52.48
C TYR G 457 -1.98 -54.90 -52.51
N ALA G 458 -3.05 -55.11 -51.76
CA ALA G 458 -3.64 -56.45 -51.70
C ALA G 458 -4.14 -56.92 -53.05
N ILE G 459 -4.78 -56.02 -53.81
CA ILE G 459 -5.22 -56.38 -55.15
C ILE G 459 -4.05 -56.41 -56.15
N GLU G 460 -2.97 -55.67 -55.88
CA GLU G 460 -1.84 -55.63 -56.80
C GLU G 460 -1.08 -56.97 -56.82
N ASN G 461 -0.74 -57.49 -55.66
CA ASN G 461 0.13 -58.66 -55.53
C ASN G 461 -0.59 -59.83 -54.90
N ARG G 462 -1.82 -60.10 -55.33
CA ARG G 462 -2.60 -61.18 -54.74
C ARG G 462 -2.09 -62.53 -55.20
N LYS G 463 -2.14 -63.50 -54.28
CA LYS G 463 -1.71 -64.86 -54.53
C LYS G 463 -2.89 -65.67 -55.05
N ASP G 464 -2.73 -67.00 -55.11
CA ASP G 464 -3.76 -67.85 -55.66
C ASP G 464 -4.69 -68.45 -54.62
N ASN G 465 -4.23 -68.61 -53.38
CA ASN G 465 -5.03 -69.22 -52.32
C ASN G 465 -5.67 -68.19 -51.41
N ILE G 466 -5.67 -66.92 -51.79
CA ILE G 466 -6.17 -65.83 -50.96
C ILE G 466 -7.29 -65.14 -51.70
N GLN G 467 -8.46 -65.07 -51.07
CA GLN G 467 -9.61 -64.35 -51.61
C GLN G 467 -9.94 -63.17 -50.72
N LEU G 468 -10.30 -62.06 -51.35
CA LEU G 468 -10.50 -60.80 -50.65
C LEU G 468 -11.98 -60.47 -50.56
N VAL G 469 -12.39 -59.93 -49.42
CA VAL G 469 -13.75 -59.43 -49.20
C VAL G 469 -13.65 -58.01 -48.69
N LEU G 470 -14.22 -57.06 -49.43
CA LEU G 470 -14.15 -55.65 -49.09
C LEU G 470 -15.55 -55.09 -48.92
N THR G 471 -15.74 -54.29 -47.87
CA THR G 471 -17.01 -53.63 -47.59
C THR G 471 -16.78 -52.12 -47.51
N THR G 472 -17.73 -51.34 -48.01
CA THR G 472 -17.64 -49.89 -47.93
C THR G 472 -19.01 -49.28 -48.17
N ARG G 473 -19.12 -47.99 -47.85
CA ARG G 473 -20.29 -47.20 -48.18
C ARG G 473 -20.26 -46.82 -49.66
N HIS G 474 -21.33 -46.17 -50.11
CA HIS G 474 -21.39 -45.79 -51.52
C HIS G 474 -20.46 -44.60 -51.81
N PHE G 475 -20.36 -43.65 -50.88
CA PHE G 475 -19.53 -42.47 -51.11
C PHE G 475 -18.07 -42.85 -51.27
N GLY G 476 -17.56 -43.72 -50.39
CA GLY G 476 -16.19 -44.15 -50.49
C GLY G 476 -15.91 -44.93 -51.75
N TYR G 477 -16.89 -45.71 -52.22
CA TYR G 477 -16.72 -46.43 -53.46
C TYR G 477 -16.65 -45.48 -54.65
N GLU G 478 -17.48 -44.43 -54.65
CA GLU G 478 -17.48 -43.51 -55.77
C GLU G 478 -16.31 -42.52 -55.75
N ASN G 479 -15.62 -42.37 -54.62
CA ASN G 479 -14.46 -41.52 -54.55
C ASN G 479 -13.15 -42.24 -54.84
N THR G 480 -13.17 -43.56 -54.94
CA THR G 480 -11.98 -44.35 -55.24
C THR G 480 -12.17 -45.27 -56.44
N LYS G 481 -13.23 -45.08 -57.23
CA LYS G 481 -13.45 -45.93 -58.38
C LYS G 481 -12.42 -45.73 -59.48
N GLN G 482 -11.73 -44.58 -59.49
CA GLN G 482 -10.72 -44.32 -60.50
C GLN G 482 -9.34 -44.84 -60.10
N HIS G 483 -9.14 -45.26 -58.85
CA HIS G 483 -7.94 -45.98 -58.47
C HIS G 483 -8.09 -47.49 -58.60
N LEU G 484 -9.32 -47.98 -58.70
CA LEU G 484 -9.58 -49.41 -58.71
C LEU G 484 -9.91 -49.96 -60.08
N LEU G 485 -10.56 -49.17 -60.94
CA LEU G 485 -10.99 -49.67 -62.24
C LEU G 485 -9.82 -49.85 -63.21
N THR G 486 -8.67 -49.25 -62.91
CA THR G 486 -7.50 -49.41 -63.78
C THR G 486 -6.83 -50.76 -63.61
N MET G 487 -7.08 -51.46 -62.50
CA MET G 487 -6.47 -52.76 -62.26
C MET G 487 -7.39 -53.87 -62.76
N ASP G 488 -7.06 -55.11 -62.42
CA ASP G 488 -7.85 -56.26 -62.85
C ASP G 488 -8.96 -56.48 -61.84
N MET G 489 -10.17 -56.09 -62.20
CA MET G 489 -11.36 -56.32 -61.38
C MET G 489 -12.29 -57.35 -62.01
N SER G 490 -11.74 -58.20 -62.88
CA SER G 490 -12.56 -59.19 -63.56
C SER G 490 -12.99 -60.33 -62.64
N SER G 491 -12.31 -60.50 -61.50
CA SER G 491 -12.62 -61.57 -60.57
C SER G 491 -13.34 -61.07 -59.33
N PHE G 492 -14.01 -59.93 -59.40
CA PHE G 492 -14.71 -59.34 -58.28
C PHE G 492 -16.20 -59.36 -58.54
N LYS G 493 -16.97 -59.90 -57.60
CA LYS G 493 -18.42 -59.94 -57.69
C LYS G 493 -19.00 -58.89 -56.74
N THR G 494 -19.64 -57.88 -57.30
CA THR G 494 -20.15 -56.76 -56.52
C THR G 494 -21.56 -57.06 -56.03
N HIS G 495 -21.79 -56.88 -54.73
CA HIS G 495 -23.09 -57.13 -54.14
C HIS G 495 -23.59 -55.87 -53.43
N SER G 496 -24.90 -55.68 -53.46
CA SER G 496 -25.56 -54.58 -52.78
C SER G 496 -26.53 -55.15 -51.76
N VAL G 497 -26.46 -54.65 -50.53
CA VAL G 497 -27.32 -55.14 -49.46
C VAL G 497 -28.15 -54.00 -48.89
N ASP G 498 -28.49 -53.03 -49.74
CA ASP G 498 -29.30 -51.90 -49.29
C ASP G 498 -30.69 -52.35 -48.86
N TYR G 499 -31.32 -53.23 -49.63
CA TYR G 499 -32.72 -53.58 -49.43
C TYR G 499 -32.86 -55.02 -48.95
N LEU G 500 -33.94 -55.25 -48.21
CA LEU G 500 -34.29 -56.56 -47.71
C LEU G 500 -35.42 -57.13 -48.56
N SER G 501 -35.87 -58.33 -48.20
CA SER G 501 -37.04 -58.93 -48.80
C SER G 501 -38.25 -58.75 -47.87
N ASP G 502 -39.43 -59.09 -48.37
CA ASP G 502 -40.63 -59.00 -47.57
C ASP G 502 -40.56 -60.02 -46.44
N SER G 503 -39.99 -61.19 -46.71
CA SER G 503 -39.82 -62.17 -45.66
C SER G 503 -38.92 -61.64 -44.54
N GLU G 504 -37.88 -60.89 -44.90
CA GLU G 504 -37.02 -60.33 -43.87
C GLU G 504 -37.68 -59.17 -43.14
N VAL G 505 -38.57 -58.42 -43.80
CA VAL G 505 -39.36 -57.42 -43.10
C VAL G 505 -40.29 -58.10 -42.10
N ASP G 506 -40.90 -59.22 -42.51
CA ASP G 506 -41.72 -60.00 -41.57
C ASP G 506 -40.88 -60.53 -40.42
N ASN G 507 -39.64 -60.93 -40.69
CA ASN G 507 -38.75 -61.38 -39.62
C ASN G 507 -38.42 -60.27 -38.65
N PHE G 508 -38.21 -59.05 -39.17
CA PHE G 508 -38.00 -57.89 -38.31
C PHE G 508 -39.22 -57.64 -37.42
N VAL G 509 -40.41 -57.70 -38.00
CA VAL G 509 -41.64 -57.52 -37.24
C VAL G 509 -41.77 -58.58 -36.17
N HIS G 510 -41.41 -59.82 -36.50
CA HIS G 510 -41.46 -60.92 -35.54
C HIS G 510 -40.45 -60.71 -34.40
N ILE G 511 -39.26 -60.18 -34.72
CA ILE G 511 -38.25 -59.92 -33.70
C ILE G 511 -38.76 -58.87 -32.71
N VAL G 512 -39.29 -57.76 -33.23
CA VAL G 512 -39.80 -56.73 -32.31
C VAL G 512 -41.03 -57.23 -31.56
N ASP G 513 -41.78 -58.14 -32.16
CA ASP G 513 -42.91 -58.71 -31.46
C ASP G 513 -42.48 -59.35 -30.16
N HIS G 514 -41.59 -60.33 -30.23
CA HIS G 514 -41.19 -61.05 -29.02
C HIS G 514 -40.46 -60.17 -28.02
N LEU G 515 -39.53 -59.35 -28.50
CA LEU G 515 -38.84 -58.44 -27.60
C LEU G 515 -39.84 -57.45 -27.03
N GLY G 516 -41.03 -57.39 -27.63
CA GLY G 516 -42.07 -56.52 -27.13
C GLY G 516 -41.68 -55.06 -27.05
N ALA G 517 -41.58 -54.40 -28.20
CA ALA G 517 -41.26 -52.98 -28.21
C ALA G 517 -42.24 -52.16 -29.04
N TRP G 518 -43.35 -52.76 -29.48
CA TRP G 518 -44.34 -52.00 -30.25
C TRP G 518 -44.99 -50.92 -29.39
N GLY G 519 -45.42 -51.28 -28.18
CA GLY G 519 -46.11 -50.34 -27.32
C GLY G 519 -47.61 -50.46 -27.47
N GLU G 520 -48.27 -49.36 -27.81
CA GLU G 520 -49.72 -49.36 -27.97
C GLU G 520 -50.16 -49.95 -29.30
N LYS G 521 -49.23 -50.17 -30.23
CA LYS G 521 -49.57 -50.65 -31.55
C LYS G 521 -49.46 -52.17 -31.68
N ALA G 522 -49.64 -52.90 -30.58
CA ALA G 522 -49.52 -54.35 -30.64
C ALA G 522 -50.74 -55.00 -31.29
N GLY G 523 -51.95 -54.52 -30.99
CA GLY G 523 -53.14 -55.16 -31.49
C GLY G 523 -53.37 -54.94 -32.99
N LEU G 524 -52.81 -53.88 -33.56
CA LEU G 524 -53.04 -53.57 -34.96
C LEU G 524 -52.19 -54.47 -35.86
N SER G 525 -52.60 -54.56 -37.13
CA SER G 525 -52.07 -55.59 -38.02
C SER G 525 -50.81 -55.10 -38.73
N ARG G 526 -50.31 -55.94 -39.66
CA ARG G 526 -48.97 -55.74 -40.23
C ARG G 526 -48.88 -54.49 -41.10
N HIS G 527 -49.85 -54.27 -41.98
CA HIS G 527 -49.78 -53.12 -42.87
C HIS G 527 -49.92 -51.84 -42.08
N GLU G 528 -50.84 -51.82 -41.13
CA GLU G 528 -51.09 -50.62 -40.34
C GLU G 528 -50.15 -50.49 -39.14
N LYS G 529 -49.25 -51.45 -38.93
CA LYS G 529 -48.09 -51.17 -38.10
C LYS G 529 -47.08 -50.30 -38.83
N LEU G 530 -46.97 -50.44 -40.15
CA LEU G 530 -46.00 -49.71 -40.95
C LEU G 530 -46.66 -48.67 -41.86
N SER G 531 -47.79 -48.11 -41.43
CA SER G 531 -48.51 -47.16 -42.27
C SER G 531 -47.84 -45.79 -42.32
N GLU G 532 -46.97 -45.50 -41.36
CA GLU G 532 -46.34 -44.19 -41.24
C GLU G 532 -45.00 -44.08 -41.94
N LEU G 533 -44.50 -45.17 -42.53
CA LEU G 533 -43.21 -45.14 -43.21
C LEU G 533 -43.41 -45.06 -44.72
N ASP G 534 -42.50 -44.35 -45.38
CA ASP G 534 -42.56 -44.11 -46.81
C ASP G 534 -42.00 -45.33 -47.54
N GLU G 535 -42.29 -45.41 -48.86
CA GLU G 535 -42.16 -46.66 -49.60
C GLU G 535 -40.73 -47.22 -49.60
N ASN G 536 -39.72 -46.37 -49.80
CA ASN G 536 -38.36 -46.89 -49.83
C ASN G 536 -37.71 -46.90 -48.46
N ALA G 537 -38.35 -46.30 -47.45
CA ALA G 537 -37.82 -46.33 -46.09
C ALA G 537 -38.22 -47.58 -45.33
N ARG G 538 -39.28 -48.26 -45.75
CA ARG G 538 -39.75 -49.45 -45.04
C ARG G 538 -38.98 -50.71 -45.42
N ASN G 539 -38.13 -50.64 -46.44
CA ASN G 539 -37.37 -51.80 -46.89
C ASN G 539 -35.88 -51.69 -46.55
N GLN G 540 -35.49 -50.64 -45.83
CA GLN G 540 -34.12 -50.47 -45.37
C GLN G 540 -34.06 -50.72 -43.87
N LEU G 541 -33.06 -51.48 -43.44
CA LEU G 541 -32.95 -51.83 -42.04
C LEU G 541 -32.69 -50.62 -41.16
N SER G 542 -31.86 -49.68 -41.63
CA SER G 542 -31.50 -48.53 -40.79
C SER G 542 -32.69 -47.62 -40.56
N PHE G 543 -33.48 -47.34 -41.60
CA PHE G 543 -34.65 -46.50 -41.43
C PHE G 543 -35.73 -47.19 -40.59
N LEU G 544 -35.87 -48.51 -40.75
CA LEU G 544 -36.80 -49.26 -39.90
C LEU G 544 -36.37 -49.20 -38.45
N LEU G 545 -35.08 -49.37 -38.18
CA LEU G 545 -34.57 -49.30 -36.81
C LEU G 545 -34.82 -47.91 -36.21
N LEU G 546 -34.50 -46.87 -36.97
CA LEU G 546 -34.67 -45.49 -36.49
C LEU G 546 -36.15 -45.18 -36.24
N SER G 547 -37.03 -45.64 -37.12
CA SER G 547 -38.44 -45.30 -37.00
C SER G 547 -39.15 -46.09 -35.91
N ILE G 548 -38.79 -47.35 -35.69
CA ILE G 548 -39.54 -48.24 -34.80
C ILE G 548 -38.84 -48.43 -33.47
N LEU G 549 -37.57 -48.85 -33.50
CA LEU G 549 -36.91 -49.26 -32.27
C LEU G 549 -36.20 -48.12 -31.56
N LYS G 550 -36.16 -46.94 -32.18
CA LYS G 550 -35.52 -45.74 -31.63
C LYS G 550 -34.07 -46.01 -31.27
N SER G 551 -33.35 -46.65 -32.19
CA SER G 551 -31.96 -46.98 -31.95
C SER G 551 -31.08 -45.80 -31.62
N GLU G 552 -30.08 -46.02 -30.78
CA GLU G 552 -29.14 -44.97 -30.43
C GLU G 552 -27.88 -45.22 -31.22
N ALA G 553 -27.80 -46.37 -31.86
CA ALA G 553 -26.66 -46.67 -32.71
C ALA G 553 -26.75 -45.85 -33.98
N ILE G 554 -27.96 -45.65 -34.50
CA ILE G 554 -28.13 -44.90 -35.73
C ILE G 554 -28.00 -43.41 -35.47
N GLN G 555 -28.79 -42.89 -34.54
CA GLN G 555 -28.75 -41.46 -34.25
C GLN G 555 -27.31 -40.96 -34.15
N SER G 556 -26.42 -41.75 -33.55
CA SER G 556 -25.02 -41.35 -33.47
C SER G 556 -24.38 -41.30 -34.85
N ARG G 557 -24.71 -42.26 -35.71
CA ARG G 557 -24.19 -42.25 -37.08
C ARG G 557 -24.68 -41.02 -37.84
N ILE G 558 -25.96 -40.69 -37.71
CA ILE G 558 -26.52 -39.53 -38.40
C ILE G 558 -25.88 -38.25 -37.88
N ARG G 559 -25.70 -38.15 -36.56
CA ARG G 559 -25.07 -36.95 -35.99
C ARG G 559 -23.65 -36.78 -36.48
N GLU G 560 -22.87 -37.86 -36.50
CA GLU G 560 -21.49 -37.79 -36.95
C GLU G 560 -21.41 -37.41 -38.42
N ILE G 561 -22.28 -37.98 -39.25
CA ILE G 561 -22.19 -37.68 -40.68
C ILE G 561 -22.85 -36.35 -41.05
N SER G 562 -23.67 -35.77 -40.17
CA SER G 562 -24.25 -34.47 -40.44
C SER G 562 -23.39 -33.33 -39.96
N ASN G 563 -22.62 -33.55 -38.89
CA ASN G 563 -21.69 -32.52 -38.42
C ASN G 563 -20.57 -32.24 -39.42
N LEU G 564 -20.35 -33.15 -40.38
CA LEU G 564 -19.32 -32.97 -41.40
C LEU G 564 -19.73 -32.00 -42.50
N ALA G 565 -20.99 -31.57 -42.52
CA ALA G 565 -21.46 -30.60 -43.48
C ALA G 565 -22.13 -29.40 -42.84
N LEU G 566 -22.80 -29.57 -41.71
CA LEU G 566 -23.58 -28.49 -41.13
C LEU G 566 -22.73 -27.50 -40.34
N ASN G 567 -21.41 -27.66 -40.31
CA ASN G 567 -20.59 -26.74 -39.54
C ASN G 567 -20.41 -25.40 -40.24
N ASP G 568 -20.60 -25.35 -41.56
CA ASP G 568 -20.51 -24.10 -42.29
C ASP G 568 -21.85 -23.37 -42.26
N LYS G 569 -21.77 -22.03 -42.35
CA LYS G 569 -22.99 -21.23 -42.29
C LYS G 569 -23.80 -21.36 -43.57
N GLU G 570 -23.14 -21.29 -44.72
CA GLU G 570 -23.84 -21.37 -45.99
C GLU G 570 -24.39 -22.76 -46.22
N TYR G 571 -23.60 -23.78 -45.91
CA TYR G 571 -24.07 -25.15 -46.04
C TYR G 571 -25.27 -25.41 -45.14
N LYS G 572 -25.24 -24.89 -43.92
CA LYS G 572 -26.38 -25.06 -43.02
C LYS G 572 -27.62 -24.35 -43.56
N GLU G 573 -27.45 -23.14 -44.09
CA GLU G 573 -28.58 -22.41 -44.66
C GLU G 573 -29.16 -23.13 -45.87
N THR G 574 -28.30 -23.65 -46.75
CA THR G 574 -28.80 -24.34 -47.94
C THR G 574 -29.48 -25.65 -47.58
N VAL G 575 -28.92 -26.40 -46.64
CA VAL G 575 -29.55 -27.65 -46.22
C VAL G 575 -30.90 -27.38 -45.56
N PHE G 576 -30.97 -26.33 -44.74
CA PHE G 576 -32.25 -25.97 -44.14
C PHE G 576 -33.26 -25.54 -45.21
N ALA G 577 -32.79 -24.85 -46.24
CA ALA G 577 -33.70 -24.47 -47.34
C ALA G 577 -34.23 -25.68 -48.07
N ILE G 578 -33.38 -26.68 -48.32
CA ILE G 578 -33.81 -27.91 -48.99
C ILE G 578 -34.86 -28.62 -48.15
N LEU G 579 -34.61 -28.75 -46.84
CA LEU G 579 -35.56 -29.41 -45.96
C LEU G 579 -36.87 -28.64 -45.88
N LEU G 580 -36.79 -27.31 -45.82
CA LEU G 580 -37.99 -26.47 -45.72
C LEU G 580 -38.85 -26.58 -46.97
N LEU G 581 -38.24 -26.50 -48.15
CA LEU G 581 -39.01 -26.60 -49.37
C LEU G 581 -39.55 -28.00 -49.61
N ASP G 582 -38.92 -29.01 -49.04
CA ASP G 582 -39.45 -30.35 -49.17
C ASP G 582 -40.60 -30.52 -48.21
N VAL G 583 -40.52 -29.86 -47.07
CA VAL G 583 -41.62 -29.91 -46.11
C VAL G 583 -42.87 -29.24 -46.68
N ILE G 584 -42.70 -28.07 -47.28
CA ILE G 584 -43.85 -27.37 -47.87
C ILE G 584 -44.41 -28.15 -49.06
N GLY G 585 -43.53 -28.66 -49.93
CA GLY G 585 -43.94 -29.42 -51.09
C GLY G 585 -43.62 -28.78 -52.43
N LEU G 586 -42.97 -27.63 -52.43
CA LEU G 586 -42.63 -26.96 -53.68
C LEU G 586 -41.54 -27.73 -54.42
N PRO G 587 -41.44 -27.59 -55.74
CA PRO G 587 -40.37 -28.28 -56.48
C PRO G 587 -39.00 -27.76 -56.09
N LEU G 588 -38.01 -28.67 -56.12
CA LEU G 588 -36.66 -28.34 -55.69
C LEU G 588 -35.85 -27.83 -56.89
N VAL G 589 -36.09 -26.58 -57.22
CA VAL G 589 -35.44 -25.91 -58.36
C VAL G 589 -34.27 -25.09 -57.83
N ARG G 590 -33.17 -25.10 -58.59
CA ARG G 590 -31.94 -24.45 -58.15
C ARG G 590 -32.12 -22.95 -57.94
N SER G 591 -32.82 -22.29 -58.86
CA SER G 591 -33.00 -20.84 -58.75
C SER G 591 -33.89 -20.46 -57.57
N LEU G 592 -34.90 -21.29 -57.26
CA LEU G 592 -35.79 -21.00 -56.14
C LEU G 592 -35.13 -21.34 -54.81
N ILE G 593 -34.37 -22.43 -54.77
CA ILE G 593 -33.60 -22.74 -53.57
C ILE G 593 -32.52 -21.70 -53.31
N SER G 594 -32.09 -20.97 -54.35
CA SER G 594 -31.19 -19.85 -54.13
C SER G 594 -31.88 -18.72 -53.38
N ASP G 595 -33.15 -18.43 -53.70
CA ASP G 595 -33.87 -17.38 -53.01
C ASP G 595 -34.20 -17.79 -51.58
N VAL G 596 -34.57 -19.06 -51.37
CA VAL G 596 -34.89 -19.51 -50.01
C VAL G 596 -33.62 -19.57 -49.16
N ALA G 597 -32.50 -20.02 -49.73
CA ALA G 597 -31.27 -20.16 -48.98
C ALA G 597 -30.57 -18.84 -48.72
N VAL G 598 -30.98 -17.76 -49.39
CA VAL G 598 -30.47 -16.40 -49.22
C VAL G 598 -28.95 -16.39 -49.48
N ASN G 599 -28.51 -17.19 -50.44
CA ASN G 599 -27.15 -17.13 -50.98
C ASN G 599 -27.13 -17.90 -52.28
N GLU G 600 -25.95 -18.08 -52.86
CA GLU G 600 -25.78 -18.81 -54.11
C GLU G 600 -24.72 -19.89 -53.96
N LYS G 601 -24.79 -20.64 -52.87
CA LYS G 601 -23.88 -21.76 -52.71
C LYS G 601 -24.38 -23.00 -53.44
N ILE G 602 -25.67 -23.05 -53.80
CA ILE G 602 -26.19 -24.18 -54.55
C ILE G 602 -25.62 -24.20 -55.98
N TYR G 603 -25.16 -23.05 -56.49
CA TYR G 603 -24.57 -23.00 -57.82
C TYR G 603 -23.14 -23.52 -57.86
N SER G 604 -22.45 -23.55 -56.72
CA SER G 604 -21.10 -24.05 -56.70
C SER G 604 -21.08 -25.57 -56.92
N ALA G 605 -20.00 -26.06 -57.51
CA ALA G 605 -19.86 -27.47 -57.77
C ALA G 605 -19.36 -28.26 -56.57
N GLU G 606 -18.89 -27.58 -55.52
CA GLU G 606 -18.38 -28.25 -54.33
C GLU G 606 -19.45 -28.54 -53.29
N PHE G 607 -20.68 -28.07 -53.49
CA PHE G 607 -21.73 -28.36 -52.53
C PHE G 607 -22.16 -29.82 -52.61
N THR G 608 -22.35 -30.33 -53.82
CA THR G 608 -22.88 -31.68 -54.01
C THR G 608 -21.85 -32.76 -53.75
N GLU G 609 -20.59 -32.40 -53.51
CA GLU G 609 -19.53 -33.36 -53.21
C GLU G 609 -19.19 -33.41 -51.73
N ASN G 610 -20.03 -32.83 -50.88
CA ASN G 610 -19.76 -32.86 -49.45
C ASN G 610 -20.17 -34.20 -48.85
N GLU G 611 -19.65 -34.47 -47.65
CA GLU G 611 -20.00 -35.69 -46.95
C GLU G 611 -21.47 -35.70 -46.53
N GLY G 612 -21.92 -34.63 -45.89
CA GLY G 612 -23.29 -34.59 -45.42
C GLY G 612 -24.30 -34.54 -46.55
N VAL G 613 -24.03 -33.74 -47.58
CA VAL G 613 -24.99 -33.60 -48.68
C VAL G 613 -25.12 -34.92 -49.44
N LYS G 614 -24.01 -35.60 -49.71
CA LYS G 614 -24.07 -36.87 -50.41
C LYS G 614 -24.65 -37.97 -49.53
N ASN G 615 -24.36 -37.96 -48.23
CA ASN G 615 -24.78 -39.04 -47.35
C ASN G 615 -26.19 -38.89 -46.83
N LEU G 616 -26.79 -37.70 -46.90
CA LEU G 616 -28.16 -37.51 -46.45
C LEU G 616 -29.16 -37.31 -47.58
N PHE G 617 -28.72 -36.88 -48.77
CA PHE G 617 -29.59 -36.67 -49.90
C PHE G 617 -29.13 -37.52 -51.08
N ILE G 618 -30.09 -38.14 -51.76
CA ILE G 618 -29.79 -38.87 -52.98
C ILE G 618 -29.55 -37.86 -54.09
N ILE G 619 -28.33 -37.83 -54.62
CA ILE G 619 -27.98 -36.94 -55.71
C ILE G 619 -27.91 -37.75 -56.99
N SER G 620 -28.22 -37.09 -58.11
CA SER G 620 -28.26 -37.76 -59.41
C SER G 620 -28.11 -36.67 -60.48
N ASN G 621 -27.00 -36.73 -61.21
CA ASN G 621 -26.69 -35.78 -62.28
C ASN G 621 -26.65 -34.34 -61.78
N GLY G 622 -26.20 -34.15 -60.53
CA GLY G 622 -26.09 -32.83 -59.95
C GLY G 622 -27.31 -32.36 -59.19
N MET G 623 -28.47 -32.96 -59.43
CA MET G 623 -29.68 -32.58 -58.74
C MET G 623 -29.69 -33.16 -57.33
N VAL G 624 -30.52 -32.55 -56.48
CA VAL G 624 -30.63 -32.92 -55.07
C VAL G 624 -32.08 -33.25 -54.78
N LYS G 625 -32.33 -34.43 -54.21
CA LYS G 625 -33.64 -34.82 -53.74
C LYS G 625 -33.49 -35.59 -52.45
N THR G 626 -34.57 -35.65 -51.68
CA THR G 626 -34.53 -36.23 -50.35
C THR G 626 -34.53 -37.76 -50.42
N LYS G 627 -34.08 -38.37 -49.32
CA LYS G 627 -34.13 -39.83 -49.20
C LYS G 627 -35.50 -40.30 -48.74
N SER G 628 -35.91 -39.90 -47.55
CA SER G 628 -37.21 -40.27 -47.02
C SER G 628 -37.63 -39.26 -45.98
N SER G 629 -38.94 -39.28 -45.66
CA SER G 629 -39.47 -38.34 -44.68
C SER G 629 -39.02 -38.65 -43.27
N THR G 630 -38.83 -39.93 -42.95
CA THR G 630 -38.44 -40.32 -41.59
C THR G 630 -37.03 -39.88 -41.22
N LEU G 631 -36.19 -39.54 -42.20
CA LEU G 631 -34.89 -38.93 -41.94
C LEU G 631 -34.93 -37.41 -41.97
N SER G 632 -35.72 -36.82 -42.87
CA SER G 632 -35.84 -35.37 -42.93
C SER G 632 -36.48 -34.82 -41.67
N ARG G 633 -37.55 -35.46 -41.19
CA ARG G 633 -38.19 -34.97 -39.97
C ARG G 633 -37.32 -35.21 -38.74
N PHE G 634 -36.51 -36.28 -38.75
CA PHE G 634 -35.56 -36.47 -37.65
C PHE G 634 -34.49 -35.39 -37.67
N LEU G 635 -34.01 -35.02 -38.85
CA LEU G 635 -33.03 -33.94 -38.95
C LEU G 635 -33.61 -32.63 -38.45
N ILE G 636 -34.84 -32.32 -38.86
CA ILE G 636 -35.50 -31.07 -38.46
C ILE G 636 -35.70 -31.05 -36.95
N ALA G 637 -36.14 -32.16 -36.36
CA ALA G 637 -36.40 -32.17 -34.92
C ALA G 637 -35.13 -32.18 -34.08
N ASN G 638 -34.14 -32.99 -34.45
CA ASN G 638 -33.02 -33.28 -33.54
C ASN G 638 -31.72 -32.62 -33.93
N ILE G 639 -31.40 -32.52 -35.23
CA ILE G 639 -30.11 -31.97 -35.62
C ILE G 639 -30.14 -30.45 -35.67
N PHE G 640 -31.20 -29.87 -36.23
CA PHE G 640 -31.40 -28.43 -36.19
C PHE G 640 -32.13 -28.07 -34.90
N GLU G 641 -31.54 -27.19 -34.10
CA GLU G 641 -32.19 -26.76 -32.88
C GLU G 641 -33.42 -25.92 -33.22
N HIS G 642 -34.37 -25.89 -32.28
CA HIS G 642 -35.56 -25.06 -32.48
C HIS G 642 -35.20 -23.58 -32.53
N LYS G 643 -34.23 -23.16 -31.71
CA LYS G 643 -33.85 -21.76 -31.66
C LYS G 643 -33.20 -21.30 -32.95
N TYR G 644 -32.50 -22.20 -33.65
CA TYR G 644 -32.00 -21.85 -34.98
C TYR G 644 -33.14 -21.78 -35.99
N VAL G 645 -34.07 -22.72 -35.89
CA VAL G 645 -35.12 -22.86 -36.91
C VAL G 645 -36.03 -21.64 -36.90
N VAL G 646 -36.44 -21.16 -35.73
CA VAL G 646 -37.37 -20.02 -35.70
C VAL G 646 -36.68 -18.77 -36.24
N ASN G 647 -35.41 -18.55 -35.89
CA ASN G 647 -34.70 -17.37 -36.35
C ASN G 647 -34.49 -17.40 -37.86
N GLN G 648 -34.11 -18.57 -38.41
CA GLN G 648 -33.93 -18.67 -39.84
C GLN G 648 -35.25 -18.52 -40.59
N LEU G 649 -36.34 -19.03 -40.02
CA LEU G 649 -37.65 -18.85 -40.62
C LEU G 649 -38.02 -17.37 -40.71
N LEU G 650 -37.75 -16.62 -39.64
CA LEU G 650 -38.01 -15.18 -39.67
C LEU G 650 -37.15 -14.50 -40.72
N LYS G 651 -35.88 -14.88 -40.83
CA LYS G 651 -34.99 -14.24 -41.80
C LYS G 651 -35.46 -14.47 -43.23
N VAL G 652 -35.79 -15.72 -43.56
CA VAL G 652 -36.21 -15.98 -44.94
C VAL G 652 -37.58 -15.38 -45.23
N ILE G 653 -38.47 -15.31 -44.23
CA ILE G 653 -39.77 -14.68 -44.46
C ILE G 653 -39.60 -13.21 -44.77
N GLU G 654 -38.70 -12.52 -44.06
CA GLU G 654 -38.44 -11.12 -44.39
C GLU G 654 -37.82 -10.98 -45.78
N HIS G 655 -36.82 -11.81 -46.10
CA HIS G 655 -36.08 -11.63 -47.35
C HIS G 655 -36.94 -11.93 -48.58
N LEU G 656 -37.79 -12.94 -48.50
CA LEU G 656 -38.62 -13.26 -49.64
C LEU G 656 -39.44 -12.04 -50.00
N TYR G 657 -40.16 -11.50 -49.03
CA TYR G 657 -40.98 -10.32 -49.26
C TYR G 657 -40.15 -9.17 -49.79
N VAL G 658 -38.98 -8.98 -49.22
CA VAL G 658 -38.15 -7.86 -49.64
C VAL G 658 -37.77 -7.93 -51.11
N ILE G 659 -37.42 -9.12 -51.60
CA ILE G 659 -37.10 -9.27 -53.02
C ILE G 659 -38.33 -9.57 -53.86
N ASN G 660 -39.48 -9.85 -53.25
CA ASN G 660 -40.69 -10.11 -54.02
C ASN G 660 -41.53 -8.87 -54.23
N LYS G 661 -41.19 -7.76 -53.59
CA LYS G 661 -41.93 -6.52 -53.85
C LYS G 661 -41.71 -5.99 -55.26
N ASP G 662 -40.72 -6.50 -56.00
CA ASP G 662 -40.42 -6.05 -57.35
C ASP G 662 -40.76 -7.09 -58.41
N ALA G 663 -40.32 -8.33 -58.23
CA ALA G 663 -40.43 -9.33 -59.30
C ALA G 663 -41.87 -9.78 -59.51
N LYS G 664 -42.65 -9.88 -58.43
CA LYS G 664 -44.04 -10.33 -58.46
C LYS G 664 -44.15 -11.73 -59.08
N ASP G 665 -43.57 -12.68 -58.36
CA ASP G 665 -43.65 -14.09 -58.74
C ASP G 665 -44.70 -14.80 -57.89
N HIS G 666 -45.52 -15.62 -58.54
CA HIS G 666 -46.59 -16.31 -57.83
C HIS G 666 -46.04 -17.34 -56.84
N ARG G 667 -44.90 -17.97 -57.17
CA ARG G 667 -44.34 -18.98 -56.28
C ARG G 667 -43.90 -18.37 -54.95
N LEU G 668 -43.32 -17.17 -54.97
CA LEU G 668 -42.95 -16.52 -53.72
C LEU G 668 -44.17 -16.16 -52.89
N GLN G 669 -45.24 -15.71 -53.55
CA GLN G 669 -46.46 -15.35 -52.84
C GLN G 669 -47.08 -16.57 -52.18
N THR G 670 -47.19 -17.68 -52.91
CA THR G 670 -47.77 -18.87 -52.28
C THR G 670 -46.83 -19.46 -51.25
N LEU G 671 -45.52 -19.26 -51.39
CA LEU G 671 -44.58 -19.66 -50.35
C LEU G 671 -44.83 -18.89 -49.06
N ILE G 672 -45.02 -17.58 -49.18
CA ILE G 672 -45.23 -16.76 -47.98
C ILE G 672 -46.57 -17.10 -47.33
N THR G 673 -47.63 -17.22 -48.11
CA THR G 673 -48.91 -17.57 -47.50
C THR G 673 -49.00 -19.03 -47.11
N SER G 674 -48.05 -19.87 -47.51
CA SER G 674 -48.01 -21.25 -47.03
C SER G 674 -47.18 -21.40 -45.77
N LEU G 675 -46.20 -20.52 -45.55
CA LEU G 675 -45.43 -20.58 -44.32
C LEU G 675 -46.26 -20.13 -43.11
N LEU G 676 -47.26 -19.28 -43.34
CA LEU G 676 -48.07 -18.77 -42.24
C LEU G 676 -49.05 -19.81 -41.68
N ARG G 677 -49.28 -20.90 -42.41
CA ARG G 677 -50.22 -21.91 -41.95
C ARG G 677 -49.67 -22.63 -40.74
N PHE G 678 -50.57 -23.01 -39.83
CA PHE G 678 -50.12 -23.57 -38.55
C PHE G 678 -49.62 -24.99 -38.69
N SER G 679 -50.10 -25.73 -39.71
CA SER G 679 -49.69 -27.13 -39.85
C SER G 679 -48.20 -27.24 -40.15
N ILE G 680 -47.68 -26.39 -41.03
CA ILE G 680 -46.25 -26.43 -41.35
C ILE G 680 -45.42 -26.02 -40.13
N ILE G 681 -45.87 -25.00 -39.40
CA ILE G 681 -45.13 -24.55 -38.22
C ILE G 681 -45.11 -25.62 -37.14
N GLU G 682 -46.23 -26.33 -36.97
CA GLU G 682 -46.25 -27.44 -36.02
C GLU G 682 -45.40 -28.60 -36.51
N LYS G 683 -45.26 -28.76 -37.82
CA LYS G 683 -44.37 -29.78 -38.37
C LYS G 683 -42.91 -29.37 -38.31
N LEU G 684 -42.62 -28.10 -38.04
CA LEU G 684 -41.26 -27.59 -37.96
C LEU G 684 -40.79 -27.36 -36.53
N LEU G 685 -41.68 -26.96 -35.64
CA LEU G 685 -41.39 -26.73 -34.22
C LEU G 685 -42.39 -27.53 -33.39
N PRO G 686 -42.17 -28.83 -33.21
CA PRO G 686 -43.18 -29.64 -32.52
C PRO G 686 -43.23 -29.36 -31.03
N GLN G 687 -44.44 -29.12 -30.53
CA GLN G 687 -44.78 -28.76 -29.13
C GLN G 687 -43.74 -27.84 -28.49
N ARG G 688 -43.55 -26.68 -29.12
CA ARG G 688 -42.75 -25.59 -28.55
C ARG G 688 -43.65 -24.38 -28.44
N ARG G 689 -44.09 -24.06 -27.23
CA ARG G 689 -45.02 -22.96 -27.04
C ARG G 689 -44.32 -21.61 -27.25
N VAL G 690 -43.13 -21.45 -26.67
CA VAL G 690 -42.48 -20.14 -26.63
C VAL G 690 -42.01 -19.72 -28.02
N GLU G 691 -41.39 -20.64 -28.76
CA GLU G 691 -40.88 -20.29 -30.08
C GLU G 691 -42.00 -20.03 -31.07
N ILE G 692 -43.07 -20.82 -31.02
CA ILE G 692 -44.23 -20.59 -31.89
C ILE G 692 -44.84 -19.23 -31.58
N ASN G 693 -44.99 -18.91 -30.29
CA ASN G 693 -45.57 -17.62 -29.92
C ASN G 693 -44.69 -16.47 -30.37
N TYR G 694 -43.37 -16.60 -30.20
CA TYR G 694 -42.45 -15.55 -30.62
C TYR G 694 -42.50 -15.34 -32.14
N PHE G 695 -42.55 -16.44 -32.89
CA PHE G 695 -42.63 -16.34 -34.35
C PHE G 695 -43.91 -15.65 -34.79
N TYR G 696 -45.04 -16.04 -34.18
CA TYR G 696 -46.32 -15.45 -34.59
C TYR G 696 -46.41 -13.99 -34.19
N GLU G 697 -45.74 -13.59 -33.12
CA GLU G 697 -45.79 -12.21 -32.68
C GLU G 697 -44.74 -11.35 -33.39
N LYS G 698 -43.77 -11.98 -34.06
CA LYS G 698 -42.80 -11.20 -34.82
C LYS G 698 -43.08 -11.12 -36.32
N VAL G 699 -43.85 -12.07 -36.86
CA VAL G 699 -44.17 -12.02 -38.29
C VAL G 699 -45.03 -10.80 -38.60
N LYS G 700 -45.90 -10.39 -37.68
CA LYS G 700 -46.72 -9.20 -37.91
C LYS G 700 -45.91 -7.92 -37.86
N HIS G 701 -44.75 -7.93 -37.20
CA HIS G 701 -43.91 -6.74 -37.17
C HIS G 701 -42.89 -6.72 -38.29
N ILE G 702 -42.59 -7.88 -38.89
CA ILE G 702 -41.73 -7.88 -40.08
C ILE G 702 -42.46 -7.25 -41.26
N ILE G 703 -43.70 -7.66 -41.51
CA ILE G 703 -44.50 -7.16 -42.63
C ILE G 703 -45.77 -6.57 -42.06
N PRO G 704 -46.13 -5.33 -42.40
CA PRO G 704 -47.27 -4.67 -41.75
C PRO G 704 -48.64 -4.92 -42.38
N ASN G 705 -48.72 -5.64 -43.49
CA ASN G 705 -50.01 -5.86 -44.14
C ASN G 705 -50.78 -7.04 -43.57
N LEU G 706 -50.19 -7.78 -42.63
CA LEU G 706 -50.81 -9.00 -42.13
C LEU G 706 -51.93 -8.73 -41.14
N ILE G 707 -51.94 -7.56 -40.51
CA ILE G 707 -52.98 -7.25 -39.52
C ILE G 707 -54.34 -7.12 -40.19
N ASN G 708 -54.38 -6.54 -41.40
CA ASN G 708 -55.64 -6.39 -42.12
C ASN G 708 -56.13 -7.70 -42.74
N ASP G 709 -55.32 -8.76 -42.73
CA ASP G 709 -55.70 -10.02 -43.32
C ASP G 709 -56.29 -10.93 -42.26
N PRO G 710 -57.58 -11.32 -42.36
CA PRO G 710 -58.14 -12.26 -41.39
C PRO G 710 -57.53 -13.65 -41.47
N HIS G 711 -56.83 -13.99 -42.55
CA HIS G 711 -56.15 -15.27 -42.65
C HIS G 711 -55.07 -15.41 -41.59
N PHE G 712 -54.29 -14.34 -41.37
CA PHE G 712 -53.28 -14.34 -40.32
C PHE G 712 -53.95 -14.58 -38.97
N TRP G 713 -55.06 -13.90 -38.72
CA TRP G 713 -55.71 -14.00 -37.41
C TRP G 713 -56.32 -15.38 -37.19
N VAL G 714 -56.86 -16.01 -38.23
CA VAL G 714 -57.41 -17.34 -38.02
C VAL G 714 -56.30 -18.36 -37.82
N GLN G 715 -55.15 -18.21 -38.49
CA GLN G 715 -54.02 -19.08 -38.20
C GLN G 715 -53.51 -18.88 -36.78
N TYR G 716 -53.46 -17.62 -36.33
CA TYR G 716 -53.02 -17.32 -34.96
C TYR G 716 -54.00 -17.89 -33.96
N ALA G 717 -55.28 -17.87 -34.30
CA ALA G 717 -56.30 -18.46 -33.43
C ALA G 717 -56.13 -19.97 -33.32
N MET G 718 -55.90 -20.65 -34.45
CA MET G 718 -55.75 -22.10 -34.36
C MET G 718 -54.37 -22.51 -33.88
N SER G 719 -53.44 -21.57 -33.70
CA SER G 719 -52.18 -21.85 -33.05
C SER G 719 -52.29 -21.97 -31.54
N MET G 720 -53.49 -21.78 -30.98
CA MET G 720 -53.71 -21.85 -29.54
C MET G 720 -54.54 -23.04 -29.10
N ILE G 721 -55.23 -23.71 -30.04
CA ILE G 721 -56.10 -24.83 -29.66
C ILE G 721 -55.36 -25.98 -28.97
N PRO G 722 -54.22 -26.48 -29.47
CA PRO G 722 -53.60 -27.63 -28.80
C PRO G 722 -52.98 -27.30 -27.45
N PHE G 723 -53.07 -26.06 -26.97
CA PHE G 723 -52.57 -25.71 -25.65
C PHE G 723 -53.68 -25.25 -24.71
N LYS G 724 -54.94 -25.44 -25.09
CA LYS G 724 -56.14 -25.16 -24.29
C LYS G 724 -56.28 -23.68 -23.93
N ASP G 725 -55.61 -22.78 -24.65
CA ASP G 725 -55.74 -21.35 -24.40
C ASP G 725 -56.96 -20.85 -25.17
N TYR G 726 -58.12 -21.00 -24.55
CA TYR G 726 -59.39 -20.71 -25.20
C TYR G 726 -59.66 -19.21 -25.39
N PRO G 727 -59.64 -18.36 -24.35
CA PRO G 727 -60.09 -16.96 -24.54
C PRO G 727 -59.28 -16.18 -25.55
N SER G 728 -57.99 -16.47 -25.68
CA SER G 728 -57.18 -15.84 -26.73
C SER G 728 -57.70 -16.23 -28.10
N ALA G 729 -58.06 -17.51 -28.28
CA ALA G 729 -58.64 -17.95 -29.55
C ALA G 729 -59.99 -17.29 -29.80
N ASP G 730 -60.79 -17.13 -28.75
CA ASP G 730 -62.07 -16.42 -28.89
C ASP G 730 -61.85 -14.98 -29.34
N ARG G 731 -60.88 -14.29 -28.74
CA ARG G 731 -60.59 -12.91 -29.10
C ARG G 731 -60.07 -12.82 -30.53
N TYR G 732 -59.23 -13.76 -30.95
CA TYR G 732 -58.71 -13.73 -32.31
C TYR G 732 -59.79 -14.05 -33.34
N LEU G 733 -60.70 -14.96 -33.01
CA LEU G 733 -61.83 -15.22 -33.91
C LEU G 733 -62.77 -14.02 -33.99
N ALA G 734 -62.95 -13.31 -32.87
CA ALA G 734 -63.74 -12.08 -32.90
C ALA G 734 -63.06 -11.02 -33.76
N THR G 735 -61.73 -10.92 -33.68
CA THR G 735 -60.99 -9.99 -34.53
C THR G 735 -61.12 -10.38 -36.00
N ALA G 736 -61.11 -11.68 -36.28
CA ALA G 736 -61.30 -12.16 -37.65
C ALA G 736 -62.69 -11.79 -38.17
N TYR G 737 -63.71 -11.95 -37.33
CA TYR G 737 -65.06 -11.52 -37.72
C TYR G 737 -65.12 -10.03 -37.96
N SER G 738 -64.49 -9.22 -37.10
CA SER G 738 -64.50 -7.78 -37.27
C SER G 738 -63.79 -7.37 -38.56
N LEU G 739 -62.68 -8.03 -38.89
CA LEU G 739 -62.00 -7.72 -40.13
C LEU G 739 -62.79 -8.21 -41.34
N ALA G 740 -63.49 -9.33 -41.21
CA ALA G 740 -64.26 -9.88 -42.31
C ALA G 740 -65.55 -9.11 -42.59
N ALA G 741 -66.08 -8.40 -41.59
CA ALA G 741 -67.31 -7.64 -41.80
C ALA G 741 -67.12 -6.46 -42.74
N ARG G 742 -65.89 -5.95 -42.89
CA ARG G 742 -65.62 -4.81 -43.73
C ARG G 742 -65.17 -5.19 -45.14
N LYS G 743 -65.06 -6.49 -45.44
CA LYS G 743 -64.66 -6.95 -46.76
C LYS G 743 -65.90 -7.36 -47.54
N ASP G 744 -66.05 -6.80 -48.73
CA ASP G 744 -67.19 -7.12 -49.57
C ASP G 744 -67.07 -8.50 -50.17
N ASN G 745 -68.18 -9.22 -50.20
CA ASN G 745 -68.24 -10.55 -50.82
C ASN G 745 -67.15 -11.49 -50.27
N TYR G 746 -66.94 -11.47 -48.96
CA TYR G 746 -65.86 -12.24 -48.33
C TYR G 746 -66.42 -13.56 -47.84
N HIS G 747 -65.64 -14.63 -48.01
CA HIS G 747 -66.10 -15.97 -47.65
C HIS G 747 -65.67 -16.29 -46.23
N THR G 748 -66.64 -16.57 -45.36
CA THR G 748 -66.41 -16.71 -43.93
C THR G 748 -66.73 -18.11 -43.40
N LYS G 749 -66.69 -19.13 -44.25
CA LYS G 749 -67.08 -20.46 -43.80
C LYS G 749 -66.01 -21.10 -42.92
N ASN G 750 -64.73 -20.87 -43.24
CA ASN G 750 -63.67 -21.48 -42.45
C ASN G 750 -63.52 -20.83 -41.08
N ILE G 751 -63.71 -19.51 -41.00
CA ILE G 751 -63.68 -18.84 -39.70
C ILE G 751 -64.84 -19.32 -38.84
N ASP G 752 -66.01 -19.50 -39.46
CA ASP G 752 -67.15 -20.06 -38.74
C ASP G 752 -66.89 -21.51 -38.32
N THR G 753 -66.14 -22.26 -39.12
CA THR G 753 -65.77 -23.62 -38.75
C THR G 753 -64.88 -23.64 -37.52
N GLN G 754 -63.91 -22.73 -37.48
CA GLN G 754 -63.05 -22.64 -36.30
C GLN G 754 -63.89 -22.26 -35.11
N ARG G 755 -64.76 -21.27 -35.29
CA ARG G 755 -65.60 -20.83 -34.19
C ARG G 755 -66.41 -22.00 -33.69
N ALA G 756 -66.95 -22.78 -34.61
CA ALA G 756 -67.75 -23.94 -34.23
C ALA G 756 -66.91 -24.88 -33.38
N ARG G 757 -65.72 -25.20 -33.87
CA ARG G 757 -64.86 -26.14 -33.14
C ARG G 757 -64.51 -25.59 -31.76
N LEU G 758 -64.40 -24.27 -31.61
CA LEU G 758 -64.22 -23.70 -30.29
C LEU G 758 -65.47 -23.88 -29.44
N HIS G 759 -66.64 -23.74 -30.05
CA HIS G 759 -67.90 -24.03 -29.36
C HIS G 759 -67.95 -25.46 -28.87
N LEU G 760 -67.54 -26.41 -29.72
CA LEU G 760 -67.52 -27.81 -29.33
C LEU G 760 -66.53 -28.06 -28.20
N LEU G 761 -65.36 -27.41 -28.25
CA LEU G 761 -64.38 -27.56 -27.19
C LEU G 761 -64.89 -27.03 -25.86
N VAL G 762 -65.48 -25.83 -25.86
CA VAL G 762 -65.97 -25.28 -24.61
C VAL G 762 -67.23 -25.99 -24.13
N SER G 763 -67.97 -26.64 -25.02
CA SER G 763 -69.06 -27.50 -24.59
C SER G 763 -68.54 -28.79 -23.98
N LEU G 764 -67.41 -29.29 -24.48
CA LEU G 764 -66.75 -30.42 -23.85
C LEU G 764 -66.27 -30.06 -22.44
N THR G 765 -65.73 -28.86 -22.28
CA THR G 765 -65.22 -28.45 -20.97
C THR G 765 -66.32 -28.00 -20.01
N LYS G 766 -67.55 -27.81 -20.48
CA LYS G 766 -68.66 -27.38 -19.64
C LYS G 766 -69.71 -28.48 -19.51
N THR G 767 -70.59 -28.31 -18.53
CA THR G 767 -71.68 -29.23 -18.29
C THR G 767 -72.97 -28.45 -18.04
N GLY G 768 -74.09 -29.07 -18.37
CA GLY G 768 -75.39 -28.49 -18.07
C GLY G 768 -75.92 -27.50 -19.08
N ASN G 769 -76.49 -26.41 -18.59
CA ASN G 769 -77.16 -25.44 -19.47
C ASN G 769 -76.16 -24.71 -20.36
N GLU G 770 -74.98 -24.36 -19.81
CA GLU G 770 -73.98 -23.68 -20.61
C GLU G 770 -73.47 -24.58 -21.74
N ALA G 771 -73.29 -25.87 -21.45
CA ALA G 771 -72.88 -26.81 -22.48
C ALA G 771 -73.94 -26.93 -23.57
N TYR G 772 -75.22 -26.92 -23.19
CA TYR G 772 -76.30 -26.94 -24.18
C TYR G 772 -76.32 -25.67 -25.02
N LEU G 773 -76.05 -24.52 -24.39
CA LEU G 773 -75.99 -23.26 -25.12
C LEU G 773 -74.86 -23.27 -26.14
N GLU G 774 -73.69 -23.77 -25.74
CA GLU G 774 -72.57 -23.86 -26.68
C GLU G 774 -72.85 -24.87 -27.77
N PHE G 775 -73.54 -25.96 -27.44
CA PHE G 775 -73.93 -26.95 -28.45
C PHE G 775 -74.87 -26.34 -29.47
N GLU G 776 -75.83 -25.53 -29.02
CA GLU G 776 -76.74 -24.86 -29.95
C GLU G 776 -76.00 -23.83 -30.80
N ALA G 777 -75.07 -23.09 -30.18
CA ALA G 777 -74.28 -22.11 -30.92
C ALA G 777 -73.35 -22.76 -31.93
N GLY G 778 -72.96 -24.01 -31.71
CA GLY G 778 -72.22 -24.74 -32.73
C GLY G 778 -73.13 -25.35 -33.78
N ASP G 779 -74.32 -25.77 -33.35
CA ASP G 779 -75.26 -26.44 -34.25
C ASP G 779 -75.81 -25.48 -35.31
N ASN G 780 -76.16 -24.26 -34.91
CA ASN G 780 -76.64 -23.30 -35.90
C ASN G 780 -75.53 -22.94 -36.89
N LEU G 781 -74.29 -22.80 -36.39
CA LEU G 781 -73.17 -22.48 -37.25
C LEU G 781 -72.90 -23.59 -38.26
N ILE G 782 -72.90 -24.85 -37.82
CA ILE G 782 -72.68 -25.94 -38.76
C ILE G 782 -73.90 -26.15 -39.64
N ARG G 783 -75.08 -25.69 -39.23
CA ARG G 783 -76.24 -25.73 -40.10
C ARG G 783 -76.10 -24.74 -41.25
N ILE G 784 -75.61 -23.53 -40.96
CA ILE G 784 -75.34 -22.57 -42.03
C ILE G 784 -74.05 -22.87 -42.77
N ILE G 785 -73.22 -23.77 -42.24
CA ILE G 785 -72.03 -24.22 -42.97
C ILE G 785 -72.47 -25.22 -44.04
N PRO G 786 -72.15 -25.00 -45.31
CA PRO G 786 -72.50 -25.96 -46.35
C PRO G 786 -71.69 -27.24 -46.23
N ASN G 787 -72.20 -28.30 -46.85
CA ASN G 787 -71.58 -29.62 -46.77
C ASN G 787 -70.30 -29.62 -47.60
N ASP G 788 -69.17 -29.34 -46.94
CA ASP G 788 -67.86 -29.36 -47.56
C ASP G 788 -66.98 -30.34 -46.78
N ILE G 789 -65.73 -30.49 -47.24
CA ILE G 789 -64.83 -31.46 -46.63
C ILE G 789 -64.48 -31.05 -45.19
N TYR G 790 -64.38 -29.74 -44.93
CA TYR G 790 -64.05 -29.28 -43.59
C TYR G 790 -65.16 -29.51 -42.58
N LYS G 791 -66.39 -29.77 -43.05
CA LYS G 791 -67.50 -29.99 -42.13
C LYS G 791 -67.41 -31.35 -41.46
N TYR G 792 -66.83 -32.34 -42.14
CA TYR G 792 -66.83 -33.71 -41.62
C TYR G 792 -65.82 -33.95 -40.51
N ARG G 793 -64.84 -33.06 -40.33
CA ARG G 793 -63.93 -33.20 -39.20
C ARG G 793 -64.51 -32.65 -37.91
N GLN G 794 -65.68 -32.03 -37.96
CA GLN G 794 -66.38 -31.59 -36.75
C GLN G 794 -67.33 -32.65 -36.21
N VAL G 795 -67.52 -33.75 -36.94
CA VAL G 795 -68.48 -34.77 -36.52
C VAL G 795 -67.88 -35.66 -35.44
N LEU G 796 -66.56 -35.76 -35.39
CA LEU G 796 -65.91 -36.69 -34.46
C LEU G 796 -66.04 -36.28 -33.00
N ARG G 797 -66.46 -35.05 -32.71
CA ARG G 797 -66.57 -34.60 -31.34
C ARG G 797 -67.93 -34.94 -30.71
N TYR G 798 -68.95 -35.19 -31.53
CA TYR G 798 -70.26 -35.53 -30.99
C TYR G 798 -70.27 -36.91 -30.35
N ARG G 799 -69.41 -37.82 -30.80
CA ARG G 799 -69.32 -39.11 -30.15
C ARG G 799 -68.78 -38.94 -28.75
N ASP G 800 -67.73 -38.12 -28.60
CA ASP G 800 -67.20 -37.84 -27.27
C ASP G 800 -68.21 -37.10 -26.41
N ILE G 801 -69.01 -36.21 -27.02
CA ILE G 801 -70.07 -35.52 -26.30
C ILE G 801 -71.09 -36.52 -25.74
N TYR G 802 -71.49 -37.49 -26.57
CA TYR G 802 -72.42 -38.51 -26.13
C TYR G 802 -71.78 -39.43 -25.09
N GLU G 803 -70.47 -39.68 -25.19
CA GLU G 803 -69.81 -40.58 -24.27
C GLU G 803 -69.57 -39.95 -22.90
N LYS G 804 -69.34 -38.64 -22.83
CA LYS G 804 -68.91 -37.99 -21.59
C LYS G 804 -69.96 -37.09 -20.97
N VAL G 805 -70.47 -36.11 -21.74
CA VAL G 805 -71.29 -35.04 -21.17
C VAL G 805 -72.78 -35.27 -21.37
N TYR G 806 -73.16 -36.31 -22.11
CA TYR G 806 -74.57 -36.55 -22.43
C TYR G 806 -75.48 -36.74 -21.21
N PRO G 807 -75.13 -37.55 -20.19
CA PRO G 807 -76.07 -37.72 -19.05
C PRO G 807 -76.32 -36.45 -18.25
N THR G 808 -75.48 -35.43 -18.36
CA THR G 808 -75.65 -34.21 -17.58
C THR G 808 -76.81 -33.35 -18.09
N PHE G 809 -77.38 -33.67 -19.24
CA PHE G 809 -78.43 -32.87 -19.84
C PHE G 809 -79.82 -33.41 -19.48
N ASN G 810 -80.81 -32.54 -19.61
CA ASN G 810 -82.19 -32.90 -19.34
C ASN G 810 -82.82 -33.54 -20.58
N ALA G 811 -84.11 -33.86 -20.48
CA ALA G 811 -84.80 -34.55 -21.57
C ALA G 811 -84.93 -33.67 -22.80
N LYS G 812 -85.20 -32.38 -22.61
CA LYS G 812 -85.37 -31.48 -23.75
C LYS G 812 -84.07 -31.33 -24.55
N GLN G 813 -82.94 -31.18 -23.85
CA GLN G 813 -81.66 -31.07 -24.53
C GLN G 813 -81.27 -32.41 -25.17
N LYS G 814 -81.64 -33.53 -24.55
CA LYS G 814 -81.38 -34.83 -25.15
C LYS G 814 -82.17 -35.01 -26.45
N VAL G 815 -83.43 -34.58 -26.46
CA VAL G 815 -84.23 -34.65 -27.68
C VAL G 815 -83.68 -33.69 -28.74
N PHE G 816 -83.20 -32.53 -28.30
CA PHE G 816 -82.56 -31.59 -29.21
C PHE G 816 -81.34 -32.22 -29.88
N TYR G 817 -80.48 -32.87 -29.09
CA TYR G 817 -79.31 -33.53 -29.65
C TYR G 817 -79.70 -34.71 -30.52
N GLU G 818 -80.82 -35.35 -30.18
CA GLU G 818 -81.28 -36.49 -30.94
C GLU G 818 -81.71 -36.07 -32.35
N HIS G 819 -82.50 -35.02 -32.45
CA HIS G 819 -82.90 -34.56 -33.78
C HIS G 819 -81.74 -33.90 -34.51
N ALA G 820 -80.79 -33.31 -33.77
CA ALA G 820 -79.60 -32.77 -34.41
C ALA G 820 -78.76 -33.87 -35.06
N ILE G 821 -78.56 -34.99 -34.36
CA ILE G 821 -77.76 -36.07 -34.93
C ILE G 821 -78.54 -36.78 -36.04
N LYS G 822 -79.87 -36.81 -35.95
CA LYS G 822 -80.66 -37.33 -37.07
C LYS G 822 -80.50 -36.44 -38.31
N ARG G 823 -80.47 -35.13 -38.11
CA ARG G 823 -80.25 -34.22 -39.22
C ARG G 823 -78.88 -34.46 -39.81
N ILE G 824 -77.88 -34.58 -38.94
CA ILE G 824 -76.51 -34.81 -39.40
C ILE G 824 -76.42 -36.10 -40.20
N ILE G 825 -77.08 -37.16 -39.74
CA ILE G 825 -77.08 -38.43 -40.47
C ILE G 825 -77.76 -38.27 -41.82
N LYS G 826 -78.89 -37.55 -41.86
CA LYS G 826 -79.60 -37.33 -43.11
C LYS G 826 -78.76 -36.54 -44.10
N GLU G 827 -78.04 -35.52 -43.61
CA GLU G 827 -77.14 -34.75 -44.47
C GLU G 827 -75.94 -35.58 -44.91
N SER G 828 -75.54 -36.58 -44.12
CA SER G 828 -74.40 -37.42 -44.48
C SER G 828 -74.71 -38.34 -45.66
N GLU G 829 -75.96 -38.79 -45.79
CA GLU G 829 -76.34 -39.72 -46.85
C GLU G 829 -76.74 -39.01 -48.14
N SER G 830 -76.60 -37.69 -48.22
CA SER G 830 -76.97 -36.98 -49.42
C SER G 830 -76.04 -37.35 -50.58
N PRO G 831 -76.55 -37.43 -51.81
CA PRO G 831 -75.70 -37.87 -52.94
C PRO G 831 -74.70 -36.83 -53.40
N GLU G 832 -74.65 -35.65 -52.79
CA GLU G 832 -73.66 -34.66 -53.17
C GLU G 832 -72.25 -35.11 -52.82
N LEU G 833 -72.10 -35.88 -51.74
CA LEU G 833 -70.79 -36.39 -51.36
C LEU G 833 -70.29 -37.43 -52.36
N VAL G 834 -71.19 -38.26 -52.88
CA VAL G 834 -70.80 -39.40 -53.72
C VAL G 834 -70.16 -38.92 -55.01
N GLU G 835 -70.65 -37.81 -55.57
CA GLU G 835 -70.09 -37.26 -56.79
C GLU G 835 -68.77 -36.54 -56.55
N ASP G 836 -68.40 -36.28 -55.30
CA ASP G 836 -67.15 -35.60 -55.00
C ASP G 836 -66.00 -36.58 -54.94
N LEU G 837 -64.85 -36.17 -55.47
CA LEU G 837 -63.67 -37.03 -55.45
C LEU G 837 -63.07 -37.14 -54.07
N THR G 838 -63.23 -36.09 -53.24
CA THR G 838 -62.69 -36.13 -51.89
C THR G 838 -63.36 -37.21 -51.05
N TYR G 839 -64.69 -37.33 -51.15
CA TYR G 839 -65.38 -38.42 -50.48
C TYR G 839 -65.11 -39.75 -51.16
N LYS G 840 -64.86 -39.74 -52.46
CA LYS G 840 -64.51 -40.97 -53.17
C LYS G 840 -63.21 -41.56 -52.64
N ILE G 841 -62.23 -40.71 -52.36
CA ILE G 841 -61.01 -41.17 -51.69
C ILE G 841 -61.32 -41.61 -50.27
N GLY G 842 -62.17 -40.85 -49.58
CA GLY G 842 -62.48 -41.11 -48.18
C GLY G 842 -63.76 -41.87 -47.92
N VAL G 843 -64.01 -42.91 -48.72
CA VAL G 843 -65.24 -43.68 -48.55
C VAL G 843 -65.25 -44.42 -47.22
N ASN G 844 -64.15 -45.10 -46.91
CA ASN G 844 -64.08 -45.91 -45.68
C ASN G 844 -64.44 -45.18 -44.39
N TRP G 845 -63.48 -44.44 -43.85
CA TRP G 845 -63.71 -43.78 -42.56
C TRP G 845 -65.04 -43.05 -42.50
N LEU G 846 -65.33 -42.26 -43.53
CA LEU G 846 -66.58 -41.52 -43.55
C LEU G 846 -67.76 -42.47 -43.39
N ASP G 847 -67.71 -43.61 -44.07
CA ASP G 847 -68.77 -44.60 -43.91
C ASP G 847 -68.74 -45.23 -42.52
N LYS G 848 -67.53 -45.44 -41.97
CA LYS G 848 -67.42 -45.93 -40.60
C LYS G 848 -67.96 -44.91 -39.61
N LEU G 849 -67.71 -43.62 -39.86
CA LEU G 849 -68.27 -42.57 -39.01
C LEU G 849 -69.79 -42.55 -39.09
N ARG G 850 -70.34 -42.73 -40.29
CA ARG G 850 -71.80 -42.82 -40.44
C ARG G 850 -72.36 -44.01 -39.68
N GLY G 851 -71.67 -45.15 -39.75
CA GLY G 851 -72.08 -46.32 -38.98
C GLY G 851 -72.01 -46.09 -37.48
N ASN G 852 -70.99 -45.34 -37.04
CA ASN G 852 -70.88 -44.99 -35.63
C ASN G 852 -72.03 -44.09 -35.18
N LEU G 853 -72.41 -43.13 -36.03
CA LEU G 853 -73.56 -42.29 -35.72
C LEU G 853 -74.84 -43.12 -35.67
N LYS G 854 -75.00 -44.07 -36.59
CA LYS G 854 -76.16 -44.95 -36.56
C LYS G 854 -76.18 -45.81 -35.30
N LEU G 855 -75.02 -46.30 -34.87
CA LEU G 855 -74.93 -47.07 -33.63
C LEU G 855 -75.27 -46.20 -32.42
N ILE G 856 -74.85 -44.94 -32.43
CA ILE G 856 -75.20 -44.03 -31.35
C ILE G 856 -76.72 -43.77 -31.33
N VAL G 857 -77.32 -43.64 -32.51
CA VAL G 857 -78.77 -43.48 -32.60
C VAL G 857 -79.48 -44.71 -32.04
N GLU G 858 -78.98 -45.90 -32.39
CA GLU G 858 -79.56 -47.14 -31.89
C GLU G 858 -79.42 -47.24 -30.37
N ASN G 859 -78.27 -46.81 -29.83
CA ASN G 859 -78.07 -46.81 -28.38
C ASN G 859 -79.00 -45.83 -27.70
N ILE G 860 -79.24 -44.67 -28.33
CA ILE G 860 -80.18 -43.69 -27.78
C ILE G 860 -81.58 -44.27 -27.74
N GLN G 861 -82.00 -44.94 -28.81
CA GLN G 861 -83.31 -45.58 -28.83
C GLN G 861 -83.41 -46.70 -27.80
N GLU G 862 -82.33 -47.47 -27.62
CA GLU G 862 -82.35 -48.56 -26.64
C GLU G 862 -82.42 -48.02 -25.21
N ASN G 863 -81.72 -46.92 -24.94
CA ASN G 863 -81.71 -46.33 -23.61
C ASN G 863 -82.97 -45.51 -23.31
N ARG G 864 -83.84 -45.33 -24.30
CA ARG G 864 -85.08 -44.62 -24.09
C ARG G 864 -86.00 -45.41 -23.16
N PRO G 865 -86.82 -44.73 -22.36
CA PRO G 865 -87.76 -45.45 -21.48
C PRO G 865 -88.83 -46.17 -22.30
N LYS G 866 -89.38 -47.22 -21.66
CA LYS G 866 -90.38 -48.04 -22.33
C LYS G 866 -91.68 -47.30 -22.60
N GLY G 867 -91.94 -46.21 -21.87
CA GLY G 867 -93.12 -45.41 -22.10
C GLY G 867 -93.02 -44.43 -23.25
N LYS G 868 -91.85 -44.34 -23.88
CA LYS G 868 -91.65 -43.43 -25.01
C LYS G 868 -91.17 -44.16 -26.27
N LYS G 869 -90.96 -45.46 -26.21
CA LYS G 869 -90.49 -46.22 -27.37
C LYS G 869 -91.60 -46.41 -28.39
N SER H 37 33.02 -19.25 -89.82
CA SER H 37 32.32 -18.83 -88.61
C SER H 37 30.82 -18.99 -88.76
N ILE H 38 30.04 -18.11 -88.13
CA ILE H 38 28.59 -18.18 -88.18
C ILE H 38 28.08 -17.32 -89.33
N SER H 39 27.14 -17.85 -90.10
CA SER H 39 26.76 -17.27 -91.38
C SER H 39 25.86 -16.05 -91.20
N ASP H 40 25.59 -15.37 -92.33
CA ASP H 40 24.81 -14.14 -92.31
C ASP H 40 23.31 -14.42 -92.22
N GLU H 41 22.86 -15.51 -92.84
CA GLU H 41 21.43 -15.84 -92.77
C GLU H 41 21.01 -16.14 -91.34
N THR H 42 21.89 -16.75 -90.55
CA THR H 42 21.61 -16.94 -89.14
C THR H 42 21.53 -15.61 -88.41
N TYR H 43 22.37 -14.65 -88.78
CA TYR H 43 22.28 -13.31 -88.21
C TYR H 43 20.92 -12.67 -88.50
N GLU H 44 20.47 -12.76 -89.75
CA GLU H 44 19.19 -12.16 -90.11
C GLU H 44 18.03 -12.85 -89.39
N ARG H 45 18.07 -14.19 -89.31
CA ARG H 45 17.04 -14.93 -88.60
C ARG H 45 17.00 -14.56 -87.12
N LEU H 46 18.18 -14.48 -86.49
CA LEU H 46 18.25 -14.11 -85.09
C LEU H 46 17.73 -12.70 -84.85
N LYS H 47 18.11 -11.75 -85.70
CA LYS H 47 17.66 -10.38 -85.54
C LYS H 47 16.14 -10.29 -85.68
N ARG H 48 15.57 -10.99 -86.68
CA ARG H 48 14.14 -10.97 -86.88
C ARG H 48 13.40 -11.61 -85.71
N LEU H 49 13.95 -12.69 -85.16
CA LEU H 49 13.26 -13.37 -84.07
C LEU H 49 13.35 -12.58 -82.77
N ILE H 50 14.47 -11.89 -82.53
CA ILE H 50 14.62 -11.15 -81.29
C ILE H 50 13.90 -9.81 -81.35
N SER H 51 13.72 -9.24 -82.54
CA SER H 51 13.03 -7.97 -82.67
C SER H 51 11.55 -8.04 -82.34
N THR H 52 10.97 -9.24 -82.22
CA THR H 52 9.55 -9.35 -81.91
C THR H 52 9.25 -8.89 -80.49
N GLY H 53 10.17 -9.10 -79.56
CA GLY H 53 9.93 -8.77 -78.18
C GLY H 53 9.27 -9.86 -77.38
N ASN H 54 8.99 -11.00 -77.99
CA ASN H 54 8.43 -12.16 -77.31
C ASN H 54 9.47 -13.28 -77.18
N ALA H 55 10.73 -12.91 -77.00
CA ALA H 55 11.80 -13.86 -76.86
C ALA H 55 12.09 -14.13 -75.38
N ILE H 56 12.72 -15.27 -75.12
CA ILE H 56 13.03 -15.73 -73.76
C ILE H 56 14.52 -15.99 -73.68
N VAL H 57 15.15 -15.51 -72.61
CA VAL H 57 16.58 -15.70 -72.39
C VAL H 57 16.78 -16.64 -71.20
N PHE H 58 17.72 -17.57 -71.33
CA PHE H 58 18.14 -18.44 -70.26
C PHE H 58 19.59 -18.10 -69.92
N VAL H 59 19.83 -17.64 -68.71
CA VAL H 59 21.13 -17.13 -68.29
C VAL H 59 21.87 -18.22 -67.54
N GLY H 60 23.13 -18.43 -67.88
CA GLY H 60 23.94 -19.44 -67.24
C GLY H 60 25.13 -18.87 -66.52
N ALA H 61 26.21 -19.64 -66.42
CA ALA H 61 27.40 -19.20 -65.73
C ALA H 61 28.23 -18.23 -66.58
N GLY H 62 28.20 -18.37 -67.90
CA GLY H 62 29.07 -17.59 -68.75
C GLY H 62 28.68 -16.14 -68.94
N PHE H 63 27.46 -15.77 -68.53
CA PHE H 63 27.03 -14.39 -68.70
C PHE H 63 27.72 -13.46 -67.72
N SER H 64 27.83 -13.88 -66.45
CA SER H 64 28.40 -13.04 -65.40
C SER H 64 29.84 -13.42 -65.10
N LYS H 65 30.60 -13.79 -66.13
CA LYS H 65 32.02 -14.08 -65.97
C LYS H 65 32.87 -12.83 -65.84
N GLU H 66 32.41 -11.69 -66.36
CA GLU H 66 33.21 -10.46 -66.37
C GLU H 66 32.85 -9.53 -65.22
N SER H 67 31.81 -9.83 -64.45
CA SER H 67 31.40 -8.98 -63.34
C SER H 67 32.41 -9.03 -62.19
N ILE H 68 32.26 -8.10 -61.25
CA ILE H 68 33.13 -8.03 -60.07
C ILE H 68 32.26 -8.06 -58.83
N ASN H 69 32.83 -8.52 -57.73
CA ASN H 69 32.06 -8.77 -56.51
C ASN H 69 32.53 -7.88 -55.36
N ILE H 70 32.09 -8.23 -54.16
CA ILE H 70 32.39 -7.45 -52.96
C ILE H 70 33.90 -7.39 -52.73
N ILE H 71 34.58 -8.53 -52.88
CA ILE H 71 36.01 -8.59 -52.57
C ILE H 71 36.84 -8.15 -53.77
N GLY H 72 36.18 -7.55 -54.76
CA GLY H 72 36.90 -6.96 -55.88
C GLY H 72 37.54 -7.94 -56.84
N SER H 73 36.84 -9.00 -57.23
CA SER H 73 37.39 -9.98 -58.16
C SER H 73 36.25 -10.63 -58.94
N THR H 74 36.63 -11.33 -60.00
CA THR H 74 35.68 -12.13 -60.77
C THR H 74 35.15 -13.25 -59.89
N PRO H 75 33.84 -13.53 -59.94
CA PRO H 75 33.26 -14.62 -59.13
C PRO H 75 33.88 -15.96 -59.49
N PRO H 76 34.10 -16.82 -58.50
CA PRO H 76 34.87 -18.05 -58.73
C PRO H 76 34.01 -19.15 -59.33
N LEU H 77 34.70 -20.17 -59.82
CA LEU H 77 34.08 -21.38 -60.36
C LEU H 77 34.02 -22.44 -59.28
N ALA H 78 33.51 -23.62 -59.66
CA ALA H 78 33.28 -24.68 -58.68
C ALA H 78 34.60 -25.21 -58.11
N LYS H 79 35.66 -25.21 -58.92
CA LYS H 79 36.95 -25.74 -58.48
C LYS H 79 37.53 -24.92 -57.34
N ASP H 80 37.62 -23.60 -57.52
CA ASP H 80 38.22 -22.74 -56.51
C ASP H 80 37.39 -22.72 -55.24
N LEU H 81 36.06 -22.68 -55.38
CA LEU H 81 35.16 -22.66 -54.24
C LEU H 81 35.28 -23.96 -53.45
N ALA H 82 35.37 -25.09 -54.17
CA ALA H 82 35.54 -26.37 -53.51
C ALA H 82 36.87 -26.44 -52.78
N LEU H 83 37.93 -25.92 -53.38
CA LEU H 83 39.22 -25.90 -52.70
C LEU H 83 39.18 -25.04 -51.45
N GLN H 84 38.51 -23.89 -51.52
CA GLN H 84 38.41 -23.00 -50.36
C GLN H 84 37.64 -23.66 -49.21
N ILE H 85 36.51 -24.31 -49.52
CA ILE H 85 35.72 -24.91 -48.44
C ILE H 85 36.42 -26.15 -47.89
N SER H 86 37.12 -26.91 -48.73
CA SER H 86 37.91 -28.02 -48.24
C SER H 86 39.03 -27.53 -47.34
N ASN H 87 39.69 -26.43 -47.72
CA ASN H 87 40.74 -25.86 -46.89
C ASN H 87 40.20 -25.40 -45.54
N LYS H 88 38.99 -24.83 -45.57
CA LYS H 88 38.36 -24.36 -44.34
C LYS H 88 38.09 -25.51 -43.41
N SER H 89 37.45 -26.56 -43.93
CA SER H 89 37.13 -27.71 -43.10
C SER H 89 38.38 -28.42 -42.60
N ALA H 90 39.42 -28.50 -43.44
CA ALA H 90 40.68 -29.09 -43.01
C ALA H 90 41.35 -28.26 -41.92
N ASN H 91 41.26 -26.94 -42.01
CA ASN H 91 41.80 -26.09 -40.95
C ASN H 91 41.05 -26.31 -39.64
N TYR H 92 39.73 -26.44 -39.71
CA TYR H 92 38.97 -26.73 -38.49
C TYR H 92 39.37 -28.06 -37.89
N LEU H 93 39.53 -29.09 -38.73
CA LEU H 93 39.89 -30.41 -38.22
C LEU H 93 41.33 -30.45 -37.71
N LYS H 94 42.21 -29.63 -38.29
CA LYS H 94 43.54 -29.47 -37.72
C LYS H 94 43.48 -28.81 -36.35
N GLU H 95 42.59 -27.81 -36.20
CA GLU H 95 42.43 -27.17 -34.90
C GLU H 95 41.90 -28.16 -33.86
N VAL H 96 40.96 -29.02 -34.24
CA VAL H 96 40.49 -30.02 -33.30
C VAL H 96 41.49 -31.16 -33.13
N GLY H 97 42.47 -31.28 -34.02
CA GLY H 97 43.56 -32.20 -33.83
C GLY H 97 43.35 -33.62 -34.32
N ALA H 98 43.08 -33.78 -35.62
CA ALA H 98 42.98 -35.09 -36.22
C ALA H 98 44.32 -35.49 -36.83
N ASP H 99 44.36 -36.66 -37.46
CA ASP H 99 45.59 -37.14 -38.07
C ASP H 99 45.91 -36.36 -39.34
N SER H 100 47.20 -36.28 -39.67
CA SER H 100 47.64 -35.45 -40.79
C SER H 100 47.27 -36.07 -42.13
N HIS H 101 47.16 -37.40 -42.21
CA HIS H 101 46.79 -38.05 -43.46
C HIS H 101 45.36 -37.70 -43.86
N TYR H 102 44.46 -37.64 -42.88
CA TYR H 102 43.08 -37.22 -43.15
C TYR H 102 43.02 -35.79 -43.68
N ILE H 103 43.82 -34.90 -43.09
CA ILE H 103 43.85 -33.51 -43.55
C ILE H 103 44.41 -33.44 -44.96
N GLU H 104 45.48 -34.18 -45.24
CA GLU H 104 46.09 -34.13 -46.56
C GLU H 104 45.19 -34.78 -47.61
N GLU H 105 44.32 -35.71 -47.21
CA GLU H 105 43.38 -36.31 -48.14
C GLU H 105 42.07 -35.53 -48.25
N ILE H 106 41.80 -34.59 -47.35
CA ILE H 106 40.59 -33.78 -47.50
C ILE H 106 40.87 -32.48 -48.24
N LYS H 107 42.06 -31.93 -48.07
CA LYS H 107 42.42 -30.67 -48.71
C LYS H 107 42.37 -30.73 -50.24
N GLN H 108 42.87 -31.81 -50.83
CA GLN H 108 42.93 -31.90 -52.29
C GLN H 108 41.59 -32.29 -52.91
N CYS H 109 40.54 -32.31 -52.11
CA CYS H 109 39.22 -32.67 -52.62
C CYS H 109 38.60 -31.51 -53.36
N ASP H 110 38.52 -31.59 -54.68
CA ASP H 110 37.99 -30.49 -55.46
C ASP H 110 36.63 -30.79 -56.07
N ASP H 111 35.81 -31.56 -55.38
CA ASP H 111 34.46 -31.80 -55.85
C ASP H 111 33.57 -30.94 -55.00
N LEU H 112 32.89 -29.98 -55.62
CA LEU H 112 32.10 -29.03 -54.84
C LEU H 112 31.00 -29.74 -54.04
N MET H 113 30.33 -30.71 -54.67
CA MET H 113 29.20 -31.38 -54.03
C MET H 113 29.62 -32.14 -52.78
N VAL H 114 30.65 -32.99 -52.90
CA VAL H 114 31.06 -33.83 -51.78
C VAL H 114 31.65 -32.98 -50.66
N ALA H 115 32.46 -31.97 -51.01
CA ALA H 115 33.04 -31.11 -49.99
C ALA H 115 31.98 -30.32 -49.24
N SER H 116 31.01 -29.77 -49.97
CA SER H 116 29.94 -29.01 -49.32
C SER H 116 29.09 -29.91 -48.43
N ASP H 117 28.80 -31.13 -48.90
CA ASP H 117 28.00 -32.05 -48.09
C ASP H 117 28.74 -32.47 -46.83
N PHE H 118 30.05 -32.74 -46.94
CA PHE H 118 30.84 -33.08 -45.78
C PHE H 118 30.89 -31.92 -44.79
N PHE H 119 31.03 -30.70 -45.29
CA PHE H 119 31.03 -29.53 -44.41
C PHE H 119 29.72 -29.40 -43.66
N LEU H 120 28.60 -29.54 -44.36
CA LEU H 120 27.31 -29.33 -43.71
C LEU H 120 26.94 -30.48 -42.80
N ASN H 121 27.50 -31.68 -43.02
CA ASN H 121 27.13 -32.83 -42.21
C ASN H 121 28.09 -33.10 -41.06
N ASN H 122 29.31 -32.57 -41.09
CA ASN H 122 30.26 -32.85 -40.01
C ASN H 122 30.68 -31.58 -39.28
N ILE H 123 30.97 -30.51 -40.02
CA ILE H 123 31.50 -29.28 -39.45
C ILE H 123 30.33 -28.45 -38.95
N PRO H 124 30.34 -28.03 -37.68
CA PRO H 124 29.15 -27.36 -37.11
C PRO H 124 29.03 -25.87 -37.39
N GLN H 125 30.04 -25.24 -38.00
CA GLN H 125 30.02 -23.80 -38.23
C GLN H 125 29.63 -23.51 -39.68
N LYS H 126 28.32 -23.60 -39.94
CA LYS H 126 27.79 -23.30 -41.28
C LYS H 126 27.56 -21.81 -41.50
N ASP H 127 27.60 -21.01 -40.43
CA ASP H 127 27.43 -19.58 -40.58
C ASP H 127 28.55 -18.99 -41.43
N GLU H 128 29.78 -19.47 -41.24
CA GLU H 128 30.87 -18.96 -42.07
C GLU H 128 30.78 -19.47 -43.50
N LEU H 129 30.16 -20.63 -43.73
CA LEU H 129 29.90 -21.05 -45.10
C LEU H 129 28.91 -20.10 -45.78
N LEU H 130 27.85 -19.72 -45.08
CA LEU H 130 26.91 -18.76 -45.65
C LEU H 130 27.58 -17.40 -45.88
N GLN H 131 28.44 -16.98 -44.95
CA GLN H 131 29.17 -15.72 -45.13
C GLN H 131 30.11 -15.79 -46.32
N LEU H 132 30.76 -16.94 -46.52
CA LEU H 132 31.63 -17.11 -47.68
C LEU H 132 30.85 -17.05 -48.98
N LEU H 133 29.66 -17.67 -49.02
CA LEU H 133 28.82 -17.58 -50.21
C LEU H 133 28.40 -16.13 -50.48
N LYS H 134 28.01 -15.40 -49.43
CA LYS H 134 27.60 -14.01 -49.62
C LYS H 134 28.75 -13.15 -50.11
N ASP H 135 29.96 -13.40 -49.61
CA ASP H 135 31.13 -12.66 -50.09
C ASP H 135 31.43 -12.97 -51.54
N ASN H 136 31.31 -14.24 -51.94
CA ASN H 136 31.72 -14.61 -53.28
C ASN H 136 30.65 -14.35 -54.34
N TYR H 137 29.39 -14.16 -53.96
CA TYR H 137 28.34 -14.06 -54.97
C TYR H 137 27.48 -12.83 -54.78
N THR H 138 28.10 -11.66 -54.61
CA THR H 138 27.41 -10.39 -54.52
C THR H 138 28.10 -9.41 -55.46
N ILE H 139 27.48 -9.16 -56.60
CA ILE H 139 28.09 -8.33 -57.64
C ILE H 139 27.98 -6.86 -57.26
N LYS H 140 29.11 -6.16 -57.29
CA LYS H 140 29.17 -4.75 -56.92
C LYS H 140 29.00 -3.82 -58.12
N ASP H 141 29.62 -4.19 -59.25
CA ASP H 141 29.50 -3.40 -60.46
C ASP H 141 29.46 -4.26 -61.71
N VAL H 142 28.76 -3.80 -62.73
CA VAL H 142 28.61 -4.54 -63.97
C VAL H 142 29.27 -3.74 -65.10
N THR H 143 29.52 -4.43 -66.21
CA THR H 143 30.15 -3.81 -67.37
C THR H 143 29.08 -3.14 -68.24
N GLN H 144 29.46 -2.73 -69.44
CA GLN H 144 28.53 -2.04 -70.33
C GLN H 144 27.82 -2.99 -71.29
N GLU H 145 28.47 -4.10 -71.65
CA GLU H 145 27.82 -5.09 -72.53
C GLU H 145 26.61 -5.70 -71.85
N GLN H 146 26.67 -5.92 -70.54
CA GLN H 146 25.52 -6.46 -69.82
C GLN H 146 24.38 -5.46 -69.77
N ILE H 147 24.71 -4.18 -69.63
CA ILE H 147 23.70 -3.13 -69.67
C ILE H 147 23.01 -3.11 -71.03
N ASP H 148 23.79 -3.21 -72.10
CA ASP H 148 23.20 -3.17 -73.43
C ASP H 148 22.39 -4.43 -73.73
N ILE H 149 22.83 -5.58 -73.23
CA ILE H 149 22.12 -6.82 -73.52
C ILE H 149 20.84 -6.94 -72.68
N PHE H 150 20.78 -6.29 -71.53
CA PHE H 150 19.59 -6.38 -70.69
C PHE H 150 18.75 -5.12 -70.75
N SER H 151 18.89 -4.32 -71.80
CA SER H 151 18.02 -3.17 -72.04
C SER H 151 16.97 -3.46 -73.11
N MET H 152 16.80 -4.71 -73.51
CA MET H 152 15.75 -5.11 -74.44
C MET H 152 14.39 -5.20 -73.75
N LYS H 153 13.44 -5.83 -74.44
CA LYS H 153 12.19 -6.27 -73.87
C LYS H 153 12.05 -7.76 -74.18
N TRP H 154 12.09 -8.59 -73.13
CA TRP H 154 11.91 -10.02 -73.24
C TRP H 154 10.52 -10.41 -72.77
N ARG H 155 10.19 -11.69 -72.92
CA ARG H 155 8.98 -12.22 -72.33
C ARG H 155 9.20 -12.58 -70.86
N ARG H 156 10.24 -13.38 -70.61
CA ARG H 156 10.59 -13.73 -69.25
C ARG H 156 12.06 -14.09 -69.15
N ILE H 157 12.63 -13.93 -67.96
CA ILE H 157 14.04 -14.21 -67.71
C ILE H 157 14.15 -15.44 -66.84
N TYR H 158 15.02 -16.38 -67.19
CA TYR H 158 15.23 -17.56 -66.39
C TYR H 158 16.71 -17.71 -66.18
N THR H 159 17.14 -18.11 -64.99
CA THR H 159 18.56 -18.20 -64.71
C THR H 159 18.87 -19.30 -63.71
N THR H 160 20.13 -19.67 -63.62
CA THR H 160 20.54 -20.68 -62.67
C THR H 160 21.65 -20.15 -61.78
N ASN H 161 21.87 -18.84 -61.80
CA ASN H 161 22.91 -18.22 -60.99
C ASN H 161 22.45 -18.02 -59.56
N TYR H 162 23.42 -17.75 -58.69
CA TYR H 162 23.13 -17.27 -57.35
C TYR H 162 23.26 -15.76 -57.20
N ASP H 163 24.07 -15.12 -58.03
CA ASP H 163 24.43 -13.71 -57.80
C ASP H 163 23.27 -12.80 -58.20
N ASN H 164 23.51 -11.50 -58.07
CA ASN H 164 22.54 -10.47 -58.42
C ASN H 164 23.02 -9.62 -59.60
N ALA H 165 23.72 -10.25 -60.55
CA ALA H 165 24.19 -9.51 -61.72
C ALA H 165 23.02 -9.07 -62.60
N ILE H 166 22.01 -9.94 -62.75
CA ILE H 166 20.90 -9.64 -63.65
C ILE H 166 20.03 -8.52 -63.09
N GLU H 167 19.73 -8.55 -61.79
CA GLU H 167 18.90 -7.50 -61.21
C GLU H 167 19.60 -6.15 -61.24
N LEU H 168 20.90 -6.13 -60.94
CA LEU H 168 21.67 -4.89 -61.04
C LEU H 168 21.71 -4.39 -62.48
N SER H 169 21.88 -5.30 -63.44
CA SER H 169 21.93 -4.89 -64.84
C SER H 169 20.59 -4.37 -65.32
N LEU H 170 19.48 -4.87 -64.77
CA LEU H 170 18.17 -4.34 -65.15
C LEU H 170 17.90 -3.00 -64.49
N ILE H 171 18.30 -2.77 -63.25
CA ILE H 171 18.05 -1.44 -62.69
C ILE H 171 18.85 -0.39 -63.43
N LYS H 172 20.17 -0.55 -63.40
CA LYS H 172 21.06 0.40 -64.08
C LYS H 172 20.61 0.80 -65.46
N SER H 173 19.94 -0.09 -66.17
CA SER H 173 19.57 0.21 -67.55
C SER H 173 18.20 0.86 -67.67
N GLY H 174 17.56 1.19 -66.55
CA GLY H 174 16.31 1.92 -66.57
C GLY H 174 15.07 1.08 -66.67
N LYS H 175 14.99 0.04 -65.85
CA LYS H 175 13.84 -0.87 -65.86
C LYS H 175 13.76 -1.58 -64.52
N SER H 176 12.53 -1.90 -64.10
CA SER H 176 12.32 -2.53 -62.82
C SER H 176 12.68 -4.01 -62.88
N VAL H 177 12.70 -4.66 -61.71
CA VAL H 177 12.92 -6.11 -61.63
C VAL H 177 12.37 -6.60 -60.30
N THR H 178 11.70 -7.75 -60.34
CA THR H 178 11.25 -8.45 -59.14
C THR H 178 11.76 -9.89 -59.20
N PRO H 179 12.82 -10.22 -58.48
CA PRO H 179 13.35 -11.59 -58.52
C PRO H 179 12.50 -12.54 -57.69
N LEU H 180 12.62 -13.83 -58.01
CA LEU H 180 11.89 -14.89 -57.32
C LEU H 180 12.76 -16.13 -57.20
N THR H 181 12.20 -17.13 -56.53
CA THR H 181 12.81 -18.43 -56.31
C THR H 181 11.72 -19.48 -56.53
N LEU H 182 12.09 -20.76 -56.53
CA LEU H 182 11.12 -21.82 -56.75
C LEU H 182 10.08 -21.93 -55.63
N GLU H 183 10.35 -21.32 -54.47
CA GLU H 183 9.44 -21.39 -53.33
C GLU H 183 8.38 -20.30 -53.35
N ASP H 184 8.08 -19.75 -54.52
CA ASP H 184 7.10 -18.68 -54.65
C ASP H 184 5.98 -19.13 -55.58
N ALA H 185 4.75 -18.81 -55.21
CA ALA H 185 3.61 -19.20 -56.03
C ALA H 185 3.53 -18.32 -57.27
N PRO H 186 3.43 -18.90 -58.47
CA PRO H 186 3.34 -18.07 -59.68
C PRO H 186 2.00 -17.38 -59.85
N ASN H 187 0.95 -17.83 -59.16
CA ASN H 187 -0.36 -17.21 -59.32
C ASN H 187 -0.44 -15.86 -58.60
N GLN H 188 0.45 -15.59 -57.64
CA GLN H 188 0.46 -14.30 -56.99
C GLN H 188 1.10 -13.22 -57.86
N TYR H 189 2.03 -13.60 -58.73
CA TYR H 189 2.77 -12.68 -59.57
C TYR H 189 2.31 -12.80 -61.03
N LYS H 190 1.01 -12.96 -61.22
CA LYS H 190 0.47 -13.18 -62.57
C LYS H 190 0.63 -11.94 -63.45
N SER H 191 0.36 -10.77 -62.90
CA SER H 191 0.37 -9.54 -63.69
C SER H 191 1.73 -8.84 -63.70
N ALA H 192 2.70 -9.35 -62.96
CA ALA H 192 3.99 -8.67 -62.85
C ALA H 192 4.82 -8.87 -64.11
N GLU H 193 5.69 -7.91 -64.38
CA GLU H 193 6.62 -7.97 -65.49
C GLU H 193 8.05 -7.90 -64.95
N ASP H 194 9.00 -8.17 -65.85
CA ASP H 194 10.42 -8.27 -65.52
C ASP H 194 10.66 -9.28 -64.41
N ILE H 195 10.11 -10.49 -64.61
CA ILE H 195 10.22 -11.58 -63.66
C ILE H 195 11.55 -12.29 -63.95
N CYS H 196 12.53 -12.09 -63.09
CA CYS H 196 13.82 -12.78 -63.19
C CYS H 196 13.79 -13.93 -62.20
N LEU H 197 13.60 -15.14 -62.73
CA LEU H 197 13.46 -16.31 -61.86
C LEU H 197 14.73 -17.11 -61.68
N HIS H 198 15.17 -17.22 -60.44
CA HIS H 198 16.35 -18.01 -60.10
C HIS H 198 15.91 -19.42 -59.74
N ILE H 199 16.55 -20.41 -60.36
CA ILE H 199 16.11 -21.79 -60.24
C ILE H 199 16.84 -22.51 -59.11
N ASN H 200 18.15 -22.33 -58.99
CA ASN H 200 18.91 -23.00 -57.95
C ASN H 200 19.07 -22.14 -56.70
N GLY H 201 18.30 -21.08 -56.57
CA GLY H 201 18.25 -20.31 -55.35
C GLY H 201 18.92 -18.96 -55.49
N ARG H 202 18.90 -18.22 -54.39
CA ARG H 202 19.54 -16.92 -54.29
C ARG H 202 20.23 -16.79 -52.94
N ILE H 203 21.24 -15.94 -52.89
CA ILE H 203 21.97 -15.69 -51.64
C ILE H 203 21.62 -14.34 -51.03
N GLU H 204 20.81 -13.52 -51.71
CA GLU H 204 20.59 -12.15 -51.25
C GLU H 204 19.87 -12.12 -49.90
N ARG H 205 18.82 -12.92 -49.74
CA ARG H 205 18.15 -13.04 -48.44
C ARG H 205 18.03 -14.50 -48.05
N SER H 206 19.08 -15.28 -48.28
CA SER H 206 19.10 -16.68 -47.88
C SER H 206 19.37 -16.79 -46.39
N LYS H 207 18.70 -17.75 -45.76
CA LYS H 207 18.86 -18.00 -44.34
C LYS H 207 19.80 -19.18 -44.12
N GLU H 208 20.00 -19.53 -42.85
CA GLU H 208 20.97 -20.55 -42.51
C GLU H 208 20.50 -21.95 -42.91
N SER H 209 19.20 -22.21 -42.78
CA SER H 209 18.65 -23.53 -43.04
C SER H 209 18.38 -23.79 -44.52
N ASP H 210 18.61 -22.80 -45.39
CA ASP H 210 18.34 -22.96 -46.80
C ASP H 210 19.39 -23.79 -47.53
N LEU H 211 20.50 -24.12 -46.88
CA LEU H 211 21.56 -24.86 -47.56
C LEU H 211 21.20 -26.32 -47.77
N ASP H 212 20.22 -26.85 -47.05
CA ASP H 212 19.91 -28.27 -47.15
C ASP H 212 19.18 -28.62 -48.44
N SER H 213 18.21 -27.81 -48.85
CA SER H 213 17.39 -28.15 -50.01
C SER H 213 17.27 -27.00 -51.00
N ALA H 214 17.23 -25.76 -50.51
CA ALA H 214 16.89 -24.63 -51.36
C ALA H 214 18.00 -24.30 -52.34
N ILE H 215 19.24 -24.22 -51.86
CA ILE H 215 20.38 -23.92 -52.72
C ILE H 215 21.03 -25.24 -53.13
N LYS H 216 21.06 -25.49 -54.44
CA LYS H 216 21.57 -26.75 -54.97
C LYS H 216 23.09 -26.70 -54.98
N LEU H 217 23.69 -27.10 -53.86
CA LEU H 217 25.14 -27.18 -53.72
C LEU H 217 25.62 -28.58 -53.40
N THR H 218 24.97 -29.26 -52.46
CA THR H 218 25.43 -30.55 -51.97
C THR H 218 24.79 -31.69 -52.76
N THR H 219 25.28 -32.90 -52.51
CA THR H 219 24.61 -34.08 -53.06
C THR H 219 23.27 -34.32 -52.38
N SER H 220 23.14 -33.92 -51.11
CA SER H 220 21.88 -34.10 -50.41
C SER H 220 20.78 -33.21 -50.97
N SER H 221 21.15 -32.03 -51.47
CA SER H 221 20.15 -31.10 -52.00
C SER H 221 19.60 -31.57 -53.34
N TYR H 222 20.45 -32.17 -54.17
CA TYR H 222 20.01 -32.63 -55.48
C TYR H 222 19.11 -33.86 -55.40
N LEU H 223 19.19 -34.62 -54.31
CA LEU H 223 18.40 -35.84 -54.13
C LEU H 223 17.09 -35.58 -53.39
N SER H 224 16.82 -34.34 -53.02
CA SER H 224 15.64 -34.02 -52.23
C SER H 224 14.37 -34.22 -53.06
N PRO H 225 13.25 -34.54 -52.42
CA PRO H 225 11.98 -34.61 -53.16
C PRO H 225 11.54 -33.27 -53.74
N GLU H 226 12.03 -32.15 -53.22
CA GLU H 226 11.68 -30.84 -53.74
C GLU H 226 12.68 -30.47 -54.82
N GLN H 227 12.24 -30.50 -56.08
CA GLN H 227 13.12 -30.24 -57.21
C GLN H 227 12.44 -29.31 -58.21
N PHE H 228 13.03 -29.15 -59.39
CA PHE H 228 12.40 -28.33 -60.42
C PHE H 228 11.20 -29.02 -61.04
N LEU H 229 11.21 -30.35 -61.12
CA LEU H 229 10.07 -31.08 -61.67
C LEU H 229 8.82 -30.92 -60.82
N THR H 230 8.95 -31.01 -59.51
CA THR H 230 7.79 -30.95 -58.64
C THR H 230 7.27 -29.53 -58.46
N SER H 231 8.06 -28.52 -58.80
CA SER H 231 7.64 -27.15 -58.57
C SER H 231 6.54 -26.74 -59.56
N SER H 232 5.77 -25.74 -59.17
CA SER H 232 4.69 -25.25 -60.02
C SER H 232 5.19 -24.40 -61.18
N TRP H 233 6.44 -23.93 -61.13
CA TRP H 233 7.01 -23.15 -62.21
C TRP H 233 7.37 -24.00 -63.42
N TYR H 234 7.32 -25.32 -63.30
CA TYR H 234 7.65 -26.20 -64.42
C TYR H 234 6.64 -26.09 -65.54
N ARG H 235 5.35 -26.08 -65.19
CA ARG H 235 4.31 -25.90 -66.19
C ARG H 235 4.41 -24.53 -66.85
N GLN H 236 4.71 -23.50 -66.07
CA GLN H 236 4.91 -22.16 -66.62
C GLN H 236 6.08 -22.13 -67.57
N PHE H 237 7.17 -22.83 -67.23
CA PHE H 237 8.33 -22.89 -68.10
C PHE H 237 8.00 -23.57 -69.42
N LYS H 238 7.25 -24.68 -69.36
CA LYS H 238 6.84 -25.36 -70.58
C LYS H 238 5.95 -24.48 -71.46
N ALA H 239 4.98 -23.80 -70.84
CA ALA H 239 4.09 -22.93 -71.60
C ALA H 239 4.87 -21.76 -72.22
N ASP H 240 5.85 -21.23 -71.49
CA ASP H 240 6.65 -20.13 -72.01
C ASP H 240 7.50 -20.56 -73.19
N ILE H 241 8.18 -21.70 -73.10
CA ILE H 241 9.00 -22.13 -74.22
C ILE H 241 8.15 -22.65 -75.37
N ASP H 242 6.89 -22.98 -75.12
CA ASP H 242 5.97 -23.28 -76.21
C ASP H 242 5.47 -22.01 -76.90
N ASN H 243 5.30 -20.93 -76.15
CA ASN H 243 4.67 -19.72 -76.66
C ASN H 243 5.65 -18.70 -77.24
N ALA H 244 6.93 -18.80 -76.92
CA ALA H 244 7.88 -17.77 -77.28
C ALA H 244 8.21 -17.81 -78.76
N SER H 245 8.67 -16.66 -79.28
CA SER H 245 9.12 -16.60 -80.66
C SER H 245 10.46 -17.31 -80.83
N ALA H 246 11.41 -17.05 -79.95
CA ALA H 246 12.70 -17.72 -79.97
C ALA H 246 13.24 -17.76 -78.55
N ILE H 247 14.14 -18.72 -78.30
CA ILE H 247 14.74 -18.91 -76.98
C ILE H 247 16.25 -18.80 -77.14
N VAL H 248 16.88 -17.97 -76.31
CA VAL H 248 18.31 -17.73 -76.36
C VAL H 248 18.94 -18.21 -75.07
N PHE H 249 19.98 -19.04 -75.19
CA PHE H 249 20.73 -19.52 -74.04
C PHE H 249 22.06 -18.80 -74.01
N LEU H 250 22.36 -18.15 -72.89
CA LEU H 250 23.59 -17.35 -72.73
C LEU H 250 24.59 -18.16 -71.90
N GLY H 251 25.54 -18.78 -72.57
CA GLY H 251 26.63 -19.46 -71.88
C GLY H 251 26.17 -20.60 -71.00
N TYR H 252 25.13 -21.31 -71.41
CA TYR H 252 24.61 -22.42 -70.63
C TYR H 252 25.39 -23.68 -70.99
N SER H 253 25.94 -24.36 -69.98
CA SER H 253 26.69 -25.57 -70.20
C SER H 253 25.82 -26.82 -70.26
N MET H 254 24.49 -26.65 -70.11
CA MET H 254 23.52 -27.74 -70.25
C MET H 254 23.77 -28.86 -69.26
N TYR H 255 24.13 -28.50 -68.02
CA TYR H 255 24.42 -29.49 -66.99
C TYR H 255 23.14 -30.21 -66.56
N ASP H 256 22.08 -29.46 -66.28
CA ASP H 256 20.89 -30.03 -65.67
C ASP H 256 20.20 -30.99 -66.64
N ILE H 257 19.77 -32.14 -66.10
CA ILE H 257 19.23 -33.20 -66.94
C ILE H 257 17.75 -32.95 -67.28
N ASP H 258 17.03 -32.27 -66.39
CA ASP H 258 15.61 -32.03 -66.63
C ASP H 258 15.38 -31.14 -67.85
N ILE H 259 16.19 -30.10 -67.99
CA ILE H 259 16.08 -29.23 -69.17
C ILE H 259 16.44 -29.99 -70.43
N GLN H 260 17.42 -30.91 -70.33
CA GLN H 260 17.76 -31.77 -71.45
C GLN H 260 16.58 -32.65 -71.85
N LYS H 261 15.89 -33.21 -70.86
CA LYS H 261 14.75 -34.06 -71.15
C LYS H 261 13.59 -33.26 -71.73
N ILE H 262 13.47 -31.99 -71.36
CA ILE H 262 12.47 -31.12 -71.98
C ILE H 262 12.80 -30.88 -73.45
N PHE H 263 14.05 -30.50 -73.73
CA PHE H 263 14.41 -30.00 -75.05
C PHE H 263 14.79 -31.09 -76.04
N PHE H 264 15.03 -32.32 -75.60
CA PHE H 264 15.50 -33.35 -76.53
C PHE H 264 14.40 -33.87 -77.42
N ASN H 265 13.19 -34.09 -76.87
CA ASN H 265 12.17 -34.84 -77.58
C ASN H 265 11.64 -34.08 -78.79
N ASP H 266 11.29 -32.81 -78.61
CA ASP H 266 10.59 -32.07 -79.65
C ASP H 266 11.56 -31.58 -80.71
N SER H 267 11.00 -31.24 -81.87
CA SER H 267 11.74 -30.66 -82.97
C SER H 267 11.32 -29.25 -83.32
N SER H 268 10.05 -28.89 -83.06
CA SER H 268 9.61 -27.51 -83.29
C SER H 268 10.27 -26.55 -82.31
N ILE H 269 10.57 -27.00 -81.10
CA ILE H 269 11.32 -26.17 -80.16
C ILE H 269 12.76 -26.00 -80.62
N LYS H 270 13.34 -27.05 -81.21
CA LYS H 270 14.73 -26.99 -81.66
C LYS H 270 14.93 -25.96 -82.77
N SER H 271 13.90 -25.74 -83.60
CA SER H 271 14.01 -24.77 -84.68
C SER H 271 13.98 -23.33 -84.20
N LYS H 272 13.68 -23.08 -82.93
CA LYS H 272 13.63 -21.73 -82.40
C LYS H 272 14.77 -21.40 -81.44
N THR H 273 15.38 -22.39 -80.81
CA THR H 273 16.37 -22.11 -79.78
C THR H 273 17.70 -21.73 -80.41
N PHE H 274 18.51 -21.01 -79.64
CA PHE H 274 19.86 -20.66 -80.02
C PHE H 274 20.77 -20.78 -78.81
N PHE H 275 22.05 -21.01 -79.06
CA PHE H 275 23.04 -21.14 -78.00
C PHE H 275 24.21 -20.20 -78.28
N ILE H 276 24.68 -19.53 -77.23
CA ILE H 276 25.80 -18.61 -77.31
C ILE H 276 26.91 -19.16 -76.44
N THR H 277 28.07 -19.42 -77.04
CA THR H 277 29.24 -19.91 -76.33
C THR H 277 30.43 -19.02 -76.65
N ARG H 278 31.52 -19.24 -75.93
CA ARG H 278 32.71 -18.41 -76.08
C ARG H 278 33.39 -18.68 -77.42
N GLU H 279 34.35 -17.83 -77.75
CA GLU H 279 35.07 -17.94 -79.00
C GLU H 279 36.10 -19.06 -78.94
N GLY H 280 36.59 -19.45 -80.10
CA GLY H 280 37.61 -20.48 -80.19
C GLY H 280 37.18 -21.86 -79.76
N THR H 281 35.94 -22.24 -80.09
CA THR H 281 35.42 -23.55 -79.75
C THR H 281 35.10 -24.30 -81.04
N THR H 282 35.59 -25.53 -81.13
CA THR H 282 35.33 -26.35 -82.31
C THR H 282 33.92 -26.94 -82.24
N LYS H 283 33.50 -27.54 -83.35
CA LYS H 283 32.15 -28.10 -83.42
C LYS H 283 31.98 -29.28 -82.48
N PHE H 284 33.04 -30.08 -82.30
CA PHE H 284 32.94 -31.25 -81.43
C PHE H 284 32.81 -30.85 -79.97
N GLN H 285 33.39 -29.72 -79.58
CA GLN H 285 33.21 -29.23 -78.22
C GLN H 285 31.77 -28.80 -77.98
N ASN H 286 31.11 -28.27 -79.02
CA ASN H 286 29.73 -27.86 -78.92
C ASN H 286 28.76 -28.93 -79.43
N TYR H 287 29.24 -30.15 -79.65
CA TYR H 287 28.38 -31.23 -80.14
C TYR H 287 27.29 -31.59 -79.14
N LYS H 288 27.61 -31.53 -77.85
CA LYS H 288 26.62 -31.80 -76.82
C LYS H 288 25.49 -30.77 -76.87
N LEU H 289 25.84 -29.49 -77.07
CA LEU H 289 24.83 -28.45 -77.15
C LEU H 289 24.08 -28.48 -78.46
N ALA H 290 24.70 -28.99 -79.52
CA ALA H 290 24.13 -28.92 -80.87
C ALA H 290 22.91 -29.82 -81.05
N MET H 291 22.66 -30.74 -80.13
CA MET H 291 21.49 -31.60 -80.22
C MET H 291 20.20 -30.90 -79.85
N PHE H 292 20.29 -29.71 -79.26
CA PHE H 292 19.12 -28.99 -78.76
C PHE H 292 18.88 -27.66 -79.44
N GLY H 293 19.68 -27.29 -80.42
CA GLY H 293 19.47 -26.05 -81.14
C GLY H 293 20.71 -25.61 -81.86
N GLU H 294 20.59 -24.47 -82.53
CA GLU H 294 21.73 -23.89 -83.22
C GLU H 294 22.77 -23.40 -82.22
N VAL H 295 24.04 -23.52 -82.60
CA VAL H 295 25.16 -23.11 -81.77
C VAL H 295 25.87 -21.95 -82.46
N ILE H 296 25.98 -20.82 -81.76
CA ILE H 296 26.69 -19.65 -82.25
C ILE H 296 27.82 -19.40 -81.26
N ASN H 297 29.06 -19.58 -81.69
CA ASN H 297 30.22 -19.45 -80.82
C ASN H 297 30.83 -18.06 -81.03
N ILE H 298 30.17 -17.06 -80.45
CA ILE H 298 30.67 -15.69 -80.50
C ILE H 298 30.82 -15.05 -79.13
N GLY H 299 30.15 -15.55 -78.09
CA GLY H 299 30.24 -14.97 -76.77
C GLY H 299 29.18 -13.91 -76.52
N VAL H 300 29.09 -13.51 -75.25
CA VAL H 300 28.16 -12.44 -74.88
C VAL H 300 28.63 -11.10 -75.43
N ASN H 301 29.95 -10.94 -75.61
CA ASN H 301 30.50 -9.68 -76.11
C ASN H 301 29.96 -9.35 -77.48
N ALA H 302 29.90 -10.34 -78.37
CA ALA H 302 29.39 -10.11 -79.71
C ALA H 302 27.86 -10.02 -79.73
N PHE H 303 27.18 -10.69 -78.80
CA PHE H 303 25.73 -10.58 -78.74
C PHE H 303 25.29 -9.21 -78.23
N SER H 304 26.14 -8.54 -77.45
CA SER H 304 25.81 -7.21 -76.97
C SER H 304 25.65 -6.21 -78.12
N HIS H 305 26.45 -6.35 -79.17
CA HIS H 305 26.31 -5.45 -80.32
C HIS H 305 24.98 -5.67 -81.04
N ILE H 306 24.60 -6.95 -81.23
CA ILE H 306 23.30 -7.26 -81.82
C ILE H 306 22.18 -6.70 -80.94
N ALA H 307 22.35 -6.77 -79.63
CA ALA H 307 21.40 -6.17 -78.70
C ALA H 307 21.32 -4.66 -78.90
N ALA H 308 22.47 -4.03 -79.13
CA ALA H 308 22.50 -2.59 -79.36
C ALA H 308 21.76 -2.22 -80.64
N LYS H 309 21.86 -3.05 -81.68
CA LYS H 309 21.04 -2.79 -82.86
C LYS H 309 19.56 -3.01 -82.60
N CYS H 310 19.20 -4.04 -81.84
CA CYS H 310 17.81 -4.48 -81.77
C CYS H 310 17.00 -3.87 -80.64
N ILE H 311 17.65 -3.10 -79.75
CA ILE H 311 16.96 -2.59 -78.55
C ILE H 311 15.81 -1.66 -78.92
N GLU H 312 16.04 -0.75 -79.87
CA GLU H 312 15.02 0.24 -80.21
C GLU H 312 13.82 -0.41 -80.87
N GLU H 313 14.04 -1.39 -81.74
CA GLU H 313 12.95 -2.09 -82.40
C GLU H 313 12.23 -3.07 -81.49
N SER H 314 12.89 -3.52 -80.41
CA SER H 314 12.26 -4.50 -79.52
C SER H 314 11.04 -3.92 -78.81
N HIS H 315 11.11 -2.66 -78.38
CA HIS H 315 10.06 -2.06 -77.59
C HIS H 315 8.87 -1.60 -78.42
N GLN H 316 9.02 -1.49 -79.74
CA GLN H 316 8.00 -0.90 -80.60
C GLN H 316 7.03 -1.92 -81.16
N ASP H 317 7.50 -3.13 -81.43
CA ASP H 317 6.75 -4.09 -82.26
C ASP H 317 5.42 -4.47 -81.64
N LYS H 318 4.37 -4.45 -82.45
CA LYS H 318 3.03 -4.78 -82.02
C LYS H 318 2.23 -5.24 -83.23
N GLU H 319 1.51 -6.36 -83.08
CA GLU H 319 0.71 -6.89 -84.17
C GLU H 319 -0.44 -7.69 -83.57
N VAL H 320 -1.65 -7.44 -84.08
CA VAL H 320 -2.81 -8.17 -83.58
C VAL H 320 -2.82 -9.62 -84.03
N GLY H 321 -2.09 -9.95 -85.10
CA GLY H 321 -2.03 -11.30 -85.59
C GLY H 321 -3.36 -11.77 -86.15
N LEU H 322 -3.52 -13.09 -86.16
CA LEU H 322 -4.76 -13.73 -86.59
C LEU H 322 -5.15 -14.79 -85.58
N ILE H 323 -6.45 -14.96 -85.39
CA ILE H 323 -7.00 -15.97 -84.49
C ILE H 323 -7.41 -17.16 -85.34
N ASN H 324 -6.81 -18.32 -85.07
CA ASN H 324 -6.98 -19.49 -85.93
C ASN H 324 -7.97 -20.51 -85.40
N SER H 325 -8.00 -20.77 -84.10
CA SER H 325 -8.84 -21.82 -83.56
C SER H 325 -10.19 -21.33 -83.07
N LEU H 326 -10.40 -20.02 -82.96
CA LEU H 326 -11.67 -19.48 -82.51
C LEU H 326 -12.20 -18.51 -83.56
N GLU H 327 -13.41 -18.77 -84.04
CA GLU H 327 -14.05 -17.94 -85.04
C GLU H 327 -14.92 -16.90 -84.36
N LEU H 328 -14.82 -15.65 -84.82
CA LEU H 328 -15.58 -14.57 -84.22
C LEU H 328 -17.02 -14.61 -84.70
N TYR H 329 -17.95 -14.76 -83.78
CA TYR H 329 -19.36 -14.81 -84.15
C TYR H 329 -19.89 -13.43 -84.49
N THR H 330 -20.57 -13.33 -85.62
CA THR H 330 -21.11 -12.07 -86.10
C THR H 330 -22.63 -12.15 -86.23
N PRO H 331 -23.36 -11.13 -85.78
CA PRO H 331 -24.82 -11.17 -85.85
C PRO H 331 -25.34 -11.01 -87.28
N GLY H 332 -26.65 -11.17 -87.45
CA GLY H 332 -27.27 -11.02 -88.76
C GLY H 332 -27.46 -9.56 -89.13
N GLU H 333 -27.34 -9.29 -90.43
CA GLU H 333 -27.47 -7.94 -90.95
C GLU H 333 -28.67 -7.76 -91.87
N GLU H 334 -29.35 -8.84 -92.26
CA GLU H 334 -30.47 -8.76 -93.17
C GLU H 334 -31.61 -9.61 -92.63
N HIS H 335 -32.82 -9.33 -93.12
CA HIS H 335 -34.01 -10.08 -92.73
C HIS H 335 -34.33 -11.11 -93.79
N ASP H 336 -34.32 -12.38 -93.39
CA ASP H 336 -34.70 -13.49 -94.25
C ASP H 336 -36.09 -13.97 -93.89
N GLU H 337 -36.87 -14.33 -94.90
CA GLU H 337 -38.20 -14.88 -94.66
C GLU H 337 -38.11 -16.28 -94.05
N ILE H 338 -39.01 -16.60 -93.14
CA ILE H 338 -39.02 -17.91 -92.53
C ILE H 338 -40.21 -18.69 -93.06
N ARG H 339 -39.96 -19.83 -93.68
CA ARG H 339 -41.04 -20.60 -94.27
C ARG H 339 -41.34 -21.86 -93.47
N ASP H 340 -42.57 -22.34 -93.55
CA ASP H 340 -42.96 -23.54 -92.81
C ASP H 340 -41.90 -24.62 -92.89
N ASN H 341 -41.41 -24.87 -94.09
CA ASN H 341 -40.39 -25.91 -94.27
C ASN H 341 -39.21 -25.69 -93.33
N ASP H 342 -38.84 -24.44 -93.07
CA ASP H 342 -37.80 -24.16 -92.08
C ASP H 342 -38.24 -24.58 -90.68
N ILE H 343 -39.51 -24.34 -90.35
CA ILE H 343 -40.06 -24.78 -89.06
C ILE H 343 -39.97 -26.29 -88.95
N ALA H 344 -40.37 -27.01 -90.01
CA ALA H 344 -40.30 -28.47 -90.00
C ALA H 344 -38.87 -28.95 -89.87
N ASN H 345 -37.94 -28.33 -90.60
CA ASN H 345 -36.55 -28.74 -90.56
C ASN H 345 -35.95 -28.55 -89.17
N PHE H 346 -36.19 -27.38 -88.57
CA PHE H 346 -35.66 -27.11 -87.23
C PHE H 346 -36.31 -28.01 -86.18
N MET H 347 -37.62 -28.25 -86.30
CA MET H 347 -38.29 -29.04 -85.27
C MET H 347 -37.93 -30.52 -85.35
N ILE H 348 -37.92 -31.09 -86.55
CA ILE H 348 -37.77 -32.52 -86.72
C ILE H 348 -36.35 -32.90 -87.11
N PHE H 349 -35.83 -32.28 -88.16
CA PHE H 349 -34.67 -32.83 -88.86
C PHE H 349 -33.35 -32.26 -88.34
N GLY H 350 -33.39 -31.30 -87.43
CA GLY H 350 -32.20 -30.80 -86.78
C GLY H 350 -31.42 -29.76 -87.55
N LYS H 351 -31.89 -29.32 -88.71
CA LYS H 351 -31.15 -28.40 -89.56
C LYS H 351 -31.69 -27.00 -89.35
N VAL H 352 -30.80 -26.07 -89.04
CA VAL H 352 -31.15 -24.66 -88.87
C VAL H 352 -29.93 -23.81 -89.18
N SER H 353 -30.17 -22.53 -89.48
CA SER H 353 -29.12 -21.57 -89.75
C SER H 353 -29.11 -20.50 -88.67
N ASP H 354 -27.98 -19.80 -88.56
CA ASP H 354 -27.84 -18.75 -87.56
C ASP H 354 -28.71 -17.53 -87.87
N ARG H 355 -29.12 -17.36 -89.13
CA ARG H 355 -30.07 -16.30 -89.46
C ARG H 355 -31.39 -16.52 -88.74
N TYR H 356 -31.83 -17.78 -88.66
CA TYR H 356 -33.04 -18.11 -87.92
C TYR H 356 -32.91 -17.73 -86.46
N ILE H 357 -31.75 -18.03 -85.85
CA ILE H 357 -31.53 -17.72 -84.45
C ILE H 357 -31.52 -16.21 -84.23
N ASP H 358 -30.83 -15.47 -85.10
CA ASP H 358 -30.81 -14.02 -84.98
C ASP H 358 -32.19 -13.41 -85.20
N GLU H 359 -33.03 -14.05 -86.02
CA GLU H 359 -34.38 -13.53 -86.22
C GLU H 359 -35.28 -13.80 -85.02
N VAL H 360 -35.19 -15.00 -84.43
CA VAL H 360 -36.04 -15.26 -83.26
C VAL H 360 -35.54 -14.54 -82.01
N THR H 361 -34.27 -14.13 -81.99
CA THR H 361 -33.74 -13.37 -80.87
C THR H 361 -34.26 -11.94 -80.79
N LEU H 362 -34.33 -11.23 -81.92
CA LEU H 362 -34.64 -9.81 -81.89
C LEU H 362 -36.08 -9.54 -81.46
N ASN H 363 -37.01 -10.42 -81.81
CA ASN H 363 -38.41 -10.29 -81.42
C ASN H 363 -38.78 -11.41 -80.47
N ASP H 364 -39.25 -11.05 -79.28
CA ASP H 364 -39.55 -12.01 -78.24
C ASP H 364 -41.00 -12.47 -78.23
N ASN H 365 -41.84 -11.90 -79.10
CA ASN H 365 -43.25 -12.26 -79.18
C ASN H 365 -43.50 -13.43 -80.11
N MET H 366 -42.48 -13.87 -80.85
CA MET H 366 -42.65 -14.88 -81.89
C MET H 366 -42.48 -16.30 -81.34
N HIS H 367 -43.45 -16.71 -80.51
CA HIS H 367 -43.41 -18.02 -79.86
C HIS H 367 -43.66 -19.17 -80.82
N ASP H 368 -44.09 -18.92 -82.05
CA ASP H 368 -44.41 -19.97 -82.99
C ASP H 368 -43.20 -20.45 -83.79
N LYS H 369 -41.99 -19.99 -83.46
CA LYS H 369 -40.82 -20.34 -84.22
C LYS H 369 -39.70 -20.94 -83.39
N ILE H 370 -39.62 -20.61 -82.10
CA ILE H 370 -38.61 -21.21 -81.24
C ILE H 370 -39.15 -21.28 -79.81
N ILE H 371 -38.57 -22.18 -79.01
CA ILE H 371 -38.91 -22.25 -77.59
C ILE H 371 -37.98 -21.34 -76.81
N LEU H 372 -38.57 -20.44 -76.02
CA LEU H 372 -37.82 -19.46 -75.26
C LEU H 372 -37.52 -20.06 -73.89
N ARG H 373 -36.26 -20.46 -73.69
CA ARG H 373 -35.84 -21.03 -72.41
C ARG H 373 -35.63 -19.93 -71.38
N GLU H 374 -36.09 -20.18 -70.16
CA GLU H 374 -36.02 -19.18 -69.10
C GLU H 374 -34.62 -19.05 -68.51
N GLU H 375 -33.73 -20.01 -68.79
CA GLU H 375 -32.41 -20.01 -68.19
C GLU H 375 -31.47 -19.04 -68.90
N VAL H 376 -31.81 -18.57 -70.09
CA VAL H 376 -30.94 -17.67 -70.84
C VAL H 376 -30.75 -16.36 -70.09
N SER H 377 -31.84 -15.81 -69.53
CA SER H 377 -31.73 -14.56 -68.79
C SER H 377 -30.92 -14.73 -67.52
N LYS H 378 -31.11 -15.83 -66.79
CA LYS H 378 -30.31 -16.10 -65.60
C LYS H 378 -28.84 -16.23 -65.96
N ILE H 379 -28.54 -16.92 -67.06
CA ILE H 379 -27.17 -17.11 -67.49
C ILE H 379 -26.53 -15.78 -67.88
N ILE H 380 -27.29 -14.92 -68.58
CA ILE H 380 -26.79 -13.60 -68.96
C ILE H 380 -26.52 -12.74 -67.73
N GLU H 381 -27.45 -12.74 -66.78
CA GLU H 381 -27.27 -11.98 -65.54
C GLU H 381 -26.05 -12.48 -64.78
N HIS H 382 -25.82 -13.79 -64.78
CA HIS H 382 -24.63 -14.32 -64.14
C HIS H 382 -23.36 -13.90 -64.86
N ILE H 383 -23.38 -13.87 -66.19
CA ILE H 383 -22.17 -13.52 -66.93
C ILE H 383 -21.86 -12.04 -66.88
N GLU H 384 -22.84 -11.19 -66.59
CA GLU H 384 -22.55 -9.76 -66.44
C GLU H 384 -21.80 -9.43 -65.16
N THR H 385 -21.72 -10.37 -64.23
CA THR H 385 -21.07 -10.10 -62.95
C THR H 385 -19.75 -10.85 -62.80
N ASP H 386 -19.04 -11.04 -63.91
CA ASP H 386 -17.76 -11.72 -63.86
C ASP H 386 -17.85 -13.14 -63.32
N ASN H 387 -18.72 -13.96 -63.90
CA ASN H 387 -18.87 -15.34 -63.46
C ASN H 387 -18.82 -16.29 -64.64
N ASP H 388 -18.08 -17.37 -64.53
CA ASP H 388 -18.05 -18.37 -65.58
C ASP H 388 -19.30 -19.23 -65.51
N ILE H 389 -19.59 -19.91 -66.61
CA ILE H 389 -20.83 -20.67 -66.74
C ILE H 389 -20.51 -22.07 -67.22
N LEU H 390 -21.05 -23.07 -66.53
CA LEU H 390 -20.88 -24.47 -66.88
C LEU H 390 -22.26 -25.11 -66.99
N ILE H 391 -22.60 -25.59 -68.17
CA ILE H 391 -23.93 -26.14 -68.47
C ILE H 391 -23.80 -27.63 -68.66
N ALA H 392 -24.58 -28.40 -67.91
CA ALA H 392 -24.61 -29.85 -68.02
C ALA H 392 -26.04 -30.30 -68.28
N SER H 393 -26.20 -31.32 -69.11
CA SER H 393 -27.54 -31.74 -69.52
C SER H 393 -27.50 -33.20 -69.91
N ASP H 394 -28.69 -33.75 -70.16
CA ASP H 394 -28.83 -35.10 -70.68
C ASP H 394 -28.75 -35.07 -72.20
N LEU H 395 -29.12 -36.20 -72.83
CA LEU H 395 -28.96 -36.37 -74.26
C LEU H 395 -29.95 -35.49 -75.03
N GLY H 396 -29.43 -34.46 -75.69
CA GLY H 396 -30.22 -33.68 -76.65
C GLY H 396 -31.38 -32.90 -76.08
N ASN H 397 -31.18 -32.21 -74.96
CA ASN H 397 -32.23 -31.40 -74.34
C ASN H 397 -32.02 -29.92 -74.58
N GLY H 398 -31.53 -29.55 -75.76
CA GLY H 398 -31.39 -28.15 -76.10
C GLY H 398 -30.21 -27.48 -75.42
N LYS H 399 -29.00 -27.85 -75.81
CA LYS H 399 -27.78 -27.30 -75.21
C LYS H 399 -26.95 -26.50 -76.19
N SER H 400 -26.63 -27.06 -77.36
CA SER H 400 -25.87 -26.31 -78.36
C SER H 400 -26.68 -25.15 -78.91
N ILE H 401 -27.99 -25.34 -79.09
CA ILE H 401 -28.84 -24.26 -79.56
C ILE H 401 -28.94 -23.16 -78.52
N MET H 402 -28.97 -23.53 -77.23
CA MET H 402 -28.91 -22.52 -76.18
C MET H 402 -27.58 -21.76 -76.21
N THR H 403 -26.48 -22.47 -76.48
CA THR H 403 -25.19 -21.80 -76.61
C THR H 403 -25.20 -20.81 -77.77
N ARG H 404 -25.78 -21.21 -78.90
CA ARG H 404 -25.85 -20.30 -80.05
C ARG H 404 -26.73 -19.09 -79.78
N MET H 405 -27.87 -19.30 -79.10
CA MET H 405 -28.74 -18.19 -78.75
C MET H 405 -28.04 -17.22 -77.79
N LEU H 406 -27.32 -17.77 -76.82
CA LEU H 406 -26.54 -16.95 -75.90
C LEU H 406 -25.48 -16.16 -76.65
N MET H 407 -24.81 -16.80 -77.61
CA MET H 407 -23.80 -16.12 -78.42
C MET H 407 -24.41 -14.98 -79.21
N SER H 408 -25.60 -15.19 -79.77
CA SER H 408 -26.26 -14.13 -80.53
C SER H 408 -26.66 -12.96 -79.63
N LYS H 409 -27.20 -13.23 -78.45
CA LYS H 409 -27.64 -12.14 -77.59
C LYS H 409 -26.49 -11.39 -76.93
N LEU H 410 -25.41 -12.08 -76.59
CA LEU H 410 -24.36 -11.42 -75.82
C LEU H 410 -23.54 -10.46 -76.68
N SER H 411 -23.45 -10.70 -77.99
CA SER H 411 -22.81 -9.74 -78.87
C SER H 411 -23.66 -8.49 -79.03
N ARG H 412 -24.98 -8.66 -79.07
CA ARG H 412 -25.90 -7.52 -79.07
C ARG H 412 -25.77 -6.72 -77.79
N LYS H 413 -25.52 -7.37 -76.66
CA LYS H 413 -25.35 -6.64 -75.42
C LYS H 413 -24.04 -5.88 -75.42
N GLY H 414 -23.08 -6.26 -76.26
CA GLY H 414 -21.84 -5.51 -76.39
C GLY H 414 -20.56 -6.29 -76.15
N TYR H 415 -20.62 -7.61 -75.97
CA TYR H 415 -19.42 -8.39 -75.72
C TYR H 415 -18.77 -8.80 -77.05
N LEU H 416 -17.78 -9.66 -76.98
CA LEU H 416 -17.22 -10.33 -78.14
C LEU H 416 -17.24 -11.82 -77.88
N CYS H 417 -17.89 -12.58 -78.75
CA CYS H 417 -18.10 -14.00 -78.53
C CYS H 417 -17.34 -14.80 -79.58
N PHE H 418 -16.52 -15.75 -79.11
CA PHE H 418 -15.71 -16.58 -79.98
C PHE H 418 -16.09 -18.04 -79.76
N TYR H 419 -16.36 -18.74 -80.85
CA TYR H 419 -16.74 -20.15 -80.80
C TYR H 419 -15.52 -21.01 -81.09
N TYR H 420 -15.25 -21.98 -80.22
CA TYR H 420 -14.08 -22.83 -80.35
C TYR H 420 -14.27 -23.79 -81.51
N LEU H 421 -13.32 -23.79 -82.45
CA LEU H 421 -13.34 -24.71 -83.56
C LEU H 421 -12.36 -25.84 -83.30
N TYR H 422 -12.80 -27.08 -83.59
CA TYR H 422 -11.97 -28.26 -83.37
C TYR H 422 -10.93 -28.33 -84.47
N ASN H 423 -9.89 -27.53 -84.32
CA ASN H 423 -8.84 -27.37 -85.31
C ASN H 423 -7.52 -27.91 -84.79
N GLU H 424 -6.56 -28.06 -85.70
CA GLU H 424 -5.23 -28.52 -85.36
C GLU H 424 -4.28 -27.39 -85.00
N PHE H 425 -4.74 -26.14 -85.04
CA PHE H 425 -3.91 -25.02 -84.67
C PHE H 425 -3.81 -24.89 -83.16
N SER H 426 -2.84 -24.11 -82.71
CA SER H 426 -2.57 -23.98 -81.29
C SER H 426 -3.68 -23.20 -80.59
N PHE H 427 -3.78 -23.41 -79.27
CA PHE H 427 -4.75 -22.72 -78.44
C PHE H 427 -4.13 -21.72 -77.49
N SER H 428 -2.90 -21.96 -77.02
CA SER H 428 -2.25 -21.02 -76.12
C SER H 428 -1.91 -19.71 -76.83
N LYS H 429 -1.48 -19.79 -78.09
CA LYS H 429 -1.21 -18.58 -78.85
C LYS H 429 -2.49 -17.77 -79.05
N ASP H 430 -3.60 -18.45 -79.31
CA ASP H 430 -4.85 -17.75 -79.57
C ASP H 430 -5.40 -17.10 -78.30
N ILE H 431 -5.30 -17.79 -77.15
CA ILE H 431 -5.75 -17.17 -75.92
C ILE H 431 -4.83 -16.01 -75.53
N GLU H 432 -3.54 -16.10 -75.87
CA GLU H 432 -2.63 -14.98 -75.60
C GLU H 432 -3.00 -13.77 -76.46
N ARG H 433 -3.26 -13.99 -77.76
CA ARG H 433 -3.67 -12.90 -78.63
C ARG H 433 -5.01 -12.32 -78.21
N LEU H 434 -5.92 -13.15 -77.71
CA LEU H 434 -7.18 -12.65 -77.17
C LEU H 434 -6.94 -11.78 -75.94
N SER H 435 -5.99 -12.18 -75.08
CA SER H 435 -5.67 -11.39 -73.91
C SER H 435 -5.02 -10.07 -74.28
N LYS H 436 -4.30 -10.02 -75.40
CA LYS H 436 -3.65 -8.78 -75.82
C LYS H 436 -4.64 -7.73 -76.28
N LEU H 437 -5.89 -8.10 -76.54
CA LEU H 437 -6.90 -7.14 -76.95
C LEU H 437 -7.37 -6.32 -75.73
N GLY H 438 -8.40 -5.52 -75.95
CA GLY H 438 -8.90 -4.67 -74.88
C GLY H 438 -10.41 -4.58 -74.80
N GLN H 439 -11.10 -5.65 -75.22
CA GLN H 439 -12.56 -5.70 -75.17
C GLN H 439 -13.00 -6.81 -74.23
N LYS H 440 -14.29 -6.81 -73.93
CA LYS H 440 -14.86 -7.87 -73.11
C LYS H 440 -15.15 -9.08 -73.99
N ILE H 441 -14.66 -10.25 -73.56
CA ILE H 441 -14.61 -11.44 -74.39
C ILE H 441 -15.31 -12.58 -73.65
N VAL H 442 -16.15 -13.33 -74.37
CA VAL H 442 -16.70 -14.59 -73.88
C VAL H 442 -16.32 -15.67 -74.86
N ILE H 443 -15.81 -16.78 -74.35
CA ILE H 443 -15.33 -17.90 -75.17
C ILE H 443 -16.24 -19.10 -74.92
N PHE H 444 -16.75 -19.69 -76.00
CA PHE H 444 -17.67 -20.80 -75.92
C PHE H 444 -17.00 -22.09 -76.33
N ILE H 445 -17.07 -23.11 -75.48
CA ILE H 445 -16.56 -24.44 -75.77
C ILE H 445 -17.70 -25.43 -75.61
N ASP H 446 -17.93 -26.24 -76.64
CA ASP H 446 -19.00 -27.23 -76.63
C ASP H 446 -18.41 -28.63 -76.55
N ASP H 447 -18.94 -29.44 -75.62
CA ASP H 447 -18.49 -30.81 -75.37
C ASP H 447 -16.99 -30.84 -75.03
N TYR H 448 -16.68 -30.21 -73.90
CA TYR H 448 -15.30 -30.07 -73.48
C TYR H 448 -14.58 -31.34 -73.08
N SER H 449 -15.30 -32.42 -72.87
CA SER H 449 -14.64 -33.67 -72.53
C SER H 449 -13.79 -34.20 -73.67
N ASN H 450 -14.07 -33.78 -74.91
CA ASN H 450 -13.24 -34.16 -76.05
C ASN H 450 -12.01 -33.26 -76.20
N CYS H 451 -11.98 -32.12 -75.53
CA CYS H 451 -10.85 -31.20 -75.56
C CYS H 451 -10.47 -30.81 -74.14
N ILE H 452 -10.47 -31.82 -73.26
CA ILE H 452 -10.19 -31.62 -71.84
C ILE H 452 -8.83 -30.99 -71.60
N ASP H 453 -7.84 -31.28 -72.44
CA ASP H 453 -6.52 -30.66 -72.25
C ASP H 453 -6.57 -29.15 -72.51
N ASP H 454 -7.23 -28.74 -73.59
CA ASP H 454 -7.33 -27.32 -73.89
C ASP H 454 -8.26 -26.63 -72.90
N THR H 455 -9.33 -27.30 -72.51
CA THR H 455 -10.28 -26.71 -71.58
C THR H 455 -9.63 -26.56 -70.23
N ARG H 456 -8.65 -27.40 -69.95
CA ARG H 456 -7.92 -27.30 -68.69
C ARG H 456 -7.02 -26.09 -68.76
N TYR H 457 -6.27 -25.97 -69.84
CA TYR H 457 -5.36 -24.84 -69.99
C TYR H 457 -6.15 -23.57 -69.88
N ALA H 458 -7.37 -23.59 -70.39
CA ALA H 458 -8.21 -22.39 -70.34
C ALA H 458 -8.55 -22.02 -68.91
N ILE H 459 -8.90 -22.99 -68.06
CA ILE H 459 -9.14 -22.70 -66.65
C ILE H 459 -7.85 -22.55 -65.86
N GLU H 460 -6.71 -22.98 -66.41
CA GLU H 460 -5.45 -22.82 -65.71
C GLU H 460 -4.89 -21.41 -65.84
N ASN H 461 -4.87 -20.86 -67.05
CA ASN H 461 -4.24 -19.58 -67.33
C ASN H 461 -5.24 -18.58 -67.87
N ARG H 462 -6.41 -18.48 -67.25
CA ARG H 462 -7.41 -17.52 -67.68
C ARG H 462 -7.02 -16.10 -67.27
N LYS H 463 -7.43 -15.13 -68.08
CA LYS H 463 -7.11 -13.73 -67.87
C LYS H 463 -8.29 -13.00 -67.24
N ASP H 464 -8.19 -11.68 -67.15
CA ASP H 464 -9.19 -10.88 -66.45
C ASP H 464 -10.40 -10.54 -67.31
N ASN H 465 -10.19 -10.29 -68.61
CA ASN H 465 -11.26 -9.86 -69.50
C ASN H 465 -11.81 -11.00 -70.35
N ILE H 466 -11.60 -12.24 -69.95
CA ILE H 466 -12.05 -13.41 -70.71
C ILE H 466 -12.87 -14.30 -69.78
N GLN H 467 -14.11 -14.55 -70.16
CA GLN H 467 -14.96 -15.50 -69.46
C GLN H 467 -15.03 -16.79 -70.26
N LEU H 468 -15.56 -17.83 -69.64
CA LEU H 468 -15.64 -19.15 -70.26
C LEU H 468 -17.07 -19.68 -70.17
N VAL H 469 -17.49 -20.40 -71.21
CA VAL H 469 -18.75 -21.11 -71.21
C VAL H 469 -18.48 -22.53 -71.68
N LEU H 470 -18.69 -23.51 -70.80
CA LEU H 470 -18.44 -24.91 -71.10
C LEU H 470 -19.74 -25.69 -71.00
N THR H 471 -20.04 -26.49 -72.02
CA THR H 471 -21.24 -27.32 -72.05
C THR H 471 -20.84 -28.78 -72.25
N THR H 472 -21.51 -29.68 -71.54
CA THR H 472 -21.19 -31.10 -71.64
C THR H 472 -22.37 -31.94 -71.20
N ARG H 473 -22.32 -33.23 -71.54
CA ARG H 473 -23.31 -34.18 -71.05
C ARG H 473 -22.97 -34.59 -69.62
N HIS H 474 -23.87 -35.36 -69.01
CA HIS H 474 -23.67 -35.76 -67.62
C HIS H 474 -22.53 -36.76 -67.50
N PHE H 475 -22.43 -37.71 -68.43
CA PHE H 475 -21.37 -38.69 -68.38
C PHE H 475 -20.02 -38.02 -68.56
N GLY H 476 -19.92 -37.11 -69.52
CA GLY H 476 -18.66 -36.41 -69.74
C GLY H 476 -18.24 -35.57 -68.56
N TYR H 477 -19.21 -35.01 -67.85
CA TYR H 477 -18.88 -34.24 -66.65
C TYR H 477 -18.42 -35.15 -65.52
N GLU H 478 -19.07 -36.29 -65.31
CA GLU H 478 -18.71 -37.14 -64.20
C GLU H 478 -17.41 -37.91 -64.43
N ASN H 479 -16.98 -38.06 -65.68
CA ASN H 479 -15.72 -38.71 -65.97
C ASN H 479 -14.53 -37.79 -65.79
N THR H 480 -14.75 -36.48 -65.68
CA THR H 480 -13.68 -35.50 -65.52
C THR H 480 -13.83 -34.69 -64.23
N LYS H 481 -14.54 -35.23 -63.24
CA LYS H 481 -14.68 -34.52 -61.97
C LYS H 481 -13.35 -34.42 -61.25
N GLN H 482 -12.55 -35.48 -61.27
CA GLN H 482 -11.28 -35.49 -60.54
C GLN H 482 -10.21 -34.66 -61.22
N HIS H 483 -10.39 -34.29 -62.49
CA HIS H 483 -9.43 -33.44 -63.18
C HIS H 483 -9.72 -31.95 -63.01
N LEU H 484 -10.85 -31.59 -62.43
CA LEU H 484 -11.28 -30.20 -62.39
C LEU H 484 -11.49 -29.65 -60.99
N LEU H 485 -11.91 -30.48 -60.04
CA LEU H 485 -12.12 -30.00 -58.68
C LEU H 485 -10.83 -29.61 -57.98
N THR H 486 -9.68 -30.06 -58.50
CA THR H 486 -8.39 -29.66 -57.93
C THR H 486 -8.05 -28.21 -58.21
N MET H 487 -8.65 -27.61 -59.24
CA MET H 487 -8.39 -26.22 -59.57
C MET H 487 -9.41 -25.32 -58.87
N ASP H 488 -9.44 -24.04 -59.25
CA ASP H 488 -10.31 -23.05 -58.64
C ASP H 488 -11.62 -23.05 -59.44
N MET H 489 -12.66 -23.66 -58.87
CA MET H 489 -13.99 -23.65 -59.45
C MET H 489 -14.95 -22.74 -58.68
N SER H 490 -14.43 -21.84 -57.86
CA SER H 490 -15.30 -20.97 -57.08
C SER H 490 -15.91 -19.86 -57.95
N SER H 491 -15.32 -19.61 -59.12
CA SER H 491 -15.83 -18.59 -60.04
C SER H 491 -16.76 -19.17 -61.09
N PHE H 492 -17.24 -20.39 -60.90
CA PHE H 492 -18.08 -21.09 -61.87
C PHE H 492 -19.49 -21.24 -61.34
N LYS H 493 -20.47 -21.01 -62.21
CA LYS H 493 -21.87 -21.22 -61.89
C LYS H 493 -22.38 -22.40 -62.71
N THR H 494 -22.88 -23.42 -62.03
CA THR H 494 -23.32 -24.64 -62.69
C THR H 494 -24.82 -24.60 -62.96
N HIS H 495 -25.21 -24.83 -64.21
CA HIS H 495 -26.59 -24.78 -64.62
C HIS H 495 -26.99 -26.10 -65.28
N SER H 496 -28.25 -26.47 -65.13
CA SER H 496 -28.80 -27.67 -65.75
C SER H 496 -30.06 -27.31 -66.53
N VAL H 497 -30.12 -27.78 -67.77
CA VAL H 497 -31.21 -27.41 -68.68
C VAL H 497 -32.10 -28.61 -68.96
N ASP H 498 -32.02 -29.62 -68.09
CA ASP H 498 -32.69 -30.90 -68.36
C ASP H 498 -34.20 -30.77 -68.39
N TYR H 499 -34.79 -29.94 -67.54
CA TYR H 499 -36.23 -29.86 -67.42
C TYR H 499 -36.74 -28.48 -67.86
N LEU H 500 -38.01 -28.45 -68.23
CA LEU H 500 -38.71 -27.24 -68.64
C LEU H 500 -39.85 -26.98 -67.66
N SER H 501 -40.68 -26.01 -67.99
CA SER H 501 -41.88 -25.70 -67.23
C SER H 501 -43.12 -26.09 -68.02
N ASP H 502 -44.27 -25.99 -67.36
CA ASP H 502 -45.54 -26.26 -68.05
C ASP H 502 -45.83 -25.20 -69.10
N SER H 503 -45.36 -23.97 -68.89
CA SER H 503 -45.49 -22.93 -69.90
C SER H 503 -44.73 -23.29 -71.17
N GLU H 504 -43.54 -23.88 -71.01
CA GLU H 504 -42.79 -24.34 -72.17
C GLU H 504 -43.40 -25.56 -72.83
N VAL H 505 -44.06 -26.43 -72.06
CA VAL H 505 -44.84 -27.50 -72.67
C VAL H 505 -45.96 -26.94 -73.54
N ASP H 506 -46.66 -25.92 -73.00
CA ASP H 506 -47.70 -25.26 -73.78
C ASP H 506 -47.13 -24.58 -75.01
N ASN H 507 -45.93 -24.00 -74.90
CA ASN H 507 -45.30 -23.38 -76.05
C ASN H 507 -44.94 -24.42 -77.12
N PHE H 508 -44.43 -25.57 -76.69
CA PHE H 508 -44.08 -26.63 -77.62
C PHE H 508 -45.31 -27.16 -78.35
N VAL H 509 -46.39 -27.43 -77.60
CA VAL H 509 -47.61 -27.90 -78.26
C VAL H 509 -48.25 -26.81 -79.09
N HIS H 510 -48.02 -25.53 -78.78
CA HIS H 510 -48.47 -24.45 -79.65
C HIS H 510 -47.69 -24.45 -80.96
N ILE H 511 -46.38 -24.71 -80.90
CA ILE H 511 -45.57 -24.83 -82.11
C ILE H 511 -46.07 -25.98 -82.97
N VAL H 512 -46.36 -27.12 -82.35
CA VAL H 512 -46.88 -28.25 -83.10
C VAL H 512 -48.28 -27.96 -83.65
N ASP H 513 -49.09 -27.23 -82.89
CA ASP H 513 -50.42 -26.83 -83.37
C ASP H 513 -50.32 -25.95 -84.61
N HIS H 514 -49.38 -25.01 -84.62
CA HIS H 514 -49.16 -24.20 -85.81
C HIS H 514 -48.63 -25.06 -86.96
N LEU H 515 -47.77 -26.03 -86.65
CA LEU H 515 -47.31 -26.96 -87.67
C LEU H 515 -48.42 -27.91 -88.11
N GLY H 516 -49.30 -28.28 -87.19
CA GLY H 516 -50.40 -29.17 -87.50
C GLY H 516 -50.00 -30.61 -87.74
N ALA H 517 -49.08 -31.14 -86.94
CA ALA H 517 -48.61 -32.51 -87.09
C ALA H 517 -49.31 -33.48 -86.16
N TRP H 518 -50.36 -33.04 -85.46
CA TRP H 518 -51.07 -33.92 -84.53
C TRP H 518 -51.76 -35.06 -85.27
N GLY H 519 -52.40 -34.76 -86.38
CA GLY H 519 -53.19 -35.76 -87.10
C GLY H 519 -54.62 -35.81 -86.57
N GLU H 520 -55.02 -36.97 -86.06
CA GLU H 520 -56.35 -37.13 -85.49
C GLU H 520 -56.43 -36.67 -84.04
N LYS H 521 -55.31 -36.26 -83.45
CA LYS H 521 -55.30 -35.88 -82.03
C LYS H 521 -55.57 -34.40 -81.81
N ALA H 522 -55.73 -33.63 -82.88
CA ALA H 522 -55.90 -32.19 -82.74
C ALA H 522 -57.23 -31.85 -82.07
N GLY H 523 -58.22 -32.73 -82.17
CA GLY H 523 -59.53 -32.44 -81.60
C GLY H 523 -59.53 -32.43 -80.09
N LEU H 524 -58.75 -33.33 -79.47
CA LEU H 524 -58.75 -33.47 -78.02
C LEU H 524 -58.00 -32.30 -77.37
N SER H 525 -58.19 -32.17 -76.07
CA SER H 525 -57.66 -31.04 -75.32
C SER H 525 -56.18 -31.28 -74.96
N ARG H 526 -55.64 -30.44 -74.10
CA ARG H 526 -54.23 -30.52 -73.73
C ARG H 526 -53.92 -31.79 -72.96
N HIS H 527 -54.80 -32.18 -72.03
CA HIS H 527 -54.52 -33.34 -71.18
C HIS H 527 -54.50 -34.63 -71.98
N GLU H 528 -55.45 -34.77 -72.90
CA GLU H 528 -55.54 -35.99 -73.70
C GLU H 528 -54.30 -36.17 -74.54
N LYS H 529 -53.86 -35.11 -75.18
CA LYS H 529 -52.73 -35.22 -76.09
C LYS H 529 -51.56 -35.93 -75.44
N LEU H 530 -51.06 -35.45 -74.33
CA LEU H 530 -49.86 -36.02 -73.75
C LEU H 530 -50.19 -37.09 -72.71
N SER H 531 -51.29 -37.80 -72.89
CA SER H 531 -51.70 -38.84 -71.95
C SER H 531 -50.89 -40.13 -72.11
N GLU H 532 -50.20 -40.30 -73.23
CA GLU H 532 -49.44 -41.52 -73.50
C GLU H 532 -47.99 -41.42 -73.06
N LEU H 533 -47.58 -40.34 -72.41
CA LEU H 533 -46.22 -40.18 -71.95
C LEU H 533 -46.12 -40.33 -70.44
N ASP H 534 -44.93 -40.66 -69.97
CA ASP H 534 -44.68 -40.85 -68.56
C ASP H 534 -44.40 -39.48 -67.93
N GLU H 535 -44.41 -39.43 -66.59
CA GLU H 535 -44.33 -38.14 -65.89
C GLU H 535 -43.03 -37.41 -66.17
N ASN H 536 -41.88 -38.09 -66.09
CA ASN H 536 -40.62 -37.37 -66.26
C ASN H 536 -40.22 -37.20 -67.71
N ALA H 537 -40.63 -38.10 -68.59
CA ALA H 537 -40.41 -37.92 -70.01
C ALA H 537 -41.23 -36.78 -70.58
N ARG H 538 -42.32 -36.40 -69.91
CA ARG H 538 -43.13 -35.28 -70.35
C ARG H 538 -42.38 -33.96 -70.23
N ASN H 539 -41.52 -33.83 -69.22
CA ASN H 539 -40.81 -32.59 -68.95
C ASN H 539 -39.38 -32.60 -69.50
N GLN H 540 -39.12 -33.34 -70.57
CA GLN H 540 -37.83 -33.35 -71.22
C GLN H 540 -38.02 -33.16 -72.72
N LEU H 541 -37.17 -32.35 -73.33
CA LEU H 541 -37.35 -32.01 -74.75
C LEU H 541 -37.05 -33.19 -75.65
N SER H 542 -36.07 -34.02 -75.30
CA SER H 542 -35.68 -35.12 -76.17
C SER H 542 -36.79 -36.16 -76.29
N PHE H 543 -37.34 -36.60 -75.17
CA PHE H 543 -38.42 -37.58 -75.21
C PHE H 543 -39.68 -36.99 -75.81
N LEU H 544 -39.94 -35.70 -75.56
CA LEU H 544 -41.08 -35.05 -76.20
C LEU H 544 -40.95 -35.06 -77.71
N LEU H 545 -39.75 -34.74 -78.21
CA LEU H 545 -39.51 -34.73 -79.64
C LEU H 545 -39.68 -36.13 -80.23
N LEU H 546 -39.09 -37.14 -79.57
CA LEU H 546 -39.16 -38.50 -80.09
C LEU H 546 -40.59 -39.02 -80.08
N SER H 547 -41.35 -38.67 -79.05
CA SER H 547 -42.71 -39.18 -78.93
C SER H 547 -43.70 -38.49 -79.85
N ILE H 548 -43.57 -37.18 -80.05
CA ILE H 548 -44.53 -36.43 -80.83
C ILE H 548 -44.09 -36.35 -82.29
N LEU H 549 -42.96 -35.71 -82.55
CA LEU H 549 -42.53 -35.51 -83.93
C LEU H 549 -41.71 -36.65 -84.46
N LYS H 550 -41.39 -37.62 -83.62
CA LYS H 550 -40.56 -38.74 -84.04
C LYS H 550 -39.32 -38.24 -84.75
N SER H 551 -38.62 -37.29 -84.14
CA SER H 551 -37.42 -36.75 -84.75
C SER H 551 -36.44 -37.86 -85.06
N GLU H 552 -36.12 -38.02 -86.34
CA GLU H 552 -35.17 -39.04 -86.74
C GLU H 552 -33.81 -38.71 -86.17
N ALA H 553 -33.51 -37.42 -86.09
CA ALA H 553 -32.21 -36.99 -85.57
C ALA H 553 -31.96 -37.58 -84.19
N ILE H 554 -32.96 -37.56 -83.32
CA ILE H 554 -32.82 -38.17 -82.00
C ILE H 554 -32.69 -39.68 -82.12
N GLN H 555 -33.39 -40.29 -83.10
CA GLN H 555 -33.23 -41.72 -83.33
C GLN H 555 -31.81 -42.06 -83.77
N SER H 556 -31.23 -41.25 -84.64
CA SER H 556 -29.85 -41.48 -85.07
C SER H 556 -28.88 -41.31 -83.90
N ARG H 557 -29.12 -40.30 -83.06
CA ARG H 557 -28.28 -40.10 -81.89
C ARG H 557 -28.36 -41.30 -80.94
N ILE H 558 -29.57 -41.82 -80.74
CA ILE H 558 -29.76 -42.95 -79.83
C ILE H 558 -29.11 -44.20 -80.41
N ARG H 559 -29.24 -44.41 -81.72
CA ARG H 559 -28.57 -45.53 -82.36
C ARG H 559 -27.06 -45.42 -82.20
N GLU H 560 -26.52 -44.21 -82.37
CA GLU H 560 -25.09 -44.00 -82.24
C GLU H 560 -24.59 -44.31 -80.84
N ILE H 561 -25.32 -43.87 -79.81
CA ILE H 561 -24.82 -44.11 -78.45
C ILE H 561 -25.00 -45.57 -78.07
N SER H 562 -26.11 -46.19 -78.48
CA SER H 562 -26.40 -47.56 -78.09
C SER H 562 -25.61 -48.60 -78.87
N ASN H 563 -25.08 -48.25 -80.05
CA ASN H 563 -24.28 -49.19 -80.83
C ASN H 563 -23.03 -49.56 -80.05
N LEU H 564 -22.36 -48.59 -79.45
CA LEU H 564 -21.12 -48.85 -78.75
C LEU H 564 -21.32 -49.65 -77.46
N ALA H 565 -22.54 -49.72 -76.96
CA ALA H 565 -22.85 -50.54 -75.79
C ALA H 565 -23.38 -51.93 -76.14
N LEU H 566 -24.15 -52.06 -77.22
CA LEU H 566 -24.74 -53.35 -77.58
C LEU H 566 -23.86 -54.15 -78.54
N ASN H 567 -22.59 -53.78 -78.71
CA ASN H 567 -21.72 -54.53 -79.60
C ASN H 567 -21.37 -55.91 -79.04
N ASP H 568 -21.20 -56.01 -77.72
CA ASP H 568 -20.88 -57.28 -77.10
C ASP H 568 -22.15 -58.08 -76.85
N LYS H 569 -22.04 -59.41 -76.98
CA LYS H 569 -23.21 -60.27 -76.82
C LYS H 569 -23.65 -60.32 -75.36
N GLU H 570 -22.70 -60.32 -74.44
CA GLU H 570 -23.05 -60.39 -73.03
C GLU H 570 -23.84 -59.17 -72.61
N TYR H 571 -23.32 -57.99 -72.91
CA TYR H 571 -24.02 -56.76 -72.57
C TYR H 571 -25.36 -56.67 -73.29
N LYS H 572 -25.45 -57.18 -74.51
CA LYS H 572 -26.72 -57.20 -75.22
C LYS H 572 -27.74 -58.07 -74.50
N GLU H 573 -27.31 -59.26 -74.05
CA GLU H 573 -28.21 -60.13 -73.30
C GLU H 573 -28.65 -59.48 -71.99
N THR H 574 -27.73 -58.82 -71.29
CA THR H 574 -28.08 -58.19 -70.03
C THR H 574 -29.05 -57.02 -70.23
N VAL H 575 -28.82 -56.20 -71.25
CA VAL H 575 -29.73 -55.09 -71.54
C VAL H 575 -31.10 -55.61 -71.93
N PHE H 576 -31.14 -56.66 -72.76
CA PHE H 576 -32.44 -57.23 -73.13
C PHE H 576 -33.14 -57.84 -71.93
N ALA H 577 -32.38 -58.42 -71.00
CA ALA H 577 -32.99 -58.97 -69.79
C ALA H 577 -33.59 -57.86 -68.92
N ILE H 578 -32.88 -56.74 -68.78
CA ILE H 578 -33.40 -55.61 -68.02
C ILE H 578 -34.67 -55.07 -68.66
N LEU H 579 -34.66 -54.93 -69.98
CA LEU H 579 -35.85 -54.44 -70.69
C LEU H 579 -37.01 -55.41 -70.55
N LEU H 580 -36.74 -56.72 -70.62
CA LEU H 580 -37.79 -57.73 -70.48
C LEU H 580 -38.40 -57.69 -69.09
N LEU H 581 -37.56 -57.61 -68.05
CA LEU H 581 -38.06 -57.51 -66.70
C LEU H 581 -38.83 -56.23 -66.46
N ASP H 582 -38.49 -55.14 -67.16
CA ASP H 582 -39.27 -53.93 -67.01
C ASP H 582 -40.62 -54.01 -67.72
N VAL H 583 -40.65 -54.58 -68.93
CA VAL H 583 -41.93 -54.64 -69.63
C VAL H 583 -42.86 -55.66 -69.00
N ILE H 584 -42.31 -56.66 -68.30
CA ILE H 584 -43.16 -57.50 -67.46
C ILE H 584 -43.68 -56.71 -66.26
N GLY H 585 -42.84 -55.86 -65.68
CA GLY H 585 -43.20 -55.07 -64.52
C GLY H 585 -42.65 -55.59 -63.21
N LEU H 586 -42.11 -56.81 -63.19
CA LEU H 586 -41.53 -57.38 -62.00
C LEU H 586 -40.24 -56.64 -61.62
N PRO H 587 -40.01 -56.43 -60.32
CA PRO H 587 -38.87 -55.60 -59.89
C PRO H 587 -37.51 -56.21 -60.25
N LEU H 588 -36.52 -55.33 -60.34
CA LEU H 588 -35.17 -55.68 -60.78
C LEU H 588 -34.33 -56.07 -59.56
N VAL H 589 -33.68 -57.22 -59.64
CA VAL H 589 -32.79 -57.75 -58.61
C VAL H 589 -31.63 -58.43 -59.31
N ARG H 590 -30.42 -58.30 -58.74
CA ARG H 590 -29.22 -58.79 -59.40
C ARG H 590 -29.28 -60.29 -59.67
N SER H 591 -29.77 -61.07 -58.71
CA SER H 591 -29.91 -62.51 -58.92
C SER H 591 -30.92 -62.81 -60.03
N LEU H 592 -32.05 -62.11 -60.03
CA LEU H 592 -33.07 -62.34 -61.05
C LEU H 592 -32.58 -61.89 -62.42
N ILE H 593 -31.88 -60.76 -62.48
CA ILE H 593 -31.33 -60.28 -63.76
C ILE H 593 -30.32 -61.27 -64.30
N SER H 594 -29.46 -61.79 -63.43
CA SER H 594 -28.51 -62.82 -63.86
C SER H 594 -29.19 -64.11 -64.28
N ASP H 595 -30.31 -64.47 -63.64
CA ASP H 595 -31.03 -65.68 -64.01
C ASP H 595 -31.67 -65.55 -65.38
N VAL H 596 -32.29 -64.41 -65.67
CA VAL H 596 -32.94 -64.24 -66.97
C VAL H 596 -32.00 -63.72 -68.03
N ALA H 597 -30.74 -63.43 -67.70
CA ALA H 597 -29.77 -62.98 -68.70
C ALA H 597 -28.85 -64.11 -69.16
N VAL H 598 -28.95 -65.29 -68.56
CA VAL H 598 -28.22 -66.50 -68.94
C VAL H 598 -26.71 -66.26 -68.83
N ASN H 599 -26.33 -65.39 -67.89
CA ASN H 599 -24.92 -65.07 -67.66
C ASN H 599 -24.78 -64.48 -66.26
N GLU H 600 -23.61 -63.93 -65.95
CA GLU H 600 -23.38 -63.28 -64.66
C GLU H 600 -22.63 -61.96 -64.82
N LYS H 601 -22.87 -61.25 -65.92
CA LYS H 601 -22.17 -59.98 -66.16
C LYS H 601 -22.72 -58.85 -65.30
N ILE H 602 -23.94 -58.98 -64.77
CA ILE H 602 -24.50 -57.92 -63.92
C ILE H 602 -23.69 -57.78 -62.64
N TYR H 603 -23.06 -58.87 -62.17
CA TYR H 603 -22.24 -58.79 -60.96
C TYR H 603 -20.95 -58.03 -61.18
N SER H 604 -20.49 -57.92 -62.43
CA SER H 604 -19.26 -57.20 -62.71
C SER H 604 -19.47 -55.70 -62.53
N ALA H 605 -18.44 -55.03 -62.02
CA ALA H 605 -18.53 -53.60 -61.76
C ALA H 605 -18.36 -52.76 -63.02
N GLU H 606 -17.91 -53.35 -64.12
CA GLU H 606 -17.71 -52.61 -65.36
C GLU H 606 -18.98 -52.50 -66.20
N PHE H 607 -20.05 -53.19 -65.82
CA PHE H 607 -21.28 -53.14 -66.60
C PHE H 607 -21.94 -51.77 -66.51
N THR H 608 -21.86 -51.11 -65.36
CA THR H 608 -22.52 -49.84 -65.16
C THR H 608 -21.65 -48.65 -65.55
N GLU H 609 -20.46 -48.89 -66.11
CA GLU H 609 -19.57 -47.83 -66.55
C GLU H 609 -19.46 -47.76 -68.07
N ASN H 610 -20.38 -48.39 -68.79
CA ASN H 610 -20.38 -48.32 -70.23
C ASN H 610 -21.07 -47.03 -70.70
N GLU H 611 -21.13 -46.85 -72.01
CA GLU H 611 -21.72 -45.64 -72.57
C GLU H 611 -23.24 -45.73 -72.59
N GLY H 612 -23.76 -46.75 -73.27
CA GLY H 612 -25.19 -46.89 -73.38
C GLY H 612 -25.87 -47.25 -72.07
N VAL H 613 -25.21 -48.06 -71.24
CA VAL H 613 -25.79 -48.45 -69.96
C VAL H 613 -25.95 -47.25 -69.05
N LYS H 614 -25.13 -46.22 -69.24
CA LYS H 614 -25.26 -44.99 -68.47
C LYS H 614 -26.20 -43.98 -69.13
N ASN H 615 -26.16 -43.88 -70.46
CA ASN H 615 -26.95 -42.88 -71.17
C ASN H 615 -28.38 -43.30 -71.44
N LEU H 616 -28.70 -44.59 -71.25
CA LEU H 616 -30.05 -45.08 -71.47
C LEU H 616 -30.74 -45.55 -70.20
N PHE H 617 -29.98 -45.93 -69.18
CA PHE H 617 -30.52 -46.32 -67.88
C PHE H 617 -29.93 -45.39 -66.83
N ILE H 618 -30.80 -44.69 -66.10
CA ILE H 618 -30.33 -43.87 -65.00
C ILE H 618 -29.85 -44.78 -63.88
N ILE H 619 -28.65 -44.52 -63.38
CA ILE H 619 -28.07 -45.36 -62.33
C ILE H 619 -27.94 -44.55 -61.05
N SER H 620 -27.92 -45.26 -59.93
CA SER H 620 -27.81 -44.64 -58.62
C SER H 620 -27.31 -45.68 -57.64
N ASN H 621 -26.13 -45.46 -57.07
CA ASN H 621 -25.49 -46.38 -56.12
C ASN H 621 -25.29 -47.76 -56.73
N GLY H 622 -25.03 -47.80 -58.03
CA GLY H 622 -24.77 -49.04 -58.73
C GLY H 622 -25.99 -49.76 -59.27
N MET H 623 -27.18 -49.41 -58.78
CA MET H 623 -28.39 -50.03 -59.28
C MET H 623 -28.78 -49.46 -60.64
N VAL H 624 -29.61 -50.20 -61.36
CA VAL H 624 -30.02 -49.86 -62.71
C VAL H 624 -31.52 -49.68 -62.72
N LYS H 625 -31.98 -48.51 -63.16
CA LYS H 625 -33.40 -48.25 -63.39
C LYS H 625 -33.56 -47.54 -64.72
N THR H 626 -34.70 -47.75 -65.36
CA THR H 626 -34.93 -47.16 -66.68
C THR H 626 -35.52 -45.76 -66.56
N LYS H 627 -35.34 -44.98 -67.63
CA LYS H 627 -35.78 -43.59 -67.62
C LYS H 627 -37.29 -43.50 -67.76
N SER H 628 -37.83 -44.01 -68.87
CA SER H 628 -39.26 -43.88 -69.14
C SER H 628 -39.69 -44.98 -70.09
N SER H 629 -41.01 -45.11 -70.24
CA SER H 629 -41.56 -46.17 -71.08
C SER H 629 -41.39 -45.87 -72.57
N THR H 630 -41.45 -44.59 -72.95
CA THR H 630 -41.34 -44.23 -74.37
C THR H 630 -39.94 -44.47 -74.91
N LEU H 631 -38.93 -44.60 -74.04
CA LEU H 631 -37.58 -44.93 -74.48
C LEU H 631 -37.39 -46.43 -74.60
N SER H 632 -37.81 -47.19 -73.58
CA SER H 632 -37.65 -48.64 -73.60
C SER H 632 -38.48 -49.27 -74.71
N ARG H 633 -39.72 -48.78 -74.90
CA ARG H 633 -40.57 -49.30 -75.97
C ARG H 633 -39.97 -49.03 -77.33
N PHE H 634 -39.42 -47.82 -77.53
CA PHE H 634 -38.77 -47.50 -78.80
C PHE H 634 -37.55 -48.37 -79.03
N LEU H 635 -36.74 -48.58 -77.98
CA LEU H 635 -35.56 -49.43 -78.12
C LEU H 635 -35.94 -50.85 -78.50
N ILE H 636 -36.95 -51.41 -77.84
CA ILE H 636 -37.40 -52.77 -78.15
C ILE H 636 -37.93 -52.84 -79.56
N ALA H 637 -38.75 -51.87 -79.97
CA ALA H 637 -39.39 -51.93 -81.28
C ALA H 637 -38.43 -51.65 -82.42
N ASN H 638 -37.38 -50.87 -82.21
CA ASN H 638 -36.55 -50.41 -83.31
C ASN H 638 -35.12 -50.92 -83.25
N ILE H 639 -34.43 -50.73 -82.12
CA ILE H 639 -33.00 -51.09 -82.06
C ILE H 639 -32.82 -52.59 -82.08
N PHE H 640 -33.58 -53.31 -81.27
CA PHE H 640 -33.50 -54.76 -81.25
C PHE H 640 -34.38 -55.33 -82.35
N GLU H 641 -33.78 -56.10 -83.26
CA GLU H 641 -34.54 -56.73 -84.33
C GLU H 641 -35.46 -57.81 -83.76
N HIS H 642 -36.64 -57.93 -84.38
CA HIS H 642 -37.62 -58.91 -83.89
C HIS H 642 -37.11 -60.34 -84.05
N LYS H 643 -36.34 -60.59 -85.11
CA LYS H 643 -35.79 -61.93 -85.33
C LYS H 643 -34.79 -62.32 -84.23
N TYR H 644 -34.10 -61.33 -83.66
CA TYR H 644 -33.27 -61.60 -82.49
C TYR H 644 -34.12 -61.76 -81.24
N VAL H 645 -35.23 -61.00 -81.16
CA VAL H 645 -36.07 -61.03 -79.98
C VAL H 645 -36.71 -62.40 -79.80
N VAL H 646 -37.22 -63.00 -80.88
CA VAL H 646 -37.87 -64.30 -80.76
C VAL H 646 -36.87 -65.39 -80.37
N ASN H 647 -35.67 -65.35 -80.94
CA ASN H 647 -34.67 -66.35 -80.59
C ASN H 647 -34.21 -66.20 -79.14
N GLN H 648 -34.03 -64.96 -78.68
CA GLN H 648 -33.62 -64.76 -77.29
C GLN H 648 -34.73 -65.17 -76.33
N LEU H 649 -35.99 -64.93 -76.71
CA LEU H 649 -37.11 -65.37 -75.90
C LEU H 649 -37.14 -66.89 -75.80
N LEU H 650 -36.91 -67.58 -76.93
CA LEU H 650 -36.85 -69.03 -76.90
C LEU H 650 -35.74 -69.53 -75.98
N LYS H 651 -34.56 -68.92 -76.09
CA LYS H 651 -33.43 -69.35 -75.28
C LYS H 651 -33.68 -69.14 -73.79
N VAL H 652 -34.22 -67.97 -73.42
CA VAL H 652 -34.46 -67.68 -72.00
C VAL H 652 -35.59 -68.55 -71.46
N ILE H 653 -36.62 -68.83 -72.28
CA ILE H 653 -37.70 -69.70 -71.82
C ILE H 653 -37.19 -71.10 -71.57
N GLU H 654 -36.38 -71.65 -72.49
CA GLU H 654 -35.85 -72.99 -72.30
C GLU H 654 -34.92 -73.06 -71.10
N HIS H 655 -34.03 -72.07 -70.95
CA HIS H 655 -33.09 -72.08 -69.83
C HIS H 655 -33.81 -71.95 -68.49
N LEU H 656 -34.80 -71.07 -68.40
CA LEU H 656 -35.54 -70.91 -67.16
C LEU H 656 -36.39 -72.13 -66.84
N TYR H 657 -36.98 -72.79 -67.85
CA TYR H 657 -37.71 -74.02 -67.59
C TYR H 657 -36.79 -75.13 -67.12
N VAL H 658 -35.56 -75.19 -67.66
CA VAL H 658 -34.61 -76.19 -67.20
C VAL H 658 -34.21 -75.93 -65.75
N ILE H 659 -33.95 -74.67 -65.41
CA ILE H 659 -33.52 -74.33 -64.05
C ILE H 659 -34.66 -74.54 -63.06
N ASN H 660 -35.90 -74.22 -63.46
CA ASN H 660 -37.01 -74.14 -62.53
C ASN H 660 -37.37 -75.48 -61.90
N LYS H 661 -37.03 -76.59 -62.55
CA LYS H 661 -37.44 -77.90 -62.04
C LYS H 661 -36.71 -78.30 -60.76
N ASP H 662 -35.68 -77.57 -60.36
CA ASP H 662 -34.95 -77.85 -59.13
C ASP H 662 -35.20 -76.81 -58.04
N ALA H 663 -35.21 -75.53 -58.40
CA ALA H 663 -35.38 -74.47 -57.40
C ALA H 663 -36.84 -74.40 -56.93
N LYS H 664 -37.79 -74.59 -57.86
CA LYS H 664 -39.22 -74.51 -57.57
C LYS H 664 -39.60 -73.15 -56.98
N ASP H 665 -39.02 -72.08 -57.52
CA ASP H 665 -39.28 -70.74 -57.04
C ASP H 665 -40.55 -70.19 -57.69
N HIS H 666 -41.41 -69.57 -56.87
CA HIS H 666 -42.70 -69.10 -57.37
C HIS H 666 -42.53 -67.94 -58.36
N ARG H 667 -41.46 -67.16 -58.20
CA ARG H 667 -41.18 -66.08 -59.13
C ARG H 667 -40.93 -66.62 -60.52
N LEU H 668 -40.21 -67.74 -60.61
CA LEU H 668 -40.02 -68.40 -61.91
C LEU H 668 -41.34 -68.87 -62.49
N GLN H 669 -42.23 -69.41 -61.65
CA GLN H 669 -43.53 -69.89 -62.14
C GLN H 669 -44.35 -68.73 -62.71
N THR H 670 -44.42 -67.61 -61.98
CA THR H 670 -45.24 -66.50 -62.46
C THR H 670 -44.58 -65.82 -63.65
N LEU H 671 -43.25 -65.79 -63.72
CA LEU H 671 -42.58 -65.24 -64.89
C LEU H 671 -42.85 -66.11 -66.12
N ILE H 672 -42.81 -67.44 -65.96
CA ILE H 672 -43.07 -68.34 -67.07
C ILE H 672 -44.51 -68.22 -67.53
N THR H 673 -45.47 -68.15 -66.60
CA THR H 673 -46.86 -68.05 -67.00
C THR H 673 -47.23 -66.65 -67.45
N SER H 674 -46.40 -65.64 -67.19
CA SER H 674 -46.66 -64.30 -67.70
C SER H 674 -46.03 -64.07 -69.07
N LEU H 675 -44.91 -64.73 -69.35
CA LEU H 675 -44.30 -64.63 -70.68
C LEU H 675 -45.15 -65.30 -71.75
N LEU H 676 -46.03 -66.22 -71.36
CA LEU H 676 -46.91 -66.88 -72.31
C LEU H 676 -48.08 -65.99 -72.73
N ARG H 677 -48.36 -64.94 -71.97
CA ARG H 677 -49.54 -64.11 -72.21
C ARG H 677 -49.35 -63.27 -73.46
N PHE H 678 -50.39 -63.20 -74.29
CA PHE H 678 -50.27 -62.63 -75.62
C PHE H 678 -50.16 -61.11 -75.62
N SER H 679 -50.60 -60.45 -74.55
CA SER H 679 -50.47 -58.99 -74.49
C SER H 679 -49.01 -58.57 -74.45
N ILE H 680 -48.21 -59.28 -73.66
CA ILE H 680 -46.77 -59.00 -73.61
C ILE H 680 -46.14 -59.26 -74.97
N ILE H 681 -46.58 -60.32 -75.65
CA ILE H 681 -46.01 -60.67 -76.95
C ILE H 681 -46.31 -59.61 -77.99
N GLU H 682 -47.56 -59.13 -78.04
CA GLU H 682 -47.87 -58.09 -79.01
C GLU H 682 -47.29 -56.74 -78.61
N LYS H 683 -47.01 -56.53 -77.33
CA LYS H 683 -46.27 -55.34 -76.93
C LYS H 683 -44.83 -55.40 -77.42
N LEU H 684 -44.21 -56.58 -77.31
CA LEU H 684 -42.83 -56.74 -77.77
C LEU H 684 -42.73 -56.71 -79.28
N LEU H 685 -43.61 -57.43 -79.97
CA LEU H 685 -43.58 -57.54 -81.43
C LEU H 685 -44.84 -56.93 -82.01
N PRO H 686 -44.79 -55.69 -82.50
CA PRO H 686 -45.98 -55.04 -83.04
C PRO H 686 -46.31 -55.54 -84.45
N GLN H 687 -47.42 -56.27 -84.56
CA GLN H 687 -47.97 -56.73 -85.84
C GLN H 687 -46.96 -57.59 -86.62
N ARG H 688 -46.60 -58.72 -86.02
CA ARG H 688 -45.69 -59.68 -86.63
C ARG H 688 -46.36 -61.06 -86.57
N ARG H 689 -47.02 -61.44 -87.67
CA ARG H 689 -47.77 -62.69 -87.68
C ARG H 689 -46.84 -63.91 -87.67
N VAL H 690 -45.82 -63.89 -88.52
CA VAL H 690 -44.98 -65.07 -88.71
C VAL H 690 -44.18 -65.38 -87.45
N GLU H 691 -43.61 -64.37 -86.83
CA GLU H 691 -42.79 -64.59 -85.64
C GLU H 691 -43.63 -65.04 -84.45
N ILE H 692 -44.82 -64.45 -84.28
CA ILE H 692 -45.71 -64.87 -83.20
C ILE H 692 -46.17 -66.31 -83.41
N ASN H 693 -46.51 -66.67 -84.66
CA ASN H 693 -46.91 -68.03 -84.96
C ASN H 693 -45.77 -69.01 -84.71
N TYR H 694 -44.54 -68.63 -85.09
CA TYR H 694 -43.38 -69.48 -84.85
C TYR H 694 -43.13 -69.67 -83.36
N PHE H 695 -43.24 -68.60 -82.58
CA PHE H 695 -43.07 -68.69 -81.13
C PHE H 695 -44.12 -69.61 -80.51
N TYR H 696 -45.37 -69.46 -80.93
CA TYR H 696 -46.42 -70.27 -80.32
C TYR H 696 -46.38 -71.71 -80.77
N GLU H 697 -45.86 -71.98 -81.98
CA GLU H 697 -45.68 -73.35 -82.41
C GLU H 697 -44.46 -74.00 -81.78
N LYS H 698 -43.45 -73.21 -81.40
CA LYS H 698 -42.25 -73.79 -80.80
C LYS H 698 -42.34 -73.94 -79.29
N VAL H 699 -43.12 -73.10 -78.61
CA VAL H 699 -43.20 -73.17 -77.15
C VAL H 699 -43.85 -74.47 -76.71
N LYS H 700 -44.82 -74.97 -77.48
CA LYS H 700 -45.43 -76.26 -77.17
C LYS H 700 -44.47 -77.42 -77.38
N HIS H 701 -43.40 -77.21 -78.15
CA HIS H 701 -42.37 -78.23 -78.32
C HIS H 701 -41.25 -78.11 -77.31
N ILE H 702 -41.02 -76.92 -76.75
CA ILE H 702 -40.00 -76.76 -75.72
C ILE H 702 -40.40 -77.52 -74.45
N ILE H 703 -41.64 -77.39 -74.03
CA ILE H 703 -42.15 -78.04 -72.83
C ILE H 703 -43.31 -78.94 -73.25
N PRO H 704 -43.35 -80.21 -72.83
CA PRO H 704 -44.44 -81.10 -73.24
C PRO H 704 -45.67 -80.99 -72.35
N ASN H 705 -45.77 -79.92 -71.55
CA ASN H 705 -46.86 -79.78 -70.60
C ASN H 705 -47.95 -78.80 -71.05
N LEU H 706 -47.72 -78.00 -72.08
CA LEU H 706 -48.72 -77.04 -72.51
C LEU H 706 -49.86 -77.70 -73.27
N ILE H 707 -49.69 -78.95 -73.72
CA ILE H 707 -50.76 -79.62 -74.46
C ILE H 707 -51.95 -79.91 -73.55
N ASN H 708 -51.69 -80.22 -72.28
CA ASN H 708 -52.75 -80.52 -71.33
C ASN H 708 -53.28 -79.29 -70.61
N ASP H 709 -52.73 -78.10 -70.89
CA ASP H 709 -53.18 -76.88 -70.25
C ASP H 709 -54.15 -76.15 -71.16
N PRO H 710 -55.44 -76.03 -70.79
CA PRO H 710 -56.37 -75.28 -71.65
C PRO H 710 -56.07 -73.79 -71.74
N HIS H 711 -55.35 -73.22 -70.77
CA HIS H 711 -55.04 -71.79 -70.80
C HIS H 711 -54.12 -71.45 -71.96
N PHE H 712 -53.15 -72.32 -72.25
CA PHE H 712 -52.27 -72.10 -73.40
C PHE H 712 -53.06 -72.14 -74.70
N TRP H 713 -54.01 -73.08 -74.81
CA TRP H 713 -54.86 -73.12 -76.00
C TRP H 713 -55.76 -71.90 -76.10
N VAL H 714 -56.23 -71.38 -74.97
CA VAL H 714 -57.05 -70.16 -74.98
C VAL H 714 -56.22 -68.98 -75.47
N GLN H 715 -54.98 -68.89 -75.00
CA GLN H 715 -54.09 -67.84 -75.46
C GLN H 715 -53.83 -68.03 -76.93
N TYR H 716 -53.58 -69.28 -77.32
CA TYR H 716 -53.32 -69.58 -78.72
C TYR H 716 -54.47 -69.14 -79.57
N ALA H 717 -55.68 -69.39 -79.10
CA ALA H 717 -56.86 -69.04 -79.87
C ALA H 717 -56.98 -67.52 -80.01
N MET H 718 -56.75 -66.79 -78.92
CA MET H 718 -56.90 -65.34 -78.96
C MET H 718 -55.76 -64.69 -79.72
N SER H 719 -54.72 -65.45 -80.03
CA SER H 719 -53.55 -64.88 -80.68
C SER H 719 -53.87 -64.34 -82.08
N MET H 720 -54.61 -65.12 -82.87
CA MET H 720 -54.89 -64.73 -84.26
C MET H 720 -56.15 -63.89 -84.43
N ILE H 721 -56.77 -63.47 -83.34
CA ILE H 721 -58.03 -62.72 -83.44
C ILE H 721 -57.86 -61.39 -84.17
N PRO H 722 -56.82 -60.57 -83.92
CA PRO H 722 -56.61 -59.40 -84.77
C PRO H 722 -56.17 -59.73 -86.18
N PHE H 723 -55.79 -60.98 -86.47
CA PHE H 723 -55.32 -61.37 -87.79
C PHE H 723 -56.40 -62.03 -88.64
N LYS H 724 -57.66 -62.00 -88.20
CA LYS H 724 -58.82 -62.46 -88.95
C LYS H 724 -58.77 -63.95 -89.30
N ASP H 725 -58.00 -64.75 -88.55
CA ASP H 725 -57.98 -66.20 -88.75
C ASP H 725 -59.05 -66.79 -87.86
N TYR H 726 -60.26 -66.84 -88.38
CA TYR H 726 -61.46 -67.14 -87.60
C TYR H 726 -61.62 -68.65 -87.33
N PRO H 727 -61.61 -69.54 -88.34
CA PRO H 727 -61.85 -70.96 -88.04
C PRO H 727 -60.72 -71.61 -87.27
N SER H 728 -59.48 -71.15 -87.44
CA SER H 728 -58.38 -71.67 -86.63
C SER H 728 -58.59 -71.38 -85.16
N ALA H 729 -59.02 -70.15 -84.85
CA ALA H 729 -59.37 -69.81 -83.47
C ALA H 729 -60.57 -70.62 -82.99
N ASP H 730 -61.52 -70.90 -83.88
CA ASP H 730 -62.66 -71.73 -83.51
C ASP H 730 -62.22 -73.14 -83.10
N ARG H 731 -61.34 -73.75 -83.90
CA ARG H 731 -60.83 -75.08 -83.56
C ARG H 731 -59.98 -75.06 -82.30
N TYR H 732 -59.19 -74.00 -82.11
CA TYR H 732 -58.38 -73.90 -80.91
C TYR H 732 -59.25 -73.77 -79.66
N LEU H 733 -60.33 -72.98 -79.75
CA LEU H 733 -61.25 -72.88 -78.62
C LEU H 733 -62.03 -74.16 -78.39
N ALA H 734 -62.34 -74.90 -79.45
CA ALA H 734 -62.97 -76.22 -79.28
C ALA H 734 -62.03 -77.18 -78.56
N THR H 735 -60.74 -77.15 -78.91
CA THR H 735 -59.75 -77.96 -78.21
C THR H 735 -59.63 -77.54 -76.75
N ALA H 736 -59.68 -76.22 -76.50
CA ALA H 736 -59.65 -75.73 -75.12
C ALA H 736 -60.87 -76.20 -74.34
N TYR H 737 -62.05 -76.19 -74.97
CA TYR H 737 -63.25 -76.71 -74.33
C TYR H 737 -63.12 -78.19 -74.01
N SER H 738 -62.56 -78.97 -74.95
CA SER H 738 -62.38 -80.40 -74.72
C SER H 738 -61.39 -80.65 -73.59
N LEU H 739 -60.32 -79.85 -73.52
CA LEU H 739 -59.35 -80.01 -72.45
C LEU H 739 -59.93 -79.59 -71.10
N ALA H 740 -60.79 -78.57 -71.09
CA ALA H 740 -61.40 -78.13 -69.84
C ALA H 740 -62.47 -79.10 -69.38
N ALA H 741 -63.05 -79.87 -70.31
CA ALA H 741 -64.08 -80.83 -69.96
C ALA H 741 -63.52 -81.94 -69.07
N ARG H 742 -62.29 -82.37 -69.32
CA ARG H 742 -61.69 -83.46 -68.57
C ARG H 742 -61.06 -83.02 -67.26
N LYS H 743 -61.07 -81.73 -66.91
CA LYS H 743 -60.49 -81.23 -65.67
C LYS H 743 -61.61 -80.95 -64.67
N ASP H 744 -61.44 -81.48 -63.46
CA ASP H 744 -62.43 -81.28 -62.44
C ASP H 744 -62.33 -79.92 -61.78
N ASN H 745 -63.48 -79.32 -61.51
CA ASN H 745 -63.54 -78.02 -60.84
C ASN H 745 -62.72 -76.96 -61.55
N TYR H 746 -62.68 -77.01 -62.88
CA TYR H 746 -61.94 -76.05 -63.69
C TYR H 746 -62.93 -75.05 -64.27
N HIS H 747 -62.73 -73.77 -63.93
CA HIS H 747 -63.64 -72.74 -64.40
C HIS H 747 -63.45 -72.51 -65.90
N THR H 748 -64.55 -72.22 -66.58
CA THR H 748 -64.58 -72.09 -68.04
C THR H 748 -64.88 -70.64 -68.44
N LYS H 749 -64.93 -69.74 -67.45
CA LYS H 749 -65.40 -68.37 -67.68
C LYS H 749 -64.50 -67.62 -68.67
N ASN H 750 -63.19 -67.82 -68.59
CA ASN H 750 -62.30 -67.22 -69.60
C ASN H 750 -62.53 -67.84 -70.97
N ILE H 751 -62.64 -69.17 -71.02
CA ILE H 751 -62.88 -69.85 -72.29
C ILE H 751 -64.25 -69.47 -72.85
N ASP H 752 -65.26 -69.37 -71.97
CA ASP H 752 -66.57 -68.92 -72.40
C ASP H 752 -66.54 -67.47 -72.87
N THR H 753 -65.71 -66.64 -72.26
CA THR H 753 -65.57 -65.25 -72.71
C THR H 753 -64.96 -65.18 -74.10
N GLN H 754 -63.92 -65.99 -74.35
CA GLN H 754 -63.32 -66.03 -75.69
C GLN H 754 -64.31 -66.56 -76.72
N ARG H 755 -65.08 -67.59 -76.35
CA ARG H 755 -66.11 -68.12 -77.25
C ARG H 755 -67.17 -67.06 -77.54
N ALA H 756 -67.57 -66.30 -76.51
CA ALA H 756 -68.58 -65.27 -76.69
C ALA H 756 -68.08 -64.14 -77.58
N ARG H 757 -66.83 -63.69 -77.39
CA ARG H 757 -66.35 -62.60 -78.22
C ARG H 757 -66.12 -63.07 -79.65
N LEU H 758 -65.68 -64.32 -79.85
CA LEU H 758 -65.54 -64.84 -81.20
C LEU H 758 -66.91 -64.95 -81.88
N HIS H 759 -67.94 -65.32 -81.11
CA HIS H 759 -69.31 -65.26 -81.63
C HIS H 759 -69.69 -63.83 -81.98
N LEU H 760 -69.23 -62.86 -81.21
CA LEU H 760 -69.53 -61.47 -81.52
C LEU H 760 -68.89 -61.04 -82.85
N LEU H 761 -67.64 -61.45 -83.06
CA LEU H 761 -66.97 -61.14 -84.31
C LEU H 761 -67.66 -61.79 -85.48
N VAL H 762 -67.98 -63.08 -85.35
CA VAL H 762 -68.58 -63.78 -86.48
C VAL H 762 -69.98 -63.26 -86.76
N SER H 763 -70.67 -62.72 -85.74
CA SER H 763 -71.91 -62.01 -85.99
C SER H 763 -71.66 -60.67 -86.68
N LEU H 764 -70.53 -60.03 -86.38
CA LEU H 764 -70.16 -58.80 -87.07
C LEU H 764 -69.89 -59.06 -88.55
N THR H 765 -69.21 -60.15 -88.86
CA THR H 765 -68.85 -60.45 -90.24
C THR H 765 -70.00 -61.02 -91.06
N LYS H 766 -71.13 -61.34 -90.44
CA LYS H 766 -72.26 -61.94 -91.12
C LYS H 766 -73.49 -61.03 -90.99
N THR H 767 -74.43 -61.21 -91.92
CA THR H 767 -75.63 -60.39 -91.97
C THR H 767 -76.85 -61.27 -92.17
N GLY H 768 -77.88 -61.01 -91.38
CA GLY H 768 -79.16 -61.68 -91.57
C GLY H 768 -79.44 -62.71 -90.50
N ASN H 769 -79.98 -63.86 -90.91
CA ASN H 769 -80.44 -64.86 -89.96
C ASN H 769 -79.29 -65.52 -89.21
N GLU H 770 -78.19 -65.84 -89.91
CA GLU H 770 -77.08 -66.50 -89.24
C GLU H 770 -76.34 -65.53 -88.32
N ALA H 771 -76.37 -64.23 -88.64
CA ALA H 771 -75.84 -63.24 -87.70
C ALA H 771 -76.65 -63.22 -86.42
N TYR H 772 -77.98 -63.32 -86.53
CA TYR H 772 -78.83 -63.43 -85.35
C TYR H 772 -78.55 -64.71 -84.59
N LEU H 773 -78.29 -65.81 -85.30
CA LEU H 773 -77.98 -67.08 -84.63
C LEU H 773 -76.68 -66.98 -83.82
N GLU H 774 -75.64 -66.39 -84.42
CA GLU H 774 -74.39 -66.20 -83.68
C GLU H 774 -74.55 -65.22 -82.54
N PHE H 775 -75.39 -64.18 -82.72
CA PHE H 775 -75.65 -63.25 -81.64
C PHE H 775 -76.35 -63.93 -80.47
N GLU H 776 -77.32 -64.80 -80.75
CA GLU H 776 -77.98 -65.55 -79.69
C GLU H 776 -77.02 -66.50 -79.00
N ALA H 777 -76.17 -67.18 -79.78
CA ALA H 777 -75.22 -68.12 -79.22
C ALA H 777 -74.14 -67.43 -78.39
N GLY H 778 -73.88 -66.14 -78.65
CA GLY H 778 -73.02 -65.38 -77.76
C GLY H 778 -73.77 -64.75 -76.60
N ASP H 779 -75.05 -64.45 -76.81
CA ASP H 779 -75.83 -63.78 -75.77
C ASP H 779 -76.17 -64.71 -74.62
N ASN H 780 -76.49 -65.98 -74.93
CA ASN H 780 -76.69 -66.93 -73.84
C ASN H 780 -75.41 -67.17 -73.06
N LEU H 781 -74.28 -67.20 -73.77
CA LEU H 781 -72.98 -67.37 -73.10
C LEU H 781 -72.65 -66.18 -72.20
N ILE H 782 -72.91 -64.95 -72.68
CA ILE H 782 -72.68 -63.80 -71.82
C ILE H 782 -73.72 -63.70 -70.71
N ARG H 783 -74.87 -64.35 -70.89
CA ARG H 783 -75.86 -64.45 -69.81
C ARG H 783 -75.36 -65.37 -68.70
N ILE H 784 -74.76 -66.51 -69.07
CA ILE H 784 -74.20 -67.39 -68.04
C ILE H 784 -72.85 -66.92 -67.52
N ILE H 785 -72.23 -65.95 -68.19
CA ILE H 785 -70.98 -65.37 -67.69
C ILE H 785 -71.29 -64.39 -66.56
N PRO H 786 -70.68 -64.54 -65.39
CA PRO H 786 -70.92 -63.60 -64.30
C PRO H 786 -70.34 -62.23 -64.60
N ASN H 787 -70.90 -61.23 -63.93
CA ASN H 787 -70.50 -59.83 -64.14
C ASN H 787 -69.09 -59.63 -63.59
N ASP H 788 -68.10 -59.64 -64.46
CA ASP H 788 -66.71 -59.42 -64.10
C ASP H 788 -66.14 -58.33 -65.02
N ILE H 789 -64.85 -58.05 -64.83
CA ILE H 789 -64.20 -56.95 -65.56
C ILE H 789 -64.15 -57.24 -67.06
N TYR H 790 -63.94 -58.51 -67.42
CA TYR H 790 -63.86 -58.88 -68.83
C TYR H 790 -65.22 -58.89 -69.53
N LYS H 791 -66.30 -58.89 -68.77
CA LYS H 791 -67.64 -58.95 -69.36
C LYS H 791 -68.04 -57.61 -69.94
N TYR H 792 -67.56 -56.52 -69.34
CA TYR H 792 -67.93 -55.19 -69.80
C TYR H 792 -67.20 -54.84 -71.07
N ARG H 793 -66.20 -55.63 -71.42
CA ARG H 793 -65.40 -55.36 -72.60
C ARG H 793 -66.20 -55.56 -73.88
N GLN H 794 -67.13 -56.50 -73.86
CA GLN H 794 -67.90 -56.82 -75.06
C GLN H 794 -69.00 -55.81 -75.36
N VAL H 795 -69.40 -55.02 -74.38
CA VAL H 795 -70.52 -54.11 -74.58
C VAL H 795 -70.27 -53.20 -75.77
N LEU H 796 -69.00 -52.86 -76.04
CA LEU H 796 -68.68 -51.96 -77.15
C LEU H 796 -69.03 -52.55 -78.51
N ARG H 797 -69.07 -53.88 -78.63
CA ARG H 797 -69.37 -54.50 -79.91
C ARG H 797 -70.85 -54.43 -80.26
N TYR H 798 -71.73 -54.36 -79.25
CA TYR H 798 -73.16 -54.22 -79.54
C TYR H 798 -73.47 -52.86 -80.15
N ARG H 799 -72.69 -51.83 -79.82
CA ARG H 799 -72.86 -50.54 -80.48
C ARG H 799 -72.56 -50.62 -81.97
N ASP H 800 -71.47 -51.31 -82.33
CA ASP H 800 -71.17 -51.52 -83.75
C ASP H 800 -72.20 -52.43 -84.41
N ILE H 801 -72.75 -53.38 -83.66
CA ILE H 801 -73.82 -54.22 -84.17
C ILE H 801 -75.04 -53.38 -84.53
N TYR H 802 -75.42 -52.46 -83.64
CA TYR H 802 -76.54 -51.57 -83.92
C TYR H 802 -76.22 -50.60 -85.05
N GLU H 803 -74.96 -50.20 -85.18
CA GLU H 803 -74.59 -49.24 -86.21
C GLU H 803 -74.53 -49.87 -87.60
N LYS H 804 -74.16 -51.16 -87.70
CA LYS H 804 -73.88 -51.78 -88.98
C LYS H 804 -74.90 -52.84 -89.37
N VAL H 805 -75.09 -53.85 -88.52
CA VAL H 805 -75.83 -55.05 -88.90
C VAL H 805 -77.30 -55.01 -88.45
N TYR H 806 -77.69 -53.99 -87.68
CA TYR H 806 -79.06 -53.90 -87.17
C TYR H 806 -80.14 -53.84 -88.25
N PRO H 807 -80.03 -53.04 -89.33
CA PRO H 807 -81.12 -53.03 -90.33
C PRO H 807 -81.29 -54.34 -91.07
N THR H 808 -80.30 -55.24 -91.06
CA THR H 808 -80.41 -56.50 -91.80
C THR H 808 -81.37 -57.49 -91.14
N PHE H 809 -81.83 -57.21 -89.92
CA PHE H 809 -82.67 -58.16 -89.21
C PHE H 809 -84.15 -57.84 -89.38
N ASN H 810 -84.99 -58.83 -89.11
CA ASN H 810 -86.43 -58.70 -89.16
C ASN H 810 -86.94 -58.14 -87.83
N ALA H 811 -88.27 -58.07 -87.68
CA ALA H 811 -88.85 -57.50 -86.47
C ALA H 811 -88.59 -58.37 -85.25
N LYS H 812 -88.69 -59.70 -85.40
CA LYS H 812 -88.49 -60.60 -84.27
C LYS H 812 -87.06 -60.54 -83.77
N GLN H 813 -86.08 -60.54 -84.68
CA GLN H 813 -84.68 -60.42 -84.27
C GLN H 813 -84.39 -59.05 -83.68
N LYS H 814 -85.03 -57.99 -84.20
CA LYS H 814 -84.84 -56.67 -83.61
C LYS H 814 -85.37 -56.62 -82.19
N VAL H 815 -86.52 -57.24 -81.94
CA VAL H 815 -87.07 -57.30 -80.58
C VAL H 815 -86.16 -58.15 -79.68
N PHE H 816 -85.58 -59.21 -80.24
CA PHE H 816 -84.63 -60.03 -79.48
C PHE H 816 -83.42 -59.22 -79.05
N TYR H 817 -82.82 -58.47 -79.98
CA TYR H 817 -81.70 -57.60 -79.65
C TYR H 817 -82.11 -56.53 -78.66
N GLU H 818 -83.32 -56.00 -78.80
CA GLU H 818 -83.83 -54.96 -77.92
C GLU H 818 -83.93 -55.44 -76.48
N HIS H 819 -84.56 -56.60 -76.25
CA HIS H 819 -84.69 -57.07 -74.88
C HIS H 819 -83.34 -57.56 -74.35
N ALA H 820 -82.45 -58.04 -75.23
CA ALA H 820 -81.10 -58.39 -74.79
C ALA H 820 -80.36 -57.16 -74.28
N ILE H 821 -80.44 -56.04 -75.01
CA ILE H 821 -79.72 -54.85 -74.57
C ILE H 821 -80.41 -54.23 -73.36
N LYS H 822 -81.73 -54.40 -73.22
CA LYS H 822 -82.40 -53.97 -72.00
C LYS H 822 -81.92 -54.76 -70.80
N ARG H 823 -81.78 -56.09 -70.95
CA ARG H 823 -81.26 -56.91 -69.87
C ARG H 823 -79.82 -56.55 -69.54
N ILE H 824 -79.01 -56.24 -70.55
CA ILE H 824 -77.63 -55.81 -70.32
C ILE H 824 -77.61 -54.51 -69.55
N ILE H 825 -78.48 -53.56 -69.92
CA ILE H 825 -78.56 -52.29 -69.21
C ILE H 825 -78.98 -52.51 -67.75
N LYS H 826 -79.97 -53.37 -67.53
CA LYS H 826 -80.41 -53.66 -66.16
C LYS H 826 -79.30 -54.31 -65.34
N GLU H 827 -78.54 -55.21 -65.95
CA GLU H 827 -77.40 -55.81 -65.27
C GLU H 827 -76.28 -54.80 -65.01
N SER H 828 -76.16 -53.77 -65.84
CA SER H 828 -75.12 -52.77 -65.66
C SER H 828 -75.36 -51.89 -64.44
N GLU H 829 -76.62 -51.66 -64.08
CA GLU H 829 -76.96 -50.79 -62.96
C GLU H 829 -77.04 -51.52 -61.63
N SER H 830 -76.66 -52.80 -61.58
CA SER H 830 -76.70 -53.54 -60.33
C SER H 830 -75.67 -52.99 -59.34
N PRO H 831 -75.97 -52.98 -58.05
CA PRO H 831 -75.03 -52.39 -57.07
C PRO H 831 -73.81 -53.25 -56.79
N GLU H 832 -73.66 -54.41 -57.43
CA GLU H 832 -72.47 -55.22 -57.23
C GLU H 832 -71.24 -54.54 -57.81
N LEU H 833 -71.40 -53.76 -58.87
CA LEU H 833 -70.26 -53.05 -59.45
C LEU H 833 -69.77 -51.93 -58.55
N VAL H 834 -70.69 -51.27 -57.84
CA VAL H 834 -70.36 -50.08 -57.07
C VAL H 834 -69.41 -50.41 -55.93
N GLU H 835 -69.60 -51.57 -55.31
CA GLU H 835 -68.71 -51.99 -54.22
C GLU H 835 -67.36 -52.49 -54.70
N ASP H 836 -67.19 -52.69 -56.01
CA ASP H 836 -65.94 -53.20 -56.55
C ASP H 836 -64.99 -52.05 -56.87
N LEU H 837 -63.70 -52.27 -56.62
CA LEU H 837 -62.71 -51.22 -56.81
C LEU H 837 -62.39 -50.99 -58.28
N THR H 838 -62.49 -52.04 -59.11
CA THR H 838 -62.19 -51.89 -60.53
C THR H 838 -63.20 -50.98 -61.21
N TYR H 839 -64.47 -51.07 -60.82
CA TYR H 839 -65.46 -50.11 -61.32
C TYR H 839 -65.21 -48.72 -60.76
N LYS H 840 -64.74 -48.63 -59.51
CA LYS H 840 -64.46 -47.34 -58.89
C LYS H 840 -63.36 -46.61 -59.65
N ILE H 841 -62.34 -47.34 -60.10
CA ILE H 841 -61.31 -46.74 -60.95
C ILE H 841 -61.90 -46.30 -62.28
N GLY H 842 -62.79 -47.11 -62.85
CA GLY H 842 -63.35 -46.84 -64.16
C GLY H 842 -64.77 -46.34 -64.16
N VAL H 843 -65.10 -45.42 -63.25
CA VAL H 843 -66.46 -44.89 -63.16
C VAL H 843 -66.84 -44.14 -64.43
N ASN H 844 -65.94 -43.29 -64.93
CA ASN H 844 -66.31 -42.31 -65.96
C ASN H 844 -66.66 -42.99 -67.28
N TRP H 845 -65.78 -43.86 -67.79
CA TRP H 845 -66.03 -44.44 -69.10
C TRP H 845 -67.10 -45.52 -69.07
N LEU H 846 -67.25 -46.24 -67.95
CA LEU H 846 -68.36 -47.17 -67.83
C LEU H 846 -69.70 -46.43 -67.75
N ASP H 847 -69.74 -45.29 -67.05
CA ASP H 847 -70.95 -44.47 -67.05
C ASP H 847 -71.24 -43.91 -68.44
N LYS H 848 -70.19 -43.53 -69.16
CA LYS H 848 -70.37 -43.08 -70.55
C LYS H 848 -70.92 -44.21 -71.42
N LEU H 849 -70.43 -45.43 -71.22
CA LEU H 849 -70.94 -46.58 -71.95
C LEU H 849 -72.40 -46.85 -71.62
N ARG H 850 -72.77 -46.72 -70.34
CA ARG H 850 -74.17 -46.87 -69.95
C ARG H 850 -75.05 -45.81 -70.60
N GLY H 851 -74.56 -44.57 -70.65
CA GLY H 851 -75.29 -43.52 -71.34
C GLY H 851 -75.41 -43.77 -72.83
N ASN H 852 -74.36 -44.36 -73.43
CA ASN H 852 -74.42 -44.73 -74.84
C ASN H 852 -75.47 -45.81 -75.09
N LEU H 853 -75.54 -46.79 -74.19
CA LEU H 853 -76.59 -47.82 -74.31
C LEU H 853 -77.98 -47.21 -74.15
N LYS H 854 -78.13 -46.26 -73.22
CA LYS H 854 -79.40 -45.59 -73.05
C LYS H 854 -79.79 -44.78 -74.28
N LEU H 855 -78.80 -44.12 -74.91
CA LEU H 855 -79.07 -43.38 -76.15
C LEU H 855 -79.42 -44.32 -77.29
N ILE H 856 -78.79 -45.50 -77.33
CA ILE H 856 -79.15 -46.50 -78.34
C ILE H 856 -80.58 -46.99 -78.13
N VAL H 857 -80.97 -47.21 -76.87
CA VAL H 857 -82.35 -47.60 -76.57
C VAL H 857 -83.33 -46.50 -76.97
N GLU H 858 -82.98 -45.24 -76.69
CA GLU H 858 -83.84 -44.12 -77.08
C GLU H 858 -83.96 -44.01 -78.59
N ASN H 859 -82.87 -44.24 -79.32
CA ASN H 859 -82.92 -44.24 -80.77
C ASN H 859 -83.78 -45.38 -81.31
N ILE H 860 -83.71 -46.54 -80.66
CA ILE H 860 -84.55 -47.68 -81.05
C ILE H 860 -86.03 -47.33 -80.85
N GLN H 861 -86.34 -46.69 -79.73
CA GLN H 861 -87.72 -46.30 -79.47
C GLN H 861 -88.19 -45.23 -80.44
N GLU H 862 -87.30 -44.30 -80.79
CA GLU H 862 -87.67 -43.24 -81.72
C GLU H 862 -87.87 -43.78 -83.13
N ASN H 863 -87.08 -44.77 -83.53
CA ASN H 863 -87.22 -45.38 -84.85
C ASN H 863 -88.35 -46.37 -84.92
N ARG H 864 -89.00 -46.68 -83.80
CA ARG H 864 -90.14 -47.58 -83.81
C ARG H 864 -91.32 -46.95 -84.55
N PRO H 865 -92.15 -47.75 -85.21
CA PRO H 865 -93.33 -47.20 -85.88
C PRO H 865 -94.34 -46.65 -84.88
N LYS H 866 -95.15 -45.71 -85.38
CA LYS H 866 -96.15 -45.06 -84.53
C LYS H 866 -97.24 -46.01 -84.07
N GLY H 867 -97.44 -47.12 -84.76
CA GLY H 867 -98.41 -48.11 -84.35
C GLY H 867 -97.97 -49.05 -83.26
N LYS H 868 -96.72 -48.95 -82.82
CA LYS H 868 -96.19 -49.79 -81.75
C LYS H 868 -95.63 -49.00 -80.59
N LYS H 869 -95.65 -47.66 -80.65
CA LYS H 869 -95.11 -46.83 -79.58
C LYS H 869 -96.05 -46.82 -78.38
#